data_8YW1
#
_entry.id   8YW1
#
loop_
_entity.id
_entity.type
_entity.pdbx_description
1 polymer 'Spike glycoprotein E1'
2 polymer 'Spike glycoprotein E2'
3 polymer 'Very low-density lipoprotein receptor'
4 polymer 'capsid protein, partial'
5 polymer 'Spike glycoprotein E3'
6 branched beta-D-mannopyranose-(1-4)-2-acetamido-2-deoxy-beta-D-glucopyranose-(1-4)-2-acetamido-2-deoxy-beta-D-glucopyranose
#
loop_
_entity_poly.entity_id
_entity_poly.type
_entity_poly.pdbx_seq_one_letter_code
_entity_poly.pdbx_strand_id
1 'polypeptide(L)'
;YEHSTVMPNVVGFPYKAHIERPGYSPLTLQMQVVETSLEPTLNLEYITCEYKTVVPSPYVKCCGASECSTKEKPDYQCKV
YTGVYPFMWGGAYCFCDSENTQLSEAYVDRSDVCRHDHASAYKAHTASLKAKVRVMYGNVNQTVDVYVNGDHAVTIGGTQ
FIFGPLSSAWTPFDNKIVVYKDEVFNQDFPPYGSGQPGRFGDIQSRTVESNDLYANTALKLARPSPGMVHVPYTQTPSGF
KYWLKEKGTALNTKAPFGCQIKTNPVRAMNCAVGNIPVSMNLPDSAFTRIVEAPTIIDLTCTVATCTHSSDFGGVLTLTY
KTDKNGDCSVHSHSNVATLQEATAKVKTAGKVTLHFSTASASPSFVVSLCSARATCSASCEPPKDHIVPYAASHSNVVFP
DMSGTALSWVQKISGGLGAFAIGAILVLVVVTCIGLRR
;
A,F,G,H,E,U,V,W
2 'polypeptide(L)'
;HFNVYKATRPYIAYCADCGAGHSCHSPVAIEAVRSEATDGMLKIQFSAQIGIDKSDNHDYTKIRYADGHAIENAVRSSLK
VATSGDCFVHGTMGHFILAKCPPGEFLQVSIQDTRNAVRACRIQYHHDPQPVGREKFTIRPHYGKEIPCTTYQQTTAKTV
EEIDMHMPPDTPDRTLLSQQSGNVKITVGGKKVKYNCTCGTGNVGTTNSDMTINTCLIEQCHVSVTDHKKWQFNSPFVPR
ADEPARKGKVHIPFPLDNITCRVPMAREPTVIHGKREVTLHLHPDHPTLFSYRTLGEDPQYHEEWVTAAVERTIPVPVDG
MEYHWGNNDPVRLWSQLTTEGKPHGWPHQIVQYYYGLYPAATVSAVVGMSLLALISIFASCYMLVAARSKCLTPYALTPG
AAVPWTLGILCCAPRAHA
;
B,I,J,K,R,X,Y,Z
3 'polypeptide(L)'
;RTCRIHEISCGAHSTQCIPVSWRCDGENDCDSGEDEENCGNITCSPDEFTCSSGRCISRNFVCNGQDDCSDGSDELDCAP
PTCGAHEFQCSTSSCIPISWVCDDDADCSDQSDESLEQCGR
;
C
4 'polypeptide(L)'
;KRERMCMKIENDCIFEVKHEGKVTGYACLVGDKVMKPAHVKGVIDNADLAKLAFKKSSKYDLECAQIPVHMRSDASKYTH
EKPEGHYNWHHGAVQYSGGRFTIPTGAGKPGDSGRPIFDNKGRVVAIVLGGANEGSRTALSVVTWNKDMVTRVTPEGSEE
W
;
D,O,P,Q,T,d,e,f
5 'polypeptide(L)' MCVLANATFPCFQPPCVPCCYENNAEATLRMLEDNVDRPGYYDLLQAALTCR L,M,N,S,a,b,c,g
#
# COMPACT_ATOMS: atom_id res chain seq x y z
N TYR A 1 9.85 -0.31 -14.30
CA TYR A 1 8.69 0.57 -14.20
C TYR A 1 7.79 0.42 -15.42
N GLU A 2 6.68 -0.29 -15.23
CA GLU A 2 5.73 -0.53 -16.31
C GLU A 2 5.07 0.77 -16.77
N HIS A 3 4.78 0.86 -18.06
CA HIS A 3 4.12 2.04 -18.60
C HIS A 3 3.36 1.65 -19.86
N SER A 4 2.40 2.49 -20.23
CA SER A 4 1.57 2.23 -21.40
C SER A 4 1.17 3.56 -22.03
N THR A 5 0.97 3.54 -23.34
CA THR A 5 0.61 4.74 -24.08
C THR A 5 -0.04 4.33 -25.39
N VAL A 6 -0.58 5.33 -26.09
CA VAL A 6 -1.24 5.12 -27.38
C VAL A 6 -0.67 6.10 -28.38
N MET A 7 -0.18 5.59 -29.51
CA MET A 7 0.48 6.45 -30.46
C MET A 7 -0.20 6.38 -31.83
N PRO A 8 -0.27 7.50 -32.54
CA PRO A 8 -0.94 7.51 -33.85
C PRO A 8 -0.19 6.67 -34.86
N ASN A 9 -0.95 6.10 -35.79
CA ASN A 9 -0.40 5.30 -36.88
C ASN A 9 -0.25 6.17 -38.12
N VAL A 10 0.62 7.16 -38.00
CA VAL A 10 0.95 8.06 -39.11
C VAL A 10 2.46 8.06 -39.27
N VAL A 11 2.92 7.88 -40.51
CA VAL A 11 4.35 7.75 -40.77
C VAL A 11 5.04 9.11 -40.63
N GLY A 12 6.09 9.14 -39.81
CA GLY A 12 6.87 10.35 -39.63
C GLY A 12 6.43 11.25 -38.50
N PHE A 13 5.30 10.97 -37.87
CA PHE A 13 4.78 11.85 -36.82
C PHE A 13 5.60 11.64 -35.55
N PRO A 14 6.24 12.69 -35.01
CA PRO A 14 7.16 12.50 -33.89
C PRO A 14 6.47 12.35 -32.55
N TYR A 15 5.96 11.17 -32.21
CA TYR A 15 5.28 11.00 -30.94
C TYR A 15 6.28 11.08 -29.80
N LYS A 16 5.89 11.77 -28.73
CA LYS A 16 6.72 11.95 -27.54
C LYS A 16 5.93 11.51 -26.32
N ALA A 17 6.48 10.57 -25.56
CA ALA A 17 5.85 10.05 -24.37
C ALA A 17 6.57 10.54 -23.13
N HIS A 18 5.82 10.92 -22.11
CA HIS A 18 6.36 11.54 -20.91
C HIS A 18 6.15 10.60 -19.74
N ILE A 19 7.24 10.20 -19.08
CA ILE A 19 7.20 9.23 -18.01
C ILE A 19 7.58 9.92 -16.71
N GLU A 20 6.74 9.80 -15.70
CA GLU A 20 6.90 10.53 -14.44
C GLU A 20 6.98 9.54 -13.28
N ARG A 21 8.18 9.07 -13.00
CA ARG A 21 8.42 8.24 -11.82
C ARG A 21 8.50 9.12 -10.58
N PRO A 22 7.82 8.79 -9.49
CA PRO A 22 7.83 9.70 -8.33
C PRO A 22 9.19 9.94 -7.73
N GLY A 23 10.08 8.94 -7.73
CA GLY A 23 11.38 9.13 -7.14
C GLY A 23 12.47 9.62 -8.07
N TYR A 24 12.14 9.99 -9.30
CA TYR A 24 13.14 10.33 -10.29
C TYR A 24 12.64 11.49 -11.15
N SER A 25 13.59 12.11 -11.86
CA SER A 25 13.24 13.19 -12.76
C SER A 25 12.44 12.65 -13.95
N PRO A 26 11.54 13.47 -14.50
CA PRO A 26 10.74 13.00 -15.64
C PRO A 26 11.60 12.66 -16.85
N LEU A 27 11.14 11.69 -17.63
CA LEU A 27 11.81 11.24 -18.84
C LEU A 27 10.88 11.39 -20.03
N THR A 28 11.46 11.73 -21.18
CA THR A 28 10.70 11.92 -22.42
C THR A 28 11.29 11.03 -23.50
N LEU A 29 10.44 10.21 -24.12
CA LEU A 29 10.84 9.37 -25.22
C LEU A 29 10.38 9.98 -26.54
N GLN A 30 10.93 9.47 -27.64
CA GLN A 30 10.48 9.81 -28.97
C GLN A 30 10.32 8.52 -29.75
N MET A 31 9.12 8.29 -30.27
CA MET A 31 8.84 7.12 -31.09
C MET A 31 8.32 7.58 -32.43
N GLN A 32 8.89 7.04 -33.49
CA GLN A 32 8.50 7.42 -34.84
C GLN A 32 8.26 6.16 -35.65
N VAL A 33 7.19 6.14 -36.44
CA VAL A 33 6.85 5.00 -37.27
C VAL A 33 7.48 5.24 -38.63
N VAL A 34 8.62 4.60 -38.88
CA VAL A 34 9.33 4.82 -40.15
C VAL A 34 8.56 4.18 -41.30
N GLU A 35 7.96 3.02 -41.09
CA GLU A 35 7.43 2.23 -42.19
C GLU A 35 6.48 1.17 -41.66
N THR A 36 5.40 0.91 -42.38
CA THR A 36 4.45 -0.14 -42.04
C THR A 36 4.27 -1.06 -43.23
N SER A 37 3.52 -2.15 -43.03
CA SER A 37 3.27 -3.11 -44.10
C SER A 37 2.07 -3.96 -43.71
N LEU A 38 0.96 -3.81 -44.43
CA LEU A 38 -0.24 -4.59 -44.18
C LEU A 38 -0.22 -5.83 -45.07
N GLU A 39 -0.02 -6.99 -44.47
CA GLU A 39 0.23 -8.23 -45.20
C GLU A 39 -0.98 -9.14 -45.11
N PRO A 40 -1.73 -9.35 -46.18
CA PRO A 40 -2.90 -10.25 -46.13
C PRO A 40 -2.47 -11.71 -46.23
N THR A 41 -3.45 -12.59 -46.00
CA THR A 41 -3.28 -14.03 -46.15
C THR A 41 -3.99 -14.49 -47.40
N LEU A 42 -3.29 -15.25 -48.25
CA LEU A 42 -3.77 -15.54 -49.59
C LEU A 42 -3.90 -17.04 -49.79
N ASN A 43 -4.92 -17.44 -50.55
CA ASN A 43 -5.10 -18.82 -50.97
C ASN A 43 -5.28 -18.83 -52.48
N LEU A 44 -4.42 -19.59 -53.17
CA LEU A 44 -4.47 -19.62 -54.63
C LEU A 44 -5.69 -20.40 -55.09
N GLU A 45 -6.43 -19.84 -56.05
CA GLU A 45 -7.60 -20.51 -56.63
C GLU A 45 -7.29 -21.14 -57.98
N TYR A 46 -6.81 -20.35 -58.94
CA TYR A 46 -6.33 -20.91 -60.21
C TYR A 46 -5.45 -19.88 -60.90
N ILE A 47 -4.85 -20.31 -62.01
CA ILE A 47 -3.89 -19.53 -62.79
C ILE A 47 -4.35 -19.49 -64.23
N THR A 48 -4.41 -18.29 -64.81
CA THR A 48 -4.88 -18.12 -66.18
C THR A 48 -3.76 -17.58 -67.04
N CYS A 49 -3.63 -18.12 -68.25
CA CYS A 49 -2.68 -17.61 -69.22
C CYS A 49 -3.23 -17.86 -70.62
N GLU A 50 -2.65 -17.18 -71.60
CA GLU A 50 -3.12 -17.31 -72.97
C GLU A 50 -3.03 -18.76 -73.44
N TYR A 51 -4.00 -19.19 -74.23
CA TYR A 51 -4.00 -20.56 -74.71
C TYR A 51 -3.33 -20.65 -76.07
N LYS A 52 -3.13 -21.89 -76.52
CA LYS A 52 -2.47 -22.17 -77.79
C LYS A 52 -3.14 -23.38 -78.42
N THR A 53 -3.78 -23.19 -79.56
CA THR A 53 -4.53 -24.23 -80.22
C THR A 53 -3.60 -25.11 -81.03
N VAL A 54 -3.73 -26.42 -80.87
CA VAL A 54 -2.88 -27.39 -81.56
C VAL A 54 -3.71 -28.03 -82.66
N VAL A 55 -3.22 -27.99 -83.90
CA VAL A 55 -3.90 -28.58 -85.03
C VAL A 55 -2.95 -29.58 -85.69
N PRO A 56 -3.10 -30.86 -85.40
CA PRO A 56 -2.29 -31.87 -86.10
C PRO A 56 -2.67 -31.94 -87.57
N SER A 57 -1.77 -32.52 -88.35
CA SER A 57 -1.97 -32.60 -89.79
C SER A 57 -3.14 -33.53 -90.11
N PRO A 58 -3.92 -33.22 -91.15
CA PRO A 58 -5.05 -34.08 -91.49
C PRO A 58 -4.59 -35.43 -92.00
N TYR A 59 -5.44 -36.43 -91.81
CA TYR A 59 -5.19 -37.78 -92.29
C TYR A 59 -6.18 -38.10 -93.38
N VAL A 60 -5.79 -37.88 -94.63
CA VAL A 60 -6.65 -38.12 -95.79
C VAL A 60 -6.53 -39.59 -96.15
N LYS A 61 -7.63 -40.33 -96.04
CA LYS A 61 -7.66 -41.76 -96.33
C LYS A 61 -8.13 -41.97 -97.75
N CYS A 62 -7.31 -42.64 -98.56
CA CYS A 62 -7.63 -42.86 -99.96
C CYS A 62 -8.38 -44.17 -100.15
N CYS A 63 -9.53 -44.10 -100.82
CA CYS A 63 -10.33 -45.27 -101.18
C CYS A 63 -10.72 -46.06 -99.93
N GLY A 64 -11.35 -45.38 -98.98
CA GLY A 64 -11.78 -46.03 -97.75
C GLY A 64 -12.57 -45.10 -96.84
N ALA A 65 -12.50 -45.35 -95.55
CA ALA A 65 -13.18 -44.51 -94.57
C ALA A 65 -12.49 -44.65 -93.23
N SER A 66 -12.71 -43.67 -92.37
CA SER A 66 -12.12 -43.65 -91.04
C SER A 66 -13.19 -43.26 -90.03
N GLU A 67 -13.00 -43.68 -88.79
CA GLU A 67 -13.96 -43.44 -87.72
C GLU A 67 -13.38 -42.49 -86.68
N CYS A 68 -14.24 -41.68 -86.09
CA CYS A 68 -13.83 -40.77 -85.03
C CYS A 68 -13.46 -41.54 -83.78
N SER A 69 -12.44 -41.06 -83.09
CA SER A 69 -11.99 -41.64 -81.83
C SER A 69 -11.97 -40.56 -80.75
N THR A 70 -12.58 -40.86 -79.60
CA THR A 70 -12.62 -39.90 -78.51
C THR A 70 -11.34 -39.98 -77.68
N LYS A 71 -10.91 -38.83 -77.17
CA LYS A 71 -9.72 -38.74 -76.35
C LYS A 71 -9.96 -37.76 -75.22
N GLU A 72 -9.16 -37.87 -74.17
CA GLU A 72 -9.28 -37.02 -72.99
C GLU A 72 -8.26 -35.89 -73.11
N LYS A 73 -8.61 -34.89 -73.91
CA LYS A 73 -7.80 -33.69 -74.09
C LYS A 73 -8.67 -32.48 -73.82
N PRO A 74 -8.08 -31.38 -73.36
CA PRO A 74 -8.89 -30.20 -73.04
C PRO A 74 -9.54 -29.62 -74.29
N ASP A 75 -10.88 -29.60 -74.29
CA ASP A 75 -11.68 -29.03 -75.37
C ASP A 75 -11.37 -29.70 -76.70
N TYR A 76 -11.22 -31.02 -76.67
CA TYR A 76 -10.90 -31.80 -77.85
C TYR A 76 -12.06 -31.78 -78.84
N GLN A 77 -11.72 -31.87 -80.13
CA GLN A 77 -12.71 -31.88 -81.21
C GLN A 77 -12.23 -32.79 -82.33
N CYS A 78 -13.13 -33.61 -82.87
CA CYS A 78 -12.77 -34.53 -83.94
C CYS A 78 -13.98 -34.81 -84.81
N LYS A 79 -13.77 -34.85 -86.12
CA LYS A 79 -14.85 -35.09 -87.06
C LYS A 79 -14.28 -35.77 -88.31
N VAL A 80 -15.14 -36.45 -89.05
CA VAL A 80 -14.77 -37.12 -90.29
C VAL A 80 -15.67 -36.62 -91.41
N TYR A 81 -15.06 -36.20 -92.51
CA TYR A 81 -15.78 -35.68 -93.67
C TYR A 81 -15.72 -36.71 -94.79
N THR A 82 -16.69 -36.65 -95.69
CA THR A 82 -16.83 -37.63 -96.76
C THR A 82 -16.81 -36.93 -98.11
N GLY A 83 -16.12 -37.54 -99.07
CA GLY A 83 -16.12 -37.04 -100.43
C GLY A 83 -15.04 -36.04 -100.76
N VAL A 84 -13.93 -36.06 -100.05
CA VAL A 84 -12.84 -35.12 -100.30
C VAL A 84 -11.99 -35.62 -101.45
N TYR A 85 -11.51 -34.69 -102.28
CA TYR A 85 -10.63 -34.99 -103.40
C TYR A 85 -9.48 -34.00 -103.39
N PRO A 86 -8.51 -34.18 -102.50
CA PRO A 86 -7.49 -33.15 -102.29
C PRO A 86 -6.54 -33.03 -103.48
N PHE A 87 -5.79 -31.93 -103.47
CA PHE A 87 -4.81 -31.65 -104.51
C PHE A 87 -3.50 -31.24 -103.86
N MET A 88 -2.40 -31.54 -104.54
CA MET A 88 -1.07 -31.11 -104.12
C MET A 88 -0.36 -30.50 -105.32
N TRP A 89 0.87 -30.04 -105.12
CA TRP A 89 1.58 -29.32 -106.17
C TRP A 89 1.79 -30.20 -107.40
N GLY A 90 2.17 -31.47 -107.19
CA GLY A 90 2.43 -32.33 -108.32
C GLY A 90 1.19 -32.88 -108.99
N GLY A 91 0.07 -32.88 -108.29
CA GLY A 91 -1.14 -33.49 -108.82
C GLY A 91 -2.12 -33.74 -107.69
N ALA A 92 -3.06 -34.65 -107.95
CA ALA A 92 -4.12 -34.95 -106.99
C ALA A 92 -4.05 -36.43 -106.68
N TYR A 93 -3.76 -36.77 -105.43
CA TYR A 93 -3.73 -38.17 -105.05
C TYR A 93 -5.10 -38.58 -104.53
N CYS A 94 -5.19 -39.75 -103.90
CA CYS A 94 -6.45 -40.43 -103.67
C CYS A 94 -7.17 -40.71 -105.00
N PHE A 95 -6.60 -41.67 -105.72
CA PHE A 95 -7.06 -42.13 -107.02
C PHE A 95 -8.58 -42.22 -107.14
N CYS A 96 -9.24 -42.73 -106.10
CA CYS A 96 -10.69 -42.78 -106.12
C CYS A 96 -11.28 -41.37 -106.15
N ASP A 97 -12.27 -41.16 -107.00
CA ASP A 97 -12.76 -39.80 -107.24
C ASP A 97 -13.56 -39.27 -106.06
N SER A 98 -14.36 -40.13 -105.42
CA SER A 98 -15.32 -39.61 -104.43
C SER A 98 -15.27 -40.34 -103.10
N GLU A 99 -14.83 -41.60 -103.09
CA GLU A 99 -14.88 -42.40 -101.86
C GLU A 99 -13.59 -42.23 -101.05
N ASN A 100 -13.39 -41.02 -100.55
CA ASN A 100 -12.29 -40.69 -99.67
C ASN A 100 -12.82 -39.92 -98.46
N THR A 101 -12.06 -39.97 -97.36
CA THR A 101 -12.44 -39.25 -96.16
C THR A 101 -11.22 -38.52 -95.60
N GLN A 102 -11.48 -37.40 -94.93
CA GLN A 102 -10.46 -36.62 -94.26
C GLN A 102 -10.86 -36.46 -92.81
N LEU A 103 -9.90 -36.65 -91.91
CA LEU A 103 -10.17 -36.61 -90.47
C LEU A 103 -9.53 -35.36 -89.88
N SER A 104 -10.35 -34.47 -89.33
CA SER A 104 -9.88 -33.22 -88.75
C SER A 104 -9.83 -33.36 -87.24
N GLU A 105 -8.80 -32.78 -86.63
CA GLU A 105 -8.58 -32.91 -85.20
C GLU A 105 -7.92 -31.66 -84.67
N ALA A 106 -8.32 -31.26 -83.47
CA ALA A 106 -7.74 -30.07 -82.85
C ALA A 106 -8.10 -30.07 -81.38
N TYR A 107 -7.27 -29.40 -80.58
CA TYR A 107 -7.54 -29.27 -79.16
C TYR A 107 -6.73 -28.10 -78.62
N VAL A 108 -6.99 -27.73 -77.37
CA VAL A 108 -6.37 -26.57 -76.74
C VAL A 108 -5.29 -27.06 -75.80
N ASP A 109 -4.33 -26.19 -75.53
CA ASP A 109 -3.31 -26.48 -74.54
C ASP A 109 -2.76 -25.17 -73.98
N ARG A 110 -2.19 -25.27 -72.78
CA ARG A 110 -1.58 -24.12 -72.13
C ARG A 110 -0.39 -23.63 -72.95
N SER A 111 -0.17 -22.32 -72.96
CA SER A 111 0.85 -21.75 -73.83
C SER A 111 2.24 -22.14 -73.37
N ASP A 112 3.22 -21.80 -74.21
CA ASP A 112 4.62 -22.13 -73.93
C ASP A 112 5.23 -21.23 -72.87
N VAL A 113 4.83 -19.97 -72.83
CA VAL A 113 5.42 -19.00 -71.92
C VAL A 113 4.50 -18.74 -70.72
N CYS A 114 3.60 -19.68 -70.42
CA CYS A 114 2.66 -19.49 -69.33
C CYS A 114 3.35 -19.36 -67.98
N ARG A 115 4.56 -19.87 -67.84
CA ARG A 115 5.27 -19.76 -66.57
C ARG A 115 5.84 -18.37 -66.33
N HIS A 116 5.88 -17.51 -67.36
CA HIS A 116 6.48 -16.20 -67.23
C HIS A 116 5.47 -15.07 -67.28
N ASP A 117 4.26 -15.33 -67.75
CA ASP A 117 3.25 -14.29 -67.96
C ASP A 117 1.88 -14.92 -67.71
N HIS A 118 1.41 -14.83 -66.46
CA HIS A 118 0.12 -15.37 -66.08
C HIS A 118 -0.46 -14.52 -64.97
N ALA A 119 -1.77 -14.60 -64.81
CA ALA A 119 -2.50 -13.87 -63.78
C ALA A 119 -3.01 -14.84 -62.72
N SER A 120 -2.81 -14.48 -61.46
CA SER A 120 -3.19 -15.33 -60.35
C SER A 120 -4.47 -14.81 -59.72
N ALA A 121 -5.37 -15.72 -59.37
CA ALA A 121 -6.64 -15.38 -58.73
C ALA A 121 -6.62 -15.90 -57.31
N TYR A 122 -6.74 -15.00 -56.34
CA TYR A 122 -6.54 -15.31 -54.93
C TYR A 122 -7.80 -15.08 -54.13
N LYS A 123 -7.73 -15.45 -52.85
CA LYS A 123 -8.69 -15.04 -51.83
C LYS A 123 -7.91 -14.42 -50.68
N ALA A 124 -8.27 -13.21 -50.27
CA ALA A 124 -7.50 -12.46 -49.30
C ALA A 124 -8.32 -12.23 -48.04
N HIS A 125 -7.73 -12.55 -46.88
CA HIS A 125 -8.44 -12.38 -45.62
C HIS A 125 -7.44 -12.32 -44.48
N THR A 126 -7.83 -11.66 -43.40
CA THR A 126 -7.10 -11.64 -42.13
C THR A 126 -5.68 -11.09 -42.31
N ALA A 127 -5.64 -9.78 -42.56
CA ALA A 127 -4.38 -9.08 -42.75
C ALA A 127 -3.55 -9.08 -41.47
N SER A 128 -2.24 -9.05 -41.63
CA SER A 128 -1.29 -9.00 -40.53
C SER A 128 -0.38 -7.78 -40.70
N LEU A 129 -0.33 -6.94 -39.67
CA LEU A 129 0.39 -5.67 -39.76
C LEU A 129 1.79 -5.83 -39.20
N LYS A 130 2.78 -5.34 -39.94
CA LYS A 130 4.17 -5.37 -39.52
C LYS A 130 4.76 -3.99 -39.73
N ALA A 131 5.56 -3.52 -38.76
CA ALA A 131 6.01 -2.14 -38.76
C ALA A 131 7.49 -2.07 -38.42
N LYS A 132 8.08 -0.92 -38.73
CA LYS A 132 9.49 -0.63 -38.42
C LYS A 132 9.54 0.70 -37.68
N VAL A 133 9.92 0.65 -36.40
CA VAL A 133 9.78 1.79 -35.51
C VAL A 133 11.17 2.26 -35.08
N ARG A 134 11.32 3.57 -34.90
CA ARG A 134 12.55 4.16 -34.40
C ARG A 134 12.32 4.71 -33.01
N VAL A 135 13.12 4.27 -32.05
CA VAL A 135 12.95 4.64 -30.65
C VAL A 135 14.21 5.36 -30.19
N MET A 136 14.04 6.57 -29.67
CA MET A 136 15.18 7.36 -29.23
C MET A 136 14.83 8.08 -27.93
N TYR A 137 15.70 7.92 -26.93
CA TYR A 137 15.55 8.61 -25.66
C TYR A 137 16.93 8.63 -25.01
N GLY A 138 17.10 9.55 -24.05
CA GLY A 138 18.37 9.62 -23.35
C GLY A 138 19.50 9.83 -24.33
N ASN A 139 20.31 8.79 -24.53
CA ASN A 139 21.36 8.81 -25.54
C ASN A 139 21.30 7.61 -26.47
N VAL A 140 20.22 6.84 -26.45
CA VAL A 140 20.10 5.64 -27.27
C VAL A 140 19.23 5.93 -28.48
N ASN A 141 19.78 5.67 -29.66
CA ASN A 141 19.07 5.66 -30.93
C ASN A 141 18.57 4.24 -31.18
N GLN A 142 18.27 3.91 -32.45
CA GLN A 142 18.05 2.58 -33.04
C GLN A 142 16.65 2.41 -33.61
N THR A 143 16.57 1.61 -34.67
CA THR A 143 15.34 1.29 -35.37
C THR A 143 15.16 -0.22 -35.37
N VAL A 144 13.95 -0.68 -35.05
CA VAL A 144 13.67 -2.10 -34.93
C VAL A 144 12.49 -2.47 -35.81
N ASP A 145 12.36 -3.77 -36.07
CA ASP A 145 11.25 -4.31 -36.85
C ASP A 145 10.34 -5.09 -35.91
N VAL A 146 9.09 -4.64 -35.78
CA VAL A 146 8.17 -5.16 -34.79
C VAL A 146 6.88 -5.57 -35.48
N TYR A 147 6.40 -6.78 -35.19
CA TYR A 147 5.05 -7.15 -35.56
C TYR A 147 4.07 -6.40 -34.68
N VAL A 148 3.10 -5.72 -35.30
CA VAL A 148 2.12 -4.94 -34.54
C VAL A 148 0.96 -5.89 -34.23
N ASN A 149 1.15 -6.66 -33.16
CA ASN A 149 0.09 -7.41 -32.51
C ASN A 149 0.56 -7.67 -31.09
N GLY A 150 -0.38 -8.00 -30.21
CA GLY A 150 -0.05 -7.96 -28.81
C GLY A 150 0.91 -9.01 -28.30
N ASP A 151 1.59 -9.73 -29.20
CA ASP A 151 2.49 -10.80 -28.78
C ASP A 151 3.77 -10.80 -29.60
N HIS A 152 4.49 -9.67 -29.60
CA HIS A 152 5.89 -9.65 -30.00
C HIS A 152 6.61 -8.61 -29.17
N ALA A 153 7.52 -9.06 -28.32
CA ALA A 153 8.26 -8.18 -27.43
C ALA A 153 9.68 -8.03 -27.95
N VAL A 154 10.12 -6.78 -28.11
CA VAL A 154 11.46 -6.48 -28.60
C VAL A 154 12.12 -5.53 -27.62
N THR A 155 13.40 -5.78 -27.34
CA THR A 155 14.13 -5.03 -26.31
C THR A 155 15.11 -4.07 -26.97
N ILE A 156 15.04 -2.81 -26.57
CA ILE A 156 15.90 -1.76 -27.12
C ILE A 156 16.67 -1.16 -25.96
N GLY A 157 17.92 -1.54 -25.81
CA GLY A 157 18.74 -0.99 -24.74
C GLY A 157 18.21 -1.27 -23.35
N GLY A 158 17.78 -2.50 -23.10
CA GLY A 158 17.30 -2.89 -21.80
C GLY A 158 15.84 -2.62 -21.54
N THR A 159 15.14 -1.98 -22.46
CA THR A 159 13.72 -1.66 -22.30
C THR A 159 12.89 -2.58 -23.18
N GLN A 160 11.89 -3.22 -22.59
CA GLN A 160 11.05 -4.15 -23.33
C GLN A 160 9.85 -3.42 -23.90
N PHE A 161 9.65 -3.55 -25.22
CA PHE A 161 8.57 -2.87 -25.93
C PHE A 161 7.61 -3.91 -26.49
N ILE A 162 6.32 -3.70 -26.27
CA ILE A 162 5.28 -4.54 -26.85
C ILE A 162 4.27 -3.62 -27.52
N PHE A 163 4.14 -3.74 -28.84
CA PHE A 163 3.27 -2.86 -29.61
C PHE A 163 1.93 -3.56 -29.82
N GLY A 164 0.88 -2.99 -29.24
CA GLY A 164 -0.40 -3.64 -29.17
C GLY A 164 -1.10 -3.74 -30.51
N PRO A 165 -2.20 -4.48 -30.55
CA PRO A 165 -2.92 -4.66 -31.81
C PRO A 165 -3.50 -3.35 -32.31
N LEU A 166 -3.60 -3.23 -33.62
CA LEU A 166 -4.09 -1.98 -34.20
C LEU A 166 -5.53 -1.72 -33.78
N SER A 167 -5.86 -0.44 -33.65
CA SER A 167 -7.20 -0.07 -33.18
C SER A 167 -8.28 -0.53 -34.13
N SER A 168 -8.08 -0.35 -35.44
CA SER A 168 -9.10 -0.67 -36.43
C SER A 168 -8.75 -1.96 -37.15
N ALA A 169 -9.75 -2.52 -37.81
CA ALA A 169 -9.62 -3.76 -38.56
C ALA A 169 -10.01 -3.54 -40.02
N TRP A 170 -9.47 -2.50 -40.63
CA TRP A 170 -9.80 -2.12 -41.99
C TRP A 170 -8.70 -2.56 -42.93
N THR A 171 -9.09 -3.21 -44.04
CA THR A 171 -8.16 -3.67 -45.05
C THR A 171 -8.62 -3.22 -46.42
N PRO A 172 -7.70 -2.82 -47.31
CA PRO A 172 -8.11 -2.36 -48.63
C PRO A 172 -8.34 -3.46 -49.65
N PHE A 173 -8.04 -4.71 -49.33
CA PHE A 173 -8.24 -5.82 -50.25
C PHE A 173 -9.61 -6.44 -50.01
N ASP A 174 -10.39 -6.58 -51.07
CA ASP A 174 -11.68 -7.24 -50.96
C ASP A 174 -11.46 -8.73 -50.72
N ASN A 175 -12.54 -9.51 -50.74
CA ASN A 175 -12.40 -10.93 -50.51
C ASN A 175 -11.68 -11.62 -51.67
N LYS A 176 -11.95 -11.20 -52.90
CA LYS A 176 -11.39 -11.82 -54.08
C LYS A 176 -10.44 -10.87 -54.79
N ILE A 177 -9.29 -11.39 -55.22
CA ILE A 177 -8.19 -10.59 -55.75
C ILE A 177 -7.69 -11.24 -57.03
N VAL A 178 -7.32 -10.41 -58.00
CA VAL A 178 -6.55 -10.84 -59.15
C VAL A 178 -5.24 -10.08 -59.17
N VAL A 179 -4.13 -10.80 -59.20
CA VAL A 179 -2.79 -10.20 -59.14
C VAL A 179 -2.11 -10.42 -60.47
N TYR A 180 -1.54 -9.36 -61.03
CA TYR A 180 -0.83 -9.44 -62.31
C TYR A 180 0.44 -8.61 -62.21
N LYS A 181 1.58 -9.29 -62.20
CA LYS A 181 2.88 -8.64 -62.11
C LYS A 181 2.98 -7.78 -60.85
N ASP A 182 2.71 -6.49 -60.99
CA ASP A 182 2.81 -5.56 -59.87
C ASP A 182 1.52 -4.79 -59.64
N GLU A 183 0.39 -5.31 -60.11
CA GLU A 183 -0.89 -4.64 -59.98
C GLU A 183 -1.89 -5.59 -59.35
N VAL A 184 -2.70 -5.04 -58.44
CA VAL A 184 -3.72 -5.80 -57.73
C VAL A 184 -5.08 -5.22 -58.11
N PHE A 185 -6.05 -6.09 -58.37
CA PHE A 185 -7.39 -5.67 -58.76
C PHE A 185 -8.42 -6.27 -57.81
N ASN A 186 -9.45 -5.51 -57.51
CA ASN A 186 -10.58 -6.01 -56.74
C ASN A 186 -11.60 -6.55 -57.73
N GLN A 187 -11.57 -7.86 -57.95
CA GLN A 187 -12.31 -8.47 -59.05
C GLN A 187 -13.03 -9.70 -58.54
N ASP A 188 -14.13 -10.04 -59.21
CA ASP A 188 -14.89 -11.25 -58.94
C ASP A 188 -14.77 -12.17 -60.15
N PHE A 189 -14.00 -13.24 -60.01
CA PHE A 189 -13.69 -14.15 -61.10
C PHE A 189 -14.57 -15.38 -61.05
N PRO A 190 -14.78 -16.06 -62.17
CA PRO A 190 -15.67 -17.21 -62.20
C PRO A 190 -15.09 -18.36 -61.39
N PRO A 191 -15.94 -19.25 -60.88
CA PRO A 191 -15.45 -20.40 -60.12
C PRO A 191 -14.67 -21.34 -61.00
N TYR A 192 -13.76 -22.09 -60.39
CA TYR A 192 -13.02 -23.09 -61.15
C TYR A 192 -13.99 -24.07 -61.78
N GLY A 193 -13.76 -24.40 -63.04
CA GLY A 193 -14.61 -25.33 -63.74
C GLY A 193 -15.83 -24.73 -64.38
N SER A 194 -16.00 -23.41 -64.32
CA SER A 194 -17.17 -22.76 -64.91
C SER A 194 -16.80 -21.43 -65.54
N GLY A 195 -15.72 -21.39 -66.29
CA GLY A 195 -15.34 -20.19 -67.00
C GLY A 195 -15.98 -20.09 -68.37
N GLN A 196 -16.26 -18.88 -68.80
CA GLN A 196 -16.99 -18.67 -70.03
C GLN A 196 -16.05 -18.25 -71.15
N PRO A 197 -16.32 -18.66 -72.39
CA PRO A 197 -15.39 -18.33 -73.48
C PRO A 197 -15.33 -16.84 -73.75
N GLY A 198 -14.14 -16.37 -74.09
CA GLY A 198 -13.94 -15.02 -74.54
C GLY A 198 -13.70 -13.99 -73.45
N ARG A 199 -13.83 -14.35 -72.19
CA ARG A 199 -13.60 -13.44 -71.08
C ARG A 199 -12.55 -14.03 -70.15
N PHE A 200 -12.25 -13.33 -69.07
CA PHE A 200 -11.23 -13.80 -68.13
C PHE A 200 -11.60 -15.17 -67.59
N GLY A 201 -10.64 -16.08 -67.62
CA GLY A 201 -10.86 -17.41 -67.10
C GLY A 201 -11.42 -18.42 -68.07
N ASP A 202 -11.26 -18.22 -69.37
CA ASP A 202 -11.73 -19.23 -70.32
C ASP A 202 -11.00 -20.54 -70.13
N ILE A 203 -9.69 -20.49 -69.91
CA ILE A 203 -8.91 -21.66 -69.54
C ILE A 203 -8.34 -21.42 -68.15
N GLN A 204 -8.40 -22.44 -67.30
CA GLN A 204 -8.00 -22.33 -65.91
C GLN A 204 -7.13 -23.51 -65.54
N SER A 205 -6.10 -23.26 -64.75
CA SER A 205 -5.23 -24.31 -64.24
C SER A 205 -5.05 -24.12 -62.75
N ARG A 206 -5.11 -25.23 -62.01
CA ARG A 206 -5.07 -25.13 -60.56
C ARG A 206 -3.74 -24.58 -60.05
N THR A 207 -2.66 -24.77 -60.81
CA THR A 207 -1.35 -24.26 -60.44
C THR A 207 -0.53 -24.17 -61.71
N VAL A 208 0.61 -23.48 -61.62
CA VAL A 208 1.47 -23.28 -62.79
C VAL A 208 1.93 -24.63 -63.34
N GLU A 209 2.31 -25.55 -62.46
CA GLU A 209 2.84 -26.84 -62.88
C GLU A 209 1.78 -27.94 -62.90
N SER A 210 0.54 -27.65 -62.53
CA SER A 210 -0.46 -28.69 -62.45
C SER A 210 -0.82 -29.21 -63.84
N ASN A 211 -0.97 -30.53 -63.95
CA ASN A 211 -1.20 -31.14 -65.25
C ASN A 211 -2.63 -30.95 -65.73
N ASP A 212 -3.61 -30.93 -64.83
CA ASP A 212 -4.99 -30.79 -65.24
C ASP A 212 -5.26 -29.40 -65.81
N LEU A 213 -6.13 -29.34 -66.80
CA LEU A 213 -6.49 -28.09 -67.44
C LEU A 213 -7.97 -28.13 -67.80
N TYR A 214 -8.66 -27.02 -67.58
CA TYR A 214 -10.05 -26.87 -67.99
C TYR A 214 -10.10 -25.77 -69.04
N ALA A 215 -10.61 -26.09 -70.22
CA ALA A 215 -10.65 -25.14 -71.31
C ALA A 215 -12.04 -25.13 -71.92
N ASN A 216 -12.58 -23.93 -72.13
CA ASN A 216 -13.91 -23.76 -72.72
C ASN A 216 -13.85 -22.52 -73.61
N THR A 217 -13.48 -22.72 -74.89
CA THR A 217 -13.25 -21.62 -75.81
C THR A 217 -13.99 -21.78 -77.13
N ALA A 218 -15.06 -22.57 -77.17
CA ALA A 218 -15.95 -22.63 -78.32
C ALA A 218 -15.23 -23.02 -79.60
N LEU A 219 -14.28 -23.93 -79.49
CA LEU A 219 -13.57 -24.41 -80.68
C LEU A 219 -14.52 -25.26 -81.51
N LYS A 220 -14.57 -24.97 -82.81
CA LYS A 220 -15.54 -25.63 -83.69
C LYS A 220 -14.92 -25.84 -85.06
N LEU A 221 -15.00 -27.06 -85.57
CA LEU A 221 -14.40 -27.43 -86.83
C LEU A 221 -15.39 -27.24 -87.99
N ALA A 222 -14.84 -27.03 -89.18
CA ALA A 222 -15.64 -26.80 -90.37
C ALA A 222 -15.17 -27.71 -91.50
N ARG A 223 -15.98 -27.79 -92.54
CA ARG A 223 -15.68 -28.66 -93.68
C ARG A 223 -14.64 -28.02 -94.58
N PRO A 224 -13.60 -28.75 -94.98
CA PRO A 224 -12.58 -28.17 -95.85
C PRO A 224 -13.14 -27.84 -97.22
N SER A 225 -12.57 -26.81 -97.83
CA SER A 225 -13.01 -26.40 -99.16
C SER A 225 -12.66 -27.48 -100.18
N PRO A 226 -13.41 -27.57 -101.27
CA PRO A 226 -13.12 -28.60 -102.28
C PRO A 226 -11.72 -28.42 -102.86
N GLY A 227 -11.04 -29.55 -103.07
CA GLY A 227 -9.71 -29.53 -103.64
C GLY A 227 -8.67 -28.82 -102.79
N MET A 228 -8.71 -29.04 -101.47
CA MET A 228 -7.80 -28.35 -100.58
C MET A 228 -7.50 -29.22 -99.36
N VAL A 229 -6.37 -28.95 -98.73
CA VAL A 229 -5.95 -29.67 -97.52
C VAL A 229 -5.59 -28.59 -96.49
N HIS A 230 -6.54 -28.22 -95.62
CA HIS A 230 -6.20 -27.17 -94.68
C HIS A 230 -6.77 -27.28 -93.27
N VAL A 231 -7.76 -28.14 -92.99
CA VAL A 231 -8.33 -28.24 -91.65
C VAL A 231 -8.81 -26.88 -91.14
N PRO A 232 -9.91 -26.34 -91.65
CA PRO A 232 -10.39 -25.06 -91.17
C PRO A 232 -11.03 -25.19 -89.81
N TYR A 233 -10.99 -24.10 -89.04
CA TYR A 233 -11.59 -24.11 -87.72
C TYR A 233 -11.87 -22.68 -87.29
N THR A 234 -12.68 -22.54 -86.26
CA THR A 234 -12.99 -21.24 -85.69
C THR A 234 -12.96 -21.33 -84.17
N GLN A 235 -12.64 -20.21 -83.52
CA GLN A 235 -12.44 -20.23 -82.09
C GLN A 235 -12.56 -18.82 -81.54
N THR A 236 -13.26 -18.67 -80.44
CA THR A 236 -13.40 -17.36 -79.82
C THR A 236 -12.05 -16.92 -79.26
N PRO A 237 -11.63 -15.68 -79.50
CA PRO A 237 -10.30 -15.23 -79.07
C PRO A 237 -10.06 -15.43 -77.59
N SER A 238 -8.80 -15.26 -77.21
CA SER A 238 -8.38 -15.48 -75.85
C SER A 238 -9.07 -14.51 -74.90
N GLY A 239 -9.50 -15.03 -73.75
CA GLY A 239 -10.07 -14.16 -72.74
C GLY A 239 -9.03 -13.44 -71.90
N PHE A 240 -7.86 -14.03 -71.73
CA PHE A 240 -6.80 -13.33 -71.04
C PHE A 240 -6.34 -12.11 -71.81
N LYS A 241 -6.17 -12.23 -73.12
CA LYS A 241 -5.73 -11.07 -73.90
C LYS A 241 -6.81 -10.00 -73.96
N TYR A 242 -8.07 -10.40 -73.92
CA TYR A 242 -9.12 -9.39 -73.82
C TYR A 242 -9.09 -8.71 -72.47
N TRP A 243 -8.90 -9.48 -71.39
CA TRP A 243 -8.84 -8.92 -70.06
C TRP A 243 -7.73 -7.89 -69.95
N LEU A 244 -6.64 -8.08 -70.71
CA LEU A 244 -5.49 -7.21 -70.56
C LEU A 244 -5.82 -5.77 -70.93
N LYS A 245 -6.61 -5.58 -71.98
CA LYS A 245 -6.91 -4.24 -72.47
C LYS A 245 -8.21 -3.67 -71.91
N GLU A 246 -8.99 -4.46 -71.16
CA GLU A 246 -10.24 -3.96 -70.59
C GLU A 246 -10.38 -4.33 -69.12
N LYS A 247 -9.27 -4.43 -68.39
CA LYS A 247 -9.36 -4.74 -66.98
C LYS A 247 -9.93 -3.57 -66.20
N GLY A 248 -9.47 -2.37 -66.50
CA GLY A 248 -10.02 -1.17 -65.89
C GLY A 248 -9.45 -0.89 -64.52
N THR A 249 -8.99 0.33 -64.32
CA THR A 249 -8.44 0.79 -63.04
C THR A 249 -7.39 -0.15 -62.50
N ALA A 250 -7.17 -0.07 -61.20
CA ALA A 250 -6.23 -0.93 -60.48
C ALA A 250 -6.60 -0.80 -59.01
N LEU A 251 -5.71 -1.22 -58.14
CA LEU A 251 -5.80 -0.83 -56.75
C LEU A 251 -4.67 0.11 -56.35
N ASN A 252 -3.58 0.13 -57.12
CA ASN A 252 -2.48 1.03 -56.80
C ASN A 252 -2.91 2.48 -56.91
N THR A 253 -3.72 2.80 -57.92
CA THR A 253 -4.26 4.13 -58.12
C THR A 253 -5.68 4.29 -57.57
N LYS A 254 -6.11 3.37 -56.72
CA LYS A 254 -7.47 3.36 -56.24
C LYS A 254 -7.60 3.22 -54.74
N ALA A 255 -6.53 2.89 -54.02
CA ALA A 255 -6.63 2.50 -52.62
C ALA A 255 -6.95 3.71 -51.74
N PRO A 256 -7.71 3.52 -50.67
CA PRO A 256 -7.98 4.62 -49.74
C PRO A 256 -6.83 4.85 -48.78
N PHE A 257 -6.89 5.98 -48.10
CA PHE A 257 -5.93 6.40 -47.08
C PHE A 257 -4.52 6.54 -47.62
N GLY A 258 -4.35 6.58 -48.93
CA GLY A 258 -3.08 6.92 -49.51
C GLY A 258 -1.96 5.93 -49.22
N CYS A 259 -2.24 4.64 -49.39
CA CYS A 259 -1.24 3.62 -49.20
C CYS A 259 -0.97 2.84 -50.47
N GLN A 260 0.32 2.71 -50.78
CA GLN A 260 0.77 2.13 -52.04
C GLN A 260 0.70 0.62 -51.99
N ILE A 261 0.17 0.03 -53.04
CA ILE A 261 0.08 -1.42 -53.14
C ILE A 261 1.32 -1.94 -53.84
N LYS A 262 1.87 -3.04 -53.34
CA LYS A 262 3.03 -3.67 -53.96
C LYS A 262 2.74 -5.15 -54.11
N THR A 263 3.67 -5.87 -54.72
CA THR A 263 3.46 -7.28 -55.00
C THR A 263 4.73 -8.06 -54.71
N ASN A 264 4.54 -9.37 -54.47
CA ASN A 264 5.60 -10.32 -54.16
C ASN A 264 6.35 -9.94 -52.90
N PRO A 265 5.74 -10.11 -51.71
CA PRO A 265 4.38 -10.57 -51.49
C PRO A 265 3.39 -9.42 -51.57
N VAL A 266 2.10 -9.71 -51.71
CA VAL A 266 1.09 -8.66 -51.77
C VAL A 266 1.03 -7.95 -50.44
N ARG A 267 1.11 -6.63 -50.46
CA ARG A 267 1.11 -5.86 -49.22
C ARG A 267 0.75 -4.42 -49.53
N ALA A 268 0.19 -3.74 -48.54
CA ALA A 268 -0.19 -2.34 -48.64
C ALA A 268 0.58 -1.55 -47.61
N MET A 269 1.39 -0.60 -48.05
CA MET A 269 2.41 0.00 -47.21
C MET A 269 2.12 1.46 -46.91
N ASN A 270 2.48 1.88 -45.70
CA ASN A 270 2.42 3.27 -45.26
C ASN A 270 0.99 3.81 -45.38
N CYS A 271 0.10 3.19 -44.62
CA CYS A 271 -1.33 3.33 -44.87
C CYS A 271 -1.96 3.86 -43.58
N ALA A 272 -2.21 5.17 -43.55
CA ALA A 272 -2.45 5.89 -42.31
C ALA A 272 -3.87 5.65 -41.80
N VAL A 273 -3.99 4.86 -40.73
CA VAL A 273 -5.29 4.60 -40.12
C VAL A 273 -5.05 4.02 -38.72
N GLY A 274 -5.87 4.45 -37.77
CA GLY A 274 -5.89 3.82 -36.47
C GLY A 274 -4.80 4.28 -35.52
N ASN A 275 -4.77 3.63 -34.36
CA ASN A 275 -3.83 3.92 -33.30
C ASN A 275 -3.14 2.64 -32.85
N ILE A 276 -1.94 2.79 -32.31
CA ILE A 276 -1.10 1.65 -31.91
C ILE A 276 -0.81 1.76 -30.42
N PRO A 277 -1.44 0.95 -29.57
CA PRO A 277 -1.07 0.94 -28.16
C PRO A 277 0.34 0.40 -27.96
N VAL A 278 1.04 0.95 -26.97
CA VAL A 278 2.44 0.61 -26.71
C VAL A 278 2.58 0.31 -25.22
N SER A 279 3.25 -0.78 -24.89
CA SER A 279 3.56 -1.15 -23.51
C SER A 279 5.07 -1.19 -23.35
N MET A 280 5.55 -0.78 -22.18
CA MET A 280 6.97 -0.56 -21.96
C MET A 280 7.38 -1.26 -20.67
N ASN A 281 8.67 -1.35 -20.43
CA ASN A 281 9.21 -1.77 -19.14
C ASN A 281 10.65 -1.29 -19.06
N LEU A 282 10.87 -0.23 -18.31
CA LEU A 282 12.17 0.42 -18.32
C LEU A 282 13.00 0.03 -17.11
N PRO A 283 14.31 -0.04 -17.23
CA PRO A 283 15.16 -0.29 -16.07
C PRO A 283 15.35 0.97 -15.26
N ASP A 284 15.96 0.82 -14.10
CA ASP A 284 16.18 1.98 -13.24
C ASP A 284 17.31 2.87 -13.75
N SER A 285 18.17 2.36 -14.64
CA SER A 285 19.28 3.15 -15.13
C SER A 285 18.84 4.23 -16.12
N ALA A 286 17.60 4.15 -16.63
CA ALA A 286 17.15 5.13 -17.61
C ALA A 286 16.86 6.48 -16.97
N PHE A 287 16.43 6.48 -15.71
CA PHE A 287 16.06 7.72 -15.03
C PHE A 287 17.26 8.30 -14.27
N THR A 288 17.10 9.54 -13.84
CA THR A 288 18.08 10.22 -12.99
C THR A 288 17.40 10.60 -11.68
N ARG A 289 18.12 10.38 -10.57
CA ARG A 289 17.56 10.69 -9.27
C ARG A 289 17.23 12.18 -9.17
N ILE A 290 16.17 12.49 -8.42
CA ILE A 290 15.68 13.85 -8.34
C ILE A 290 16.70 14.79 -7.71
N VAL A 291 17.63 14.26 -6.92
CA VAL A 291 18.65 15.12 -6.30
C VAL A 291 19.63 15.62 -7.35
N GLU A 292 19.94 14.80 -8.36
CA GLU A 292 20.87 15.26 -9.40
C GLU A 292 20.23 16.23 -10.37
N ALA A 293 18.92 16.13 -10.58
CA ALA A 293 18.26 17.02 -11.54
C ALA A 293 18.24 18.45 -11.00
N PRO A 294 18.39 19.45 -11.86
CA PRO A 294 18.34 20.83 -11.40
C PRO A 294 16.97 21.19 -10.85
N THR A 295 16.95 22.10 -9.89
CA THR A 295 15.73 22.54 -9.23
C THR A 295 15.25 23.82 -9.90
N ILE A 296 14.02 23.81 -10.41
CA ILE A 296 13.47 24.93 -11.16
C ILE A 296 12.30 25.50 -10.38
N ILE A 297 12.30 26.82 -10.17
CA ILE A 297 11.22 27.50 -9.48
C ILE A 297 10.82 28.75 -10.26
N ASP A 298 9.58 29.18 -10.04
CA ASP A 298 9.04 30.40 -10.63
C ASP A 298 9.12 30.37 -12.16
N LEU A 299 8.41 29.41 -12.74
CA LEU A 299 8.39 29.24 -14.20
C LEU A 299 7.30 30.10 -14.78
N THR A 300 7.66 30.95 -15.74
CA THR A 300 6.69 31.77 -16.47
C THR A 300 6.88 31.55 -17.96
N CYS A 301 5.77 31.47 -18.68
CA CYS A 301 5.77 31.13 -20.09
C CYS A 301 5.21 32.30 -20.90
N THR A 302 5.95 32.73 -21.91
CA THR A 302 5.53 33.80 -22.81
C THR A 302 5.71 33.35 -24.25
N VAL A 303 4.83 33.82 -25.12
CA VAL A 303 4.85 33.48 -26.54
C VAL A 303 5.16 34.74 -27.32
N ALA A 304 6.25 34.69 -28.10
CA ALA A 304 6.63 35.85 -28.90
C ALA A 304 5.83 35.94 -30.18
N THR A 305 5.91 34.93 -31.03
CA THR A 305 5.21 34.91 -32.30
C THR A 305 4.52 33.57 -32.49
N CYS A 306 3.37 33.59 -33.17
CA CYS A 306 2.63 32.38 -33.46
C CYS A 306 2.00 32.48 -34.83
N THR A 307 1.90 31.34 -35.51
CA THR A 307 1.27 31.26 -36.83
C THR A 307 0.86 29.81 -37.06
N HIS A 308 -0.43 29.52 -37.08
CA HIS A 308 -0.88 28.13 -37.08
C HIS A 308 -0.70 27.54 -38.48
N SER A 309 0.54 27.20 -38.79
CA SER A 309 0.94 26.60 -40.05
C SER A 309 1.41 25.16 -39.82
N SER A 310 1.64 24.45 -40.93
CA SER A 310 2.00 23.04 -40.83
C SER A 310 3.35 22.85 -40.14
N ASP A 311 4.36 23.60 -40.57
CA ASP A 311 5.66 23.51 -39.93
C ASP A 311 5.58 24.19 -38.56
N PHE A 312 6.68 24.14 -37.83
CA PHE A 312 6.70 24.66 -36.46
C PHE A 312 6.69 26.18 -36.51
N GLY A 313 5.50 26.76 -36.43
CA GLY A 313 5.32 28.19 -36.59
C GLY A 313 5.04 28.93 -35.30
N GLY A 314 5.78 28.58 -34.25
CA GLY A 314 5.68 29.29 -32.99
C GLY A 314 7.00 29.32 -32.25
N VAL A 315 7.22 30.38 -31.47
CA VAL A 315 8.45 30.52 -30.69
C VAL A 315 8.05 30.74 -29.24
N LEU A 316 8.67 29.99 -28.34
CA LEU A 316 8.26 29.95 -26.94
C LEU A 316 9.45 30.30 -26.06
N THR A 317 9.20 31.11 -25.02
CA THR A 317 10.26 31.58 -24.14
C THR A 317 9.88 31.28 -22.69
N LEU A 318 10.82 30.72 -21.94
CA LEU A 318 10.60 30.36 -20.55
C LEU A 318 11.62 31.06 -19.67
N THR A 319 11.15 31.67 -18.59
CA THR A 319 12.00 32.30 -17.59
C THR A 319 11.86 31.56 -16.26
N TYR A 320 12.95 31.44 -15.53
CA TYR A 320 12.97 30.63 -14.33
C TYR A 320 14.13 31.07 -13.43
N LYS A 321 14.34 30.34 -12.35
CA LYS A 321 15.50 30.51 -11.49
C LYS A 321 16.00 29.14 -11.09
N THR A 322 17.30 28.90 -11.31
CA THR A 322 17.88 27.59 -11.06
C THR A 322 19.04 27.69 -10.09
N ASP A 323 19.37 26.57 -9.48
CA ASP A 323 20.48 26.48 -8.55
C ASP A 323 21.74 25.95 -9.23
N LYS A 324 21.58 24.99 -10.13
CA LYS A 324 22.69 24.44 -10.90
C LYS A 324 22.25 24.39 -12.36
N ASN A 325 23.21 24.11 -13.24
CA ASN A 325 22.94 23.99 -14.66
C ASN A 325 23.13 22.55 -15.13
N GLY A 326 22.18 22.07 -15.92
CA GLY A 326 22.14 20.69 -16.37
C GLY A 326 21.15 20.47 -17.48
N ASP A 327 20.44 19.34 -17.47
CA ASP A 327 19.50 18.98 -18.52
C ASP A 327 18.11 18.76 -17.94
N CYS A 328 17.12 19.39 -18.55
CA CYS A 328 15.72 19.17 -18.24
C CYS A 328 15.02 18.52 -19.43
N SER A 329 13.85 17.95 -19.15
CA SER A 329 13.00 17.34 -20.17
C SER A 329 11.79 18.23 -20.38
N VAL A 330 11.48 18.52 -21.63
CA VAL A 330 10.41 19.45 -21.98
C VAL A 330 9.27 18.68 -22.62
N HIS A 331 8.06 18.88 -22.13
CA HIS A 331 6.89 18.21 -22.67
C HIS A 331 5.69 19.12 -22.57
N SER A 332 4.75 18.96 -23.50
CA SER A 332 3.51 19.71 -23.52
C SER A 332 2.36 18.76 -23.23
N HIS A 333 1.54 19.10 -22.23
CA HIS A 333 0.58 18.17 -21.67
C HIS A 333 -0.76 18.18 -22.39
N SER A 334 -0.86 18.89 -23.50
CA SER A 334 -2.07 18.87 -24.32
C SER A 334 -1.67 18.68 -25.78
N ASN A 335 -2.54 18.03 -26.54
CA ASN A 335 -2.22 17.76 -27.93
C ASN A 335 -2.55 18.92 -28.87
N VAL A 336 -2.98 20.06 -28.33
CA VAL A 336 -3.26 21.20 -29.18
C VAL A 336 -1.98 21.76 -29.79
N ALA A 337 -0.84 21.63 -29.09
CA ALA A 337 0.44 22.10 -29.60
C ALA A 337 1.50 21.04 -29.35
N THR A 338 2.37 20.85 -30.33
CA THR A 338 3.41 19.83 -30.29
C THR A 338 4.78 20.50 -30.28
N LEU A 339 5.59 20.17 -29.29
CA LEU A 339 6.92 20.75 -29.17
C LEU A 339 7.88 20.06 -30.12
N GLN A 340 8.83 20.82 -30.66
CA GLN A 340 9.78 20.25 -31.61
C GLN A 340 10.85 19.43 -30.90
N GLU A 341 11.28 19.85 -29.72
CA GLU A 341 12.40 19.24 -29.04
C GLU A 341 11.94 18.63 -27.71
N ALA A 342 12.67 17.62 -27.26
CA ALA A 342 12.31 16.87 -26.06
C ALA A 342 13.20 17.14 -24.86
N THR A 343 14.36 17.75 -25.04
CA THR A 343 15.21 18.16 -23.93
C THR A 343 15.72 19.57 -24.18
N ALA A 344 16.09 20.24 -23.10
CA ALA A 344 16.62 21.60 -23.18
C ALA A 344 17.75 21.75 -22.19
N LYS A 345 18.62 22.73 -22.44
CA LYS A 345 19.72 23.03 -21.56
C LYS A 345 19.31 24.17 -20.64
N VAL A 346 19.18 23.89 -19.35
CA VAL A 346 18.87 24.91 -18.36
C VAL A 346 20.17 25.51 -17.86
N LYS A 347 20.22 26.84 -17.83
CA LYS A 347 21.42 27.56 -17.44
C LYS A 347 21.06 28.58 -16.37
N THR A 348 22.09 29.08 -15.68
CA THR A 348 21.89 30.08 -14.65
C THR A 348 21.37 31.41 -15.21
N ALA A 349 21.49 31.63 -16.52
CA ALA A 349 20.98 32.85 -17.12
C ALA A 349 19.47 32.96 -16.96
N GLY A 350 18.76 31.83 -16.93
CA GLY A 350 17.34 31.84 -16.68
C GLY A 350 16.46 32.08 -17.89
N LYS A 351 16.87 31.62 -19.07
CA LYS A 351 16.03 31.79 -20.25
C LYS A 351 16.33 30.68 -21.26
N VAL A 352 15.27 29.99 -21.69
CA VAL A 352 15.37 28.98 -22.74
C VAL A 352 14.30 29.27 -23.78
N THR A 353 14.51 28.75 -24.97
CA THR A 353 13.59 28.96 -26.09
C THR A 353 13.16 27.61 -26.65
N LEU A 354 11.92 27.58 -27.15
CA LEU A 354 11.34 26.35 -27.66
C LEU A 354 10.55 26.67 -28.93
N HIS A 355 10.31 25.64 -29.72
CA HIS A 355 9.50 25.76 -30.93
C HIS A 355 8.33 24.81 -30.81
N PHE A 356 7.14 25.29 -31.17
CA PHE A 356 5.93 24.48 -31.11
C PHE A 356 5.11 24.71 -32.36
N SER A 357 4.29 23.72 -32.70
CA SER A 357 3.40 23.80 -33.85
C SER A 357 1.97 23.60 -33.41
N THR A 358 1.07 24.45 -33.90
CA THR A 358 -0.32 24.42 -33.49
C THR A 358 -1.21 24.69 -34.69
N ALA A 359 -2.49 24.32 -34.56
CA ALA A 359 -3.44 24.45 -35.65
C ALA A 359 -4.73 25.09 -35.21
N SER A 360 -4.74 25.80 -34.08
CA SER A 360 -5.92 26.50 -33.59
C SER A 360 -5.65 27.99 -33.54
N ALA A 361 -6.74 28.77 -33.58
CA ALA A 361 -6.61 30.21 -33.56
C ALA A 361 -6.01 30.71 -32.26
N SER A 362 -6.44 30.14 -31.13
CA SER A 362 -5.96 30.54 -29.81
C SER A 362 -5.68 29.30 -28.98
N PRO A 363 -4.42 28.88 -28.88
CA PRO A 363 -4.09 27.68 -28.11
C PRO A 363 -3.89 27.99 -26.63
N SER A 364 -4.10 26.96 -25.82
CA SER A 364 -3.79 27.04 -24.39
C SER A 364 -3.34 25.67 -23.92
N PHE A 365 -2.10 25.60 -23.41
CA PHE A 365 -1.52 24.34 -23.02
C PHE A 365 -0.51 24.59 -21.92
N VAL A 366 -0.21 23.55 -21.15
CA VAL A 366 0.69 23.63 -20.01
C VAL A 366 1.97 22.89 -20.33
N VAL A 367 3.10 23.56 -20.17
CA VAL A 367 4.41 23.02 -20.50
C VAL A 367 5.22 22.85 -19.22
N SER A 368 5.97 21.78 -19.13
CA SER A 368 6.74 21.45 -17.94
C SER A 368 8.22 21.31 -18.30
N LEU A 369 9.08 21.93 -17.49
CA LEU A 369 10.53 21.86 -17.64
C LEU A 369 11.09 21.18 -16.41
N CYS A 370 11.69 20.00 -16.58
CA CYS A 370 11.85 19.07 -15.46
C CYS A 370 10.53 18.93 -14.68
N SER A 371 10.48 19.44 -13.46
CA SER A 371 9.30 19.24 -12.61
C SER A 371 8.39 20.45 -12.54
N ALA A 372 8.82 21.61 -13.02
CA ALA A 372 8.01 22.81 -12.90
C ALA A 372 6.82 22.75 -13.86
N ARG A 373 5.98 23.76 -13.80
CA ARG A 373 4.80 23.87 -14.66
C ARG A 373 4.60 25.33 -15.05
N ALA A 374 3.88 25.53 -16.14
CA ALA A 374 3.54 26.87 -16.59
C ALA A 374 2.43 26.77 -17.60
N THR A 375 1.52 27.74 -17.57
CA THR A 375 0.38 27.76 -18.47
C THR A 375 0.63 28.80 -19.55
N CYS A 376 0.59 28.38 -20.81
CA CYS A 376 0.90 29.24 -21.94
C CYS A 376 -0.36 29.52 -22.73
N SER A 377 -0.59 30.78 -23.05
CA SER A 377 -1.69 31.17 -23.92
C SER A 377 -1.16 32.16 -24.94
N ALA A 378 -1.69 32.10 -26.16
CA ALA A 378 -1.17 32.92 -27.24
C ALA A 378 -2.25 33.18 -28.27
N SER A 379 -2.02 34.19 -29.09
CA SER A 379 -2.89 34.52 -30.22
C SER A 379 -2.10 34.30 -31.51
N CYS A 380 -2.63 33.45 -32.38
CA CYS A 380 -1.92 33.03 -33.58
C CYS A 380 -2.65 33.51 -34.83
N GLU A 381 -1.91 34.07 -35.76
CA GLU A 381 -2.42 34.56 -37.03
C GLU A 381 -2.28 33.50 -38.11
N PRO A 382 -3.19 33.45 -39.08
CA PRO A 382 -3.15 32.39 -40.10
C PRO A 382 -1.99 32.58 -41.05
N PRO A 383 -1.57 31.52 -41.73
CA PRO A 383 -0.44 31.61 -42.65
C PRO A 383 -0.87 32.18 -43.99
N LYS A 384 0.11 32.34 -44.88
CA LYS A 384 -0.14 32.93 -46.20
C LYS A 384 0.00 31.95 -47.35
N ASP A 385 0.83 30.91 -47.21
CA ASP A 385 1.00 29.95 -48.30
C ASP A 385 -0.21 29.04 -48.42
N HIS A 386 -0.70 28.87 -49.65
CA HIS A 386 -1.89 28.06 -49.85
C HIS A 386 -1.60 26.57 -49.74
N ILE A 387 -0.49 26.11 -50.32
CA ILE A 387 -0.21 24.68 -50.44
C ILE A 387 1.26 24.44 -50.13
N VAL A 388 1.53 23.37 -49.37
CA VAL A 388 2.89 22.99 -48.99
C VAL A 388 3.13 21.54 -49.35
N PRO A 389 4.37 21.13 -49.62
CA PRO A 389 4.66 19.73 -49.97
C PRO A 389 5.02 18.81 -48.81
N TYR A 390 4.70 19.15 -47.57
CA TYR A 390 4.99 18.27 -46.44
C TYR A 390 3.74 18.08 -45.59
N ALA A 391 3.73 16.99 -44.82
CA ALA A 391 2.59 16.62 -44.01
C ALA A 391 2.46 17.55 -42.80
N ALA A 392 1.30 17.48 -42.16
CA ALA A 392 1.04 18.30 -41.00
C ALA A 392 1.82 17.80 -39.78
N SER A 393 2.33 18.72 -38.98
CA SER A 393 3.09 18.38 -37.79
C SER A 393 2.34 18.65 -36.50
N HIS A 394 1.06 18.99 -36.58
CA HIS A 394 0.21 19.19 -35.42
C HIS A 394 -0.84 18.09 -35.36
N SER A 395 -1.62 18.10 -34.29
CA SER A 395 -2.65 17.08 -34.12
C SER A 395 -3.99 17.49 -34.72
N ASN A 396 -4.04 18.62 -35.42
CA ASN A 396 -5.23 19.09 -36.11
C ASN A 396 -6.40 19.30 -35.15
N VAL A 397 -6.18 20.20 -34.19
CA VAL A 397 -7.20 20.59 -33.22
C VAL A 397 -7.51 22.07 -33.44
N VAL A 398 -8.79 22.40 -33.60
CA VAL A 398 -9.18 23.71 -34.06
C VAL A 398 -9.89 24.53 -32.99
N PHE A 399 -10.58 23.90 -32.05
CA PHE A 399 -11.38 24.62 -31.06
C PHE A 399 -10.50 25.50 -30.18
N PRO A 400 -10.77 26.80 -30.11
CA PRO A 400 -9.93 27.69 -29.28
C PRO A 400 -10.28 27.54 -27.80
N ASP A 401 -9.42 28.15 -26.98
CA ASP A 401 -9.62 28.12 -25.54
C ASP A 401 -10.80 29.00 -25.15
N MET A 402 -11.37 28.70 -23.98
CA MET A 402 -12.48 29.50 -23.47
C MET A 402 -12.08 30.93 -23.16
N SER A 403 -10.79 31.21 -23.03
CA SER A 403 -10.29 32.55 -22.77
C SER A 403 -9.89 33.28 -24.05
N GLY A 404 -10.15 32.70 -25.21
CA GLY A 404 -9.82 33.35 -26.46
C GLY A 404 -10.71 34.53 -26.74
N THR A 405 -10.41 35.25 -27.82
CA THR A 405 -11.17 36.45 -28.14
C THR A 405 -12.62 36.13 -28.44
N ALA A 406 -12.85 35.16 -29.33
CA ALA A 406 -14.23 34.81 -29.70
C ALA A 406 -15.00 34.29 -28.50
N LEU A 407 -14.38 33.40 -27.72
CA LEU A 407 -15.05 32.88 -26.54
C LEU A 407 -15.21 33.95 -25.48
N SER A 408 -14.28 34.93 -25.41
CA SER A 408 -14.49 36.05 -24.51
C SER A 408 -15.73 36.83 -24.89
N TRP A 409 -15.93 37.09 -26.19
CA TRP A 409 -17.13 37.79 -26.61
C TRP A 409 -18.38 37.00 -26.29
N VAL A 410 -18.36 35.69 -26.54
CA VAL A 410 -19.52 34.86 -26.23
C VAL A 410 -19.81 34.90 -24.73
N GLN A 411 -18.76 34.82 -23.91
CA GLN A 411 -18.95 34.85 -22.47
C GLN A 411 -19.54 36.17 -22.01
N LYS A 412 -19.06 37.29 -22.55
CA LYS A 412 -19.59 38.59 -22.16
C LYS A 412 -21.06 38.71 -22.54
N ILE A 413 -21.42 38.30 -23.75
CA ILE A 413 -22.81 38.44 -24.19
C ILE A 413 -23.71 37.54 -23.35
N SER A 414 -23.30 36.29 -23.12
CA SER A 414 -24.11 35.39 -22.31
C SER A 414 -24.23 35.90 -20.87
N GLY A 415 -23.17 36.53 -20.35
CA GLY A 415 -23.26 37.10 -19.01
C GLY A 415 -24.25 38.24 -18.94
N GLY A 416 -24.26 39.10 -19.95
CA GLY A 416 -25.26 40.16 -19.99
C GLY A 416 -26.67 39.63 -20.02
N LEU A 417 -26.92 38.64 -20.89
CA LEU A 417 -28.25 38.05 -20.97
C LEU A 417 -28.64 37.38 -19.66
N GLY A 418 -27.71 36.69 -19.02
CA GLY A 418 -28.00 36.07 -17.74
C GLY A 418 -28.31 37.08 -16.65
N ALA A 419 -27.59 38.21 -16.65
CA ALA A 419 -27.90 39.26 -15.69
C ALA A 419 -29.30 39.81 -15.90
N PHE A 420 -29.68 40.03 -17.17
CA PHE A 420 -31.04 40.50 -17.43
C PHE A 420 -32.09 39.50 -16.96
N ALA A 421 -31.87 38.21 -17.25
CA ALA A 421 -32.83 37.20 -16.83
C ALA A 421 -32.92 37.10 -15.31
N ILE A 422 -31.79 37.21 -14.62
CA ILE A 422 -31.79 37.15 -13.16
C ILE A 422 -32.55 38.33 -12.58
N GLY A 423 -32.34 39.53 -13.13
CA GLY A 423 -33.11 40.68 -12.68
C GLY A 423 -34.60 40.49 -12.89
N ALA A 424 -34.98 39.96 -14.05
CA ALA A 424 -36.39 39.69 -14.32
C ALA A 424 -36.97 38.74 -13.29
N ILE A 425 -36.27 37.64 -13.01
CA ILE A 425 -36.80 36.64 -12.09
C ILE A 425 -36.88 37.22 -10.69
N LEU A 426 -35.91 38.04 -10.28
CA LEU A 426 -35.98 38.68 -8.97
C LEU A 426 -37.20 39.58 -8.86
N VAL A 427 -37.47 40.39 -9.90
CA VAL A 427 -38.63 41.28 -9.85
C VAL A 427 -39.91 40.46 -9.75
N LEU A 428 -40.04 39.41 -10.56
CA LEU A 428 -41.25 38.60 -10.52
C LEU A 428 -41.43 37.94 -9.17
N VAL A 429 -40.35 37.43 -8.58
CA VAL A 429 -40.45 36.77 -7.27
C VAL A 429 -40.86 37.77 -6.20
N VAL A 430 -40.29 38.99 -6.24
CA VAL A 430 -40.65 40.00 -5.26
C VAL A 430 -42.13 40.34 -5.36
N VAL A 431 -42.61 40.54 -6.59
CA VAL A 431 -44.03 40.88 -6.77
C VAL A 431 -44.92 39.73 -6.30
N THR A 432 -44.55 38.48 -6.62
CA THR A 432 -45.37 37.36 -6.19
C THR A 432 -45.41 37.26 -4.67
N CYS A 433 -44.27 37.47 -4.01
CA CYS A 433 -44.25 37.42 -2.55
C CYS A 433 -45.10 38.52 -1.95
N ILE A 434 -45.04 39.73 -2.50
CA ILE A 434 -45.88 40.81 -1.98
C ILE A 434 -47.35 40.46 -2.16
N GLY A 435 -47.71 39.91 -3.32
CA GLY A 435 -49.10 39.54 -3.55
C GLY A 435 -49.57 38.43 -2.62
N LEU A 436 -48.72 37.43 -2.38
CA LEU A 436 -49.10 36.33 -1.51
C LEU A 436 -49.18 36.74 -0.05
N ARG A 437 -48.32 37.67 0.38
CA ARG A 437 -48.38 38.14 1.76
C ARG A 437 -49.58 39.03 2.01
N ARG A 438 -50.31 39.44 0.98
CA ARG A 438 -51.56 40.16 1.15
C ARG A 438 -52.67 39.22 1.60
N HIS B 1 29.65 -32.11 -84.22
CA HIS B 1 28.79 -31.56 -83.17
C HIS B 1 27.57 -32.44 -82.96
N PHE B 2 26.40 -31.82 -83.01
CA PHE B 2 25.12 -32.52 -82.92
C PHE B 2 24.33 -32.45 -84.22
N ASN B 3 24.08 -31.24 -84.74
CA ASN B 3 23.57 -31.06 -86.09
C ASN B 3 22.26 -31.82 -86.31
N VAL B 4 21.22 -31.38 -85.61
CA VAL B 4 19.91 -32.01 -85.72
C VAL B 4 19.35 -31.80 -87.12
N TYR B 5 19.74 -30.73 -87.77
CA TYR B 5 19.15 -30.37 -89.07
C TYR B 5 19.61 -31.26 -90.19
N LYS B 6 20.30 -32.36 -89.94
CA LYS B 6 20.62 -33.30 -91.00
C LYS B 6 19.54 -34.34 -91.22
N ALA B 7 18.54 -34.42 -90.34
CA ALA B 7 17.42 -35.35 -90.50
C ALA B 7 16.13 -34.62 -90.84
N THR B 8 16.21 -33.34 -91.19
CA THR B 8 15.04 -32.49 -91.37
C THR B 8 15.13 -31.81 -92.73
N ARG B 9 13.98 -31.67 -93.39
CA ARG B 9 13.97 -31.13 -94.74
C ARG B 9 12.98 -29.99 -94.85
N PRO B 10 13.22 -29.06 -95.77
CA PRO B 10 12.20 -28.06 -96.09
C PRO B 10 11.06 -28.70 -96.85
N TYR B 11 9.89 -28.06 -96.78
CA TYR B 11 8.69 -28.60 -97.40
C TYR B 11 7.95 -27.50 -98.13
N ILE B 12 7.07 -27.92 -99.02
CA ILE B 12 6.27 -27.01 -99.84
C ILE B 12 4.84 -27.01 -99.29
N ALA B 13 4.40 -25.85 -98.81
CA ALA B 13 3.07 -25.67 -98.25
C ALA B 13 2.27 -24.71 -99.12
N TYR B 14 1.07 -24.38 -98.67
CA TYR B 14 0.15 -23.54 -99.40
C TYR B 14 0.16 -22.14 -98.82
N CYS B 15 0.26 -21.14 -99.69
CA CYS B 15 0.27 -19.74 -99.28
C CYS B 15 -0.97 -19.04 -99.82
N ALA B 16 -1.63 -18.26 -98.96
CA ALA B 16 -2.92 -17.67 -99.34
C ALA B 16 -2.79 -16.77 -100.55
N ASP B 17 -1.86 -15.81 -100.49
CA ASP B 17 -1.53 -15.03 -101.67
C ASP B 17 -0.03 -14.79 -101.70
N CYS B 18 0.56 -14.96 -102.88
CA CYS B 18 2.00 -14.98 -103.05
C CYS B 18 2.53 -13.62 -103.47
N GLY B 19 2.03 -12.55 -102.87
CA GLY B 19 2.51 -11.22 -103.15
C GLY B 19 1.85 -10.53 -104.31
N ALA B 20 1.01 -11.24 -105.07
CA ALA B 20 0.29 -10.64 -106.18
C ALA B 20 -1.21 -10.81 -106.08
N GLY B 21 -1.72 -11.35 -104.98
CA GLY B 21 -3.14 -11.61 -104.85
C GLY B 21 -3.58 -12.97 -105.38
N HIS B 22 -2.68 -13.77 -105.92
CA HIS B 22 -2.99 -15.11 -106.37
C HIS B 22 -2.41 -16.14 -105.41
N SER B 23 -2.98 -17.33 -105.43
CA SER B 23 -2.61 -18.39 -104.51
C SER B 23 -1.85 -19.48 -105.25
N CYS B 24 -0.72 -19.91 -104.67
CA CYS B 24 0.02 -21.04 -105.20
C CYS B 24 0.91 -21.59 -104.09
N HIS B 25 1.36 -22.83 -104.29
CA HIS B 25 2.16 -23.53 -103.28
C HIS B 25 3.59 -23.01 -103.32
N SER B 26 3.97 -22.26 -102.31
CA SER B 26 5.30 -21.67 -102.32
C SER B 26 6.18 -22.30 -101.25
N PRO B 27 7.48 -22.37 -101.47
CA PRO B 27 8.39 -22.93 -100.47
C PRO B 27 8.76 -22.00 -99.33
N VAL B 28 8.10 -20.84 -99.19
CA VAL B 28 8.43 -19.91 -98.13
C VAL B 28 7.15 -19.63 -97.33
N ALA B 29 6.24 -20.60 -97.29
CA ALA B 29 4.96 -20.41 -96.62
C ALA B 29 5.15 -20.07 -95.15
N ILE B 30 4.34 -19.15 -94.65
CA ILE B 30 4.46 -18.66 -93.27
C ILE B 30 3.53 -19.46 -92.38
N GLU B 31 4.09 -20.07 -91.34
CA GLU B 31 3.32 -20.67 -90.27
C GLU B 31 3.16 -19.65 -89.15
N ALA B 32 2.93 -20.12 -87.93
CA ALA B 32 2.58 -19.24 -86.83
C ALA B 32 3.63 -18.16 -86.59
N VAL B 33 3.16 -16.98 -86.22
CA VAL B 33 4.00 -15.85 -85.80
C VAL B 33 3.77 -15.62 -84.31
N ARG B 34 4.85 -15.66 -83.54
CA ARG B 34 4.79 -15.49 -82.10
C ARG B 34 5.27 -14.10 -81.73
N SER B 35 4.62 -13.47 -80.75
CA SER B 35 5.01 -12.14 -80.34
C SER B 35 4.80 -11.92 -78.86
N GLU B 36 5.22 -12.87 -78.02
CA GLU B 36 5.08 -12.70 -76.57
C GLU B 36 6.31 -12.06 -75.93
N ALA B 37 7.06 -11.26 -76.67
CA ALA B 37 8.19 -10.51 -76.12
C ALA B 37 7.78 -9.06 -75.92
N THR B 38 8.07 -8.52 -74.74
CA THR B 38 7.54 -7.21 -74.38
C THR B 38 8.14 -6.11 -75.24
N ASP B 39 9.42 -6.19 -75.57
CA ASP B 39 10.03 -5.12 -76.34
C ASP B 39 9.55 -5.06 -77.78
N GLY B 40 8.88 -6.11 -78.27
CA GLY B 40 8.24 -6.04 -79.57
C GLY B 40 8.96 -6.75 -80.69
N MET B 41 9.47 -7.94 -80.42
CA MET B 41 10.27 -8.69 -81.39
C MET B 41 9.55 -9.97 -81.76
N LEU B 42 9.33 -10.18 -83.06
CA LEU B 42 8.53 -11.27 -83.58
C LEU B 42 9.38 -12.52 -83.79
N LYS B 43 8.72 -13.66 -83.95
CA LYS B 43 9.35 -14.92 -84.34
C LYS B 43 8.57 -15.57 -85.46
N ILE B 44 8.82 -15.17 -86.69
CA ILE B 44 8.15 -15.77 -87.84
C ILE B 44 8.65 -17.21 -87.99
N GLN B 45 7.92 -18.02 -88.75
CA GLN B 45 8.31 -19.41 -88.99
C GLN B 45 8.10 -19.75 -90.46
N PHE B 46 9.20 -19.89 -91.20
CA PHE B 46 9.14 -20.33 -92.58
C PHE B 46 8.65 -21.76 -92.70
N SER B 47 8.69 -22.23 -93.94
CA SER B 47 8.72 -23.63 -94.28
C SER B 47 10.05 -24.05 -94.91
N ALA B 48 10.95 -23.11 -95.16
CA ALA B 48 12.26 -23.37 -95.72
C ALA B 48 13.31 -22.94 -94.72
N GLN B 49 14.01 -23.92 -94.13
CA GLN B 49 14.97 -23.61 -93.07
C GLN B 49 16.23 -22.97 -93.63
N ILE B 50 16.71 -21.97 -92.90
CA ILE B 50 17.72 -21.04 -93.39
C ILE B 50 18.89 -21.03 -92.42
N GLY B 51 20.11 -21.04 -92.96
CA GLY B 51 21.31 -21.18 -92.18
C GLY B 51 22.03 -22.50 -92.36
N ILE B 52 21.44 -23.44 -93.08
CA ILE B 52 22.04 -24.74 -93.33
C ILE B 52 22.00 -25.01 -94.84
N ASP B 53 23.15 -25.29 -95.43
CA ASP B 53 23.19 -25.45 -96.87
C ASP B 53 22.60 -26.80 -97.28
N LYS B 54 22.60 -27.06 -98.58
CA LYS B 54 21.98 -28.28 -99.10
C LYS B 54 22.65 -29.53 -98.55
N SER B 55 23.96 -29.46 -98.31
CA SER B 55 24.75 -30.60 -97.85
C SER B 55 24.75 -30.76 -96.33
N ASP B 56 23.75 -30.21 -95.64
CA ASP B 56 23.53 -30.36 -94.20
C ASP B 56 24.62 -29.71 -93.35
N ASN B 57 25.50 -28.91 -93.94
CA ASN B 57 26.52 -28.20 -93.18
C ASN B 57 26.00 -26.83 -92.78
N HIS B 58 26.54 -26.31 -91.67
CA HIS B 58 26.21 -24.96 -91.27
C HIS B 58 26.80 -23.96 -92.26
N ASP B 59 26.07 -22.86 -92.48
CA ASP B 59 26.51 -21.83 -93.40
C ASP B 59 25.75 -20.52 -93.17
N TYR B 60 26.47 -19.40 -93.14
CA TYR B 60 25.85 -18.10 -92.96
C TYR B 60 25.33 -17.52 -94.27
N THR B 61 25.53 -18.20 -95.39
CA THR B 61 25.18 -17.64 -96.69
C THR B 61 24.08 -18.42 -97.40
N LYS B 62 24.09 -19.74 -97.32
CA LYS B 62 23.11 -20.55 -98.02
C LYS B 62 21.88 -20.73 -97.14
N ILE B 63 20.72 -20.87 -97.78
CA ILE B 63 19.52 -21.32 -97.10
C ILE B 63 18.92 -22.48 -97.88
N ARG B 64 18.49 -23.51 -97.17
CA ARG B 64 17.84 -24.64 -97.81
C ARG B 64 16.39 -24.30 -98.11
N TYR B 65 15.93 -24.71 -99.29
CA TYR B 65 14.51 -24.60 -99.60
C TYR B 65 14.14 -25.71 -100.56
N ALA B 66 12.94 -26.24 -100.39
CA ALA B 66 12.50 -27.39 -101.17
C ALA B 66 12.03 -26.95 -102.55
N ASP B 67 12.21 -27.84 -103.52
CA ASP B 67 11.76 -27.57 -104.88
C ASP B 67 11.49 -28.91 -105.57
N GLY B 68 10.24 -29.35 -105.55
CA GLY B 68 9.87 -30.56 -106.26
C GLY B 68 10.66 -31.79 -105.86
N HIS B 69 10.48 -32.25 -104.62
CA HIS B 69 11.22 -33.37 -104.04
C HIS B 69 12.70 -33.33 -104.42
N ALA B 70 13.27 -32.13 -104.30
CA ALA B 70 14.69 -31.90 -104.49
C ALA B 70 15.04 -30.60 -103.80
N ILE B 71 16.12 -30.60 -103.04
CA ILE B 71 16.50 -29.46 -102.23
C ILE B 71 17.53 -28.63 -102.99
N GLU B 72 17.31 -27.33 -103.06
CA GLU B 72 18.30 -26.38 -103.56
C GLU B 72 18.66 -25.42 -102.44
N ASN B 73 19.57 -24.50 -102.73
CA ASN B 73 19.97 -23.50 -101.75
C ASN B 73 20.05 -22.13 -102.40
N ALA B 74 19.81 -21.10 -101.59
CA ALA B 74 19.76 -19.72 -102.05
C ALA B 74 20.54 -18.84 -101.10
N VAL B 75 21.01 -17.70 -101.62
CA VAL B 75 21.88 -16.82 -100.86
C VAL B 75 21.10 -16.18 -99.70
N ARG B 76 21.78 -16.00 -98.56
CA ARG B 76 21.12 -15.43 -97.40
C ARG B 76 20.75 -13.97 -97.63
N SER B 77 21.51 -13.26 -98.42
CA SER B 77 21.05 -11.94 -98.84
C SER B 77 19.73 -12.10 -99.59
N SER B 78 19.05 -10.97 -99.80
CA SER B 78 17.74 -10.91 -100.42
C SER B 78 16.63 -11.47 -99.54
N LEU B 79 16.95 -11.98 -98.35
CA LEU B 79 15.90 -12.31 -97.39
C LEU B 79 15.36 -11.02 -96.82
N LYS B 80 14.20 -10.59 -97.30
CA LYS B 80 13.56 -9.35 -96.86
C LYS B 80 12.27 -9.69 -96.15
N VAL B 81 12.11 -9.19 -94.92
CA VAL B 81 10.86 -9.28 -94.19
C VAL B 81 10.32 -7.87 -94.01
N ALA B 82 9.01 -7.70 -94.19
CA ALA B 82 8.45 -6.36 -94.19
C ALA B 82 7.01 -6.37 -93.74
N THR B 83 6.53 -5.18 -93.41
CA THR B 83 5.14 -4.88 -93.08
C THR B 83 4.82 -3.61 -93.84
N SER B 84 3.84 -2.85 -93.38
CA SER B 84 3.58 -1.53 -93.95
C SER B 84 4.89 -0.77 -94.19
N GLY B 85 5.86 -0.93 -93.30
CA GLY B 85 7.17 -0.36 -93.51
C GLY B 85 8.19 -1.38 -93.99
N ASP B 86 9.28 -1.55 -93.25
CA ASP B 86 10.34 -2.47 -93.64
C ASP B 86 11.12 -2.87 -92.39
N CYS B 87 11.33 -4.17 -92.20
CA CYS B 87 11.78 -4.71 -90.93
C CYS B 87 13.29 -4.93 -90.92
N PHE B 88 13.82 -5.10 -89.71
CA PHE B 88 15.24 -5.36 -89.49
C PHE B 88 15.39 -6.74 -88.87
N VAL B 89 16.11 -7.62 -89.55
CA VAL B 89 16.25 -9.02 -89.13
C VAL B 89 17.36 -9.11 -88.10
N HIS B 90 17.01 -9.60 -86.91
CA HIS B 90 17.96 -9.65 -85.80
C HIS B 90 18.66 -11.00 -85.72
N GLY B 91 17.89 -12.08 -85.62
CA GLY B 91 18.43 -13.42 -85.52
C GLY B 91 17.97 -14.31 -86.66
N THR B 92 18.49 -15.53 -86.66
CA THR B 92 18.15 -16.51 -87.68
C THR B 92 18.70 -17.90 -87.36
N MET B 93 17.84 -18.91 -87.37
CA MET B 93 18.29 -20.29 -87.22
C MET B 93 17.20 -21.27 -87.61
N GLY B 94 17.50 -22.20 -88.49
CA GLY B 94 16.50 -23.19 -88.85
C GLY B 94 15.31 -22.53 -89.51
N HIS B 95 14.10 -22.82 -89.01
CA HIS B 95 12.89 -22.26 -89.57
C HIS B 95 12.61 -20.84 -89.10
N PHE B 96 13.22 -20.40 -88.00
CA PHE B 96 12.73 -19.26 -87.24
C PHE B 96 13.48 -17.99 -87.58
N ILE B 97 12.81 -16.85 -87.42
CA ILE B 97 13.38 -15.54 -87.66
C ILE B 97 13.11 -14.68 -86.44
N LEU B 98 13.96 -13.69 -86.23
CA LEU B 98 13.66 -12.59 -85.33
C LEU B 98 13.58 -11.32 -86.14
N ALA B 99 12.66 -10.42 -85.78
CA ALA B 99 12.54 -9.18 -86.53
C ALA B 99 11.94 -8.12 -85.62
N LYS B 100 12.17 -6.86 -85.97
CA LYS B 100 11.52 -5.73 -85.34
C LYS B 100 10.90 -4.88 -86.44
N CYS B 101 9.59 -4.72 -86.40
CA CYS B 101 8.90 -4.14 -87.54
C CYS B 101 8.12 -2.90 -87.12
N PRO B 102 7.94 -1.95 -88.03
CA PRO B 102 7.07 -0.81 -87.75
C PRO B 102 5.63 -1.24 -87.77
N PRO B 103 4.73 -0.48 -87.14
CA PRO B 103 3.32 -0.89 -87.10
C PRO B 103 2.73 -1.00 -88.50
N GLY B 104 1.89 -2.02 -88.67
CA GLY B 104 1.28 -2.29 -89.97
C GLY B 104 0.26 -3.39 -89.82
N GLU B 105 -0.39 -3.72 -90.93
CA GLU B 105 -1.54 -4.62 -90.90
C GLU B 105 -1.29 -5.91 -91.66
N PHE B 106 -0.04 -6.29 -91.88
CA PHE B 106 0.31 -7.56 -92.51
C PHE B 106 1.82 -7.73 -92.41
N LEU B 107 2.32 -8.84 -92.94
CA LEU B 107 3.76 -8.98 -93.14
C LEU B 107 4.03 -10.03 -94.20
N GLN B 108 5.11 -9.85 -94.95
CA GLN B 108 5.52 -10.79 -95.97
C GLN B 108 6.99 -11.09 -95.84
N VAL B 109 7.36 -12.32 -96.19
CA VAL B 109 8.75 -12.77 -96.18
C VAL B 109 9.06 -13.31 -97.57
N SER B 110 10.21 -12.94 -98.11
CA SER B 110 10.50 -13.32 -99.48
C SER B 110 11.99 -13.40 -99.68
N ILE B 111 12.41 -14.29 -100.59
CA ILE B 111 13.82 -14.48 -100.88
C ILE B 111 13.95 -15.06 -102.28
N GLN B 112 15.06 -14.75 -102.96
CA GLN B 112 15.22 -15.08 -104.36
C GLN B 112 15.35 -16.59 -104.58
N ASP B 113 14.84 -17.03 -105.72
CA ASP B 113 14.91 -18.42 -106.14
C ASP B 113 16.32 -18.72 -106.66
N THR B 114 16.50 -19.89 -107.25
CA THR B 114 17.76 -20.18 -107.93
C THR B 114 17.94 -19.29 -109.16
N ARG B 115 16.86 -19.06 -109.89
CA ARG B 115 16.89 -18.24 -111.09
C ARG B 115 16.65 -16.77 -110.81
N ASN B 116 16.92 -16.31 -109.58
CA ASN B 116 16.72 -14.91 -109.19
C ASN B 116 15.27 -14.47 -109.40
N ALA B 117 14.33 -15.35 -109.06
CA ALA B 117 12.92 -15.04 -109.06
C ALA B 117 12.45 -14.95 -107.62
N VAL B 118 11.77 -13.87 -107.27
CA VAL B 118 11.34 -13.67 -105.88
C VAL B 118 10.23 -14.66 -105.55
N ARG B 119 10.36 -15.32 -104.41
CA ARG B 119 9.30 -16.17 -103.86
C ARG B 119 8.82 -15.54 -102.57
N ALA B 120 7.52 -15.25 -102.49
CA ALA B 120 6.98 -14.45 -101.41
C ALA B 120 5.75 -15.13 -100.81
N CYS B 121 5.37 -14.66 -99.63
CA CYS B 121 4.15 -15.10 -98.97
C CYS B 121 3.80 -14.09 -97.89
N ARG B 122 2.60 -13.54 -97.93
CA ARG B 122 2.15 -12.55 -96.96
C ARG B 122 0.92 -13.06 -96.22
N ILE B 123 0.91 -12.82 -94.92
CA ILE B 123 -0.16 -13.26 -94.03
C ILE B 123 -0.74 -12.02 -93.36
N GLN B 124 -2.04 -12.05 -93.06
CA GLN B 124 -2.64 -10.92 -92.39
C GLN B 124 -2.30 -10.95 -90.92
N TYR B 125 -1.78 -9.83 -90.42
CA TYR B 125 -1.31 -9.78 -89.03
C TYR B 125 -1.37 -8.33 -88.56
N HIS B 126 -2.10 -8.08 -87.49
CA HIS B 126 -2.26 -6.72 -86.96
C HIS B 126 -1.17 -6.46 -85.94
N HIS B 127 -0.15 -5.71 -86.34
CA HIS B 127 0.99 -5.43 -85.48
C HIS B 127 0.90 -4.01 -84.96
N ASP B 128 0.96 -3.86 -83.64
CA ASP B 128 0.91 -2.54 -82.99
C ASP B 128 1.59 -2.65 -81.64
N PRO B 129 2.91 -2.52 -81.61
CA PRO B 129 3.63 -2.68 -80.35
C PRO B 129 3.44 -1.49 -79.43
N GLN B 130 3.58 -1.75 -78.13
CA GLN B 130 3.56 -0.66 -77.17
C GLN B 130 4.68 -0.85 -76.16
N PRO B 131 5.56 0.13 -76.00
CA PRO B 131 6.69 -0.03 -75.08
C PRO B 131 6.22 -0.16 -73.64
N VAL B 132 7.03 -0.86 -72.85
CA VAL B 132 6.73 -1.02 -71.44
C VAL B 132 6.86 0.33 -70.74
N GLY B 133 5.92 0.62 -69.85
CA GLY B 133 5.98 1.85 -69.09
C GLY B 133 4.68 2.62 -69.23
N ARG B 134 4.76 3.92 -68.97
CA ARG B 134 3.60 4.80 -69.00
C ARG B 134 3.73 5.90 -70.05
N GLU B 135 4.67 5.79 -70.97
CA GLU B 135 4.77 6.68 -72.12
C GLU B 135 4.91 5.83 -73.37
N LYS B 136 4.20 6.22 -74.43
CA LYS B 136 4.28 5.50 -75.69
C LYS B 136 5.35 6.10 -76.60
N PHE B 137 6.58 6.11 -76.09
CA PHE B 137 7.68 6.67 -76.86
C PHE B 137 8.00 5.75 -78.05
N THR B 138 8.71 6.32 -79.03
CA THR B 138 9.06 5.61 -80.26
C THR B 138 10.45 4.96 -80.21
N ILE B 139 11.49 5.73 -79.90
CA ILE B 139 12.84 5.20 -79.81
C ILE B 139 13.48 5.64 -78.50
N ARG B 140 14.47 4.89 -78.07
CA ARG B 140 15.04 5.06 -76.74
C ARG B 140 15.80 6.37 -76.63
N PRO B 141 15.80 6.99 -75.46
CA PRO B 141 16.47 8.28 -75.29
C PRO B 141 17.93 8.11 -74.92
N HIS B 142 18.62 9.21 -74.68
CA HIS B 142 19.97 9.17 -74.13
C HIS B 142 20.00 9.49 -72.65
N TYR B 143 18.83 9.54 -72.00
CA TYR B 143 18.75 9.76 -70.56
C TYR B 143 17.37 9.32 -70.09
N GLY B 144 17.31 8.35 -69.19
CA GLY B 144 16.03 7.86 -68.72
C GLY B 144 16.19 6.82 -67.64
N LYS B 145 15.10 6.14 -67.35
CA LYS B 145 15.07 5.07 -66.35
C LYS B 145 15.45 3.74 -66.97
N GLU B 146 15.56 2.73 -66.12
CA GLU B 146 15.76 1.36 -66.56
C GLU B 146 14.61 0.51 -66.05
N ILE B 147 13.78 0.03 -66.96
CA ILE B 147 12.58 -0.72 -66.64
C ILE B 147 12.78 -2.15 -67.15
N PRO B 148 12.53 -3.18 -66.35
CA PRO B 148 12.71 -4.54 -66.83
C PRO B 148 11.69 -4.90 -67.91
N CYS B 149 12.09 -5.79 -68.80
CA CYS B 149 11.22 -6.31 -69.83
C CYS B 149 11.69 -7.72 -70.18
N THR B 150 11.14 -8.27 -71.27
CA THR B 150 11.54 -9.58 -71.76
C THR B 150 11.72 -9.52 -73.27
N THR B 151 12.59 -10.38 -73.80
CA THR B 151 12.82 -10.42 -75.23
C THR B 151 13.39 -11.78 -75.60
N TYR B 152 13.46 -12.02 -76.90
CA TYR B 152 14.03 -13.27 -77.40
C TYR B 152 15.54 -13.15 -77.49
N GLN B 153 16.24 -14.14 -76.96
CA GLN B 153 17.70 -14.11 -76.96
C GLN B 153 18.24 -14.84 -78.18
N GLN B 154 19.49 -14.54 -78.51
CA GLN B 154 20.14 -15.10 -79.68
C GLN B 154 20.73 -16.48 -79.44
N THR B 155 20.86 -16.90 -78.18
CA THR B 155 21.50 -18.17 -77.88
C THR B 155 20.63 -19.34 -78.32
N THR B 156 21.27 -20.41 -78.79
CA THR B 156 20.54 -21.60 -79.21
C THR B 156 20.97 -22.82 -78.38
N ALA B 157 21.08 -22.63 -77.07
CA ALA B 157 21.43 -23.72 -76.15
C ALA B 157 20.18 -24.55 -75.86
N LYS B 158 20.22 -25.34 -74.79
CA LYS B 158 19.02 -26.05 -74.35
C LYS B 158 17.92 -25.06 -73.99
N THR B 159 16.71 -25.32 -74.50
CA THR B 159 15.61 -24.37 -74.41
C THR B 159 14.34 -24.90 -73.77
N VAL B 160 14.12 -26.21 -73.76
CA VAL B 160 12.90 -26.82 -73.24
C VAL B 160 11.72 -26.28 -74.06
N GLU B 161 11.69 -26.64 -75.33
CA GLU B 161 10.58 -26.32 -76.23
C GLU B 161 10.45 -27.45 -77.23
N GLU B 162 9.31 -27.48 -77.93
CA GLU B 162 9.01 -28.62 -78.78
C GLU B 162 8.56 -28.17 -80.16
N ILE B 163 8.93 -28.97 -81.16
CA ILE B 163 8.26 -29.01 -82.45
C ILE B 163 8.06 -30.46 -82.82
N ASP B 164 6.86 -30.81 -83.27
CA ASP B 164 6.57 -32.16 -83.69
C ASP B 164 6.94 -32.33 -85.15
N MET B 165 7.70 -33.38 -85.44
CA MET B 165 8.05 -33.74 -86.81
C MET B 165 7.46 -35.09 -87.13
N HIS B 166 7.14 -35.31 -88.39
CA HIS B 166 6.58 -36.60 -88.78
C HIS B 166 7.02 -36.93 -90.20
N MET B 167 6.95 -38.21 -90.52
CA MET B 167 7.49 -38.70 -91.77
C MET B 167 6.65 -38.19 -92.94
N PRO B 168 7.29 -37.69 -94.00
CA PRO B 168 6.53 -37.03 -95.06
C PRO B 168 5.65 -38.02 -95.80
N PRO B 169 4.49 -37.59 -96.30
CA PRO B 169 3.64 -38.50 -97.06
C PRO B 169 4.17 -38.72 -98.47
N ASP B 170 3.56 -39.67 -99.17
CA ASP B 170 3.95 -39.99 -100.53
C ASP B 170 3.48 -38.88 -101.46
N THR B 171 4.41 -38.05 -101.90
CA THR B 171 4.07 -36.93 -102.78
C THR B 171 3.65 -37.45 -104.14
N PRO B 172 2.47 -37.07 -104.64
CA PRO B 172 2.08 -37.50 -105.98
C PRO B 172 2.73 -36.65 -107.04
N ASP B 173 3.00 -37.28 -108.18
CA ASP B 173 3.60 -36.59 -109.31
C ASP B 173 3.19 -37.29 -110.59
N ARG B 174 2.96 -36.49 -111.63
CA ARG B 174 2.56 -37.04 -112.92
C ARG B 174 3.50 -36.71 -114.05
N THR B 175 4.58 -35.94 -113.82
CA THR B 175 5.55 -35.69 -114.86
C THR B 175 6.40 -36.91 -115.16
N LEU B 176 6.32 -37.95 -114.34
CA LEU B 176 7.11 -39.15 -114.56
C LEU B 176 6.48 -40.11 -115.55
N LEU B 177 5.17 -40.05 -115.75
CA LEU B 177 4.51 -40.97 -116.67
C LEU B 177 4.75 -40.52 -118.11
N SER B 178 5.54 -41.29 -118.85
CA SER B 178 5.89 -40.98 -120.24
C SER B 178 5.19 -42.00 -121.14
N GLN B 179 4.02 -41.63 -121.63
CA GLN B 179 3.32 -42.48 -122.60
C GLN B 179 3.96 -42.32 -123.97
N GLN B 180 4.60 -43.38 -124.45
CA GLN B 180 5.27 -43.31 -125.75
C GLN B 180 4.36 -43.80 -126.87
N SER B 181 3.95 -45.07 -126.82
CA SER B 181 2.98 -45.64 -127.75
C SER B 181 2.41 -46.91 -127.12
N GLY B 182 1.22 -46.81 -126.55
CA GLY B 182 0.62 -47.97 -125.91
C GLY B 182 1.41 -48.51 -124.75
N ASN B 183 2.34 -47.73 -124.21
CA ASN B 183 3.17 -48.17 -123.10
C ASN B 183 3.64 -46.94 -122.34
N VAL B 184 4.10 -47.16 -121.12
CA VAL B 184 4.50 -46.07 -120.24
C VAL B 184 5.89 -46.33 -119.69
N LYS B 185 6.58 -45.24 -119.36
CA LYS B 185 7.87 -45.29 -118.69
C LYS B 185 7.79 -44.50 -117.39
N ILE B 186 8.44 -45.00 -116.34
CA ILE B 186 8.44 -44.37 -115.04
C ILE B 186 9.86 -43.92 -114.73
N THR B 187 10.04 -42.61 -114.55
CA THR B 187 11.35 -42.04 -114.34
C THR B 187 11.86 -42.37 -112.93
N VAL B 188 13.17 -42.46 -112.80
CA VAL B 188 13.85 -42.78 -111.54
C VAL B 188 14.88 -41.71 -111.27
N GLY B 189 15.77 -41.97 -110.32
CA GLY B 189 16.75 -40.98 -109.92
C GLY B 189 17.02 -41.01 -108.43
N GLY B 190 16.44 -42.00 -107.75
CA GLY B 190 16.66 -42.18 -106.33
C GLY B 190 15.33 -42.24 -105.62
N LYS B 191 14.27 -41.90 -106.35
CA LYS B 191 12.93 -41.83 -105.81
C LYS B 191 12.24 -43.16 -106.08
N LYS B 192 12.05 -43.96 -105.04
CA LYS B 192 11.33 -45.22 -105.16
C LYS B 192 9.83 -44.91 -105.21
N VAL B 193 9.23 -45.07 -106.38
CA VAL B 193 7.87 -44.62 -106.60
C VAL B 193 6.90 -45.76 -106.32
N LYS B 194 5.68 -45.38 -105.92
CA LYS B 194 4.56 -46.30 -105.81
C LYS B 194 3.66 -46.16 -107.04
N TYR B 195 2.90 -47.19 -107.34
CA TYR B 195 2.02 -47.13 -108.48
C TYR B 195 0.78 -47.97 -108.22
N ASN B 196 -0.29 -47.65 -108.96
CA ASN B 196 -1.54 -48.40 -108.92
C ASN B 196 -2.27 -48.19 -110.23
N CYS B 197 -2.23 -49.18 -111.12
CA CYS B 197 -2.79 -49.07 -112.47
C CYS B 197 -3.83 -50.17 -112.62
N THR B 198 -5.11 -49.78 -112.69
CA THR B 198 -6.17 -50.77 -112.79
C THR B 198 -6.39 -51.19 -114.23
N CYS B 199 -5.39 -51.82 -114.83
CA CYS B 199 -5.47 -52.35 -116.19
C CYS B 199 -5.08 -53.82 -116.15
N GLY B 200 -6.07 -54.70 -116.26
CA GLY B 200 -5.76 -56.11 -116.18
C GLY B 200 -5.58 -56.57 -114.74
N THR B 201 -4.59 -57.42 -114.53
CA THR B 201 -4.35 -57.99 -113.21
C THR B 201 -3.62 -57.00 -112.30
N GLY B 202 -3.15 -57.47 -111.15
CA GLY B 202 -2.48 -56.62 -110.21
C GLY B 202 -1.24 -55.95 -110.75
N ASN B 203 -1.22 -54.62 -110.70
CA ASN B 203 -0.09 -53.81 -111.13
C ASN B 203 0.26 -52.78 -110.07
N VAL B 204 0.34 -53.21 -108.82
CA VAL B 204 0.61 -52.32 -107.69
C VAL B 204 1.93 -52.73 -107.05
N GLY B 205 2.51 -51.82 -106.29
CA GLY B 205 3.79 -52.02 -105.64
C GLY B 205 4.75 -50.90 -105.95
N THR B 206 5.93 -51.01 -105.35
CA THR B 206 6.98 -50.02 -105.51
C THR B 206 8.06 -50.54 -106.46
N THR B 207 8.93 -49.62 -106.88
CA THR B 207 10.00 -49.97 -107.80
C THR B 207 11.11 -48.94 -107.68
N ASN B 208 12.30 -49.33 -108.14
CA ASN B 208 13.45 -48.44 -108.22
C ASN B 208 14.04 -48.39 -109.62
N SER B 209 13.31 -48.83 -110.63
CA SER B 209 13.79 -48.85 -112.00
C SER B 209 12.62 -48.59 -112.94
N ASP B 210 12.95 -48.18 -114.17
CA ASP B 210 11.92 -47.92 -115.16
C ASP B 210 11.12 -49.18 -115.45
N MET B 211 9.81 -49.00 -115.65
CA MET B 211 8.93 -50.12 -115.94
C MET B 211 8.02 -49.74 -117.11
N THR B 212 7.41 -50.77 -117.70
CA THR B 212 6.40 -50.60 -118.72
C THR B 212 5.19 -51.45 -118.37
N ILE B 213 4.00 -50.90 -118.57
CA ILE B 213 2.78 -51.67 -118.34
C ILE B 213 2.31 -52.22 -119.68
N ASN B 214 2.54 -51.44 -120.75
CA ASN B 214 2.37 -51.87 -122.13
C ASN B 214 0.89 -52.11 -122.45
N THR B 215 0.02 -51.98 -121.44
CA THR B 215 -1.38 -52.32 -121.62
C THR B 215 -2.23 -51.09 -121.90
N CYS B 216 -2.20 -50.13 -120.98
CA CYS B 216 -3.12 -48.99 -121.04
C CYS B 216 -2.33 -47.69 -121.04
N LEU B 217 -3.03 -46.55 -121.05
CA LEU B 217 -2.39 -45.25 -121.07
C LEU B 217 -2.05 -44.78 -119.67
N ILE B 218 -1.65 -43.51 -119.55
CA ILE B 218 -1.33 -42.92 -118.26
C ILE B 218 -2.56 -42.50 -117.47
N GLU B 219 -3.77 -42.77 -117.98
CA GLU B 219 -4.98 -42.29 -117.35
C GLU B 219 -5.19 -42.94 -115.99
N GLN B 220 -4.56 -44.09 -115.76
CA GLN B 220 -4.72 -44.81 -114.49
C GLN B 220 -3.44 -44.94 -113.69
N CYS B 221 -2.29 -45.00 -114.34
CA CYS B 221 -1.03 -45.16 -113.63
C CYS B 221 -0.70 -43.89 -112.86
N HIS B 222 -0.20 -44.05 -111.63
CA HIS B 222 0.16 -42.94 -110.78
C HIS B 222 1.51 -43.18 -110.11
N VAL B 223 2.19 -42.08 -109.84
CA VAL B 223 3.46 -42.10 -109.12
C VAL B 223 3.27 -41.39 -107.79
N SER B 224 3.80 -41.99 -106.73
CA SER B 224 3.81 -41.36 -105.40
C SER B 224 5.20 -41.61 -104.81
N VAL B 225 6.06 -40.59 -104.89
CA VAL B 225 7.40 -40.71 -104.35
C VAL B 225 7.30 -40.97 -102.85
N THR B 226 7.95 -42.03 -102.38
CA THR B 226 7.82 -42.46 -100.99
C THR B 226 9.09 -42.18 -100.20
N ASP B 227 9.67 -41.00 -100.37
CA ASP B 227 10.85 -40.61 -99.60
C ASP B 227 10.59 -40.79 -98.12
N HIS B 228 11.39 -41.65 -97.49
CA HIS B 228 11.18 -41.97 -96.07
C HIS B 228 12.43 -41.85 -95.21
N LYS B 229 13.41 -41.01 -95.56
CA LYS B 229 14.68 -41.01 -94.85
C LYS B 229 14.87 -39.77 -93.97
N LYS B 230 13.83 -38.95 -93.80
CA LYS B 230 13.99 -37.74 -93.00
C LYS B 230 12.68 -37.07 -92.59
N TRP B 231 12.60 -36.69 -91.32
CA TRP B 231 11.45 -35.98 -90.77
C TRP B 231 11.28 -34.64 -91.47
N GLN B 232 10.03 -34.16 -91.57
CA GLN B 232 9.77 -32.90 -92.25
C GLN B 232 9.18 -31.84 -91.34
N PHE B 233 7.93 -32.00 -90.88
CA PHE B 233 7.22 -31.11 -89.96
C PHE B 233 5.79 -31.62 -89.84
N ASN B 234 5.13 -31.21 -88.76
CA ASN B 234 3.72 -31.55 -88.53
C ASN B 234 2.88 -30.31 -88.76
N SER B 235 2.57 -30.05 -90.04
CA SER B 235 1.85 -28.85 -90.42
C SER B 235 0.45 -29.19 -90.90
N PRO B 236 -0.53 -28.33 -90.61
CA PRO B 236 -1.90 -28.62 -91.04
C PRO B 236 -2.08 -28.60 -92.54
N PHE B 237 -1.16 -28.04 -93.31
CA PHE B 237 -1.31 -27.95 -94.75
C PHE B 237 -0.69 -29.13 -95.49
N VAL B 238 -0.18 -30.14 -94.77
CA VAL B 238 0.44 -31.31 -95.39
C VAL B 238 -0.13 -32.56 -94.75
N PRO B 239 -0.59 -33.54 -95.51
CA PRO B 239 -1.31 -34.68 -94.93
C PRO B 239 -0.47 -35.57 -94.04
N ARG B 240 -1.09 -36.60 -93.46
CA ARG B 240 -0.39 -37.61 -92.67
C ARG B 240 -0.33 -38.92 -93.42
N ALA B 241 0.49 -39.84 -92.92
CA ALA B 241 0.70 -41.13 -93.56
C ALA B 241 0.12 -42.30 -92.76
N ASP B 242 0.19 -42.24 -91.43
CA ASP B 242 -0.26 -43.34 -90.58
C ASP B 242 -1.36 -42.86 -89.66
N GLU B 243 -2.31 -43.75 -89.37
CA GLU B 243 -3.49 -43.35 -88.60
C GLU B 243 -3.16 -42.91 -87.17
N PRO B 244 -2.28 -43.59 -86.40
CA PRO B 244 -2.08 -43.14 -85.01
C PRO B 244 -0.99 -42.09 -84.93
N ALA B 245 -0.53 -41.62 -86.09
CA ALA B 245 0.59 -40.69 -86.23
C ALA B 245 1.89 -41.32 -85.77
N ARG B 246 3.00 -40.63 -86.00
CA ARG B 246 4.30 -41.15 -85.60
C ARG B 246 4.96 -40.23 -84.59
N LYS B 247 5.20 -38.98 -85.00
CA LYS B 247 5.62 -37.88 -84.13
C LYS B 247 7.10 -37.93 -83.79
N GLY B 248 7.62 -36.81 -83.33
CA GLY B 248 9.01 -36.67 -82.96
C GLY B 248 9.17 -35.32 -82.30
N LYS B 249 10.40 -34.96 -81.98
CA LYS B 249 10.64 -33.68 -81.35
C LYS B 249 11.93 -33.08 -81.87
N VAL B 250 11.98 -31.75 -81.87
CA VAL B 250 13.21 -31.00 -82.09
C VAL B 250 13.01 -29.62 -81.46
N HIS B 251 13.98 -29.16 -80.67
CA HIS B 251 13.82 -27.91 -79.93
C HIS B 251 13.72 -26.71 -80.85
N ILE B 252 13.18 -25.60 -80.36
CA ILE B 252 13.17 -24.37 -81.15
C ILE B 252 14.34 -23.52 -80.66
N PRO B 253 14.93 -22.71 -81.52
CA PRO B 253 15.96 -21.78 -81.05
C PRO B 253 15.31 -20.54 -80.45
N PHE B 254 16.15 -19.64 -79.93
CA PHE B 254 15.74 -18.34 -79.42
C PHE B 254 14.74 -18.46 -78.28
N PRO B 255 15.16 -18.86 -77.08
CA PRO B 255 14.25 -18.84 -75.93
C PRO B 255 14.06 -17.42 -75.41
N LEU B 256 12.99 -17.24 -74.63
CA LEU B 256 12.68 -15.94 -74.07
C LEU B 256 13.42 -15.73 -72.75
N ASP B 257 13.87 -14.50 -72.51
CA ASP B 257 14.69 -14.23 -71.33
C ASP B 257 14.56 -12.76 -70.95
N ASN B 258 15.01 -12.45 -69.74
CA ASN B 258 14.79 -11.14 -69.12
C ASN B 258 15.92 -10.19 -69.49
N ILE B 259 15.57 -9.00 -69.99
CA ILE B 259 16.51 -7.91 -70.21
C ILE B 259 15.89 -6.63 -69.65
N THR B 260 16.50 -5.48 -69.91
CA THR B 260 15.98 -4.21 -69.44
C THR B 260 15.89 -3.19 -70.57
N CYS B 261 14.89 -2.32 -70.47
CA CYS B 261 14.70 -1.21 -71.41
C CYS B 261 15.10 0.11 -70.76
N ARG B 262 15.21 1.14 -71.59
CA ARG B 262 15.29 2.52 -71.12
C ARG B 262 14.07 3.27 -71.60
N VAL B 263 13.40 3.94 -70.67
CA VAL B 263 12.19 4.69 -70.97
C VAL B 263 12.42 6.13 -70.56
N PRO B 264 11.94 7.11 -71.32
CA PRO B 264 12.18 8.51 -70.95
C PRO B 264 11.35 8.90 -69.75
N MET B 265 11.61 10.11 -69.25
CA MET B 265 10.83 10.68 -68.18
C MET B 265 10.31 12.04 -68.62
N ALA B 266 9.00 12.24 -68.55
CA ALA B 266 8.41 13.47 -69.05
C ALA B 266 8.69 14.63 -68.10
N ARG B 267 8.51 15.84 -68.62
CA ARG B 267 8.86 17.06 -67.90
C ARG B 267 7.98 17.25 -66.67
N GLU B 268 8.52 17.96 -65.70
CA GLU B 268 7.76 18.27 -64.50
C GLU B 268 6.69 19.31 -64.83
N PRO B 269 5.42 19.04 -64.58
CA PRO B 269 4.37 19.99 -64.93
C PRO B 269 4.42 21.24 -64.07
N THR B 270 3.86 22.32 -64.61
CA THR B 270 3.81 23.60 -63.91
C THR B 270 2.63 23.61 -62.96
N VAL B 271 2.87 23.98 -61.71
CA VAL B 271 1.83 24.02 -60.69
C VAL B 271 1.48 25.47 -60.41
N ILE B 272 0.19 25.71 -60.16
CA ILE B 272 -0.30 27.03 -59.78
C ILE B 272 -1.19 26.86 -58.57
N HIS B 273 -0.82 27.49 -57.46
CA HIS B 273 -1.54 27.29 -56.21
C HIS B 273 -2.83 28.09 -56.17
N GLY B 274 -3.83 27.52 -55.53
CA GLY B 274 -5.11 28.18 -55.36
C GLY B 274 -5.67 27.91 -53.99
N LYS B 275 -6.97 28.17 -53.78
CA LYS B 275 -7.58 27.91 -52.49
C LYS B 275 -8.08 26.46 -52.48
N ARG B 276 -7.28 25.57 -51.90
CA ARG B 276 -7.60 24.14 -51.87
C ARG B 276 -7.79 23.60 -53.28
N GLU B 277 -6.90 23.98 -54.17
CA GLU B 277 -6.99 23.61 -55.58
C GLU B 277 -5.64 23.84 -56.23
N VAL B 278 -5.35 23.04 -57.25
CA VAL B 278 -4.12 23.16 -58.03
C VAL B 278 -4.47 23.16 -59.51
N THR B 279 -4.06 24.21 -60.21
CA THR B 279 -4.18 24.27 -61.66
C THR B 279 -2.84 23.85 -62.25
N LEU B 280 -2.86 22.89 -63.16
CA LEU B 280 -1.67 22.13 -63.49
C LEU B 280 -1.49 22.11 -65.01
N HIS B 281 -0.33 22.54 -65.48
CA HIS B 281 -0.05 22.68 -66.91
C HIS B 281 0.79 21.50 -67.38
N LEU B 282 0.34 20.83 -68.43
CA LEU B 282 0.95 19.60 -68.90
C LEU B 282 1.43 19.77 -70.34
N HIS B 283 2.70 19.43 -70.59
CA HIS B 283 3.31 19.54 -71.91
C HIS B 283 3.90 18.18 -72.29
N PRO B 284 3.14 17.31 -72.94
CA PRO B 284 3.68 16.02 -73.37
C PRO B 284 4.19 16.03 -74.79
N ASP B 285 5.27 15.27 -75.01
CA ASP B 285 5.81 15.07 -76.35
C ASP B 285 5.23 13.84 -77.03
N HIS B 286 4.64 12.94 -76.26
CA HIS B 286 4.05 11.71 -76.77
C HIS B 286 3.07 11.21 -75.72
N PRO B 287 2.13 10.36 -76.11
CA PRO B 287 1.10 9.92 -75.16
C PRO B 287 1.63 9.46 -73.82
N THR B 288 1.35 10.21 -72.75
CA THR B 288 1.74 9.85 -71.40
C THR B 288 0.49 9.69 -70.54
N LEU B 289 0.64 8.98 -69.44
CA LEU B 289 -0.49 8.66 -68.56
C LEU B 289 -0.46 9.55 -67.33
N PHE B 290 -1.52 10.32 -67.12
CA PHE B 290 -1.64 11.20 -65.98
C PHE B 290 -2.78 10.73 -65.10
N SER B 291 -2.50 10.51 -63.82
CA SER B 291 -3.51 10.02 -62.90
C SER B 291 -3.22 10.52 -61.50
N TYR B 292 -4.29 10.75 -60.75
CA TYR B 292 -4.17 11.29 -59.40
C TYR B 292 -5.26 10.69 -58.54
N ARG B 293 -5.09 10.81 -57.22
CA ARG B 293 -6.10 10.38 -56.28
C ARG B 293 -5.96 11.18 -55.00
N THR B 294 -7.07 11.42 -54.34
CA THR B 294 -7.07 12.13 -53.07
C THR B 294 -6.90 11.13 -51.93
N LEU B 295 -5.89 11.34 -51.11
CA LEU B 295 -5.48 10.35 -50.14
C LEU B 295 -6.14 10.55 -48.78
N GLY B 296 -7.46 10.63 -48.80
CA GLY B 296 -8.28 10.65 -47.62
C GLY B 296 -9.08 9.38 -47.45
N GLU B 297 -10.16 9.49 -46.68
CA GLU B 297 -11.00 8.31 -46.42
C GLU B 297 -11.70 7.85 -47.68
N ASP B 298 -12.25 8.78 -48.46
CA ASP B 298 -12.98 8.46 -49.68
C ASP B 298 -12.27 9.11 -50.86
N PRO B 299 -11.48 8.38 -51.63
CA PRO B 299 -10.65 9.01 -52.65
C PRO B 299 -11.46 9.48 -53.85
N GLN B 300 -10.84 10.37 -54.61
CA GLN B 300 -11.39 10.97 -55.82
C GLN B 300 -10.43 10.61 -56.95
N TYR B 301 -10.91 9.82 -57.91
CA TYR B 301 -10.01 9.07 -58.78
C TYR B 301 -9.75 9.90 -60.03
N HIS B 302 -8.82 9.46 -60.88
CA HIS B 302 -8.81 9.88 -62.28
C HIS B 302 -7.68 9.16 -63.02
N GLU B 303 -7.86 8.91 -64.30
CA GLU B 303 -6.81 8.28 -65.10
C GLU B 303 -7.07 8.56 -66.57
N GLU B 304 -6.03 8.98 -67.28
CA GLU B 304 -6.24 9.53 -68.61
C GLU B 304 -4.93 9.47 -69.39
N TRP B 305 -5.06 9.29 -70.70
CA TRP B 305 -3.92 9.28 -71.62
C TRP B 305 -3.79 10.66 -72.25
N VAL B 306 -2.89 11.47 -71.73
CA VAL B 306 -2.70 12.81 -72.25
C VAL B 306 -1.98 12.74 -73.59
N THR B 307 -2.47 13.49 -74.57
CA THR B 307 -1.91 13.45 -75.92
C THR B 307 -1.38 14.80 -76.40
N ALA B 308 -2.11 15.88 -76.15
CA ALA B 308 -1.66 17.22 -76.49
C ALA B 308 -1.61 18.08 -75.24
N ALA B 309 -1.08 19.29 -75.37
CA ALA B 309 -0.98 20.18 -74.23
C ALA B 309 -2.37 20.48 -73.67
N VAL B 310 -2.52 20.36 -72.36
CA VAL B 310 -3.80 20.55 -71.69
C VAL B 310 -3.59 21.40 -70.44
N GLU B 311 -4.64 21.49 -69.65
CA GLU B 311 -4.63 22.25 -68.40
C GLU B 311 -5.66 21.65 -67.47
N ARG B 312 -5.22 21.13 -66.32
CA ARG B 312 -6.10 20.42 -65.42
C ARG B 312 -6.09 21.06 -64.04
N THR B 313 -7.25 21.03 -63.39
CA THR B 313 -7.42 21.50 -62.03
C THR B 313 -7.74 20.31 -61.15
N ILE B 314 -7.00 20.17 -60.05
CA ILE B 314 -7.11 19.00 -59.19
C ILE B 314 -7.34 19.46 -57.76
N PRO B 315 -8.29 18.87 -57.04
CA PRO B 315 -8.60 19.36 -55.70
C PRO B 315 -7.62 18.82 -54.66
N VAL B 316 -7.22 19.68 -53.74
CA VAL B 316 -6.27 19.31 -52.70
C VAL B 316 -6.89 19.61 -51.33
N PRO B 317 -7.60 18.67 -50.72
CA PRO B 317 -8.11 18.91 -49.38
C PRO B 317 -7.00 18.94 -48.35
N VAL B 318 -7.35 19.14 -47.08
CA VAL B 318 -6.32 19.23 -46.05
C VAL B 318 -5.62 17.89 -45.83
N ASP B 319 -6.21 16.79 -46.30
CA ASP B 319 -5.56 15.49 -46.19
C ASP B 319 -4.42 15.34 -47.18
N GLY B 320 -4.48 16.02 -48.31
CA GLY B 320 -3.46 15.95 -49.33
C GLY B 320 -3.87 15.08 -50.50
N MET B 321 -3.03 15.09 -51.53
CA MET B 321 -3.28 14.26 -52.70
C MET B 321 -1.97 14.06 -53.46
N GLU B 322 -1.94 13.01 -54.29
CA GLU B 322 -0.77 12.70 -55.10
C GLU B 322 -1.17 12.56 -56.55
N TYR B 323 -0.20 12.81 -57.44
CA TYR B 323 -0.42 12.68 -58.88
C TYR B 323 0.78 11.98 -59.50
N HIS B 324 0.51 11.25 -60.58
CA HIS B 324 1.50 10.39 -61.20
C HIS B 324 1.61 10.77 -62.67
N TRP B 325 2.66 11.46 -63.04
CA TRP B 325 2.77 12.04 -64.38
C TRP B 325 3.86 11.31 -65.15
N GLY B 326 3.47 10.56 -66.17
CA GLY B 326 4.44 9.87 -66.99
C GLY B 326 5.19 8.84 -66.19
N ASN B 327 6.50 8.78 -66.40
CA ASN B 327 7.37 7.82 -65.72
C ASN B 327 7.98 8.37 -64.45
N ASN B 328 7.68 9.61 -64.08
CA ASN B 328 8.21 10.18 -62.86
C ASN B 328 7.61 9.50 -61.64
N ASP B 329 8.23 9.73 -60.49
CA ASP B 329 7.67 9.24 -59.24
C ASP B 329 6.47 10.09 -58.83
N PRO B 330 5.51 9.51 -58.11
CA PRO B 330 4.37 10.30 -57.64
C PRO B 330 4.81 11.38 -56.66
N VAL B 331 4.10 12.50 -56.70
CA VAL B 331 4.39 13.66 -55.87
C VAL B 331 3.16 13.98 -55.05
N ARG B 332 3.34 14.25 -53.76
CA ARG B 332 2.23 14.52 -52.86
C ARG B 332 2.21 16.00 -52.50
N LEU B 333 1.01 16.57 -52.44
CA LEU B 333 0.79 17.97 -52.10
C LEU B 333 -0.28 18.06 -51.02
N TRP B 334 -0.03 18.88 -50.01
CA TRP B 334 -0.95 19.04 -48.89
C TRP B 334 -1.42 20.49 -48.82
N SER B 335 -2.71 20.69 -48.62
CA SER B 335 -3.22 22.04 -48.46
C SER B 335 -2.88 22.55 -47.07
N GLN B 336 -3.33 23.77 -46.77
CA GLN B 336 -2.93 24.42 -45.53
C GLN B 336 -4.05 25.32 -45.05
N LEU B 337 -4.21 25.44 -43.74
CA LEU B 337 -5.34 26.16 -43.16
C LEU B 337 -5.14 27.66 -43.36
N THR B 338 -5.57 28.14 -44.52
CA THR B 338 -5.51 29.56 -44.84
C THR B 338 -6.90 30.07 -45.18
N THR B 339 -7.12 31.37 -44.98
CA THR B 339 -8.42 31.97 -45.20
C THR B 339 -8.24 33.47 -45.42
N GLU B 340 -9.34 34.21 -45.36
CA GLU B 340 -9.35 35.64 -45.65
C GLU B 340 -9.83 36.51 -44.49
N GLY B 341 -10.47 35.94 -43.48
CA GLY B 341 -10.96 36.72 -42.37
C GLY B 341 -9.84 37.21 -41.48
N LYS B 342 -10.22 38.00 -40.49
CA LYS B 342 -9.27 38.56 -39.52
C LYS B 342 -9.63 38.07 -38.13
N PRO B 343 -8.89 37.11 -37.59
CA PRO B 343 -9.14 36.67 -36.21
C PRO B 343 -8.71 37.74 -35.22
N HIS B 344 -9.28 37.66 -34.02
CA HIS B 344 -9.00 38.60 -32.94
C HIS B 344 -9.32 40.04 -33.35
N GLY B 345 -10.34 40.21 -34.18
CA GLY B 345 -10.80 41.53 -34.56
C GLY B 345 -12.20 41.77 -34.08
N TRP B 346 -12.98 42.55 -34.82
CA TRP B 346 -14.35 42.81 -34.44
C TRP B 346 -15.16 41.52 -34.60
N PRO B 347 -16.26 41.39 -33.86
CA PRO B 347 -17.08 40.18 -33.96
C PRO B 347 -17.53 39.83 -35.37
N HIS B 348 -17.63 40.81 -36.25
CA HIS B 348 -18.02 40.53 -37.62
C HIS B 348 -16.85 40.13 -38.51
N GLN B 349 -15.64 40.06 -37.96
CA GLN B 349 -14.48 39.53 -38.69
C GLN B 349 -14.09 38.14 -38.23
N ILE B 350 -14.31 37.81 -36.96
CA ILE B 350 -14.08 36.45 -36.49
C ILE B 350 -15.01 35.48 -37.23
N VAL B 351 -16.24 35.91 -37.48
CA VAL B 351 -17.17 35.06 -38.22
C VAL B 351 -16.65 34.80 -39.63
N GLN B 352 -16.11 35.84 -40.28
CA GLN B 352 -15.53 35.63 -41.60
C GLN B 352 -14.35 34.67 -41.54
N TYR B 353 -13.49 34.83 -40.53
CA TYR B 353 -12.32 33.96 -40.41
C TYR B 353 -12.73 32.51 -40.24
N TYR B 354 -13.68 32.25 -39.36
CA TYR B 354 -14.15 30.89 -39.13
C TYR B 354 -15.17 30.44 -40.17
N TYR B 355 -15.52 31.31 -41.12
CA TYR B 355 -16.31 30.91 -42.27
C TYR B 355 -15.44 30.51 -43.45
N GLY B 356 -14.25 31.08 -43.57
CA GLY B 356 -13.32 30.57 -44.56
C GLY B 356 -13.00 29.11 -44.31
N LEU B 357 -12.91 28.72 -43.04
CA LEU B 357 -12.72 27.34 -42.63
C LEU B 357 -14.07 26.74 -42.29
N TYR B 358 -14.41 25.62 -42.90
CA TYR B 358 -15.63 24.90 -42.56
C TYR B 358 -16.84 25.80 -42.76
N PRO B 359 -17.16 26.19 -44.00
CA PRO B 359 -18.21 27.20 -44.18
C PRO B 359 -19.61 26.63 -44.09
N ALA B 360 -19.80 25.61 -43.26
CA ALA B 360 -21.12 25.02 -43.08
C ALA B 360 -21.51 24.82 -41.63
N ALA B 361 -20.57 24.78 -40.70
CA ALA B 361 -20.90 24.75 -39.29
C ALA B 361 -20.93 26.14 -38.67
N THR B 362 -20.17 27.09 -39.24
CA THR B 362 -20.19 28.45 -38.73
C THR B 362 -21.57 29.07 -38.86
N VAL B 363 -22.22 28.89 -40.01
CA VAL B 363 -23.54 29.45 -40.22
C VAL B 363 -24.54 28.85 -39.24
N SER B 364 -24.48 27.53 -39.08
CA SER B 364 -25.40 26.86 -38.15
C SER B 364 -25.17 27.34 -36.73
N ALA B 365 -23.92 27.46 -36.29
CA ALA B 365 -23.64 27.91 -34.94
C ALA B 365 -24.14 29.34 -34.72
N VAL B 366 -23.89 30.22 -35.69
CA VAL B 366 -24.35 31.60 -35.56
C VAL B 366 -25.87 31.66 -35.48
N VAL B 367 -26.55 30.88 -36.32
CA VAL B 367 -28.01 30.88 -36.32
C VAL B 367 -28.54 30.40 -34.97
N GLY B 368 -27.97 29.31 -34.46
CA GLY B 368 -28.42 28.79 -33.17
C GLY B 368 -28.20 29.77 -32.04
N MET B 369 -27.02 30.40 -32.00
CA MET B 369 -26.73 31.35 -30.93
C MET B 369 -27.65 32.55 -31.00
N SER B 370 -27.89 33.09 -32.19
CA SER B 370 -28.78 34.24 -32.32
C SER B 370 -30.20 33.88 -31.90
N LEU B 371 -30.67 32.69 -32.30
CA LEU B 371 -32.00 32.24 -31.90
C LEU B 371 -32.09 32.12 -30.38
N LEU B 372 -31.07 31.56 -29.74
CA LEU B 372 -31.08 31.44 -28.29
C LEU B 372 -31.12 32.79 -27.62
N ALA B 373 -30.35 33.75 -28.12
CA ALA B 373 -30.35 35.10 -27.55
C ALA B 373 -31.73 35.74 -27.68
N LEU B 374 -32.36 35.58 -28.85
CA LEU B 374 -33.70 36.15 -29.03
C LEU B 374 -34.69 35.52 -28.08
N ILE B 375 -34.63 34.20 -27.90
CA ILE B 375 -35.53 33.53 -26.96
C ILE B 375 -35.34 34.07 -25.55
N SER B 376 -34.09 34.22 -25.13
CA SER B 376 -33.82 34.72 -23.78
C SER B 376 -34.37 36.13 -23.60
N ILE B 377 -34.14 37.01 -24.57
CA ILE B 377 -34.57 38.39 -24.40
C ILE B 377 -36.10 38.48 -24.42
N PHE B 378 -36.75 37.68 -25.27
CA PHE B 378 -38.21 37.69 -25.29
C PHE B 378 -38.78 37.18 -23.98
N ALA B 379 -38.19 36.12 -23.43
CA ALA B 379 -38.67 35.60 -22.15
C ALA B 379 -38.52 36.62 -21.04
N SER B 380 -37.37 37.31 -20.99
CA SER B 380 -37.20 38.32 -19.94
C SER B 380 -38.20 39.46 -20.09
N CYS B 381 -38.39 39.96 -21.32
CA CYS B 381 -39.33 41.06 -21.51
C CYS B 381 -40.74 40.64 -21.15
N TYR B 382 -41.14 39.43 -21.55
CA TYR B 382 -42.47 38.94 -21.19
C TYR B 382 -42.61 38.81 -19.68
N MET B 383 -41.55 38.38 -19.00
CA MET B 383 -41.62 38.24 -17.55
C MET B 383 -41.84 39.58 -16.87
N LEU B 384 -41.12 40.62 -17.31
CA LEU B 384 -41.39 41.96 -16.76
C LEU B 384 -42.80 42.42 -17.07
N VAL B 385 -43.29 42.17 -18.29
CA VAL B 385 -44.65 42.59 -18.63
C VAL B 385 -45.65 41.93 -17.71
N ALA B 386 -45.52 40.62 -17.52
CA ALA B 386 -46.44 39.90 -16.64
C ALA B 386 -46.34 40.38 -15.20
N ALA B 387 -45.12 40.65 -14.72
CA ALA B 387 -44.95 41.12 -13.36
C ALA B 387 -45.63 42.47 -13.15
N ARG B 388 -45.45 43.40 -14.09
CA ARG B 388 -46.12 44.69 -13.96
C ARG B 388 -47.64 44.53 -14.01
N SER B 389 -48.14 43.71 -14.93
CA SER B 389 -49.59 43.51 -15.01
C SER B 389 -50.14 42.92 -13.74
N LYS B 390 -49.38 42.02 -13.10
CA LYS B 390 -49.84 41.42 -11.85
C LYS B 390 -49.79 42.43 -10.71
N CYS B 391 -48.78 43.32 -10.72
CA CYS B 391 -48.70 44.31 -9.64
C CYS B 391 -49.82 45.34 -9.75
N LEU B 392 -50.20 45.72 -10.97
CA LEU B 392 -51.16 46.81 -11.12
C LEU B 392 -52.62 46.35 -11.10
N THR B 393 -52.89 45.06 -11.27
CA THR B 393 -54.28 44.63 -11.38
C THR B 393 -55.13 44.87 -10.13
N PRO B 394 -54.66 44.66 -8.89
CA PRO B 394 -55.57 44.89 -7.75
C PRO B 394 -56.02 46.33 -7.63
N TYR B 395 -55.18 47.29 -8.02
CA TYR B 395 -55.59 48.69 -7.98
C TYR B 395 -56.67 48.99 -8.99
N ALA B 396 -56.86 48.11 -9.97
CA ALA B 396 -57.87 48.32 -11.00
C ALA B 396 -59.24 47.76 -10.63
N LEU B 397 -59.36 47.11 -9.48
CA LEU B 397 -60.64 46.58 -9.03
C LEU B 397 -61.26 47.38 -7.88
N THR B 398 -60.62 48.46 -7.45
CA THR B 398 -61.20 49.36 -6.46
C THR B 398 -61.10 50.80 -6.95
N PRO B 399 -62.04 51.65 -6.55
CA PRO B 399 -61.97 53.06 -6.94
C PRO B 399 -60.88 53.82 -6.18
N GLY B 400 -59.64 53.33 -6.26
CA GLY B 400 -58.53 53.91 -5.55
C GLY B 400 -57.66 54.81 -6.43
N ALA B 401 -56.56 55.28 -5.82
CA ALA B 401 -55.66 56.21 -6.47
C ALA B 401 -54.54 55.47 -7.20
N ALA B 402 -53.71 56.24 -7.90
CA ALA B 402 -52.62 55.69 -8.68
C ALA B 402 -51.32 55.53 -7.88
N VAL B 403 -51.22 56.18 -6.73
CA VAL B 403 -50.02 56.10 -5.87
C VAL B 403 -48.83 56.60 -6.70
N PRO B 404 -48.71 57.91 -6.92
CA PRO B 404 -47.66 58.42 -7.84
C PRO B 404 -46.27 57.88 -7.60
N TRP B 405 -45.94 57.46 -6.37
CA TRP B 405 -44.66 56.82 -6.15
C TRP B 405 -44.54 55.54 -6.97
N THR B 406 -45.60 54.74 -7.02
CA THR B 406 -45.63 53.58 -7.89
C THR B 406 -45.89 53.96 -9.34
N LEU B 407 -46.63 55.04 -9.58
CA LEU B 407 -46.90 55.48 -10.95
C LEU B 407 -45.61 55.83 -11.68
N GLY B 408 -44.69 56.53 -11.01
CA GLY B 408 -43.44 56.90 -11.65
C GLY B 408 -42.61 55.70 -12.05
N ILE B 409 -42.47 54.74 -11.12
CA ILE B 409 -41.64 53.56 -11.38
C ILE B 409 -42.29 52.66 -12.42
N LEU B 410 -43.57 52.35 -12.22
CA LEU B 410 -44.30 51.42 -13.10
C LEU B 410 -45.21 52.24 -14.02
N CYS B 411 -44.87 52.29 -15.30
CA CYS B 411 -45.65 53.04 -16.26
C CYS B 411 -46.99 52.35 -16.50
N CYS B 412 -48.06 53.12 -16.51
CA CYS B 412 -49.40 52.63 -16.78
C CYS B 412 -50.04 53.45 -17.89
N ALA B 413 -51.15 52.93 -18.43
CA ALA B 413 -51.87 53.64 -19.48
C ALA B 413 -52.37 55.01 -19.03
N PRO B 414 -53.00 55.17 -17.84
CA PRO B 414 -53.37 56.52 -17.41
C PRO B 414 -52.15 57.35 -17.05
N ARG B 415 -51.72 58.23 -17.96
CA ARG B 415 -50.58 59.08 -17.67
C ARG B 415 -50.93 60.13 -16.62
N ALA B 416 -52.06 60.81 -16.79
CA ALA B 416 -52.51 61.82 -15.85
C ALA B 416 -53.97 61.71 -15.45
N HIS B 417 -54.80 60.98 -16.19
CA HIS B 417 -56.22 60.86 -15.90
C HIS B 417 -56.42 59.67 -14.97
N ALA B 418 -56.56 59.94 -13.67
CA ALA B 418 -56.78 58.92 -12.65
C ALA B 418 -55.68 57.86 -12.66
N ARG C 1 41.62 56.86 4.62
CA ARG C 1 41.53 57.09 6.06
C ARG C 1 42.92 56.96 6.68
N THR C 2 43.52 58.09 7.06
CA THR C 2 44.64 58.12 8.00
C THR C 2 44.10 57.90 9.41
N CYS C 3 44.58 56.86 10.11
CA CYS C 3 44.23 56.58 11.51
C CYS C 3 44.50 57.81 12.40
N ARG C 4 43.76 57.96 13.52
CA ARG C 4 43.97 59.07 14.46
C ARG C 4 45.36 58.98 15.10
N ILE C 5 45.84 60.07 15.74
CA ILE C 5 47.19 60.19 16.33
C ILE C 5 47.55 59.05 17.32
N HIS C 6 46.55 58.35 17.88
CA HIS C 6 46.70 57.25 18.83
C HIS C 6 46.24 55.88 18.28
N GLU C 7 46.11 55.75 16.96
CA GLU C 7 45.68 54.53 16.26
C GLU C 7 46.71 54.15 15.18
N ILE C 8 46.90 52.86 14.92
CA ILE C 8 47.77 52.28 13.89
C ILE C 8 46.95 51.44 12.91
N SER C 9 47.29 51.49 11.62
CA SER C 9 46.61 50.74 10.57
C SER C 9 47.05 49.27 10.55
N CYS C 10 46.10 48.34 10.43
CA CYS C 10 46.29 46.89 10.28
C CYS C 10 46.89 46.43 8.93
N GLY C 11 47.80 47.21 8.34
CA GLY C 11 48.45 46.92 7.07
C GLY C 11 48.06 47.85 5.92
N ALA C 12 48.82 47.79 4.82
CA ALA C 12 48.68 48.70 3.67
C ALA C 12 47.38 48.53 2.86
N HIS C 13 46.62 47.47 3.14
CA HIS C 13 45.37 47.11 2.46
C HIS C 13 44.18 47.00 3.42
N SER C 14 44.38 47.25 4.72
CA SER C 14 43.31 47.24 5.71
C SER C 14 42.84 48.67 6.00
N THR C 15 41.53 48.86 6.03
CA THR C 15 40.88 50.10 6.52
C THR C 15 40.73 50.09 8.05
N GLN C 16 41.15 49.02 8.72
CA GLN C 16 41.05 48.85 10.16
C GLN C 16 42.18 49.61 10.87
N CYS C 17 41.78 50.47 11.80
CA CYS C 17 42.67 51.21 12.70
C CYS C 17 42.49 50.65 14.11
N ILE C 18 43.56 50.11 14.70
CA ILE C 18 43.58 49.63 16.08
C ILE C 18 44.29 50.67 16.96
N PRO C 19 43.92 50.84 18.24
CA PRO C 19 44.70 51.62 19.19
C PRO C 19 46.17 51.20 19.19
N VAL C 20 47.11 52.14 19.39
CA VAL C 20 48.54 51.80 19.48
C VAL C 20 48.82 50.79 20.60
N SER C 21 47.96 50.71 21.62
CA SER C 21 48.03 49.72 22.71
C SER C 21 47.69 48.29 22.30
N TRP C 22 47.05 48.09 21.15
CA TRP C 22 46.59 46.79 20.62
C TRP C 22 47.57 46.19 19.61
N ARG C 23 48.75 46.81 19.49
CA ARG C 23 49.83 46.23 18.70
C ARG C 23 50.71 45.44 19.64
N CYS C 24 50.81 44.13 19.43
CA CYS C 24 51.58 43.21 20.28
C CYS C 24 50.99 43.06 21.68
N ASP C 25 49.66 43.03 21.81
CA ASP C 25 48.99 42.84 23.09
C ASP C 25 48.61 41.37 23.37
N GLY C 26 48.87 40.49 22.39
CA GLY C 26 48.64 39.06 22.47
C GLY C 26 47.28 38.61 21.92
N GLU C 27 46.43 39.54 21.48
CA GLU C 27 45.16 39.25 20.80
C GLU C 27 45.25 39.62 19.30
N ASN C 28 44.60 38.86 18.42
CA ASN C 28 44.54 39.20 17.00
C ASN C 28 43.43 40.25 16.79
N ASP C 29 43.76 41.52 16.93
CA ASP C 29 42.87 42.65 16.68
C ASP C 29 42.81 43.03 15.20
N CYS C 30 43.84 42.74 14.41
CA CYS C 30 43.80 42.93 12.96
C CYS C 30 43.18 41.72 12.24
N ASP C 31 42.36 41.97 11.21
CA ASP C 31 41.77 40.93 10.34
C ASP C 31 42.82 39.94 9.77
N SER C 32 44.06 40.41 9.56
CA SER C 32 45.19 39.62 9.07
C SER C 32 46.12 39.07 10.17
N GLY C 33 45.92 39.45 11.44
CA GLY C 33 46.83 39.14 12.55
C GLY C 33 48.21 39.84 12.44
N GLU C 34 48.32 40.87 11.61
CA GLU C 34 49.58 41.62 11.39
C GLU C 34 50.04 42.44 12.60
N ASP C 35 49.13 42.76 13.51
CA ASP C 35 49.37 43.38 14.80
C ASP C 35 50.23 42.53 15.74
N GLU C 36 50.11 41.20 15.63
CA GLU C 36 50.86 40.23 16.44
C GLU C 36 52.12 39.71 15.73
N GLU C 37 52.38 40.15 14.49
CA GLU C 37 53.59 39.80 13.77
C GLU C 37 54.74 40.78 14.05
N ASN C 38 55.94 40.21 14.20
CA ASN C 38 57.16 41.04 14.46
C ASN C 38 57.01 41.73 15.82
N CYS C 39 56.77 40.95 16.87
CA CYS C 39 56.66 41.51 18.24
C CYS C 39 57.79 40.94 19.09
N GLY C 40 57.55 39.81 19.75
CA GLY C 40 58.62 39.15 20.53
C GLY C 40 59.59 38.42 19.60
N ASN C 41 60.53 39.16 19.00
CA ASN C 41 61.48 38.55 18.02
C ASN C 41 60.70 37.65 17.06
N ILE C 42 61.01 36.35 17.03
CA ILE C 42 60.22 35.37 16.24
C ILE C 42 59.09 34.82 17.12
N THR C 43 59.15 35.10 18.43
CA THR C 43 58.12 34.62 19.39
C THR C 43 56.76 34.57 18.69
N CYS C 44 56.22 33.36 18.47
CA CYS C 44 54.91 33.22 17.78
C CYS C 44 53.85 34.02 18.54
N SER C 45 52.99 34.74 17.82
CA SER C 45 51.99 35.60 18.48
C SER C 45 50.58 35.21 18.02
N PRO C 46 49.48 35.78 18.59
CA PRO C 46 48.12 35.28 18.32
C PRO C 46 47.68 35.37 16.84
N ASP C 47 48.35 36.22 16.05
CA ASP C 47 48.09 36.43 14.62
C ASP C 47 48.99 35.56 13.71
N GLU C 48 49.82 34.71 14.30
CA GLU C 48 50.77 33.82 13.62
C GLU C 48 50.41 32.34 13.87
N PHE C 49 50.72 31.49 12.90
CA PHE C 49 50.59 30.04 12.96
C PHE C 49 51.95 29.41 13.24
N THR C 50 51.96 28.45 14.18
CA THR C 50 53.14 27.68 14.55
C THR C 50 53.26 26.48 13.60
N CYS C 51 54.25 26.51 12.71
CA CYS C 51 54.62 25.35 11.89
C CYS C 51 55.10 24.19 12.78
N SER C 52 55.01 22.95 12.32
CA SER C 52 55.54 21.80 13.08
C SER C 52 57.06 21.86 13.21
N SER C 53 57.73 22.55 12.29
CA SER C 53 59.14 22.90 12.31
C SER C 53 59.53 23.92 13.40
N GLY C 54 58.55 24.57 14.04
CA GLY C 54 58.76 25.62 15.04
C GLY C 54 58.77 27.05 14.46
N ARG C 55 58.68 27.20 13.13
CA ARG C 55 58.62 28.50 12.45
C ARG C 55 57.26 29.18 12.66
N CYS C 56 57.24 30.51 12.75
CA CYS C 56 56.01 31.30 12.79
C CYS C 56 55.72 31.85 11.39
N ILE C 57 54.56 31.52 10.82
CA ILE C 57 54.06 32.16 9.60
C ILE C 57 52.82 33.00 9.95
N SER C 58 52.47 34.01 9.14
CA SER C 58 51.20 34.72 9.35
C SER C 58 50.04 33.73 9.22
N ARG C 59 48.98 33.88 10.02
CA ARG C 59 47.75 33.10 9.85
C ARG C 59 47.12 33.20 8.46
N ASN C 60 47.43 34.26 7.70
CA ASN C 60 46.97 34.43 6.31
C ASN C 60 47.65 33.47 5.32
N PHE C 61 48.76 32.86 5.71
CA PHE C 61 49.50 31.86 4.94
C PHE C 61 49.12 30.43 5.30
N VAL C 62 48.19 30.24 6.25
CA VAL C 62 47.62 28.92 6.51
C VAL C 62 46.57 28.64 5.44
N CYS C 63 46.70 27.53 4.73
CA CYS C 63 45.76 27.10 3.68
C CYS C 63 45.68 28.04 2.48
N ASN C 64 46.80 28.64 2.09
CA ASN C 64 46.89 29.48 0.89
C ASN C 64 47.32 28.68 -0.36
N GLY C 65 47.52 27.36 -0.24
CA GLY C 65 47.95 26.48 -1.32
C GLY C 65 49.47 26.50 -1.58
N GLN C 66 50.26 27.17 -0.73
CA GLN C 66 51.71 27.24 -0.80
C GLN C 66 52.32 26.72 0.50
N ASP C 67 53.45 26.03 0.41
CA ASP C 67 54.19 25.55 1.59
C ASP C 67 55.07 26.69 2.13
N ASP C 68 54.48 27.55 2.96
CA ASP C 68 55.16 28.62 3.68
C ASP C 68 55.86 28.10 4.96
N CYS C 69 55.38 26.99 5.54
CA CYS C 69 56.02 26.33 6.68
C CYS C 69 57.29 25.53 6.35
N SER C 70 57.61 25.34 5.06
CA SER C 70 58.73 24.53 4.54
C SER C 70 58.65 23.03 4.87
N ASP C 71 57.71 22.63 5.72
CA ASP C 71 57.36 21.27 6.11
C ASP C 71 55.92 20.89 5.74
N GLY C 72 55.20 21.79 5.06
CA GLY C 72 53.80 21.67 4.65
C GLY C 72 52.78 21.72 5.80
N SER C 73 53.16 22.09 7.02
CA SER C 73 52.26 22.08 8.19
C SER C 73 51.09 23.06 8.07
N ASP C 74 51.30 24.16 7.39
CA ASP C 74 50.32 25.19 7.05
C ASP C 74 49.27 24.74 6.04
N GLU C 75 49.58 23.71 5.27
CA GLU C 75 48.70 23.12 4.27
C GLU C 75 48.06 21.80 4.75
N LEU C 76 48.30 21.40 6.02
CA LEU C 76 47.68 20.24 6.65
C LEU C 76 46.41 20.63 7.41
N ASP C 77 45.32 19.87 7.21
CA ASP C 77 43.99 20.09 7.80
C ASP C 77 43.25 21.35 7.31
N CYS C 78 43.46 21.63 6.01
CA CYS C 78 42.76 22.76 5.36
C CYS C 78 41.44 22.28 4.74
N ALA C 79 41.00 22.94 3.66
CA ALA C 79 39.76 22.52 2.95
C ALA C 79 39.78 23.06 1.52
N PRO C 80 40.49 22.40 0.57
CA PRO C 80 40.61 22.91 -0.81
C PRO C 80 39.29 22.79 -1.60
N PRO C 81 38.77 23.89 -2.19
CA PRO C 81 37.57 23.85 -3.03
C PRO C 81 37.81 23.64 -4.53
N THR C 82 36.93 22.90 -5.20
CA THR C 82 37.05 22.68 -6.68
C THR C 82 35.68 22.31 -7.23
N CYS C 83 35.62 21.77 -8.45
CA CYS C 83 34.31 21.30 -8.99
C CYS C 83 34.11 19.84 -8.60
N GLY C 84 32.89 19.32 -8.74
CA GLY C 84 32.56 17.94 -8.35
C GLY C 84 33.18 16.90 -9.30
N ALA C 85 33.17 15.63 -8.92
CA ALA C 85 33.75 14.55 -9.74
C ALA C 85 33.14 14.40 -11.15
N HIS C 86 32.01 15.06 -11.41
CA HIS C 86 31.28 15.07 -12.68
C HIS C 86 31.21 16.46 -13.32
N GLU C 87 31.98 17.43 -12.83
CA GLU C 87 32.00 18.80 -13.33
C GLU C 87 33.41 19.18 -13.83
N PHE C 88 33.45 19.98 -14.89
CA PHE C 88 34.63 20.61 -15.45
C PHE C 88 34.72 22.06 -15.01
N GLN C 89 35.92 22.48 -14.61
CA GLN C 89 36.20 23.84 -14.19
C GLN C 89 36.65 24.68 -15.37
N CYS C 90 35.84 25.67 -15.76
CA CYS C 90 36.22 26.71 -16.71
C CYS C 90 37.41 27.52 -16.15
N SER C 91 38.19 28.17 -17.01
CA SER C 91 39.32 29.01 -16.55
C SER C 91 38.84 30.26 -15.78
N THR C 92 37.60 30.69 -16.03
CA THR C 92 36.84 31.67 -15.23
C THR C 92 36.31 31.14 -13.90
N SER C 93 36.67 29.92 -13.48
CA SER C 93 36.27 29.24 -12.23
C SER C 93 34.79 28.84 -12.09
N SER C 94 34.00 28.94 -13.15
CA SER C 94 32.66 28.33 -13.21
C SER C 94 32.75 26.81 -13.43
N CYS C 95 31.81 26.05 -12.87
CA CYS C 95 31.71 24.60 -13.05
C CYS C 95 30.60 24.28 -14.06
N ILE C 96 30.90 23.47 -15.07
CA ILE C 96 29.93 22.91 -16.02
C ILE C 96 29.95 21.38 -15.93
N PRO C 97 28.87 20.67 -16.27
CA PRO C 97 28.89 19.22 -16.48
C PRO C 97 30.06 18.73 -17.35
N ILE C 98 30.74 17.63 -16.97
CA ILE C 98 31.80 17.03 -17.83
C ILE C 98 31.24 16.62 -19.20
N SER C 99 29.93 16.34 -19.30
CA SER C 99 29.27 16.03 -20.57
C SER C 99 29.23 17.20 -21.55
N TRP C 100 29.46 18.43 -21.09
CA TRP C 100 29.46 19.67 -21.89
C TRP C 100 30.88 20.12 -22.25
N VAL C 101 31.88 19.29 -22.00
CA VAL C 101 33.25 19.58 -22.41
C VAL C 101 33.47 19.04 -23.81
N CYS C 102 33.83 19.92 -24.75
CA CYS C 102 34.13 19.59 -26.14
C CYS C 102 32.92 19.13 -26.95
N ASP C 103 31.78 19.76 -26.73
CA ASP C 103 30.54 19.46 -27.45
C ASP C 103 30.23 20.47 -28.57
N ASP C 104 31.21 21.31 -28.92
CA ASP C 104 31.16 22.37 -29.94
C ASP C 104 30.25 23.57 -29.57
N ASP C 105 29.68 23.60 -28.35
CA ASP C 105 28.97 24.76 -27.77
C ASP C 105 29.82 25.44 -26.69
N ALA C 106 29.79 26.77 -26.62
CA ALA C 106 30.51 27.53 -25.60
C ALA C 106 29.69 27.66 -24.30
N ASP C 107 29.75 26.67 -23.42
CA ASP C 107 29.09 26.68 -22.11
C ASP C 107 29.92 27.45 -21.06
N CYS C 108 31.24 27.46 -21.18
CA CYS C 108 32.09 28.36 -20.42
C CYS C 108 32.05 29.78 -21.03
N SER C 109 31.91 30.79 -20.16
CA SER C 109 31.95 32.21 -20.55
C SER C 109 33.24 32.64 -21.27
N ASP C 110 34.32 31.88 -21.11
CA ASP C 110 35.62 32.07 -21.76
C ASP C 110 35.96 31.00 -22.83
N GLN C 111 35.01 30.11 -23.15
CA GLN C 111 35.18 28.99 -24.08
C GLN C 111 36.29 28.00 -23.64
N SER C 112 36.54 27.87 -22.33
CA SER C 112 37.54 26.93 -21.79
C SER C 112 37.22 25.46 -22.04
N ASP C 113 35.93 25.13 -21.98
CA ASP C 113 35.34 23.85 -22.33
C ASP C 113 35.62 23.46 -23.77
N GLU C 114 35.58 24.43 -24.68
CA GLU C 114 35.89 24.26 -26.10
C GLU C 114 37.36 24.58 -26.45
N SER C 115 38.22 24.71 -25.43
CA SER C 115 39.62 25.06 -25.65
C SER C 115 40.38 23.94 -26.35
N LEU C 116 41.18 24.33 -27.34
CA LEU C 116 41.97 23.42 -28.16
C LEU C 116 42.96 22.57 -27.34
N GLU C 117 43.42 23.09 -26.20
CA GLU C 117 44.31 22.38 -25.27
C GLU C 117 43.58 21.29 -24.49
N GLN C 118 42.33 21.53 -24.07
CA GLN C 118 41.53 20.59 -23.27
C GLN C 118 40.87 19.52 -24.15
N CYS C 119 40.35 19.90 -25.31
CA CYS C 119 39.64 18.98 -26.19
C CYS C 119 40.53 18.02 -26.96
N GLY C 120 41.86 18.16 -26.85
CA GLY C 120 42.81 17.30 -27.53
C GLY C 120 42.64 17.28 -29.05
N ARG C 121 41.81 18.17 -29.61
CA ARG C 121 41.76 18.50 -31.03
C ARG C 121 43.04 19.28 -31.27
N LYS D 1 -89.61 50.84 3.89
CA LYS D 1 -88.69 51.94 3.62
C LYS D 1 -87.35 51.44 3.09
N ARG D 2 -86.63 50.72 3.95
CA ARG D 2 -85.32 50.19 3.56
C ARG D 2 -85.44 49.17 2.44
N GLU D 3 -86.44 48.30 2.49
CA GLU D 3 -86.63 47.30 1.45
C GLU D 3 -86.92 47.95 0.11
N ARG D 4 -87.83 48.94 0.09
CA ARG D 4 -88.17 49.61 -1.15
C ARG D 4 -86.98 50.37 -1.71
N MET D 5 -86.22 51.06 -0.84
CA MET D 5 -85.03 51.77 -1.30
C MET D 5 -83.99 50.81 -1.87
N CYS D 6 -83.78 49.67 -1.20
CA CYS D 6 -82.82 48.69 -1.69
C CYS D 6 -83.26 48.14 -3.04
N MET D 7 -84.55 47.84 -3.20
CA MET D 7 -85.03 47.36 -4.49
C MET D 7 -84.87 48.42 -5.57
N LYS D 8 -85.13 49.68 -5.23
CA LYS D 8 -84.95 50.76 -6.21
C LYS D 8 -83.49 50.86 -6.64
N ILE D 9 -82.57 50.76 -5.69
CA ILE D 9 -81.15 50.84 -6.02
C ILE D 9 -80.72 49.65 -6.85
N GLU D 10 -81.25 48.46 -6.54
CA GLU D 10 -80.86 47.25 -7.27
C GLU D 10 -81.30 47.30 -8.73
N ASN D 11 -82.50 47.81 -9.00
CA ASN D 11 -82.96 47.90 -10.38
C ASN D 11 -82.07 48.80 -11.21
N ASP D 12 -81.57 49.88 -10.61
CA ASP D 12 -80.69 50.81 -11.31
C ASP D 12 -79.24 50.38 -11.31
N CYS D 13 -78.89 49.31 -10.59
CA CYS D 13 -77.49 48.93 -10.45
C CYS D 13 -77.24 47.43 -10.56
N ILE D 14 -78.16 46.67 -11.15
CA ILE D 14 -77.96 45.25 -11.39
C ILE D 14 -78.38 44.93 -12.81
N PHE D 15 -77.49 44.29 -13.57
CA PHE D 15 -77.76 43.90 -14.95
C PHE D 15 -77.56 42.39 -15.07
N GLU D 16 -78.58 41.71 -15.56
CA GLU D 16 -78.54 40.26 -15.63
C GLU D 16 -77.58 39.80 -16.70
N VAL D 17 -77.07 38.59 -16.53
CA VAL D 17 -76.20 37.93 -17.49
C VAL D 17 -76.85 36.59 -17.85
N LYS D 18 -76.97 36.33 -19.16
CA LYS D 18 -77.60 35.12 -19.64
C LYS D 18 -76.69 34.40 -20.62
N HIS D 19 -76.63 33.08 -20.50
CA HIS D 19 -75.93 32.23 -21.45
C HIS D 19 -76.89 31.15 -21.92
N GLU D 20 -76.97 30.97 -23.23
CA GLU D 20 -77.90 30.02 -23.85
C GLU D 20 -79.34 30.33 -23.47
N GLY D 21 -79.64 31.60 -23.22
CA GLY D 21 -80.98 32.04 -22.93
C GLY D 21 -81.41 31.92 -21.48
N LYS D 22 -80.58 31.36 -20.61
CA LYS D 22 -80.90 31.22 -19.20
C LYS D 22 -79.94 32.06 -18.37
N VAL D 23 -80.48 32.66 -17.30
CA VAL D 23 -79.68 33.56 -16.47
C VAL D 23 -78.71 32.76 -15.62
N THR D 24 -77.49 33.26 -15.49
CA THR D 24 -76.45 32.61 -14.70
C THR D 24 -75.71 33.53 -13.75
N GLY D 25 -75.83 34.85 -13.88
CA GLY D 25 -75.07 35.75 -13.04
C GLY D 25 -75.69 37.13 -13.05
N TYR D 26 -74.98 38.06 -12.41
CA TYR D 26 -75.41 39.45 -12.34
C TYR D 26 -74.19 40.36 -12.30
N ALA D 27 -74.30 41.51 -12.96
CA ALA D 27 -73.27 42.54 -12.92
C ALA D 27 -73.82 43.76 -12.18
N CYS D 28 -72.97 44.40 -11.39
CA CYS D 28 -73.39 45.52 -10.57
C CYS D 28 -72.52 46.73 -10.84
N LEU D 29 -73.12 47.91 -10.73
CA LEU D 29 -72.42 49.18 -10.90
C LEU D 29 -72.10 49.74 -9.53
N VAL D 30 -70.83 49.65 -9.13
CA VAL D 30 -70.38 50.16 -7.84
C VAL D 30 -69.36 51.25 -8.11
N GLY D 31 -69.55 52.41 -7.49
CA GLY D 31 -68.67 53.53 -7.73
C GLY D 31 -68.75 54.01 -9.16
N ASP D 32 -67.70 53.76 -9.94
CA ASP D 32 -67.66 54.09 -11.36
C ASP D 32 -67.09 52.92 -12.16
N LYS D 33 -67.36 51.70 -11.71
CA LYS D 33 -66.81 50.52 -12.37
C LYS D 33 -67.83 49.40 -12.43
N VAL D 34 -67.84 48.67 -13.54
CA VAL D 34 -68.63 47.46 -13.67
C VAL D 34 -67.88 46.33 -12.98
N MET D 35 -68.55 45.62 -12.09
CA MET D 35 -67.97 44.46 -11.42
C MET D 35 -68.85 43.24 -11.66
N LYS D 36 -68.25 42.18 -12.19
CA LYS D 36 -68.95 40.94 -12.45
C LYS D 36 -68.03 39.77 -12.09
N PRO D 37 -68.56 38.74 -11.45
CA PRO D 37 -67.73 37.59 -11.10
C PRO D 37 -67.12 36.95 -12.34
N ALA D 38 -65.88 36.47 -12.19
CA ALA D 38 -65.18 35.90 -13.34
C ALA D 38 -65.67 34.50 -13.68
N HIS D 39 -66.08 33.72 -12.69
CA HIS D 39 -66.43 32.32 -12.96
C HIS D 39 -67.70 32.20 -13.77
N VAL D 40 -68.66 33.12 -13.59
CA VAL D 40 -69.88 33.08 -14.38
C VAL D 40 -69.60 33.56 -15.80
N LYS D 41 -70.12 32.83 -16.78
CA LYS D 41 -69.89 33.11 -18.19
C LYS D 41 -71.21 33.46 -18.87
N GLY D 42 -71.14 34.33 -19.85
CA GLY D 42 -72.30 34.82 -20.56
C GLY D 42 -72.03 36.19 -21.13
N VAL D 43 -73.11 36.99 -21.20
CA VAL D 43 -73.02 38.37 -21.68
C VAL D 43 -74.01 39.21 -20.90
N ILE D 44 -73.66 40.48 -20.68
CA ILE D 44 -74.51 41.41 -19.96
C ILE D 44 -75.58 41.95 -20.90
N ASP D 45 -76.78 42.16 -20.36
CA ASP D 45 -77.92 42.60 -21.17
C ASP D 45 -77.88 44.11 -21.41
N ASN D 46 -76.77 44.54 -22.02
CA ASN D 46 -76.61 45.93 -22.41
C ASN D 46 -75.43 46.09 -23.37
N ALA D 47 -75.64 46.77 -24.50
CA ALA D 47 -74.59 46.92 -25.48
C ALA D 47 -73.40 47.70 -24.91
N ASP D 48 -73.68 48.79 -24.19
CA ASP D 48 -72.61 49.60 -23.62
C ASP D 48 -71.75 48.78 -22.66
N LEU D 49 -72.40 47.98 -21.81
CA LEU D 49 -71.65 47.16 -20.86
C LEU D 49 -70.98 45.98 -21.57
N ALA D 50 -71.69 45.34 -22.50
CA ALA D 50 -71.14 44.17 -23.17
C ALA D 50 -69.97 44.52 -24.08
N LYS D 51 -69.84 45.77 -24.50
CA LYS D 51 -68.75 46.18 -25.36
C LYS D 51 -67.45 46.49 -24.63
N LEU D 52 -67.49 46.59 -23.30
CA LEU D 52 -66.32 47.01 -22.55
C LEU D 52 -65.28 45.89 -22.50
N ALA D 53 -64.01 46.29 -22.41
CA ALA D 53 -62.90 45.36 -22.27
C ALA D 53 -62.62 45.14 -20.79
N PHE D 54 -62.87 43.93 -20.32
CA PHE D 54 -62.82 43.63 -18.90
C PHE D 54 -61.42 43.17 -18.49
N LYS D 55 -60.97 43.65 -17.34
CA LYS D 55 -59.70 43.21 -16.77
C LYS D 55 -59.93 41.94 -15.97
N LYS D 56 -59.10 40.93 -16.21
CA LYS D 56 -59.25 39.60 -15.64
C LYS D 56 -58.27 39.40 -14.49
N SER D 57 -58.74 38.78 -13.42
CA SER D 57 -57.89 38.37 -12.31
C SER D 57 -58.47 37.12 -11.68
N SER D 58 -57.79 36.00 -11.86
CA SER D 58 -58.32 34.73 -11.35
C SER D 58 -58.09 34.57 -9.85
N LYS D 59 -57.11 35.28 -9.28
CA LYS D 59 -56.88 35.16 -7.85
C LYS D 59 -58.07 35.67 -7.05
N TYR D 60 -58.59 36.84 -7.41
CA TYR D 60 -59.77 37.40 -6.75
C TYR D 60 -61.07 36.94 -7.36
N ASP D 61 -61.04 36.26 -8.50
CA ASP D 61 -62.23 35.77 -9.19
C ASP D 61 -63.19 36.94 -9.49
N LEU D 62 -62.70 37.88 -10.30
CA LEU D 62 -63.47 39.07 -10.60
C LEU D 62 -63.03 39.66 -11.93
N GLU D 63 -63.95 40.34 -12.61
CA GLU D 63 -63.66 41.17 -13.76
C GLU D 63 -64.14 42.59 -13.48
N CYS D 64 -63.41 43.58 -14.00
CA CYS D 64 -63.77 44.98 -13.81
C CYS D 64 -63.73 45.71 -15.15
N ALA D 65 -64.39 46.86 -15.19
CA ALA D 65 -64.29 47.77 -16.32
C ALA D 65 -64.71 49.15 -15.85
N GLN D 66 -64.25 50.17 -16.56
CA GLN D 66 -64.63 51.54 -16.25
C GLN D 66 -65.92 51.86 -17.01
N ILE D 67 -66.95 52.26 -16.27
CA ILE D 67 -68.27 52.48 -16.84
C ILE D 67 -68.24 53.64 -17.82
N PRO D 68 -69.11 53.65 -18.83
CA PRO D 68 -69.23 54.82 -19.69
C PRO D 68 -69.73 56.02 -18.91
N VAL D 69 -69.64 57.19 -19.55
CA VAL D 69 -69.91 58.45 -18.86
C VAL D 69 -71.37 58.56 -18.46
N HIS D 70 -72.29 58.03 -19.25
CA HIS D 70 -73.71 58.31 -19.08
C HIS D 70 -74.42 57.33 -18.14
N MET D 71 -73.71 56.38 -17.54
CA MET D 71 -74.24 55.63 -16.40
C MET D 71 -73.61 56.06 -15.07
N ARG D 72 -72.85 57.16 -15.06
CA ARG D 72 -72.18 57.57 -13.84
C ARG D 72 -73.16 58.03 -12.77
N SER D 73 -74.39 58.37 -13.15
CA SER D 73 -75.43 58.72 -12.19
C SER D 73 -76.32 57.54 -11.83
N ASP D 74 -76.05 56.36 -12.39
CA ASP D 74 -76.86 55.17 -12.15
C ASP D 74 -76.03 54.05 -11.50
N ALA D 75 -75.16 54.40 -10.57
CA ALA D 75 -74.28 53.44 -9.93
C ALA D 75 -74.39 53.57 -8.41
N SER D 76 -74.39 52.42 -7.74
CA SER D 76 -74.45 52.41 -6.28
C SER D 76 -73.17 53.00 -5.70
N LYS D 77 -73.27 53.52 -4.49
CA LYS D 77 -72.13 54.11 -3.81
C LYS D 77 -71.68 53.16 -2.71
N TYR D 78 -70.36 53.03 -2.57
CA TYR D 78 -69.74 51.93 -1.83
C TYR D 78 -69.31 52.38 -0.43
N THR D 79 -68.72 51.43 0.30
CA THR D 79 -68.12 51.70 1.60
C THR D 79 -67.14 50.59 1.91
N HIS D 80 -66.29 50.84 2.91
CA HIS D 80 -65.33 49.86 3.37
C HIS D 80 -65.52 49.47 4.83
N GLU D 81 -66.41 50.14 5.54
CA GLU D 81 -66.66 49.84 6.94
C GLU D 81 -67.69 48.71 7.04
N LYS D 82 -67.43 47.76 7.93
CA LYS D 82 -68.31 46.62 8.15
C LYS D 82 -68.58 46.42 9.63
N PRO D 83 -69.42 47.26 10.23
CA PRO D 83 -69.81 47.05 11.62
C PRO D 83 -70.50 45.71 11.81
N GLU D 84 -70.29 45.14 13.00
CA GLU D 84 -71.01 43.94 13.39
C GLU D 84 -72.51 44.20 13.42
N GLY D 85 -73.28 43.27 12.85
CA GLY D 85 -74.72 43.44 12.83
C GLY D 85 -75.43 42.80 11.66
N HIS D 86 -76.47 43.45 11.16
CA HIS D 86 -77.29 42.93 10.07
C HIS D 86 -77.12 43.78 8.82
N TYR D 87 -77.19 43.14 7.66
CA TYR D 87 -77.07 43.84 6.39
C TYR D 87 -78.17 43.36 5.46
N ASN D 88 -78.60 44.25 4.57
CA ASN D 88 -79.71 43.96 3.68
C ASN D 88 -79.23 43.16 2.46
N TRP D 89 -80.13 42.31 1.96
CA TRP D 89 -79.85 41.53 0.78
C TRP D 89 -81.16 41.28 0.04
N HIS D 90 -81.04 40.96 -1.25
CA HIS D 90 -82.22 40.78 -2.08
C HIS D 90 -83.06 39.58 -1.67
N HIS D 91 -82.47 38.63 -0.93
CA HIS D 91 -83.18 37.44 -0.50
C HIS D 91 -83.34 37.37 1.02
N GLY D 92 -83.37 38.52 1.69
CA GLY D 92 -83.57 38.53 3.12
C GLY D 92 -82.62 39.47 3.85
N ALA D 93 -82.23 39.09 5.06
CA ALA D 93 -81.26 39.84 5.85
C ALA D 93 -80.09 38.92 6.17
N VAL D 94 -78.88 39.38 5.85
CA VAL D 94 -77.67 38.59 6.04
C VAL D 94 -77.04 38.96 7.37
N GLN D 95 -76.39 37.99 8.00
CA GLN D 95 -75.82 38.16 9.33
C GLN D 95 -74.30 38.13 9.22
N TYR D 96 -73.67 39.25 9.52
CA TYR D 96 -72.21 39.35 9.55
C TYR D 96 -71.76 39.08 10.98
N SER D 97 -71.04 37.97 11.17
CA SER D 97 -70.64 37.57 12.52
C SER D 97 -69.23 37.00 12.49
N GLY D 98 -68.31 37.68 13.17
CA GLY D 98 -66.96 37.18 13.33
C GLY D 98 -66.22 36.98 12.02
N GLY D 99 -66.31 37.94 11.11
CA GLY D 99 -65.66 37.82 9.82
C GLY D 99 -66.37 36.91 8.85
N ARG D 100 -67.57 36.45 9.17
CA ARG D 100 -68.33 35.55 8.32
C ARG D 100 -69.65 36.20 7.93
N PHE D 101 -69.98 36.16 6.64
CA PHE D 101 -71.31 36.49 6.16
C PHE D 101 -72.11 35.19 6.09
N THR D 102 -73.17 35.10 6.87
CA THR D 102 -73.97 33.88 6.91
C THR D 102 -75.43 34.18 6.60
N ILE D 103 -76.08 33.23 5.97
CA ILE D 103 -77.49 33.35 5.57
C ILE D 103 -78.34 32.64 6.62
N PRO D 104 -79.28 33.34 7.26
CA PRO D 104 -80.04 32.69 8.35
C PRO D 104 -80.86 31.51 7.90
N THR D 105 -81.16 31.41 6.61
CA THR D 105 -82.07 30.37 6.13
C THR D 105 -81.39 29.31 5.27
N GLY D 106 -80.26 29.61 4.66
CA GLY D 106 -79.70 28.69 3.68
C GLY D 106 -80.54 28.57 2.43
N ALA D 107 -81.07 29.67 1.94
CA ALA D 107 -81.94 29.69 0.77
C ALA D 107 -81.23 30.12 -0.51
N GLY D 108 -79.92 30.37 -0.46
CA GLY D 108 -79.21 30.76 -1.66
C GLY D 108 -79.17 29.62 -2.67
N LYS D 109 -79.35 29.98 -3.94
CA LYS D 109 -79.40 28.99 -5.01
C LYS D 109 -78.45 29.40 -6.12
N PRO D 110 -77.95 28.43 -6.90
CA PRO D 110 -77.07 28.76 -8.02
C PRO D 110 -77.78 29.67 -9.01
N GLY D 111 -77.03 30.59 -9.60
CA GLY D 111 -77.58 31.60 -10.46
C GLY D 111 -77.75 32.95 -9.80
N ASP D 112 -77.49 33.05 -8.50
CA ASP D 112 -77.55 34.32 -7.78
C ASP D 112 -76.18 34.96 -7.59
N SER D 113 -75.14 34.43 -8.24
CA SER D 113 -73.82 35.02 -8.10
C SER D 113 -73.80 36.44 -8.64
N GLY D 114 -73.05 37.31 -7.97
CA GLY D 114 -72.94 38.69 -8.37
C GLY D 114 -73.93 39.63 -7.73
N ARG D 115 -74.84 39.13 -6.90
CA ARG D 115 -75.78 39.99 -6.21
C ARG D 115 -75.09 40.69 -5.04
N PRO D 116 -75.05 42.02 -5.02
CA PRO D 116 -74.33 42.71 -3.95
C PRO D 116 -75.02 42.59 -2.61
N ILE D 117 -74.26 42.89 -1.56
CA ILE D 117 -74.74 42.92 -0.19
C ILE D 117 -74.68 44.36 0.30
N PHE D 118 -75.82 44.91 0.70
CA PHE D 118 -75.93 46.32 1.00
C PHE D 118 -75.75 46.60 2.49
N ASP D 119 -75.59 47.88 2.81
CA ASP D 119 -75.50 48.34 4.18
C ASP D 119 -76.82 48.96 4.60
N ASN D 120 -76.84 49.56 5.79
CA ASN D 120 -78.06 50.19 6.28
C ASN D 120 -78.44 51.40 5.43
N LYS D 121 -77.47 52.21 5.04
CA LYS D 121 -77.72 53.43 4.28
C LYS D 121 -77.78 53.19 2.78
N GLY D 122 -77.90 51.94 2.35
CA GLY D 122 -77.84 51.63 0.94
C GLY D 122 -76.44 51.46 0.38
N ARG D 123 -75.41 51.65 1.20
CA ARG D 123 -74.04 51.45 0.76
C ARG D 123 -73.79 49.98 0.49
N VAL D 124 -72.92 49.70 -0.49
CA VAL D 124 -72.55 48.33 -0.83
C VAL D 124 -71.34 47.93 0.00
N VAL D 125 -71.39 46.73 0.54
CA VAL D 125 -70.32 46.21 1.38
C VAL D 125 -69.51 45.15 0.66
N ALA D 126 -70.15 44.24 -0.07
CA ALA D 126 -69.46 43.13 -0.67
C ALA D 126 -70.21 42.70 -1.94
N ILE D 127 -69.72 41.63 -2.55
CA ILE D 127 -70.36 40.99 -3.69
C ILE D 127 -70.34 39.49 -3.45
N VAL D 128 -71.48 38.83 -3.61
CA VAL D 128 -71.59 37.40 -3.35
C VAL D 128 -71.00 36.63 -4.52
N LEU D 129 -70.17 35.63 -4.22
CA LEU D 129 -69.63 34.73 -5.22
C LEU D 129 -70.11 33.30 -5.06
N GLY D 130 -70.08 32.76 -3.84
CA GLY D 130 -70.52 31.41 -3.60
C GLY D 130 -70.81 31.21 -2.14
N GLY D 131 -71.33 30.02 -1.82
CA GLY D 131 -71.72 29.72 -0.46
C GLY D 131 -71.35 28.30 -0.09
N ALA D 132 -71.39 28.04 1.22
CA ALA D 132 -71.07 26.74 1.77
C ALA D 132 -72.14 26.32 2.75
N ASN D 133 -72.46 25.04 2.78
CA ASN D 133 -73.48 24.50 3.68
C ASN D 133 -72.85 24.22 5.03
N GLU D 134 -73.12 25.09 6.00
CA GLU D 134 -72.59 24.96 7.35
C GLU D 134 -73.76 24.75 8.30
N GLY D 135 -74.12 23.49 8.52
CA GLY D 135 -75.27 23.19 9.35
C GLY D 135 -76.55 23.73 8.72
N SER D 136 -77.34 24.44 9.53
CA SER D 136 -78.57 25.05 9.06
C SER D 136 -78.36 26.46 8.51
N ARG D 137 -77.11 26.91 8.45
CA ARG D 137 -76.75 28.20 7.89
C ARG D 137 -75.90 28.02 6.65
N THR D 138 -75.58 29.13 6.00
CA THR D 138 -74.76 29.10 4.78
C THR D 138 -73.75 30.23 4.83
N ALA D 139 -72.47 29.89 4.91
CA ALA D 139 -71.41 30.87 4.91
C ALA D 139 -71.15 31.36 3.49
N LEU D 140 -71.13 32.68 3.32
CA LEU D 140 -71.05 33.29 2.00
C LEU D 140 -69.59 33.56 1.64
N SER D 141 -69.17 33.10 0.47
CA SER D 141 -67.88 33.46 -0.09
C SER D 141 -68.05 34.75 -0.86
N VAL D 142 -67.51 35.84 -0.33
CA VAL D 142 -67.79 37.18 -0.84
C VAL D 142 -66.49 37.83 -1.29
N VAL D 143 -66.63 39.01 -1.89
CA VAL D 143 -65.51 39.85 -2.27
C VAL D 143 -65.72 41.21 -1.63
N THR D 144 -64.90 41.54 -0.64
CA THR D 144 -65.04 42.78 0.10
C THR D 144 -63.83 43.67 -0.16
N TRP D 145 -63.92 44.92 0.31
CA TRP D 145 -62.91 45.92 0.04
C TRP D 145 -62.34 46.45 1.34
N ASN D 146 -61.03 46.65 1.36
CA ASN D 146 -60.38 47.40 2.41
C ASN D 146 -60.36 48.87 2.01
N LYS D 147 -59.56 49.68 2.70
CA LYS D 147 -59.44 51.08 2.33
C LYS D 147 -59.03 51.25 0.87
N ASP D 148 -58.12 50.41 0.40
CA ASP D 148 -57.64 50.55 -0.98
C ASP D 148 -57.53 49.24 -1.75
N MET D 149 -57.56 48.08 -1.10
CA MET D 149 -57.31 46.81 -1.77
C MET D 149 -58.59 46.00 -1.93
N VAL D 150 -58.47 44.90 -2.66
CA VAL D 150 -59.51 43.89 -2.77
C VAL D 150 -59.07 42.68 -1.96
N THR D 151 -59.99 42.12 -1.19
CA THR D 151 -59.74 40.89 -0.46
C THR D 151 -60.88 39.91 -0.75
N ARG D 152 -60.56 38.63 -0.72
CA ARG D 152 -61.54 37.58 -0.98
C ARG D 152 -61.60 36.64 0.21
N VAL D 153 -62.82 36.31 0.64
CA VAL D 153 -63.05 35.39 1.75
C VAL D 153 -63.74 34.16 1.20
N THR D 154 -63.15 32.99 1.46
CA THR D 154 -63.67 31.73 0.95
C THR D 154 -63.72 30.69 2.06
N PRO D 155 -64.87 30.50 2.69
CA PRO D 155 -64.98 29.43 3.68
C PRO D 155 -64.82 28.06 3.03
N GLU D 156 -64.27 27.13 3.81
CA GLU D 156 -64.00 25.80 3.27
C GLU D 156 -65.29 25.11 2.87
N GLY D 157 -65.22 24.36 1.76
CA GLY D 157 -66.39 23.67 1.27
C GLY D 157 -67.34 24.50 0.43
N SER D 158 -66.97 25.74 0.11
CA SER D 158 -67.85 26.61 -0.64
C SER D 158 -68.02 26.11 -2.07
N GLU D 159 -69.22 26.32 -2.60
CA GLU D 159 -69.53 26.01 -3.99
C GLU D 159 -69.82 27.30 -4.74
N GLU D 160 -69.26 27.43 -5.93
CA GLU D 160 -69.47 28.62 -6.75
C GLU D 160 -70.87 28.56 -7.34
N TRP D 161 -71.74 29.46 -6.89
CA TRP D 161 -73.09 29.53 -7.43
C TRP D 161 -73.07 30.02 -8.87
N TYR E 1 -20.39 80.84 -100.47
CA TYR E 1 -21.64 80.50 -99.83
C TYR E 1 -21.48 79.30 -98.92
N GLU E 2 -21.38 79.56 -97.62
CA GLU E 2 -21.23 78.49 -96.64
C GLU E 2 -22.44 77.56 -96.67
N HIS E 3 -22.18 76.25 -96.58
CA HIS E 3 -23.23 75.26 -96.46
C HIS E 3 -22.72 74.10 -95.63
N SER E 4 -23.65 73.39 -95.00
CA SER E 4 -23.28 72.28 -94.13
C SER E 4 -24.29 71.16 -94.30
N THR E 5 -23.85 69.94 -94.01
CA THR E 5 -24.69 68.77 -94.16
C THR E 5 -24.07 67.62 -93.38
N VAL E 6 -24.80 66.52 -93.28
CA VAL E 6 -24.35 65.32 -92.60
C VAL E 6 -24.61 64.14 -93.51
N MET E 7 -23.60 63.32 -93.75
CA MET E 7 -23.72 62.20 -94.68
C MET E 7 -23.35 60.90 -93.99
N PRO E 8 -24.03 59.81 -94.34
CA PRO E 8 -23.79 58.54 -93.63
C PRO E 8 -22.42 57.98 -93.96
N ASN E 9 -21.86 57.26 -92.99
CA ASN E 9 -20.53 56.66 -93.15
C ASN E 9 -20.66 55.23 -93.66
N VAL E 10 -21.29 55.11 -94.81
CA VAL E 10 -21.53 53.81 -95.46
C VAL E 10 -20.87 53.83 -96.82
N VAL E 11 -20.00 52.85 -97.08
CA VAL E 11 -19.23 52.83 -98.30
C VAL E 11 -20.15 52.56 -99.49
N GLY E 12 -20.11 53.44 -100.48
CA GLY E 12 -20.89 53.28 -101.68
C GLY E 12 -22.27 53.91 -101.64
N PHE E 13 -22.68 54.49 -100.53
CA PHE E 13 -24.01 55.08 -100.44
C PHE E 13 -24.07 56.35 -101.28
N PRO E 14 -25.03 56.48 -102.19
CA PRO E 14 -25.08 57.64 -103.12
C PRO E 14 -25.63 58.92 -102.50
N TYR E 15 -24.88 59.54 -101.60
CA TYR E 15 -25.39 60.71 -100.90
C TYR E 15 -25.38 61.93 -101.82
N LYS E 16 -26.50 62.63 -101.86
CA LYS E 16 -26.68 63.80 -102.71
C LYS E 16 -27.11 64.97 -101.85
N ALA E 17 -26.41 66.09 -101.96
CA ALA E 17 -26.67 67.28 -101.15
C ALA E 17 -27.31 68.34 -102.02
N HIS E 18 -28.38 68.95 -101.52
CA HIS E 18 -29.10 70.00 -102.24
C HIS E 18 -28.72 71.34 -101.64
N ILE E 19 -28.26 72.26 -102.49
CA ILE E 19 -27.81 73.58 -102.07
C ILE E 19 -28.70 74.63 -102.72
N GLU E 20 -29.38 75.42 -101.91
CA GLU E 20 -30.37 76.39 -102.39
C GLU E 20 -29.89 77.80 -102.08
N ARG E 21 -29.43 78.52 -103.09
CA ARG E 21 -29.15 79.94 -102.94
C ARG E 21 -30.35 80.72 -103.44
N PRO E 22 -30.98 81.54 -102.61
CA PRO E 22 -32.23 82.21 -103.04
C PRO E 22 -32.08 83.04 -104.29
N GLY E 23 -30.89 83.56 -104.58
CA GLY E 23 -30.75 84.34 -105.80
C GLY E 23 -30.40 83.58 -107.05
N TYR E 24 -30.21 82.27 -106.99
CA TYR E 24 -29.74 81.50 -108.14
C TYR E 24 -30.50 80.18 -108.22
N SER E 25 -30.16 79.39 -109.22
CA SER E 25 -30.80 78.09 -109.42
C SER E 25 -30.23 77.07 -108.44
N PRO E 26 -31.03 76.09 -108.02
CA PRO E 26 -30.54 75.10 -107.07
C PRO E 26 -29.45 74.23 -107.67
N LEU E 27 -28.61 73.69 -106.79
CA LEU E 27 -27.50 72.82 -107.16
C LEU E 27 -27.57 71.54 -106.35
N THR E 28 -27.14 70.44 -106.98
CA THR E 28 -27.10 69.14 -106.31
C THR E 28 -25.71 68.54 -106.47
N LEU E 29 -25.06 68.24 -105.35
CA LEU E 29 -23.75 67.63 -105.33
C LEU E 29 -23.89 66.16 -105.00
N GLN E 30 -23.03 65.33 -105.56
CA GLN E 30 -23.03 63.91 -105.25
C GLN E 30 -21.72 63.54 -104.58
N MET E 31 -21.79 63.13 -103.32
CA MET E 31 -20.62 62.72 -102.57
C MET E 31 -20.74 61.24 -102.26
N GLN E 32 -19.62 60.53 -102.30
CA GLN E 32 -19.63 59.09 -102.10
C GLN E 32 -18.33 58.66 -101.44
N VAL E 33 -18.43 57.84 -100.40
CA VAL E 33 -17.28 57.39 -99.64
C VAL E 33 -16.77 56.12 -100.32
N VAL E 34 -15.70 56.24 -101.09
CA VAL E 34 -15.14 55.08 -101.78
C VAL E 34 -14.44 54.14 -100.81
N GLU E 35 -13.81 54.70 -99.77
CA GLU E 35 -12.89 53.92 -98.94
C GLU E 35 -12.62 54.66 -97.64
N THR E 36 -12.42 53.91 -96.57
CA THR E 36 -12.01 54.47 -95.28
C THR E 36 -10.79 53.73 -94.78
N SER E 37 -10.29 54.17 -93.63
CA SER E 37 -9.14 53.51 -92.98
C SER E 37 -9.01 54.06 -91.58
N LEU E 38 -9.21 53.22 -90.57
CA LEU E 38 -9.17 53.65 -89.18
C LEU E 38 -7.86 53.19 -88.57
N GLU E 39 -6.92 54.12 -88.42
CA GLU E 39 -5.57 53.81 -87.96
C GLU E 39 -5.40 54.16 -86.50
N PRO E 40 -5.12 53.21 -85.62
CA PRO E 40 -4.85 53.54 -84.22
C PRO E 40 -3.41 53.98 -84.02
N THR E 41 -3.10 54.36 -82.78
CA THR E 41 -1.77 54.79 -82.40
C THR E 41 -1.14 53.75 -81.48
N LEU E 42 0.06 53.30 -81.83
CA LEU E 42 0.67 52.15 -81.19
C LEU E 42 1.93 52.54 -80.43
N ASN E 43 2.22 51.79 -79.36
CA ASN E 43 3.46 51.89 -78.63
C ASN E 43 3.99 50.48 -78.38
N LEU E 44 5.09 50.14 -79.02
CA LEU E 44 5.63 48.78 -78.90
C LEU E 44 6.04 48.49 -77.47
N GLU E 45 5.67 47.31 -76.97
CA GLU E 45 5.99 46.90 -75.60
C GLU E 45 7.16 45.94 -75.56
N TYR E 46 7.09 44.84 -76.31
CA TYR E 46 8.23 43.92 -76.42
C TYR E 46 8.01 43.00 -77.61
N ILE E 47 8.96 42.12 -77.83
CA ILE E 47 8.95 41.19 -78.96
C ILE E 47 9.16 39.79 -78.42
N THR E 48 8.32 38.85 -78.86
CA THR E 48 8.43 37.47 -78.45
C THR E 48 8.77 36.60 -79.64
N CYS E 49 9.61 35.58 -79.42
CA CYS E 49 9.94 34.61 -80.45
C CYS E 49 10.35 33.32 -79.75
N GLU E 50 10.53 32.28 -80.54
CA GLU E 50 10.97 31.01 -79.99
C GLU E 50 12.37 31.17 -79.41
N TYR E 51 12.69 30.38 -78.40
CA TYR E 51 14.00 30.44 -77.79
C TYR E 51 14.88 29.34 -78.35
N LYS E 52 16.15 29.36 -77.94
CA LYS E 52 17.12 28.37 -78.34
C LYS E 52 18.07 28.12 -77.18
N THR E 53 18.08 26.90 -76.67
CA THR E 53 18.91 26.54 -75.53
C THR E 53 20.33 26.25 -76.02
N VAL E 54 21.30 26.95 -75.45
CA VAL E 54 22.71 26.77 -75.81
C VAL E 54 23.38 25.96 -74.72
N VAL E 55 23.89 24.79 -75.07
CA VAL E 55 24.54 23.91 -74.09
C VAL E 55 25.99 23.69 -74.48
N PRO E 56 26.94 24.42 -73.89
CA PRO E 56 28.35 24.19 -74.21
C PRO E 56 28.81 22.84 -73.68
N SER E 57 29.92 22.36 -74.24
CA SER E 57 30.42 21.04 -73.91
C SER E 57 30.84 20.98 -72.44
N PRO E 58 30.66 19.83 -71.80
CA PRO E 58 31.00 19.71 -70.38
C PRO E 58 32.50 19.76 -70.16
N TYR E 59 32.89 20.17 -68.96
CA TYR E 59 34.28 20.19 -68.53
C TYR E 59 34.46 19.13 -67.46
N VAL E 60 35.17 18.06 -67.80
CA VAL E 60 35.46 16.97 -66.89
C VAL E 60 36.89 17.16 -66.39
N LYS E 61 37.04 17.34 -65.08
CA LYS E 61 38.36 17.52 -64.48
C LYS E 61 38.88 16.18 -63.98
N CYS E 62 39.94 15.68 -64.61
CA CYS E 62 40.54 14.43 -64.18
C CYS E 62 41.36 14.68 -62.93
N CYS E 63 41.03 13.96 -61.85
CA CYS E 63 41.76 14.01 -60.59
C CYS E 63 41.79 15.43 -60.02
N GLY E 64 40.62 15.90 -59.63
CA GLY E 64 40.52 17.21 -59.02
C GLY E 64 39.08 17.57 -58.74
N ALA E 65 38.86 18.83 -58.38
CA ALA E 65 37.52 19.35 -58.16
C ALA E 65 37.41 20.72 -58.79
N SER E 66 36.23 21.03 -59.31
CA SER E 66 35.99 22.28 -60.02
C SER E 66 34.93 23.09 -59.30
N GLU E 67 35.00 24.41 -59.45
CA GLU E 67 34.12 25.32 -58.75
C GLU E 67 33.25 26.08 -59.76
N CYS E 68 31.95 26.14 -59.49
CA CYS E 68 31.02 26.84 -60.36
C CYS E 68 31.15 28.34 -60.21
N SER E 69 30.95 29.05 -61.33
CA SER E 69 31.04 30.50 -61.36
C SER E 69 29.76 31.06 -61.98
N THR E 70 29.26 32.14 -61.40
CA THR E 70 28.03 32.76 -61.88
C THR E 70 28.31 33.72 -63.03
N LYS E 71 27.32 33.88 -63.90
CA LYS E 71 27.42 34.74 -65.06
C LYS E 71 26.11 35.50 -65.23
N GLU E 72 26.18 36.59 -65.99
CA GLU E 72 25.00 37.41 -66.26
C GLU E 72 24.47 37.04 -67.65
N LYS E 73 23.81 35.90 -67.72
CA LYS E 73 23.16 35.42 -68.93
C LYS E 73 21.71 35.10 -68.62
N PRO E 74 20.82 35.22 -69.60
CA PRO E 74 19.40 34.98 -69.33
C PRO E 74 19.14 33.53 -68.97
N ASP E 75 18.61 33.32 -67.77
CA ASP E 75 18.22 32.00 -67.29
C ASP E 75 19.43 31.05 -67.28
N TYR E 76 20.51 31.51 -66.67
CA TYR E 76 21.74 30.74 -66.60
C TYR E 76 21.64 29.66 -65.52
N GLN E 77 22.21 28.49 -65.78
CA GLN E 77 22.21 27.38 -64.84
C GLN E 77 23.56 26.70 -64.87
N CYS E 78 24.11 26.40 -63.69
CA CYS E 78 25.42 25.77 -63.61
C CYS E 78 25.50 24.93 -62.35
N LYS E 79 26.08 23.73 -62.49
CA LYS E 79 26.22 22.82 -61.36
C LYS E 79 27.47 21.97 -61.56
N VAL E 80 27.98 21.44 -60.45
CA VAL E 80 29.14 20.56 -60.48
C VAL E 80 28.77 19.22 -59.84
N TYR E 81 29.11 18.14 -60.53
CA TYR E 81 28.76 16.80 -60.10
C TYR E 81 30.02 16.01 -59.77
N THR E 82 30.02 15.37 -58.61
CA THR E 82 31.19 14.70 -58.08
C THR E 82 31.06 13.19 -58.21
N GLY E 83 32.19 12.55 -58.47
CA GLY E 83 32.23 11.11 -58.55
C GLY E 83 31.96 10.53 -59.92
N VAL E 84 32.07 11.32 -60.97
CA VAL E 84 31.83 10.81 -62.32
C VAL E 84 33.05 10.03 -62.81
N TYR E 85 32.78 9.00 -63.59
CA TYR E 85 33.82 8.21 -64.25
C TYR E 85 33.43 8.08 -65.71
N PRO E 86 33.68 9.10 -66.52
CA PRO E 86 33.22 9.09 -67.91
C PRO E 86 33.93 8.04 -68.73
N PHE E 87 33.43 7.87 -69.96
CA PHE E 87 34.01 6.95 -70.92
C PHE E 87 34.06 7.63 -72.27
N MET E 88 34.99 7.19 -73.10
CA MET E 88 35.04 7.60 -74.50
C MET E 88 35.15 6.36 -75.36
N TRP E 89 35.28 6.58 -76.67
CA TRP E 89 35.12 5.47 -77.61
C TRP E 89 36.21 4.42 -77.44
N GLY E 90 37.44 4.84 -77.19
CA GLY E 90 38.53 3.90 -77.06
C GLY E 90 38.86 3.47 -75.65
N GLY E 91 38.58 4.31 -74.68
CA GLY E 91 38.84 3.96 -73.30
C GLY E 91 38.42 5.10 -72.39
N ALA E 92 38.36 4.79 -71.10
CA ALA E 92 37.77 5.69 -70.12
C ALA E 92 38.88 6.54 -69.53
N TYR E 93 38.88 7.84 -69.85
CA TYR E 93 39.95 8.69 -69.37
C TYR E 93 39.60 9.16 -67.95
N CYS E 94 40.41 10.06 -67.40
CA CYS E 94 40.40 10.36 -65.97
C CYS E 94 40.68 9.10 -65.15
N PHE E 95 41.95 8.67 -65.25
CA PHE E 95 42.46 7.50 -64.52
C PHE E 95 42.00 7.38 -63.07
N CYS E 96 41.87 8.49 -62.35
CA CYS E 96 41.38 8.40 -60.99
C CYS E 96 40.01 7.74 -60.96
N ASP E 97 39.86 6.73 -60.09
CA ASP E 97 38.66 5.90 -60.12
C ASP E 97 37.41 6.70 -59.77
N SER E 98 37.50 7.56 -58.75
CA SER E 98 36.32 8.27 -58.27
C SER E 98 36.56 9.74 -57.96
N GLU E 99 37.79 10.23 -58.02
CA GLU E 99 38.07 11.63 -57.71
C GLU E 99 38.03 12.46 -58.99
N ASN E 100 36.82 12.62 -59.50
CA ASN E 100 36.56 13.43 -60.69
C ASN E 100 35.37 14.33 -60.44
N THR E 101 35.23 15.35 -61.28
CA THR E 101 34.12 16.29 -61.15
C THR E 101 33.75 16.81 -62.53
N GLN E 102 32.45 16.83 -62.81
CA GLN E 102 31.92 17.34 -64.07
C GLN E 102 31.14 18.62 -63.81
N LEU E 103 31.34 19.60 -64.67
CA LEU E 103 30.64 20.88 -64.60
C LEU E 103 29.68 20.98 -65.78
N SER E 104 28.40 21.18 -65.50
CA SER E 104 27.37 21.31 -66.52
C SER E 104 26.92 22.76 -66.62
N GLU E 105 26.76 23.25 -67.84
CA GLU E 105 26.42 24.65 -68.05
C GLU E 105 25.42 24.77 -69.19
N ALA E 106 24.41 25.61 -68.98
CA ALA E 106 23.41 25.85 -70.03
C ALA E 106 22.75 27.20 -69.79
N TYR E 107 22.28 27.82 -70.86
CA TYR E 107 21.60 29.10 -70.77
C TYR E 107 20.72 29.27 -72.02
N VAL E 108 19.80 30.21 -71.95
CA VAL E 108 18.79 30.43 -72.98
C VAL E 108 19.21 31.62 -73.82
N ASP E 109 18.92 31.55 -75.12
CA ASP E 109 19.24 32.66 -76.02
C ASP E 109 18.14 32.81 -77.05
N ARG E 110 17.99 34.04 -77.54
CA ARG E 110 17.00 34.33 -78.56
C ARG E 110 17.30 33.54 -79.83
N SER E 111 16.24 33.11 -80.53
CA SER E 111 16.39 32.17 -81.63
C SER E 111 17.19 32.78 -82.77
N ASP E 112 17.41 31.96 -83.79
CA ASP E 112 18.20 32.38 -84.94
C ASP E 112 17.43 33.32 -85.84
N VAL E 113 16.15 33.07 -86.05
CA VAL E 113 15.36 33.83 -87.01
C VAL E 113 14.32 34.67 -86.29
N CYS E 114 14.63 35.09 -85.07
CA CYS E 114 13.71 35.92 -84.31
C CYS E 114 13.40 37.23 -85.01
N ARG E 115 14.25 37.68 -85.92
CA ARG E 115 13.97 38.90 -86.66
C ARG E 115 13.12 38.66 -87.90
N HIS E 116 12.76 37.42 -88.18
CA HIS E 116 11.91 37.10 -89.33
C HIS E 116 10.54 36.56 -88.93
N ASP E 117 10.43 35.95 -87.75
CA ASP E 117 9.19 35.31 -87.30
C ASP E 117 9.01 35.65 -85.82
N HIS E 118 8.39 36.78 -85.54
CA HIS E 118 8.21 37.21 -84.17
C HIS E 118 6.87 37.93 -84.03
N ALA E 119 6.35 37.94 -82.81
CA ALA E 119 5.09 38.57 -82.51
C ALA E 119 5.33 39.83 -81.69
N SER E 120 4.57 40.87 -81.98
CA SER E 120 4.75 42.16 -81.32
C SER E 120 3.58 42.41 -80.40
N ALA E 121 3.86 42.94 -79.21
CA ALA E 121 2.83 43.30 -78.25
C ALA E 121 2.75 44.81 -78.17
N TYR E 122 1.57 45.36 -78.44
CA TYR E 122 1.39 46.81 -78.55
C TYR E 122 0.39 47.31 -77.54
N LYS E 123 0.20 48.63 -77.53
CA LYS E 123 -0.88 49.29 -76.81
C LYS E 123 -1.51 50.30 -77.75
N ALA E 124 -2.82 50.20 -77.96
CA ALA E 124 -3.51 50.99 -78.97
C ALA E 124 -4.46 51.97 -78.29
N HIS E 125 -4.42 53.23 -78.73
CA HIS E 125 -5.32 54.24 -78.18
C HIS E 125 -5.49 55.35 -79.21
N THR E 126 -6.54 56.14 -79.01
CA THR E 126 -6.84 57.36 -79.77
C THR E 126 -6.64 57.17 -81.28
N ALA E 127 -7.48 56.31 -81.84
CA ALA E 127 -7.43 56.04 -83.27
C ALA E 127 -7.78 57.28 -84.09
N SER E 128 -7.19 57.38 -85.28
CA SER E 128 -7.41 58.49 -86.20
C SER E 128 -7.96 57.95 -87.51
N LEU E 129 -9.03 58.57 -88.00
CA LEU E 129 -9.75 58.06 -89.16
C LEU E 129 -9.35 58.81 -90.42
N LYS E 130 -9.44 58.12 -91.55
CA LYS E 130 -9.03 58.62 -92.85
C LYS E 130 -10.05 58.14 -93.88
N ALA E 131 -10.09 58.78 -95.04
CA ALA E 131 -11.10 58.42 -96.01
C ALA E 131 -10.60 58.70 -97.41
N LYS E 132 -11.42 58.34 -98.39
CA LYS E 132 -11.16 58.66 -99.79
C LYS E 132 -12.50 58.87 -100.49
N VAL E 133 -12.88 60.11 -100.70
CA VAL E 133 -14.23 60.49 -101.07
C VAL E 133 -14.25 60.94 -102.52
N ARG E 134 -15.26 60.51 -103.27
CA ARG E 134 -15.48 60.93 -104.64
C ARG E 134 -16.60 61.96 -104.69
N VAL E 135 -16.31 63.11 -105.29
CA VAL E 135 -17.25 64.22 -105.36
C VAL E 135 -17.47 64.57 -106.83
N MET E 136 -18.72 64.58 -107.26
CA MET E 136 -19.03 64.96 -108.64
C MET E 136 -20.26 65.85 -108.65
N TYR E 137 -20.22 66.87 -109.51
CA TYR E 137 -21.32 67.79 -109.69
C TYR E 137 -21.04 68.63 -110.92
N GLY E 138 -22.09 69.25 -111.46
CA GLY E 138 -21.94 70.09 -112.63
C GLY E 138 -21.31 69.31 -113.76
N ASN E 139 -20.06 69.67 -114.08
CA ASN E 139 -19.27 68.89 -115.04
C ASN E 139 -17.93 68.45 -114.45
N VAL E 140 -17.80 68.43 -113.13
CA VAL E 140 -16.55 68.05 -112.49
C VAL E 140 -16.72 66.72 -111.77
N ASN E 141 -15.92 65.75 -112.16
CA ASN E 141 -15.73 64.48 -111.45
C ASN E 141 -14.58 64.69 -110.48
N GLN E 142 -13.96 63.59 -110.01
CA GLN E 142 -12.66 63.56 -109.31
C GLN E 142 -12.79 63.08 -107.87
N THR E 143 -11.83 62.25 -107.44
CA THR E 143 -11.78 61.67 -106.11
C THR E 143 -10.60 62.27 -105.37
N VAL E 144 -10.79 62.55 -104.07
CA VAL E 144 -9.75 63.16 -103.27
C VAL E 144 -9.54 62.33 -102.01
N ASP E 145 -8.41 62.57 -101.35
CA ASP E 145 -8.05 61.89 -100.12
C ASP E 145 -8.05 62.91 -98.99
N VAL E 146 -8.78 62.60 -97.91
CA VAL E 146 -9.04 63.55 -96.84
C VAL E 146 -8.77 62.89 -95.50
N TYR E 147 -8.53 63.71 -94.48
CA TYR E 147 -8.59 63.26 -93.11
C TYR E 147 -9.97 63.61 -92.54
N VAL E 148 -10.60 62.65 -91.89
CA VAL E 148 -11.93 62.89 -91.30
C VAL E 148 -11.67 63.39 -89.88
N ASN E 149 -11.39 64.68 -89.78
CA ASN E 149 -11.43 65.45 -88.56
C ASN E 149 -11.44 66.91 -89.00
N GLY E 150 -12.16 67.75 -88.27
CA GLY E 150 -12.43 69.07 -88.81
C GLY E 150 -11.21 69.95 -88.96
N ASP E 151 -10.11 69.39 -89.49
CA ASP E 151 -8.84 70.09 -89.60
C ASP E 151 -8.10 69.74 -90.89
N HIS E 152 -8.83 69.53 -91.99
CA HIS E 152 -8.19 69.34 -93.30
C HIS E 152 -9.19 69.71 -94.37
N ALA E 153 -8.93 70.80 -95.08
CA ALA E 153 -9.82 71.31 -96.11
C ALA E 153 -9.20 71.09 -97.47
N VAL E 154 -9.91 70.39 -98.35
CA VAL E 154 -9.41 70.05 -99.67
C VAL E 154 -10.28 70.72 -100.71
N THR E 155 -9.64 71.24 -101.75
CA THR E 155 -10.33 72.04 -102.76
C THR E 155 -10.59 71.19 -104.00
N ILE E 156 -11.85 71.12 -104.40
CA ILE E 156 -12.29 70.34 -105.56
C ILE E 156 -12.98 71.29 -106.52
N GLY E 157 -12.30 71.67 -107.59
CA GLY E 157 -12.91 72.55 -108.57
C GLY E 157 -13.35 73.89 -108.03
N GLY E 158 -12.53 74.50 -107.18
CA GLY E 158 -12.84 75.80 -106.61
C GLY E 158 -13.72 75.77 -105.38
N THR E 159 -14.06 74.60 -104.85
CA THR E 159 -14.91 74.46 -103.69
C THR E 159 -14.11 73.85 -102.54
N GLN E 160 -14.24 74.41 -101.35
CA GLN E 160 -13.53 73.91 -100.18
C GLN E 160 -14.41 73.00 -99.35
N PHE E 161 -13.92 71.79 -99.07
CA PHE E 161 -14.67 70.78 -98.33
C PHE E 161 -13.93 70.45 -97.05
N ILE E 162 -14.64 70.43 -95.92
CA ILE E 162 -14.08 70.01 -94.65
C ILE E 162 -14.99 68.92 -94.09
N PHE E 163 -14.42 67.76 -93.81
CA PHE E 163 -15.20 66.62 -93.33
C PHE E 163 -15.02 66.54 -91.82
N GLY E 164 -16.10 66.77 -91.09
CA GLY E 164 -16.05 66.91 -89.66
C GLY E 164 -15.76 65.60 -88.96
N PRO E 165 -15.51 65.64 -87.66
CA PRO E 165 -15.16 64.42 -86.93
C PRO E 165 -16.31 63.44 -86.94
N LEU E 166 -15.98 62.16 -86.82
CA LEU E 166 -17.00 61.13 -86.84
C LEU E 166 -17.95 61.32 -85.66
N SER E 167 -19.21 60.94 -85.87
CA SER E 167 -20.22 61.11 -84.84
C SER E 167 -19.89 60.29 -83.60
N SER E 168 -19.46 59.05 -83.78
CA SER E 168 -19.18 58.14 -82.68
C SER E 168 -17.69 58.08 -82.40
N ALA E 169 -17.34 57.31 -81.37
CA ALA E 169 -15.94 57.12 -81.00
C ALA E 169 -15.66 55.64 -80.77
N TRP E 170 -16.06 54.80 -81.71
CA TRP E 170 -15.99 53.36 -81.58
C TRP E 170 -14.79 52.82 -82.36
N THR E 171 -13.94 52.07 -81.69
CA THR E 171 -12.78 51.43 -82.30
C THR E 171 -12.75 49.95 -81.94
N PRO E 172 -12.52 49.08 -82.93
CA PRO E 172 -12.55 47.63 -82.64
C PRO E 172 -11.35 47.12 -81.88
N PHE E 173 -10.26 47.88 -81.80
CA PHE E 173 -9.06 47.45 -81.08
C PHE E 173 -9.19 47.78 -79.61
N ASP E 174 -8.96 46.80 -78.75
CA ASP E 174 -8.99 47.03 -77.31
C ASP E 174 -7.71 47.77 -76.90
N ASN E 175 -7.48 47.86 -75.59
CA ASN E 175 -6.32 48.60 -75.11
C ASN E 175 -5.01 47.90 -75.47
N LYS E 176 -4.98 46.58 -75.38
CA LYS E 176 -3.77 45.81 -75.63
C LYS E 176 -3.95 44.94 -76.87
N ILE E 177 -2.95 44.95 -77.74
CA ILE E 177 -2.99 44.33 -79.05
C ILE E 177 -1.75 43.49 -79.23
N VAL E 178 -1.91 42.32 -79.85
CA VAL E 178 -0.80 41.48 -80.27
C VAL E 178 -0.90 41.26 -81.76
N VAL E 179 0.16 41.57 -82.49
CA VAL E 179 0.16 41.54 -83.95
C VAL E 179 1.15 40.48 -84.42
N TYR E 180 0.68 39.54 -85.24
CA TYR E 180 1.54 38.50 -85.79
C TYR E 180 1.28 38.41 -87.28
N LYS E 181 2.30 38.76 -88.07
CA LYS E 181 2.21 38.74 -89.53
C LYS E 181 1.06 39.59 -90.04
N ASP E 182 -0.07 38.97 -90.35
CA ASP E 182 -1.21 39.68 -90.91
C ASP E 182 -2.46 39.35 -90.11
N GLU E 183 -2.36 39.41 -88.79
CA GLU E 183 -3.45 39.07 -87.90
C GLU E 183 -3.34 39.89 -86.63
N VAL E 184 -4.49 40.34 -86.12
CA VAL E 184 -4.54 41.15 -84.92
C VAL E 184 -5.37 40.41 -83.88
N PHE E 185 -4.87 40.32 -82.66
CA PHE E 185 -5.53 39.58 -81.59
C PHE E 185 -5.77 40.50 -80.42
N ASN E 186 -6.99 40.47 -79.86
CA ASN E 186 -7.29 41.24 -78.66
C ASN E 186 -6.87 40.42 -77.46
N GLN E 187 -5.65 40.64 -77.00
CA GLN E 187 -5.04 39.81 -75.98
C GLN E 187 -4.62 40.66 -74.80
N ASP E 188 -4.48 40.03 -73.65
CA ASP E 188 -4.01 40.67 -72.43
C ASP E 188 -2.65 40.07 -72.07
N PHE E 189 -1.59 40.60 -72.67
CA PHE E 189 -0.28 40.02 -72.46
C PHE E 189 0.29 40.43 -71.10
N PRO E 190 1.15 39.59 -70.52
CA PRO E 190 1.74 39.95 -69.24
C PRO E 190 2.74 41.09 -69.41
N PRO E 191 2.93 41.90 -68.39
CA PRO E 191 3.84 43.05 -68.51
C PRO E 191 5.28 42.58 -68.68
N TYR E 192 6.11 43.45 -69.23
CA TYR E 192 7.52 43.13 -69.37
C TYR E 192 8.13 42.80 -68.02
N GLY E 193 8.94 41.76 -67.98
CA GLY E 193 9.60 41.35 -66.77
C GLY E 193 8.84 40.37 -65.91
N SER E 194 7.63 39.96 -66.32
CA SER E 194 6.87 39.00 -65.53
C SER E 194 6.13 38.01 -66.41
N GLY E 195 6.83 37.45 -67.39
CA GLY E 195 6.26 36.36 -68.15
C GLY E 195 6.29 35.06 -67.38
N GLN E 196 5.63 34.04 -67.93
CA GLN E 196 5.59 32.76 -67.24
C GLN E 196 6.00 31.63 -68.17
N PRO E 197 6.64 30.60 -67.65
CA PRO E 197 7.10 29.51 -68.52
C PRO E 197 5.96 28.77 -69.19
N GLY E 198 6.16 28.39 -70.44
CA GLY E 198 5.22 27.58 -71.16
C GLY E 198 4.09 28.30 -71.84
N ARG E 199 3.97 29.62 -71.67
CA ARG E 199 2.86 30.35 -72.27
C ARG E 199 3.40 31.54 -73.07
N PHE E 200 2.52 32.41 -73.54
CA PHE E 200 2.96 33.52 -74.38
C PHE E 200 3.91 34.42 -73.60
N GLY E 201 4.97 34.85 -74.27
CA GLY E 201 5.94 35.74 -73.64
C GLY E 201 6.75 35.11 -72.53
N ASP E 202 7.20 33.87 -72.70
CA ASP E 202 8.17 33.32 -71.76
C ASP E 202 9.49 34.06 -71.85
N ILE E 203 9.92 34.40 -73.07
CA ILE E 203 11.09 35.25 -73.28
C ILE E 203 10.62 36.54 -73.93
N GLN E 204 11.05 37.66 -73.38
CA GLN E 204 10.57 38.97 -73.81
C GLN E 204 11.76 39.86 -74.13
N SER E 205 11.78 40.41 -75.33
CA SER E 205 12.83 41.30 -75.77
C SER E 205 12.23 42.66 -76.07
N ARG E 206 12.81 43.71 -75.50
CA ARG E 206 12.20 45.03 -75.60
C ARG E 206 12.10 45.50 -77.04
N THR E 207 13.03 45.07 -77.90
CA THR E 207 12.99 45.41 -79.30
C THR E 207 13.70 44.30 -80.06
N VAL E 208 13.38 44.18 -81.35
CA VAL E 208 13.97 43.12 -82.16
C VAL E 208 15.49 43.24 -82.18
N GLU E 209 16.02 44.46 -82.11
CA GLU E 209 17.46 44.69 -82.09
C GLU E 209 18.02 44.88 -80.69
N SER E 210 17.19 44.81 -79.65
CA SER E 210 17.65 45.07 -78.30
C SER E 210 18.54 43.94 -77.79
N ASN E 211 19.59 44.30 -77.06
CA ASN E 211 20.50 43.31 -76.51
C ASN E 211 19.93 42.62 -75.28
N ASP E 212 19.20 43.36 -74.44
CA ASP E 212 18.67 42.80 -73.20
C ASP E 212 17.62 41.73 -73.50
N LEU E 213 17.58 40.72 -72.65
CA LEU E 213 16.62 39.64 -72.80
C LEU E 213 16.20 39.16 -71.42
N TYR E 214 14.91 38.87 -71.28
CA TYR E 214 14.36 38.31 -70.05
C TYR E 214 13.74 36.97 -70.40
N ALA E 215 14.32 35.89 -69.88
CA ALA E 215 13.86 34.55 -70.18
C ALA E 215 13.51 33.82 -68.89
N ASN E 216 12.42 33.08 -68.92
CA ASN E 216 11.94 32.37 -67.73
C ASN E 216 11.23 31.10 -68.21
N THR E 217 11.98 29.99 -68.29
CA THR E 217 11.45 28.76 -68.83
C THR E 217 11.74 27.55 -67.95
N ALA E 218 12.13 27.77 -66.70
CA ALA E 218 12.35 26.69 -65.74
C ALA E 218 13.36 25.66 -66.24
N LEU E 219 14.47 26.17 -66.78
CA LEU E 219 15.56 25.30 -67.19
C LEU E 219 16.18 24.64 -65.96
N LYS E 220 16.44 23.34 -66.05
CA LYS E 220 16.99 22.60 -64.94
C LYS E 220 17.96 21.56 -65.45
N LEU E 221 18.97 21.25 -64.64
CA LEU E 221 19.99 20.28 -64.98
C LEU E 221 19.86 19.06 -64.09
N ALA E 222 20.25 17.90 -64.64
CA ALA E 222 20.14 16.64 -63.93
C ALA E 222 21.47 15.91 -63.98
N ARG E 223 21.71 15.06 -62.98
CA ARG E 223 22.98 14.38 -62.86
C ARG E 223 23.21 13.44 -64.04
N PRO E 224 24.39 13.43 -64.64
CA PRO E 224 24.63 12.54 -65.78
C PRO E 224 24.60 11.08 -65.37
N SER E 225 24.24 10.24 -66.33
CA SER E 225 24.22 8.80 -66.10
C SER E 225 25.64 8.28 -65.95
N PRO E 226 25.83 7.17 -65.25
CA PRO E 226 27.17 6.59 -65.15
C PRO E 226 27.68 6.14 -66.51
N GLY E 227 28.97 6.35 -66.73
CA GLY E 227 29.61 5.94 -67.96
C GLY E 227 29.15 6.66 -69.21
N MET E 228 28.80 7.94 -69.08
CA MET E 228 28.37 8.72 -70.24
C MET E 228 28.80 10.17 -70.06
N VAL E 229 28.82 10.89 -71.18
CA VAL E 229 29.12 12.33 -71.20
C VAL E 229 28.03 12.98 -72.04
N HIS E 230 26.99 13.51 -71.40
CA HIS E 230 25.91 14.08 -72.20
C HIS E 230 25.28 15.37 -71.70
N VAL E 231 25.48 15.78 -70.45
CA VAL E 231 24.85 17.00 -69.92
C VAL E 231 23.33 16.91 -70.09
N PRO E 232 22.63 16.14 -69.28
CA PRO E 232 21.17 16.09 -69.38
C PRO E 232 20.54 17.35 -68.81
N TYR E 233 19.35 17.67 -69.30
CA TYR E 233 18.60 18.81 -68.79
C TYR E 233 17.13 18.63 -69.14
N THR E 234 16.29 19.40 -68.46
CA THR E 234 14.86 19.41 -68.72
C THR E 234 14.36 20.85 -68.78
N GLN E 235 13.40 21.10 -69.66
CA GLN E 235 12.97 22.47 -69.93
C GLN E 235 11.55 22.46 -70.44
N THR E 236 10.72 23.35 -69.92
CA THR E 236 9.36 23.49 -70.40
C THR E 236 9.36 24.02 -71.83
N PRO E 237 8.57 23.43 -72.73
CA PRO E 237 8.67 23.79 -74.15
C PRO E 237 8.36 25.27 -74.40
N SER E 238 8.62 25.68 -75.63
CA SER E 238 8.51 27.07 -76.01
C SER E 238 7.09 27.58 -75.83
N GLY E 239 6.97 28.82 -75.35
CA GLY E 239 5.66 29.42 -75.23
C GLY E 239 5.14 29.98 -76.54
N PHE E 240 6.03 30.38 -77.44
CA PHE E 240 5.58 30.92 -78.72
C PHE E 240 4.92 29.85 -79.57
N LYS E 241 5.49 28.64 -79.59
CA LYS E 241 4.89 27.58 -80.40
C LYS E 241 3.51 27.21 -79.88
N TYR E 242 3.35 27.12 -78.56
CA TYR E 242 2.04 26.79 -78.04
C TYR E 242 1.06 27.95 -78.20
N TRP E 243 1.54 29.19 -78.17
CA TRP E 243 0.64 30.29 -78.51
C TRP E 243 0.19 30.19 -79.95
N LEU E 244 1.09 29.80 -80.86
CA LEU E 244 0.67 29.60 -82.24
C LEU E 244 -0.38 28.51 -82.35
N LYS E 245 -0.20 27.42 -81.60
CA LYS E 245 -1.14 26.31 -81.73
C LYS E 245 -2.49 26.60 -81.10
N GLU E 246 -2.56 27.37 -80.02
CA GLU E 246 -3.81 27.57 -79.31
C GLU E 246 -4.08 29.05 -79.06
N LYS E 247 -3.79 29.90 -80.04
CA LYS E 247 -4.12 31.31 -79.89
C LYS E 247 -5.63 31.52 -79.93
N GLY E 248 -6.30 30.90 -80.89
CA GLY E 248 -7.75 30.93 -80.94
C GLY E 248 -8.28 32.20 -81.57
N THR E 249 -9.22 32.04 -82.51
CA THR E 249 -9.88 33.15 -83.19
C THR E 249 -8.87 34.12 -83.78
N ALA E 250 -9.31 35.36 -83.97
CA ALA E 250 -8.49 36.47 -84.44
C ALA E 250 -9.29 37.72 -84.18
N LEU E 251 -8.91 38.82 -84.81
CA LEU E 251 -9.82 39.93 -84.97
C LEU E 251 -10.32 40.07 -86.39
N ASN E 252 -9.62 39.47 -87.36
CA ASN E 252 -10.05 39.57 -88.75
C ASN E 252 -11.39 38.90 -88.96
N THR E 253 -11.63 37.79 -88.26
CA THR E 253 -12.86 37.00 -88.41
C THR E 253 -13.83 37.23 -87.27
N LYS E 254 -13.68 38.31 -86.53
CA LYS E 254 -14.52 38.56 -85.37
C LYS E 254 -14.94 40.01 -85.23
N ALA E 255 -14.43 40.92 -86.05
CA ALA E 255 -14.66 42.33 -85.86
C ALA E 255 -16.10 42.69 -86.15
N PRO E 256 -16.70 43.58 -85.38
CA PRO E 256 -18.08 43.99 -85.63
C PRO E 256 -18.16 44.95 -86.81
N PHE E 257 -19.38 45.18 -87.25
CA PHE E 257 -19.72 46.15 -88.30
C PHE E 257 -19.08 45.83 -89.64
N GLY E 258 -18.59 44.61 -89.82
CA GLY E 258 -18.17 44.15 -91.12
C GLY E 258 -17.01 44.90 -91.71
N CYS E 259 -15.96 45.09 -90.93
CA CYS E 259 -14.78 45.82 -91.39
C CYS E 259 -13.51 44.99 -91.30
N GLN E 260 -12.72 45.07 -92.38
CA GLN E 260 -11.53 44.27 -92.56
C GLN E 260 -10.43 44.78 -91.64
N ILE E 261 -9.74 43.88 -90.96
CA ILE E 261 -8.53 44.22 -90.25
C ILE E 261 -7.34 43.94 -91.15
N LYS E 262 -6.34 44.80 -91.10
CA LYS E 262 -5.13 44.59 -91.88
C LYS E 262 -3.92 44.92 -91.03
N THR E 263 -2.74 44.74 -91.60
CA THR E 263 -1.51 44.95 -90.87
C THR E 263 -0.52 45.72 -91.72
N ASN E 264 0.44 46.35 -91.03
CA ASN E 264 1.54 47.09 -91.64
C ASN E 264 1.04 48.26 -92.49
N PRO E 265 0.51 49.32 -91.87
CA PRO E 265 0.25 49.49 -90.44
C PRO E 265 -1.07 48.87 -90.05
N VAL E 266 -1.35 48.68 -88.77
CA VAL E 266 -2.64 48.13 -88.38
C VAL E 266 -3.72 49.14 -88.69
N ARG E 267 -4.82 48.68 -89.27
CA ARG E 267 -5.93 49.57 -89.62
C ARG E 267 -7.14 48.72 -89.90
N ALA E 268 -8.32 49.30 -89.67
CA ALA E 268 -9.60 48.62 -89.90
C ALA E 268 -10.35 49.38 -90.97
N MET E 269 -10.48 48.78 -92.14
CA MET E 269 -10.95 49.47 -93.33
C MET E 269 -12.42 49.22 -93.61
N ASN E 270 -13.07 50.21 -94.23
CA ASN E 270 -14.45 50.10 -94.69
C ASN E 270 -15.38 49.62 -93.58
N CYS E 271 -15.45 50.42 -92.52
CA CYS E 271 -16.04 49.95 -91.27
C CYS E 271 -17.21 50.86 -90.98
N ALA E 272 -18.42 50.38 -91.25
CA ALA E 272 -19.60 51.23 -91.36
C ALA E 272 -20.17 51.51 -89.99
N VAL E 273 -20.04 52.76 -89.53
CA VAL E 273 -20.62 53.20 -88.27
C VAL E 273 -20.61 54.72 -88.26
N GLY E 274 -21.67 55.32 -87.73
CA GLY E 274 -21.68 56.74 -87.47
C GLY E 274 -22.00 57.59 -88.68
N ASN E 275 -21.86 58.89 -88.48
CA ASN E 275 -22.15 59.90 -89.49
C ASN E 275 -20.96 60.82 -89.66
N ILE E 276 -20.84 61.41 -90.84
CA ILE E 276 -19.71 62.28 -91.16
C ILE E 276 -20.21 63.68 -91.52
N PRO E 277 -20.17 64.64 -90.59
CA PRO E 277 -20.56 66.00 -90.95
C PRO E 277 -19.62 66.60 -91.98
N VAL E 278 -20.17 67.47 -92.82
CA VAL E 278 -19.44 68.06 -93.93
C VAL E 278 -19.67 69.56 -93.92
N SER E 279 -18.62 70.33 -94.22
CA SER E 279 -18.73 71.78 -94.40
C SER E 279 -18.18 72.13 -95.77
N MET E 280 -18.84 73.04 -96.46
CA MET E 280 -18.46 73.43 -97.81
C MET E 280 -18.27 74.93 -97.86
N ASN E 281 -17.78 75.42 -98.99
CA ASN E 281 -17.68 76.85 -99.24
C ASN E 281 -17.56 77.07 -100.74
N LEU E 282 -18.66 77.40 -101.37
CA LEU E 282 -18.69 77.39 -102.83
C LEU E 282 -18.48 78.79 -103.39
N PRO E 283 -17.82 78.89 -104.53
CA PRO E 283 -17.65 80.20 -105.18
C PRO E 283 -18.91 80.62 -105.91
N ASP E 284 -18.92 81.87 -106.36
CA ASP E 284 -20.08 82.38 -107.07
C ASP E 284 -20.22 81.81 -108.47
N SER E 285 -19.16 81.18 -109.00
CA SER E 285 -19.22 80.65 -110.36
C SER E 285 -19.86 79.29 -110.44
N ALA E 286 -20.02 78.58 -109.33
CA ALA E 286 -20.64 77.27 -109.36
C ALA E 286 -22.13 77.35 -109.64
N PHE E 287 -22.78 78.41 -109.17
CA PHE E 287 -24.21 78.57 -109.36
C PHE E 287 -24.51 79.20 -110.71
N THR E 288 -25.77 79.10 -111.12
CA THR E 288 -26.25 79.68 -112.36
C THR E 288 -27.31 80.73 -112.07
N ARG E 289 -27.21 81.87 -112.73
CA ARG E 289 -28.20 82.93 -112.52
C ARG E 289 -29.58 82.43 -112.91
N ILE E 290 -30.58 82.89 -112.16
CA ILE E 290 -31.94 82.42 -112.36
C ILE E 290 -32.46 82.76 -113.75
N VAL E 291 -31.88 83.77 -114.40
CA VAL E 291 -32.32 84.13 -115.75
C VAL E 291 -31.98 83.01 -116.74
N GLU E 292 -30.86 82.32 -116.55
CA GLU E 292 -30.43 81.31 -117.50
C GLU E 292 -31.24 80.02 -117.38
N ALA E 293 -31.58 79.61 -116.16
CA ALA E 293 -32.27 78.35 -115.95
C ALA E 293 -33.71 78.41 -116.45
N PRO E 294 -34.27 77.29 -116.89
CA PRO E 294 -35.67 77.28 -117.32
C PRO E 294 -36.62 77.47 -116.14
N THR E 295 -37.82 77.96 -116.46
CA THR E 295 -38.87 78.14 -115.47
C THR E 295 -39.82 76.95 -115.50
N ILE E 296 -40.20 76.46 -114.33
CA ILE E 296 -41.06 75.29 -114.20
C ILE E 296 -42.28 75.69 -113.39
N ILE E 297 -43.47 75.47 -113.95
CA ILE E 297 -44.73 75.75 -113.26
C ILE E 297 -45.64 74.56 -113.43
N ASP E 298 -46.60 74.43 -112.51
CA ASP E 298 -47.60 73.37 -112.52
C ASP E 298 -46.94 71.99 -112.47
N LEU E 299 -46.25 71.73 -111.37
CA LEU E 299 -45.56 70.46 -111.17
C LEU E 299 -46.49 69.49 -110.47
N THR E 300 -46.79 68.36 -111.13
CA THR E 300 -47.59 67.28 -110.57
C THR E 300 -46.80 65.99 -110.62
N CYS E 301 -46.82 65.26 -109.52
CA CYS E 301 -46.05 64.03 -109.37
C CYS E 301 -46.99 62.83 -109.20
N THR E 302 -46.77 61.80 -110.00
CA THR E 302 -47.50 60.55 -109.89
C THR E 302 -46.52 59.39 -109.89
N VAL E 303 -46.88 58.33 -109.19
CA VAL E 303 -46.01 57.17 -109.02
C VAL E 303 -46.56 56.04 -109.86
N ALA E 304 -45.76 55.52 -110.79
CA ALA E 304 -46.21 54.45 -111.66
C ALA E 304 -46.19 53.11 -110.93
N THR E 305 -45.02 52.67 -110.47
CA THR E 305 -44.89 51.44 -109.71
C THR E 305 -43.97 51.66 -108.53
N CYS E 306 -44.25 50.98 -107.42
CA CYS E 306 -43.42 51.07 -106.24
C CYS E 306 -43.14 49.67 -105.71
N THR E 307 -41.93 49.47 -105.18
CA THR E 307 -41.51 48.20 -104.63
C THR E 307 -40.35 48.46 -103.69
N HIS E 308 -40.52 48.18 -102.40
CA HIS E 308 -39.48 48.53 -101.43
C HIS E 308 -38.39 47.46 -101.42
N SER E 309 -37.59 47.48 -102.47
CA SER E 309 -36.48 46.55 -102.65
C SER E 309 -35.16 47.29 -102.52
N SER E 310 -34.08 46.52 -102.40
CA SER E 310 -32.76 47.10 -102.20
C SER E 310 -32.33 47.94 -103.40
N ASP E 311 -32.60 47.46 -104.61
CA ASP E 311 -32.27 48.21 -105.81
C ASP E 311 -33.21 49.40 -105.94
N PHE E 312 -33.12 50.09 -107.09
CA PHE E 312 -33.99 51.23 -107.36
C PHE E 312 -35.27 50.70 -108.01
N GLY E 313 -36.22 50.33 -107.16
CA GLY E 313 -37.42 49.66 -107.61
C GLY E 313 -38.69 50.49 -107.66
N GLY E 314 -38.55 51.79 -107.82
CA GLY E 314 -39.70 52.66 -107.97
C GLY E 314 -39.52 53.59 -109.15
N VAL E 315 -40.63 53.95 -109.78
CA VAL E 315 -40.62 54.81 -110.96
C VAL E 315 -41.59 55.96 -110.73
N LEU E 316 -41.16 57.16 -111.06
CA LEU E 316 -41.85 58.40 -110.75
C LEU E 316 -41.95 59.24 -112.01
N THR E 317 -43.06 59.95 -112.18
CA THR E 317 -43.28 60.78 -113.36
C THR E 317 -43.68 62.18 -112.93
N LEU E 318 -43.15 63.19 -113.61
CA LEU E 318 -43.43 64.58 -113.31
C LEU E 318 -44.00 65.25 -114.54
N THR E 319 -45.08 66.01 -114.36
CA THR E 319 -45.66 66.80 -115.43
C THR E 319 -45.56 68.27 -115.07
N TYR E 320 -45.27 69.09 -116.06
CA TYR E 320 -45.03 70.51 -115.82
C TYR E 320 -45.36 71.29 -117.09
N LYS E 321 -44.97 72.56 -117.11
CA LYS E 321 -45.05 73.38 -118.30
C LYS E 321 -43.82 74.28 -118.32
N THR E 322 -43.15 74.35 -119.46
CA THR E 322 -41.89 75.06 -119.55
C THR E 322 -41.86 75.93 -120.80
N ASP E 323 -41.06 76.99 -120.74
CA ASP E 323 -40.88 77.91 -121.86
C ASP E 323 -39.73 77.50 -122.77
N LYS E 324 -38.68 76.90 -122.21
CA LYS E 324 -37.52 76.46 -122.99
C LYS E 324 -36.90 75.25 -122.32
N ASN E 325 -36.17 74.48 -123.11
CA ASN E 325 -35.57 73.25 -122.63
C ASN E 325 -34.14 73.47 -122.16
N GLY E 326 -33.75 72.72 -121.12
CA GLY E 326 -32.46 72.87 -120.49
C GLY E 326 -32.19 71.76 -119.49
N ASP E 327 -31.68 72.11 -118.30
CA ASP E 327 -31.43 71.14 -117.25
C ASP E 327 -31.98 71.64 -115.93
N CYS E 328 -32.34 70.70 -115.06
CA CYS E 328 -32.76 71.01 -113.69
C CYS E 328 -32.08 70.08 -112.71
N SER E 329 -32.13 70.47 -111.44
CA SER E 329 -31.46 69.75 -110.36
C SER E 329 -32.53 69.13 -109.47
N VAL E 330 -32.84 67.86 -109.72
CA VAL E 330 -33.87 67.16 -108.97
C VAL E 330 -33.35 66.80 -107.58
N HIS E 331 -34.26 66.61 -106.63
CA HIS E 331 -33.89 66.21 -105.29
C HIS E 331 -35.13 65.72 -104.57
N SER E 332 -34.93 64.85 -103.59
CA SER E 332 -35.98 64.36 -102.71
C SER E 332 -35.71 64.87 -101.30
N HIS E 333 -36.68 65.57 -100.73
CA HIS E 333 -36.43 66.32 -99.50
C HIS E 333 -36.67 65.51 -98.24
N SER E 334 -36.90 64.21 -98.36
CA SER E 334 -36.99 63.34 -97.19
C SER E 334 -36.21 62.07 -97.48
N ASN E 335 -35.57 61.53 -96.44
CA ASN E 335 -34.72 60.36 -96.61
C ASN E 335 -35.52 59.07 -96.73
N VAL E 336 -36.84 59.15 -96.84
CA VAL E 336 -37.63 57.95 -97.09
C VAL E 336 -37.30 57.36 -98.45
N ALA E 337 -37.18 58.21 -99.46
CA ALA E 337 -36.88 57.79 -100.81
C ALA E 337 -35.59 58.45 -101.26
N THR E 338 -34.67 57.64 -101.80
CA THR E 338 -33.39 58.11 -102.31
C THR E 338 -33.44 58.07 -103.83
N LEU E 339 -33.39 59.23 -104.47
CA LEU E 339 -33.42 59.24 -105.91
C LEU E 339 -32.14 58.65 -106.47
N GLN E 340 -32.11 58.46 -107.79
CA GLN E 340 -30.95 57.90 -108.46
C GLN E 340 -30.08 58.95 -109.11
N GLU E 341 -30.67 60.01 -109.65
CA GLU E 341 -29.95 61.00 -110.42
C GLU E 341 -30.02 62.36 -109.72
N ALA E 342 -29.12 63.25 -110.12
CA ALA E 342 -29.12 64.62 -109.63
C ALA E 342 -29.38 65.65 -110.71
N THR E 343 -29.55 65.23 -111.96
CA THR E 343 -29.95 66.13 -113.03
C THR E 343 -30.99 65.44 -113.90
N ALA E 344 -31.83 66.23 -114.53
CA ALA E 344 -32.82 65.72 -115.46
C ALA E 344 -33.04 66.75 -116.55
N LYS E 345 -33.26 66.26 -117.76
CA LYS E 345 -33.48 67.13 -118.91
C LYS E 345 -34.95 67.47 -119.00
N VAL E 346 -35.28 68.75 -118.87
CA VAL E 346 -36.64 69.24 -119.03
C VAL E 346 -36.84 69.65 -120.47
N LYS E 347 -38.04 69.41 -121.00
CA LYS E 347 -38.35 69.74 -122.39
C LYS E 347 -39.77 70.28 -122.47
N THR E 348 -40.10 70.84 -123.63
CA THR E 348 -41.42 71.44 -123.82
C THR E 348 -42.54 70.42 -123.84
N ALA E 349 -42.22 69.12 -123.95
CA ALA E 349 -43.27 68.10 -123.97
C ALA E 349 -44.03 68.09 -122.65
N GLY E 350 -43.33 68.24 -121.54
CA GLY E 350 -43.97 68.28 -120.25
C GLY E 350 -43.98 67.00 -119.46
N LYS E 351 -43.08 66.06 -119.75
CA LYS E 351 -43.03 64.80 -119.03
C LYS E 351 -41.59 64.38 -118.82
N VAL E 352 -41.26 64.02 -117.58
CA VAL E 352 -39.96 63.45 -117.23
C VAL E 352 -40.18 62.38 -116.18
N THR E 353 -39.31 61.39 -116.17
CA THR E 353 -39.44 60.26 -115.26
C THR E 353 -38.17 60.07 -114.44
N LEU E 354 -38.35 59.70 -113.17
CA LEU E 354 -37.24 59.54 -112.24
C LEU E 354 -37.42 58.24 -111.48
N HIS E 355 -36.31 57.70 -111.00
CA HIS E 355 -36.29 56.42 -110.30
C HIS E 355 -35.85 56.64 -108.87
N PHE E 356 -36.49 55.96 -107.93
CA PHE E 356 -36.17 56.14 -106.52
C PHE E 356 -36.13 54.78 -105.84
N SER E 357 -35.56 54.75 -104.64
CA SER E 357 -35.48 53.54 -103.84
C SER E 357 -35.99 53.81 -102.43
N THR E 358 -36.90 52.97 -101.96
CA THR E 358 -37.53 53.17 -100.67
C THR E 358 -37.62 51.84 -99.93
N ALA E 359 -37.87 51.92 -98.62
CA ALA E 359 -37.95 50.73 -97.79
C ALA E 359 -39.19 50.72 -96.91
N SER E 360 -40.18 51.55 -97.20
CA SER E 360 -41.40 51.64 -96.40
C SER E 360 -42.59 51.25 -97.24
N ALA E 361 -43.64 50.76 -96.56
CA ALA E 361 -44.81 50.29 -97.26
C ALA E 361 -45.50 51.42 -98.01
N SER E 362 -45.59 52.61 -97.39
CA SER E 362 -46.22 53.77 -98.00
C SER E 362 -45.34 54.99 -97.77
N PRO E 363 -44.61 55.45 -98.79
CA PRO E 363 -43.76 56.62 -98.62
C PRO E 363 -44.53 57.91 -98.84
N SER E 364 -43.98 59.00 -98.32
CA SER E 364 -44.53 60.32 -98.57
C SER E 364 -43.39 61.32 -98.51
N PHE E 365 -43.02 61.86 -99.66
CA PHE E 365 -41.88 62.76 -99.76
C PHE E 365 -42.18 63.83 -100.80
N VAL E 366 -41.48 64.95 -100.70
CA VAL E 366 -41.66 66.08 -101.60
C VAL E 366 -40.45 66.18 -102.51
N VAL E 367 -40.70 66.24 -103.82
CA VAL E 367 -39.65 66.23 -104.83
C VAL E 367 -39.69 67.56 -105.58
N SER E 368 -38.53 68.09 -105.90
CA SER E 368 -38.42 69.39 -106.55
C SER E 368 -37.60 69.28 -107.82
N LEU E 369 -38.07 69.94 -108.87
CA LEU E 369 -37.38 70.03 -110.16
C LEU E 369 -37.10 71.50 -110.42
N CYS E 370 -35.82 71.85 -110.57
CA CYS E 370 -35.40 73.24 -110.56
C CYS E 370 -35.98 73.97 -109.35
N SER E 371 -36.87 74.93 -109.60
CA SER E 371 -37.45 75.74 -108.52
C SER E 371 -38.84 75.28 -108.10
N ALA E 372 -39.41 74.28 -108.76
CA ALA E 372 -40.78 73.89 -108.48
C ALA E 372 -40.84 72.97 -107.27
N ARG E 373 -42.04 72.48 -106.96
CA ARG E 373 -42.26 71.55 -105.86
C ARG E 373 -43.40 70.63 -106.22
N ALA E 374 -43.44 69.47 -105.56
CA ALA E 374 -44.54 68.53 -105.74
C ALA E 374 -44.44 67.49 -104.65
N THR E 375 -45.61 66.99 -104.23
CA THR E 375 -45.70 65.98 -103.18
C THR E 375 -46.13 64.66 -103.79
N CYS E 376 -45.40 63.59 -103.49
CA CYS E 376 -45.67 62.27 -104.04
C CYS E 376 -46.02 61.30 -102.92
N SER E 377 -47.05 60.51 -103.13
CA SER E 377 -47.42 59.42 -102.23
C SER E 377 -47.70 58.18 -103.07
N ALA E 378 -47.43 57.02 -102.50
CA ALA E 378 -47.51 55.78 -103.27
C ALA E 378 -47.77 54.61 -102.34
N SER E 379 -48.17 53.49 -102.95
CA SER E 379 -48.36 52.23 -102.26
C SER E 379 -47.44 51.20 -102.88
N CYS E 380 -46.62 50.56 -102.05
CA CYS E 380 -45.54 49.69 -102.52
C CYS E 380 -45.72 48.27 -102.03
N GLU E 381 -45.43 47.30 -102.90
CA GLU E 381 -45.53 45.86 -102.72
C GLU E 381 -44.16 45.26 -102.42
N PRO E 382 -44.08 44.28 -101.54
CA PRO E 382 -42.77 43.71 -101.17
C PRO E 382 -42.14 42.97 -102.33
N PRO E 383 -40.83 42.74 -102.27
CA PRO E 383 -40.17 41.95 -103.30
C PRO E 383 -40.31 40.45 -103.05
N LYS E 384 -40.17 39.69 -104.13
CA LYS E 384 -40.32 38.24 -104.10
C LYS E 384 -39.01 37.51 -103.80
N ASP E 385 -37.87 38.11 -104.14
CA ASP E 385 -36.58 37.45 -104.00
C ASP E 385 -36.06 37.53 -102.58
N HIS E 386 -35.42 36.46 -102.11
CA HIS E 386 -35.09 36.35 -100.70
C HIS E 386 -33.75 37.00 -100.37
N ILE E 387 -32.74 36.81 -101.22
CA ILE E 387 -31.38 37.26 -100.92
C ILE E 387 -30.77 37.85 -102.19
N VAL E 388 -30.03 38.94 -102.04
CA VAL E 388 -29.36 39.61 -103.15
C VAL E 388 -27.90 39.84 -102.78
N PRO E 389 -26.99 39.97 -103.75
CA PRO E 389 -25.57 40.17 -103.43
C PRO E 389 -25.11 41.61 -103.33
N TYR E 390 -26.00 42.60 -103.28
CA TYR E 390 -25.61 43.99 -103.18
C TYR E 390 -26.28 44.64 -101.98
N ALA E 391 -25.61 45.65 -101.41
CA ALA E 391 -26.12 46.32 -100.23
C ALA E 391 -27.29 47.22 -100.57
N ALA E 392 -28.02 47.61 -99.53
CA ALA E 392 -29.22 48.40 -99.71
C ALA E 392 -28.89 49.82 -100.15
N SER E 393 -29.75 50.39 -101.00
CA SER E 393 -29.60 51.76 -101.46
C SER E 393 -30.61 52.70 -100.86
N HIS E 394 -31.32 52.28 -99.81
CA HIS E 394 -32.24 53.15 -99.10
C HIS E 394 -31.73 53.39 -97.69
N SER E 395 -32.33 54.37 -97.03
CA SER E 395 -31.90 54.76 -95.69
C SER E 395 -32.53 53.92 -94.60
N ASN E 396 -33.38 52.97 -94.96
CA ASN E 396 -33.96 52.01 -94.02
C ASN E 396 -34.85 52.70 -92.98
N VAL E 397 -35.91 53.32 -93.48
CA VAL E 397 -36.97 53.89 -92.65
C VAL E 397 -38.27 53.21 -93.02
N VAL E 398 -38.98 52.71 -92.01
CA VAL E 398 -40.10 51.80 -92.27
C VAL E 398 -41.43 52.31 -91.74
N PHE E 399 -41.47 53.38 -90.98
CA PHE E 399 -42.75 53.87 -90.46
C PHE E 399 -43.57 54.46 -91.60
N PRO E 400 -44.80 54.00 -91.83
CA PRO E 400 -45.58 54.49 -92.97
C PRO E 400 -46.12 55.88 -92.74
N ASP E 401 -46.62 56.48 -93.82
CA ASP E 401 -47.20 57.80 -93.75
C ASP E 401 -48.51 57.78 -92.98
N MET E 402 -48.87 58.92 -92.39
CA MET E 402 -50.11 59.02 -91.64
C MET E 402 -51.35 58.94 -92.53
N SER E 403 -51.20 59.03 -93.85
CA SER E 403 -52.31 58.85 -94.77
C SER E 403 -52.31 57.48 -95.42
N GLY E 404 -51.44 56.57 -94.99
CA GLY E 404 -51.37 55.25 -95.57
C GLY E 404 -52.58 54.43 -95.19
N THR E 405 -52.63 53.21 -95.72
CA THR E 405 -53.78 52.36 -95.47
C THR E 405 -53.89 51.98 -94.00
N ALA E 406 -52.79 51.50 -93.41
CA ALA E 406 -52.84 51.05 -92.03
C ALA E 406 -53.19 52.19 -91.09
N LEU E 407 -52.52 53.33 -91.25
CA LEU E 407 -52.80 54.44 -90.34
C LEU E 407 -54.15 55.07 -90.62
N SER E 408 -54.65 55.00 -91.85
CA SER E 408 -56.03 55.41 -92.08
C SER E 408 -57.02 54.52 -91.34
N TRP E 409 -56.79 53.21 -91.35
CA TRP E 409 -57.66 52.33 -90.58
C TRP E 409 -57.60 52.65 -89.10
N VAL E 410 -56.40 52.87 -88.56
CA VAL E 410 -56.27 53.20 -87.15
C VAL E 410 -56.99 54.51 -86.85
N GLN E 411 -56.84 55.50 -87.73
CA GLN E 411 -57.49 56.79 -87.53
C GLN E 411 -59.00 56.64 -87.53
N LYS E 412 -59.55 55.89 -88.48
CA LYS E 412 -61.00 55.73 -88.56
C LYS E 412 -61.54 55.03 -87.31
N ILE E 413 -60.88 53.95 -86.88
CA ILE E 413 -61.36 53.22 -85.71
C ILE E 413 -61.28 54.09 -84.46
N SER E 414 -60.15 54.77 -84.26
CA SER E 414 -60.00 55.63 -83.10
C SER E 414 -61.01 56.77 -83.13
N GLY E 415 -61.31 57.30 -84.32
CA GLY E 415 -62.30 58.36 -84.41
C GLY E 415 -63.69 57.87 -84.06
N GLY E 416 -64.04 56.67 -84.49
CA GLY E 416 -65.33 56.12 -84.09
C GLY E 416 -65.45 55.94 -82.59
N LEU E 417 -64.40 55.37 -81.96
CA LEU E 417 -64.45 55.20 -80.52
C LEU E 417 -64.47 56.54 -79.79
N GLY E 418 -63.73 57.52 -80.29
CA GLY E 418 -63.75 58.83 -79.67
C GLY E 418 -65.11 59.51 -79.79
N ALA E 419 -65.78 59.32 -80.93
CA ALA E 419 -67.14 59.84 -81.08
C ALA E 419 -68.08 59.17 -80.09
N PHE E 420 -67.95 57.86 -79.89
CA PHE E 420 -68.78 57.19 -78.89
C PHE E 420 -68.53 57.74 -77.50
N ALA E 421 -67.26 57.91 -77.13
CA ALA E 421 -66.94 58.42 -75.80
C ALA E 421 -67.45 59.84 -75.62
N ILE E 422 -67.32 60.68 -76.65
CA ILE E 422 -67.79 62.06 -76.54
C ILE E 422 -69.30 62.09 -76.42
N GLY E 423 -70.00 61.22 -77.14
CA GLY E 423 -71.44 61.14 -76.98
C GLY E 423 -71.84 60.74 -75.57
N ALA E 424 -71.13 59.77 -75.00
CA ALA E 424 -71.43 59.37 -73.62
C ALA E 424 -71.19 60.51 -72.65
N ILE E 425 -70.08 61.23 -72.81
CA ILE E 425 -69.77 62.33 -71.92
C ILE E 425 -70.82 63.43 -72.04
N LEU E 426 -71.23 63.75 -73.27
CA LEU E 426 -72.25 64.76 -73.46
C LEU E 426 -73.57 64.35 -72.83
N VAL E 427 -73.95 63.08 -72.96
CA VAL E 427 -75.20 62.64 -72.34
C VAL E 427 -75.13 62.77 -70.83
N LEU E 428 -74.03 62.34 -70.22
CA LEU E 428 -73.92 62.43 -68.77
C LEU E 428 -73.92 63.89 -68.30
N VAL E 429 -73.22 64.77 -69.02
CA VAL E 429 -73.20 66.18 -68.64
C VAL E 429 -74.58 66.79 -68.78
N VAL E 430 -75.31 66.43 -69.84
CA VAL E 430 -76.68 66.92 -70.00
C VAL E 430 -77.55 66.48 -68.84
N VAL E 431 -77.41 65.22 -68.41
CA VAL E 431 -78.22 64.73 -67.29
C VAL E 431 -77.90 65.50 -66.02
N THR E 432 -76.61 65.68 -65.72
CA THR E 432 -76.26 66.40 -64.49
C THR E 432 -76.68 67.87 -64.56
N CYS E 433 -76.58 68.49 -65.75
CA CYS E 433 -77.00 69.88 -65.88
C CYS E 433 -78.51 70.02 -65.77
N ILE E 434 -79.26 69.02 -66.22
CA ILE E 434 -80.72 69.04 -66.01
C ILE E 434 -81.03 68.88 -64.54
N GLY E 435 -80.27 68.03 -63.84
CA GLY E 435 -80.43 67.93 -62.40
C GLY E 435 -80.10 69.23 -61.69
N LEU E 436 -79.12 69.97 -62.20
CA LEU E 436 -78.69 71.21 -61.54
C LEU E 436 -79.63 72.37 -61.83
N ARG E 437 -80.09 72.50 -63.09
CA ARG E 437 -80.96 73.60 -63.49
C ARG E 437 -82.25 73.65 -62.69
N ARG E 438 -82.65 72.53 -62.08
CA ARG E 438 -83.81 72.49 -61.22
C ARG E 438 -83.44 72.98 -59.83
N TYR F 1 -67.75 -32.41 -105.27
CA TYR F 1 -68.15 -31.80 -104.01
C TYR F 1 -67.32 -30.57 -103.70
N GLU F 2 -67.89 -29.39 -103.95
CA GLU F 2 -67.18 -28.14 -103.71
C GLU F 2 -66.91 -27.94 -102.23
N HIS F 3 -65.83 -27.21 -101.93
CA HIS F 3 -65.47 -26.89 -100.56
C HIS F 3 -64.66 -25.61 -100.55
N SER F 4 -64.70 -24.93 -99.40
CA SER F 4 -64.00 -23.66 -99.23
C SER F 4 -63.29 -23.66 -97.88
N THR F 5 -62.16 -22.97 -97.83
CA THR F 5 -61.34 -22.93 -96.62
C THR F 5 -60.53 -21.64 -96.61
N VAL F 6 -60.18 -21.19 -95.41
CA VAL F 6 -59.30 -20.04 -95.22
C VAL F 6 -58.08 -20.50 -94.44
N MET F 7 -56.90 -20.26 -95.00
CA MET F 7 -55.67 -20.72 -94.36
C MET F 7 -54.71 -19.55 -94.16
N PRO F 8 -53.97 -19.56 -93.05
CA PRO F 8 -53.03 -18.47 -92.79
C PRO F 8 -51.90 -18.46 -93.81
N ASN F 9 -51.38 -17.27 -94.06
CA ASN F 9 -50.24 -17.11 -94.96
C ASN F 9 -48.95 -17.01 -94.17
N VAL F 10 -48.63 -18.09 -93.47
CA VAL F 10 -47.39 -18.20 -92.71
C VAL F 10 -46.63 -19.40 -93.24
N VAL F 11 -45.35 -19.19 -93.55
CA VAL F 11 -44.56 -20.22 -94.21
C VAL F 11 -44.16 -21.29 -93.19
N GLY F 12 -44.47 -22.54 -93.50
CA GLY F 12 -44.14 -23.64 -92.63
C GLY F 12 -45.22 -24.04 -91.64
N PHE F 13 -46.30 -23.28 -91.54
CA PHE F 13 -47.41 -23.64 -90.67
C PHE F 13 -48.12 -24.87 -91.21
N PRO F 14 -48.33 -25.91 -90.41
CA PRO F 14 -48.95 -27.15 -90.90
C PRO F 14 -50.47 -27.13 -90.85
N TYR F 15 -51.08 -26.41 -91.79
CA TYR F 15 -52.54 -26.25 -91.77
C TYR F 15 -53.22 -27.50 -92.30
N LYS F 16 -54.27 -27.94 -91.59
CA LYS F 16 -54.98 -29.17 -91.92
C LYS F 16 -56.46 -28.86 -92.09
N ALA F 17 -57.03 -29.31 -93.20
CA ALA F 17 -58.41 -29.00 -93.55
C ALA F 17 -59.28 -30.24 -93.42
N HIS F 18 -60.49 -30.05 -92.92
CA HIS F 18 -61.41 -31.16 -92.66
C HIS F 18 -62.65 -31.05 -93.53
N ILE F 19 -63.09 -32.17 -94.07
CA ILE F 19 -64.27 -32.24 -94.94
C ILE F 19 -65.19 -33.32 -94.42
N GLU F 20 -66.46 -32.99 -94.23
CA GLU F 20 -67.44 -33.93 -93.69
C GLU F 20 -68.54 -34.14 -94.73
N ARG F 21 -68.33 -35.07 -95.63
CA ARG F 21 -69.38 -35.45 -96.58
C ARG F 21 -70.43 -36.27 -95.86
N PRO F 22 -71.71 -35.91 -95.95
CA PRO F 22 -72.73 -36.62 -95.16
C PRO F 22 -72.80 -38.11 -95.43
N GLY F 23 -72.62 -38.53 -96.67
CA GLY F 23 -72.73 -39.93 -97.00
C GLY F 23 -71.44 -40.72 -96.98
N TYR F 24 -70.31 -40.11 -96.62
CA TYR F 24 -69.02 -40.77 -96.66
C TYR F 24 -68.29 -40.55 -95.34
N SER F 25 -67.08 -41.11 -95.25
CA SER F 25 -66.23 -40.88 -94.11
C SER F 25 -65.58 -39.49 -94.21
N PRO F 26 -65.29 -38.86 -93.07
CA PRO F 26 -64.60 -37.57 -93.12
C PRO F 26 -63.21 -37.71 -93.70
N LEU F 27 -62.76 -36.66 -94.39
CA LEU F 27 -61.44 -36.63 -94.98
C LEU F 27 -60.68 -35.40 -94.48
N THR F 28 -59.38 -35.59 -94.24
CA THR F 28 -58.52 -34.51 -93.75
C THR F 28 -57.39 -34.31 -94.74
N LEU F 29 -57.16 -33.06 -95.13
CA LEU F 29 -56.07 -32.72 -96.03
C LEU F 29 -55.00 -31.97 -95.25
N GLN F 30 -53.78 -31.97 -95.78
CA GLN F 30 -52.70 -31.16 -95.24
C GLN F 30 -52.22 -30.22 -96.33
N MET F 31 -52.16 -28.93 -96.02
CA MET F 31 -51.68 -27.93 -96.95
C MET F 31 -50.68 -27.05 -96.23
N GLN F 32 -49.55 -26.77 -96.89
CA GLN F 32 -48.50 -25.99 -96.28
C GLN F 32 -47.89 -25.07 -97.33
N VAL F 33 -47.57 -23.85 -96.92
CA VAL F 33 -47.09 -22.82 -97.82
C VAL F 33 -45.57 -22.87 -97.81
N VAL F 34 -45.00 -23.47 -98.85
CA VAL F 34 -43.54 -23.62 -98.89
C VAL F 34 -42.86 -22.29 -99.15
N GLU F 35 -43.36 -21.51 -100.11
CA GLU F 35 -42.63 -20.34 -100.57
C GLU F 35 -43.63 -19.33 -101.13
N THR F 36 -43.37 -18.04 -100.91
CA THR F 36 -44.21 -16.98 -101.45
C THR F 36 -43.33 -15.90 -102.05
N SER F 37 -43.87 -15.17 -103.02
CA SER F 37 -43.10 -14.21 -103.78
C SER F 37 -44.00 -13.06 -104.21
N LEU F 38 -43.76 -11.88 -103.64
CA LEU F 38 -44.56 -10.70 -103.92
C LEU F 38 -43.87 -9.89 -105.02
N GLU F 39 -44.37 -10.00 -106.24
CA GLU F 39 -43.73 -9.41 -107.41
C GLU F 39 -44.47 -8.15 -107.84
N PRO F 40 -43.88 -6.96 -107.74
CA PRO F 40 -44.55 -5.74 -108.21
C PRO F 40 -44.43 -5.61 -109.72
N THR F 41 -44.98 -4.51 -110.23
CA THR F 41 -44.85 -4.12 -111.63
C THR F 41 -44.04 -2.83 -111.69
N LEU F 42 -43.08 -2.78 -112.61
CA LEU F 42 -42.08 -1.73 -112.63
C LEU F 42 -42.04 -0.99 -113.95
N ASN F 43 -41.89 0.33 -113.87
CA ASN F 43 -41.66 1.19 -115.04
C ASN F 43 -40.32 1.88 -114.85
N LEU F 44 -39.49 1.87 -115.90
CA LEU F 44 -38.19 2.50 -115.81
C LEU F 44 -38.30 4.00 -116.02
N GLU F 45 -37.73 4.77 -115.09
CA GLU F 45 -37.72 6.22 -115.19
C GLU F 45 -36.44 6.74 -115.85
N TYR F 46 -35.28 6.43 -115.28
CA TYR F 46 -34.01 6.82 -115.88
C TYR F 46 -32.89 6.01 -115.23
N ILE F 47 -31.66 6.29 -115.65
CA ILE F 47 -30.47 5.54 -115.25
C ILE F 47 -29.37 6.54 -114.88
N THR F 48 -28.63 6.24 -113.82
CA THR F 48 -27.60 7.14 -113.32
C THR F 48 -26.27 6.43 -113.21
N CYS F 49 -25.19 7.13 -113.53
CA CYS F 49 -23.84 6.60 -113.38
C CYS F 49 -22.87 7.78 -113.27
N GLU F 50 -21.61 7.47 -113.03
CA GLU F 50 -20.60 8.52 -112.93
C GLU F 50 -20.39 9.19 -114.29
N TYR F 51 -19.97 10.44 -114.26
CA TYR F 51 -19.71 11.18 -115.48
C TYR F 51 -18.21 11.26 -115.75
N LYS F 52 -17.88 11.61 -116.99
CA LYS F 52 -16.50 11.73 -117.43
C LYS F 52 -16.38 13.02 -118.23
N THR F 53 -15.62 13.98 -117.72
CA THR F 53 -15.47 15.27 -118.37
C THR F 53 -14.51 15.15 -119.53
N VAL F 54 -14.93 15.61 -120.70
CA VAL F 54 -14.12 15.56 -121.91
C VAL F 54 -13.55 16.95 -122.17
N VAL F 55 -12.24 17.08 -122.10
CA VAL F 55 -11.59 18.37 -122.30
C VAL F 55 -10.64 18.29 -123.50
N PRO F 56 -11.06 18.69 -124.69
CA PRO F 56 -10.18 18.60 -125.85
C PRO F 56 -9.03 19.58 -125.75
N SER F 57 -8.07 19.42 -126.65
CA SER F 57 -6.85 20.21 -126.61
C SER F 57 -7.14 21.65 -127.00
N PRO F 58 -6.61 22.63 -126.26
CA PRO F 58 -6.91 24.03 -126.57
C PRO F 58 -6.37 24.44 -127.92
N TYR F 59 -7.04 25.41 -128.52
CA TYR F 59 -6.69 25.91 -129.85
C TYR F 59 -6.14 27.32 -129.72
N VAL F 60 -4.82 27.44 -129.69
CA VAL F 60 -4.17 28.74 -129.57
C VAL F 60 -4.01 29.31 -130.97
N LYS F 61 -4.60 30.48 -131.19
CA LYS F 61 -4.56 31.13 -132.50
C LYS F 61 -3.50 32.22 -132.47
N CYS F 62 -2.40 32.00 -133.20
CA CYS F 62 -1.31 32.96 -133.23
C CYS F 62 -1.65 34.08 -134.20
N CYS F 63 -1.57 35.32 -133.72
CA CYS F 63 -1.76 36.51 -134.55
C CYS F 63 -3.15 36.51 -135.21
N GLY F 64 -4.17 36.69 -134.38
CA GLY F 64 -5.52 36.76 -134.89
C GLY F 64 -6.54 36.76 -133.77
N ALA F 65 -7.72 36.22 -134.08
CA ALA F 65 -8.78 36.07 -133.10
C ALA F 65 -9.69 34.93 -133.53
N SER F 66 -10.19 34.19 -132.54
CA SER F 66 -11.05 33.04 -132.78
C SER F 66 -12.39 33.28 -132.11
N GLU F 67 -13.45 32.77 -132.73
CA GLU F 67 -14.82 33.04 -132.30
C GLU F 67 -15.43 31.80 -131.65
N CYS F 68 -16.13 32.01 -130.55
CA CYS F 68 -16.83 30.94 -129.87
C CYS F 68 -17.98 30.41 -130.72
N SER F 69 -18.27 29.13 -130.54
CA SER F 69 -19.36 28.47 -131.25
C SER F 69 -20.18 27.65 -130.27
N THR F 70 -21.48 27.56 -130.54
CA THR F 70 -22.38 26.78 -129.71
C THR F 70 -22.62 25.41 -130.32
N LYS F 71 -22.75 24.41 -129.45
CA LYS F 71 -22.97 23.04 -129.87
C LYS F 71 -24.00 22.39 -128.97
N GLU F 72 -24.51 21.24 -129.41
CA GLU F 72 -25.53 20.48 -128.68
C GLU F 72 -24.88 19.29 -127.99
N LYS F 73 -24.16 19.58 -126.91
CA LYS F 73 -23.53 18.57 -126.09
C LYS F 73 -23.92 18.80 -124.64
N PRO F 74 -24.07 17.73 -123.85
CA PRO F 74 -24.56 17.88 -122.48
C PRO F 74 -23.63 18.72 -121.63
N ASP F 75 -24.17 19.82 -121.10
CA ASP F 75 -23.43 20.74 -120.24
C ASP F 75 -22.18 21.27 -120.94
N TYR F 76 -22.34 21.61 -122.21
CA TYR F 76 -21.25 22.13 -123.02
C TYR F 76 -20.85 23.52 -122.55
N GLN F 77 -19.57 23.83 -122.67
CA GLN F 77 -19.03 25.13 -122.31
C GLN F 77 -17.99 25.53 -123.35
N CYS F 78 -17.87 26.83 -123.62
CA CYS F 78 -16.87 27.30 -124.56
C CYS F 78 -16.63 28.78 -124.33
N LYS F 79 -15.36 29.17 -124.20
CA LYS F 79 -15.00 30.56 -123.97
C LYS F 79 -13.70 30.85 -124.68
N VAL F 80 -13.51 32.11 -125.06
CA VAL F 80 -12.33 32.55 -125.79
C VAL F 80 -11.62 33.60 -124.95
N TYR F 81 -10.33 33.39 -124.70
CA TYR F 81 -9.52 34.29 -123.90
C TYR F 81 -8.54 35.02 -124.78
N THR F 82 -8.32 36.30 -124.50
CA THR F 82 -7.46 37.15 -125.29
C THR F 82 -6.27 37.59 -124.46
N GLY F 83 -5.08 37.53 -125.06
CA GLY F 83 -3.87 37.98 -124.41
C GLY F 83 -2.98 36.88 -123.89
N VAL F 84 -3.01 35.70 -124.49
CA VAL F 84 -2.18 34.58 -124.02
C VAL F 84 -0.82 34.63 -124.69
N TYR F 85 0.21 34.22 -123.94
CA TYR F 85 1.57 34.09 -124.44
C TYR F 85 2.07 32.71 -124.05
N PRO F 86 1.60 31.66 -124.71
CA PRO F 86 1.95 30.30 -124.30
C PRO F 86 3.42 30.01 -124.50
N PHE F 87 3.95 29.15 -123.63
CA PHE F 87 5.31 28.64 -123.74
C PHE F 87 5.28 27.15 -123.99
N MET F 88 6.38 26.63 -124.54
CA MET F 88 6.60 25.20 -124.64
C MET F 88 8.02 24.89 -124.19
N TRP F 89 8.39 23.62 -124.27
CA TRP F 89 9.71 23.20 -123.80
C TRP F 89 10.82 23.87 -124.59
N GLY F 90 10.65 24.00 -125.90
CA GLY F 90 11.66 24.54 -126.77
C GLY F 90 11.60 26.02 -127.02
N GLY F 91 10.74 26.74 -126.34
CA GLY F 91 10.62 28.16 -126.54
C GLY F 91 9.17 28.59 -126.45
N ALA F 92 8.86 29.70 -127.11
CA ALA F 92 7.53 30.31 -127.06
C ALA F 92 7.10 30.63 -128.47
N TYR F 93 5.99 30.04 -128.92
CA TYR F 93 5.50 30.34 -130.25
C TYR F 93 4.46 31.45 -130.15
N CYS F 94 3.72 31.69 -131.23
CA CYS F 94 2.89 32.89 -131.37
C CYS F 94 3.75 34.15 -131.23
N PHE F 95 4.56 34.37 -132.26
CA PHE F 95 5.46 35.52 -132.33
C PHE F 95 4.81 36.84 -131.96
N CYS F 96 3.53 37.04 -132.30
CA CYS F 96 2.85 38.26 -131.89
C CYS F 96 2.83 38.34 -130.38
N ASP F 97 3.19 39.52 -129.84
CA ASP F 97 3.39 39.63 -128.41
C ASP F 97 2.07 39.54 -127.64
N SER F 98 1.02 40.19 -128.14
CA SER F 98 -0.22 40.31 -127.37
C SER F 98 -1.48 39.92 -128.13
N GLU F 99 -1.42 39.71 -129.43
CA GLU F 99 -2.62 39.36 -130.20
C GLU F 99 -2.72 37.85 -130.42
N ASN F 100 -2.96 37.13 -129.34
CA ASN F 100 -3.17 35.69 -129.38
C ASN F 100 -4.42 35.33 -128.59
N THR F 101 -5.13 34.30 -129.03
CA THR F 101 -6.35 33.86 -128.37
C THR F 101 -6.33 32.35 -128.16
N GLN F 102 -6.91 31.92 -127.05
CA GLN F 102 -7.03 30.51 -126.72
C GLN F 102 -8.51 30.17 -126.59
N LEU F 103 -8.95 29.14 -127.30
CA LEU F 103 -10.33 28.71 -127.28
C LEU F 103 -10.44 27.46 -126.41
N SER F 104 -11.09 27.60 -125.25
CA SER F 104 -11.29 26.51 -124.33
C SER F 104 -12.62 25.84 -124.60
N GLU F 105 -12.65 24.52 -124.45
CA GLU F 105 -13.86 23.75 -124.73
C GLU F 105 -13.94 22.59 -123.75
N ALA F 106 -15.15 22.28 -123.29
CA ALA F 106 -15.34 21.18 -122.35
C ALA F 106 -16.79 20.78 -122.36
N TYR F 107 -17.06 19.54 -121.96
CA TYR F 107 -18.42 19.07 -121.76
C TYR F 107 -18.37 17.78 -120.95
N VAL F 108 -19.52 17.15 -120.80
CA VAL F 108 -19.66 15.94 -120.00
C VAL F 108 -20.18 14.82 -120.87
N ASP F 109 -19.80 13.60 -120.55
CA ASP F 109 -20.33 12.44 -121.26
C ASP F 109 -20.41 11.26 -120.30
N ARG F 110 -21.27 10.32 -120.64
CA ARG F 110 -21.50 9.16 -119.81
C ARG F 110 -20.26 8.29 -119.76
N SER F 111 -19.94 7.77 -118.58
CA SER F 111 -18.67 7.08 -118.39
C SER F 111 -18.64 5.76 -119.16
N ASP F 112 -17.45 5.17 -119.23
CA ASP F 112 -17.24 3.96 -120.00
C ASP F 112 -17.75 2.70 -119.30
N VAL F 113 -17.98 2.77 -117.99
CA VAL F 113 -18.40 1.62 -117.21
C VAL F 113 -19.88 1.71 -116.85
N CYS F 114 -20.58 2.71 -117.38
CA CYS F 114 -21.98 2.93 -117.02
C CYS F 114 -22.86 1.74 -117.34
N ARG F 115 -22.48 0.91 -118.31
CA ARG F 115 -23.26 -0.25 -118.65
C ARG F 115 -23.07 -1.40 -117.67
N HIS F 116 -21.99 -1.37 -116.88
CA HIS F 116 -21.74 -2.39 -115.88
C HIS F 116 -22.04 -1.94 -114.46
N ASP F 117 -22.12 -0.65 -114.21
CA ASP F 117 -22.24 -0.11 -112.84
C ASP F 117 -23.14 1.12 -112.87
N HIS F 118 -24.45 0.90 -112.72
CA HIS F 118 -25.41 1.99 -112.70
C HIS F 118 -26.51 1.65 -111.71
N ALA F 119 -27.23 2.69 -111.29
CA ALA F 119 -28.38 2.55 -110.41
C ALA F 119 -29.63 2.98 -111.17
N SER F 120 -30.67 2.15 -111.11
CA SER F 120 -31.89 2.39 -111.87
C SER F 120 -32.92 3.08 -110.99
N ALA F 121 -33.83 3.81 -111.64
CA ALA F 121 -34.92 4.48 -110.94
C ALA F 121 -36.24 3.98 -111.50
N TYR F 122 -37.09 3.45 -110.62
CA TYR F 122 -38.30 2.75 -111.01
C TYR F 122 -39.52 3.36 -110.32
N LYS F 123 -40.69 3.06 -110.87
CA LYS F 123 -41.97 3.30 -110.20
C LYS F 123 -42.66 1.96 -110.04
N ALA F 124 -43.06 1.63 -108.81
CA ALA F 124 -43.58 0.31 -108.47
C ALA F 124 -45.05 0.42 -108.09
N HIS F 125 -45.88 -0.44 -108.68
CA HIS F 125 -47.30 -0.43 -108.36
C HIS F 125 -47.92 -1.78 -108.71
N THR F 126 -49.02 -2.10 -108.01
CA THR F 126 -49.87 -3.27 -108.29
C THR F 126 -49.08 -4.57 -108.16
N ALA F 127 -48.69 -4.89 -106.94
CA ALA F 127 -47.96 -6.12 -106.68
C ALA F 127 -48.82 -7.34 -107.00
N SER F 128 -48.17 -8.38 -107.51
CA SER F 128 -48.81 -9.66 -107.80
C SER F 128 -48.15 -10.74 -106.97
N LEU F 129 -48.96 -11.56 -106.30
CA LEU F 129 -48.45 -12.57 -105.38
C LEU F 129 -48.37 -13.92 -106.08
N LYS F 130 -47.37 -14.70 -105.71
CA LYS F 130 -47.15 -16.03 -106.28
C LYS F 130 -46.62 -16.94 -105.19
N ALA F 131 -47.19 -18.14 -105.07
CA ALA F 131 -46.86 -19.01 -103.96
C ALA F 131 -46.71 -20.44 -104.46
N LYS F 132 -45.97 -21.23 -103.69
CA LYS F 132 -45.74 -22.64 -103.94
C LYS F 132 -46.13 -23.43 -102.71
N VAL F 133 -47.08 -24.35 -102.85
CA VAL F 133 -47.67 -25.03 -101.71
C VAL F 133 -47.52 -26.54 -101.89
N ARG F 134 -47.44 -27.25 -100.77
CA ARG F 134 -47.33 -28.70 -100.74
C ARG F 134 -48.62 -29.28 -100.17
N VAL F 135 -49.27 -30.12 -100.97
CA VAL F 135 -50.57 -30.70 -100.62
C VAL F 135 -50.41 -32.21 -100.51
N MET F 136 -50.76 -32.76 -99.35
CA MET F 136 -50.68 -34.20 -99.16
C MET F 136 -51.96 -34.70 -98.50
N TYR F 137 -52.44 -35.86 -98.94
CA TYR F 137 -53.56 -36.54 -98.32
C TYR F 137 -53.64 -37.95 -98.87
N GLY F 138 -54.11 -38.87 -98.03
CA GLY F 138 -54.18 -40.26 -98.44
C GLY F 138 -52.81 -40.79 -98.82
N ASN F 139 -52.61 -41.00 -100.12
CA ASN F 139 -51.30 -41.41 -100.63
C ASN F 139 -50.80 -40.45 -101.71
N VAL F 140 -51.23 -39.20 -101.70
CA VAL F 140 -50.90 -38.24 -102.75
C VAL F 140 -50.04 -37.15 -102.15
N ASN F 141 -48.72 -37.26 -102.34
CA ASN F 141 -47.80 -36.16 -102.06
C ASN F 141 -47.67 -35.30 -103.30
N GLN F 142 -47.42 -33.99 -103.14
CA GLN F 142 -47.10 -33.13 -104.27
C GLN F 142 -46.77 -31.72 -103.82
N THR F 143 -46.03 -30.99 -104.66
CA THR F 143 -45.74 -29.58 -104.47
C THR F 143 -45.96 -28.86 -105.79
N VAL F 144 -46.77 -27.81 -105.76
CA VAL F 144 -47.13 -27.10 -106.97
C VAL F 144 -46.99 -25.60 -106.73
N ASP F 145 -46.83 -24.86 -107.83
CA ASP F 145 -46.80 -23.40 -107.79
C ASP F 145 -48.07 -22.83 -108.43
N VAL F 146 -48.63 -21.82 -107.78
CA VAL F 146 -49.89 -21.22 -108.20
C VAL F 146 -49.76 -19.72 -108.12
N TYR F 147 -50.61 -19.01 -108.86
CA TYR F 147 -50.79 -17.58 -108.64
C TYR F 147 -51.90 -17.39 -107.64
N VAL F 148 -51.65 -16.57 -106.62
CA VAL F 148 -52.64 -16.35 -105.57
C VAL F 148 -53.56 -15.25 -106.10
N ASN F 149 -54.53 -15.68 -106.90
CA ASN F 149 -55.64 -14.86 -107.36
C ASN F 149 -56.77 -15.80 -107.78
N GLY F 150 -57.99 -15.42 -107.47
CA GLY F 150 -59.08 -16.39 -107.54
C GLY F 150 -59.55 -16.77 -108.93
N ASP F 151 -58.61 -17.03 -109.85
CA ASP F 151 -59.01 -17.49 -111.18
C ASP F 151 -58.04 -18.49 -111.79
N HIS F 152 -57.08 -19.01 -111.03
CA HIS F 152 -56.11 -19.98 -111.53
C HIS F 152 -56.46 -21.34 -110.97
N ALA F 153 -56.67 -22.31 -111.87
CA ALA F 153 -57.04 -23.67 -111.49
C ALA F 153 -55.86 -24.60 -111.71
N VAL F 154 -55.50 -25.34 -110.68
CA VAL F 154 -54.40 -26.30 -110.73
C VAL F 154 -54.92 -27.65 -110.26
N THR F 155 -54.48 -28.71 -110.93
CA THR F 155 -54.97 -30.06 -110.65
C THR F 155 -53.93 -30.86 -109.87
N ILE F 156 -54.40 -31.56 -108.84
CA ILE F 156 -53.57 -32.45 -108.03
C ILE F 156 -54.35 -33.74 -107.81
N GLY F 157 -54.05 -34.76 -108.59
CA GLY F 157 -54.72 -36.03 -108.43
C GLY F 157 -56.22 -35.96 -108.64
N GLY F 158 -56.66 -35.24 -109.67
CA GLY F 158 -58.07 -35.10 -109.95
C GLY F 158 -58.79 -34.02 -109.17
N THR F 159 -58.06 -33.22 -108.40
CA THR F 159 -58.66 -32.18 -107.57
C THR F 159 -58.36 -30.80 -108.17
N GLN F 160 -59.39 -29.97 -108.25
CA GLN F 160 -59.24 -28.60 -108.73
C GLN F 160 -59.07 -27.66 -107.54
N PHE F 161 -57.99 -26.90 -107.54
CA PHE F 161 -57.69 -25.94 -106.49
C PHE F 161 -57.71 -24.53 -107.07
N ILE F 162 -58.37 -23.61 -106.37
CA ILE F 162 -58.40 -22.21 -106.75
C ILE F 162 -58.07 -21.38 -105.52
N PHE F 163 -56.89 -20.75 -105.52
CA PHE F 163 -56.43 -19.99 -104.37
C PHE F 163 -56.86 -18.54 -104.53
N GLY F 164 -57.77 -18.10 -103.67
CA GLY F 164 -58.39 -16.80 -103.81
C GLY F 164 -57.46 -15.66 -103.49
N PRO F 165 -57.91 -14.44 -103.74
CA PRO F 165 -57.04 -13.27 -103.52
C PRO F 165 -56.69 -13.11 -102.05
N LEU F 166 -55.52 -12.52 -101.81
CA LEU F 166 -55.04 -12.35 -100.45
C LEU F 166 -55.97 -11.45 -99.66
N SER F 167 -55.93 -11.60 -98.34
CA SER F 167 -56.77 -10.79 -97.46
C SER F 167 -56.36 -9.32 -97.52
N SER F 168 -55.08 -9.03 -97.33
CA SER F 168 -54.60 -7.66 -97.24
C SER F 168 -53.79 -7.29 -98.48
N ALA F 169 -53.88 -6.03 -98.86
CA ALA F 169 -53.17 -5.48 -100.02
C ALA F 169 -51.96 -4.67 -99.59
N TRP F 170 -51.25 -5.13 -98.56
CA TRP F 170 -50.06 -4.44 -98.08
C TRP F 170 -48.85 -4.88 -98.88
N THR F 171 -48.06 -3.91 -99.33
CA THR F 171 -46.83 -4.14 -100.06
C THR F 171 -45.72 -3.30 -99.46
N PRO F 172 -44.49 -3.82 -99.44
CA PRO F 172 -43.39 -3.08 -98.79
C PRO F 172 -42.78 -2.00 -99.67
N PHE F 173 -42.92 -2.09 -100.99
CA PHE F 173 -42.31 -1.11 -101.88
C PHE F 173 -43.17 0.13 -101.98
N ASP F 174 -42.55 1.29 -101.75
CA ASP F 174 -43.25 2.56 -101.92
C ASP F 174 -43.51 2.79 -103.41
N ASN F 175 -44.00 3.98 -103.75
CA ASN F 175 -44.28 4.25 -105.15
C ASN F 175 -42.99 4.43 -105.95
N LYS F 176 -41.95 4.98 -105.33
CA LYS F 176 -40.70 5.28 -106.02
C LYS F 176 -39.60 4.39 -105.48
N ILE F 177 -38.97 3.62 -106.37
CA ILE F 177 -38.03 2.58 -106.01
C ILE F 177 -36.73 2.82 -106.76
N VAL F 178 -35.60 2.73 -106.05
CA VAL F 178 -34.27 2.83 -106.64
C VAL F 178 -33.57 1.50 -106.44
N VAL F 179 -33.13 0.88 -107.53
CA VAL F 179 -32.53 -0.45 -107.50
C VAL F 179 -31.06 -0.33 -107.86
N TYR F 180 -30.20 -0.95 -107.05
CA TYR F 180 -28.76 -0.92 -107.28
C TYR F 180 -28.18 -2.28 -106.96
N LYS F 181 -27.80 -3.03 -107.99
CA LYS F 181 -27.27 -4.39 -107.84
C LYS F 181 -28.29 -5.30 -107.18
N ASP F 182 -28.17 -5.51 -105.88
CA ASP F 182 -29.08 -6.39 -105.15
C ASP F 182 -29.66 -5.70 -103.93
N GLU F 183 -29.93 -4.40 -104.03
CA GLU F 183 -30.50 -3.63 -102.94
C GLU F 183 -31.58 -2.73 -103.47
N VAL F 184 -32.68 -2.61 -102.73
CA VAL F 184 -33.82 -1.80 -103.13
C VAL F 184 -33.99 -0.70 -102.11
N PHE F 185 -34.15 0.53 -102.58
CA PHE F 185 -34.24 1.69 -101.70
C PHE F 185 -35.57 2.38 -101.90
N ASN F 186 -36.16 2.82 -100.80
CA ASN F 186 -37.39 3.63 -100.84
C ASN F 186 -36.97 5.08 -100.89
N GLN F 187 -36.75 5.59 -102.09
CA GLN F 187 -36.14 6.89 -102.28
C GLN F 187 -37.01 7.73 -103.21
N ASP F 188 -37.03 9.04 -102.97
CA ASP F 188 -37.80 9.98 -103.78
C ASP F 188 -36.86 10.67 -104.75
N PHE F 189 -36.67 10.07 -105.93
CA PHE F 189 -35.68 10.59 -106.84
C PHE F 189 -36.21 11.80 -107.63
N PRO F 190 -35.33 12.69 -108.06
CA PRO F 190 -35.80 13.88 -108.78
C PRO F 190 -36.34 13.53 -110.14
N PRO F 191 -37.26 14.33 -110.68
CA PRO F 191 -37.84 14.02 -111.99
C PRO F 191 -36.79 14.07 -113.09
N TYR F 192 -37.01 13.28 -114.13
CA TYR F 192 -36.08 13.28 -115.24
C TYR F 192 -36.04 14.65 -115.88
N GLY F 193 -34.88 15.28 -115.85
CA GLY F 193 -34.75 16.62 -116.37
C GLY F 193 -34.62 17.71 -115.32
N SER F 194 -34.59 17.35 -114.04
CA SER F 194 -34.44 18.33 -112.98
C SER F 194 -33.48 17.84 -111.91
N GLY F 195 -32.35 17.26 -112.32
CA GLY F 195 -31.35 16.86 -111.36
C GLY F 195 -30.54 18.05 -110.89
N GLN F 196 -30.05 17.96 -109.68
CA GLN F 196 -29.25 19.05 -109.15
C GLN F 196 -27.79 18.61 -109.00
N PRO F 197 -26.83 19.50 -109.22
CA PRO F 197 -25.43 19.10 -109.14
C PRO F 197 -25.05 18.66 -107.74
N GLY F 198 -24.18 17.65 -107.67
CA GLY F 198 -23.63 17.21 -106.41
C GLY F 198 -24.45 16.20 -105.65
N ARG F 199 -25.66 15.87 -106.12
CA ARG F 199 -26.51 14.90 -105.44
C ARG F 199 -26.89 13.81 -106.42
N PHE F 200 -27.77 12.91 -105.99
CA PHE F 200 -28.15 11.78 -106.84
C PHE F 200 -28.80 12.27 -108.12
N GLY F 201 -28.47 11.60 -109.22
CA GLY F 201 -29.08 11.90 -110.49
C GLY F 201 -28.72 13.25 -111.07
N ASP F 202 -27.48 13.70 -110.90
CA ASP F 202 -27.07 14.93 -111.56
C ASP F 202 -26.95 14.75 -113.07
N ILE F 203 -26.66 13.53 -113.52
CA ILE F 203 -26.79 13.17 -114.93
C ILE F 203 -27.78 12.02 -115.03
N GLN F 204 -28.62 12.06 -116.05
CA GLN F 204 -29.69 11.09 -116.20
C GLN F 204 -29.79 10.68 -117.66
N SER F 205 -30.11 9.42 -117.90
CA SER F 205 -30.34 8.91 -119.23
C SER F 205 -31.62 8.07 -119.21
N ARG F 206 -32.35 8.08 -120.33
CA ARG F 206 -33.62 7.36 -120.36
C ARG F 206 -33.40 5.88 -120.20
N THR F 207 -32.36 5.34 -120.84
CA THR F 207 -31.99 3.94 -120.69
C THR F 207 -30.51 3.80 -120.99
N VAL F 208 -30.00 2.58 -120.83
CA VAL F 208 -28.55 2.36 -120.91
C VAL F 208 -28.01 2.71 -122.28
N GLU F 209 -28.70 2.28 -123.34
CA GLU F 209 -28.24 2.53 -124.70
C GLU F 209 -28.81 3.80 -125.30
N SER F 210 -29.52 4.61 -124.51
CA SER F 210 -30.18 5.80 -125.05
C SER F 210 -29.15 6.82 -125.49
N ASN F 211 -29.44 7.49 -126.61
CA ASN F 211 -28.52 8.49 -127.14
C ASN F 211 -28.56 9.79 -126.37
N ASP F 212 -29.73 10.19 -125.89
CA ASP F 212 -29.87 11.46 -125.19
C ASP F 212 -29.26 11.39 -123.80
N LEU F 213 -28.92 12.57 -123.27
CA LEU F 213 -28.31 12.66 -121.96
C LEU F 213 -28.58 14.04 -121.40
N TYR F 214 -28.99 14.10 -120.13
CA TYR F 214 -29.16 15.35 -119.42
C TYR F 214 -28.08 15.43 -118.35
N ALA F 215 -27.29 16.48 -118.37
CA ALA F 215 -26.22 16.65 -117.40
C ALA F 215 -26.26 18.06 -116.84
N ASN F 216 -26.16 18.17 -115.53
CA ASN F 216 -26.15 19.46 -114.84
C ASN F 216 -25.18 19.35 -113.67
N THR F 217 -23.92 19.70 -113.91
CA THR F 217 -22.87 19.49 -112.92
C THR F 217 -22.11 20.77 -112.58
N ALA F 218 -22.57 21.93 -113.04
CA ALA F 218 -21.92 23.21 -112.75
C ALA F 218 -20.47 23.22 -113.24
N LEU F 219 -20.29 22.96 -114.53
CA LEU F 219 -18.97 23.00 -115.15
C LEU F 219 -18.67 24.42 -115.59
N LYS F 220 -17.61 25.01 -115.05
CA LYS F 220 -17.27 26.39 -115.32
C LYS F 220 -15.79 26.49 -115.67
N LEU F 221 -15.48 27.21 -116.73
CA LEU F 221 -14.11 27.38 -117.20
C LEU F 221 -13.47 28.60 -116.56
N ALA F 222 -12.14 28.58 -116.50
CA ALA F 222 -11.38 29.66 -115.87
C ALA F 222 -10.29 30.13 -116.82
N ARG F 223 -9.76 31.31 -116.56
CA ARG F 223 -8.74 31.89 -117.43
C ARG F 223 -7.40 31.20 -117.22
N PRO F 224 -6.76 30.74 -118.28
CA PRO F 224 -5.48 30.05 -118.12
C PRO F 224 -4.41 30.97 -117.58
N SER F 225 -3.49 30.40 -116.81
CA SER F 225 -2.43 31.19 -116.22
C SER F 225 -1.48 31.70 -117.30
N PRO F 226 -0.80 32.82 -117.05
CA PRO F 226 0.15 33.34 -118.04
C PRO F 226 1.28 32.34 -118.28
N GLY F 227 1.66 32.20 -119.55
CA GLY F 227 2.74 31.31 -119.92
C GLY F 227 2.46 29.83 -119.71
N MET F 228 1.25 29.38 -119.98
CA MET F 228 0.91 27.96 -119.85
C MET F 228 -0.17 27.61 -120.85
N VAL F 229 -0.30 26.31 -121.12
CA VAL F 229 -1.33 25.77 -122.00
C VAL F 229 -2.02 24.64 -121.22
N HIS F 230 -3.10 24.96 -120.50
CA HIS F 230 -3.69 23.92 -119.67
C HIS F 230 -5.20 23.92 -119.52
N VAL F 231 -5.93 24.88 -120.10
CA VAL F 231 -7.39 24.93 -120.11
C VAL F 231 -7.99 24.53 -118.76
N PRO F 232 -7.93 25.41 -117.76
CA PRO F 232 -8.42 25.05 -116.43
C PRO F 232 -9.94 25.01 -116.42
N TYR F 233 -10.48 24.39 -115.37
CA TYR F 233 -11.91 24.37 -115.15
C TYR F 233 -12.18 23.99 -113.70
N THR F 234 -13.44 24.08 -113.32
CA THR F 234 -13.88 23.62 -112.01
C THR F 234 -15.27 22.99 -112.15
N GLN F 235 -15.56 22.01 -111.32
CA GLN F 235 -16.77 21.22 -111.48
C GLN F 235 -17.14 20.59 -110.15
N THR F 236 -18.42 20.60 -109.84
CA THR F 236 -18.90 19.94 -108.63
C THR F 236 -18.76 18.42 -108.77
N PRO F 237 -18.28 17.73 -107.75
CA PRO F 237 -17.98 16.31 -107.88
C PRO F 237 -19.20 15.48 -108.25
N SER F 238 -18.95 14.21 -108.50
CA SER F 238 -19.99 13.32 -108.99
C SER F 238 -21.07 13.12 -107.94
N GLY F 239 -22.32 13.10 -108.39
CA GLY F 239 -23.41 12.83 -107.47
C GLY F 239 -23.63 11.36 -107.21
N PHE F 240 -23.28 10.51 -108.18
CA PHE F 240 -23.43 9.07 -107.95
C PHE F 240 -22.50 8.58 -106.86
N LYS F 241 -21.25 9.04 -106.85
CA LYS F 241 -20.33 8.59 -105.81
C LYS F 241 -20.76 9.06 -104.43
N TYR F 242 -21.23 10.30 -104.32
CA TYR F 242 -21.68 10.78 -103.02
C TYR F 242 -22.98 10.12 -102.60
N TRP F 243 -23.82 9.73 -103.54
CA TRP F 243 -24.95 8.89 -103.18
C TRP F 243 -24.49 7.56 -102.64
N LEU F 244 -23.51 6.93 -103.32
CA LEU F 244 -22.98 5.67 -102.84
C LEU F 244 -22.44 5.81 -101.43
N LYS F 245 -21.93 6.99 -101.09
CA LYS F 245 -21.37 7.20 -99.76
C LYS F 245 -22.45 7.47 -98.71
N GLU F 246 -23.46 8.26 -99.04
CA GLU F 246 -24.39 8.78 -98.03
C GLU F 246 -25.83 8.35 -98.29
N LYS F 247 -26.03 7.21 -98.95
CA LYS F 247 -27.39 6.78 -99.26
C LYS F 247 -28.16 6.46 -97.99
N GLY F 248 -27.55 5.71 -97.08
CA GLY F 248 -28.19 5.44 -95.80
C GLY F 248 -29.25 4.37 -95.87
N THR F 249 -29.29 3.49 -94.87
CA THR F 249 -30.30 2.45 -94.75
C THR F 249 -30.40 1.58 -96.00
N ALA F 250 -31.47 0.82 -96.09
CA ALA F 250 -31.78 -0.03 -97.24
C ALA F 250 -33.21 -0.49 -97.05
N LEU F 251 -33.68 -1.40 -97.89
CA LEU F 251 -34.90 -2.12 -97.61
C LEU F 251 -34.65 -3.54 -97.16
N ASN F 252 -33.49 -4.10 -97.49
CA ASN F 252 -33.18 -5.46 -97.07
C ASN F 252 -33.12 -5.57 -95.55
N THR F 253 -32.59 -4.55 -94.88
CA THR F 253 -32.47 -4.53 -93.43
C THR F 253 -33.54 -3.70 -92.76
N LYS F 254 -34.65 -3.44 -93.46
CA LYS F 254 -35.67 -2.57 -92.90
C LYS F 254 -37.09 -3.02 -93.17
N ALA F 255 -37.32 -4.00 -94.04
CA ALA F 255 -38.67 -4.33 -94.46
C ALA F 255 -39.46 -4.89 -93.29
N PRO F 256 -40.76 -4.62 -93.21
CA PRO F 256 -41.58 -5.17 -92.14
C PRO F 256 -42.00 -6.60 -92.46
N PHE F 257 -42.52 -7.26 -91.44
CA PHE F 257 -43.04 -8.62 -91.53
C PHE F 257 -41.99 -9.62 -91.93
N GLY F 258 -40.73 -9.28 -91.76
CA GLY F 258 -39.64 -10.24 -91.87
C GLY F 258 -39.55 -10.94 -93.21
N CYS F 259 -39.65 -10.19 -94.29
CA CYS F 259 -39.54 -10.74 -95.62
C CYS F 259 -38.33 -10.20 -96.36
N GLN F 260 -37.58 -11.12 -96.96
CA GLN F 260 -36.28 -10.82 -97.54
C GLN F 260 -36.47 -10.27 -98.95
N ILE F 261 -35.89 -9.11 -99.20
CA ILE F 261 -35.96 -8.46 -100.50
C ILE F 261 -34.92 -9.09 -101.41
N LYS F 262 -35.30 -9.36 -102.64
CA LYS F 262 -34.35 -9.86 -103.62
C LYS F 262 -34.54 -9.11 -104.93
N THR F 263 -33.48 -9.02 -105.71
CA THR F 263 -33.47 -8.25 -106.94
C THR F 263 -33.35 -9.17 -108.14
N ASN F 264 -33.74 -8.66 -109.30
CA ASN F 264 -33.59 -9.33 -110.59
C ASN F 264 -34.36 -10.64 -110.64
N PRO F 265 -35.70 -10.62 -110.72
CA PRO F 265 -36.55 -9.43 -110.71
C PRO F 265 -36.81 -8.96 -109.30
N VAL F 266 -37.26 -7.71 -109.13
CA VAL F 266 -37.50 -7.19 -107.79
C VAL F 266 -38.67 -7.94 -107.17
N ARG F 267 -38.49 -8.44 -105.96
CA ARG F 267 -39.53 -9.19 -105.29
C ARG F 267 -39.23 -9.26 -103.81
N ALA F 268 -40.27 -9.53 -103.02
CA ALA F 268 -40.14 -9.74 -101.58
C ALA F 268 -40.71 -11.10 -101.25
N MET F 269 -39.91 -11.94 -100.62
CA MET F 269 -40.24 -13.35 -100.49
C MET F 269 -40.48 -13.74 -99.04
N ASN F 270 -41.39 -14.70 -98.85
CA ASN F 270 -41.71 -15.27 -97.54
C ASN F 270 -42.10 -14.18 -96.55
N CYS F 271 -43.22 -13.53 -96.86
CA CYS F 271 -43.54 -12.26 -96.21
C CYS F 271 -44.90 -12.44 -95.55
N ALA F 272 -44.89 -12.68 -94.24
CA ALA F 272 -46.04 -13.24 -93.52
C ALA F 272 -47.08 -12.15 -93.28
N VAL F 273 -48.17 -12.18 -94.04
CA VAL F 273 -49.27 -11.25 -93.86
C VAL F 273 -50.49 -11.82 -94.56
N GLY F 274 -51.66 -11.63 -93.98
CA GLY F 274 -52.91 -11.93 -94.64
C GLY F 274 -53.29 -13.40 -94.57
N ASN F 275 -54.45 -13.69 -95.17
CA ASN F 275 -55.01 -15.03 -95.23
C ASN F 275 -55.31 -15.38 -96.67
N ILE F 276 -55.18 -16.66 -97.00
CA ILE F 276 -55.32 -17.13 -98.38
C ILE F 276 -56.56 -18.01 -98.46
N PRO F 277 -57.68 -17.53 -99.01
CA PRO F 277 -58.83 -18.42 -99.21
C PRO F 277 -58.54 -19.48 -100.25
N VAL F 278 -59.12 -20.66 -100.04
CA VAL F 278 -58.92 -21.81 -100.91
C VAL F 278 -60.27 -22.36 -101.32
N SER F 279 -60.45 -22.59 -102.62
CA SER F 279 -61.65 -23.22 -103.15
C SER F 279 -61.28 -24.58 -103.71
N MET F 280 -62.11 -25.57 -103.44
CA MET F 280 -61.78 -26.97 -103.66
C MET F 280 -62.89 -27.67 -104.42
N ASN F 281 -62.51 -28.63 -105.26
CA ASN F 281 -63.47 -29.50 -105.93
C ASN F 281 -62.90 -30.91 -105.93
N LEU F 282 -63.56 -31.82 -105.23
CA LEU F 282 -63.04 -33.17 -105.08
C LEU F 282 -63.86 -34.18 -105.86
N PRO F 283 -63.25 -35.27 -106.32
CA PRO F 283 -64.02 -36.38 -106.86
C PRO F 283 -64.52 -37.28 -105.73
N ASP F 284 -65.35 -38.25 -106.10
CA ASP F 284 -65.86 -39.20 -105.12
C ASP F 284 -64.78 -40.20 -104.69
N SER F 285 -63.77 -40.43 -105.52
CA SER F 285 -62.77 -41.44 -105.22
C SER F 285 -61.91 -41.08 -104.01
N ALA F 286 -61.90 -39.82 -103.60
CA ALA F 286 -61.11 -39.44 -102.44
C ALA F 286 -61.71 -39.96 -101.14
N PHE F 287 -63.03 -40.05 -101.06
CA PHE F 287 -63.70 -40.48 -99.85
C PHE F 287 -63.83 -42.00 -99.81
N THR F 288 -64.30 -42.51 -98.67
CA THR F 288 -64.65 -43.91 -98.50
C THR F 288 -66.08 -44.01 -97.98
N ARG F 289 -66.82 -44.99 -98.49
CA ARG F 289 -68.18 -45.20 -98.02
C ARG F 289 -68.16 -45.57 -96.54
N ILE F 290 -69.21 -45.15 -95.83
CA ILE F 290 -69.21 -45.26 -94.37
C ILE F 290 -69.09 -46.71 -93.92
N VAL F 291 -69.57 -47.65 -94.72
CA VAL F 291 -69.59 -49.05 -94.30
C VAL F 291 -68.17 -49.58 -94.13
N GLU F 292 -67.23 -49.14 -94.97
CA GLU F 292 -65.86 -49.59 -94.83
C GLU F 292 -65.13 -48.90 -93.68
N ALA F 293 -65.66 -47.79 -93.19
CA ALA F 293 -65.02 -47.12 -92.07
C ALA F 293 -65.24 -47.92 -90.79
N PRO F 294 -64.26 -47.98 -89.90
CA PRO F 294 -64.48 -48.63 -88.61
C PRO F 294 -65.52 -47.87 -87.80
N THR F 295 -66.30 -48.64 -87.04
CA THR F 295 -67.33 -48.07 -86.18
C THR F 295 -66.73 -47.82 -84.80
N ILE F 296 -66.74 -46.55 -84.39
CA ILE F 296 -66.11 -46.14 -83.14
C ILE F 296 -67.22 -45.78 -82.15
N ILE F 297 -67.17 -46.38 -80.97
CA ILE F 297 -68.17 -46.18 -79.94
C ILE F 297 -67.47 -45.98 -78.60
N ASP F 298 -67.99 -45.05 -77.80
CA ASP F 298 -67.48 -44.78 -76.46
C ASP F 298 -66.02 -44.32 -76.50
N LEU F 299 -65.80 -43.17 -77.11
CA LEU F 299 -64.47 -42.59 -77.24
C LEU F 299 -64.21 -41.63 -76.07
N THR F 300 -63.15 -41.89 -75.32
CA THR F 300 -62.76 -41.06 -74.19
C THR F 300 -61.35 -40.53 -74.41
N CYS F 301 -61.07 -39.37 -73.84
CA CYS F 301 -59.81 -38.67 -74.09
C CYS F 301 -59.19 -38.23 -72.77
N THR F 302 -57.90 -38.53 -72.61
CA THR F 302 -57.13 -38.07 -71.47
C THR F 302 -55.79 -37.54 -71.97
N VAL F 303 -55.22 -36.61 -71.21
CA VAL F 303 -53.96 -35.96 -71.57
C VAL F 303 -52.90 -36.40 -70.57
N ALA F 304 -51.82 -36.99 -71.09
CA ALA F 304 -50.75 -37.45 -70.21
C ALA F 304 -49.95 -36.27 -69.68
N THR F 305 -49.32 -35.51 -70.57
CA THR F 305 -48.55 -34.34 -70.18
C THR F 305 -48.83 -33.19 -71.15
N CYS F 306 -48.65 -31.97 -70.65
CA CYS F 306 -48.82 -30.78 -71.47
C CYS F 306 -47.78 -29.75 -71.06
N THR F 307 -47.31 -28.99 -72.04
CA THR F 307 -46.39 -27.88 -71.81
C THR F 307 -46.52 -26.93 -72.99
N HIS F 308 -47.03 -25.73 -72.76
CA HIS F 308 -47.35 -24.82 -73.86
C HIS F 308 -46.07 -24.20 -74.39
N SER F 309 -45.38 -24.94 -75.24
CA SER F 309 -44.15 -24.51 -75.86
C SER F 309 -44.29 -24.58 -77.38
N SER F 310 -43.34 -23.94 -78.08
CA SER F 310 -43.45 -23.80 -79.53
C SER F 310 -43.46 -25.15 -80.23
N ASP F 311 -42.60 -26.07 -79.80
CA ASP F 311 -42.65 -27.40 -80.37
C ASP F 311 -43.87 -28.16 -79.85
N PHE F 312 -44.13 -29.31 -80.46
CA PHE F 312 -45.33 -30.07 -80.09
C PHE F 312 -45.16 -30.66 -78.69
N GLY F 313 -45.58 -29.92 -77.68
CA GLY F 313 -45.39 -30.30 -76.30
C GLY F 313 -46.63 -30.84 -75.63
N GLY F 314 -47.33 -31.74 -76.30
CA GLY F 314 -48.50 -32.36 -75.71
C GLY F 314 -48.66 -33.80 -76.13
N VAL F 315 -49.05 -34.68 -75.21
CA VAL F 315 -49.31 -36.07 -75.50
C VAL F 315 -50.77 -36.35 -75.17
N LEU F 316 -51.50 -36.89 -76.15
CA LEU F 316 -52.94 -37.10 -76.02
C LEU F 316 -53.25 -38.56 -76.34
N THR F 317 -53.98 -39.21 -75.45
CA THR F 317 -54.29 -40.64 -75.58
C THR F 317 -55.80 -40.82 -75.70
N LEU F 318 -56.21 -41.63 -76.67
CA LEU F 318 -57.63 -41.87 -76.94
C LEU F 318 -57.95 -43.34 -76.70
N THR F 319 -59.03 -43.60 -75.97
CA THR F 319 -59.57 -44.93 -75.79
C THR F 319 -60.84 -45.06 -76.61
N TYR F 320 -61.06 -46.24 -77.16
CA TYR F 320 -62.17 -46.44 -78.09
C TYR F 320 -62.50 -47.92 -78.14
N LYS F 321 -63.66 -48.22 -78.73
CA LYS F 321 -64.08 -49.58 -78.98
C LYS F 321 -64.44 -49.71 -80.46
N THR F 322 -63.89 -50.73 -81.11
CA THR F 322 -64.02 -50.89 -82.55
C THR F 322 -64.39 -52.32 -82.89
N ASP F 323 -64.88 -52.50 -84.11
CA ASP F 323 -65.16 -53.82 -84.66
C ASP F 323 -64.09 -54.31 -85.61
N LYS F 324 -63.53 -53.43 -86.43
CA LYS F 324 -62.51 -53.79 -87.40
C LYS F 324 -61.36 -52.80 -87.32
N ASN F 325 -60.22 -53.20 -87.87
CA ASN F 325 -59.03 -52.36 -87.90
C ASN F 325 -58.98 -51.60 -89.21
N GLY F 326 -58.78 -50.29 -89.13
CA GLY F 326 -58.77 -49.47 -90.32
C GLY F 326 -58.03 -48.17 -90.09
N ASP F 327 -58.28 -47.21 -90.98
CA ASP F 327 -57.65 -45.90 -90.94
C ASP F 327 -58.70 -44.83 -90.71
N CYS F 328 -58.49 -44.01 -89.69
CA CYS F 328 -59.37 -42.92 -89.33
C CYS F 328 -58.67 -41.58 -89.51
N SER F 329 -59.41 -40.58 -89.95
CA SER F 329 -58.90 -39.23 -90.12
C SER F 329 -59.17 -38.45 -88.83
N VAL F 330 -58.10 -38.05 -88.15
CA VAL F 330 -58.21 -37.37 -86.86
C VAL F 330 -58.11 -35.87 -87.08
N HIS F 331 -59.02 -35.12 -86.46
CA HIS F 331 -59.02 -33.67 -86.55
C HIS F 331 -59.31 -33.08 -85.18
N SER F 332 -58.83 -31.86 -84.97
CA SER F 332 -59.20 -31.06 -83.81
C SER F 332 -60.03 -29.88 -84.27
N HIS F 333 -61.11 -29.59 -83.54
CA HIS F 333 -62.10 -28.63 -84.00
C HIS F 333 -61.93 -27.24 -83.39
N SER F 334 -60.74 -26.93 -82.88
CA SER F 334 -60.45 -25.59 -82.40
C SER F 334 -59.00 -25.25 -82.74
N ASN F 335 -58.71 -23.95 -82.83
CA ASN F 335 -57.35 -23.52 -83.08
C ASN F 335 -56.56 -23.27 -81.81
N VAL F 336 -57.13 -23.56 -80.64
CA VAL F 336 -56.37 -23.48 -79.40
C VAL F 336 -55.28 -24.55 -79.37
N ALA F 337 -55.54 -25.73 -79.93
CA ALA F 337 -54.56 -26.81 -79.99
C ALA F 337 -54.48 -27.33 -81.41
N THR F 338 -53.26 -27.62 -81.86
CA THR F 338 -53.01 -28.09 -83.22
C THR F 338 -52.44 -29.50 -83.16
N LEU F 339 -53.12 -30.45 -83.78
CA LEU F 339 -52.59 -31.80 -83.84
C LEU F 339 -51.41 -31.87 -84.80
N GLN F 340 -50.66 -32.95 -84.70
CA GLN F 340 -49.50 -33.13 -85.57
C GLN F 340 -49.81 -34.01 -86.78
N GLU F 341 -50.61 -35.05 -86.60
CA GLU F 341 -50.90 -36.00 -87.66
C GLU F 341 -52.36 -35.92 -88.08
N ALA F 342 -52.63 -36.40 -89.29
CA ALA F 342 -53.96 -36.35 -89.88
C ALA F 342 -54.70 -37.66 -89.81
N THR F 343 -54.02 -38.79 -89.93
CA THR F 343 -54.65 -40.10 -89.85
C THR F 343 -53.96 -40.95 -88.81
N ALA F 344 -54.72 -41.85 -88.20
CA ALA F 344 -54.21 -42.75 -87.18
C ALA F 344 -54.68 -44.16 -87.47
N LYS F 345 -53.93 -45.14 -86.99
CA LYS F 345 -54.28 -46.54 -87.15
C LYS F 345 -55.09 -46.98 -85.94
N VAL F 346 -56.35 -47.35 -86.16
CA VAL F 346 -57.21 -47.84 -85.09
C VAL F 346 -57.16 -49.36 -85.10
N LYS F 347 -56.90 -49.94 -83.93
CA LYS F 347 -56.72 -51.37 -83.79
C LYS F 347 -57.68 -51.90 -82.72
N THR F 348 -57.80 -53.23 -82.67
CA THR F 348 -58.67 -53.87 -81.69
C THR F 348 -58.18 -53.71 -80.26
N ALA F 349 -56.93 -53.28 -80.06
CA ALA F 349 -56.43 -53.09 -78.71
C ALA F 349 -57.21 -52.02 -77.97
N GLY F 350 -57.52 -50.91 -78.64
CA GLY F 350 -58.29 -49.86 -78.02
C GLY F 350 -57.49 -48.72 -77.43
N LYS F 351 -56.42 -48.28 -78.10
CA LYS F 351 -55.64 -47.15 -77.62
C LYS F 351 -54.81 -46.57 -78.76
N VAL F 352 -54.97 -45.28 -79.01
CA VAL F 352 -54.15 -44.54 -79.95
C VAL F 352 -53.65 -43.28 -79.25
N THR F 353 -52.52 -42.75 -79.73
CA THR F 353 -51.91 -41.58 -79.14
C THR F 353 -51.71 -40.51 -80.20
N LEU F 354 -51.81 -39.26 -79.78
CA LEU F 354 -51.67 -38.12 -80.69
C LEU F 354 -50.79 -37.08 -80.03
N HIS F 355 -50.15 -36.27 -80.86
CA HIS F 355 -49.28 -35.19 -80.41
C HIS F 355 -49.89 -33.86 -80.83
N PHE F 356 -50.02 -32.94 -79.88
CA PHE F 356 -50.62 -31.65 -80.14
C PHE F 356 -49.77 -30.56 -79.52
N SER F 357 -49.82 -29.36 -80.09
CA SER F 357 -49.13 -28.20 -79.56
C SER F 357 -50.12 -27.10 -79.24
N THR F 358 -49.98 -26.50 -78.07
CA THR F 358 -50.90 -25.48 -77.60
C THR F 358 -50.12 -24.35 -76.95
N ALA F 359 -50.76 -23.19 -76.85
CA ALA F 359 -50.13 -22.02 -76.24
C ALA F 359 -50.94 -21.44 -75.11
N SER F 360 -52.04 -22.06 -74.73
CA SER F 360 -52.90 -21.58 -73.67
C SER F 360 -52.61 -22.32 -72.37
N ALA F 361 -52.90 -21.67 -71.25
CA ALA F 361 -52.61 -22.27 -69.95
C ALA F 361 -53.42 -23.53 -69.72
N SER F 362 -54.68 -23.54 -70.16
CA SER F 362 -55.56 -24.70 -69.99
C SER F 362 -56.45 -24.83 -71.22
N PRO F 363 -56.11 -25.72 -72.15
CA PRO F 363 -56.91 -25.86 -73.37
C PRO F 363 -58.17 -26.67 -73.13
N SER F 364 -59.06 -26.61 -74.13
CA SER F 364 -60.26 -27.45 -74.13
C SER F 364 -60.75 -27.54 -75.56
N PHE F 365 -60.67 -28.71 -76.16
CA PHE F 365 -60.96 -28.85 -77.57
C PHE F 365 -61.62 -30.19 -77.84
N VAL F 366 -62.36 -30.25 -78.95
CA VAL F 366 -63.15 -31.41 -79.32
C VAL F 366 -62.45 -32.13 -80.46
N VAL F 367 -61.97 -33.34 -80.20
CA VAL F 367 -61.20 -34.11 -81.17
C VAL F 367 -62.09 -35.23 -81.72
N SER F 368 -62.02 -35.44 -83.03
CA SER F 368 -62.85 -36.43 -83.71
C SER F 368 -61.98 -37.48 -84.36
N LEU F 369 -62.44 -38.73 -84.33
CA LEU F 369 -61.72 -39.86 -84.88
C LEU F 369 -62.68 -40.65 -85.77
N CYS F 370 -62.48 -40.57 -87.09
CA CYS F 370 -63.55 -40.81 -88.04
C CYS F 370 -64.83 -40.06 -87.63
N SER F 371 -65.80 -40.78 -87.09
CA SER F 371 -67.12 -40.18 -86.83
C SER F 371 -67.36 -39.87 -85.36
N ALA F 372 -66.49 -40.30 -84.46
CA ALA F 372 -66.72 -40.10 -83.03
C ALA F 372 -66.36 -38.67 -82.63
N ARG F 373 -66.47 -38.39 -81.34
CA ARG F 373 -66.14 -37.09 -80.77
C ARG F 373 -65.77 -37.26 -79.31
N ALA F 374 -65.12 -36.25 -78.76
CA ALA F 374 -64.78 -36.24 -77.34
C ALA F 374 -64.39 -34.83 -76.95
N THR F 375 -64.25 -34.60 -75.65
CA THR F 375 -63.79 -33.32 -75.13
C THR F 375 -62.57 -33.55 -74.25
N CYS F 376 -61.44 -32.96 -74.64
CA CYS F 376 -60.20 -33.07 -73.89
C CYS F 376 -59.90 -31.72 -73.25
N SER F 377 -59.59 -31.74 -71.96
CA SER F 377 -59.13 -30.56 -71.24
C SER F 377 -57.94 -30.95 -70.40
N ALA F 378 -56.96 -30.06 -70.30
CA ALA F 378 -55.71 -30.41 -69.66
C ALA F 378 -55.13 -29.19 -68.96
N SER F 379 -54.17 -29.44 -68.09
CA SER F 379 -53.42 -28.39 -67.41
C SER F 379 -51.98 -28.43 -67.88
N CYS F 380 -51.48 -27.29 -68.36
CA CYS F 380 -50.16 -27.19 -68.96
C CYS F 380 -49.30 -26.24 -68.15
N GLU F 381 -48.06 -26.59 -67.95
CA GLU F 381 -47.11 -25.78 -67.24
C GLU F 381 -46.17 -25.08 -68.21
N PRO F 382 -45.65 -23.89 -67.86
CA PRO F 382 -44.85 -23.14 -68.81
C PRO F 382 -43.51 -23.80 -69.07
N PRO F 383 -42.90 -23.57 -70.22
CA PRO F 383 -41.58 -24.14 -70.50
C PRO F 383 -40.47 -23.26 -69.95
N LYS F 384 -39.33 -23.88 -69.68
CA LYS F 384 -38.22 -23.21 -69.04
C LYS F 384 -37.27 -22.52 -70.01
N ASP F 385 -37.23 -22.96 -71.27
CA ASP F 385 -36.28 -22.40 -72.23
C ASP F 385 -36.72 -21.02 -72.66
N HIS F 386 -35.81 -20.05 -72.57
CA HIS F 386 -36.18 -18.67 -72.86
C HIS F 386 -36.36 -18.43 -74.35
N ILE F 387 -35.49 -18.99 -75.19
CA ILE F 387 -35.45 -18.65 -76.61
C ILE F 387 -35.21 -19.91 -77.42
N VAL F 388 -35.88 -20.01 -78.56
CA VAL F 388 -35.75 -21.17 -79.43
C VAL F 388 -35.45 -20.72 -80.85
N PRO F 389 -34.76 -21.51 -81.66
CA PRO F 389 -34.44 -21.13 -83.04
C PRO F 389 -35.47 -21.55 -84.09
N TYR F 390 -36.68 -21.95 -83.71
CA TYR F 390 -37.68 -22.40 -84.66
C TYR F 390 -39.02 -21.75 -84.38
N ALA F 391 -39.78 -21.53 -85.45
CA ALA F 391 -41.02 -20.77 -85.36
C ALA F 391 -42.10 -21.57 -84.66
N ALA F 392 -43.08 -20.85 -84.12
CA ALA F 392 -44.15 -21.45 -83.34
C ALA F 392 -45.01 -22.37 -84.19
N SER F 393 -45.56 -23.40 -83.57
CA SER F 393 -46.41 -24.37 -84.24
C SER F 393 -47.88 -24.25 -83.87
N HIS F 394 -48.23 -23.34 -82.97
CA HIS F 394 -49.62 -23.15 -82.55
C HIS F 394 -50.16 -21.87 -83.15
N SER F 395 -51.41 -21.57 -82.81
CA SER F 395 -52.08 -20.38 -83.32
C SER F 395 -52.00 -19.20 -82.36
N ASN F 396 -51.29 -19.35 -81.25
CA ASN F 396 -51.06 -18.27 -80.29
C ASN F 396 -52.38 -17.76 -79.70
N VAL F 397 -53.11 -18.69 -79.08
CA VAL F 397 -54.35 -18.39 -78.38
C VAL F 397 -54.10 -18.60 -76.90
N VAL F 398 -54.33 -17.57 -76.10
CA VAL F 398 -53.90 -17.57 -74.71
C VAL F 398 -55.05 -17.68 -73.72
N PHE F 399 -56.25 -17.26 -74.09
CA PHE F 399 -57.38 -17.27 -73.16
C PHE F 399 -57.69 -18.69 -72.73
N PRO F 400 -57.71 -18.98 -71.44
CA PRO F 400 -57.96 -20.35 -70.98
C PRO F 400 -59.44 -20.71 -71.05
N ASP F 401 -59.71 -21.99 -70.83
CA ASP F 401 -61.07 -22.49 -70.77
C ASP F 401 -61.76 -22.02 -69.50
N MET F 402 -63.09 -21.96 -69.55
CA MET F 402 -63.88 -21.56 -68.39
C MET F 402 -63.72 -22.54 -67.24
N SER F 403 -63.33 -23.79 -67.52
CA SER F 403 -63.14 -24.79 -66.50
C SER F 403 -61.72 -24.81 -65.93
N GLY F 404 -60.85 -23.90 -66.38
CA GLY F 404 -59.52 -23.82 -65.83
C GLY F 404 -59.53 -23.35 -64.39
N THR F 405 -58.38 -23.46 -63.74
CA THR F 405 -58.31 -23.15 -62.31
C THR F 405 -58.65 -21.69 -62.04
N ALA F 406 -58.05 -20.77 -62.81
CA ALA F 406 -58.30 -19.36 -62.58
C ALA F 406 -59.76 -19.00 -62.81
N LEU F 407 -60.33 -19.45 -63.92
CA LEU F 407 -61.72 -19.13 -64.18
C LEU F 407 -62.66 -19.89 -63.25
N SER F 408 -62.25 -21.05 -62.74
CA SER F 408 -63.05 -21.72 -61.72
C SER F 408 -63.09 -20.90 -60.44
N TRP F 409 -61.95 -20.32 -60.03
CA TRP F 409 -61.97 -19.47 -58.84
C TRP F 409 -62.84 -18.24 -59.07
N VAL F 410 -62.73 -17.63 -60.26
CA VAL F 410 -63.57 -16.47 -60.55
C VAL F 410 -65.04 -16.86 -60.51
N GLN F 411 -65.38 -18.03 -61.05
CA GLN F 411 -66.77 -18.49 -61.04
C GLN F 411 -67.26 -18.70 -59.61
N LYS F 412 -66.43 -19.28 -58.75
CA LYS F 412 -66.85 -19.52 -57.37
C LYS F 412 -67.11 -18.20 -56.66
N ILE F 413 -66.23 -17.22 -56.83
CA ILE F 413 -66.42 -15.93 -56.17
C ILE F 413 -67.67 -15.23 -56.71
N SER F 414 -67.87 -15.26 -58.02
CA SER F 414 -69.05 -14.64 -58.60
C SER F 414 -70.32 -15.33 -58.11
N GLY F 415 -70.29 -16.64 -57.98
CA GLY F 415 -71.44 -17.35 -57.46
C GLY F 415 -71.76 -16.96 -56.03
N GLY F 416 -70.72 -16.82 -55.19
CA GLY F 416 -70.96 -16.39 -53.82
C GLY F 416 -71.57 -15.01 -53.76
N LEU F 417 -71.01 -14.06 -54.52
CA LEU F 417 -71.55 -12.70 -54.51
C LEU F 417 -72.97 -12.66 -55.06
N GLY F 418 -73.24 -13.44 -56.10
CA GLY F 418 -74.59 -13.50 -56.65
C GLY F 418 -75.59 -14.07 -55.67
N ALA F 419 -75.20 -15.11 -54.93
CA ALA F 419 -76.08 -15.64 -53.90
C ALA F 419 -76.37 -14.58 -52.84
N PHE F 420 -75.35 -13.85 -52.41
CA PHE F 420 -75.57 -12.79 -51.42
C PHE F 420 -76.52 -11.73 -51.94
N ALA F 421 -76.33 -11.30 -53.19
CA ALA F 421 -77.20 -10.27 -53.76
C ALA F 421 -78.64 -10.76 -53.89
N ILE F 422 -78.81 -12.02 -54.31
CA ILE F 422 -80.15 -12.58 -54.43
C ILE F 422 -80.82 -12.63 -53.06
N GLY F 423 -80.08 -13.04 -52.02
CA GLY F 423 -80.66 -13.05 -50.69
C GLY F 423 -81.09 -11.68 -50.23
N ALA F 424 -80.25 -10.66 -50.46
CA ALA F 424 -80.61 -9.30 -50.08
C ALA F 424 -81.86 -8.84 -50.81
N ILE F 425 -81.93 -9.09 -52.12
CA ILE F 425 -83.10 -8.67 -52.90
C ILE F 425 -84.35 -9.36 -52.39
N LEU F 426 -84.27 -10.66 -52.10
CA LEU F 426 -85.44 -11.38 -51.61
C LEU F 426 -85.91 -10.83 -50.28
N VAL F 427 -84.98 -10.54 -49.36
CA VAL F 427 -85.38 -9.99 -48.06
C VAL F 427 -86.06 -8.65 -48.24
N LEU F 428 -85.48 -7.77 -49.07
CA LEU F 428 -86.10 -6.47 -49.27
C LEU F 428 -87.48 -6.58 -49.90
N VAL F 429 -87.63 -7.49 -50.87
CA VAL F 429 -88.93 -7.67 -51.52
C VAL F 429 -89.96 -8.18 -50.52
N VAL F 430 -89.56 -9.13 -49.67
CA VAL F 430 -90.50 -9.65 -48.66
C VAL F 430 -90.94 -8.53 -47.72
N VAL F 431 -89.99 -7.72 -47.25
CA VAL F 431 -90.35 -6.65 -46.32
C VAL F 431 -91.26 -5.64 -46.99
N THR F 432 -90.95 -5.25 -48.24
CA THR F 432 -91.79 -4.26 -48.91
C THR F 432 -93.19 -4.80 -49.17
N CYS F 433 -93.32 -6.08 -49.55
CA CYS F 433 -94.64 -6.65 -49.74
C CYS F 433 -95.42 -6.68 -48.44
N ILE F 434 -94.76 -7.04 -47.33
CA ILE F 434 -95.43 -7.05 -46.05
C ILE F 434 -95.92 -5.65 -45.70
N GLY F 435 -95.08 -4.64 -45.93
CA GLY F 435 -95.50 -3.28 -45.66
C GLY F 435 -96.66 -2.83 -46.52
N LEU F 436 -96.64 -3.19 -47.80
CA LEU F 436 -97.71 -2.76 -48.70
C LEU F 436 -99.03 -3.42 -48.37
N ARG F 437 -98.99 -4.70 -47.97
CA ARG F 437 -100.24 -5.37 -47.60
C ARG F 437 -100.89 -4.73 -46.37
N ARG F 438 -100.13 -4.04 -45.54
CA ARG F 438 -100.70 -3.31 -44.41
C ARG F 438 -101.50 -2.12 -44.91
N TYR G 1 -31.60 -28.68 -66.91
CA TYR G 1 -32.65 -28.50 -65.90
C TYR G 1 -32.04 -28.22 -64.53
N GLU G 2 -32.03 -26.95 -64.15
CA GLU G 2 -31.47 -26.55 -62.86
C GLU G 2 -32.24 -27.19 -61.72
N HIS G 3 -31.52 -27.59 -60.67
CA HIS G 3 -32.15 -28.15 -59.48
C HIS G 3 -31.30 -27.79 -58.27
N SER G 4 -31.92 -27.81 -57.10
CA SER G 4 -31.22 -27.47 -55.87
C SER G 4 -31.74 -28.34 -54.74
N THR G 5 -30.87 -28.63 -53.79
CA THR G 5 -31.23 -29.49 -52.67
C THR G 5 -30.28 -29.19 -51.52
N VAL G 6 -30.55 -29.83 -50.38
CA VAL G 6 -29.71 -29.73 -49.19
C VAL G 6 -29.49 -31.13 -48.65
N MET G 7 -28.22 -31.51 -48.47
CA MET G 7 -27.95 -32.88 -48.08
C MET G 7 -27.06 -32.90 -46.84
N PRO G 8 -27.31 -33.83 -45.92
CA PRO G 8 -26.62 -33.80 -44.62
C PRO G 8 -25.14 -34.13 -44.76
N ASN G 9 -24.35 -33.55 -43.86
CA ASN G 9 -22.90 -33.76 -43.84
C ASN G 9 -22.53 -34.92 -42.93
N VAL G 10 -23.06 -36.10 -43.25
CA VAL G 10 -22.82 -37.31 -42.48
C VAL G 10 -22.20 -38.34 -43.40
N VAL G 11 -21.05 -38.89 -42.99
CA VAL G 11 -20.33 -39.83 -43.84
C VAL G 11 -21.09 -41.14 -43.92
N GLY G 12 -21.32 -41.62 -45.13
CA GLY G 12 -21.98 -42.88 -45.35
C GLY G 12 -23.50 -42.81 -45.43
N PHE G 13 -24.10 -41.64 -45.26
CA PHE G 13 -25.54 -41.54 -45.29
C PHE G 13 -26.02 -41.51 -46.74
N PRO G 14 -26.89 -42.43 -47.15
CA PRO G 14 -27.28 -42.59 -48.57
C PRO G 14 -28.35 -41.63 -49.05
N TYR G 15 -27.96 -40.38 -49.28
CA TYR G 15 -28.94 -39.37 -49.65
C TYR G 15 -29.44 -39.60 -51.07
N LYS G 16 -30.76 -39.51 -51.24
CA LYS G 16 -31.39 -39.72 -52.55
C LYS G 16 -32.28 -38.53 -52.86
N ALA G 17 -32.14 -37.97 -54.06
CA ALA G 17 -32.89 -36.79 -54.47
C ALA G 17 -33.89 -37.16 -55.55
N HIS G 18 -35.07 -36.56 -55.51
CA HIS G 18 -36.14 -36.82 -56.46
C HIS G 18 -36.28 -35.61 -57.36
N ILE G 19 -36.02 -35.79 -58.65
CA ILE G 19 -36.14 -34.74 -59.65
C ILE G 19 -37.32 -35.06 -60.53
N GLU G 20 -38.34 -34.20 -60.51
CA GLU G 20 -39.61 -34.46 -61.19
C GLU G 20 -39.83 -33.37 -62.22
N ARG G 21 -39.31 -33.60 -63.42
CA ARG G 21 -39.49 -32.72 -64.56
C ARG G 21 -40.92 -32.82 -65.09
N PRO G 22 -41.54 -31.69 -65.45
CA PRO G 22 -42.94 -31.74 -65.89
C PRO G 22 -43.16 -32.57 -67.14
N GLY G 23 -42.21 -32.64 -68.06
CA GLY G 23 -42.40 -33.37 -69.29
C GLY G 23 -41.86 -34.78 -69.32
N TYR G 24 -41.12 -35.21 -68.30
CA TYR G 24 -40.43 -36.49 -68.32
C TYR G 24 -40.72 -37.27 -67.05
N SER G 25 -40.40 -38.56 -67.09
CA SER G 25 -40.58 -39.42 -65.94
C SER G 25 -39.63 -39.01 -64.82
N PRO G 26 -40.03 -39.18 -63.56
CA PRO G 26 -39.19 -38.74 -62.44
C PRO G 26 -37.88 -39.50 -62.37
N LEU G 27 -36.87 -38.86 -61.78
CA LEU G 27 -35.54 -39.41 -61.65
C LEU G 27 -35.12 -39.39 -60.18
N THR G 28 -34.28 -40.36 -59.80
CA THR G 28 -33.75 -40.42 -58.45
C THR G 28 -32.23 -40.51 -58.51
N LEU G 29 -31.55 -39.57 -57.88
CA LEU G 29 -30.10 -39.56 -57.77
C LEU G 29 -29.73 -40.16 -56.42
N GLN G 30 -28.46 -40.54 -56.28
CA GLN G 30 -27.93 -41.00 -55.00
C GLN G 30 -26.58 -40.33 -54.78
N MET G 31 -26.46 -39.57 -53.71
CA MET G 31 -25.22 -38.90 -53.37
C MET G 31 -24.79 -39.35 -51.98
N GLN G 32 -23.49 -39.50 -51.80
CA GLN G 32 -22.93 -40.04 -50.57
C GLN G 32 -21.58 -39.40 -50.32
N VAL G 33 -21.33 -39.03 -49.06
CA VAL G 33 -20.09 -38.37 -48.67
C VAL G 33 -19.14 -39.45 -48.19
N VAL G 34 -18.21 -39.86 -49.04
CA VAL G 34 -17.27 -40.91 -48.69
C VAL G 34 -16.26 -40.41 -47.65
N GLU G 35 -15.85 -39.15 -47.74
CA GLU G 35 -14.77 -38.65 -46.90
C GLU G 35 -14.82 -37.12 -46.88
N THR G 36 -14.46 -36.54 -45.75
CA THR G 36 -14.49 -35.10 -45.53
C THR G 36 -13.16 -34.67 -44.91
N SER G 37 -12.78 -33.42 -45.11
CA SER G 37 -11.49 -32.93 -44.60
C SER G 37 -11.59 -31.44 -44.34
N LEU G 38 -11.25 -31.01 -43.13
CA LEU G 38 -11.35 -29.60 -42.74
C LEU G 38 -9.94 -29.03 -42.59
N GLU G 39 -9.58 -28.09 -43.44
CA GLU G 39 -8.23 -27.55 -43.50
C GLU G 39 -8.18 -26.15 -42.92
N PRO G 40 -7.49 -25.91 -41.81
CA PRO G 40 -7.30 -24.54 -41.33
C PRO G 40 -6.20 -23.84 -42.13
N THR G 41 -6.03 -22.56 -41.83
CA THR G 41 -4.98 -21.74 -42.42
C THR G 41 -4.00 -21.33 -41.32
N LEU G 42 -2.73 -21.63 -41.52
CA LEU G 42 -1.75 -21.58 -40.44
C LEU G 42 -0.69 -20.51 -40.70
N ASN G 43 -0.26 -19.84 -39.63
CA ASN G 43 0.82 -18.86 -39.68
C ASN G 43 1.83 -19.21 -38.59
N LEU G 44 3.00 -19.67 -38.98
CA LEU G 44 3.99 -20.13 -38.02
C LEU G 44 4.49 -18.98 -37.15
N GLU G 45 4.57 -19.22 -35.84
CA GLU G 45 5.02 -18.19 -34.92
C GLU G 45 6.49 -18.40 -34.54
N TYR G 46 6.83 -19.58 -34.03
CA TYR G 46 8.22 -19.91 -33.77
C TYR G 46 8.36 -21.41 -33.59
N ILE G 47 9.59 -21.85 -33.31
CA ILE G 47 9.94 -23.26 -33.18
C ILE G 47 10.70 -23.42 -31.87
N THR G 48 10.40 -24.48 -31.13
CA THR G 48 11.07 -24.75 -29.87
C THR G 48 11.67 -26.15 -29.90
N CYS G 49 12.79 -26.31 -29.20
CA CYS G 49 13.46 -27.60 -29.07
C CYS G 49 14.37 -27.54 -27.86
N GLU G 50 14.89 -28.72 -27.50
CA GLU G 50 15.79 -28.78 -26.36
C GLU G 50 17.06 -27.99 -26.63
N TYR G 51 17.55 -27.28 -25.62
CA TYR G 51 18.75 -26.51 -25.78
C TYR G 51 19.98 -27.37 -25.48
N LYS G 52 21.16 -26.81 -25.72
CA LYS G 52 22.43 -27.46 -25.44
C LYS G 52 23.41 -26.41 -24.97
N THR G 53 24.02 -26.62 -23.81
CA THR G 53 24.90 -25.63 -23.20
C THR G 53 26.33 -25.87 -23.64
N VAL G 54 26.98 -24.83 -24.14
CA VAL G 54 28.35 -24.90 -24.64
C VAL G 54 29.27 -24.25 -23.63
N VAL G 55 30.22 -25.02 -23.11
CA VAL G 55 31.14 -24.57 -22.08
C VAL G 55 32.56 -24.70 -22.61
N PRO G 56 33.16 -23.60 -23.08
CA PRO G 56 34.56 -23.66 -23.51
C PRO G 56 35.48 -23.88 -22.33
N SER G 57 36.67 -24.40 -22.64
CA SER G 57 37.65 -24.68 -21.60
C SER G 57 38.08 -23.38 -20.92
N PRO G 58 38.36 -23.42 -19.62
CA PRO G 58 38.73 -22.19 -18.91
C PRO G 58 40.08 -21.68 -19.36
N TYR G 59 40.26 -20.38 -19.26
CA TYR G 59 41.54 -19.75 -19.56
C TYR G 59 42.16 -19.30 -18.24
N VAL G 60 43.11 -20.09 -17.75
CA VAL G 60 43.81 -19.80 -16.51
C VAL G 60 45.05 -19.00 -16.86
N LYS G 61 45.07 -17.73 -16.46
CA LYS G 61 46.20 -16.85 -16.73
C LYS G 61 47.15 -16.89 -15.55
N CYS G 62 48.32 -17.49 -15.74
CA CYS G 62 49.32 -17.57 -14.69
C CYS G 62 50.01 -16.23 -14.53
N CYS G 63 50.07 -15.73 -13.31
CA CYS G 63 50.81 -14.51 -12.99
C CYS G 63 50.33 -13.33 -13.84
N GLY G 64 49.08 -12.95 -13.62
CA GLY G 64 48.52 -11.85 -14.37
C GLY G 64 47.04 -11.68 -14.09
N ALA G 65 46.40 -10.87 -14.93
CA ALA G 65 44.97 -10.60 -14.81
C ALA G 65 44.35 -10.64 -16.19
N SER G 66 43.07 -10.98 -16.24
CA SER G 66 42.34 -11.07 -17.49
C SER G 66 41.02 -10.33 -17.35
N GLU G 67 40.48 -9.86 -18.47
CA GLU G 67 39.29 -9.03 -18.48
C GLU G 67 38.21 -9.68 -19.33
N CYS G 68 36.97 -9.64 -18.83
CA CYS G 68 35.85 -10.18 -19.58
C CYS G 68 35.49 -9.28 -20.75
N SER G 69 35.02 -9.89 -21.83
CA SER G 69 34.62 -9.17 -23.03
C SER G 69 33.20 -9.55 -23.39
N THR G 70 32.36 -8.55 -23.64
CA THR G 70 30.99 -8.80 -24.01
C THR G 70 30.90 -9.35 -25.43
N LYS G 71 29.91 -10.20 -25.66
CA LYS G 71 29.68 -10.80 -26.97
C LYS G 71 28.19 -10.86 -27.25
N GLU G 72 27.85 -11.00 -28.53
CA GLU G 72 26.46 -11.13 -28.97
C GLU G 72 26.18 -12.61 -29.21
N LYS G 73 25.90 -13.33 -28.13
CA LYS G 73 25.50 -14.72 -28.18
C LYS G 73 24.25 -14.90 -27.33
N PRO G 74 23.42 -15.89 -27.64
CA PRO G 74 22.19 -16.10 -26.87
C PRO G 74 22.52 -16.52 -25.44
N ASP G 75 22.12 -15.70 -24.48
CA ASP G 75 22.30 -15.99 -23.06
C ASP G 75 23.77 -16.20 -22.72
N TYR G 76 24.58 -15.20 -23.02
CA TYR G 76 26.02 -15.29 -22.78
C TYR G 76 26.35 -14.86 -21.36
N GLN G 77 27.19 -15.63 -20.68
CA GLN G 77 27.57 -15.37 -19.30
C GLN G 77 29.07 -15.53 -19.15
N CYS G 78 29.73 -14.50 -18.62
CA CYS G 78 31.18 -14.53 -18.49
C CYS G 78 31.59 -13.85 -17.20
N LYS G 79 32.53 -14.48 -16.48
CA LYS G 79 32.99 -13.93 -15.20
C LYS G 79 34.47 -14.25 -15.03
N VAL G 80 35.13 -13.43 -14.23
CA VAL G 80 36.56 -13.52 -13.97
C VAL G 80 36.80 -13.68 -12.48
N TYR G 81 37.54 -14.72 -12.10
CA TYR G 81 37.81 -15.01 -10.71
C TYR G 81 39.28 -14.80 -10.41
N THR G 82 39.58 -14.34 -9.19
CA THR G 82 40.93 -14.03 -8.77
C THR G 82 41.35 -14.93 -7.63
N GLY G 83 42.66 -15.16 -7.52
CA GLY G 83 43.18 -15.96 -6.44
C GLY G 83 43.16 -17.45 -6.67
N VAL G 84 43.01 -17.89 -7.90
CA VAL G 84 42.92 -19.31 -8.21
C VAL G 84 44.31 -19.93 -8.18
N TYR G 85 44.39 -21.19 -7.75
CA TYR G 85 45.64 -21.95 -7.75
C TYR G 85 45.34 -23.34 -8.27
N PRO G 86 45.20 -23.51 -9.58
CA PRO G 86 44.80 -24.80 -10.13
C PRO G 86 45.85 -25.88 -9.87
N PHE G 87 45.46 -27.12 -10.17
CA PHE G 87 46.34 -28.26 -10.07
C PHE G 87 46.13 -29.16 -11.28
N MET G 88 47.13 -29.98 -11.58
CA MET G 88 46.97 -31.04 -12.55
C MET G 88 47.57 -32.31 -11.99
N TRP G 89 47.61 -33.35 -12.83
CA TRP G 89 47.96 -34.68 -12.35
C TRP G 89 49.39 -34.75 -11.85
N GLY G 90 50.33 -34.11 -12.56
CA GLY G 90 51.73 -34.17 -12.17
C GLY G 90 52.20 -33.07 -11.26
N GLY G 91 51.48 -31.96 -11.20
CA GLY G 91 51.88 -30.84 -10.37
C GLY G 91 50.94 -29.68 -10.61
N ALA G 92 51.21 -28.58 -9.92
CA ALA G 92 50.33 -27.43 -9.95
C ALA G 92 51.03 -26.30 -10.67
N TYR G 93 50.42 -25.80 -11.74
CA TYR G 93 51.10 -24.77 -12.50
C TYR G 93 50.59 -23.42 -12.01
N CYS G 94 50.94 -22.34 -12.73
CA CYS G 94 50.79 -20.97 -12.24
C CYS G 94 51.58 -20.77 -10.94
N PHE G 95 52.91 -20.80 -11.12
CA PHE G 95 53.88 -20.63 -10.04
C PHE G 95 53.54 -19.53 -9.04
N CYS G 96 53.00 -18.41 -9.50
CA CYS G 96 52.59 -17.37 -8.57
C CYS G 96 51.55 -17.91 -7.60
N ASP G 97 51.75 -17.66 -6.31
CA ASP G 97 50.94 -18.33 -5.30
C ASP G 97 49.49 -17.89 -5.34
N SER G 98 49.24 -16.58 -5.48
CA SER G 98 47.88 -16.08 -5.44
C SER G 98 47.56 -15.05 -6.52
N GLU G 99 48.51 -14.63 -7.33
CA GLU G 99 48.24 -13.64 -8.37
C GLU G 99 47.87 -14.29 -9.70
N ASN G 100 46.94 -15.24 -9.65
CA ASN G 100 46.45 -15.90 -10.85
C ASN G 100 45.00 -15.51 -11.10
N THR G 101 44.45 -16.01 -12.19
CA THR G 101 43.10 -15.62 -12.60
C THR G 101 42.54 -16.64 -13.59
N GLN G 102 41.28 -16.98 -13.40
CA GLN G 102 40.55 -17.87 -14.31
C GLN G 102 39.35 -17.13 -14.88
N LEU G 103 39.13 -17.30 -16.18
CA LEU G 103 38.01 -16.69 -16.88
C LEU G 103 37.03 -17.77 -17.31
N SER G 104 35.84 -17.77 -16.72
CA SER G 104 34.80 -18.74 -17.03
C SER G 104 33.85 -18.17 -18.07
N GLU G 105 33.50 -18.98 -19.06
CA GLU G 105 32.67 -18.55 -20.17
C GLU G 105 31.66 -19.64 -20.50
N ALA G 106 30.44 -19.24 -20.81
CA ALA G 106 29.43 -20.21 -21.22
C ALA G 106 28.34 -19.48 -21.99
N TYR G 107 27.65 -20.23 -22.86
CA TYR G 107 26.52 -19.71 -23.61
C TYR G 107 25.70 -20.89 -24.09
N VAL G 108 24.49 -20.61 -24.57
CA VAL G 108 23.54 -21.65 -24.94
C VAL G 108 23.32 -21.61 -26.43
N ASP G 109 22.97 -22.76 -27.00
CA ASP G 109 22.70 -22.84 -28.42
C ASP G 109 21.71 -23.96 -28.71
N ARG G 110 21.05 -23.85 -29.86
CA ARG G 110 20.07 -24.84 -30.29
C ARG G 110 20.72 -26.21 -30.44
N SER G 111 19.98 -27.25 -30.10
CA SER G 111 20.56 -28.58 -30.05
C SER G 111 20.93 -29.06 -31.45
N ASP G 112 21.59 -30.22 -31.49
CA ASP G 112 22.02 -30.80 -32.76
C ASP G 112 20.85 -31.33 -33.57
N VAL G 113 19.88 -31.93 -32.90
CA VAL G 113 18.80 -32.65 -33.56
C VAL G 113 17.51 -31.82 -33.57
N CYS G 114 17.62 -30.51 -33.34
CA CYS G 114 16.44 -29.66 -33.35
C CYS G 114 15.73 -29.65 -34.69
N ARG G 115 16.43 -30.01 -35.76
CA ARG G 115 15.81 -30.11 -37.07
C ARG G 115 14.96 -31.38 -37.23
N HIS G 116 15.11 -32.34 -36.33
CA HIS G 116 14.34 -33.58 -36.38
C HIS G 116 13.27 -33.68 -35.31
N ASP G 117 13.47 -33.05 -34.16
CA ASP G 117 12.60 -33.20 -33.00
C ASP G 117 12.29 -31.80 -32.46
N HIS G 118 11.20 -31.21 -32.94
CA HIS G 118 10.84 -29.86 -32.56
C HIS G 118 9.34 -29.70 -32.65
N ALA G 119 8.82 -28.71 -31.94
CA ALA G 119 7.39 -28.43 -31.89
C ALA G 119 7.13 -27.06 -32.48
N SER G 120 6.13 -26.98 -33.35
CA SER G 120 5.79 -25.74 -34.03
C SER G 120 4.63 -25.07 -33.30
N ALA G 121 4.68 -23.74 -33.20
CA ALA G 121 3.60 -22.98 -32.59
C ALA G 121 2.91 -22.16 -33.65
N TYR G 122 1.67 -22.49 -33.95
CA TYR G 122 0.92 -21.91 -35.06
C TYR G 122 -0.18 -20.99 -34.54
N LYS G 123 -0.80 -20.28 -35.47
CA LYS G 123 -2.08 -19.61 -35.27
C LYS G 123 -3.02 -20.08 -36.36
N ALA G 124 -4.15 -20.65 -35.97
CA ALA G 124 -5.07 -21.30 -36.90
C ALA G 124 -6.34 -20.49 -37.02
N HIS G 125 -6.77 -20.22 -38.25
CA HIS G 125 -8.00 -19.47 -38.46
C HIS G 125 -8.53 -19.76 -39.87
N THR G 126 -9.83 -19.58 -40.03
CA THR G 126 -10.52 -19.62 -41.32
C THR G 126 -10.31 -20.98 -42.00
N ALA G 127 -10.99 -21.97 -41.45
CA ALA G 127 -10.95 -23.31 -42.01
C ALA G 127 -11.59 -23.37 -43.38
N SER G 128 -11.13 -24.31 -44.20
CA SER G 128 -11.70 -24.56 -45.52
C SER G 128 -12.03 -26.03 -45.65
N LEU G 129 -13.23 -26.35 -46.09
CA LEU G 129 -13.71 -27.73 -46.12
C LEU G 129 -13.44 -28.33 -47.49
N LYS G 130 -13.27 -29.64 -47.53
CA LYS G 130 -13.04 -30.37 -48.77
C LYS G 130 -13.56 -31.79 -48.61
N ALA G 131 -14.22 -32.31 -49.64
CA ALA G 131 -14.94 -33.56 -49.52
C ALA G 131 -14.64 -34.45 -50.70
N LYS G 132 -15.16 -35.68 -50.66
CA LYS G 132 -15.02 -36.64 -51.74
C LYS G 132 -16.35 -37.37 -51.89
N VAL G 133 -17.17 -36.93 -52.82
CA VAL G 133 -18.57 -37.33 -52.90
C VAL G 133 -18.74 -38.34 -54.02
N ARG G 134 -19.48 -39.41 -53.75
CA ARG G 134 -19.80 -40.43 -54.74
C ARG G 134 -21.19 -40.20 -55.27
N VAL G 135 -21.31 -39.97 -56.58
CA VAL G 135 -22.58 -39.64 -57.21
C VAL G 135 -22.94 -40.72 -58.22
N MET G 136 -24.10 -41.34 -58.04
CA MET G 136 -24.52 -42.42 -58.91
C MET G 136 -25.99 -42.29 -59.23
N TYR G 137 -26.33 -42.50 -60.50
CA TYR G 137 -27.70 -42.46 -60.99
C TYR G 137 -27.74 -43.08 -62.38
N GLY G 138 -28.87 -43.68 -62.71
CA GLY G 138 -29.04 -44.30 -64.00
C GLY G 138 -27.97 -45.33 -64.29
N ASN G 139 -27.07 -45.01 -65.22
CA ASN G 139 -25.93 -45.87 -65.51
C ASN G 139 -24.63 -45.14 -65.19
N VAL G 140 -24.71 -44.07 -64.40
CA VAL G 140 -23.54 -43.29 -64.01
C VAL G 140 -23.15 -43.68 -62.60
N ASN G 141 -21.85 -43.89 -62.38
CA ASN G 141 -21.35 -44.19 -61.05
C ASN G 141 -19.90 -43.75 -60.96
N GLN G 142 -19.64 -42.67 -60.23
CA GLN G 142 -18.31 -42.09 -60.15
C GLN G 142 -18.09 -41.47 -58.78
N THR G 143 -16.83 -41.23 -58.44
CA THR G 143 -16.43 -40.54 -57.24
C THR G 143 -15.60 -39.33 -57.63
N VAL G 144 -15.90 -38.18 -57.07
CA VAL G 144 -15.22 -36.94 -57.41
C VAL G 144 -14.71 -36.26 -56.15
N ASP G 145 -13.65 -35.50 -56.30
CA ASP G 145 -13.06 -34.73 -55.21
C ASP G 145 -13.46 -33.27 -55.37
N VAL G 146 -14.15 -32.73 -54.38
CA VAL G 146 -14.82 -31.45 -54.50
C VAL G 146 -14.39 -30.55 -53.36
N TYR G 147 -14.27 -29.26 -53.65
CA TYR G 147 -14.15 -28.24 -52.62
C TYR G 147 -15.54 -27.80 -52.20
N VAL G 148 -15.86 -27.92 -50.92
CA VAL G 148 -17.22 -27.61 -50.44
C VAL G 148 -17.22 -26.11 -50.11
N ASN G 149 -17.41 -25.32 -51.16
CA ASN G 149 -17.73 -23.91 -51.09
C ASN G 149 -18.29 -23.53 -52.44
N GLY G 150 -19.11 -22.49 -52.49
CA GLY G 150 -19.93 -22.31 -53.66
C GLY G 150 -19.18 -21.83 -54.89
N ASP G 151 -17.93 -22.26 -55.04
CA ASP G 151 -17.12 -21.89 -56.19
C ASP G 151 -16.18 -23.02 -56.59
N HIS G 152 -16.74 -24.20 -56.84
CA HIS G 152 -16.04 -25.25 -57.58
C HIS G 152 -17.09 -26.13 -58.23
N ALA G 153 -17.19 -26.03 -59.56
CA ALA G 153 -18.16 -26.79 -60.32
C ALA G 153 -17.46 -27.95 -61.01
N VAL G 154 -17.97 -29.16 -60.79
CA VAL G 154 -17.37 -30.38 -61.30
C VAL G 154 -18.41 -31.12 -62.14
N THR G 155 -17.99 -31.57 -63.32
CA THR G 155 -18.89 -32.21 -64.27
C THR G 155 -18.78 -33.73 -64.14
N ILE G 156 -19.93 -34.37 -63.90
CA ILE G 156 -20.02 -35.81 -63.78
C ILE G 156 -20.99 -36.31 -64.85
N GLY G 157 -20.44 -36.87 -65.92
CA GLY G 157 -21.29 -37.43 -66.97
C GLY G 157 -22.22 -36.42 -67.61
N GLY G 158 -21.72 -35.22 -67.87
CA GLY G 158 -22.50 -34.18 -68.51
C GLY G 158 -23.31 -33.31 -67.58
N THR G 159 -23.30 -33.58 -66.28
CA THR G 159 -24.07 -32.82 -65.30
C THR G 159 -23.12 -31.97 -64.47
N GLN G 160 -23.49 -30.72 -64.24
CA GLN G 160 -22.67 -29.82 -63.43
C GLN G 160 -23.15 -29.83 -62.00
N PHE G 161 -22.21 -29.95 -61.06
CA PHE G 161 -22.51 -29.98 -59.63
C PHE G 161 -21.73 -28.89 -58.93
N ILE G 162 -22.42 -28.08 -58.13
CA ILE G 162 -21.77 -27.08 -57.28
C ILE G 162 -22.21 -27.31 -55.85
N PHE G 163 -21.27 -27.66 -54.98
CA PHE G 163 -21.58 -27.96 -53.59
C PHE G 163 -21.40 -26.70 -52.76
N GLY G 164 -22.49 -26.21 -52.20
CA GLY G 164 -22.50 -24.91 -51.56
C GLY G 164 -21.73 -24.90 -50.26
N PRO G 165 -21.59 -23.72 -49.66
CA PRO G 165 -20.83 -23.62 -48.42
C PRO G 165 -21.53 -24.35 -47.29
N LEU G 166 -20.73 -24.83 -46.34
CA LEU G 166 -21.29 -25.55 -45.20
C LEU G 166 -22.22 -24.64 -44.41
N SER G 167 -23.27 -25.24 -43.86
CA SER G 167 -24.27 -24.47 -43.13
C SER G 167 -23.67 -23.77 -41.92
N SER G 168 -22.85 -24.47 -41.14
CA SER G 168 -22.29 -23.92 -39.92
C SER G 168 -20.84 -23.53 -40.12
N ALA G 169 -20.34 -22.69 -39.21
CA ALA G 169 -18.97 -22.21 -39.24
C ALA G 169 -18.21 -22.65 -37.99
N TRP G 170 -18.37 -23.91 -37.61
CA TRP G 170 -17.75 -24.44 -36.41
C TRP G 170 -16.45 -25.15 -36.79
N THR G 171 -15.37 -24.79 -36.11
CA THR G 171 -14.07 -25.42 -36.30
C THR G 171 -13.47 -25.78 -34.95
N PRO G 172 -12.80 -26.92 -34.83
CA PRO G 172 -12.36 -27.38 -33.51
C PRO G 172 -11.05 -26.78 -33.02
N PHE G 173 -10.33 -26.02 -33.85
CA PHE G 173 -9.05 -25.46 -33.46
C PHE G 173 -9.24 -24.08 -32.87
N ASP G 174 -8.67 -23.85 -31.69
CA ASP G 174 -8.69 -22.51 -31.11
C ASP G 174 -7.84 -21.58 -31.96
N ASN G 175 -7.71 -20.34 -31.50
CA ASN G 175 -6.91 -19.37 -32.24
C ASN G 175 -5.45 -19.80 -32.28
N LYS G 176 -4.94 -20.36 -31.18
CA LYS G 176 -3.54 -20.74 -31.06
C LYS G 176 -3.42 -22.25 -30.96
N ILE G 177 -2.40 -22.80 -31.61
CA ILE G 177 -2.24 -24.23 -31.78
C ILE G 177 -0.76 -24.56 -31.59
N VAL G 178 -0.48 -25.67 -30.92
CA VAL G 178 0.88 -26.20 -30.82
C VAL G 178 0.88 -27.61 -31.37
N VAL G 179 1.73 -27.88 -32.34
CA VAL G 179 1.74 -29.12 -33.09
C VAL G 179 3.03 -29.86 -32.79
N TYR G 180 2.93 -31.16 -32.48
CA TYR G 180 4.11 -31.99 -32.22
C TYR G 180 3.90 -33.33 -32.89
N LYS G 181 4.67 -33.61 -33.94
CA LYS G 181 4.61 -34.86 -34.68
C LYS G 181 3.22 -35.09 -35.26
N ASP G 182 2.42 -35.93 -34.59
CA ASP G 182 1.07 -36.25 -35.08
C ASP G 182 0.00 -35.88 -34.05
N GLU G 183 0.28 -34.88 -33.22
CA GLU G 183 -0.62 -34.46 -32.17
C GLU G 183 -0.81 -32.95 -32.24
N VAL G 184 -2.05 -32.50 -32.06
CA VAL G 184 -2.38 -31.08 -32.07
C VAL G 184 -2.87 -30.71 -30.68
N PHE G 185 -2.35 -29.62 -30.14
CA PHE G 185 -2.71 -29.19 -28.79
C PHE G 185 -3.33 -27.80 -28.83
N ASN G 186 -4.45 -27.64 -28.14
CA ASN G 186 -5.07 -26.33 -27.96
C ASN G 186 -4.38 -25.67 -26.77
N GLN G 187 -3.41 -24.82 -27.07
CA GLN G 187 -2.54 -24.26 -26.06
C GLN G 187 -2.36 -22.77 -26.30
N ASP G 188 -2.00 -22.05 -25.24
CA ASP G 188 -1.67 -20.63 -25.32
C ASP G 188 -0.19 -20.48 -24.97
N PHE G 189 0.62 -20.19 -25.97
CA PHE G 189 2.06 -20.13 -25.79
C PHE G 189 2.53 -18.70 -25.58
N PRO G 190 3.68 -18.52 -24.93
CA PRO G 190 4.16 -17.17 -24.67
C PRO G 190 4.56 -16.48 -25.97
N PRO G 191 4.52 -15.16 -26.01
CA PRO G 191 4.91 -14.45 -27.22
C PRO G 191 6.39 -14.62 -27.51
N TYR G 192 6.75 -14.45 -28.78
CA TYR G 192 8.16 -14.53 -29.14
C TYR G 192 8.93 -13.42 -28.43
N GLY G 193 10.08 -13.78 -27.88
CA GLY G 193 10.90 -12.81 -27.18
C GLY G 193 10.54 -12.58 -25.74
N SER G 194 9.56 -13.30 -25.20
CA SER G 194 9.18 -13.16 -23.81
C SER G 194 8.92 -14.52 -23.17
N GLY G 195 9.69 -15.52 -23.55
CA GLY G 195 9.55 -16.82 -22.95
C GLY G 195 10.19 -16.89 -21.58
N GLN G 196 9.65 -17.75 -20.73
CA GLN G 196 10.12 -17.83 -19.36
C GLN G 196 10.87 -19.13 -19.13
N PRO G 197 11.92 -19.10 -18.30
CA PRO G 197 12.77 -20.30 -18.15
C PRO G 197 12.04 -21.43 -17.45
N GLY G 198 12.33 -22.64 -17.91
CA GLY G 198 11.82 -23.83 -17.29
C GLY G 198 10.49 -24.34 -17.82
N ARG G 199 9.78 -23.55 -18.60
CA ARG G 199 8.49 -23.95 -19.15
C ARG G 199 8.59 -23.99 -20.67
N PHE G 200 7.46 -24.21 -21.34
CA PHE G 200 7.46 -24.24 -22.79
C PHE G 200 7.92 -22.90 -23.35
N GLY G 201 8.80 -22.96 -24.33
CA GLY G 201 9.28 -21.74 -24.95
C GLY G 201 10.40 -21.04 -24.24
N ASP G 202 11.26 -21.79 -23.53
CA ASP G 202 12.42 -21.15 -22.92
C ASP G 202 13.41 -20.69 -23.98
N ILE G 203 13.58 -21.44 -25.06
CA ILE G 203 14.33 -20.99 -26.22
C ILE G 203 13.40 -20.97 -27.42
N GLN G 204 13.44 -19.90 -28.19
CA GLN G 204 12.52 -19.72 -29.30
C GLN G 204 13.30 -19.33 -30.54
N SER G 205 12.91 -19.88 -31.68
CA SER G 205 13.54 -19.57 -32.95
C SER G 205 12.46 -19.34 -33.98
N ARG G 206 12.60 -18.27 -34.78
CA ARG G 206 11.54 -17.91 -35.70
C ARG G 206 11.30 -18.97 -36.76
N THR G 207 12.31 -19.74 -37.10
CA THR G 207 12.15 -20.85 -38.04
C THR G 207 13.34 -21.78 -37.85
N VAL G 208 13.17 -23.04 -38.30
CA VAL G 208 14.17 -24.05 -38.03
C VAL G 208 15.52 -23.69 -38.63
N GLU G 209 15.54 -22.97 -39.75
CA GLU G 209 16.80 -22.53 -40.34
C GLU G 209 17.21 -21.13 -39.90
N SER G 210 16.38 -20.42 -39.15
CA SER G 210 16.66 -19.02 -38.86
C SER G 210 17.88 -18.89 -37.96
N ASN G 211 18.71 -17.90 -38.27
CA ASN G 211 19.99 -17.75 -37.57
C ASN G 211 19.82 -17.19 -36.18
N ASP G 212 18.86 -16.29 -35.99
CA ASP G 212 18.66 -15.69 -34.68
C ASP G 212 18.10 -16.71 -33.69
N LEU G 213 18.30 -16.43 -32.41
CA LEU G 213 17.80 -17.32 -31.36
C LEU G 213 17.58 -16.49 -30.11
N TYR G 214 16.42 -16.65 -29.49
CA TYR G 214 16.12 -16.04 -28.21
C TYR G 214 16.16 -17.13 -27.17
N ALA G 215 17.01 -16.99 -26.18
CA ALA G 215 17.14 -17.99 -25.14
C ALA G 215 17.16 -17.33 -23.78
N ASN G 216 16.45 -17.93 -22.83
CA ASN G 216 16.32 -17.38 -21.48
C ASN G 216 16.14 -18.56 -20.54
N THR G 217 17.25 -19.06 -19.99
CA THR G 217 17.22 -20.24 -19.14
C THR G 217 17.85 -20.01 -17.77
N ALA G 218 18.23 -18.77 -17.45
CA ALA G 218 18.83 -18.46 -16.16
C ALA G 218 20.12 -19.23 -15.92
N LEU G 219 21.08 -19.04 -16.81
CA LEU G 219 22.38 -19.69 -16.69
C LEU G 219 23.28 -18.83 -15.81
N LYS G 220 23.79 -19.41 -14.73
CA LYS G 220 24.55 -18.66 -13.76
C LYS G 220 25.83 -19.41 -13.43
N LEU G 221 26.93 -18.67 -13.33
CA LEU G 221 28.25 -19.24 -13.09
C LEU G 221 28.65 -19.10 -11.63
N ALA G 222 29.50 -20.02 -11.18
CA ALA G 222 29.89 -20.09 -9.78
C ALA G 222 31.40 -20.25 -9.67
N ARG G 223 31.93 -19.83 -8.53
CA ARG G 223 33.37 -19.82 -8.33
C ARG G 223 33.90 -21.24 -8.23
N PRO G 224 34.97 -21.57 -8.95
CA PRO G 224 35.52 -22.93 -8.87
C PRO G 224 36.09 -23.23 -7.49
N SER G 225 36.05 -24.50 -7.12
CA SER G 225 36.57 -24.94 -5.85
C SER G 225 38.08 -24.80 -5.82
N PRO G 226 38.67 -24.66 -4.63
CA PRO G 226 40.13 -24.51 -4.55
C PRO G 226 40.84 -25.73 -5.11
N GLY G 227 41.92 -25.48 -5.85
CA GLY G 227 42.75 -26.54 -6.38
C GLY G 227 42.10 -27.41 -7.44
N MET G 228 41.22 -26.86 -8.27
CA MET G 228 40.59 -27.63 -9.33
C MET G 228 40.33 -26.73 -10.53
N VAL G 229 40.09 -27.37 -11.67
CA VAL G 229 39.83 -26.69 -12.94
C VAL G 229 38.54 -27.29 -13.49
N HIS G 230 37.40 -26.64 -13.26
CA HIS G 230 36.18 -27.26 -13.74
C HIS G 230 35.06 -26.37 -14.28
N VAL G 231 35.09 -25.06 -14.08
CA VAL G 231 34.03 -24.17 -14.58
C VAL G 231 32.65 -24.63 -14.12
N PRO G 232 32.29 -24.43 -12.85
CA PRO G 232 30.95 -24.82 -12.40
C PRO G 232 29.87 -23.86 -12.88
N TYR G 233 28.65 -24.37 -12.94
CA TYR G 233 27.49 -23.54 -13.28
C TYR G 233 26.22 -24.29 -12.87
N THR G 234 25.12 -23.53 -12.79
CA THR G 234 23.80 -24.09 -12.57
C THR G 234 22.83 -23.48 -13.57
N GLN G 235 21.86 -24.27 -14.00
CA GLN G 235 20.94 -23.84 -15.05
C GLN G 235 19.61 -24.53 -14.86
N THR G 236 18.53 -23.80 -15.12
CA THR G 236 17.19 -24.37 -15.01
C THR G 236 16.96 -25.37 -16.13
N PRO G 237 16.49 -26.58 -15.83
CA PRO G 237 16.39 -27.62 -16.85
C PRO G 237 15.52 -27.19 -18.03
N SER G 238 15.57 -28.02 -19.06
CA SER G 238 14.94 -27.68 -20.33
C SER G 238 13.45 -27.52 -20.18
N GLY G 239 12.87 -26.59 -20.96
CA GLY G 239 11.43 -26.43 -20.95
C GLY G 239 10.72 -27.39 -21.89
N PHE G 240 11.38 -27.79 -22.97
CA PHE G 240 10.78 -28.78 -23.85
C PHE G 240 10.66 -30.14 -23.17
N LYS G 241 11.55 -30.44 -22.23
CA LYS G 241 11.44 -31.71 -21.52
C LYS G 241 10.41 -31.67 -20.42
N TYR G 242 10.23 -30.52 -19.75
CA TYR G 242 9.11 -30.39 -18.83
C TYR G 242 7.80 -30.48 -19.59
N TRP G 243 7.72 -29.83 -20.75
CA TRP G 243 6.47 -29.81 -21.51
C TRP G 243 6.08 -31.21 -21.98
N LEU G 244 7.04 -32.00 -22.44
CA LEU G 244 6.72 -33.32 -22.95
C LEU G 244 6.09 -34.20 -21.87
N LYS G 245 6.48 -33.98 -20.63
CA LYS G 245 5.98 -34.77 -19.52
C LYS G 245 4.71 -34.21 -18.90
N GLU G 246 4.34 -32.98 -19.24
CA GLU G 246 3.22 -32.31 -18.59
C GLU G 246 2.36 -31.55 -19.58
N LYS G 247 2.33 -31.98 -20.84
CA LYS G 247 1.49 -31.30 -21.81
C LYS G 247 0.01 -31.56 -21.53
N GLY G 248 -0.34 -32.80 -21.25
CA GLY G 248 -1.69 -33.13 -20.84
C GLY G 248 -2.66 -33.22 -21.99
N THR G 249 -3.42 -34.30 -22.06
CA THR G 249 -4.41 -34.53 -23.11
C THR G 249 -3.83 -34.36 -24.51
N ALA G 250 -4.69 -34.07 -25.46
CA ALA G 250 -4.34 -33.82 -26.84
C ALA G 250 -5.55 -33.16 -27.49
N LEU G 251 -5.59 -33.16 -28.81
CA LEU G 251 -6.85 -32.93 -29.49
C LEU G 251 -7.34 -34.15 -30.23
N ASN G 252 -6.47 -35.14 -30.45
CA ASN G 252 -6.88 -36.35 -31.14
C ASN G 252 -7.89 -37.13 -30.30
N THR G 253 -7.82 -37.02 -28.99
CA THR G 253 -8.71 -37.73 -28.07
C THR G 253 -9.67 -36.79 -27.35
N LYS G 254 -9.94 -35.63 -27.92
CA LYS G 254 -10.77 -34.65 -27.23
C LYS G 254 -11.73 -33.91 -28.15
N ALA G 255 -11.65 -34.10 -29.46
CA ALA G 255 -12.38 -33.26 -30.38
C ALA G 255 -13.87 -33.62 -30.37
N PRO G 256 -14.75 -32.64 -30.50
CA PRO G 256 -16.18 -32.93 -30.56
C PRO G 256 -16.58 -33.49 -31.92
N PHE G 257 -17.81 -33.97 -31.98
CA PHE G 257 -18.44 -34.51 -33.19
C PHE G 257 -17.67 -35.67 -33.78
N GLY G 258 -16.76 -36.26 -33.02
CA GLY G 258 -16.14 -37.50 -33.42
C GLY G 258 -15.33 -37.44 -34.69
N CYS G 259 -14.50 -36.41 -34.83
CA CYS G 259 -13.68 -36.23 -36.00
C CYS G 259 -12.20 -36.36 -35.69
N GLN G 260 -11.53 -37.23 -36.43
CA GLN G 260 -10.12 -37.54 -36.21
C GLN G 260 -9.25 -36.37 -36.60
N ILE G 261 -8.22 -36.12 -35.80
CA ILE G 261 -7.25 -35.07 -36.06
C ILE G 261 -6.00 -35.72 -36.61
N LYS G 262 -5.52 -35.22 -37.74
CA LYS G 262 -4.32 -35.73 -38.37
C LYS G 262 -3.39 -34.57 -38.66
N THR G 263 -2.11 -34.87 -38.83
CA THR G 263 -1.08 -33.86 -38.99
C THR G 263 -0.36 -34.06 -40.31
N ASN G 264 0.29 -32.98 -40.78
CA ASN G 264 1.05 -32.94 -42.01
C ASN G 264 0.17 -33.23 -43.22
N PRO G 265 -0.73 -32.30 -43.60
CA PRO G 265 -0.98 -31.00 -42.97
C PRO G 265 -1.94 -31.12 -41.80
N VAL G 266 -2.14 -30.05 -41.05
CA VAL G 266 -3.11 -30.08 -39.97
C VAL G 266 -4.51 -30.08 -40.54
N ARG G 267 -5.34 -31.01 -40.10
CA ARG G 267 -6.63 -31.25 -40.73
C ARG G 267 -7.48 -32.14 -39.84
N ALA G 268 -8.78 -31.88 -39.84
CA ALA G 268 -9.74 -32.64 -39.07
C ALA G 268 -10.72 -33.29 -40.03
N MET G 269 -10.89 -34.60 -39.92
CA MET G 269 -11.54 -35.37 -40.96
C MET G 269 -12.84 -36.01 -40.46
N ASN G 270 -13.80 -36.15 -41.36
CA ASN G 270 -15.01 -36.93 -41.12
C ASN G 270 -15.79 -36.39 -39.92
N CYS G 271 -16.09 -35.09 -39.95
CA CYS G 271 -16.46 -34.40 -38.74
C CYS G 271 -17.90 -33.91 -38.92
N ALA G 272 -18.85 -34.71 -38.42
CA ALA G 272 -20.25 -34.61 -38.81
C ALA G 272 -20.92 -33.40 -38.17
N VAL G 273 -21.20 -32.39 -38.96
CA VAL G 273 -21.89 -31.19 -38.51
C VAL G 273 -22.39 -30.43 -39.73
N GLY G 274 -23.60 -29.90 -39.65
CA GLY G 274 -24.11 -29.01 -40.67
C GLY G 274 -24.67 -29.72 -41.88
N ASN G 275 -25.06 -28.91 -42.86
CA ASN G 275 -25.68 -29.37 -44.09
C ASN G 275 -24.96 -28.75 -45.28
N ILE G 276 -24.95 -29.47 -46.39
CA ILE G 276 -24.20 -29.10 -47.59
C ILE G 276 -25.20 -28.83 -48.70
N PRO G 277 -25.50 -27.58 -49.03
CA PRO G 277 -26.33 -27.30 -50.21
C PRO G 277 -25.68 -27.80 -51.48
N VAL G 278 -26.50 -28.28 -52.40
CA VAL G 278 -26.04 -28.85 -53.66
C VAL G 278 -26.83 -28.21 -54.79
N SER G 279 -26.13 -27.77 -55.84
CA SER G 279 -26.76 -27.23 -57.03
C SER G 279 -26.38 -28.09 -58.23
N MET G 280 -27.30 -28.24 -59.17
CA MET G 280 -27.14 -29.17 -60.27
C MET G 280 -27.54 -28.50 -61.57
N ASN G 281 -27.26 -29.17 -62.69
CA ASN G 281 -27.67 -28.70 -64.00
C ASN G 281 -27.65 -29.88 -64.96
N LEU G 282 -28.78 -30.57 -65.09
CA LEU G 282 -28.76 -31.85 -65.79
C LEU G 282 -29.06 -31.69 -67.26
N PRO G 283 -28.48 -32.54 -68.11
CA PRO G 283 -28.81 -32.52 -69.53
C PRO G 283 -30.16 -33.21 -69.77
N ASP G 284 -30.62 -33.12 -71.01
CA ASP G 284 -31.91 -33.71 -71.35
C ASP G 284 -31.81 -35.20 -71.65
N SER G 285 -30.61 -35.77 -71.73
CA SER G 285 -30.47 -37.18 -72.02
C SER G 285 -30.56 -38.06 -70.78
N ALA G 286 -30.56 -37.47 -69.58
CA ALA G 286 -30.67 -38.28 -68.37
C ALA G 286 -32.08 -38.79 -68.18
N PHE G 287 -33.08 -37.96 -68.43
CA PHE G 287 -34.47 -38.32 -68.22
C PHE G 287 -34.96 -39.25 -69.32
N THR G 288 -36.16 -39.79 -69.14
CA THR G 288 -36.86 -40.57 -70.15
C THR G 288 -38.22 -39.95 -70.42
N ARG G 289 -38.62 -39.98 -71.68
CA ARG G 289 -39.93 -39.46 -72.06
C ARG G 289 -41.03 -40.23 -71.34
N ILE G 290 -42.06 -39.52 -70.90
CA ILE G 290 -43.12 -40.16 -70.13
C ILE G 290 -43.85 -41.20 -70.96
N VAL G 291 -43.83 -41.08 -72.29
CA VAL G 291 -44.52 -42.06 -73.12
C VAL G 291 -43.83 -43.42 -73.01
N GLU G 292 -42.52 -43.44 -72.90
CA GLU G 292 -41.78 -44.70 -72.91
C GLU G 292 -41.86 -45.44 -71.57
N ALA G 293 -41.84 -44.71 -70.46
CA ALA G 293 -41.91 -45.35 -69.15
C ALA G 293 -43.30 -45.94 -68.91
N PRO G 294 -43.40 -46.95 -68.04
CA PRO G 294 -44.70 -47.58 -67.82
C PRO G 294 -45.69 -46.64 -67.16
N THR G 295 -46.97 -46.96 -67.34
CA THR G 295 -48.06 -46.24 -66.69
C THR G 295 -48.57 -47.06 -65.52
N ILE G 296 -48.60 -46.44 -64.34
CA ILE G 296 -48.96 -47.12 -63.10
C ILE G 296 -50.28 -46.55 -62.59
N ILE G 297 -51.26 -47.43 -62.36
CA ILE G 297 -52.55 -47.03 -61.83
C ILE G 297 -52.92 -47.97 -60.70
N ASP G 298 -53.74 -47.46 -59.77
CA ASP G 298 -54.27 -48.25 -58.66
C ASP G 298 -53.12 -48.79 -57.78
N LEU G 299 -52.42 -47.88 -57.15
CA LEU G 299 -51.27 -48.24 -56.31
C LEU G 299 -51.71 -48.34 -54.86
N THR G 300 -51.43 -49.49 -54.24
CA THR G 300 -51.70 -49.73 -52.83
C THR G 300 -50.42 -50.15 -52.14
N CYS G 301 -50.11 -49.49 -51.03
CA CYS G 301 -48.90 -49.76 -50.26
C CYS G 301 -49.27 -50.47 -48.96
N THR G 302 -48.73 -51.67 -48.75
CA THR G 302 -48.99 -52.44 -47.56
C THR G 302 -47.65 -52.84 -46.92
N VAL G 303 -47.59 -52.73 -45.60
CA VAL G 303 -46.36 -52.95 -44.86
C VAL G 303 -46.41 -54.35 -44.26
N ALA G 304 -45.38 -55.15 -44.53
CA ALA G 304 -45.35 -56.51 -44.00
C ALA G 304 -44.87 -56.53 -42.56
N THR G 305 -43.65 -56.08 -42.31
CA THR G 305 -43.08 -56.05 -40.97
C THR G 305 -42.37 -54.73 -40.75
N CYS G 306 -42.29 -54.30 -39.49
CA CYS G 306 -41.58 -53.08 -39.14
C CYS G 306 -40.91 -53.25 -37.80
N THR G 307 -39.71 -52.70 -37.66
CA THR G 307 -38.94 -52.77 -36.42
C THR G 307 -37.98 -51.59 -36.43
N HIS G 308 -38.25 -50.56 -35.62
CA HIS G 308 -37.51 -49.31 -35.78
C HIS G 308 -36.11 -49.47 -35.22
N SER G 309 -35.26 -50.13 -36.01
CA SER G 309 -33.87 -50.37 -35.68
C SER G 309 -32.97 -49.53 -36.57
N SER G 310 -31.65 -49.69 -36.39
CA SER G 310 -30.70 -48.89 -37.15
C SER G 310 -30.63 -49.33 -38.60
N ASP G 311 -30.57 -50.63 -38.85
CA ASP G 311 -30.52 -51.09 -40.23
C ASP G 311 -31.91 -51.03 -40.85
N PHE G 312 -32.03 -51.54 -42.07
CA PHE G 312 -33.28 -51.47 -42.81
C PHE G 312 -34.20 -52.59 -42.33
N GLY G 313 -34.96 -52.29 -41.29
CA GLY G 313 -35.77 -53.29 -40.62
C GLY G 313 -37.24 -53.29 -40.97
N GLY G 314 -37.60 -52.68 -42.10
CA GLY G 314 -38.97 -52.70 -42.54
C GLY G 314 -39.13 -53.18 -43.96
N VAL G 315 -40.10 -54.04 -44.22
CA VAL G 315 -40.34 -54.59 -45.55
C VAL G 315 -41.67 -54.07 -46.05
N LEU G 316 -41.68 -53.57 -47.27
CA LEU G 316 -42.82 -52.90 -47.86
C LEU G 316 -43.22 -53.61 -49.15
N THR G 317 -44.51 -53.58 -49.48
CA THR G 317 -45.01 -54.20 -50.70
C THR G 317 -45.93 -53.23 -51.42
N LEU G 318 -45.87 -53.23 -52.75
CA LEU G 318 -46.69 -52.38 -53.59
C LEU G 318 -47.44 -53.24 -54.60
N THR G 319 -48.75 -53.00 -54.72
CA THR G 319 -49.57 -53.68 -55.70
C THR G 319 -50.08 -52.66 -56.71
N TYR G 320 -50.09 -53.05 -57.99
CA TYR G 320 -50.41 -52.11 -59.05
C TYR G 320 -50.89 -52.88 -60.27
N LYS G 321 -51.41 -52.14 -61.24
CA LYS G 321 -51.73 -52.67 -62.55
C LYS G 321 -51.00 -51.82 -63.58
N THR G 322 -50.19 -52.48 -64.42
CA THR G 322 -49.36 -51.80 -65.39
C THR G 322 -49.59 -52.37 -66.77
N ASP G 323 -49.36 -51.54 -67.78
CA ASP G 323 -49.55 -51.98 -69.16
C ASP G 323 -48.32 -52.69 -69.70
N LYS G 324 -47.14 -52.10 -69.51
CA LYS G 324 -45.91 -52.66 -70.00
C LYS G 324 -44.90 -52.70 -68.85
N ASN G 325 -43.91 -53.57 -68.99
CA ASN G 325 -42.88 -53.71 -67.98
C ASN G 325 -41.62 -52.93 -68.35
N GLY G 326 -41.03 -52.28 -67.34
CA GLY G 326 -39.89 -51.40 -67.54
C GLY G 326 -39.22 -51.06 -66.22
N ASP G 327 -38.83 -49.81 -66.03
CA ASP G 327 -38.23 -49.37 -64.78
C ASP G 327 -38.95 -48.15 -64.24
N CYS G 328 -39.04 -48.06 -62.91
CA CYS G 328 -39.49 -46.88 -62.20
C CYS G 328 -38.42 -46.42 -61.24
N SER G 329 -38.64 -45.25 -60.66
CA SER G 329 -37.76 -44.69 -59.64
C SER G 329 -38.58 -44.42 -58.40
N VAL G 330 -38.44 -45.27 -57.39
CA VAL G 330 -39.19 -45.13 -56.16
C VAL G 330 -38.55 -44.07 -55.29
N HIS G 331 -39.37 -43.44 -54.45
CA HIS G 331 -38.88 -42.43 -53.52
C HIS G 331 -39.92 -42.24 -52.42
N SER G 332 -39.44 -41.84 -51.26
CA SER G 332 -40.30 -41.54 -50.12
C SER G 332 -40.22 -40.05 -49.83
N HIS G 333 -41.37 -39.39 -49.80
CA HIS G 333 -41.41 -37.94 -49.78
C HIS G 333 -41.34 -37.37 -48.37
N SER G 334 -41.16 -38.21 -47.35
CA SER G 334 -40.98 -37.75 -45.99
C SER G 334 -39.74 -38.40 -45.40
N ASN G 335 -39.03 -37.67 -44.55
CA ASN G 335 -37.79 -38.18 -43.98
C ASN G 335 -38.03 -39.11 -42.80
N VAL G 336 -39.27 -39.45 -42.51
CA VAL G 336 -39.54 -40.42 -41.45
C VAL G 336 -38.95 -41.77 -41.82
N ALA G 337 -39.12 -42.19 -43.07
CA ALA G 337 -38.61 -43.46 -43.55
C ALA G 337 -37.63 -43.21 -44.67
N THR G 338 -36.63 -44.07 -44.78
CA THR G 338 -35.58 -43.97 -45.80
C THR G 338 -35.49 -45.30 -46.52
N LEU G 339 -35.79 -45.31 -47.82
CA LEU G 339 -35.71 -46.56 -48.56
C LEU G 339 -34.26 -46.94 -48.82
N GLN G 340 -34.08 -48.18 -49.26
CA GLN G 340 -32.75 -48.68 -49.57
C GLN G 340 -32.40 -48.50 -51.03
N GLU G 341 -33.36 -48.71 -51.93
CA GLU G 341 -33.12 -48.70 -53.35
C GLU G 341 -33.78 -47.49 -54.01
N ALA G 342 -33.17 -47.03 -55.10
CA ALA G 342 -33.71 -45.92 -55.87
C ALA G 342 -34.24 -46.35 -57.23
N THR G 343 -34.49 -47.63 -57.43
CA THR G 343 -35.04 -48.13 -58.69
C THR G 343 -35.64 -49.50 -58.44
N ALA G 344 -36.77 -49.77 -59.09
CA ALA G 344 -37.41 -51.06 -59.02
C ALA G 344 -37.85 -51.49 -60.40
N LYS G 345 -37.80 -52.79 -60.65
CA LYS G 345 -38.26 -53.36 -61.91
C LYS G 345 -39.75 -53.65 -61.78
N VAL G 346 -40.57 -52.96 -62.55
CA VAL G 346 -42.01 -53.20 -62.56
C VAL G 346 -42.31 -54.30 -63.56
N LYS G 347 -43.32 -55.11 -63.25
CA LYS G 347 -43.72 -56.23 -64.09
C LYS G 347 -45.23 -56.34 -64.09
N THR G 348 -45.74 -57.14 -65.04
CA THR G 348 -47.18 -57.37 -65.11
C THR G 348 -47.73 -58.13 -63.92
N ALA G 349 -46.86 -58.80 -63.14
CA ALA G 349 -47.33 -59.53 -61.96
C ALA G 349 -47.90 -58.58 -60.92
N GLY G 350 -47.54 -57.29 -61.00
CA GLY G 350 -48.11 -56.31 -60.10
C GLY G 350 -47.77 -56.48 -58.64
N LYS G 351 -46.50 -56.70 -58.32
CA LYS G 351 -46.09 -56.81 -56.92
C LYS G 351 -44.59 -56.58 -56.83
N VAL G 352 -44.18 -55.52 -56.14
CA VAL G 352 -42.78 -55.24 -55.89
C VAL G 352 -42.60 -55.04 -54.39
N THR G 353 -41.38 -55.27 -53.92
CA THR G 353 -41.07 -55.18 -52.51
C THR G 353 -39.92 -54.21 -52.29
N LEU G 354 -39.99 -53.45 -51.20
CA LEU G 354 -38.99 -52.45 -50.88
C LEU G 354 -38.65 -52.55 -49.40
N HIS G 355 -37.46 -52.08 -49.06
CA HIS G 355 -36.98 -52.05 -47.68
C HIS G 355 -36.83 -50.61 -47.24
N PHE G 356 -37.18 -50.33 -46.00
CA PHE G 356 -37.05 -48.98 -45.45
C PHE G 356 -36.59 -49.06 -44.01
N SER G 357 -35.93 -48.00 -43.56
CA SER G 357 -35.47 -47.88 -42.18
C SER G 357 -36.10 -46.66 -41.53
N THR G 358 -36.73 -46.87 -40.38
CA THR G 358 -37.45 -45.81 -39.69
C THR G 358 -37.12 -45.87 -38.20
N ALA G 359 -37.34 -44.74 -37.52
CA ALA G 359 -36.97 -44.63 -36.11
C ALA G 359 -38.10 -44.09 -35.25
N SER G 360 -39.35 -44.25 -35.68
CA SER G 360 -40.50 -43.78 -34.93
C SER G 360 -41.49 -44.91 -34.74
N ALA G 361 -42.29 -44.80 -33.67
CA ALA G 361 -43.18 -45.89 -33.29
C ALA G 361 -44.21 -46.18 -34.38
N SER G 362 -44.78 -45.14 -34.97
CA SER G 362 -45.77 -45.28 -36.02
C SER G 362 -45.48 -44.28 -37.13
N PRO G 363 -44.83 -44.71 -38.21
CA PRO G 363 -44.48 -43.78 -39.29
C PRO G 363 -45.63 -43.63 -40.29
N SER G 364 -45.60 -42.52 -41.00
CA SER G 364 -46.55 -42.28 -42.08
C SER G 364 -45.85 -41.48 -43.16
N PHE G 365 -45.69 -42.08 -44.34
CA PHE G 365 -44.97 -41.45 -45.43
C PHE G 365 -45.66 -41.80 -46.73
N VAL G 366 -45.45 -40.96 -47.74
CA VAL G 366 -46.07 -41.15 -49.05
C VAL G 366 -44.99 -41.57 -50.04
N VAL G 367 -45.19 -42.73 -50.67
CA VAL G 367 -44.20 -43.32 -51.56
C VAL G 367 -44.73 -43.25 -52.98
N SER G 368 -43.83 -43.09 -53.94
CA SER G 368 -44.20 -42.89 -55.33
C SER G 368 -43.38 -43.79 -56.25
N LEU G 369 -44.07 -44.55 -57.11
CA LEU G 369 -43.44 -45.47 -58.05
C LEU G 369 -43.70 -44.94 -59.46
N CYS G 370 -42.63 -44.60 -60.19
CA CYS G 370 -42.77 -43.69 -61.32
C CYS G 370 -43.62 -42.49 -60.95
N SER G 371 -44.81 -42.38 -61.53
CA SER G 371 -45.68 -41.23 -61.31
C SER G 371 -46.80 -41.47 -60.31
N ALA G 372 -47.00 -42.71 -59.88
CA ALA G 372 -48.10 -43.02 -58.97
C ALA G 372 -47.80 -42.47 -57.58
N ARG G 373 -48.75 -42.65 -56.66
CA ARG G 373 -48.60 -42.23 -55.28
C ARG G 373 -49.33 -43.22 -54.39
N ALA G 374 -48.91 -43.28 -53.13
CA ALA G 374 -49.60 -44.11 -52.14
C ALA G 374 -49.14 -43.66 -50.77
N THR G 375 -50.01 -43.84 -49.78
CA THR G 375 -49.70 -43.48 -48.41
C THR G 375 -49.54 -44.76 -47.60
N CYS G 376 -48.42 -44.89 -46.91
CA CYS G 376 -48.12 -46.08 -46.12
C CYS G 376 -48.13 -45.73 -44.64
N SER G 377 -48.75 -46.58 -43.84
CA SER G 377 -48.77 -46.42 -42.39
C SER G 377 -48.64 -47.80 -41.76
N ALA G 378 -47.88 -47.88 -40.67
CA ALA G 378 -47.60 -49.17 -40.07
C ALA G 378 -47.27 -49.00 -38.59
N SER G 379 -47.31 -50.12 -37.87
CA SER G 379 -46.97 -50.16 -36.45
C SER G 379 -45.68 -50.94 -36.28
N CYS G 380 -44.68 -50.33 -35.66
CA CYS G 380 -43.35 -50.90 -35.54
C CYS G 380 -43.03 -51.19 -34.08
N GLU G 381 -42.38 -52.33 -33.84
CA GLU G 381 -41.99 -52.77 -32.51
C GLU G 381 -40.50 -52.54 -32.27
N PRO G 382 -40.10 -52.18 -31.05
CA PRO G 382 -38.70 -51.86 -30.80
C PRO G 382 -37.82 -53.07 -31.00
N PRO G 383 -36.54 -52.86 -31.28
CA PRO G 383 -35.60 -53.98 -31.36
C PRO G 383 -35.06 -54.32 -29.99
N LYS G 384 -34.55 -55.56 -29.88
CA LYS G 384 -34.09 -56.08 -28.60
C LYS G 384 -32.62 -55.80 -28.32
N ASP G 385 -31.79 -55.67 -29.35
CA ASP G 385 -30.35 -55.56 -29.18
C ASP G 385 -29.98 -54.18 -28.60
N HIS G 386 -29.20 -54.19 -27.52
CA HIS G 386 -28.92 -52.94 -26.83
C HIS G 386 -27.91 -52.09 -27.59
N ILE G 387 -26.87 -52.70 -28.14
CA ILE G 387 -25.78 -51.95 -28.75
C ILE G 387 -25.32 -52.62 -30.03
N VAL G 388 -25.19 -51.86 -31.09
CA VAL G 388 -24.69 -52.34 -32.39
C VAL G 388 -23.56 -51.46 -32.89
N PRO G 389 -22.66 -51.98 -33.72
CA PRO G 389 -21.46 -51.22 -34.13
C PRO G 389 -21.61 -50.39 -35.40
N TYR G 390 -22.80 -50.17 -35.94
CA TYR G 390 -22.94 -49.37 -37.14
C TYR G 390 -23.88 -48.20 -36.90
N ALA G 391 -23.60 -47.10 -37.60
CA ALA G 391 -24.34 -45.86 -37.38
C ALA G 391 -25.77 -45.98 -37.87
N ALA G 392 -26.61 -45.06 -37.41
CA ALA G 392 -28.02 -45.09 -37.77
C ALA G 392 -28.21 -44.77 -39.24
N SER G 393 -29.14 -45.50 -39.87
CA SER G 393 -29.45 -45.30 -41.28
C SER G 393 -30.73 -44.48 -41.50
N HIS G 394 -31.31 -43.95 -40.43
CA HIS G 394 -32.51 -43.13 -40.52
C HIS G 394 -32.18 -41.69 -40.15
N SER G 395 -33.17 -40.82 -40.34
CA SER G 395 -32.97 -39.41 -40.01
C SER G 395 -33.27 -39.10 -38.55
N ASN G 396 -33.63 -40.12 -37.77
CA ASN G 396 -33.80 -39.99 -36.31
C ASN G 396 -34.91 -39.00 -35.97
N VAL G 397 -36.11 -39.30 -36.47
CA VAL G 397 -37.31 -38.54 -36.16
C VAL G 397 -38.28 -39.47 -35.43
N VAL G 398 -38.83 -38.99 -34.31
CA VAL G 398 -39.52 -39.86 -33.37
C VAL G 398 -41.01 -39.56 -33.25
N PHE G 399 -41.45 -38.34 -33.49
CA PHE G 399 -42.86 -38.00 -33.30
C PHE G 399 -43.74 -38.87 -34.18
N PRO G 400 -44.72 -39.57 -33.61
CA PRO G 400 -45.56 -40.46 -34.41
C PRO G 400 -46.61 -39.70 -35.19
N ASP G 401 -47.32 -40.46 -36.04
CA ASP G 401 -48.39 -39.90 -36.85
C ASP G 401 -49.63 -39.67 -36.01
N MET G 402 -50.47 -38.73 -36.46
CA MET G 402 -51.72 -38.45 -35.76
C MET G 402 -52.68 -39.63 -35.82
N SER G 403 -52.46 -40.58 -36.72
CA SER G 403 -53.28 -41.79 -36.79
C SER G 403 -52.72 -42.93 -35.95
N GLY G 404 -51.63 -42.72 -35.23
CA GLY G 404 -51.07 -43.75 -34.40
C GLY G 404 -51.95 -44.05 -33.22
N THR G 405 -51.63 -45.14 -32.52
CA THR G 405 -52.46 -45.56 -31.40
C THR G 405 -52.46 -44.51 -30.29
N ALA G 406 -51.29 -44.00 -29.94
CA ALA G 406 -51.21 -43.01 -28.86
C ALA G 406 -51.98 -41.75 -29.23
N LEU G 407 -51.76 -41.24 -30.45
CA LEU G 407 -52.45 -40.02 -30.83
C LEU G 407 -53.92 -40.27 -31.13
N SER G 408 -54.31 -41.49 -31.51
CA SER G 408 -55.73 -41.80 -31.58
C SER G 408 -56.38 -41.70 -30.21
N TRP G 409 -55.73 -42.23 -29.18
CA TRP G 409 -56.28 -42.12 -27.83
C TRP G 409 -56.39 -40.66 -27.41
N VAL G 410 -55.35 -39.87 -27.70
CA VAL G 410 -55.40 -38.46 -27.33
C VAL G 410 -56.54 -37.75 -28.06
N GLN G 411 -56.71 -38.05 -29.35
CA GLN G 411 -57.78 -37.43 -30.11
C GLN G 411 -59.15 -37.80 -29.57
N LYS G 412 -59.35 -39.08 -29.24
CA LYS G 412 -60.65 -39.49 -28.71
C LYS G 412 -60.97 -38.82 -27.38
N ILE G 413 -60.00 -38.77 -26.48
CA ILE G 413 -60.24 -38.14 -25.18
C ILE G 413 -60.54 -36.66 -25.35
N SER G 414 -59.74 -35.97 -26.17
CA SER G 414 -59.97 -34.56 -26.40
C SER G 414 -61.32 -34.32 -27.05
N GLY G 415 -61.73 -35.22 -27.95
CA GLY G 415 -63.04 -35.07 -28.58
C GLY G 415 -64.18 -35.23 -27.60
N GLY G 416 -64.08 -36.21 -26.69
CA GLY G 416 -65.10 -36.34 -25.67
C GLY G 416 -65.21 -35.11 -24.79
N LEU G 417 -64.06 -34.60 -24.34
CA LEU G 417 -64.09 -33.40 -23.50
C LEU G 417 -64.62 -32.19 -24.26
N GLY G 418 -64.26 -32.06 -25.54
CA GLY G 418 -64.77 -30.96 -26.33
C GLY G 418 -66.27 -31.04 -26.55
N ALA G 419 -66.79 -32.25 -26.76
CA ALA G 419 -68.23 -32.40 -26.87
C ALA G 419 -68.93 -32.00 -25.59
N PHE G 420 -68.37 -32.41 -24.44
CA PHE G 420 -68.94 -31.99 -23.16
C PHE G 420 -68.94 -30.46 -23.03
N ALA G 421 -67.83 -29.83 -23.36
CA ALA G 421 -67.73 -28.37 -23.23
C ALA G 421 -68.71 -27.68 -24.16
N ILE G 422 -68.86 -28.18 -25.39
CA ILE G 422 -69.78 -27.57 -26.33
C ILE G 422 -71.22 -27.71 -25.84
N GLY G 423 -71.57 -28.87 -25.30
CA GLY G 423 -72.90 -29.03 -24.73
C GLY G 423 -73.16 -28.06 -23.59
N ALA G 424 -72.17 -27.86 -22.72
CA ALA G 424 -72.33 -26.90 -21.64
C ALA G 424 -72.49 -25.48 -22.15
N ILE G 425 -71.71 -25.12 -23.18
CA ILE G 425 -71.87 -23.80 -23.81
C ILE G 425 -73.29 -23.63 -24.34
N LEU G 426 -73.81 -24.66 -25.01
CA LEU G 426 -75.15 -24.57 -25.57
C LEU G 426 -76.20 -24.41 -24.48
N VAL G 427 -76.05 -25.15 -23.38
CA VAL G 427 -77.00 -25.02 -22.27
C VAL G 427 -76.97 -23.60 -21.71
N LEU G 428 -75.77 -23.06 -21.49
CA LEU G 428 -75.69 -21.70 -20.97
C LEU G 428 -76.30 -20.68 -21.93
N VAL G 429 -76.04 -20.84 -23.22
CA VAL G 429 -76.56 -19.88 -24.20
C VAL G 429 -78.09 -19.93 -24.24
N VAL G 430 -78.65 -21.14 -24.26
CA VAL G 430 -80.11 -21.26 -24.26
C VAL G 430 -80.70 -20.62 -23.01
N VAL G 431 -80.11 -20.90 -21.84
CA VAL G 431 -80.64 -20.36 -20.60
C VAL G 431 -80.58 -18.84 -20.60
N THR G 432 -79.45 -18.28 -21.02
CA THR G 432 -79.32 -16.82 -20.97
C THR G 432 -80.23 -16.14 -22.00
N CYS G 433 -80.42 -16.76 -23.17
CA CYS G 433 -81.35 -16.17 -24.14
C CYS G 433 -82.79 -16.21 -23.62
N ILE G 434 -83.19 -17.32 -23.00
CA ILE G 434 -84.54 -17.36 -22.42
C ILE G 434 -84.67 -16.32 -21.32
N GLY G 435 -83.65 -16.18 -20.48
CA GLY G 435 -83.70 -15.19 -19.42
C GLY G 435 -83.81 -13.77 -19.94
N LEU G 436 -83.09 -13.47 -21.03
CA LEU G 436 -83.13 -12.13 -21.59
C LEU G 436 -84.43 -11.86 -22.33
N ARG G 437 -85.04 -12.90 -22.91
CA ARG G 437 -86.32 -12.69 -23.59
C ARG G 437 -87.45 -12.34 -22.63
N ARG G 438 -87.26 -12.53 -21.33
CA ARG G 438 -88.24 -12.13 -20.34
C ARG G 438 -88.02 -10.67 -19.93
N HIS H 1 39.96 31.70 -102.64
CA HIS H 1 39.30 32.34 -101.51
C HIS H 1 39.47 31.49 -100.24
N PHE H 2 38.79 31.90 -99.18
CA PHE H 2 38.85 31.20 -97.91
C PHE H 2 38.31 29.79 -98.05
N ASN H 3 38.99 28.83 -97.41
CA ASN H 3 38.56 27.44 -97.43
C ASN H 3 38.30 26.96 -96.02
N VAL H 4 37.54 27.74 -95.24
CA VAL H 4 37.41 27.63 -93.79
C VAL H 4 37.31 26.18 -93.35
N TYR H 5 36.73 25.32 -94.18
CA TYR H 5 36.69 23.90 -93.83
C TYR H 5 38.03 23.24 -94.08
N LYS H 6 39.11 23.84 -93.57
CA LYS H 6 40.41 23.18 -93.50
C LYS H 6 40.87 22.97 -92.07
N ALA H 7 40.40 23.79 -91.13
CA ALA H 7 40.71 23.64 -89.72
C ALA H 7 39.62 22.90 -88.96
N THR H 8 38.78 22.14 -89.66
CA THR H 8 37.67 21.43 -89.06
C THR H 8 37.76 19.95 -89.45
N ARG H 9 37.35 19.09 -88.53
CA ARG H 9 37.42 17.66 -88.74
C ARG H 9 36.12 16.99 -88.35
N PRO H 10 35.78 15.86 -88.97
CA PRO H 10 34.69 15.03 -88.45
C PRO H 10 35.08 14.45 -87.10
N TYR H 11 34.07 14.11 -86.31
CA TYR H 11 34.31 13.57 -84.98
C TYR H 11 33.36 12.42 -84.72
N ILE H 12 33.56 11.75 -83.59
CA ILE H 12 32.77 10.60 -83.17
C ILE H 12 31.99 10.96 -81.92
N ALA H 13 30.68 10.86 -81.99
CA ALA H 13 29.79 11.16 -80.87
C ALA H 13 28.89 9.97 -80.59
N TYR H 14 28.10 10.08 -79.52
CA TYR H 14 27.32 8.98 -79.00
C TYR H 14 25.89 9.09 -79.51
N CYS H 15 25.46 8.11 -80.30
CA CYS H 15 24.12 8.10 -80.87
C CYS H 15 23.21 7.19 -80.04
N ALA H 16 21.95 7.61 -79.90
CA ALA H 16 21.04 6.92 -79.00
C ALA H 16 20.83 5.47 -79.41
N ASP H 17 20.51 5.24 -80.67
CA ASP H 17 20.48 3.88 -81.19
C ASP H 17 20.82 3.92 -82.67
N CYS H 18 21.57 2.93 -83.12
CA CYS H 18 22.16 2.93 -84.45
C CYS H 18 21.32 2.14 -85.44
N GLY H 19 20.01 2.28 -85.38
CA GLY H 19 19.13 1.59 -86.28
C GLY H 19 18.78 0.18 -85.86
N ALA H 20 19.23 -0.26 -84.69
CA ALA H 20 18.99 -1.61 -84.23
C ALA H 20 18.53 -1.69 -82.78
N GLY H 21 18.38 -0.56 -82.09
CA GLY H 21 18.02 -0.57 -80.69
C GLY H 21 19.18 -0.58 -79.72
N HIS H 22 20.42 -0.66 -80.21
CA HIS H 22 21.60 -0.63 -79.37
C HIS H 22 22.36 0.67 -79.60
N SER H 23 23.04 1.13 -78.54
CA SER H 23 23.73 2.42 -78.57
C SER H 23 25.23 2.20 -78.71
N CYS H 24 25.83 2.86 -79.70
CA CYS H 24 27.29 2.83 -79.84
C CYS H 24 27.73 4.11 -80.52
N HIS H 25 28.99 4.47 -80.29
CA HIS H 25 29.57 5.72 -80.77
C HIS H 25 29.70 5.67 -82.28
N SER H 26 28.82 6.37 -82.97
CA SER H 26 28.79 6.35 -84.42
C SER H 26 29.46 7.57 -84.99
N PRO H 27 29.94 7.52 -86.23
CA PRO H 27 30.50 8.70 -86.87
C PRO H 27 29.46 9.62 -87.50
N VAL H 28 28.18 9.25 -87.47
CA VAL H 28 27.15 10.04 -88.15
C VAL H 28 26.10 10.45 -87.12
N ALA H 29 26.54 10.85 -85.93
CA ALA H 29 25.61 11.28 -84.91
C ALA H 29 24.82 12.50 -85.38
N ILE H 30 23.55 12.55 -85.00
CA ILE H 30 22.65 13.64 -85.39
C ILE H 30 22.57 14.65 -84.25
N GLU H 31 22.84 15.90 -84.57
CA GLU H 31 22.62 17.00 -83.64
C GLU H 31 21.23 17.58 -83.88
N ALA H 32 21.03 18.84 -83.52
CA ALA H 32 19.71 19.44 -83.62
C ALA H 32 19.20 19.45 -85.06
N VAL H 33 17.89 19.30 -85.19
CA VAL H 33 17.19 19.43 -86.47
C VAL H 33 16.39 20.72 -86.43
N ARG H 34 16.63 21.61 -87.39
CA ARG H 34 15.94 22.89 -87.46
C ARG H 34 14.90 22.85 -88.56
N SER H 35 13.71 23.38 -88.27
CA SER H 35 12.62 23.32 -89.23
C SER H 35 11.81 24.62 -89.21
N GLU H 36 12.48 25.76 -89.25
CA GLU H 36 11.78 27.04 -89.29
C GLU H 36 11.55 27.54 -90.72
N ALA H 37 11.44 26.65 -91.68
CA ALA H 37 11.05 27.01 -93.05
C ALA H 37 9.60 26.61 -93.25
N THR H 38 8.81 27.54 -93.80
CA THR H 38 7.37 27.33 -93.88
C THR H 38 7.02 26.18 -94.82
N ASP H 39 7.71 26.06 -95.95
CA ASP H 39 7.33 25.01 -96.90
C ASP H 39 7.67 23.61 -96.42
N GLY H 40 8.42 23.48 -95.33
CA GLY H 40 8.68 22.16 -94.76
C GLY H 40 10.01 21.57 -95.18
N MET H 41 11.08 22.34 -95.03
CA MET H 41 12.43 21.90 -95.35
C MET H 41 13.24 21.83 -94.07
N LEU H 42 13.96 20.74 -93.87
CA LEU H 42 14.71 20.51 -92.64
C LEU H 42 16.20 20.78 -92.87
N LYS H 43 16.87 21.25 -91.83
CA LYS H 43 18.33 21.33 -91.80
C LYS H 43 18.85 20.36 -90.76
N ILE H 44 19.07 19.14 -91.15
CA ILE H 44 19.68 18.15 -90.30
C ILE H 44 21.15 18.48 -90.17
N GLN H 45 21.73 18.21 -89.01
CA GLN H 45 23.14 18.47 -88.76
C GLN H 45 23.84 17.18 -88.37
N PHE H 46 24.78 16.73 -89.19
CA PHE H 46 25.58 15.56 -88.87
C PHE H 46 26.56 15.85 -87.75
N SER H 47 27.49 14.90 -87.59
CA SER H 47 28.81 15.16 -87.06
C SER H 47 29.90 15.01 -88.11
N ALA H 48 29.73 14.09 -89.06
CA ALA H 48 30.74 13.82 -90.07
C ALA H 48 30.47 14.70 -91.29
N GLN H 49 31.27 15.73 -91.45
CA GLN H 49 31.01 16.74 -92.48
C GLN H 49 31.20 16.18 -93.88
N ILE H 50 30.40 16.70 -94.81
CA ILE H 50 30.24 16.08 -96.13
C ILE H 50 30.48 17.12 -97.21
N GLY H 51 30.91 16.63 -98.38
CA GLY H 51 31.24 17.48 -99.50
C GLY H 51 32.71 17.79 -99.65
N ILE H 52 33.54 17.45 -98.67
CA ILE H 52 34.96 17.76 -98.68
C ILE H 52 35.75 16.51 -98.35
N ASP H 53 36.68 16.13 -99.21
CA ASP H 53 37.36 14.86 -99.05
C ASP H 53 38.41 14.91 -97.95
N LYS H 54 39.15 13.83 -97.81
CA LYS H 54 40.14 13.71 -96.73
C LYS H 54 41.24 14.74 -96.87
N SER H 55 41.68 15.01 -98.10
CA SER H 55 42.77 15.94 -98.36
C SER H 55 42.33 17.40 -98.36
N ASP H 56 41.14 17.70 -97.82
CA ASP H 56 40.63 19.07 -97.71
C ASP H 56 40.43 19.72 -99.07
N ASN H 57 39.88 18.96 -100.01
CA ASN H 57 39.51 19.48 -101.32
C ASN H 57 38.01 19.32 -101.53
N HIS H 58 37.42 20.27 -102.23
CA HIS H 58 35.99 20.21 -102.52
C HIS H 58 35.71 19.17 -103.58
N ASP H 59 34.90 18.17 -103.23
CA ASP H 59 34.51 17.10 -104.13
C ASP H 59 33.03 16.81 -103.96
N TYR H 60 32.32 16.61 -105.06
CA TYR H 60 30.90 16.34 -105.03
C TYR H 60 30.58 14.89 -104.69
N THR H 61 31.59 14.03 -104.56
CA THR H 61 31.37 12.61 -104.38
C THR H 61 32.00 12.05 -103.11
N LYS H 62 33.04 12.67 -102.58
CA LYS H 62 33.69 12.20 -101.37
C LYS H 62 33.22 12.99 -100.17
N ILE H 63 32.94 12.30 -99.07
CA ILE H 63 32.62 12.98 -97.82
C ILE H 63 33.45 12.39 -96.69
N ARG H 64 33.99 13.26 -95.85
CA ARG H 64 34.85 12.86 -94.76
C ARG H 64 34.04 12.23 -93.63
N TYR H 65 34.71 11.43 -92.81
CA TYR H 65 34.13 10.97 -91.56
C TYR H 65 35.23 10.41 -90.68
N ALA H 66 35.09 10.59 -89.38
CA ALA H 66 36.13 10.23 -88.43
C ALA H 66 36.04 8.75 -88.10
N ASP H 67 37.20 8.14 -87.88
CA ASP H 67 37.27 6.72 -87.56
C ASP H 67 38.50 6.50 -86.70
N GLY H 68 38.34 6.56 -85.38
CA GLY H 68 39.41 6.33 -84.45
C GLY H 68 40.63 7.21 -84.69
N HIS H 69 40.50 8.52 -84.44
CA HIS H 69 41.54 9.52 -84.72
C HIS H 69 42.21 9.26 -86.06
N ALA H 70 41.38 9.03 -87.08
CA ALA H 70 41.87 8.85 -88.44
C ALA H 70 40.71 9.15 -89.39
N ILE H 71 40.94 10.05 -90.34
CA ILE H 71 39.90 10.51 -91.24
C ILE H 71 39.94 9.68 -92.51
N GLU H 72 38.78 9.19 -92.94
CA GLU H 72 38.63 8.54 -94.23
C GLU H 72 37.51 9.24 -94.99
N ASN H 73 37.19 8.75 -96.18
CA ASN H 73 36.09 9.30 -96.95
C ASN H 73 35.29 8.18 -97.60
N ALA H 74 34.00 8.46 -97.80
CA ALA H 74 33.07 7.51 -98.40
C ALA H 74 32.34 8.19 -99.54
N VAL H 75 31.84 7.38 -100.48
CA VAL H 75 31.17 7.92 -101.65
C VAL H 75 29.93 8.69 -101.23
N ARG H 76 29.67 9.82 -101.89
CA ARG H 76 28.53 10.65 -101.51
C ARG H 76 27.23 9.91 -101.77
N SER H 77 27.21 9.03 -102.75
CA SER H 77 26.05 8.15 -102.89
C SER H 77 25.87 7.35 -101.61
N SER H 78 24.73 6.67 -101.52
CA SER H 78 24.34 5.91 -100.33
C SER H 78 24.14 6.78 -99.10
N LEU H 79 24.12 8.10 -99.25
CA LEU H 79 23.66 8.98 -98.18
C LEU H 79 22.14 8.95 -98.19
N LYS H 80 21.56 8.17 -97.30
CA LYS H 80 20.12 7.96 -97.26
C LYS H 80 19.56 8.58 -95.98
N VAL H 81 18.66 9.53 -96.14
CA VAL H 81 17.91 10.11 -95.02
C VAL H 81 16.45 9.70 -95.17
N ALA H 82 15.83 9.29 -94.08
CA ALA H 82 14.50 8.72 -94.16
C ALA H 82 13.69 9.04 -92.92
N THR H 83 12.37 8.95 -93.08
CA THR H 83 11.40 9.04 -91.99
C THR H 83 10.49 7.86 -92.27
N SER H 84 9.28 7.89 -91.73
CA SER H 84 8.31 6.83 -91.97
C SER H 84 8.32 6.35 -93.41
N GLY H 85 8.57 7.26 -94.34
CA GLY H 85 8.72 6.91 -95.75
C GLY H 85 10.15 6.96 -96.23
N ASP H 86 10.44 7.86 -97.18
CA ASP H 86 11.77 7.97 -97.76
C ASP H 86 11.97 9.39 -98.28
N CYS H 87 12.94 10.10 -97.72
CA CYS H 87 13.06 11.53 -97.95
C CYS H 87 13.77 11.81 -99.27
N PHE H 88 13.86 13.11 -99.60
CA PHE H 88 14.57 13.60 -100.77
C PHE H 88 15.61 14.59 -100.31
N VAL H 89 16.84 14.45 -100.80
CA VAL H 89 17.97 15.25 -100.34
C VAL H 89 18.20 16.38 -101.34
N HIS H 90 18.13 17.62 -100.86
CA HIS H 90 18.29 18.79 -101.72
C HIS H 90 19.70 19.35 -101.68
N GLY H 91 20.15 19.78 -100.50
CA GLY H 91 21.42 20.45 -100.34
C GLY H 91 22.44 19.58 -99.62
N THR H 92 23.71 19.99 -99.75
CA THR H 92 24.82 19.18 -99.25
C THR H 92 26.03 20.08 -99.09
N MET H 93 26.40 20.40 -97.84
CA MET H 93 27.61 21.16 -97.58
C MET H 93 27.99 21.14 -96.11
N GLY H 94 29.25 20.87 -95.81
CA GLY H 94 29.69 20.87 -94.43
C GLY H 94 28.98 19.78 -93.65
N HIS H 95 28.54 20.12 -92.44
CA HIS H 95 27.82 19.17 -91.62
C HIS H 95 26.34 19.05 -91.99
N PHE H 96 25.82 19.98 -92.78
CA PHE H 96 24.37 20.20 -92.90
C PHE H 96 23.82 19.56 -94.16
N ILE H 97 22.66 18.94 -94.03
CA ILE H 97 21.97 18.28 -95.13
C ILE H 97 20.52 18.74 -95.15
N LEU H 98 20.00 19.04 -96.34
CA LEU H 98 18.65 19.53 -96.51
C LEU H 98 17.75 18.43 -97.07
N ALA H 99 16.57 18.27 -96.49
CA ALA H 99 15.67 17.20 -96.89
C ALA H 99 14.22 17.65 -96.79
N LYS H 100 13.38 16.99 -97.57
CA LYS H 100 11.93 17.17 -97.52
C LYS H 100 11.29 15.81 -97.26
N CYS H 101 10.87 15.57 -96.03
CA CYS H 101 10.52 14.22 -95.62
C CYS H 101 9.02 14.02 -95.50
N PRO H 102 8.52 12.81 -95.73
CA PRO H 102 7.13 12.53 -95.46
C PRO H 102 6.85 12.49 -93.97
N PRO H 103 5.61 12.69 -93.54
CA PRO H 103 5.33 12.76 -92.10
C PRO H 103 5.66 11.47 -91.40
N GLY H 104 6.15 11.60 -90.16
CA GLY H 104 6.58 10.43 -89.41
C GLY H 104 7.06 10.86 -88.04
N GLU H 105 7.49 9.86 -87.27
CA GLU H 105 7.83 10.06 -85.87
C GLU H 105 9.31 9.90 -85.57
N PHE H 106 10.15 9.73 -86.59
CA PHE H 106 11.60 9.63 -86.40
C PHE H 106 12.28 9.93 -87.72
N LEU H 107 13.59 10.12 -87.66
CA LEU H 107 14.36 10.18 -88.89
C LEU H 107 15.75 9.61 -88.63
N GLN H 108 16.33 8.99 -89.66
CA GLN H 108 17.65 8.41 -89.58
C GLN H 108 18.47 8.82 -90.79
N VAL H 109 19.77 8.98 -90.59
CA VAL H 109 20.73 9.23 -91.65
C VAL H 109 21.79 8.14 -91.59
N SER H 110 22.21 7.67 -92.74
CA SER H 110 23.18 6.58 -92.78
C SER H 110 24.01 6.69 -94.06
N ILE H 111 25.18 6.07 -94.03
CA ILE H 111 26.02 5.98 -95.23
C ILE H 111 26.98 4.81 -95.07
N GLN H 112 27.41 4.26 -96.20
CA GLN H 112 28.32 3.13 -96.21
C GLN H 112 29.69 3.52 -95.66
N ASP H 113 30.28 2.59 -94.91
CA ASP H 113 31.60 2.78 -94.32
C ASP H 113 32.64 2.63 -95.42
N THR H 114 33.93 2.64 -95.05
CA THR H 114 34.97 2.38 -96.02
C THR H 114 34.86 0.97 -96.58
N ARG H 115 34.56 0.00 -95.73
CA ARG H 115 34.41 -1.39 -96.11
C ARG H 115 32.96 -1.75 -96.43
N ASN H 116 32.13 -0.76 -96.75
CA ASN H 116 30.74 -0.96 -97.17
C ASN H 116 29.90 -1.59 -96.06
N ALA H 117 29.86 -0.92 -94.91
CA ALA H 117 28.98 -1.28 -93.80
C ALA H 117 28.19 -0.04 -93.39
N VAL H 118 26.87 -0.19 -93.26
CA VAL H 118 26.01 0.96 -92.99
C VAL H 118 26.29 1.49 -91.59
N ARG H 119 26.42 2.80 -91.48
CA ARG H 119 26.59 3.49 -90.21
C ARG H 119 25.45 4.48 -90.04
N ALA H 120 24.52 4.17 -89.15
CA ALA H 120 23.25 4.90 -89.07
C ALA H 120 23.05 5.46 -87.68
N CYS H 121 22.27 6.54 -87.60
CA CYS H 121 21.84 7.09 -86.33
C CYS H 121 20.36 7.42 -86.44
N ARG H 122 19.62 7.21 -85.36
CA ARG H 122 18.18 7.39 -85.35
C ARG H 122 17.80 8.33 -84.21
N ILE H 123 17.01 9.34 -84.52
CA ILE H 123 16.59 10.36 -83.55
C ILE H 123 15.08 10.44 -83.57
N GLN H 124 14.48 10.70 -82.41
CA GLN H 124 13.02 10.84 -82.33
C GLN H 124 12.63 12.26 -82.66
N TYR H 125 11.79 12.42 -83.67
CA TYR H 125 11.41 13.74 -84.17
C TYR H 125 10.00 13.66 -84.72
N HIS H 126 9.11 14.52 -84.21
CA HIS H 126 7.71 14.54 -84.66
C HIS H 126 7.59 15.53 -85.81
N HIS H 127 7.59 15.02 -87.03
CA HIS H 127 7.53 15.84 -88.24
C HIS H 127 6.12 15.76 -88.82
N ASP H 128 5.49 16.92 -89.01
CA ASP H 128 4.17 16.97 -89.63
C ASP H 128 3.98 18.35 -90.25
N PRO H 129 4.21 18.50 -91.55
CA PRO H 129 4.17 19.82 -92.17
C PRO H 129 2.75 20.24 -92.50
N GLN H 130 2.51 21.54 -92.41
CA GLN H 130 1.24 22.13 -92.84
C GLN H 130 1.54 23.24 -93.83
N PRO H 131 1.13 23.10 -95.09
CA PRO H 131 1.44 24.14 -96.08
C PRO H 131 0.76 25.45 -95.75
N VAL H 132 1.40 26.53 -96.19
CA VAL H 132 0.88 27.88 -95.93
C VAL H 132 -0.43 28.06 -96.68
N GLY H 133 -1.42 28.66 -96.00
CA GLY H 133 -2.70 28.91 -96.59
C GLY H 133 -3.81 28.41 -95.70
N ARG H 134 -4.96 28.13 -96.30
CA ARG H 134 -6.12 27.65 -95.56
C ARG H 134 -6.55 26.25 -95.96
N GLU H 135 -5.90 25.62 -96.93
CA GLU H 135 -6.17 24.25 -97.31
C GLU H 135 -4.96 23.39 -96.95
N LYS H 136 -5.23 22.18 -96.46
CA LYS H 136 -4.16 21.24 -96.13
C LYS H 136 -3.95 20.26 -97.28
N PHE H 137 -3.54 20.81 -98.43
CA PHE H 137 -3.26 19.99 -99.59
C PHE H 137 -1.92 19.28 -99.42
N THR H 138 -1.58 18.44 -100.40
CA THR H 138 -0.40 17.62 -100.36
C THR H 138 0.66 18.01 -101.38
N ILE H 139 0.32 18.04 -102.67
CA ILE H 139 1.26 18.45 -103.70
C ILE H 139 0.66 19.61 -104.47
N ARG H 140 1.53 20.39 -105.10
CA ARG H 140 1.09 21.64 -105.70
C ARG H 140 0.21 21.37 -106.92
N PRO H 141 -0.75 22.25 -107.19
CA PRO H 141 -1.61 22.06 -108.35
C PRO H 141 -1.02 22.66 -109.61
N HIS H 142 -1.71 22.52 -110.73
CA HIS H 142 -1.31 23.16 -111.97
C HIS H 142 -2.10 24.43 -112.25
N TYR H 143 -2.92 24.87 -111.29
CA TYR H 143 -3.67 26.12 -111.41
C TYR H 143 -4.04 26.58 -110.01
N GLY H 144 -3.59 27.77 -109.63
CA GLY H 144 -3.88 28.25 -108.30
C GLY H 144 -3.31 29.63 -108.07
N LYS H 145 -3.37 30.06 -106.82
CA LYS H 145 -2.86 31.35 -106.40
C LYS H 145 -1.35 31.28 -106.20
N GLU H 146 -0.79 32.36 -105.69
CA GLU H 146 0.58 32.39 -105.21
C GLU H 146 0.60 33.06 -103.83
N ILE H 147 1.13 32.35 -102.84
CA ILE H 147 1.13 32.80 -101.46
C ILE H 147 2.59 32.90 -101.00
N PRO H 148 3.00 33.99 -100.38
CA PRO H 148 4.40 34.07 -99.91
C PRO H 148 4.69 33.04 -98.82
N CYS H 149 5.93 32.57 -98.82
CA CYS H 149 6.42 31.61 -97.83
C CYS H 149 7.94 31.70 -97.80
N THR H 150 8.54 31.00 -96.83
CA THR H 150 9.98 31.07 -96.62
C THR H 150 10.60 29.69 -96.80
N THR H 151 11.87 29.66 -97.17
CA THR H 151 12.55 28.41 -97.45
C THR H 151 14.05 28.60 -97.26
N TYR H 152 14.79 27.49 -97.29
CA TYR H 152 16.24 27.52 -97.20
C TYR H 152 16.82 27.51 -98.61
N GLN H 153 17.66 28.50 -98.91
CA GLN H 153 18.24 28.59 -100.24
C GLN H 153 19.55 27.80 -100.31
N GLN H 154 20.04 27.65 -101.54
CA GLN H 154 21.29 26.95 -101.81
C GLN H 154 22.49 27.86 -101.85
N THR H 155 22.31 29.17 -101.69
CA THR H 155 23.43 30.08 -101.67
C THR H 155 24.29 29.87 -100.43
N THR H 156 25.59 30.13 -100.58
CA THR H 156 26.55 30.02 -99.49
C THR H 156 27.34 31.32 -99.36
N ALA H 157 26.66 32.45 -99.55
CA ALA H 157 27.29 33.75 -99.42
C ALA H 157 27.36 34.12 -97.94
N LYS H 158 27.63 35.40 -97.65
CA LYS H 158 27.65 35.87 -96.27
C LYS H 158 26.28 35.73 -95.64
N THR H 159 26.22 35.14 -94.45
CA THR H 159 24.94 34.74 -93.85
C THR H 159 24.69 35.30 -92.47
N VAL H 160 25.70 35.69 -91.71
CA VAL H 160 25.55 36.16 -90.34
C VAL H 160 25.02 34.98 -89.52
N GLU H 161 25.87 34.00 -89.28
CA GLU H 161 25.53 32.80 -88.52
C GLU H 161 26.78 32.34 -87.79
N GLU H 162 26.58 31.50 -86.78
CA GLU H 162 27.70 31.10 -85.94
C GLU H 162 27.59 29.65 -85.52
N ILE H 163 28.74 29.00 -85.47
CA ILE H 163 28.94 27.73 -84.78
C ILE H 163 30.16 27.88 -83.88
N ASP H 164 30.01 27.51 -82.61
CA ASP H 164 31.16 27.51 -81.71
C ASP H 164 32.06 26.33 -82.02
N MET H 165 33.35 26.59 -82.17
CA MET H 165 34.33 25.56 -82.45
C MET H 165 35.44 25.63 -81.42
N HIS H 166 35.98 24.46 -81.04
CA HIS H 166 37.07 24.42 -80.08
C HIS H 166 37.97 23.24 -80.41
N MET H 167 39.14 23.22 -79.77
CA MET H 167 40.12 22.16 -80.01
C MET H 167 39.67 20.87 -79.35
N PRO H 168 39.94 19.72 -79.96
CA PRO H 168 39.45 18.47 -79.39
C PRO H 168 40.15 18.14 -78.09
N PRO H 169 39.54 17.35 -77.23
CA PRO H 169 40.15 17.01 -75.94
C PRO H 169 41.23 15.93 -76.12
N ASP H 170 41.74 15.46 -74.99
CA ASP H 170 42.79 14.44 -74.98
C ASP H 170 42.15 13.08 -75.20
N THR H 171 42.10 12.65 -76.45
CA THR H 171 41.42 11.40 -76.77
C THR H 171 42.17 10.22 -76.15
N PRO H 172 41.51 9.39 -75.36
CA PRO H 172 42.19 8.23 -74.76
C PRO H 172 42.08 7.01 -75.64
N ASP H 173 43.08 6.13 -75.49
CA ASP H 173 43.12 4.90 -76.26
C ASP H 173 43.91 3.86 -75.47
N ARG H 174 43.70 2.59 -75.82
CA ARG H 174 44.40 1.50 -75.17
C ARG H 174 45.00 0.50 -76.13
N THR H 175 44.71 0.57 -77.41
CA THR H 175 45.33 -0.33 -78.37
C THR H 175 46.78 0.03 -78.66
N LEU H 176 47.26 1.17 -78.17
CA LEU H 176 48.64 1.58 -78.40
C LEU H 176 49.62 1.04 -77.36
N LEU H 177 49.14 0.43 -76.28
CA LEU H 177 50.03 -0.20 -75.33
C LEU H 177 50.20 -1.67 -75.68
N SER H 178 51.46 -2.10 -75.79
CA SER H 178 51.78 -3.46 -76.19
C SER H 178 52.82 -4.01 -75.21
N GLN H 179 52.40 -4.94 -74.36
CA GLN H 179 53.27 -5.53 -73.35
C GLN H 179 54.03 -6.69 -73.97
N GLN H 180 55.35 -6.56 -74.10
CA GLN H 180 56.13 -7.62 -74.73
C GLN H 180 56.71 -8.60 -73.71
N SER H 181 57.58 -8.12 -72.82
CA SER H 181 58.12 -8.96 -71.75
C SER H 181 58.63 -8.03 -70.65
N GLY H 182 57.84 -7.84 -69.61
CA GLY H 182 58.22 -6.93 -68.55
C GLY H 182 58.38 -5.49 -68.99
N ASN H 183 57.86 -5.15 -70.17
CA ASN H 183 57.97 -3.81 -70.71
C ASN H 183 56.87 -3.62 -71.74
N VAL H 184 56.53 -2.35 -72.01
CA VAL H 184 55.49 -2.01 -72.95
C VAL H 184 56.06 -1.08 -74.00
N LYS H 185 55.44 -1.07 -75.18
CA LYS H 185 55.80 -0.16 -76.25
C LYS H 185 54.59 0.66 -76.65
N ILE H 186 54.84 1.89 -77.09
CA ILE H 186 53.81 2.83 -77.50
C ILE H 186 53.91 3.04 -79.00
N THR H 187 52.78 2.89 -79.69
CA THR H 187 52.74 3.08 -81.13
C THR H 187 52.78 4.58 -81.46
N VAL H 188 53.17 4.90 -82.69
CA VAL H 188 53.30 6.27 -83.15
C VAL H 188 52.59 6.42 -84.49
N GLY H 189 52.84 7.52 -85.18
CA GLY H 189 52.20 7.79 -86.45
C GLY H 189 51.90 9.26 -86.61
N GLY H 190 52.35 10.06 -85.67
CA GLY H 190 52.14 11.50 -85.70
C GLY H 190 51.43 11.94 -84.44
N LYS H 191 50.91 10.98 -83.70
CA LYS H 191 50.11 11.26 -82.51
C LYS H 191 51.06 11.44 -81.33
N LYS H 192 51.24 12.68 -80.90
CA LYS H 192 52.09 12.92 -79.74
C LYS H 192 51.36 12.51 -78.46
N VAL H 193 51.41 11.23 -78.16
CA VAL H 193 50.65 10.64 -77.06
C VAL H 193 51.17 11.11 -75.72
N LYS H 194 50.24 11.42 -74.82
CA LYS H 194 50.55 11.74 -73.43
C LYS H 194 50.44 10.47 -72.59
N TYR H 195 51.23 10.40 -71.52
CA TYR H 195 51.28 9.22 -70.68
C TYR H 195 51.30 9.60 -69.20
N ASN H 196 50.92 8.63 -68.37
CA ASN H 196 50.96 8.77 -66.92
C ASN H 196 51.02 7.36 -66.34
N CYS H 197 52.05 7.08 -65.55
CA CYS H 197 52.26 5.74 -65.02
C CYS H 197 52.58 5.81 -63.53
N THR H 198 52.34 4.69 -62.84
CA THR H 198 52.45 4.63 -61.39
C THR H 198 53.73 3.94 -60.93
N CYS H 199 54.48 3.34 -61.86
CA CYS H 199 55.59 2.45 -61.52
C CYS H 199 56.85 3.27 -61.29
N GLY H 200 57.29 3.32 -60.03
CA GLY H 200 58.58 3.89 -59.67
C GLY H 200 58.75 5.33 -60.07
N THR H 201 57.98 6.22 -59.44
CA THR H 201 57.97 7.66 -59.72
C THR H 201 57.32 7.89 -61.08
N GLY H 202 57.02 6.81 -61.79
CA GLY H 202 56.33 6.84 -63.05
C GLY H 202 56.95 7.73 -64.10
N ASN H 203 56.11 8.22 -65.01
CA ASN H 203 56.55 9.09 -66.10
C ASN H 203 55.41 10.04 -66.42
N VAL H 204 55.64 11.33 -66.20
CA VAL H 204 54.67 12.36 -66.56
C VAL H 204 55.22 13.16 -67.73
N GLY H 205 54.37 13.47 -68.69
CA GLY H 205 54.80 14.22 -69.86
C GLY H 205 54.37 13.55 -71.14
N THR H 206 54.58 14.23 -72.27
CA THR H 206 54.13 13.75 -73.57
C THR H 206 55.34 13.39 -74.43
N THR H 207 55.25 12.27 -75.12
CA THR H 207 56.30 11.84 -76.04
C THR H 207 55.92 12.20 -77.47
N ASN H 208 56.77 11.84 -78.42
CA ASN H 208 56.46 12.08 -79.83
C ASN H 208 56.90 10.87 -80.64
N SER H 209 57.73 10.02 -80.03
CA SER H 209 58.22 8.81 -80.67
C SER H 209 57.98 7.62 -79.75
N ASP H 210 58.51 6.46 -80.14
CA ASP H 210 58.31 5.24 -79.38
C ASP H 210 58.96 5.36 -78.00
N MET H 211 58.50 4.51 -77.09
CA MET H 211 58.99 4.56 -75.72
C MET H 211 58.81 3.19 -75.09
N THR H 212 59.67 2.88 -74.11
CA THR H 212 59.64 1.62 -73.38
C THR H 212 59.60 1.94 -71.89
N ILE H 213 59.03 1.02 -71.10
CA ILE H 213 58.86 1.27 -69.67
C ILE H 213 59.82 0.40 -68.86
N ASN H 214 59.97 -0.88 -69.25
CA ASN H 214 60.91 -1.81 -68.64
C ASN H 214 60.61 -2.12 -67.17
N THR H 215 59.58 -1.49 -66.61
CA THR H 215 59.37 -1.63 -65.16
C THR H 215 58.04 -2.30 -64.84
N CYS H 216 56.93 -1.72 -65.31
CA CYS H 216 55.61 -2.07 -64.82
C CYS H 216 54.77 -2.75 -65.91
N LEU H 217 53.50 -2.97 -65.60
CA LEU H 217 52.56 -3.69 -66.45
C LEU H 217 51.75 -2.72 -67.30
N ILE H 218 50.75 -3.28 -67.99
CA ILE H 218 49.90 -2.46 -68.84
C ILE H 218 49.01 -1.54 -68.01
N GLU H 219 48.44 -2.05 -66.92
CA GLU H 219 47.43 -1.30 -66.21
C GLU H 219 48.04 -0.27 -65.27
N GLN H 220 49.05 0.46 -65.76
CA GLN H 220 49.55 1.62 -65.05
C GLN H 220 49.82 2.75 -66.02
N CYS H 221 50.11 2.42 -67.28
CA CYS H 221 50.40 3.43 -68.27
C CYS H 221 49.20 3.63 -69.19
N HIS H 222 49.15 4.79 -69.84
CA HIS H 222 47.96 5.20 -70.55
C HIS H 222 48.33 5.98 -71.80
N VAL H 223 47.39 6.01 -72.74
CA VAL H 223 47.56 6.68 -74.01
C VAL H 223 46.50 7.77 -74.10
N SER H 224 46.93 9.00 -74.38
CA SER H 224 46.02 10.13 -74.49
C SER H 224 46.52 10.99 -75.65
N VAL H 225 46.08 10.66 -76.86
CA VAL H 225 46.51 11.42 -78.03
C VAL H 225 45.97 12.84 -77.93
N THR H 226 46.85 13.81 -78.16
CA THR H 226 46.43 15.21 -78.04
C THR H 226 46.04 15.82 -79.38
N ASP H 227 46.76 15.46 -80.45
CA ASP H 227 46.50 16.00 -81.79
C ASP H 227 46.57 17.52 -81.80
N HIS H 228 45.44 18.17 -81.48
CA HIS H 228 45.28 19.61 -81.66
C HIS H 228 45.37 19.93 -83.15
N LYS H 229 45.64 21.20 -83.46
CA LYS H 229 45.85 21.73 -84.80
C LYS H 229 44.57 21.76 -85.64
N LYS H 230 43.41 21.41 -85.10
CA LYS H 230 42.17 21.41 -85.87
C LYS H 230 40.99 21.61 -84.93
N TRP H 231 40.10 22.54 -85.30
CA TRP H 231 38.88 22.80 -84.54
C TRP H 231 37.85 21.71 -84.82
N GLN H 232 37.21 21.20 -83.76
CA GLN H 232 36.29 20.08 -83.96
C GLN H 232 34.82 20.47 -84.03
N PHE H 233 34.23 20.85 -82.89
CA PHE H 233 32.87 21.37 -82.72
C PHE H 233 32.63 21.53 -81.24
N ASN H 234 31.64 22.34 -80.88
CA ASN H 234 31.25 22.53 -79.49
C ASN H 234 30.00 21.70 -79.22
N SER H 235 30.21 20.38 -79.13
CA SER H 235 29.08 19.49 -78.94
C SER H 235 29.01 19.00 -77.50
N PRO H 236 27.82 18.81 -76.94
CA PRO H 236 27.72 18.35 -75.55
C PRO H 236 28.17 16.92 -75.35
N PHE H 237 28.42 16.15 -76.39
CA PHE H 237 28.84 14.77 -76.24
C PHE H 237 30.36 14.59 -76.22
N VAL H 238 31.14 15.65 -76.36
CA VAL H 238 32.60 15.55 -76.30
C VAL H 238 33.13 16.65 -75.39
N PRO H 239 33.99 16.33 -74.44
CA PRO H 239 34.33 17.28 -73.37
C PRO H 239 35.27 18.39 -73.80
N ARG H 240 35.48 19.38 -72.93
CA ARG H 240 36.42 20.46 -73.17
C ARG H 240 37.77 20.12 -72.54
N ALA H 241 38.81 20.80 -73.04
CA ALA H 241 40.15 20.62 -72.50
C ALA H 241 40.54 21.68 -71.48
N ASP H 242 39.73 22.71 -71.30
CA ASP H 242 40.09 23.82 -70.42
C ASP H 242 38.84 24.55 -69.96
N GLU H 243 38.84 24.98 -68.69
CA GLU H 243 37.66 25.60 -68.08
C GLU H 243 37.23 26.91 -68.73
N PRO H 244 38.13 27.90 -68.92
CA PRO H 244 37.65 29.19 -69.43
C PRO H 244 37.27 29.15 -70.90
N ALA H 245 37.54 28.02 -71.55
CA ALA H 245 37.13 27.75 -72.92
C ALA H 245 37.83 28.65 -73.93
N ARG H 246 37.79 28.26 -75.19
CA ARG H 246 38.46 29.02 -76.25
C ARG H 246 37.47 29.59 -77.26
N LYS H 247 36.70 28.71 -77.89
CA LYS H 247 35.59 29.09 -78.77
C LYS H 247 36.09 29.68 -80.08
N GLY H 248 35.41 29.36 -81.18
CA GLY H 248 35.66 29.92 -82.48
C GLY H 248 34.37 30.39 -83.12
N LYS H 249 34.40 30.57 -84.43
CA LYS H 249 33.22 30.97 -85.16
C LYS H 249 33.33 30.47 -86.60
N VAL H 250 32.30 29.78 -87.07
CA VAL H 250 32.18 29.38 -88.46
C VAL H 250 30.74 29.65 -88.90
N HIS H 251 30.59 29.97 -90.19
CA HIS H 251 29.28 30.29 -90.73
C HIS H 251 28.60 29.05 -91.30
N ILE H 252 27.36 28.83 -90.91
CA ILE H 252 26.58 27.71 -91.44
C ILE H 252 26.05 28.11 -92.81
N PRO H 253 25.90 27.19 -93.74
CA PRO H 253 25.37 27.53 -95.06
C PRO H 253 23.85 27.56 -95.05
N PHE H 254 23.27 27.78 -96.24
CA PHE H 254 21.84 27.70 -96.46
C PHE H 254 21.05 28.67 -95.59
N PRO H 255 21.04 29.96 -95.90
CA PRO H 255 20.20 30.89 -95.16
C PRO H 255 18.73 30.72 -95.51
N LEU H 256 17.90 31.54 -94.87
CA LEU H 256 16.46 31.48 -95.07
C LEU H 256 15.99 32.69 -95.86
N ASP H 257 15.11 32.46 -96.83
CA ASP H 257 14.79 33.48 -97.83
C ASP H 257 13.33 33.40 -98.24
N ASN H 258 12.81 34.50 -98.79
CA ASN H 258 11.43 34.56 -99.24
C ASN H 258 11.27 33.93 -100.62
N ILE H 259 10.21 33.14 -100.78
CA ILE H 259 9.75 32.69 -102.09
C ILE H 259 8.22 32.75 -102.10
N THR H 260 7.64 32.30 -103.20
CA THR H 260 6.19 32.21 -103.34
C THR H 260 5.80 30.76 -103.60
N CYS H 261 4.77 30.30 -102.89
CA CYS H 261 4.27 28.95 -103.00
C CYS H 261 2.94 28.96 -103.73
N ARG H 262 2.71 27.94 -104.55
CA ARG H 262 1.45 27.82 -105.30
C ARG H 262 0.49 26.96 -104.52
N VAL H 263 -0.72 27.47 -104.31
CA VAL H 263 -1.74 26.80 -103.51
C VAL H 263 -3.01 26.68 -104.33
N PRO H 264 -3.84 25.67 -104.10
CA PRO H 264 -5.06 25.50 -104.87
C PRO H 264 -6.22 26.30 -104.29
N MET H 265 -7.19 26.58 -105.15
CA MET H 265 -8.42 27.25 -104.74
C MET H 265 -9.56 26.25 -104.84
N ALA H 266 -10.28 26.05 -103.74
CA ALA H 266 -11.33 25.06 -103.69
C ALA H 266 -12.57 25.51 -104.47
N ARG H 267 -13.45 24.56 -104.77
CA ARG H 267 -14.63 24.83 -105.55
C ARG H 267 -15.59 25.74 -104.82
N GLU H 268 -16.39 26.46 -105.59
CA GLU H 268 -17.45 27.29 -105.02
C GLU H 268 -18.60 26.42 -104.54
N PRO H 269 -19.16 26.67 -103.35
CA PRO H 269 -20.27 25.86 -102.87
C PRO H 269 -21.57 26.24 -103.57
N THR H 270 -22.56 25.37 -103.41
CA THR H 270 -23.89 25.59 -103.97
C THR H 270 -24.77 26.25 -102.92
N VAL H 271 -25.31 27.42 -103.23
CA VAL H 271 -26.14 28.18 -102.30
C VAL H 271 -27.60 27.97 -102.66
N ILE H 272 -28.42 27.74 -101.64
CA ILE H 272 -29.86 27.69 -101.79
C ILE H 272 -30.46 28.72 -100.84
N HIS H 273 -31.27 29.63 -101.38
CA HIS H 273 -31.76 30.76 -100.62
C HIS H 273 -32.99 30.40 -99.80
N GLY H 274 -33.08 30.98 -98.62
CA GLY H 274 -34.24 30.79 -97.75
C GLY H 274 -34.71 32.10 -97.16
N LYS H 275 -35.53 32.05 -96.13
CA LYS H 275 -35.98 33.27 -95.46
C LYS H 275 -34.97 33.63 -94.40
N ARG H 276 -34.09 34.58 -94.72
CA ARG H 276 -32.98 34.99 -93.84
C ARG H 276 -32.09 33.80 -93.50
N GLU H 277 -31.89 32.90 -94.46
CA GLU H 277 -30.98 31.78 -94.30
C GLU H 277 -30.42 31.40 -95.66
N VAL H 278 -29.23 30.81 -95.65
CA VAL H 278 -28.61 30.25 -96.85
C VAL H 278 -28.22 28.82 -96.54
N THR H 279 -28.76 27.87 -97.30
CA THR H 279 -28.36 26.48 -97.19
C THR H 279 -27.27 26.23 -98.20
N LEU H 280 -26.15 25.69 -97.73
CA LEU H 280 -24.87 25.83 -98.40
C LEU H 280 -24.22 24.45 -98.49
N HIS H 281 -24.02 23.94 -99.70
CA HIS H 281 -23.50 22.59 -99.91
C HIS H 281 -22.01 22.66 -100.19
N LEU H 282 -21.22 21.94 -99.40
CA LEU H 282 -19.77 22.03 -99.40
C LEU H 282 -19.17 20.71 -99.87
N HIS H 283 -18.26 20.78 -100.84
CA HIS H 283 -17.59 19.60 -101.39
C HIS H 283 -16.08 19.79 -101.39
N PRO H 284 -15.39 19.41 -100.32
CA PRO H 284 -13.94 19.50 -100.29
C PRO H 284 -13.24 18.22 -100.73
N ASP H 285 -11.99 18.39 -101.15
CA ASP H 285 -11.11 17.27 -101.47
C ASP H 285 -10.07 17.00 -100.40
N HIS H 286 -9.74 18.03 -99.61
CA HIS H 286 -8.74 17.96 -98.55
C HIS H 286 -9.17 18.96 -97.50
N PRO H 287 -8.75 18.79 -96.25
CA PRO H 287 -9.29 19.66 -95.20
C PRO H 287 -9.16 21.14 -95.49
N THR H 288 -10.27 21.81 -95.73
CA THR H 288 -10.29 23.25 -95.99
C THR H 288 -10.98 23.96 -94.83
N LEU H 289 -10.62 25.21 -94.63
CA LEU H 289 -11.18 26.02 -93.56
C LEU H 289 -12.40 26.76 -94.07
N PHE H 290 -13.51 26.66 -93.35
CA PHE H 290 -14.72 27.39 -93.67
C PHE H 290 -15.08 28.26 -92.48
N SER H 291 -15.27 29.55 -92.72
CA SER H 291 -15.63 30.47 -91.65
C SER H 291 -16.52 31.57 -92.20
N TYR H 292 -17.40 32.06 -91.34
CA TYR H 292 -18.34 33.10 -91.71
C TYR H 292 -18.58 33.99 -90.50
N ARG H 293 -19.08 35.20 -90.75
CA ARG H 293 -19.47 36.09 -89.68
C ARG H 293 -20.59 36.99 -90.16
N THR H 294 -21.48 37.32 -89.25
CA THR H 294 -22.58 38.24 -89.54
C THR H 294 -22.13 39.66 -89.26
N LEU H 295 -22.20 40.51 -90.27
CA LEU H 295 -21.54 41.80 -90.24
C LEU H 295 -22.48 42.89 -89.72
N GLY H 296 -23.05 42.64 -88.55
CA GLY H 296 -23.87 43.59 -87.85
C GLY H 296 -23.16 44.18 -86.65
N GLU H 297 -23.97 44.76 -85.75
CA GLU H 297 -23.40 45.33 -84.53
C GLU H 297 -22.81 44.26 -83.63
N ASP H 298 -23.52 43.14 -83.48
CA ASP H 298 -23.05 42.01 -82.67
C ASP H 298 -22.92 40.79 -83.56
N PRO H 299 -21.72 40.46 -84.02
CA PRO H 299 -21.57 39.42 -85.04
C PRO H 299 -21.80 38.02 -84.49
N GLN H 300 -22.12 37.11 -85.40
CA GLN H 300 -22.25 35.68 -85.10
C GLN H 300 -21.03 34.97 -85.71
N TYR H 301 -20.03 34.76 -84.87
CA TYR H 301 -18.75 34.23 -85.29
C TYR H 301 -18.75 32.70 -85.33
N HIS H 302 -18.03 32.12 -86.29
CA HIS H 302 -17.85 30.68 -86.38
C HIS H 302 -16.78 30.32 -87.40
N GLU H 303 -16.01 29.28 -87.09
CA GLU H 303 -15.01 28.78 -88.04
C GLU H 303 -14.73 27.30 -87.75
N GLU H 304 -14.39 26.57 -88.80
CA GLU H 304 -14.38 25.11 -88.73
C GLU H 304 -13.46 24.57 -89.81
N TRP H 305 -12.98 23.34 -89.60
CA TRP H 305 -12.10 22.64 -90.54
C TRP H 305 -12.93 21.57 -91.23
N VAL H 306 -13.57 21.94 -92.34
CA VAL H 306 -14.42 20.99 -93.06
C VAL H 306 -13.54 19.94 -93.74
N THR H 307 -13.85 18.67 -93.50
CA THR H 307 -13.07 17.55 -94.04
C THR H 307 -13.84 16.75 -95.07
N ALA H 308 -15.07 16.33 -94.77
CA ALA H 308 -15.88 15.52 -95.66
C ALA H 308 -17.03 16.35 -96.23
N ALA H 309 -17.73 15.78 -97.20
CA ALA H 309 -18.83 16.48 -97.84
C ALA H 309 -19.96 16.71 -96.85
N VAL H 310 -20.23 17.97 -96.52
CA VAL H 310 -21.19 18.35 -95.50
C VAL H 310 -22.20 19.32 -96.09
N GLU H 311 -23.02 19.87 -95.22
CA GLU H 311 -24.11 20.76 -95.60
C GLU H 311 -24.38 21.70 -94.44
N ARG H 312 -24.35 23.00 -94.70
CA ARG H 312 -24.43 24.00 -93.65
C ARG H 312 -25.59 24.96 -93.89
N THR H 313 -26.18 25.42 -92.79
CA THR H 313 -27.20 26.45 -92.83
C THR H 313 -26.71 27.63 -92.01
N ILE H 314 -26.66 28.80 -92.63
CA ILE H 314 -26.06 29.98 -92.01
C ILE H 314 -27.01 31.15 -92.08
N PRO H 315 -27.15 31.94 -91.02
CA PRO H 315 -28.16 33.01 -91.00
C PRO H 315 -27.67 34.27 -91.69
N VAL H 316 -28.56 34.90 -92.44
CA VAL H 316 -28.26 36.12 -93.18
C VAL H 316 -29.27 37.20 -92.80
N PRO H 317 -29.04 37.98 -91.77
CA PRO H 317 -30.00 39.03 -91.42
C PRO H 317 -30.01 40.16 -92.43
N VAL H 318 -30.76 41.22 -92.14
CA VAL H 318 -30.81 42.36 -93.05
C VAL H 318 -29.48 43.09 -93.13
N ASP H 319 -28.61 42.90 -92.13
CA ASP H 319 -27.28 43.52 -92.20
C ASP H 319 -26.38 42.83 -93.19
N GLY H 320 -26.58 41.54 -93.43
CA GLY H 320 -25.75 40.79 -94.36
C GLY H 320 -24.75 39.93 -93.63
N MET H 321 -24.00 39.16 -94.42
CA MET H 321 -22.93 38.35 -93.84
C MET H 321 -21.95 37.97 -94.93
N GLU H 322 -20.77 37.52 -94.50
CA GLU H 322 -19.72 37.08 -95.41
C GLU H 322 -19.20 35.74 -94.97
N TYR H 323 -18.83 34.91 -95.94
CA TYR H 323 -18.28 33.58 -95.65
C TYR H 323 -17.03 33.36 -96.48
N HIS H 324 -16.06 32.67 -95.88
CA HIS H 324 -14.73 32.51 -96.43
C HIS H 324 -14.45 31.03 -96.59
N TRP H 325 -14.43 30.53 -97.82
CA TRP H 325 -14.36 29.10 -98.09
C TRP H 325 -13.04 28.76 -98.75
N GLY H 326 -12.11 28.20 -97.98
CA GLY H 326 -10.85 27.80 -98.57
C GLY H 326 -9.98 28.99 -98.88
N ASN H 327 -9.38 29.00 -100.07
CA ASN H 327 -8.52 30.08 -100.50
C ASN H 327 -9.26 31.12 -101.33
N ASN H 328 -10.55 30.95 -101.57
CA ASN H 328 -11.29 31.91 -102.36
C ASN H 328 -11.49 33.22 -101.58
N ASP H 329 -11.79 34.28 -102.31
CA ASP H 329 -12.06 35.56 -101.69
C ASP H 329 -13.39 35.51 -100.95
N PRO H 330 -13.53 36.26 -99.85
CA PRO H 330 -14.79 36.26 -99.12
C PRO H 330 -15.93 36.83 -99.96
N VAL H 331 -17.12 36.27 -99.76
CA VAL H 331 -18.32 36.65 -100.49
C VAL H 331 -19.35 37.14 -99.50
N ARG H 332 -19.99 38.26 -99.82
CA ARG H 332 -20.97 38.88 -98.93
C ARG H 332 -22.37 38.72 -99.50
N LEU H 333 -23.32 38.43 -98.62
CA LEU H 333 -24.72 38.25 -99.00
C LEU H 333 -25.61 39.06 -98.06
N TRP H 334 -26.60 39.74 -98.63
CA TRP H 334 -27.51 40.59 -97.86
C TRP H 334 -28.92 40.08 -98.05
N SER H 335 -29.66 39.97 -96.95
CA SER H 335 -31.06 39.60 -97.04
C SER H 335 -31.89 40.81 -97.44
N GLN H 336 -33.13 40.56 -97.85
CA GLN H 336 -33.95 41.59 -98.46
C GLN H 336 -35.32 41.57 -97.78
N LEU H 337 -35.95 42.75 -97.69
CA LEU H 337 -37.15 42.91 -96.87
C LEU H 337 -38.32 42.21 -97.54
N THR H 338 -38.40 40.90 -97.34
CA THR H 338 -39.45 40.08 -97.92
C THR H 338 -40.29 39.47 -96.81
N THR H 339 -41.56 39.25 -97.10
CA THR H 339 -42.50 38.72 -96.12
C THR H 339 -43.61 37.97 -96.85
N GLU H 340 -44.64 37.58 -96.10
CA GLU H 340 -45.70 36.74 -96.64
C GLU H 340 -47.10 37.35 -96.55
N GLY H 341 -47.29 38.39 -95.75
CA GLY H 341 -48.59 39.02 -95.65
C GLY H 341 -48.92 39.83 -96.88
N LYS H 342 -50.10 40.43 -96.86
CA LYS H 342 -50.58 41.26 -97.96
C LYS H 342 -50.81 42.69 -97.46
N PRO H 343 -49.93 43.63 -97.75
CA PRO H 343 -50.15 45.01 -97.31
C PRO H 343 -51.27 45.65 -98.11
N HIS H 344 -51.83 46.72 -97.54
CA HIS H 344 -52.95 47.45 -98.15
C HIS H 344 -54.14 46.54 -98.42
N GLY H 345 -54.38 45.59 -97.53
CA GLY H 345 -55.54 44.75 -97.65
C GLY H 345 -56.47 44.91 -96.47
N TRP H 346 -57.16 43.84 -96.09
CA TRP H 346 -58.02 43.89 -94.94
C TRP H 346 -57.18 44.02 -93.67
N PRO H 347 -57.77 44.49 -92.58
CA PRO H 347 -56.98 44.70 -91.36
C PRO H 347 -56.25 43.47 -90.86
N HIS H 348 -56.72 42.28 -91.18
CA HIS H 348 -56.05 41.06 -90.75
C HIS H 348 -54.93 40.64 -91.67
N GLN H 349 -54.70 41.38 -92.76
CA GLN H 349 -53.56 41.12 -93.63
C GLN H 349 -52.41 42.08 -93.42
N ILE H 350 -52.68 43.32 -93.03
CA ILE H 350 -51.61 44.24 -92.67
C ILE H 350 -50.88 43.73 -91.44
N VAL H 351 -51.61 43.12 -90.51
CA VAL H 351 -50.95 42.54 -89.34
C VAL H 351 -50.03 41.41 -89.74
N GLN H 352 -50.46 40.55 -90.67
CA GLN H 352 -49.57 39.51 -91.18
C GLN H 352 -48.34 40.12 -91.84
N TYR H 353 -48.55 41.14 -92.67
CA TYR H 353 -47.43 41.75 -93.38
C TYR H 353 -46.40 42.31 -92.41
N TYR H 354 -46.86 43.03 -91.40
CA TYR H 354 -45.96 43.59 -90.41
C TYR H 354 -45.58 42.61 -89.32
N TYR H 355 -46.06 41.37 -89.41
CA TYR H 355 -45.58 40.30 -88.54
C TYR H 355 -44.48 39.48 -89.19
N GLY H 356 -44.53 39.33 -90.51
CA GLY H 356 -43.41 38.71 -91.20
C GLY H 356 -42.13 39.50 -91.00
N LEU H 357 -42.23 40.81 -91.02
CA LEU H 357 -41.15 41.71 -90.66
C LEU H 357 -41.30 42.07 -89.19
N TYR H 358 -40.22 41.96 -88.44
CA TYR H 358 -40.21 42.40 -87.06
C TYR H 358 -41.26 41.65 -86.25
N PRO H 359 -41.12 40.35 -86.02
CA PRO H 359 -42.23 39.60 -85.41
C PRO H 359 -42.24 39.71 -83.90
N ALA H 360 -41.81 40.84 -83.36
CA ALA H 360 -41.80 41.04 -81.91
C ALA H 360 -42.44 42.33 -81.46
N ALA H 361 -42.48 43.37 -82.30
CA ALA H 361 -43.15 44.60 -81.97
C ALA H 361 -44.57 44.66 -82.51
N THR H 362 -44.87 43.91 -83.56
CA THR H 362 -46.24 43.88 -84.07
C THR H 362 -47.20 43.32 -83.04
N VAL H 363 -46.82 42.23 -82.37
CA VAL H 363 -47.69 41.65 -81.36
C VAL H 363 -47.92 42.62 -80.22
N SER H 364 -46.86 43.27 -79.76
CA SER H 364 -46.99 44.21 -78.65
C SER H 364 -47.88 45.39 -79.02
N ALA H 365 -47.69 45.94 -80.22
CA ALA H 365 -48.50 47.07 -80.64
C ALA H 365 -49.97 46.68 -80.80
N VAL H 366 -50.23 45.51 -81.38
CA VAL H 366 -51.60 45.06 -81.55
C VAL H 366 -52.27 44.86 -80.20
N VAL H 367 -51.56 44.25 -79.24
CA VAL H 367 -52.11 44.04 -77.91
C VAL H 367 -52.42 45.38 -77.24
N GLY H 368 -51.49 46.33 -77.34
CA GLY H 368 -51.73 47.63 -76.72
C GLY H 368 -52.95 48.33 -77.30
N MET H 369 -53.07 48.34 -78.62
CA MET H 369 -54.21 49.00 -79.24
C MET H 369 -55.51 48.31 -78.87
N SER H 370 -55.51 46.97 -78.82
CA SER H 370 -56.73 46.25 -78.45
C SER H 370 -57.15 46.56 -77.02
N LEU H 371 -56.19 46.58 -76.09
CA LEU H 371 -56.55 46.92 -74.72
C LEU H 371 -57.06 48.35 -74.59
N LEU H 372 -56.46 49.28 -75.32
CA LEU H 372 -56.97 50.65 -75.29
C LEU H 372 -58.40 50.72 -75.80
N ALA H 373 -58.69 49.99 -76.89
CA ALA H 373 -60.05 49.99 -77.42
C ALA H 373 -61.03 49.41 -76.42
N LEU H 374 -60.67 48.31 -75.76
CA LEU H 374 -61.57 47.72 -74.77
C LEU H 374 -61.80 48.66 -73.60
N ILE H 375 -60.74 49.32 -73.10
CA ILE H 375 -60.91 50.25 -71.98
C ILE H 375 -61.84 51.39 -72.39
N SER H 376 -61.64 51.96 -73.57
CA SER H 376 -62.48 53.07 -74.01
C SER H 376 -63.95 52.64 -74.13
N ILE H 377 -64.19 51.47 -74.73
CA ILE H 377 -65.58 51.06 -74.95
C ILE H 377 -66.25 50.72 -73.63
N PHE H 378 -65.52 50.10 -72.69
CA PHE H 378 -66.11 49.81 -71.39
C PHE H 378 -66.41 51.09 -70.63
N ALA H 379 -65.53 52.08 -70.70
CA ALA H 379 -65.80 53.35 -70.03
C ALA H 379 -67.04 54.02 -70.62
N SER H 380 -67.18 54.01 -71.95
CA SER H 380 -68.35 54.63 -72.56
C SER H 380 -69.63 53.91 -72.15
N CYS H 381 -69.62 52.58 -72.17
CA CYS H 381 -70.81 51.83 -71.77
C CYS H 381 -71.16 52.11 -70.31
N TYR H 382 -70.14 52.22 -69.45
CA TYR H 382 -70.36 52.57 -68.06
C TYR H 382 -71.00 53.94 -67.93
N MET H 383 -70.54 54.91 -68.72
CA MET H 383 -71.13 56.24 -68.66
C MET H 383 -72.60 56.21 -69.05
N LEU H 384 -72.94 55.47 -70.11
CA LEU H 384 -74.35 55.35 -70.48
C LEU H 384 -75.17 54.71 -69.37
N VAL H 385 -74.66 53.64 -68.75
CA VAL H 385 -75.42 52.97 -67.70
C VAL H 385 -75.64 53.90 -66.52
N ALA H 386 -74.59 54.59 -66.10
CA ALA H 386 -74.72 55.50 -64.95
C ALA H 386 -75.67 56.65 -65.27
N ALA H 387 -75.61 57.20 -66.47
CA ALA H 387 -76.53 58.27 -66.84
C ALA H 387 -77.97 57.79 -66.82
N ARG H 388 -78.21 56.59 -67.34
CA ARG H 388 -79.58 56.05 -67.32
C ARG H 388 -80.05 55.85 -65.89
N SER H 389 -79.18 55.32 -65.03
CA SER H 389 -79.57 55.11 -63.63
C SER H 389 -79.91 56.43 -62.95
N LYS H 390 -79.12 57.46 -63.20
CA LYS H 390 -79.38 58.76 -62.60
C LYS H 390 -80.68 59.36 -63.11
N CYS H 391 -80.94 59.26 -64.42
CA CYS H 391 -82.08 59.95 -65.02
C CYS H 391 -83.37 59.15 -64.95
N LEU H 392 -83.33 57.89 -64.52
CA LEU H 392 -84.53 57.08 -64.40
C LEU H 392 -84.91 56.73 -62.98
N THR H 393 -84.07 57.05 -61.99
CA THR H 393 -84.43 56.88 -60.59
C THR H 393 -85.35 57.97 -60.04
N PRO H 394 -85.27 59.24 -60.47
CA PRO H 394 -86.15 60.24 -59.84
C PRO H 394 -87.62 59.96 -60.05
N TYR H 395 -88.00 59.49 -61.24
CA TYR H 395 -89.38 59.13 -61.53
C TYR H 395 -89.73 57.74 -61.01
N ALA H 396 -88.78 57.04 -60.39
CA ALA H 396 -88.97 55.67 -59.93
C ALA H 396 -89.06 55.58 -58.42
N LEU H 397 -89.29 56.69 -57.73
CA LEU H 397 -89.56 56.69 -56.29
C LEU H 397 -90.98 57.10 -55.95
N THR H 398 -91.79 57.45 -56.94
CA THR H 398 -93.17 57.86 -56.73
C THR H 398 -94.04 57.14 -57.76
N PRO H 399 -95.30 56.85 -57.39
CA PRO H 399 -96.21 56.24 -58.37
C PRO H 399 -96.70 57.25 -59.39
N GLY H 400 -95.79 57.72 -60.26
CA GLY H 400 -96.11 58.72 -61.25
C GLY H 400 -96.09 58.20 -62.68
N ALA H 401 -96.49 59.10 -63.59
CA ALA H 401 -96.56 58.79 -65.00
C ALA H 401 -95.16 58.82 -65.61
N ALA H 402 -94.86 57.86 -66.47
CA ALA H 402 -93.56 57.77 -67.11
C ALA H 402 -93.44 58.65 -68.34
N VAL H 403 -94.49 59.40 -68.69
CA VAL H 403 -94.46 60.35 -69.80
C VAL H 403 -94.15 59.59 -71.09
N PRO H 404 -95.13 58.87 -71.69
CA PRO H 404 -94.87 58.06 -72.89
C PRO H 404 -93.91 58.69 -73.90
N TRP H 405 -93.91 60.02 -74.01
CA TRP H 405 -92.89 60.68 -74.83
C TRP H 405 -91.49 60.32 -74.35
N THR H 406 -91.27 60.36 -73.04
CA THR H 406 -89.99 59.94 -72.47
C THR H 406 -89.86 58.42 -72.43
N LEU H 407 -90.98 57.72 -72.29
CA LEU H 407 -90.97 56.26 -72.24
C LEU H 407 -90.42 55.67 -73.54
N GLY H 408 -90.85 56.21 -74.68
CA GLY H 408 -90.35 55.73 -75.96
C GLY H 408 -88.88 56.04 -76.18
N ILE H 409 -88.44 57.24 -75.76
CA ILE H 409 -87.08 57.68 -76.07
C ILE H 409 -86.05 56.82 -75.35
N LEU H 410 -86.24 56.62 -74.04
CA LEU H 410 -85.33 55.80 -73.25
C LEU H 410 -86.06 54.53 -72.84
N CYS H 411 -85.40 53.38 -73.03
CA CYS H 411 -85.99 52.10 -72.65
C CYS H 411 -85.76 51.88 -71.16
N CYS H 412 -86.80 52.12 -70.37
CA CYS H 412 -86.76 51.89 -68.93
C CYS H 412 -87.27 50.48 -68.63
N ALA H 413 -87.28 50.13 -67.33
CA ALA H 413 -87.76 48.82 -66.93
C ALA H 413 -89.24 48.61 -67.26
N PRO H 414 -90.16 49.53 -66.92
CA PRO H 414 -91.57 49.34 -67.30
C PRO H 414 -91.81 49.79 -68.73
N ARG H 415 -92.05 48.83 -69.63
CA ARG H 415 -92.36 49.18 -71.01
C ARG H 415 -93.72 49.83 -71.13
N ALA H 416 -94.74 49.26 -70.49
CA ALA H 416 -96.09 49.80 -70.51
C ALA H 416 -96.77 49.85 -69.15
N HIS H 417 -96.29 49.12 -68.15
CA HIS H 417 -96.89 49.09 -66.83
C HIS H 417 -96.41 50.31 -66.06
N ALA H 418 -97.22 51.38 -66.08
CA ALA H 418 -96.91 52.64 -65.42
C ALA H 418 -95.62 53.26 -65.97
N HIS I 1 -0.17 -8.60 -139.16
CA HIS I 1 0.39 -8.10 -137.91
C HIS I 1 -0.53 -7.09 -137.25
N PHE I 2 -0.88 -6.04 -138.00
CA PHE I 2 -1.69 -4.94 -137.49
C PHE I 2 -1.08 -4.34 -136.23
N ASN I 3 0.05 -3.67 -136.38
CA ASN I 3 0.62 -2.88 -135.29
C ASN I 3 0.05 -1.48 -135.43
N VAL I 4 -0.90 -1.16 -134.55
CA VAL I 4 -1.59 0.12 -134.60
C VAL I 4 -0.64 1.20 -134.10
N TYR I 5 0.44 0.79 -133.46
CA TYR I 5 1.39 1.71 -132.86
C TYR I 5 2.43 2.23 -133.83
N LYS I 6 2.24 1.98 -135.13
CA LYS I 6 3.11 2.60 -136.13
C LYS I 6 2.70 4.03 -136.46
N ALA I 7 1.51 4.45 -136.05
CA ALA I 7 1.03 5.81 -136.32
C ALA I 7 0.88 6.61 -135.04
N THR I 8 1.58 6.24 -133.98
CA THR I 8 1.47 6.90 -132.70
C THR I 8 2.86 7.12 -132.13
N ARG I 9 3.09 8.29 -131.54
CA ARG I 9 4.38 8.63 -130.96
C ARG I 9 4.19 9.18 -129.57
N PRO I 10 5.19 9.04 -128.70
CA PRO I 10 5.11 9.67 -127.38
C PRO I 10 5.20 11.18 -127.51
N TYR I 11 5.10 11.86 -126.36
CA TYR I 11 5.09 13.31 -126.36
C TYR I 11 5.59 13.82 -125.01
N ILE I 12 5.64 15.15 -124.89
CA ILE I 12 6.05 15.81 -123.66
C ILE I 12 4.91 16.71 -123.20
N ALA I 13 4.53 16.58 -121.93
CA ALA I 13 3.48 17.39 -121.34
C ALA I 13 3.98 18.01 -120.05
N TYR I 14 3.25 18.99 -119.55
CA TYR I 14 3.65 19.77 -118.38
C TYR I 14 3.25 19.01 -117.12
N CYS I 15 4.20 18.84 -116.20
CA CYS I 15 3.96 18.11 -114.97
C CYS I 15 4.01 19.07 -113.78
N ALA I 16 3.07 18.89 -112.85
CA ALA I 16 2.92 19.84 -111.74
C ALA I 16 4.17 19.89 -110.89
N ASP I 17 4.66 18.73 -110.45
CA ASP I 17 6.00 18.67 -109.86
C ASP I 17 6.61 17.32 -110.20
N CYS I 18 7.92 17.33 -110.45
CA CYS I 18 8.65 16.15 -110.89
C CYS I 18 9.36 15.46 -109.75
N GLY I 19 8.70 15.33 -108.60
CA GLY I 19 9.26 14.64 -107.46
C GLY I 19 10.08 15.50 -106.54
N ALA I 20 10.34 16.76 -106.91
CA ALA I 20 11.17 17.65 -106.11
C ALA I 20 10.45 18.91 -105.65
N GLY I 21 9.21 19.14 -106.09
CA GLY I 21 8.52 20.36 -105.78
C GLY I 21 8.62 21.44 -106.83
N HIS I 22 9.10 21.13 -108.02
CA HIS I 22 9.23 22.09 -109.11
C HIS I 22 8.56 21.54 -110.36
N SER I 23 8.04 22.45 -111.18
CA SER I 23 7.34 22.08 -112.40
C SER I 23 8.29 22.13 -113.58
N CYS I 24 8.28 21.07 -114.40
CA CYS I 24 9.04 21.10 -115.64
C CYS I 24 8.42 20.10 -116.60
N HIS I 25 8.66 20.35 -117.89
CA HIS I 25 8.10 19.51 -118.95
C HIS I 25 8.78 18.15 -118.92
N SER I 26 8.08 17.17 -118.46
CA SER I 26 8.60 15.82 -118.30
C SER I 26 8.01 14.89 -119.34
N PRO I 27 8.72 13.83 -119.73
CA PRO I 27 8.18 12.88 -120.72
C PRO I 27 7.31 11.79 -120.13
N VAL I 28 7.08 11.78 -118.82
CA VAL I 28 6.28 10.75 -118.18
C VAL I 28 5.14 11.42 -117.42
N ALA I 29 4.55 12.45 -118.02
CA ALA I 29 3.43 13.14 -117.37
C ALA I 29 2.26 12.19 -117.19
N ILE I 30 1.56 12.34 -116.07
CA ILE I 30 0.42 11.48 -115.75
C ILE I 30 -0.87 12.15 -116.20
N GLU I 31 -1.62 11.44 -117.03
CA GLU I 31 -2.97 11.84 -117.38
C GLU I 31 -3.94 11.19 -116.39
N ALA I 32 -5.18 10.99 -116.82
CA ALA I 32 -6.21 10.47 -115.93
C ALA I 32 -5.83 9.12 -115.34
N VAL I 33 -6.17 8.93 -114.07
CA VAL I 33 -6.06 7.64 -113.38
C VAL I 33 -7.47 7.09 -113.19
N ARG I 34 -7.67 5.85 -113.62
CA ARG I 34 -8.97 5.19 -113.53
C ARG I 34 -8.96 4.18 -112.40
N SER I 35 -10.08 4.09 -111.67
CA SER I 35 -10.24 3.13 -110.59
C SER I 35 -11.63 2.54 -110.60
N GLU I 36 -12.07 2.04 -111.74
CA GLU I 36 -13.40 1.48 -111.91
C GLU I 36 -13.49 0.01 -111.57
N ALA I 37 -12.51 -0.53 -110.85
CA ALA I 37 -12.49 -1.94 -110.51
C ALA I 37 -12.76 -2.12 -109.03
N THR I 38 -13.52 -3.16 -108.70
CA THR I 38 -14.01 -3.32 -107.33
C THR I 38 -12.90 -3.74 -106.38
N ASP I 39 -11.98 -4.59 -106.84
CA ASP I 39 -10.92 -5.04 -105.93
C ASP I 39 -9.87 -3.97 -105.67
N GLY I 40 -9.74 -2.98 -106.55
CA GLY I 40 -8.82 -1.90 -106.31
C GLY I 40 -7.58 -1.87 -107.18
N MET I 41 -7.75 -2.06 -108.48
CA MET I 41 -6.66 -2.02 -109.43
C MET I 41 -6.78 -0.77 -110.29
N LEU I 42 -5.70 -0.02 -110.43
CA LEU I 42 -5.70 1.25 -111.12
C LEU I 42 -5.29 1.08 -112.58
N LYS I 43 -5.45 2.16 -113.36
CA LYS I 43 -4.92 2.23 -114.71
C LYS I 43 -4.28 3.60 -114.92
N ILE I 44 -3.04 3.74 -114.50
CA ILE I 44 -2.33 5.00 -114.70
C ILE I 44 -2.09 5.18 -116.19
N GLN I 45 -2.05 6.42 -116.65
CA GLN I 45 -1.82 6.73 -118.06
C GLN I 45 -0.60 7.63 -118.21
N PHE I 46 0.46 7.09 -118.80
CA PHE I 46 1.64 7.88 -119.15
C PHE I 46 1.38 8.88 -120.25
N SER I 47 2.45 9.61 -120.56
CA SER I 47 2.66 10.26 -121.83
C SER I 47 3.62 9.48 -122.72
N ALA I 48 4.43 8.59 -122.15
CA ALA I 48 5.47 7.87 -122.86
C ALA I 48 5.05 6.40 -122.96
N GLN I 49 4.70 5.96 -124.16
CA GLN I 49 4.15 4.62 -124.33
C GLN I 49 5.22 3.56 -124.13
N ILE I 50 4.83 2.46 -123.51
CA ILE I 50 5.74 1.46 -123.01
C ILE I 50 5.37 0.09 -123.56
N GLY I 51 6.36 -0.80 -123.61
CA GLY I 51 6.20 -2.08 -124.27
C GLY I 51 6.59 -2.10 -125.74
N ILE I 52 7.07 -0.99 -126.29
CA ILE I 52 7.42 -0.90 -127.71
C ILE I 52 8.76 -0.18 -127.83
N ASP I 53 9.61 -0.65 -128.74
CA ASP I 53 10.91 -0.04 -128.94
C ASP I 53 10.80 1.14 -129.90
N LYS I 54 11.95 1.77 -130.17
CA LYS I 54 11.98 2.97 -131.00
C LYS I 54 11.54 2.69 -132.43
N SER I 55 11.79 1.48 -132.94
CA SER I 55 11.48 1.14 -134.32
C SER I 55 10.14 0.44 -134.49
N ASP I 56 9.18 0.69 -133.60
CA ASP I 56 7.81 0.19 -133.72
C ASP I 56 7.72 -1.33 -133.71
N ASN I 57 8.54 -1.98 -132.89
CA ASN I 57 8.48 -3.42 -132.72
C ASN I 57 8.21 -3.76 -131.26
N HIS I 58 7.38 -4.77 -131.04
CA HIS I 58 7.01 -5.15 -129.69
C HIS I 58 8.19 -5.74 -128.95
N ASP I 59 8.37 -5.32 -127.70
CA ASP I 59 9.46 -5.79 -126.87
C ASP I 59 9.01 -5.76 -125.43
N TYR I 60 9.54 -6.69 -124.63
CA TYR I 60 9.27 -6.71 -123.20
C TYR I 60 10.26 -5.87 -122.42
N THR I 61 11.23 -5.24 -123.08
CA THR I 61 12.35 -4.63 -122.39
C THR I 61 12.55 -3.16 -122.70
N LYS I 62 12.14 -2.69 -123.87
CA LYS I 62 12.31 -1.29 -124.25
C LYS I 62 10.99 -0.56 -124.08
N ILE I 63 11.05 0.69 -123.63
CA ILE I 63 9.88 1.56 -123.66
C ILE I 63 10.26 2.85 -124.35
N ARG I 64 9.38 3.33 -125.21
CA ARG I 64 9.63 4.55 -125.94
C ARG I 64 9.43 5.75 -125.03
N TYR I 65 9.98 6.88 -125.44
CA TYR I 65 9.65 8.17 -124.86
C TYR I 65 10.26 9.26 -125.73
N ALA I 66 9.74 10.47 -125.59
CA ALA I 66 10.13 11.58 -126.44
C ALA I 66 11.08 12.51 -125.71
N ASP I 67 12.08 12.99 -126.43
CA ASP I 67 13.08 13.89 -125.85
C ASP I 67 13.57 14.82 -126.96
N GLY I 68 13.13 16.08 -126.93
CA GLY I 68 13.54 17.03 -127.93
C GLY I 68 13.11 16.64 -129.33
N HIS I 69 11.83 16.30 -129.49
CA HIS I 69 11.26 15.77 -130.73
C HIS I 69 12.17 14.73 -131.37
N ALA I 70 12.75 13.87 -130.55
CA ALA I 70 13.47 12.69 -131.00
C ALA I 70 13.18 11.58 -130.02
N ILE I 71 12.81 10.41 -130.54
CA ILE I 71 12.34 9.31 -129.71
C ILE I 71 13.51 8.44 -129.30
N GLU I 72 13.75 8.34 -128.00
CA GLU I 72 14.70 7.40 -127.44
C GLU I 72 13.94 6.26 -126.81
N ASN I 73 14.67 5.37 -126.13
CA ASN I 73 14.03 4.27 -125.43
C ASN I 73 14.83 3.89 -124.20
N ALA I 74 14.13 3.36 -123.19
CA ALA I 74 14.72 3.03 -121.90
C ALA I 74 14.37 1.61 -121.52
N VAL I 75 15.22 1.00 -120.70
CA VAL I 75 15.01 -0.38 -120.27
C VAL I 75 13.72 -0.48 -119.47
N ARG I 76 12.98 -1.57 -119.68
CA ARG I 76 11.65 -1.68 -119.07
C ARG I 76 11.76 -1.78 -117.56
N SER I 77 12.80 -2.40 -117.04
CA SER I 77 13.01 -2.36 -115.61
C SER I 77 13.19 -0.92 -115.15
N SER I 78 13.23 -0.74 -113.84
CA SER I 78 13.29 0.56 -113.18
C SER I 78 12.00 1.35 -113.33
N LEU I 79 10.98 0.80 -114.01
CA LEU I 79 9.66 1.43 -113.99
C LEU I 79 9.04 1.21 -112.62
N LYS I 80 9.02 2.25 -111.81
CA LYS I 80 8.54 2.17 -110.44
C LYS I 80 7.33 3.07 -110.28
N VAL I 81 6.20 2.50 -109.85
CA VAL I 81 5.03 3.26 -109.47
C VAL I 81 4.85 3.12 -107.97
N ALA I 82 4.53 4.22 -107.30
CA ALA I 82 4.49 4.17 -105.85
C ALA I 82 3.49 5.17 -105.30
N THR I 83 3.06 4.90 -104.07
CA THR I 83 2.22 5.78 -103.28
C THR I 83 2.92 5.75 -101.92
N SER I 84 2.19 6.10 -100.86
CA SER I 84 2.77 6.11 -99.51
C SER I 84 3.64 4.89 -99.25
N GLY I 85 3.35 3.78 -99.91
CA GLY I 85 4.20 2.60 -99.85
C GLY I 85 4.94 2.34 -101.15
N ASP I 86 4.66 1.20 -101.78
CA ASP I 86 5.27 0.86 -103.06
C ASP I 86 4.37 -0.15 -103.76
N CYS I 87 4.00 0.14 -105.00
CA CYS I 87 2.96 -0.61 -105.69
C CYS I 87 3.55 -1.82 -106.40
N PHE I 88 2.65 -2.62 -106.97
CA PHE I 88 2.99 -3.81 -107.74
C PHE I 88 2.38 -3.65 -109.13
N VAL I 89 3.21 -3.80 -110.16
CA VAL I 89 2.76 -3.58 -111.53
C VAL I 89 2.32 -4.91 -112.13
N HIS I 90 1.05 -4.99 -112.53
CA HIS I 90 0.48 -6.21 -113.07
C HIS I 90 0.56 -6.22 -114.60
N GLY I 91 0.00 -5.21 -115.25
CA GLY I 91 -0.03 -5.13 -116.69
C GLY I 91 0.88 -4.03 -117.22
N THR I 92 1.01 -4.02 -118.55
CA THR I 92 1.90 -3.08 -119.23
C THR I 92 1.65 -3.13 -120.72
N MET I 93 1.15 -2.03 -121.29
CA MET I 93 1.01 -1.90 -122.73
C MET I 93 0.65 -0.48 -123.11
N GLY I 94 1.23 0.03 -124.20
CA GLY I 94 0.85 1.35 -124.68
C GLY I 94 1.10 2.41 -123.63
N HIS I 95 0.18 3.36 -123.54
CA HIS I 95 0.29 4.42 -122.53
C HIS I 95 -0.07 3.96 -121.13
N PHE I 96 -0.65 2.76 -120.99
CA PHE I 96 -1.39 2.39 -119.79
C PHE I 96 -0.61 1.44 -118.91
N ILE I 97 -0.93 1.44 -117.62
CA ILE I 97 -0.32 0.56 -116.63
C ILE I 97 -1.44 -0.06 -115.81
N LEU I 98 -1.19 -1.22 -115.24
CA LEU I 98 -2.05 -1.77 -114.21
C LEU I 98 -1.26 -1.90 -112.93
N ALA I 99 -1.83 -1.43 -111.82
CA ALA I 99 -1.09 -1.46 -110.57
C ALA I 99 -2.04 -1.68 -109.41
N LYS I 100 -1.50 -2.18 -108.31
CA LYS I 100 -2.20 -2.30 -107.04
C LYS I 100 -1.34 -1.62 -105.98
N CYS I 101 -1.93 -0.68 -105.25
CA CYS I 101 -1.13 0.17 -104.38
C CYS I 101 -1.65 0.13 -102.95
N PRO I 102 -0.79 0.37 -101.98
CA PRO I 102 -1.27 0.59 -100.62
C PRO I 102 -1.93 1.95 -100.50
N PRO I 103 -2.79 2.15 -99.50
CA PRO I 103 -3.47 3.44 -99.37
C PRO I 103 -2.49 4.57 -99.16
N GLY I 104 -2.80 5.72 -99.76
CA GLY I 104 -1.94 6.88 -99.65
C GLY I 104 -2.60 8.06 -100.32
N GLU I 105 -1.96 9.23 -100.19
CA GLU I 105 -2.56 10.48 -100.65
C GLU I 105 -1.96 11.01 -101.94
N PHE I 106 -1.08 10.25 -102.59
CA PHE I 106 -0.53 10.66 -103.89
C PHE I 106 -0.01 9.43 -104.60
N LEU I 107 0.50 9.63 -105.81
CA LEU I 107 1.25 8.58 -106.48
C LEU I 107 2.22 9.20 -107.47
N GLN I 108 3.31 8.49 -107.76
CA GLN I 108 4.27 8.95 -108.73
C GLN I 108 4.71 7.79 -109.61
N VAL I 109 5.06 8.12 -110.85
CA VAL I 109 5.61 7.16 -111.80
C VAL I 109 6.95 7.70 -112.27
N SER I 110 7.94 6.82 -112.35
CA SER I 110 9.27 7.26 -112.74
C SER I 110 9.96 6.12 -113.45
N ILE I 111 10.94 6.46 -114.29
CA ILE I 111 11.80 5.45 -114.90
C ILE I 111 13.07 6.13 -115.39
N GLN I 112 14.17 5.39 -115.39
CA GLN I 112 15.47 5.93 -115.72
C GLN I 112 15.52 6.38 -117.18
N ASP I 113 16.25 7.47 -117.40
CA ASP I 113 16.39 8.08 -118.72
C ASP I 113 17.40 7.28 -119.53
N THR I 114 17.83 7.84 -120.67
CA THR I 114 18.97 7.28 -121.37
C THR I 114 20.27 7.55 -120.62
N ARG I 115 20.39 8.73 -120.03
CA ARG I 115 21.56 9.10 -119.24
C ARG I 115 21.49 8.56 -117.81
N ASN I 116 20.62 7.58 -117.56
CA ASN I 116 20.41 7.02 -116.23
C ASN I 116 20.04 8.10 -115.21
N ALA I 117 19.14 8.99 -115.61
CA ALA I 117 18.56 9.98 -114.72
C ALA I 117 17.09 9.64 -114.51
N VAL I 118 16.60 9.85 -113.29
CA VAL I 118 15.21 9.52 -112.99
C VAL I 118 14.29 10.63 -113.51
N ARG I 119 13.27 10.23 -114.26
CA ARG I 119 12.25 11.15 -114.75
C ARG I 119 10.92 10.77 -114.12
N ALA I 120 10.38 11.65 -113.28
CA ALA I 120 9.21 11.32 -112.49
C ALA I 120 8.16 12.42 -112.61
N CYS I 121 6.90 12.02 -112.45
CA CYS I 121 5.79 12.97 -112.38
C CYS I 121 4.86 12.53 -111.27
N ARG I 122 4.55 13.44 -110.37
CA ARG I 122 3.79 13.15 -109.17
C ARG I 122 2.45 13.86 -109.22
N ILE I 123 1.38 13.12 -108.93
CA ILE I 123 0.02 13.65 -109.03
C ILE I 123 -0.71 13.35 -107.72
N GLN I 124 -1.51 14.31 -107.26
CA GLN I 124 -2.30 14.08 -106.05
C GLN I 124 -3.47 13.17 -106.34
N TYR I 125 -3.67 12.18 -105.50
CA TYR I 125 -4.72 11.19 -105.71
C TYR I 125 -5.02 10.52 -104.39
N HIS I 126 -6.28 10.60 -103.95
CA HIS I 126 -6.69 9.99 -102.68
C HIS I 126 -7.13 8.56 -102.95
N HIS I 127 -6.27 7.61 -102.57
CA HIS I 127 -6.51 6.20 -102.79
C HIS I 127 -6.91 5.54 -101.49
N ASP I 128 -8.03 4.82 -101.50
CA ASP I 128 -8.51 4.11 -100.33
C ASP I 128 -9.44 2.99 -100.75
N PRO I 129 -8.93 1.82 -101.10
CA PRO I 129 -9.80 0.78 -101.63
C PRO I 129 -10.56 0.08 -100.52
N GLN I 130 -11.75 -0.39 -100.85
CA GLN I 130 -12.47 -1.20 -99.88
C GLN I 130 -13.00 -2.46 -100.55
N PRO I 131 -12.68 -3.63 -100.01
CA PRO I 131 -13.02 -4.89 -100.68
C PRO I 131 -14.51 -5.14 -100.68
N VAL I 132 -14.95 -5.91 -101.68
CA VAL I 132 -16.36 -6.21 -101.84
C VAL I 132 -16.83 -7.09 -100.68
N GLY I 133 -18.03 -6.80 -100.18
CA GLY I 133 -18.58 -7.59 -99.10
C GLY I 133 -18.98 -6.75 -97.90
N ARG I 134 -19.00 -7.35 -96.72
CA ARG I 134 -19.36 -6.66 -95.50
C ARG I 134 -18.22 -6.59 -94.48
N GLU I 135 -17.01 -6.99 -94.87
CA GLU I 135 -15.85 -6.92 -94.00
C GLU I 135 -14.73 -6.13 -94.68
N LYS I 136 -14.06 -5.29 -93.92
CA LYS I 136 -12.96 -4.50 -94.44
C LYS I 136 -11.63 -5.19 -94.12
N PHE I 137 -11.43 -6.34 -94.75
CA PHE I 137 -10.22 -7.11 -94.56
C PHE I 137 -9.09 -6.56 -95.42
N THR I 138 -7.93 -7.20 -95.34
CA THR I 138 -6.73 -6.77 -96.05
C THR I 138 -6.20 -7.79 -97.03
N ILE I 139 -6.11 -9.05 -96.64
CA ILE I 139 -5.54 -10.11 -97.46
C ILE I 139 -6.50 -11.29 -97.51
N ARG I 140 -6.65 -11.88 -98.69
CA ARG I 140 -7.59 -12.97 -98.85
C ARG I 140 -7.22 -14.13 -97.95
N PRO I 141 -8.19 -14.84 -97.38
CA PRO I 141 -7.87 -15.93 -96.47
C PRO I 141 -7.75 -17.26 -97.20
N HIS I 142 -7.49 -18.33 -96.45
CA HIS I 142 -7.51 -19.67 -97.01
C HIS I 142 -8.83 -20.39 -96.78
N TYR I 143 -9.82 -19.73 -96.18
CA TYR I 143 -11.14 -20.29 -95.98
C TYR I 143 -12.16 -19.16 -95.99
N GLY I 144 -13.07 -19.18 -96.95
CA GLY I 144 -14.04 -18.11 -97.05
C GLY I 144 -15.03 -18.40 -98.15
N LYS I 145 -15.82 -17.37 -98.48
CA LYS I 145 -16.83 -17.43 -99.52
C LYS I 145 -16.28 -16.91 -100.83
N GLU I 146 -17.08 -17.03 -101.88
CA GLU I 146 -16.72 -16.56 -103.21
C GLU I 146 -17.74 -15.52 -103.66
N ILE I 147 -17.41 -14.25 -103.49
CA ILE I 147 -18.30 -13.13 -103.76
C ILE I 147 -17.90 -12.53 -105.11
N PRO I 148 -18.83 -12.37 -106.05
CA PRO I 148 -18.47 -11.81 -107.35
C PRO I 148 -17.97 -10.37 -107.24
N CYS I 149 -17.06 -10.02 -108.15
CA CYS I 149 -16.41 -8.71 -108.15
C CYS I 149 -16.14 -8.33 -109.61
N THR I 150 -15.25 -7.36 -109.81
CA THR I 150 -14.82 -6.94 -111.14
C THR I 150 -13.37 -6.52 -111.12
N THR I 151 -12.70 -6.65 -112.27
CA THR I 151 -11.30 -6.30 -112.39
C THR I 151 -10.93 -6.14 -113.86
N TYR I 152 -9.73 -5.59 -114.10
CA TYR I 152 -9.20 -5.41 -115.44
C TYR I 152 -8.45 -6.65 -115.87
N GLN I 153 -8.72 -7.14 -117.07
CA GLN I 153 -8.06 -8.35 -117.54
C GLN I 153 -6.89 -8.00 -118.45
N GLN I 154 -6.01 -8.99 -118.64
CA GLN I 154 -4.78 -8.79 -119.39
C GLN I 154 -4.96 -8.88 -120.90
N THR I 155 -6.12 -9.31 -121.38
CA THR I 155 -6.33 -9.46 -122.80
C THR I 155 -6.31 -8.10 -123.49
N THR I 156 -5.87 -8.09 -124.74
CA THR I 156 -5.83 -6.90 -125.57
C THR I 156 -6.68 -7.07 -126.82
N ALA I 157 -7.76 -7.83 -126.70
CA ALA I 157 -8.65 -8.12 -127.82
C ALA I 157 -9.57 -6.92 -128.06
N LYS I 158 -10.66 -7.15 -128.80
CA LYS I 158 -11.66 -6.10 -128.99
C LYS I 158 -12.18 -5.61 -127.64
N THR I 159 -12.22 -4.29 -127.47
CA THR I 159 -12.60 -3.67 -126.21
C THR I 159 -13.75 -2.69 -126.32
N VAL I 160 -13.97 -2.09 -127.48
CA VAL I 160 -14.98 -1.05 -127.68
C VAL I 160 -14.72 0.09 -126.70
N GLU I 161 -13.54 0.70 -126.80
CA GLU I 161 -13.18 1.87 -126.02
C GLU I 161 -12.35 2.80 -126.90
N GLU I 162 -12.14 4.02 -126.41
CA GLU I 162 -11.71 5.10 -127.29
C GLU I 162 -10.56 5.89 -126.71
N ILE I 163 -9.71 6.38 -127.60
CA ILE I 163 -8.82 7.51 -127.37
C ILE I 163 -8.87 8.39 -128.61
N ASP I 164 -9.01 9.70 -128.40
CA ASP I 164 -8.95 10.65 -129.50
C ASP I 164 -7.50 10.99 -129.79
N MET I 165 -7.12 10.92 -131.06
CA MET I 165 -5.73 11.14 -131.49
C MET I 165 -5.75 12.22 -132.56
N HIS I 166 -4.86 13.21 -132.44
CA HIS I 166 -4.74 14.26 -133.44
C HIS I 166 -3.27 14.52 -133.74
N MET I 167 -3.03 15.13 -134.92
CA MET I 167 -1.68 15.40 -135.38
C MET I 167 -1.01 16.46 -134.51
N PRO I 168 0.30 16.34 -134.28
CA PRO I 168 0.96 17.23 -133.34
C PRO I 168 1.05 18.65 -133.89
N PRO I 169 1.16 19.65 -133.03
CA PRO I 169 1.26 21.03 -133.50
C PRO I 169 2.62 21.37 -134.05
N ASP I 170 2.86 22.65 -134.33
CA ASP I 170 4.16 23.12 -134.80
C ASP I 170 5.05 23.40 -133.58
N THR I 171 5.94 22.46 -133.29
CA THR I 171 6.79 22.59 -132.11
C THR I 171 7.84 23.67 -132.31
N PRO I 172 7.91 24.67 -131.45
CA PRO I 172 8.92 25.72 -131.62
C PRO I 172 10.24 25.33 -131.02
N ASP I 173 11.31 25.83 -131.63
CA ASP I 173 12.66 25.54 -131.15
C ASP I 173 13.58 26.70 -131.50
N ARG I 174 14.45 27.05 -130.56
CA ARG I 174 15.40 28.13 -130.73
C ARG I 174 16.84 27.68 -130.94
N THR I 175 17.21 26.50 -130.43
CA THR I 175 18.60 26.09 -130.44
C THR I 175 19.13 25.91 -131.85
N LEU I 176 18.27 25.60 -132.81
CA LEU I 176 18.73 25.33 -134.15
C LEU I 176 18.97 26.58 -134.99
N LEU I 177 18.68 27.76 -134.46
CA LEU I 177 19.07 29.00 -135.11
C LEU I 177 20.48 29.38 -134.68
N SER I 178 21.36 29.58 -135.65
CA SER I 178 22.75 29.95 -135.40
C SER I 178 23.04 31.28 -136.08
N GLN I 179 23.52 32.24 -135.31
CA GLN I 179 23.93 33.54 -135.83
C GLN I 179 25.45 33.65 -135.69
N GLN I 180 26.15 33.65 -136.82
CA GLN I 180 27.60 33.74 -136.83
C GLN I 180 28.09 35.15 -137.15
N SER I 181 27.72 35.67 -138.33
CA SER I 181 28.13 37.03 -138.70
C SER I 181 27.15 37.56 -139.74
N GLY I 182 26.20 38.37 -139.30
CA GLY I 182 25.30 39.07 -140.21
C GLY I 182 24.44 38.14 -141.04
N ASN I 183 24.34 36.88 -140.66
CA ASN I 183 23.54 35.90 -141.38
C ASN I 183 23.21 34.76 -140.42
N VAL I 184 22.26 33.93 -140.83
CA VAL I 184 21.79 32.83 -139.99
C VAL I 184 21.82 31.53 -140.77
N LYS I 185 21.98 30.43 -140.04
CA LYS I 185 21.88 29.09 -140.60
C LYS I 185 20.90 28.28 -139.78
N ILE I 186 19.97 27.62 -140.47
CA ILE I 186 18.89 26.88 -139.84
C ILE I 186 19.20 25.40 -139.97
N THR I 187 19.38 24.73 -138.83
CA THR I 187 19.77 23.33 -138.83
C THR I 187 18.62 22.46 -139.32
N VAL I 188 18.96 21.44 -140.10
CA VAL I 188 18.00 20.51 -140.68
C VAL I 188 18.51 19.10 -140.46
N GLY I 189 17.91 18.13 -141.16
CA GLY I 189 18.27 16.74 -140.98
C GLY I 189 17.07 15.84 -141.10
N GLY I 190 15.94 16.42 -141.46
CA GLY I 190 14.71 15.68 -141.65
C GLY I 190 13.53 16.46 -141.10
N LYS I 191 13.82 17.53 -140.39
CA LYS I 191 12.81 18.35 -139.75
C LYS I 191 12.51 19.53 -140.67
N LYS I 192 11.42 19.42 -141.42
CA LYS I 192 11.07 20.49 -142.34
C LYS I 192 10.53 21.70 -141.57
N VAL I 193 11.45 22.60 -141.21
CA VAL I 193 11.13 23.69 -140.29
C VAL I 193 10.25 24.71 -140.98
N LYS I 194 9.51 25.47 -140.16
CA LYS I 194 8.71 26.59 -140.63
C LYS I 194 9.23 27.87 -139.99
N TYR I 195 9.51 28.88 -140.82
CA TYR I 195 10.17 30.09 -140.36
C TYR I 195 9.35 31.32 -140.73
N ASN I 196 9.24 32.25 -139.77
CA ASN I 196 8.64 33.55 -139.98
C ASN I 196 9.74 34.59 -139.81
N CYS I 197 9.96 35.41 -140.84
CA CYS I 197 10.93 36.49 -140.79
C CYS I 197 10.35 37.68 -141.55
N THR I 198 10.17 38.80 -140.84
CA THR I 198 9.61 40.02 -141.41
C THR I 198 10.59 41.18 -141.30
N CYS I 199 11.85 40.94 -141.66
CA CYS I 199 12.84 42.00 -141.79
C CYS I 199 12.87 42.59 -143.19
N GLY I 200 11.77 42.47 -143.95
CA GLY I 200 11.73 42.86 -145.34
C GLY I 200 12.35 41.83 -146.27
N THR I 201 12.97 40.79 -145.72
CA THR I 201 13.66 39.77 -146.47
C THR I 201 12.69 38.63 -146.78
N GLY I 202 13.21 37.46 -147.17
CA GLY I 202 12.42 36.28 -147.48
C GLY I 202 11.26 36.05 -146.54
N ASN I 203 10.08 35.85 -147.13
CA ASN I 203 8.84 35.80 -146.36
C ASN I 203 8.69 34.44 -145.69
N VAL I 204 7.49 34.18 -145.17
CA VAL I 204 7.23 32.92 -144.49
C VAL I 204 7.24 31.77 -145.48
N GLY I 205 7.64 30.60 -145.00
CA GLY I 205 7.68 29.41 -145.84
C GLY I 205 8.22 28.24 -145.04
N THR I 206 8.34 27.11 -145.72
CA THR I 206 8.90 25.90 -145.14
C THR I 206 10.07 25.42 -145.99
N THR I 207 11.17 25.09 -145.33
CA THR I 207 12.39 24.69 -146.01
C THR I 207 12.91 23.39 -145.45
N ASN I 208 13.43 22.54 -146.34
CA ASN I 208 14.01 21.26 -145.97
C ASN I 208 15.53 21.29 -145.89
N SER I 209 16.15 22.45 -146.11
CA SER I 209 17.60 22.57 -146.13
C SER I 209 18.01 23.86 -145.44
N ASP I 210 19.31 24.01 -145.24
CA ASP I 210 19.85 25.19 -144.57
C ASP I 210 19.59 26.44 -145.41
N MET I 211 19.42 27.57 -144.71
CA MET I 211 19.08 28.81 -145.37
C MET I 211 19.69 29.98 -144.60
N THR I 212 19.77 31.13 -145.27
CA THR I 212 20.29 32.35 -144.68
C THR I 212 19.31 33.49 -144.91
N ILE I 213 19.16 34.34 -143.91
CA ILE I 213 18.32 35.54 -144.04
C ILE I 213 19.24 36.73 -144.26
N ASN I 214 20.46 36.65 -143.75
CA ASN I 214 21.55 37.54 -144.10
C ASN I 214 21.34 39.00 -143.67
N THR I 215 20.26 39.30 -142.97
CA THR I 215 20.02 40.68 -142.54
C THR I 215 19.92 40.83 -141.03
N CYS I 216 19.01 40.11 -140.39
CA CYS I 216 18.71 40.27 -138.98
C CYS I 216 18.81 38.93 -138.27
N LEU I 217 19.32 38.97 -137.03
CA LEU I 217 19.98 37.78 -136.48
C LEU I 217 19.00 36.79 -135.85
N ILE I 218 18.39 37.15 -134.73
CA ILE I 218 17.60 36.17 -133.99
C ILE I 218 16.28 36.76 -133.53
N GLU I 219 16.17 38.08 -133.55
CA GLU I 219 14.95 38.71 -133.07
C GLU I 219 13.79 38.58 -134.03
N GLN I 220 14.03 38.07 -135.23
CA GLN I 220 12.98 37.99 -136.24
C GLN I 220 12.70 36.59 -136.72
N CYS I 221 13.71 35.79 -137.02
CA CYS I 221 13.48 34.47 -137.58
C CYS I 221 13.21 33.44 -136.48
N HIS I 222 12.51 32.37 -136.86
CA HIS I 222 12.07 31.36 -135.92
C HIS I 222 11.99 30.01 -136.62
N VAL I 223 11.69 28.98 -135.84
CA VAL I 223 11.57 27.62 -136.34
C VAL I 223 10.37 26.96 -135.71
N SER I 224 9.58 26.26 -136.53
CA SER I 224 8.46 25.47 -136.04
C SER I 224 8.49 24.13 -136.79
N VAL I 225 8.92 23.08 -136.09
CA VAL I 225 9.03 21.76 -136.71
C VAL I 225 7.65 21.23 -137.00
N THR I 226 7.44 20.73 -138.22
CA THR I 226 6.19 20.09 -138.61
C THR I 226 6.45 18.62 -138.87
N ASP I 227 5.70 17.75 -138.18
CA ASP I 227 5.90 16.32 -138.22
C ASP I 227 4.58 15.62 -138.49
N HIS I 228 3.89 16.01 -139.55
CA HIS I 228 2.55 15.51 -139.83
C HIS I 228 2.64 14.10 -140.38
N LYS I 229 3.11 13.18 -139.53
CA LYS I 229 3.26 11.80 -139.93
C LYS I 229 2.83 10.82 -138.84
N LYS I 230 2.46 11.33 -137.67
CA LYS I 230 2.09 10.46 -136.55
C LYS I 230 1.09 11.17 -135.65
N TRP I 231 -0.01 10.47 -135.34
CA TRP I 231 -0.95 10.96 -134.34
C TRP I 231 -0.31 10.93 -132.96
N GLN I 232 -0.52 12.00 -132.18
CA GLN I 232 0.12 12.02 -130.88
C GLN I 232 -0.79 11.62 -129.73
N PHE I 233 -1.77 12.46 -129.40
CA PHE I 233 -2.78 12.26 -128.36
C PHE I 233 -3.60 13.53 -128.29
N ASN I 234 -4.80 13.44 -127.73
CA ASN I 234 -5.65 14.62 -127.55
C ASN I 234 -5.60 14.99 -126.07
N SER I 235 -4.60 15.76 -125.70
CA SER I 235 -4.41 16.10 -124.31
C SER I 235 -4.67 17.57 -124.07
N PRO I 236 -5.17 17.95 -122.89
CA PRO I 236 -5.36 19.37 -122.61
C PRO I 236 -4.07 20.16 -122.48
N PHE I 237 -2.93 19.49 -122.28
CA PHE I 237 -1.67 20.19 -122.08
C PHE I 237 -0.88 20.41 -123.35
N VAL I 238 -1.41 20.04 -124.51
CA VAL I 238 -0.72 20.21 -125.78
C VAL I 238 -1.66 20.83 -126.80
N PRO I 239 -1.34 21.97 -127.37
CA PRO I 239 -2.29 22.66 -128.25
C PRO I 239 -2.58 21.90 -129.53
N ARG I 240 -3.64 22.29 -130.23
CA ARG I 240 -4.05 21.62 -131.46
C ARG I 240 -3.91 22.59 -132.61
N ALA I 241 -3.86 22.03 -133.83
CA ALA I 241 -3.42 22.80 -134.98
C ALA I 241 -4.57 23.44 -135.76
N ASP I 242 -5.70 22.77 -135.93
CA ASP I 242 -6.72 23.25 -136.85
C ASP I 242 -8.09 23.25 -136.17
N GLU I 243 -8.87 24.30 -136.43
CA GLU I 243 -10.26 24.38 -136.02
C GLU I 243 -11.14 24.51 -137.25
N PRO I 244 -12.21 23.71 -137.40
CA PRO I 244 -12.70 22.69 -136.46
C PRO I 244 -11.75 21.51 -136.32
N ALA I 245 -11.84 20.80 -135.20
CA ALA I 245 -10.89 19.74 -134.90
C ALA I 245 -10.99 18.62 -135.93
N ARG I 246 -9.84 18.04 -136.23
CA ARG I 246 -9.78 16.84 -137.07
C ARG I 246 -8.93 15.82 -136.34
N LYS I 247 -9.53 14.66 -136.03
CA LYS I 247 -8.88 13.72 -135.13
C LYS I 247 -9.34 12.31 -135.45
N GLY I 248 -8.50 11.33 -135.13
CA GLY I 248 -8.85 9.94 -135.24
C GLY I 248 -9.09 9.31 -133.89
N LYS I 249 -9.37 8.00 -133.90
CA LYS I 249 -9.63 7.25 -132.68
C LYS I 249 -8.85 5.94 -132.71
N VAL I 250 -8.52 5.44 -131.52
CA VAL I 250 -7.81 4.20 -131.34
C VAL I 250 -8.34 3.50 -130.10
N HIS I 251 -8.14 2.19 -130.01
CA HIS I 251 -8.60 1.38 -128.90
C HIS I 251 -7.62 1.41 -127.74
N ILE I 252 -8.07 0.92 -126.59
CA ILE I 252 -7.21 0.82 -125.42
C ILE I 252 -7.12 -0.63 -125.00
N PRO I 253 -6.08 -1.03 -124.28
CA PRO I 253 -6.00 -2.38 -123.76
C PRO I 253 -6.79 -2.51 -122.45
N PHE I 254 -6.84 -3.73 -121.92
CA PHE I 254 -7.37 -4.04 -120.61
C PHE I 254 -8.83 -3.63 -120.43
N PRO I 255 -9.78 -4.38 -120.98
CA PRO I 255 -11.19 -4.13 -120.67
C PRO I 255 -11.54 -4.57 -119.26
N LEU I 256 -12.83 -4.58 -118.96
CA LEU I 256 -13.34 -4.95 -117.65
C LEU I 256 -14.02 -6.31 -117.70
N ASP I 257 -13.79 -7.14 -116.68
CA ASP I 257 -14.35 -8.48 -116.63
C ASP I 257 -14.58 -8.86 -115.18
N ASN I 258 -15.40 -9.90 -114.98
CA ASN I 258 -16.05 -10.12 -113.69
C ASN I 258 -15.22 -10.85 -112.64
N ILE I 259 -14.83 -12.11 -112.90
CA ILE I 259 -14.18 -13.03 -111.94
C ILE I 259 -14.91 -13.06 -110.60
N THR I 260 -14.33 -13.78 -109.63
CA THR I 260 -14.86 -13.85 -108.27
C THR I 260 -13.74 -13.59 -107.26
N CYS I 261 -14.14 -13.26 -106.04
CA CYS I 261 -13.21 -12.88 -104.98
C CYS I 261 -13.50 -13.71 -103.73
N ARG I 262 -12.46 -13.97 -102.94
CA ARG I 262 -12.59 -14.78 -101.74
C ARG I 262 -12.53 -13.87 -100.52
N VAL I 263 -13.58 -13.90 -99.70
CA VAL I 263 -13.70 -13.00 -98.56
C VAL I 263 -13.92 -13.81 -97.29
N PRO I 264 -13.43 -13.37 -96.14
CA PRO I 264 -13.52 -14.19 -94.93
C PRO I 264 -14.90 -14.13 -94.30
N MET I 265 -15.14 -15.07 -93.39
CA MET I 265 -16.36 -15.10 -92.61
C MET I 265 -16.01 -14.93 -91.14
N ALA I 266 -16.67 -13.97 -90.49
CA ALA I 266 -16.34 -13.69 -89.10
C ALA I 266 -16.87 -14.78 -88.19
N ARG I 267 -16.38 -14.77 -86.95
CA ARG I 267 -16.74 -15.79 -85.97
C ARG I 267 -18.19 -15.67 -85.54
N GLU I 268 -18.70 -16.74 -84.96
CA GLU I 268 -20.04 -16.71 -84.41
C GLU I 268 -20.02 -16.02 -83.05
N PRO I 269 -20.86 -15.01 -82.82
CA PRO I 269 -20.86 -14.33 -81.52
C PRO I 269 -21.47 -15.21 -80.45
N THR I 270 -21.13 -14.89 -79.20
CA THR I 270 -21.66 -15.64 -78.06
C THR I 270 -23.05 -15.14 -77.72
N VAL I 271 -24.04 -16.01 -77.82
CA VAL I 271 -25.43 -15.68 -77.49
C VAL I 271 -25.68 -16.05 -76.04
N ILE I 272 -26.26 -15.13 -75.28
CA ILE I 272 -26.64 -15.38 -73.90
C ILE I 272 -28.12 -15.09 -73.77
N HIS I 273 -28.92 -16.13 -73.60
CA HIS I 273 -30.36 -15.96 -73.58
C HIS I 273 -30.81 -15.24 -72.32
N GLY I 274 -31.93 -14.53 -72.44
CA GLY I 274 -32.51 -13.81 -71.32
C GLY I 274 -34.03 -13.82 -71.40
N LYS I 275 -34.69 -13.00 -70.59
CA LYS I 275 -36.15 -12.91 -70.65
C LYS I 275 -36.53 -11.96 -71.78
N ARG I 276 -36.76 -12.54 -72.96
CA ARG I 276 -37.04 -11.78 -74.18
C ARG I 276 -35.91 -10.83 -74.52
N GLU I 277 -34.67 -11.28 -74.32
CA GLU I 277 -33.48 -10.55 -74.73
C GLU I 277 -32.41 -11.54 -75.12
N VAL I 278 -31.52 -11.11 -76.00
CA VAL I 278 -30.29 -11.84 -76.34
C VAL I 278 -29.13 -10.88 -76.18
N THR I 279 -28.12 -11.28 -75.43
CA THR I 279 -26.92 -10.49 -75.28
C THR I 279 -25.82 -11.11 -76.12
N LEU I 280 -25.25 -10.32 -77.02
CA LEU I 280 -24.29 -10.80 -77.99
C LEU I 280 -22.91 -10.25 -77.65
N HIS I 281 -21.92 -11.12 -77.54
CA HIS I 281 -20.53 -10.72 -77.39
C HIS I 281 -19.85 -10.85 -78.74
N LEU I 282 -19.31 -9.75 -79.24
CA LEU I 282 -18.84 -9.64 -80.62
C LEU I 282 -17.33 -9.47 -80.62
N HIS I 283 -16.64 -10.33 -81.37
CA HIS I 283 -15.17 -10.29 -81.45
C HIS I 283 -14.73 -10.13 -82.90
N PRO I 284 -14.49 -8.92 -83.37
CA PRO I 284 -14.01 -8.73 -84.75
C PRO I 284 -12.49 -8.66 -84.82
N ASP I 285 -11.94 -9.22 -85.89
CA ASP I 285 -10.53 -9.04 -86.21
C ASP I 285 -10.30 -7.83 -87.10
N HIS I 286 -11.30 -7.43 -87.87
CA HIS I 286 -11.27 -6.26 -88.74
C HIS I 286 -12.68 -5.68 -88.77
N PRO I 287 -12.81 -4.41 -89.10
CA PRO I 287 -14.15 -3.80 -89.09
C PRO I 287 -15.21 -4.59 -89.83
N THR I 288 -16.20 -5.09 -89.10
CA THR I 288 -17.29 -5.88 -89.67
C THR I 288 -18.62 -5.19 -89.43
N LEU I 289 -19.62 -5.55 -90.24
CA LEU I 289 -20.92 -4.89 -90.20
C LEU I 289 -21.91 -5.75 -89.44
N PHE I 290 -22.54 -5.18 -88.43
CA PHE I 290 -23.53 -5.87 -87.61
C PHE I 290 -24.85 -5.12 -87.71
N SER I 291 -25.89 -5.81 -88.18
CA SER I 291 -27.19 -5.19 -88.34
C SER I 291 -28.27 -6.21 -88.03
N TYR I 292 -29.37 -5.75 -87.44
CA TYR I 292 -30.46 -6.63 -87.06
C TYR I 292 -31.77 -5.91 -87.26
N ARG I 293 -32.86 -6.68 -87.26
CA ARG I 293 -34.20 -6.11 -87.36
C ARG I 293 -35.18 -7.05 -86.69
N THR I 294 -36.17 -6.49 -86.02
CA THR I 294 -37.22 -7.29 -85.41
C THR I 294 -38.30 -7.55 -86.44
N LEU I 295 -38.59 -8.82 -86.70
CA LEU I 295 -39.46 -9.16 -87.82
C LEU I 295 -40.94 -9.24 -87.40
N GLY I 296 -41.39 -8.18 -86.76
CA GLY I 296 -42.79 -8.02 -86.41
C GLY I 296 -43.56 -7.24 -87.45
N GLU I 297 -44.34 -6.27 -86.98
CA GLU I 297 -45.10 -5.40 -87.88
C GLU I 297 -44.46 -4.03 -88.01
N ASP I 298 -43.88 -3.52 -86.93
CA ASP I 298 -43.10 -2.29 -86.96
C ASP I 298 -41.67 -2.64 -86.53
N PRO I 299 -40.79 -2.95 -87.47
CA PRO I 299 -39.49 -3.48 -87.10
C PRO I 299 -38.62 -2.43 -86.44
N GLN I 300 -37.54 -2.88 -85.82
CA GLN I 300 -36.54 -2.01 -85.21
C GLN I 300 -35.27 -2.08 -86.04
N TYR I 301 -35.19 -1.22 -87.03
CA TYR I 301 -33.99 -1.04 -87.84
C TYR I 301 -32.77 -0.75 -86.96
N HIS I 302 -31.62 -1.27 -87.38
CA HIS I 302 -30.34 -0.92 -86.78
C HIS I 302 -29.21 -1.42 -87.66
N GLU I 303 -28.11 -0.66 -87.71
CA GLU I 303 -26.97 -1.03 -88.53
C GLU I 303 -25.74 -0.31 -88.01
N GLU I 304 -24.59 -0.99 -88.03
CA GLU I 304 -23.42 -0.48 -87.33
C GLU I 304 -22.17 -1.10 -87.92
N TRP I 305 -21.04 -0.41 -87.76
CA TRP I 305 -19.72 -0.89 -88.15
C TRP I 305 -18.96 -1.20 -86.88
N VAL I 306 -18.90 -2.46 -86.48
CA VAL I 306 -18.19 -2.85 -85.27
C VAL I 306 -16.70 -2.91 -85.57
N THR I 307 -15.91 -2.27 -84.73
CA THR I 307 -14.46 -2.19 -84.91
C THR I 307 -13.68 -2.88 -83.80
N ALA I 308 -14.08 -2.70 -82.55
CA ALA I 308 -13.42 -3.33 -81.41
C ALA I 308 -14.35 -4.36 -80.78
N ALA I 309 -13.87 -5.00 -79.72
CA ALA I 309 -14.68 -5.99 -79.03
C ALA I 309 -15.74 -5.30 -78.18
N VAL I 310 -17.01 -5.58 -78.48
CA VAL I 310 -18.14 -4.95 -77.82
C VAL I 310 -19.13 -6.03 -77.42
N GLU I 311 -20.17 -5.63 -76.68
CA GLU I 311 -21.29 -6.50 -76.37
C GLU I 311 -22.58 -5.72 -76.57
N ARG I 312 -23.60 -6.38 -77.10
CA ARG I 312 -24.84 -5.73 -77.48
C ARG I 312 -26.02 -6.54 -76.97
N THR I 313 -27.05 -5.85 -76.47
CA THR I 313 -28.29 -6.47 -76.04
C THR I 313 -29.36 -6.13 -77.04
N ILE I 314 -30.01 -7.16 -77.59
CA ILE I 314 -30.99 -7.00 -78.66
C ILE I 314 -32.32 -7.56 -78.17
N PRO I 315 -33.43 -6.88 -78.40
CA PRO I 315 -34.72 -7.40 -77.94
C PRO I 315 -35.30 -8.41 -78.89
N VAL I 316 -35.82 -9.50 -78.35
CA VAL I 316 -36.42 -10.57 -79.13
C VAL I 316 -37.86 -10.75 -78.70
N PRO I 317 -38.82 -10.08 -79.32
CA PRO I 317 -40.22 -10.29 -78.94
C PRO I 317 -40.71 -11.67 -79.36
N VAL I 318 -41.98 -11.97 -79.09
CA VAL I 318 -42.53 -13.25 -79.47
C VAL I 318 -42.67 -13.36 -80.98
N ASP I 319 -42.60 -12.24 -81.71
CA ASP I 319 -42.60 -12.30 -83.17
C ASP I 319 -41.30 -12.89 -83.72
N GLY I 320 -40.18 -12.62 -83.07
CA GLY I 320 -38.88 -13.08 -83.51
C GLY I 320 -38.08 -11.95 -84.14
N MET I 321 -36.80 -12.25 -84.39
CA MET I 321 -35.93 -11.28 -85.03
C MET I 321 -34.75 -11.99 -85.65
N GLU I 322 -34.03 -11.28 -86.53
CA GLU I 322 -32.83 -11.83 -87.15
C GLU I 322 -31.71 -10.81 -87.07
N TYR I 323 -30.48 -11.31 -87.04
CA TYR I 323 -29.30 -10.48 -87.04
C TYR I 323 -28.34 -10.98 -88.11
N HIS I 324 -27.46 -10.08 -88.56
CA HIS I 324 -26.58 -10.33 -89.69
C HIS I 324 -25.20 -9.85 -89.32
N TRP I 325 -24.24 -10.77 -89.20
CA TRP I 325 -22.93 -10.46 -88.66
C TRP I 325 -21.87 -10.81 -89.68
N GLY I 326 -21.15 -9.80 -90.17
CA GLY I 326 -20.12 -10.06 -91.15
C GLY I 326 -20.68 -10.67 -92.40
N ASN I 327 -19.99 -11.70 -92.91
CA ASN I 327 -20.40 -12.38 -94.12
C ASN I 327 -21.26 -13.60 -93.85
N ASN I 328 -21.54 -13.90 -92.59
CA ASN I 328 -22.37 -15.06 -92.26
C ASN I 328 -23.80 -14.84 -92.75
N ASP I 329 -24.55 -15.93 -92.82
CA ASP I 329 -25.96 -15.84 -93.16
C ASP I 329 -26.76 -15.37 -91.95
N PRO I 330 -27.89 -14.71 -92.18
CA PRO I 330 -28.70 -14.21 -91.06
C PRO I 330 -29.28 -15.34 -90.23
N VAL I 331 -29.38 -15.09 -88.93
CA VAL I 331 -29.84 -16.08 -87.96
C VAL I 331 -31.08 -15.53 -87.28
N ARG I 332 -32.14 -16.34 -87.23
CA ARG I 332 -33.41 -15.93 -86.65
C ARG I 332 -33.62 -16.60 -85.31
N LEU I 333 -34.09 -15.83 -84.33
CA LEU I 333 -34.37 -16.33 -82.99
C LEU I 333 -35.76 -15.89 -82.56
N TRP I 334 -36.55 -16.83 -82.04
CA TRP I 334 -37.91 -16.55 -81.61
C TRP I 334 -38.01 -16.75 -80.10
N SER I 335 -38.58 -15.78 -79.42
CA SER I 335 -38.77 -15.92 -77.98
C SER I 335 -39.84 -16.95 -77.68
N GLN I 336 -40.01 -17.27 -76.40
CA GLN I 336 -40.90 -18.34 -76.01
C GLN I 336 -41.67 -17.93 -74.77
N LEU I 337 -42.90 -18.44 -74.63
CA LEU I 337 -43.80 -18.01 -73.57
C LEU I 337 -43.33 -18.59 -72.24
N THR I 338 -42.46 -17.86 -71.56
CA THR I 338 -41.94 -18.28 -70.27
C THR I 338 -42.13 -17.16 -69.25
N THR I 339 -42.18 -17.55 -67.98
CA THR I 339 -42.41 -16.59 -66.90
C THR I 339 -41.90 -17.20 -65.60
N GLU I 340 -42.28 -16.59 -64.48
CA GLU I 340 -41.81 -17.00 -63.17
C GLU I 340 -42.92 -17.42 -62.21
N GLY I 341 -44.19 -17.21 -62.55
CA GLY I 341 -45.28 -17.56 -61.68
C GLY I 341 -45.58 -19.04 -61.70
N LYS I 342 -46.69 -19.39 -61.06
CA LYS I 342 -47.13 -20.79 -60.95
C LYS I 342 -48.60 -20.89 -61.29
N PRO I 343 -48.95 -21.35 -62.49
CA PRO I 343 -50.36 -21.58 -62.82
C PRO I 343 -50.91 -22.76 -62.03
N HIS I 344 -52.23 -22.77 -61.87
CA HIS I 344 -52.91 -23.82 -61.09
C HIS I 344 -52.33 -23.93 -59.68
N GLY I 345 -52.08 -22.79 -59.06
CA GLY I 345 -51.66 -22.77 -57.68
C GLY I 345 -52.65 -21.96 -56.86
N TRP I 346 -52.16 -21.27 -55.84
CA TRP I 346 -53.02 -20.40 -55.07
C TRP I 346 -53.45 -19.20 -55.93
N PRO I 347 -54.54 -18.53 -55.56
CA PRO I 347 -54.96 -17.35 -56.33
C PRO I 347 -53.92 -16.25 -56.40
N HIS I 348 -53.01 -16.15 -55.43
CA HIS I 348 -51.97 -15.14 -55.49
C HIS I 348 -50.80 -15.54 -56.38
N GLN I 349 -50.79 -16.77 -56.90
CA GLN I 349 -49.75 -17.22 -57.81
C GLN I 349 -50.17 -17.16 -59.27
N ILE I 350 -51.45 -17.38 -59.57
CA ILE I 350 -51.92 -17.23 -60.94
C ILE I 350 -51.79 -15.77 -61.38
N VAL I 351 -52.00 -14.84 -60.46
CA VAL I 351 -51.81 -13.43 -60.79
C VAL I 351 -50.37 -13.15 -61.17
N GLN I 352 -49.42 -13.74 -60.43
CA GLN I 352 -48.01 -13.59 -60.80
C GLN I 352 -47.74 -14.22 -62.15
N TYR I 353 -48.29 -15.40 -62.41
CA TYR I 353 -48.05 -16.07 -63.68
C TYR I 353 -48.54 -15.22 -64.84
N TYR I 354 -49.73 -14.65 -64.73
CA TYR I 354 -50.29 -13.81 -65.78
C TYR I 354 -49.81 -12.38 -65.70
N TYR I 355 -48.95 -12.06 -64.73
CA TYR I 355 -48.25 -10.79 -64.72
C TYR I 355 -46.87 -10.89 -65.34
N GLY I 356 -46.28 -12.09 -65.36
CA GLY I 356 -45.10 -12.29 -66.18
C GLY I 356 -45.40 -12.10 -67.64
N LEU I 357 -46.52 -12.64 -68.10
CA LEU I 357 -47.03 -12.43 -69.45
C LEU I 357 -47.97 -11.22 -69.40
N TYR I 358 -47.79 -10.29 -70.32
CA TYR I 358 -48.69 -9.15 -70.41
C TYR I 358 -48.77 -8.39 -69.09
N PRO I 359 -47.71 -7.72 -68.67
CA PRO I 359 -47.77 -7.04 -67.38
C PRO I 359 -48.45 -5.69 -67.45
N ALA I 360 -49.50 -5.59 -68.25
CA ALA I 360 -50.27 -4.36 -68.35
C ALA I 360 -51.77 -4.58 -68.35
N ALA I 361 -52.26 -5.76 -68.74
CA ALA I 361 -53.68 -6.07 -68.65
C ALA I 361 -54.04 -6.85 -67.40
N THR I 362 -53.09 -7.56 -66.81
CA THR I 362 -53.36 -8.27 -65.57
C THR I 362 -53.72 -7.31 -64.44
N VAL I 363 -52.96 -6.22 -64.30
CA VAL I 363 -53.27 -5.24 -63.26
C VAL I 363 -54.64 -4.64 -63.50
N SER I 364 -54.95 -4.31 -64.75
CA SER I 364 -56.25 -3.75 -65.08
C SER I 364 -57.37 -4.72 -64.72
N ALA I 365 -57.23 -5.99 -65.08
CA ALA I 365 -58.28 -6.96 -64.80
C ALA I 365 -58.45 -7.17 -63.30
N VAL I 366 -57.35 -7.25 -62.56
CA VAL I 366 -57.44 -7.43 -61.11
C VAL I 366 -58.14 -6.23 -60.48
N VAL I 367 -57.77 -5.01 -60.88
CA VAL I 367 -58.41 -3.82 -60.32
C VAL I 367 -59.89 -3.82 -60.65
N GLY I 368 -60.26 -4.16 -61.88
CA GLY I 368 -61.66 -4.16 -62.26
C GLY I 368 -62.48 -5.17 -61.46
N MET I 369 -61.97 -6.39 -61.35
CA MET I 369 -62.70 -7.41 -60.59
C MET I 369 -62.82 -7.03 -59.12
N SER I 370 -61.75 -6.53 -58.52
CA SER I 370 -61.81 -6.13 -57.11
C SER I 370 -62.83 -5.02 -56.91
N LEU I 371 -62.82 -4.02 -57.78
CA LEU I 371 -63.75 -2.90 -57.63
C LEU I 371 -65.19 -3.36 -57.79
N LEU I 372 -65.45 -4.24 -58.76
CA LEU I 372 -66.81 -4.74 -58.93
C LEU I 372 -67.27 -5.54 -57.71
N ALA I 373 -66.38 -6.36 -57.15
CA ALA I 373 -66.74 -7.12 -55.95
C ALA I 373 -67.07 -6.18 -54.80
N LEU I 374 -66.25 -5.15 -54.60
CA LEU I 374 -66.52 -4.21 -53.51
C LEU I 374 -67.84 -3.47 -53.72
N ILE I 375 -68.13 -3.07 -54.96
CA ILE I 375 -69.40 -2.40 -55.24
C ILE I 375 -70.57 -3.30 -54.92
N SER I 376 -70.49 -4.56 -55.35
CA SER I 376 -71.61 -5.48 -55.11
C SER I 376 -71.82 -5.72 -53.63
N ILE I 377 -70.73 -5.94 -52.87
CA ILE I 377 -70.89 -6.22 -51.45
C ILE I 377 -71.43 -4.99 -50.72
N PHE I 378 -71.00 -3.79 -51.12
CA PHE I 378 -71.54 -2.58 -50.49
C PHE I 378 -73.03 -2.44 -50.80
N ALA I 379 -73.43 -2.73 -52.04
CA ALA I 379 -74.83 -2.64 -52.40
C ALA I 379 -75.68 -3.60 -51.58
N SER I 380 -75.21 -4.84 -51.43
CA SER I 380 -75.97 -5.81 -50.64
C SER I 380 -76.07 -5.38 -49.18
N CYS I 381 -74.97 -4.89 -48.60
CA CYS I 381 -75.02 -4.45 -47.21
C CYS I 381 -75.98 -3.27 -47.04
N TYR I 382 -75.95 -2.33 -47.98
CA TYR I 382 -76.88 -1.21 -47.92
C TYR I 382 -78.32 -1.69 -48.00
N MET I 383 -78.58 -2.67 -48.87
CA MET I 383 -79.95 -3.17 -49.00
C MET I 383 -80.41 -3.85 -47.72
N LEU I 384 -79.53 -4.61 -47.06
CA LEU I 384 -79.89 -5.18 -45.76
C LEU I 384 -80.21 -4.11 -44.73
N VAL I 385 -79.37 -3.07 -44.65
CA VAL I 385 -79.60 -2.02 -43.65
C VAL I 385 -80.91 -1.30 -43.94
N ALA I 386 -81.18 -0.98 -45.21
CA ALA I 386 -82.41 -0.30 -45.56
C ALA I 386 -83.63 -1.16 -45.28
N ALA I 387 -83.55 -2.46 -45.56
CA ALA I 387 -84.66 -3.34 -45.25
C ALA I 387 -84.92 -3.41 -43.75
N ARG I 388 -83.84 -3.46 -42.96
CA ARG I 388 -84.01 -3.42 -41.50
C ARG I 388 -84.71 -2.15 -41.06
N SER I 389 -84.24 -1.01 -41.56
CA SER I 389 -84.83 0.27 -41.16
C SER I 389 -86.29 0.35 -41.58
N LYS I 390 -86.61 -0.16 -42.77
CA LYS I 390 -87.99 -0.11 -43.25
C LYS I 390 -88.88 -1.04 -42.45
N CYS I 391 -88.35 -2.17 -41.97
CA CYS I 391 -89.18 -3.08 -41.18
C CYS I 391 -89.38 -2.56 -39.76
N LEU I 392 -88.38 -1.92 -39.17
CA LEU I 392 -88.48 -1.48 -37.79
C LEU I 392 -88.82 0.01 -37.64
N THR I 393 -89.12 0.71 -38.73
CA THR I 393 -89.54 2.10 -38.60
C THR I 393 -90.89 2.28 -37.90
N PRO I 394 -91.94 1.49 -38.17
CA PRO I 394 -93.23 1.80 -37.53
C PRO I 394 -93.24 1.60 -36.03
N TYR I 395 -92.29 0.84 -35.48
CA TYR I 395 -92.32 0.53 -34.07
C TYR I 395 -91.81 1.67 -33.20
N ALA I 396 -91.15 2.66 -33.78
CA ALA I 396 -90.74 3.85 -33.05
C ALA I 396 -91.74 4.98 -33.18
N LEU I 397 -92.85 4.77 -33.89
CA LEU I 397 -93.93 5.75 -33.96
C LEU I 397 -95.11 5.37 -33.07
N THR I 398 -94.96 4.32 -32.27
CA THR I 398 -95.94 3.95 -31.26
C THR I 398 -95.23 3.77 -29.92
N PRO I 399 -95.92 3.98 -28.81
CA PRO I 399 -95.39 3.62 -27.49
C PRO I 399 -95.60 2.15 -27.13
N GLY I 400 -95.25 1.26 -28.07
CA GLY I 400 -95.49 -0.15 -27.94
C GLY I 400 -94.22 -0.98 -27.84
N ALA I 401 -94.42 -2.30 -27.81
CA ALA I 401 -93.34 -3.26 -27.65
C ALA I 401 -92.73 -3.63 -28.99
N ALA I 402 -91.52 -4.18 -28.93
CA ALA I 402 -90.72 -4.44 -30.12
C ALA I 402 -90.77 -5.89 -30.60
N VAL I 403 -91.62 -6.73 -30.02
CA VAL I 403 -91.77 -8.12 -30.46
C VAL I 403 -90.44 -8.85 -30.37
N PRO I 404 -90.00 -9.25 -29.16
CA PRO I 404 -88.70 -9.93 -29.02
C PRO I 404 -88.42 -11.02 -30.05
N TRP I 405 -89.46 -11.66 -30.57
CA TRP I 405 -89.27 -12.59 -31.68
C TRP I 405 -88.60 -11.90 -32.86
N THR I 406 -89.10 -10.72 -33.23
CA THR I 406 -88.47 -9.93 -34.30
C THR I 406 -87.20 -9.25 -33.83
N LEU I 407 -87.11 -8.91 -32.55
CA LEU I 407 -85.89 -8.30 -32.02
C LEU I 407 -84.69 -9.23 -32.17
N GLY I 408 -84.89 -10.52 -31.90
CA GLY I 408 -83.77 -11.46 -32.01
C GLY I 408 -83.23 -11.54 -33.42
N ILE I 409 -84.12 -11.69 -34.41
CA ILE I 409 -83.68 -11.80 -35.79
C ILE I 409 -83.18 -10.45 -36.29
N LEU I 410 -83.95 -9.38 -36.04
CA LEU I 410 -83.64 -8.06 -36.54
C LEU I 410 -83.08 -7.24 -35.38
N CYS I 411 -81.77 -7.06 -35.35
CA CYS I 411 -81.14 -6.29 -34.29
C CYS I 411 -81.50 -4.81 -34.43
N CYS I 412 -81.81 -4.17 -33.31
CA CYS I 412 -82.12 -2.75 -33.29
C CYS I 412 -81.31 -2.05 -32.21
N ALA I 413 -81.28 -0.71 -32.30
CA ALA I 413 -80.53 0.08 -31.33
C ALA I 413 -81.04 -0.11 -29.90
N PRO I 414 -82.35 -0.07 -29.61
CA PRO I 414 -82.80 -0.34 -28.23
C PRO I 414 -82.56 -1.80 -27.85
N ARG I 415 -81.56 -2.02 -26.99
CA ARG I 415 -81.21 -3.38 -26.60
C ARG I 415 -82.10 -3.89 -25.48
N ALA I 416 -82.30 -3.06 -24.45
CA ALA I 416 -83.09 -3.49 -23.29
C ALA I 416 -84.23 -2.52 -23.01
N HIS I 417 -84.04 -1.24 -23.29
CA HIS I 417 -85.06 -0.22 -23.06
C HIS I 417 -86.04 -0.23 -24.22
N ALA I 418 -87.33 -0.17 -23.91
CA ALA I 418 -88.41 -0.16 -24.90
C ALA I 418 -88.41 -1.41 -25.77
N HIS J 1 43.99 -43.26 -47.59
CA HIS J 1 42.71 -42.57 -47.44
C HIS J 1 42.74 -41.58 -46.29
N PHE J 2 41.61 -41.38 -45.63
CA PHE J 2 41.46 -40.39 -44.59
C PHE J 2 41.66 -41.01 -43.21
N ASN J 3 42.59 -40.44 -42.45
CA ASN J 3 42.93 -40.97 -41.13
C ASN J 3 43.02 -39.80 -40.15
N VAL J 4 41.98 -38.97 -40.09
CA VAL J 4 41.94 -37.77 -39.25
C VAL J 4 42.39 -38.06 -37.82
N TYR J 5 42.27 -39.31 -37.39
CA TYR J 5 42.62 -39.66 -36.02
C TYR J 5 44.12 -39.63 -35.77
N LYS J 6 44.90 -39.21 -36.78
CA LYS J 6 46.33 -39.02 -36.58
C LYS J 6 46.66 -37.71 -35.89
N ALA J 7 45.76 -36.72 -35.96
CA ALA J 7 46.01 -35.41 -35.38
C ALA J 7 45.40 -35.25 -34.00
N THR J 8 44.77 -36.28 -33.45
CA THR J 8 44.12 -36.21 -32.15
C THR J 8 44.67 -37.29 -31.24
N ARG J 9 44.62 -37.03 -29.94
CA ARG J 9 45.21 -37.87 -28.92
C ARG J 9 44.27 -38.07 -27.75
N PRO J 10 44.43 -39.15 -27.00
CA PRO J 10 43.73 -39.28 -25.72
C PRO J 10 44.30 -38.32 -24.70
N TYR J 11 43.51 -38.01 -23.68
CA TYR J 11 43.94 -37.08 -22.65
C TYR J 11 43.43 -37.56 -21.30
N ILE J 12 44.00 -36.99 -20.24
CA ILE J 12 43.60 -37.27 -18.87
C ILE J 12 42.78 -36.12 -18.34
N ALA J 13 41.58 -36.41 -17.85
CA ALA J 13 40.69 -35.44 -17.25
C ALA J 13 40.38 -35.86 -15.82
N TYR J 14 39.57 -35.06 -15.14
CA TYR J 14 39.23 -35.25 -13.74
C TYR J 14 37.90 -35.97 -13.64
N CYS J 15 37.89 -37.11 -12.96
CA CYS J 15 36.68 -37.90 -12.77
C CYS J 15 36.15 -37.69 -11.37
N ALA J 16 34.82 -37.57 -11.24
CA ALA J 16 34.21 -37.27 -9.96
C ALA J 16 34.52 -38.34 -8.93
N ASP J 17 34.26 -39.61 -9.27
CA ASP J 17 34.72 -40.71 -8.45
C ASP J 17 34.99 -41.90 -9.36
N CYS J 18 36.05 -42.64 -9.03
CA CYS J 18 36.59 -43.66 -9.93
C CYS J 18 36.21 -45.06 -9.51
N GLY J 19 34.94 -45.27 -9.17
CA GLY J 19 34.44 -46.60 -8.90
C GLY J 19 34.60 -47.08 -7.48
N ALA J 20 35.24 -46.30 -6.62
CA ALA J 20 35.41 -46.67 -5.22
C ALA J 20 35.04 -45.54 -4.27
N GLY J 21 34.40 -44.49 -4.75
CA GLY J 21 34.06 -43.35 -3.93
C GLY J 21 35.16 -42.32 -3.78
N HIS J 22 36.29 -42.49 -4.46
CA HIS J 22 37.39 -41.54 -4.39
C HIS J 22 37.63 -40.92 -5.76
N SER J 23 38.14 -39.70 -5.75
CA SER J 23 38.32 -38.91 -6.95
C SER J 23 39.79 -38.89 -7.34
N CYS J 24 40.07 -39.15 -8.61
CA CYS J 24 41.43 -39.07 -9.12
C CYS J 24 41.39 -38.86 -10.62
N HIS J 25 42.50 -38.37 -11.17
CA HIS J 25 42.61 -38.08 -12.59
C HIS J 25 42.74 -39.40 -13.34
N SER J 26 41.70 -39.77 -14.08
CA SER J 26 41.65 -41.04 -14.78
C SER J 26 41.59 -40.81 -16.29
N PRO J 27 42.08 -41.76 -17.10
CA PRO J 27 42.08 -41.57 -18.55
C PRO J 27 40.74 -41.81 -19.21
N VAL J 28 39.73 -42.24 -18.47
CA VAL J 28 38.48 -42.70 -19.06
C VAL J 28 37.36 -41.81 -18.55
N ALA J 29 37.65 -40.53 -18.37
CA ALA J 29 36.63 -39.60 -17.87
C ALA J 29 35.46 -39.54 -18.85
N ILE J 30 34.24 -39.53 -18.31
CA ILE J 30 33.04 -39.50 -19.13
C ILE J 30 32.62 -38.06 -19.31
N GLU J 31 32.50 -37.64 -20.56
CA GLU J 31 31.89 -36.37 -20.91
C GLU J 31 30.41 -36.60 -21.16
N ALA J 32 29.79 -35.71 -21.93
CA ALA J 32 28.35 -35.75 -22.13
C ALA J 32 27.86 -37.12 -22.58
N VAL J 33 26.68 -37.49 -22.10
CA VAL J 33 25.96 -38.66 -22.59
C VAL J 33 24.73 -38.17 -23.35
N ARG J 34 24.57 -38.60 -24.59
CA ARG J 34 23.45 -38.22 -25.43
C ARG J 34 22.49 -39.39 -25.54
N SER J 35 21.20 -39.12 -25.41
CA SER J 35 20.19 -40.17 -25.50
C SER J 35 18.99 -39.69 -26.27
N GLU J 36 19.20 -38.99 -27.39
CA GLU J 36 18.10 -38.43 -28.17
C GLU J 36 17.56 -39.40 -29.23
N ALA J 37 17.82 -40.69 -29.08
CA ALA J 37 17.24 -41.69 -29.96
C ALA J 37 16.02 -42.31 -29.29
N THR J 38 15.00 -42.61 -30.09
CA THR J 38 13.73 -43.02 -29.53
C THR J 38 13.77 -44.43 -28.96
N ASP J 39 14.50 -45.34 -29.59
CA ASP J 39 14.51 -46.71 -29.11
C ASP J 39 15.40 -46.92 -27.90
N GLY J 40 16.13 -45.89 -27.47
CA GLY J 40 16.88 -45.98 -26.22
C GLY J 40 18.32 -46.39 -26.37
N MET J 41 19.06 -45.70 -27.24
CA MET J 41 20.46 -45.98 -27.51
C MET J 41 21.29 -44.78 -27.08
N LEU J 42 22.33 -45.02 -26.29
CA LEU J 42 23.15 -43.96 -25.71
C LEU J 42 24.43 -43.77 -26.52
N LYS J 43 25.01 -42.59 -26.41
CA LYS J 43 26.33 -42.31 -26.98
C LYS J 43 27.25 -41.81 -25.86
N ILE J 44 27.80 -42.74 -25.08
CA ILE J 44 28.73 -42.35 -24.04
C ILE J 44 30.01 -41.83 -24.69
N GLN J 45 30.56 -40.77 -24.14
CA GLN J 45 31.75 -40.13 -24.71
C GLN J 45 32.92 -40.28 -23.74
N PHE J 46 33.90 -41.10 -24.12
CA PHE J 46 35.16 -41.20 -23.43
C PHE J 46 35.94 -39.89 -23.45
N SER J 47 37.14 -39.96 -22.87
CA SER J 47 38.26 -39.15 -23.27
C SER J 47 39.33 -39.96 -23.99
N ALA J 48 39.48 -41.23 -23.67
CA ALA J 48 40.52 -42.08 -24.25
C ALA J 48 39.95 -42.84 -25.43
N GLN J 49 40.25 -42.38 -26.64
CA GLN J 49 39.58 -42.90 -27.83
C GLN J 49 39.95 -44.35 -28.12
N ILE J 50 39.03 -45.04 -28.80
CA ILE J 50 39.06 -46.48 -28.96
C ILE J 50 38.83 -46.83 -30.42
N GLY J 51 39.35 -47.98 -30.82
CA GLY J 51 39.37 -48.39 -32.20
C GLY J 51 40.57 -47.91 -33.00
N ILE J 52 41.50 -47.20 -32.38
CA ILE J 52 42.68 -46.66 -33.06
C ILE J 52 43.92 -47.11 -32.30
N ASP J 53 44.90 -47.61 -33.02
CA ASP J 53 46.13 -48.06 -32.41
C ASP J 53 46.98 -46.86 -31.98
N LYS J 54 48.00 -47.14 -31.17
CA LYS J 54 48.88 -46.08 -30.67
C LYS J 54 49.58 -45.35 -31.81
N SER J 55 49.99 -46.09 -32.85
CA SER J 55 50.77 -45.53 -33.94
C SER J 55 49.91 -45.03 -35.09
N ASP J 56 48.69 -44.57 -34.77
CA ASP J 56 47.76 -44.00 -35.74
C ASP J 56 47.47 -44.98 -36.88
N ASN J 57 47.12 -46.21 -36.49
CA ASN J 57 46.85 -47.27 -37.45
C ASN J 57 45.48 -47.85 -37.11
N HIS J 58 44.59 -47.91 -38.09
CA HIS J 58 43.22 -48.32 -37.78
C HIS J 58 43.14 -49.81 -37.50
N ASP J 59 43.28 -50.18 -36.23
CA ASP J 59 43.09 -51.55 -35.78
C ASP J 59 41.66 -51.69 -35.26
N TYR J 60 41.26 -52.91 -34.87
CA TYR J 60 39.95 -53.05 -34.26
C TYR J 60 40.03 -53.80 -32.93
N THR J 61 41.22 -53.95 -32.37
CA THR J 61 41.40 -54.62 -31.09
C THR J 61 42.18 -53.77 -30.09
N LYS J 62 43.03 -52.88 -30.55
CA LYS J 62 43.77 -51.99 -29.66
C LYS J 62 42.93 -50.75 -29.39
N ILE J 63 43.07 -50.16 -28.21
CA ILE J 63 42.46 -48.88 -27.92
C ILE J 63 43.49 -47.97 -27.26
N ARG J 64 43.62 -46.75 -27.78
CA ARG J 64 44.57 -45.78 -27.29
C ARG J 64 44.11 -45.20 -25.96
N TYR J 65 45.08 -44.76 -25.15
CA TYR J 65 44.78 -43.92 -24.00
C TYR J 65 46.06 -43.23 -23.55
N ALA J 66 45.88 -42.12 -22.83
CA ALA J 66 47.01 -41.32 -22.39
C ALA J 66 47.52 -41.82 -21.05
N ASP J 67 48.83 -41.65 -20.83
CA ASP J 67 49.47 -42.08 -19.59
C ASP J 67 50.64 -41.14 -19.35
N GLY J 68 50.37 -39.97 -18.78
CA GLY J 68 51.40 -38.99 -18.53
C GLY J 68 52.21 -38.62 -19.75
N HIS J 69 51.59 -37.91 -20.68
CA HIS J 69 52.17 -37.57 -21.99
C HIS J 69 52.95 -38.76 -22.57
N ALA J 70 52.28 -39.91 -22.60
CA ALA J 70 52.85 -41.11 -23.20
C ALA J 70 51.71 -42.05 -23.57
N ILE J 71 51.27 -41.98 -24.82
CA ILE J 71 50.13 -42.76 -25.28
C ILE J 71 50.48 -44.24 -25.21
N GLU J 72 49.57 -45.05 -24.69
CA GLU J 72 49.71 -46.49 -24.69
C GLU J 72 48.46 -47.09 -25.30
N ASN J 73 48.38 -48.42 -25.36
CA ASN J 73 47.23 -49.07 -25.93
C ASN J 73 46.79 -50.26 -25.08
N ALA J 74 45.49 -50.54 -25.14
CA ALA J 74 44.86 -51.62 -24.38
C ALA J 74 43.94 -52.41 -25.30
N VAL J 75 43.71 -53.66 -24.93
CA VAL J 75 42.91 -54.55 -25.76
C VAL J 75 41.46 -54.11 -25.74
N ARG J 76 40.77 -54.26 -26.89
CA ARG J 76 39.38 -53.81 -26.99
C ARG J 76 38.46 -54.66 -26.14
N SER J 77 38.75 -55.94 -26.02
CA SER J 77 38.05 -56.73 -25.01
C SER J 77 38.30 -56.12 -23.64
N SER J 78 37.53 -56.55 -22.66
CA SER J 78 37.55 -56.02 -21.30
C SER J 78 37.03 -54.59 -21.22
N LEU J 79 36.51 -54.04 -22.32
CA LEU J 79 35.77 -52.78 -22.24
C LEU J 79 34.37 -53.10 -21.74
N LYS J 80 34.04 -52.65 -20.53
CA LYS J 80 32.75 -52.90 -19.91
C LYS J 80 32.07 -51.57 -19.65
N VAL J 81 30.89 -51.40 -20.23
CA VAL J 81 29.98 -50.31 -19.86
C VAL J 81 28.83 -50.93 -19.09
N ALA J 82 28.49 -50.32 -17.96
CA ALA J 82 27.53 -50.95 -17.06
C ALA J 82 26.59 -49.90 -16.50
N THR J 83 25.42 -50.38 -16.06
CA THR J 83 24.39 -49.55 -15.47
C THR J 83 23.93 -50.41 -14.29
N SER J 84 22.76 -50.12 -13.73
CA SER J 84 22.22 -50.91 -12.63
C SER J 84 22.34 -52.41 -12.90
N GLY J 85 22.32 -52.79 -14.17
CA GLY J 85 22.60 -54.16 -14.56
C GLY J 85 23.92 -54.29 -15.29
N ASP J 86 23.86 -54.59 -16.59
CA ASP J 86 25.06 -54.74 -17.41
C ASP J 86 24.67 -54.52 -18.85
N CYS J 87 25.31 -53.54 -19.50
CA CYS J 87 24.89 -53.08 -20.81
C CYS J 87 25.44 -53.97 -21.92
N PHE J 88 25.02 -53.66 -23.14
CA PHE J 88 25.48 -54.32 -24.34
C PHE J 88 26.05 -53.27 -25.28
N VAL J 89 27.28 -53.48 -25.76
CA VAL J 89 27.97 -52.47 -26.55
C VAL J 89 27.70 -52.71 -28.02
N HIS J 90 27.16 -51.69 -28.70
CA HIS J 90 26.76 -51.81 -30.10
C HIS J 90 27.81 -51.26 -31.04
N GLY J 91 28.17 -49.98 -30.87
CA GLY J 91 29.12 -49.33 -31.74
C GLY J 91 30.39 -48.95 -31.02
N THR J 92 31.43 -48.56 -31.78
CA THR J 92 32.73 -48.26 -31.19
C THR J 92 33.56 -47.53 -32.23
N MET J 93 33.81 -46.24 -32.02
CA MET J 93 34.67 -45.50 -32.93
C MET J 93 35.08 -44.18 -32.29
N GLY J 94 36.38 -43.94 -32.23
CA GLY J 94 36.86 -42.69 -31.66
C GLY J 94 36.55 -42.59 -30.19
N HIS J 95 35.98 -41.46 -29.79
CA HIS J 95 35.64 -41.20 -28.39
C HIS J 95 34.28 -41.79 -28.00
N PHE J 96 33.52 -42.35 -28.92
CA PHE J 96 32.09 -42.58 -28.73
C PHE J 96 31.78 -44.07 -28.63
N ILE J 97 30.80 -44.40 -27.78
CA ILE J 97 30.34 -45.76 -27.56
C ILE J 97 28.83 -45.78 -27.76
N LEU J 98 28.31 -46.89 -28.26
CA LEU J 98 26.88 -47.10 -28.37
C LEU J 98 26.47 -48.28 -27.51
N ALA J 99 25.51 -48.08 -26.62
CA ALA J 99 25.11 -49.14 -25.70
C ALA J 99 23.60 -49.10 -25.50
N LYS J 100 23.05 -50.25 -25.11
CA LYS J 100 21.64 -50.37 -24.74
C LYS J 100 21.59 -50.91 -23.31
N CYS J 101 21.27 -50.03 -22.36
CA CYS J 101 21.46 -50.34 -20.96
C CYS J 101 20.12 -50.58 -20.25
N PRO J 102 20.10 -51.43 -19.23
CA PRO J 102 18.90 -51.59 -18.43
C PRO J 102 18.67 -50.38 -17.55
N PRO J 103 17.46 -50.17 -17.05
CA PRO J 103 17.19 -48.97 -16.26
C PRO J 103 18.00 -48.94 -14.97
N GLY J 104 18.40 -47.73 -14.58
CA GLY J 104 19.23 -47.55 -13.40
C GLY J 104 19.50 -46.09 -13.19
N GLU J 105 20.36 -45.81 -12.21
CA GLU J 105 20.62 -44.43 -11.80
C GLU J 105 22.04 -43.94 -12.07
N PHE J 106 22.91 -44.77 -12.63
CA PHE J 106 24.28 -44.35 -12.92
C PHE J 106 24.80 -45.19 -14.08
N LEU J 107 26.02 -44.89 -14.50
CA LEU J 107 26.72 -45.74 -15.46
C LEU J 107 28.22 -45.56 -15.30
N GLN J 108 28.97 -46.62 -15.57
CA GLN J 108 30.41 -46.57 -15.50
C GLN J 108 31.02 -47.28 -16.71
N VAL J 109 32.19 -46.81 -17.11
CA VAL J 109 32.96 -47.41 -18.19
C VAL J 109 34.35 -47.73 -17.65
N SER J 110 34.83 -48.93 -17.95
CA SER J 110 36.08 -49.38 -17.36
C SER J 110 36.85 -50.21 -18.36
N ILE J 111 38.16 -49.96 -18.46
CA ILE J 111 39.05 -50.69 -19.34
C ILE J 111 40.22 -51.20 -18.51
N GLN J 112 40.88 -52.23 -19.03
CA GLN J 112 42.05 -52.77 -18.36
C GLN J 112 43.29 -51.99 -18.76
N ASP J 113 44.08 -51.61 -17.76
CA ASP J 113 45.31 -50.89 -18.01
C ASP J 113 46.32 -51.79 -18.69
N THR J 114 47.50 -51.24 -18.98
CA THR J 114 48.59 -52.08 -19.48
C THR J 114 49.02 -53.11 -18.43
N ARG J 115 49.06 -52.70 -17.17
CA ARG J 115 49.39 -53.59 -16.07
C ARG J 115 48.19 -54.39 -15.57
N ASN J 116 47.12 -54.46 -16.36
CA ASN J 116 45.89 -55.18 -16.00
C ASN J 116 45.30 -54.67 -14.69
N ALA J 117 45.22 -53.35 -14.55
CA ALA J 117 44.56 -52.70 -13.42
C ALA J 117 43.37 -51.93 -13.95
N VAL J 118 42.18 -52.20 -13.40
CA VAL J 118 40.95 -51.62 -13.94
C VAL J 118 40.96 -50.11 -13.74
N ARG J 119 40.55 -49.38 -14.77
CA ARG J 119 40.42 -47.93 -14.72
C ARG J 119 38.98 -47.57 -15.04
N ALA J 120 38.26 -46.99 -14.08
CA ALA J 120 36.83 -46.80 -14.21
C ALA J 120 36.47 -45.35 -13.89
N CYS J 121 35.30 -44.93 -14.37
CA CYS J 121 34.77 -43.62 -14.03
C CYS J 121 33.26 -43.65 -14.21
N ARG J 122 32.53 -43.36 -13.13
CA ARG J 122 31.07 -43.43 -13.14
C ARG J 122 30.47 -42.05 -12.92
N ILE J 123 29.38 -41.78 -13.63
CA ILE J 123 28.70 -40.50 -13.61
C ILE J 123 27.25 -40.77 -13.26
N GLN J 124 26.62 -39.84 -12.53
CA GLN J 124 25.22 -40.01 -12.18
C GLN J 124 24.34 -39.68 -13.38
N TYR J 125 23.52 -40.65 -13.79
CA TYR J 125 22.69 -40.49 -14.98
C TYR J 125 21.40 -41.27 -14.77
N HIS J 126 20.27 -40.57 -14.74
CA HIS J 126 18.97 -41.19 -14.50
C HIS J 126 18.43 -41.73 -15.81
N HIS J 127 18.52 -43.04 -15.99
CA HIS J 127 18.14 -43.70 -17.24
C HIS J 127 16.82 -44.42 -17.06
N ASP J 128 15.86 -44.11 -17.94
CA ASP J 128 14.55 -44.76 -17.92
C ASP J 128 13.96 -44.68 -19.31
N PRO J 129 14.16 -45.69 -20.13
CA PRO J 129 13.65 -45.64 -21.50
C PRO J 129 12.14 -45.86 -21.52
N GLN J 130 11.50 -45.26 -22.51
CA GLN J 130 10.08 -45.52 -22.78
C GLN J 130 9.92 -45.90 -24.23
N PRO J 131 9.54 -47.14 -24.53
CA PRO J 131 9.41 -47.56 -25.92
C PRO J 131 8.31 -46.79 -26.62
N VAL J 132 8.49 -46.61 -27.94
CA VAL J 132 7.53 -45.87 -28.73
C VAL J 132 6.22 -46.62 -28.82
N GLY J 133 5.11 -45.90 -28.70
CA GLY J 133 3.79 -46.49 -28.82
C GLY J 133 2.95 -46.15 -27.62
N ARG J 134 1.96 -47.01 -27.35
CA ARG J 134 1.05 -46.82 -26.22
C ARG J 134 1.12 -47.95 -25.21
N GLU J 135 2.16 -48.78 -25.28
CA GLU J 135 2.39 -49.82 -24.29
C GLU J 135 3.83 -49.76 -23.85
N LYS J 136 4.09 -50.07 -22.59
CA LYS J 136 5.44 -50.05 -22.05
C LYS J 136 6.02 -51.46 -21.96
N PHE J 137 6.17 -52.09 -23.12
CA PHE J 137 6.71 -53.43 -23.20
C PHE J 137 8.22 -53.40 -22.98
N THR J 138 8.81 -54.59 -22.86
CA THR J 138 10.24 -54.73 -22.61
C THR J 138 11.01 -55.30 -23.79
N ILE J 139 10.63 -56.48 -24.29
CA ILE J 139 11.31 -57.10 -25.41
C ILE J 139 10.31 -57.30 -26.54
N ARG J 140 10.79 -57.23 -27.77
CA ARG J 140 9.91 -57.17 -28.92
C ARG J 140 9.19 -58.50 -29.12
N PRO J 141 7.97 -58.47 -29.64
CA PRO J 141 7.21 -59.71 -29.84
C PRO J 141 7.45 -60.31 -31.19
N HIS J 142 6.86 -61.47 -31.46
CA HIS J 142 6.93 -62.09 -32.78
C HIS J 142 5.67 -61.82 -33.59
N TYR J 143 4.82 -60.89 -33.16
CA TYR J 143 3.60 -60.52 -33.88
C TYR J 143 3.18 -59.15 -33.41
N GLY J 144 3.18 -58.16 -34.29
CA GLY J 144 2.79 -56.82 -33.90
C GLY J 144 2.90 -55.86 -35.05
N LYS J 145 2.66 -54.59 -34.74
CA LYS J 145 2.69 -53.52 -35.73
C LYS J 145 4.13 -53.11 -36.02
N GLU J 146 4.26 -52.09 -36.87
CA GLU J 146 5.53 -51.44 -37.13
C GLU J 146 5.35 -49.94 -36.97
N ILE J 147 5.93 -49.39 -35.91
CA ILE J 147 5.81 -47.98 -35.57
C ILE J 147 7.13 -47.31 -35.89
N PRO J 148 7.16 -46.18 -36.59
CA PRO J 148 8.43 -45.51 -36.86
C PRO J 148 9.09 -45.02 -35.57
N CYS J 149 10.42 -45.03 -35.58
CA CYS J 149 11.23 -44.55 -34.47
C CYS J 149 12.48 -43.94 -35.05
N THR J 150 13.50 -43.75 -34.21
CA THR J 150 14.81 -43.28 -34.63
C THR J 150 15.90 -44.01 -33.87
N THR J 151 17.09 -44.07 -34.46
CA THR J 151 18.20 -44.76 -33.82
C THR J 151 19.52 -44.26 -34.39
N TYR J 152 20.60 -44.60 -33.70
CA TYR J 152 21.95 -44.25 -34.12
C TYR J 152 22.48 -45.37 -35.01
N GLN J 153 22.75 -45.06 -36.27
CA GLN J 153 23.23 -46.08 -37.18
C GLN J 153 24.73 -46.26 -37.08
N GLN J 154 25.19 -47.47 -37.36
CA GLN J 154 26.60 -47.80 -37.27
C GLN J 154 27.43 -47.13 -38.35
N THR J 155 26.79 -46.52 -39.35
CA THR J 155 27.53 -45.92 -40.45
C THR J 155 28.33 -44.71 -39.98
N THR J 156 29.49 -44.51 -40.58
CA THR J 156 30.37 -43.38 -40.29
C THR J 156 30.58 -42.52 -41.54
N ALA J 157 29.49 -42.22 -42.25
CA ALA J 157 29.55 -41.41 -43.46
C ALA J 157 29.64 -39.93 -43.07
N LYS J 158 29.36 -39.04 -44.02
CA LYS J 158 29.29 -37.62 -43.71
C LYS J 158 28.15 -37.35 -42.74
N THR J 159 28.42 -36.56 -41.71
CA THR J 159 27.49 -36.40 -40.59
C THR J 159 27.03 -34.97 -40.35
N VAL J 160 27.85 -33.97 -40.66
CA VAL J 160 27.55 -32.57 -40.37
C VAL J 160 27.37 -32.42 -38.87
N GLU J 161 28.46 -32.58 -38.12
CA GLU J 161 28.47 -32.38 -36.67
C GLU J 161 29.83 -31.86 -36.28
N GLU J 162 29.92 -31.28 -35.09
CA GLU J 162 31.13 -30.57 -34.68
C GLU J 162 31.64 -31.06 -33.33
N ILE J 163 32.92 -31.36 -33.28
CA ILE J 163 33.69 -31.39 -32.05
C ILE J 163 34.79 -30.34 -32.17
N ASP J 164 34.92 -29.50 -31.17
CA ASP J 164 35.97 -28.50 -31.17
C ASP J 164 37.23 -29.09 -30.56
N MET J 165 38.35 -28.98 -31.28
CA MET J 165 39.63 -29.44 -30.80
C MET J 165 40.58 -28.26 -30.67
N HIS J 166 41.52 -28.36 -29.74
CA HIS J 166 42.44 -27.27 -29.47
C HIS J 166 43.73 -27.85 -28.92
N MET J 167 44.80 -27.06 -29.05
CA MET J 167 46.13 -27.54 -28.69
C MET J 167 46.23 -27.78 -27.19
N PRO J 168 46.86 -28.87 -26.76
CA PRO J 168 46.94 -29.16 -25.33
C PRO J 168 47.79 -28.12 -24.62
N PRO J 169 47.47 -27.83 -23.37
CA PRO J 169 48.29 -26.88 -22.61
C PRO J 169 49.59 -27.52 -22.16
N ASP J 170 50.51 -26.67 -21.69
CA ASP J 170 51.79 -27.13 -21.18
C ASP J 170 51.57 -27.89 -19.88
N THR J 171 51.70 -29.20 -19.95
CA THR J 171 51.45 -30.04 -18.80
C THR J 171 52.56 -29.85 -17.76
N PRO J 172 52.24 -29.51 -16.53
CA PRO J 172 53.29 -29.38 -15.51
C PRO J 172 53.71 -30.73 -14.98
N ASP J 173 54.98 -30.83 -14.63
CA ASP J 173 55.55 -32.07 -14.14
C ASP J 173 56.66 -31.75 -13.15
N ARG J 174 56.81 -32.61 -12.13
CA ARG J 174 57.84 -32.41 -11.13
C ARG J 174 58.79 -33.58 -10.97
N THR J 175 58.53 -34.72 -11.61
CA THR J 175 59.41 -35.85 -11.50
C THR J 175 60.65 -35.75 -12.36
N LEU J 176 60.69 -34.80 -13.30
CA LEU J 176 61.86 -34.64 -14.14
C LEU J 176 63.02 -33.97 -13.40
N LEU J 177 62.72 -33.01 -12.54
CA LEU J 177 63.77 -32.28 -11.84
C LEU J 177 64.46 -33.21 -10.84
N SER J 178 65.70 -33.57 -11.15
CA SER J 178 66.52 -34.40 -10.26
C SER J 178 67.54 -33.51 -9.57
N GLN J 179 67.59 -33.59 -8.25
CA GLN J 179 68.51 -32.79 -7.45
C GLN J 179 69.65 -33.70 -7.00
N GLN J 180 70.85 -33.45 -7.53
CA GLN J 180 72.02 -34.24 -7.15
C GLN J 180 72.81 -33.57 -6.03
N SER J 181 73.39 -32.40 -6.32
CA SER J 181 74.15 -31.66 -5.31
C SER J 181 74.20 -30.20 -5.74
N GLY J 182 73.34 -29.38 -5.15
CA GLY J 182 73.33 -27.96 -5.46
C GLY J 182 73.08 -27.64 -6.91
N ASN J 183 72.35 -28.49 -7.64
CA ASN J 183 72.06 -28.26 -9.04
C ASN J 183 70.83 -29.06 -9.43
N VAL J 184 70.29 -28.74 -10.60
CA VAL J 184 69.11 -29.44 -11.12
C VAL J 184 69.54 -30.30 -12.29
N LYS J 185 68.72 -31.31 -12.59
CA LYS J 185 68.95 -32.22 -13.70
C LYS J 185 67.65 -32.42 -14.46
N ILE J 186 67.47 -31.64 -15.52
CA ILE J 186 66.24 -31.67 -16.31
C ILE J 186 66.33 -32.84 -17.28
N THR J 187 65.33 -33.71 -17.25
CA THR J 187 65.31 -34.89 -18.09
C THR J 187 64.40 -34.66 -19.30
N VAL J 188 64.77 -35.29 -20.42
CA VAL J 188 64.08 -35.17 -21.69
C VAL J 188 63.92 -36.57 -22.27
N GLY J 189 63.62 -36.66 -23.55
CA GLY J 189 63.26 -37.92 -24.16
C GLY J 189 62.26 -37.77 -25.27
N GLY J 190 62.00 -36.52 -25.65
CA GLY J 190 61.12 -36.23 -26.76
C GLY J 190 60.29 -35.01 -26.48
N LYS J 191 60.37 -34.53 -25.25
CA LYS J 191 59.53 -33.44 -24.76
C LYS J 191 60.40 -32.21 -24.57
N LYS J 192 60.02 -31.10 -25.19
CA LYS J 192 60.77 -29.86 -25.01
C LYS J 192 60.24 -29.16 -23.77
N VAL J 193 61.00 -29.26 -22.69
CA VAL J 193 60.57 -28.72 -21.41
C VAL J 193 60.72 -27.22 -21.39
N LYS J 194 59.69 -26.54 -20.90
CA LYS J 194 59.74 -25.10 -20.64
C LYS J 194 59.81 -24.90 -19.13
N TYR J 195 60.71 -24.02 -18.70
CA TYR J 195 60.95 -23.84 -17.27
C TYR J 195 60.86 -22.36 -16.91
N ASN J 196 60.92 -22.10 -15.60
CA ASN J 196 60.99 -20.73 -15.08
C ASN J 196 61.64 -20.82 -13.70
N CYS J 197 62.94 -20.56 -13.64
CA CYS J 197 63.72 -20.69 -12.40
C CYS J 197 64.29 -19.32 -12.07
N THR J 198 63.61 -18.60 -11.18
CA THR J 198 64.05 -17.26 -10.77
C THR J 198 64.97 -17.32 -9.55
N CYS J 199 66.16 -17.90 -9.72
CA CYS J 199 67.22 -17.82 -8.74
C CYS J 199 68.34 -16.88 -9.17
N GLY J 200 68.01 -15.83 -9.93
CA GLY J 200 68.99 -14.95 -10.52
C GLY J 200 69.69 -15.54 -11.73
N THR J 201 69.72 -16.86 -11.84
CA THR J 201 70.35 -17.56 -12.95
C THR J 201 69.40 -17.57 -14.15
N GLY J 202 69.63 -18.51 -15.08
CA GLY J 202 68.84 -18.64 -16.29
C GLY J 202 67.36 -18.44 -16.09
N ASN J 203 66.83 -17.43 -16.75
CA ASN J 203 65.42 -17.07 -16.65
C ASN J 203 64.59 -18.02 -17.50
N VAL J 204 63.35 -17.63 -17.79
CA VAL J 204 62.47 -18.41 -18.64
C VAL J 204 63.16 -18.75 -19.95
N GLY J 205 63.03 -20.00 -20.37
CA GLY J 205 63.58 -20.41 -21.65
C GLY J 205 63.14 -21.82 -21.95
N THR J 206 63.19 -22.15 -23.24
CA THR J 206 62.79 -23.46 -23.72
C THR J 206 64.04 -24.26 -24.03
N THR J 207 63.98 -25.56 -23.75
CA THR J 207 65.14 -26.42 -23.94
C THR J 207 64.68 -27.74 -24.55
N ASN J 208 65.64 -28.48 -25.09
CA ASN J 208 65.36 -29.78 -25.65
C ASN J 208 66.24 -30.87 -25.07
N SER J 209 67.39 -30.52 -24.49
CA SER J 209 68.25 -31.48 -23.82
C SER J 209 68.48 -31.04 -22.39
N ASP J 210 69.24 -31.85 -21.66
CA ASP J 210 69.39 -31.65 -20.22
C ASP J 210 70.09 -30.32 -19.93
N MET J 211 69.79 -29.77 -18.76
CA MET J 211 70.42 -28.54 -18.29
C MET J 211 70.71 -28.67 -16.80
N THR J 212 71.54 -27.76 -16.31
CA THR J 212 71.85 -27.65 -14.89
C THR J 212 71.79 -26.18 -14.50
N ILE J 213 71.48 -25.92 -13.23
CA ILE J 213 71.36 -24.56 -12.74
C ILE J 213 72.39 -24.21 -11.69
N ASN J 214 72.88 -25.20 -10.93
CA ASN J 214 74.04 -25.05 -10.03
C ASN J 214 73.84 -24.05 -8.90
N THR J 215 72.63 -23.53 -8.72
CA THR J 215 72.39 -22.55 -7.66
C THR J 215 71.38 -23.01 -6.62
N CYS J 216 70.18 -23.42 -7.03
CA CYS J 216 69.09 -23.71 -6.09
C CYS J 216 68.39 -25.00 -6.50
N LEU J 217 67.83 -25.69 -5.49
CA LEU J 217 67.59 -27.13 -5.64
C LEU J 217 66.29 -27.46 -6.38
N ILE J 218 65.15 -27.24 -5.73
CA ILE J 218 63.88 -27.69 -6.32
C ILE J 218 62.83 -26.60 -6.28
N GLU J 219 62.91 -25.72 -5.29
CA GLU J 219 61.82 -24.80 -5.04
C GLU J 219 61.78 -23.63 -6.02
N GLN J 220 62.47 -23.75 -7.12
CA GLN J 220 62.46 -22.68 -8.11
C GLN J 220 62.14 -23.16 -9.52
N CYS J 221 62.54 -24.38 -9.86
CA CYS J 221 62.41 -24.87 -11.24
C CYS J 221 61.12 -25.66 -11.43
N HIS J 222 60.74 -25.82 -12.70
CA HIS J 222 59.50 -26.49 -13.07
C HIS J 222 59.71 -27.27 -14.35
N VAL J 223 58.64 -27.88 -14.83
CA VAL J 223 58.60 -28.49 -16.14
C VAL J 223 57.24 -28.20 -16.75
N SER J 224 57.24 -27.65 -17.96
CA SER J 224 56.00 -27.38 -18.68
C SER J 224 56.18 -27.94 -20.09
N VAL J 225 55.93 -29.23 -20.23
CA VAL J 225 56.10 -29.89 -21.52
C VAL J 225 55.15 -29.25 -22.52
N THR J 226 55.70 -28.48 -23.46
CA THR J 226 54.91 -27.62 -24.32
C THR J 226 55.19 -27.92 -25.79
N ASP J 227 54.58 -27.12 -26.66
CA ASP J 227 54.73 -27.22 -28.11
C ASP J 227 54.43 -28.63 -28.61
N HIS J 228 53.15 -28.98 -28.59
CA HIS J 228 52.74 -30.27 -29.10
C HIS J 228 52.28 -30.19 -30.56
N LYS J 229 52.10 -31.36 -31.15
CA LYS J 229 51.80 -31.50 -32.57
C LYS J 229 50.41 -32.06 -32.82
N LYS J 230 49.56 -32.16 -31.79
CA LYS J 230 48.28 -32.84 -31.92
C LYS J 230 47.18 -32.03 -31.26
N TRP J 231 45.97 -32.15 -31.82
CA TRP J 231 44.78 -31.56 -31.25
C TRP J 231 44.21 -32.48 -30.18
N GLN J 232 43.83 -31.93 -29.03
CA GLN J 232 43.38 -32.82 -27.96
C GLN J 232 41.86 -32.95 -27.83
N PHE J 233 41.19 -31.91 -27.34
CA PHE J 233 39.74 -31.77 -27.23
C PHE J 233 39.47 -30.46 -26.51
N ASN J 234 38.25 -29.95 -26.66
CA ASN J 234 37.84 -28.74 -25.95
C ASN J 234 37.00 -29.18 -24.76
N SER J 235 37.67 -29.56 -23.67
CA SER J 235 36.99 -30.04 -22.49
C SER J 235 37.08 -29.01 -21.38
N PRO J 236 36.04 -28.86 -20.56
CA PRO J 236 36.11 -27.90 -19.45
C PRO J 236 37.07 -28.30 -18.35
N PHE J 237 37.59 -29.52 -18.35
CA PHE J 237 38.47 -29.98 -17.29
C PHE J 237 39.95 -29.77 -17.58
N VAL J 238 40.31 -29.27 -18.74
CA VAL J 238 41.72 -28.93 -19.03
C VAL J 238 41.78 -27.53 -19.63
N PRO J 239 42.75 -26.72 -19.23
CA PRO J 239 42.72 -25.30 -19.60
C PRO J 239 43.06 -25.01 -21.05
N ARG J 240 43.16 -23.73 -21.39
CA ARG J 240 43.47 -23.29 -22.75
C ARG J 240 44.86 -22.69 -22.81
N ALA J 241 45.25 -22.29 -24.02
CA ALA J 241 46.57 -21.73 -24.28
C ALA J 241 46.55 -20.21 -24.26
N ASP J 242 45.73 -19.59 -25.11
CA ASP J 242 45.66 -18.15 -25.24
C ASP J 242 44.21 -17.69 -25.23
N GLU J 243 44.01 -16.38 -25.28
CA GLU J 243 42.67 -15.78 -25.21
C GLU J 243 42.40 -14.87 -26.41
N PRO J 244 42.75 -15.31 -27.63
CA PRO J 244 41.83 -15.09 -28.75
C PRO J 244 41.08 -16.38 -29.04
N ALA J 245 41.45 -17.43 -28.30
CA ALA J 245 41.02 -18.80 -28.52
C ALA J 245 41.54 -19.34 -29.85
N ARG J 246 41.74 -20.65 -29.95
CA ARG J 246 42.25 -21.30 -31.15
C ARG J 246 41.69 -22.71 -31.23
N LYS J 247 40.83 -22.98 -32.21
CA LYS J 247 40.07 -24.21 -32.19
C LYS J 247 39.91 -24.77 -33.60
N GLY J 248 39.71 -26.09 -33.66
CA GLY J 248 39.52 -26.80 -34.91
C GLY J 248 38.16 -27.46 -35.02
N LYS J 249 38.04 -28.52 -35.81
CA LYS J 249 36.77 -29.20 -36.02
C LYS J 249 37.04 -30.67 -36.31
N VAL J 250 36.03 -31.51 -36.09
CA VAL J 250 36.05 -32.89 -36.58
C VAL J 250 34.64 -33.45 -36.42
N HIS J 251 34.25 -34.32 -37.35
CA HIS J 251 32.90 -34.88 -37.36
C HIS J 251 32.77 -36.06 -36.40
N ILE J 252 31.64 -36.14 -35.73
CA ILE J 252 31.37 -37.25 -34.81
C ILE J 252 30.85 -38.43 -35.62
N PRO J 253 31.04 -39.66 -35.17
CA PRO J 253 30.46 -40.80 -35.86
C PRO J 253 29.02 -41.01 -35.45
N PHE J 254 28.37 -41.99 -36.09
CA PHE J 254 27.03 -42.45 -35.73
C PHE J 254 26.00 -41.33 -35.78
N PRO J 255 25.53 -40.92 -36.95
CA PRO J 255 24.46 -39.94 -37.02
C PRO J 255 23.11 -40.57 -36.69
N LEU J 256 22.07 -39.73 -36.70
CA LEU J 256 20.73 -40.18 -36.40
C LEU J 256 19.98 -40.54 -37.68
N ASP J 257 19.31 -41.69 -37.68
CA ASP J 257 18.57 -42.16 -38.84
C ASP J 257 17.27 -42.80 -38.35
N ASN J 258 16.38 -43.14 -39.29
CA ASN J 258 14.99 -43.42 -38.92
C ASN J 258 14.70 -44.84 -38.44
N ILE J 259 14.78 -45.85 -39.30
CA ILE J 259 14.40 -47.25 -39.05
C ILE J 259 12.98 -47.33 -38.48
N THR J 260 12.44 -48.54 -38.32
CA THR J 260 11.13 -48.76 -37.72
C THR J 260 11.22 -49.77 -36.59
N CYS J 261 10.24 -49.73 -35.69
CA CYS J 261 10.21 -50.55 -34.49
C CYS J 261 8.96 -51.40 -34.48
N ARG J 262 9.04 -52.55 -33.81
CA ARG J 262 7.93 -53.49 -33.74
C ARG J 262 7.33 -53.47 -32.34
N VAL J 263 6.02 -53.27 -32.25
CA VAL J 263 5.33 -53.11 -30.97
C VAL J 263 4.17 -54.09 -30.91
N PRO J 264 3.78 -54.57 -29.74
CA PRO J 264 2.74 -55.61 -29.67
C PRO J 264 1.34 -55.00 -29.65
N MET J 265 0.36 -55.89 -29.79
CA MET J 265 -1.06 -55.54 -29.71
C MET J 265 -1.64 -56.17 -28.46
N ALA J 266 -2.25 -55.35 -27.62
CA ALA J 266 -2.92 -55.89 -26.45
C ALA J 266 -4.23 -56.55 -26.85
N ARG J 267 -4.68 -57.47 -26.02
CA ARG J 267 -5.88 -58.24 -26.33
C ARG J 267 -7.11 -57.35 -26.34
N GLU J 268 -8.11 -57.76 -27.12
CA GLU J 268 -9.37 -57.05 -27.10
C GLU J 268 -10.06 -57.22 -25.75
N PRO J 269 -10.62 -56.16 -25.19
CA PRO J 269 -11.32 -56.29 -23.91
C PRO J 269 -12.65 -57.00 -24.09
N THR J 270 -13.14 -57.55 -22.99
CA THR J 270 -14.47 -58.15 -22.97
C THR J 270 -15.52 -57.07 -22.88
N VAL J 271 -16.57 -57.16 -23.70
CA VAL J 271 -17.67 -56.21 -23.68
C VAL J 271 -18.91 -56.90 -23.16
N ILE J 272 -19.65 -56.22 -22.31
CA ILE J 272 -20.97 -56.64 -21.86
C ILE J 272 -21.93 -55.51 -22.15
N HIS J 273 -22.97 -55.79 -22.93
CA HIS J 273 -23.89 -54.75 -23.39
C HIS J 273 -24.97 -54.47 -22.35
N GLY J 274 -25.31 -53.20 -22.22
CA GLY J 274 -26.32 -52.78 -21.27
C GLY J 274 -27.20 -51.66 -21.78
N LYS J 275 -28.01 -51.06 -20.91
CA LYS J 275 -28.91 -49.97 -21.28
C LYS J 275 -28.10 -48.69 -21.43
N ARG J 276 -27.57 -48.47 -22.64
CA ARG J 276 -26.74 -47.31 -22.95
C ARG J 276 -25.49 -47.28 -22.06
N GLU J 277 -24.91 -48.46 -21.83
CA GLU J 277 -23.63 -48.59 -21.16
C GLU J 277 -22.91 -49.81 -21.72
N VAL J 278 -21.59 -49.79 -21.67
CA VAL J 278 -20.75 -50.93 -21.98
C VAL J 278 -19.81 -51.15 -20.81
N THR J 279 -19.75 -52.38 -20.31
CA THR J 279 -18.85 -52.73 -19.23
C THR J 279 -17.67 -53.48 -19.81
N LEU J 280 -16.46 -52.93 -19.64
CA LEU J 280 -15.26 -53.43 -20.29
C LEU J 280 -14.38 -54.13 -19.27
N HIS J 281 -14.01 -55.37 -19.56
CA HIS J 281 -13.04 -56.11 -18.78
C HIS J 281 -11.68 -55.96 -19.45
N LEU J 282 -10.71 -55.43 -18.72
CA LEU J 282 -9.40 -55.09 -19.27
C LEU J 282 -8.35 -55.99 -18.67
N HIS J 283 -7.59 -56.68 -19.52
CA HIS J 283 -6.57 -57.64 -19.09
C HIS J 283 -5.23 -57.30 -19.72
N PRO J 284 -4.45 -56.42 -19.11
CA PRO J 284 -3.15 -56.06 -19.66
C PRO J 284 -2.02 -56.92 -19.11
N ASP J 285 -0.99 -57.09 -19.95
CA ASP J 285 0.27 -57.73 -19.56
C ASP J 285 1.34 -56.72 -19.17
N HIS J 286 1.17 -55.46 -19.54
CA HIS J 286 2.10 -54.39 -19.24
C HIS J 286 1.31 -53.08 -19.26
N PRO J 287 1.82 -52.02 -18.68
CA PRO J 287 1.05 -50.77 -18.66
C PRO J 287 0.63 -50.31 -20.05
N THR J 288 -0.67 -50.38 -20.37
CA THR J 288 -1.17 -49.93 -21.66
C THR J 288 -2.13 -48.78 -21.46
N LEU J 289 -2.24 -47.92 -22.46
CA LEU J 289 -3.05 -46.71 -22.37
C LEU J 289 -4.47 -47.01 -22.81
N PHE J 290 -5.44 -46.57 -22.02
CA PHE J 290 -6.85 -46.75 -22.33
C PHE J 290 -7.52 -45.39 -22.32
N SER J 291 -8.19 -45.03 -23.42
CA SER J 291 -8.85 -43.75 -23.51
C SER J 291 -10.12 -43.90 -24.33
N TYR J 292 -11.11 -43.09 -24.02
CA TYR J 292 -12.38 -43.14 -24.73
C TYR J 292 -12.96 -41.74 -24.75
N ARG J 293 -13.90 -41.52 -25.67
CA ARG J 293 -14.59 -40.24 -25.75
C ARG J 293 -15.92 -40.45 -26.44
N THR J 294 -16.92 -39.68 -26.01
CA THR J 294 -18.24 -39.75 -26.62
C THR J 294 -18.31 -38.77 -27.78
N LEU J 295 -18.74 -39.26 -28.93
CA LEU J 295 -18.59 -38.52 -30.18
C LEU J 295 -19.86 -37.74 -30.54
N GLY J 296 -20.27 -36.91 -29.58
CA GLY J 296 -21.35 -35.98 -29.76
C GLY J 296 -20.87 -34.54 -29.70
N GLU J 297 -21.83 -33.63 -29.52
CA GLU J 297 -21.48 -32.21 -29.51
C GLU J 297 -20.57 -31.87 -28.33
N ASP J 298 -20.86 -32.42 -27.16
CA ASP J 298 -20.03 -32.20 -25.97
C ASP J 298 -19.49 -33.53 -25.48
N PRO J 299 -18.22 -33.84 -25.75
CA PRO J 299 -17.72 -35.18 -25.47
C PRO J 299 -17.43 -35.38 -23.99
N GLN J 300 -17.21 -36.64 -23.63
CA GLN J 300 -16.81 -37.02 -22.28
C GLN J 300 -15.40 -37.60 -22.37
N TYR J 301 -14.42 -36.69 -22.32
CA TYR J 301 -13.01 -37.04 -22.32
C TYR J 301 -12.64 -37.99 -21.18
N HIS J 302 -11.65 -38.85 -21.43
CA HIS J 302 -11.05 -39.70 -20.41
C HIS J 302 -9.85 -40.42 -20.98
N GLU J 303 -8.80 -40.57 -20.16
CA GLU J 303 -7.64 -41.38 -20.55
C GLU J 303 -6.88 -41.78 -19.31
N GLU J 304 -6.25 -42.95 -19.37
CA GLU J 304 -5.75 -43.61 -18.17
C GLU J 304 -4.67 -44.61 -18.55
N TRP J 305 -3.79 -44.91 -17.60
CA TRP J 305 -2.70 -45.87 -17.79
C TRP J 305 -3.03 -47.13 -17.01
N VAL J 306 -3.66 -48.10 -17.69
CA VAL J 306 -4.06 -49.34 -17.02
C VAL J 306 -2.82 -50.16 -16.72
N THR J 307 -2.74 -50.68 -15.50
CA THR J 307 -1.59 -51.47 -15.05
C THR J 307 -1.96 -52.89 -14.64
N ALA J 308 -3.11 -53.09 -14.00
CA ALA J 308 -3.57 -54.41 -13.61
C ALA J 308 -4.96 -54.66 -14.17
N ALA J 309 -5.45 -55.88 -13.96
CA ALA J 309 -6.76 -56.25 -14.49
C ALA J 309 -7.86 -55.44 -13.81
N VAL J 310 -8.59 -54.66 -14.60
CA VAL J 310 -9.58 -53.73 -14.08
C VAL J 310 -10.91 -54.00 -14.78
N GLU J 311 -11.86 -53.10 -14.55
CA GLU J 311 -13.23 -53.24 -15.03
C GLU J 311 -13.85 -51.86 -15.12
N ARG J 312 -14.29 -51.45 -16.31
CA ARG J 312 -14.77 -50.10 -16.51
C ARG J 312 -16.13 -50.10 -17.19
N THR J 313 -16.95 -49.12 -16.82
CA THR J 313 -18.24 -48.88 -17.46
C THR J 313 -18.14 -47.57 -18.22
N ILE J 314 -18.59 -47.58 -19.47
CA ILE J 314 -18.47 -46.43 -20.35
C ILE J 314 -19.85 -46.11 -20.93
N PRO J 315 -20.27 -44.85 -20.93
CA PRO J 315 -21.60 -44.52 -21.44
C PRO J 315 -21.62 -44.44 -22.95
N VAL J 316 -22.67 -44.98 -23.55
CA VAL J 316 -22.84 -45.00 -25.00
C VAL J 316 -24.18 -44.36 -25.35
N PRO J 317 -24.23 -43.06 -25.50
CA PRO J 317 -25.50 -42.43 -25.90
C PRO J 317 -25.87 -42.79 -27.33
N VAL J 318 -26.99 -42.26 -27.83
CA VAL J 318 -27.41 -42.57 -29.19
C VAL J 318 -26.44 -42.02 -30.22
N ASP J 319 -25.57 -41.08 -29.83
CA ASP J 319 -24.50 -40.64 -30.71
C ASP J 319 -23.38 -41.66 -30.82
N GLY J 320 -23.20 -42.52 -29.82
CA GLY J 320 -22.17 -43.52 -29.84
C GLY J 320 -20.85 -42.98 -29.34
N MET J 321 -19.87 -43.87 -29.20
CA MET J 321 -18.56 -43.45 -28.73
C MET J 321 -17.50 -44.41 -29.23
N GLU J 322 -16.23 -43.98 -29.09
CA GLU J 322 -15.08 -44.75 -29.52
C GLU J 322 -14.06 -44.83 -28.39
N TYR J 323 -13.35 -45.96 -28.33
CA TYR J 323 -12.35 -46.18 -27.30
C TYR J 323 -11.09 -46.78 -27.89
N HIS J 324 -9.95 -46.36 -27.34
CA HIS J 324 -8.63 -46.71 -27.86
C HIS J 324 -7.94 -47.56 -26.81
N TRP J 325 -7.62 -48.80 -27.13
CA TRP J 325 -7.07 -49.72 -26.14
C TRP J 325 -5.70 -50.20 -26.58
N GLY J 326 -4.66 -49.68 -25.92
CA GLY J 326 -3.31 -50.10 -26.26
C GLY J 326 -2.92 -49.61 -27.63
N ASN J 327 -2.46 -50.53 -28.47
CA ASN J 327 -2.06 -50.22 -29.83
C ASN J 327 -3.14 -50.49 -30.86
N ASN J 328 -4.26 -51.08 -30.45
CA ASN J 328 -5.30 -51.42 -31.38
C ASN J 328 -5.94 -50.17 -31.97
N ASP J 329 -6.66 -50.35 -33.08
CA ASP J 329 -7.38 -49.26 -33.68
C ASP J 329 -8.59 -48.88 -32.83
N PRO J 330 -9.00 -47.62 -32.86
CA PRO J 330 -10.21 -47.23 -32.13
C PRO J 330 -11.44 -47.95 -32.67
N VAL J 331 -12.34 -48.31 -31.77
CA VAL J 331 -13.56 -49.04 -32.11
C VAL J 331 -14.75 -48.21 -31.69
N ARG J 332 -15.75 -48.11 -32.55
CA ARG J 332 -16.92 -47.28 -32.32
C ARG J 332 -18.13 -48.15 -32.04
N LEU J 333 -18.95 -47.73 -31.07
CA LEU J 333 -20.14 -48.46 -30.68
C LEU J 333 -21.31 -47.49 -30.56
N TRP J 334 -22.46 -47.86 -31.13
CA TRP J 334 -23.64 -47.02 -31.18
C TRP J 334 -24.82 -47.72 -30.53
N SER J 335 -25.68 -46.96 -29.88
CA SER J 335 -26.85 -47.54 -29.21
C SER J 335 -28.08 -47.50 -30.11
N GLN J 336 -29.12 -48.20 -29.68
CA GLN J 336 -30.39 -48.25 -30.38
C GLN J 336 -31.52 -47.81 -29.48
N LEU J 337 -32.58 -47.31 -30.08
CA LEU J 337 -33.74 -46.84 -29.33
C LEU J 337 -34.50 -48.06 -28.83
N THR J 338 -33.99 -48.66 -27.75
CA THR J 338 -34.60 -49.82 -27.15
C THR J 338 -35.14 -49.46 -25.77
N THR J 339 -36.17 -50.18 -25.34
CA THR J 339 -36.85 -49.84 -24.10
C THR J 339 -37.55 -51.07 -23.55
N GLU J 340 -38.40 -50.87 -22.55
CA GLU J 340 -39.05 -51.95 -21.83
C GLU J 340 -40.56 -51.91 -21.86
N GLY J 341 -41.17 -50.79 -22.24
CA GLY J 341 -42.60 -50.68 -22.28
C GLY J 341 -43.18 -51.39 -23.49
N LYS J 342 -44.48 -51.19 -23.68
CA LYS J 342 -45.20 -51.79 -24.80
C LYS J 342 -45.96 -50.71 -25.56
N PRO J 343 -45.51 -50.32 -26.74
CA PRO J 343 -46.34 -49.45 -27.59
C PRO J 343 -47.44 -50.28 -28.24
N HIS J 344 -48.45 -49.57 -28.76
CA HIS J 344 -49.64 -50.21 -29.32
C HIS J 344 -50.29 -51.15 -28.29
N GLY J 345 -50.35 -50.70 -27.04
CA GLY J 345 -51.00 -51.41 -25.98
C GLY J 345 -51.98 -50.49 -25.25
N TRP J 346 -52.26 -50.84 -24.01
CA TRP J 346 -53.11 -50.00 -23.19
C TRP J 346 -52.41 -48.68 -22.90
N PRO J 347 -53.17 -47.61 -22.63
CA PRO J 347 -52.54 -46.31 -22.39
C PRO J 347 -51.57 -46.30 -21.22
N HIS J 348 -51.68 -47.23 -20.30
CA HIS J 348 -50.68 -47.33 -19.24
C HIS J 348 -49.42 -48.07 -19.70
N GLN J 349 -49.41 -48.58 -20.92
CA GLN J 349 -48.22 -49.19 -21.51
C GLN J 349 -47.53 -48.29 -22.54
N ILE J 350 -48.29 -47.42 -23.21
CA ILE J 350 -47.68 -46.49 -24.15
C ILE J 350 -46.84 -45.46 -23.40
N VAL J 351 -47.32 -45.01 -22.24
CA VAL J 351 -46.53 -44.09 -21.42
C VAL J 351 -45.27 -44.76 -20.93
N GLN J 352 -45.34 -46.06 -20.64
CA GLN J 352 -44.15 -46.78 -20.23
C GLN J 352 -43.13 -46.85 -21.36
N TYR J 353 -43.58 -47.09 -22.58
CA TYR J 353 -42.67 -47.17 -23.72
C TYR J 353 -41.94 -45.87 -23.92
N TYR J 354 -42.67 -44.76 -24.03
CA TYR J 354 -42.06 -43.46 -24.20
C TYR J 354 -41.42 -42.94 -22.93
N TYR J 355 -41.27 -43.79 -21.91
CA TYR J 355 -40.54 -43.39 -20.72
C TYR J 355 -39.14 -43.98 -20.66
N GLY J 356 -38.95 -45.19 -21.18
CA GLY J 356 -37.59 -45.67 -21.36
C GLY J 356 -36.80 -44.75 -22.26
N LEU J 357 -37.41 -44.32 -23.36
CA LEU J 357 -36.90 -43.23 -24.17
C LEU J 357 -37.28 -41.92 -23.52
N TYR J 358 -36.32 -41.00 -23.42
CA TYR J 358 -36.57 -39.66 -22.92
C TYR J 358 -37.30 -39.67 -21.57
N PRO J 359 -36.65 -40.10 -20.51
CA PRO J 359 -37.37 -40.20 -19.23
C PRO J 359 -37.41 -38.87 -18.49
N ALA J 360 -37.57 -37.78 -19.23
CA ALA J 360 -37.70 -36.47 -18.62
C ALA J 360 -38.77 -35.60 -19.25
N ALA J 361 -39.16 -35.84 -20.49
CA ALA J 361 -40.21 -35.07 -21.14
C ALA J 361 -41.53 -35.80 -21.17
N THR J 362 -41.52 -37.13 -21.07
CA THR J 362 -42.78 -37.87 -20.99
C THR J 362 -43.55 -37.49 -19.74
N VAL J 363 -42.85 -37.37 -18.60
CA VAL J 363 -43.51 -36.98 -17.36
C VAL J 363 -44.13 -35.61 -17.49
N SER J 364 -43.39 -34.66 -18.06
CA SER J 364 -43.91 -33.30 -18.20
C SER J 364 -45.11 -33.28 -19.14
N ALA J 365 -45.05 -33.99 -20.25
CA ALA J 365 -46.16 -34.00 -21.19
C ALA J 365 -47.40 -34.63 -20.56
N VAL J 366 -47.23 -35.74 -19.84
CA VAL J 366 -48.38 -36.38 -19.20
C VAL J 366 -49.00 -35.44 -18.18
N VAL J 367 -48.16 -34.79 -17.37
CA VAL J 367 -48.68 -33.87 -16.35
C VAL J 367 -49.46 -32.73 -17.01
N GLY J 368 -48.89 -32.15 -18.08
CA GLY J 368 -49.58 -31.06 -18.76
C GLY J 368 -50.91 -31.48 -19.36
N MET J 369 -50.94 -32.63 -20.02
CA MET J 369 -52.19 -33.09 -20.63
C MET J 369 -53.26 -33.33 -19.57
N SER J 370 -52.89 -34.00 -18.47
CA SER J 370 -53.88 -34.24 -17.41
C SER J 370 -54.35 -32.93 -16.79
N LEU J 371 -53.43 -31.98 -16.59
CA LEU J 371 -53.79 -30.71 -16.00
C LEU J 371 -54.79 -29.97 -16.88
N LEU J 372 -54.56 -29.95 -18.19
CA LEU J 372 -55.53 -29.33 -19.09
C LEU J 372 -56.86 -30.06 -19.07
N ALA J 373 -56.85 -31.39 -18.98
CA ALA J 373 -58.11 -32.13 -18.94
C ALA J 373 -58.93 -31.75 -17.70
N LEU J 374 -58.29 -31.72 -16.53
CA LEU J 374 -59.02 -31.32 -15.33
C LEU J 374 -59.48 -29.88 -15.39
N ILE J 375 -58.66 -28.98 -15.94
CA ILE J 375 -59.09 -27.59 -16.04
C ILE J 375 -60.34 -27.50 -16.89
N SER J 376 -60.36 -28.19 -18.03
CA SER J 376 -61.53 -28.14 -18.91
C SER J 376 -62.76 -28.71 -18.22
N ILE J 377 -62.62 -29.86 -17.55
CA ILE J 377 -63.80 -30.49 -16.97
C ILE J 377 -64.32 -29.66 -15.79
N PHE J 378 -63.42 -29.08 -15.01
CA PHE J 378 -63.86 -28.22 -13.91
C PHE J 378 -64.56 -26.98 -14.41
N ALA J 379 -64.03 -26.35 -15.47
CA ALA J 379 -64.70 -25.19 -16.05
C ALA J 379 -66.08 -25.55 -16.56
N SER J 380 -66.21 -26.70 -17.24
CA SER J 380 -67.51 -27.10 -17.75
C SER J 380 -68.52 -27.34 -16.62
N CYS J 381 -68.09 -28.07 -15.58
CA CYS J 381 -69.02 -28.35 -14.48
C CYS J 381 -69.40 -27.07 -13.74
N TYR J 382 -68.44 -26.18 -13.53
CA TYR J 382 -68.74 -24.91 -12.87
C TYR J 382 -69.73 -24.09 -13.70
N MET J 383 -69.54 -24.05 -15.02
CA MET J 383 -70.44 -23.26 -15.83
C MET J 383 -71.83 -23.88 -15.89
N LEU J 384 -71.91 -25.21 -15.86
CA LEU J 384 -73.23 -25.85 -15.80
C LEU J 384 -73.94 -25.53 -14.48
N VAL J 385 -73.21 -25.56 -13.36
CA VAL J 385 -73.81 -25.19 -12.09
C VAL J 385 -74.25 -23.74 -12.10
N ALA J 386 -73.45 -22.86 -12.69
CA ALA J 386 -73.83 -21.46 -12.80
C ALA J 386 -75.10 -21.31 -13.63
N ALA J 387 -75.21 -22.07 -14.71
CA ALA J 387 -76.42 -22.02 -15.52
C ALA J 387 -77.64 -22.49 -14.74
N ARG J 388 -77.49 -23.55 -13.95
CA ARG J 388 -78.60 -24.02 -13.14
C ARG J 388 -79.03 -22.95 -12.14
N SER J 389 -78.06 -22.33 -11.47
CA SER J 389 -78.39 -21.26 -10.52
C SER J 389 -79.08 -20.09 -11.21
N LYS J 390 -78.59 -19.72 -12.40
CA LYS J 390 -79.18 -18.61 -13.13
C LYS J 390 -80.62 -18.92 -13.55
N CYS J 391 -80.88 -20.15 -13.98
CA CYS J 391 -82.22 -20.50 -14.41
C CYS J 391 -83.16 -20.80 -13.25
N LEU J 392 -82.64 -21.01 -12.04
CA LEU J 392 -83.50 -21.37 -10.92
C LEU J 392 -83.85 -20.21 -10.01
N THR J 393 -82.91 -19.33 -9.70
CA THR J 393 -83.13 -18.35 -8.64
C THR J 393 -84.22 -17.32 -9.01
N PRO J 394 -84.53 -17.07 -10.29
CA PRO J 394 -85.79 -16.39 -10.58
C PRO J 394 -86.98 -16.95 -9.83
N TYR J 395 -87.10 -18.28 -9.73
CA TYR J 395 -88.23 -18.90 -9.07
C TYR J 395 -88.12 -18.89 -7.56
N ALA J 396 -86.97 -18.51 -7.02
CA ALA J 396 -86.79 -18.42 -5.58
C ALA J 396 -87.10 -17.03 -5.03
N LEU J 397 -87.57 -16.10 -5.86
CA LEU J 397 -88.01 -14.80 -5.40
C LEU J 397 -89.52 -14.62 -5.49
N THR J 398 -90.26 -15.70 -5.73
CA THR J 398 -91.71 -15.68 -5.66
C THR J 398 -92.19 -16.85 -4.80
N PRO J 399 -93.32 -16.68 -4.11
CA PRO J 399 -93.97 -17.80 -3.41
C PRO J 399 -94.80 -18.68 -4.34
N GLY J 400 -94.18 -19.16 -5.43
CA GLY J 400 -94.86 -19.91 -6.44
C GLY J 400 -94.44 -21.37 -6.50
N ALA J 401 -94.92 -22.04 -7.54
CA ALA J 401 -94.71 -23.47 -7.73
C ALA J 401 -93.31 -23.74 -8.29
N ALA J 402 -93.07 -24.99 -8.68
CA ALA J 402 -91.76 -25.40 -9.19
C ALA J 402 -91.80 -25.91 -10.62
N VAL J 403 -92.98 -26.04 -11.22
CA VAL J 403 -93.11 -26.55 -12.59
C VAL J 403 -92.51 -27.94 -12.66
N PRO J 404 -93.23 -28.98 -12.20
CA PRO J 404 -92.63 -30.32 -12.05
C PRO J 404 -91.87 -30.81 -13.27
N TRP J 405 -92.30 -30.44 -14.48
CA TRP J 405 -91.59 -30.87 -15.68
C TRP J 405 -90.15 -30.37 -15.67
N THR J 406 -89.94 -29.11 -15.31
CA THR J 406 -88.61 -28.58 -15.12
C THR J 406 -87.99 -29.00 -13.78
N LEU J 407 -88.82 -29.32 -12.79
CA LEU J 407 -88.29 -29.84 -11.53
C LEU J 407 -87.53 -31.14 -11.74
N GLY J 408 -88.06 -32.03 -12.58
CA GLY J 408 -87.35 -33.27 -12.85
C GLY J 408 -86.03 -33.04 -13.55
N ILE J 409 -86.01 -32.15 -14.54
CA ILE J 409 -84.81 -31.96 -15.36
C ILE J 409 -83.68 -31.35 -14.54
N LEU J 410 -83.97 -30.27 -13.81
CA LEU J 410 -82.97 -29.59 -12.99
C LEU J 410 -83.22 -29.96 -11.54
N CYS J 411 -82.23 -30.60 -10.92
CA CYS J 411 -82.34 -30.98 -9.52
C CYS J 411 -82.16 -29.74 -8.64
N CYS J 412 -83.25 -29.31 -8.00
CA CYS J 412 -83.22 -28.13 -7.15
C CYS J 412 -83.13 -28.54 -5.69
N ALA J 413 -82.83 -27.57 -4.84
CA ALA J 413 -82.72 -27.84 -3.40
C ALA J 413 -84.02 -28.37 -2.81
N PRO J 414 -85.20 -27.78 -3.06
CA PRO J 414 -86.43 -28.36 -2.49
C PRO J 414 -86.86 -29.61 -3.22
N ARG J 415 -86.69 -30.78 -2.59
CA ARG J 415 -87.13 -32.02 -3.20
C ARG J 415 -88.66 -32.08 -3.27
N ALA J 416 -89.33 -31.74 -2.16
CA ALA J 416 -90.78 -31.78 -2.11
C ALA J 416 -91.43 -30.55 -1.49
N HIS J 417 -90.71 -29.78 -0.68
CA HIS J 417 -91.30 -28.63 0.02
C HIS J 417 -91.26 -27.42 -0.91
N ALA J 418 -92.43 -27.04 -1.42
CA ALA J 418 -92.59 -25.90 -2.32
C ALA J 418 -91.75 -26.04 -3.59
N MET K 1 42.43 46.19 -85.80
CA MET K 1 41.82 46.36 -84.48
C MET K 1 42.12 45.16 -83.60
N CYS K 2 42.48 44.04 -84.24
CA CYS K 2 42.79 42.82 -83.53
C CYS K 2 44.13 42.94 -82.81
N VAL K 3 44.35 42.08 -81.83
CA VAL K 3 45.55 42.10 -81.01
C VAL K 3 46.14 40.70 -80.95
N LEU K 4 47.47 40.63 -80.94
CA LEU K 4 48.22 39.42 -80.64
C LEU K 4 49.29 39.78 -79.61
N ALA K 5 49.10 39.29 -78.38
CA ALA K 5 50.01 39.60 -77.28
C ALA K 5 50.13 41.11 -77.08
N ASN K 6 51.10 41.73 -77.73
CA ASN K 6 51.28 43.18 -77.66
C ASN K 6 51.52 43.75 -79.05
N ALA K 7 50.78 43.26 -80.04
CA ALA K 7 50.95 43.70 -81.42
C ALA K 7 49.99 44.82 -81.81
N THR K 8 48.69 44.61 -81.62
CA THR K 8 47.67 45.60 -81.95
C THR K 8 47.80 46.04 -83.41
N PHE K 9 47.61 45.10 -84.29
CA PHE K 9 47.68 45.22 -85.74
C PHE K 9 46.29 45.29 -86.34
N PRO K 10 46.13 45.94 -87.50
CA PRO K 10 44.84 45.91 -88.18
C PRO K 10 44.46 44.49 -88.56
N CYS K 11 43.17 44.16 -88.40
CA CYS K 11 42.71 42.81 -88.67
C CYS K 11 42.80 42.46 -90.15
N PHE K 12 42.71 43.47 -91.02
CA PHE K 12 42.76 43.21 -92.46
C PHE K 12 44.14 42.75 -92.91
N GLN K 13 45.20 43.15 -92.21
CA GLN K 13 46.58 42.84 -92.58
C GLN K 13 47.28 42.20 -91.39
N PRO K 14 47.08 40.91 -91.17
CA PRO K 14 47.76 40.22 -90.06
C PRO K 14 49.25 40.12 -90.30
N PRO K 15 50.05 39.99 -89.24
CA PRO K 15 51.50 39.90 -89.43
C PRO K 15 51.98 38.57 -89.99
N CYS K 16 51.12 37.57 -90.11
CA CYS K 16 51.52 36.26 -90.60
C CYS K 16 51.36 36.10 -92.10
N VAL K 17 50.99 37.18 -92.81
CA VAL K 17 50.76 37.09 -94.25
C VAL K 17 52.04 36.67 -94.95
N PRO K 18 52.02 35.70 -95.87
CA PRO K 18 50.86 34.89 -96.26
C PRO K 18 50.90 33.47 -95.71
N CYS K 19 49.88 32.67 -96.03
CA CYS K 19 49.79 31.28 -95.61
C CYS K 19 49.95 31.15 -94.09
N CYS K 20 49.06 31.82 -93.36
CA CYS K 20 49.13 31.77 -91.91
C CYS K 20 48.90 30.37 -91.38
N TYR K 21 47.95 29.64 -91.95
CA TYR K 21 47.67 28.29 -91.46
C TYR K 21 48.74 27.30 -91.89
N GLU K 22 49.21 27.40 -93.13
CA GLU K 22 50.18 26.42 -93.62
C GLU K 22 51.49 26.49 -92.87
N ASN K 23 51.96 27.70 -92.55
CA ASN K 23 53.22 27.83 -91.84
C ASN K 23 53.12 27.28 -90.42
N ASN K 24 52.09 27.70 -89.68
CA ASN K 24 51.94 27.29 -88.28
C ASN K 24 50.45 27.17 -88.01
N ALA K 25 49.93 25.94 -88.09
CA ALA K 25 48.51 25.73 -87.90
C ALA K 25 48.07 26.09 -86.49
N GLU K 26 48.75 25.51 -85.49
CA GLU K 26 48.31 25.71 -84.11
C GLU K 26 48.42 27.17 -83.71
N ALA K 27 49.49 27.85 -84.11
CA ALA K 27 49.62 29.27 -83.77
C ALA K 27 48.50 30.07 -84.39
N THR K 28 48.11 29.75 -85.62
CA THR K 28 47.01 30.46 -86.26
C THR K 28 45.71 30.23 -85.50
N LEU K 29 45.43 28.99 -85.10
CA LEU K 29 44.18 28.73 -84.38
C LEU K 29 44.16 29.41 -83.01
N ARG K 30 45.25 29.32 -82.25
CA ARG K 30 45.27 30.04 -80.98
C ARG K 30 45.17 31.55 -81.18
N MET K 31 45.64 32.06 -82.33
CA MET K 31 45.44 33.47 -82.62
C MET K 31 43.96 33.78 -82.80
N LEU K 32 43.22 32.94 -83.53
CA LEU K 32 41.82 33.18 -83.78
C LEU K 32 40.95 32.97 -82.55
N GLU K 33 41.47 32.29 -81.54
CA GLU K 33 40.70 31.98 -80.35
C GLU K 33 40.75 33.08 -79.30
N ASP K 34 41.43 34.19 -79.57
CA ASP K 34 41.41 35.36 -78.71
C ASP K 34 40.67 36.54 -79.32
N ASN K 35 40.23 36.43 -80.57
CA ASN K 35 39.57 37.53 -81.26
C ASN K 35 38.06 37.33 -81.40
N VAL K 36 37.49 36.32 -80.73
CA VAL K 36 36.09 35.98 -80.94
C VAL K 36 35.19 37.14 -80.52
N ASP K 37 35.57 37.87 -79.47
CA ASP K 37 34.78 39.01 -79.04
C ASP K 37 35.10 40.29 -79.79
N ARG K 38 36.17 40.30 -80.57
CA ARG K 38 36.51 41.50 -81.33
C ARG K 38 35.59 41.62 -82.54
N PRO K 39 35.04 42.81 -82.81
CA PRO K 39 34.17 42.96 -83.98
C PRO K 39 34.85 42.63 -85.30
N GLY K 40 36.15 42.87 -85.40
CA GLY K 40 36.88 42.53 -86.62
C GLY K 40 37.39 41.10 -86.63
N TYR K 41 36.51 40.14 -86.34
CA TYR K 41 36.93 38.75 -86.31
C TYR K 41 36.94 38.13 -87.70
N TYR K 42 35.84 38.26 -88.43
CA TYR K 42 35.67 37.54 -89.69
C TYR K 42 36.70 37.95 -90.73
N ASP K 43 36.97 39.25 -90.86
CA ASP K 43 37.98 39.68 -91.82
C ASP K 43 39.36 39.14 -91.47
N LEU K 44 39.65 39.00 -90.17
CA LEU K 44 40.87 38.31 -89.78
C LEU K 44 40.83 36.84 -90.20
N LEU K 45 39.69 36.18 -89.97
CA LEU K 45 39.54 34.78 -90.36
C LEU K 45 39.60 34.63 -91.86
N GLN K 46 39.16 35.64 -92.60
CA GLN K 46 39.29 35.63 -94.05
C GLN K 46 40.75 35.57 -94.47
N ALA K 47 41.59 36.38 -93.83
CA ALA K 47 43.01 36.43 -94.20
C ALA K 47 43.77 35.23 -93.65
N ALA K 48 43.35 34.74 -92.48
CA ALA K 48 44.15 33.73 -91.78
C ALA K 48 44.25 32.43 -92.57
N LEU K 49 43.18 32.02 -93.25
CA LEU K 49 43.16 30.73 -93.93
C LEU K 49 43.04 30.91 -95.44
N THR K 50 43.79 31.86 -96.00
CA THR K 50 43.73 32.18 -97.41
C THR K 50 45.13 32.43 -97.95
N CYS K 51 45.56 31.61 -98.90
CA CYS K 51 46.78 31.85 -99.64
C CYS K 51 46.85 30.91 -100.82
N ARG K 52 47.49 31.37 -101.90
CA ARG K 52 47.57 30.59 -103.14
C ARG K 52 48.96 30.01 -103.34
N MET L 1 -17.85 1.34 -147.27
CA MET L 1 -18.83 2.41 -147.25
C MET L 1 -18.17 3.74 -146.93
N CYS L 2 -16.84 3.71 -146.82
CA CYS L 2 -16.07 4.90 -146.53
C CYS L 2 -15.91 5.74 -147.80
N VAL L 3 -15.44 6.97 -147.62
CA VAL L 3 -15.35 7.94 -148.70
C VAL L 3 -13.96 8.56 -148.71
N LEU L 4 -13.42 8.78 -149.91
CA LEU L 4 -12.16 9.50 -150.11
C LEU L 4 -12.39 10.49 -151.24
N ALA L 5 -12.63 11.76 -150.87
CA ALA L 5 -12.88 12.82 -151.83
C ALA L 5 -14.06 12.48 -152.73
N ASN L 6 -13.81 11.70 -153.78
CA ASN L 6 -14.85 11.28 -154.71
C ASN L 6 -14.68 9.80 -155.04
N ALA L 7 -14.37 8.98 -154.04
CA ALA L 7 -14.12 7.55 -154.24
C ALA L 7 -15.34 6.71 -153.86
N THR L 8 -15.77 6.79 -152.61
CA THR L 8 -16.89 6.01 -152.09
C THR L 8 -16.67 4.52 -152.34
N PHE L 9 -15.65 4.00 -151.68
CA PHE L 9 -15.21 2.61 -151.76
C PHE L 9 -15.61 1.83 -150.52
N PRO L 10 -15.81 0.52 -150.61
CA PRO L 10 -16.06 -0.27 -149.40
C PRO L 10 -14.87 -0.21 -148.46
N CYS L 11 -15.17 -0.07 -147.17
CA CYS L 11 -14.11 0.12 -146.18
C CYS L 11 -13.25 -1.12 -146.00
N PHE L 12 -13.73 -2.28 -146.43
CA PHE L 12 -12.95 -3.50 -146.33
C PHE L 12 -11.86 -3.59 -147.40
N GLN L 13 -11.98 -2.83 -148.48
CA GLN L 13 -11.01 -2.87 -149.59
C GLN L 13 -10.62 -1.45 -149.95
N PRO L 14 -9.78 -0.80 -149.14
CA PRO L 14 -9.30 0.54 -149.51
C PRO L 14 -8.41 0.48 -150.73
N PRO L 15 -8.37 1.55 -151.52
CA PRO L 15 -7.59 1.52 -152.76
C PRO L 15 -6.08 1.58 -152.56
N CYS L 16 -5.61 1.87 -151.34
CA CYS L 16 -4.19 2.02 -151.08
C CYS L 16 -3.50 0.70 -150.78
N VAL L 17 -4.23 -0.41 -150.77
CA VAL L 17 -3.65 -1.71 -150.45
C VAL L 17 -2.61 -2.07 -151.50
N PRO L 18 -1.43 -2.59 -151.11
CA PRO L 18 -1.00 -2.86 -149.74
C PRO L 18 -0.05 -1.82 -149.16
N CYS L 19 0.19 -1.92 -147.85
CA CYS L 19 1.10 -1.02 -147.12
C CYS L 19 0.68 0.44 -147.31
N CYS L 20 -0.52 0.74 -146.85
CA CYS L 20 -1.06 2.10 -146.99
C CYS L 20 -0.22 3.10 -146.21
N TYR L 21 0.21 2.74 -145.00
CA TYR L 21 0.96 3.67 -144.18
C TYR L 21 2.39 3.83 -144.68
N GLU L 22 3.01 2.74 -145.12
CA GLU L 22 4.40 2.81 -145.57
C GLU L 22 4.53 3.63 -146.85
N ASN L 23 3.59 3.47 -147.79
CA ASN L 23 3.69 4.20 -149.05
C ASN L 23 3.49 5.70 -148.85
N ASN L 24 2.52 6.09 -148.03
CA ASN L 24 2.26 7.50 -147.77
C ASN L 24 1.65 7.60 -146.38
N ALA L 25 2.46 7.99 -145.40
CA ALA L 25 1.96 8.09 -144.03
C ALA L 25 0.93 9.20 -143.88
N GLU L 26 1.26 10.39 -144.38
CA GLU L 26 0.37 11.53 -144.19
C GLU L 26 -0.97 11.31 -144.88
N ALA L 27 -0.94 10.74 -146.09
CA ALA L 27 -2.18 10.49 -146.81
C ALA L 27 -3.05 9.48 -146.07
N THR L 28 -2.44 8.42 -145.53
CA THR L 28 -3.20 7.43 -144.78
C THR L 28 -3.83 8.04 -143.53
N LEU L 29 -3.05 8.84 -142.80
CA LEU L 29 -3.60 9.49 -141.61
C LEU L 29 -4.73 10.44 -141.97
N ARG L 30 -4.58 11.20 -143.05
CA ARG L 30 -5.62 12.13 -143.47
C ARG L 30 -6.89 11.37 -143.86
N MET L 31 -6.73 10.24 -144.54
CA MET L 31 -7.89 9.42 -144.89
C MET L 31 -8.59 8.91 -143.65
N LEU L 32 -7.83 8.44 -142.67
CA LEU L 32 -8.44 7.94 -141.44
C LEU L 32 -9.13 9.06 -140.67
N GLU L 33 -8.59 10.28 -140.74
CA GLU L 33 -9.18 11.39 -139.99
C GLU L 33 -10.56 11.77 -140.50
N ASP L 34 -10.81 11.60 -141.79
CA ASP L 34 -12.11 11.98 -142.35
C ASP L 34 -13.19 10.98 -141.99
N ASN L 35 -12.84 9.70 -141.91
CA ASN L 35 -13.83 8.64 -141.77
C ASN L 35 -14.06 8.21 -140.33
N VAL L 36 -13.84 9.09 -139.35
CA VAL L 36 -14.02 8.69 -137.95
C VAL L 36 -15.51 8.52 -137.63
N ASP L 37 -16.37 9.32 -138.24
CA ASP L 37 -17.79 9.28 -137.93
C ASP L 37 -18.50 8.10 -138.56
N ARG L 38 -17.90 7.44 -139.54
CA ARG L 38 -18.56 6.33 -140.21
C ARG L 38 -18.59 5.09 -139.31
N PRO L 39 -19.63 4.27 -139.42
CA PRO L 39 -19.66 3.02 -138.63
C PRO L 39 -18.60 2.02 -139.05
N GLY L 40 -18.06 2.12 -140.26
CA GLY L 40 -17.07 1.18 -140.74
C GLY L 40 -15.65 1.69 -140.60
N TYR L 41 -15.42 2.61 -139.67
CA TYR L 41 -14.10 3.18 -139.49
C TYR L 41 -13.08 2.13 -139.07
N TYR L 42 -13.43 1.29 -138.10
CA TYR L 42 -12.46 0.37 -137.54
C TYR L 42 -12.00 -0.66 -138.57
N ASP L 43 -12.89 -1.05 -139.49
CA ASP L 43 -12.46 -1.88 -140.60
C ASP L 43 -11.42 -1.15 -141.45
N LEU L 44 -11.60 0.15 -141.66
CA LEU L 44 -10.63 0.92 -142.42
C LEU L 44 -9.29 1.01 -141.69
N LEU L 45 -9.33 1.24 -140.39
CA LEU L 45 -8.11 1.27 -139.61
C LEU L 45 -7.40 -0.08 -139.63
N GLN L 46 -8.16 -1.17 -139.70
CA GLN L 46 -7.59 -2.51 -139.77
C GLN L 46 -6.79 -2.69 -141.05
N ALA L 47 -7.34 -2.27 -142.18
CA ALA L 47 -6.67 -2.49 -143.45
C ALA L 47 -5.51 -1.52 -143.65
N ALA L 48 -5.67 -0.29 -143.17
CA ALA L 48 -4.68 0.74 -143.48
C ALA L 48 -3.33 0.49 -142.81
N LEU L 49 -3.33 -0.12 -141.63
CA LEU L 49 -2.11 -0.28 -140.85
C LEU L 49 -1.71 -1.74 -140.75
N THR L 50 -1.77 -2.48 -141.84
CA THR L 50 -1.40 -3.89 -141.84
C THR L 50 -0.84 -4.28 -143.21
N CYS L 51 0.41 -4.74 -143.23
CA CYS L 51 0.99 -5.33 -144.43
C CYS L 51 2.27 -6.08 -144.08
N ARG L 52 2.49 -7.21 -144.72
CA ARG L 52 3.66 -8.05 -144.45
C ARG L 52 4.70 -7.97 -145.57
N MET M 1 38.89 -21.61 -51.34
CA MET M 1 38.87 -20.19 -51.04
C MET M 1 39.50 -19.91 -49.67
N CYS M 2 40.44 -20.76 -49.29
CA CYS M 2 41.12 -20.65 -48.01
C CYS M 2 42.17 -19.54 -48.06
N VAL M 3 42.63 -19.12 -46.89
CA VAL M 3 43.58 -18.03 -46.76
C VAL M 3 44.72 -18.47 -45.84
N LEU M 4 45.95 -18.30 -46.30
CA LEU M 4 47.15 -18.57 -45.51
C LEU M 4 48.03 -17.32 -45.57
N ALA M 5 48.04 -16.57 -44.47
CA ALA M 5 48.81 -15.33 -44.38
C ALA M 5 48.39 -14.35 -45.47
N ASN M 6 48.96 -14.49 -46.67
CA ASN M 6 48.63 -13.62 -47.80
C ASN M 6 48.50 -14.43 -49.07
N ALA M 7 47.90 -15.62 -48.98
CA ALA M 7 47.85 -16.55 -50.10
C ALA M 7 46.54 -16.44 -50.88
N THR M 8 45.40 -16.64 -50.19
CA THR M 8 44.07 -16.60 -50.81
C THR M 8 44.01 -17.58 -51.99
N PHE M 9 44.18 -18.85 -51.66
CA PHE M 9 44.25 -19.94 -52.61
C PHE M 9 43.00 -20.82 -52.53
N PRO M 10 42.62 -21.49 -53.62
CA PRO M 10 41.49 -22.40 -53.54
C PRO M 10 41.77 -23.54 -52.57
N CYS M 11 40.75 -23.90 -51.78
CA CYS M 11 40.93 -24.87 -50.72
C CYS M 11 41.16 -26.27 -51.26
N PHE M 12 40.63 -26.57 -52.46
CA PHE M 12 40.76 -27.90 -53.01
C PHE M 12 42.22 -28.28 -53.30
N GLN M 13 43.08 -27.29 -53.50
CA GLN M 13 44.49 -27.52 -53.85
C GLN M 13 45.38 -26.68 -52.94
N PRO M 14 45.62 -27.15 -51.71
CA PRO M 14 46.50 -26.40 -50.81
C PRO M 14 47.94 -26.45 -51.28
N PRO M 15 48.74 -25.43 -50.96
CA PRO M 15 50.11 -25.37 -51.47
C PRO M 15 51.09 -26.30 -50.78
N CYS M 16 50.67 -27.05 -49.76
CA CYS M 16 51.55 -27.96 -49.05
C CYS M 16 51.50 -29.38 -49.60
N VAL M 17 50.71 -29.63 -50.64
CA VAL M 17 50.54 -30.99 -51.17
C VAL M 17 51.89 -31.50 -51.69
N PRO M 18 52.27 -32.75 -51.41
CA PRO M 18 51.54 -33.74 -50.62
C PRO M 18 52.07 -33.87 -49.19
N CYS M 19 51.37 -34.65 -48.37
CA CYS M 19 51.74 -34.90 -46.97
C CYS M 19 51.95 -33.59 -46.21
N CYS M 20 50.87 -32.80 -46.13
CA CYS M 20 50.94 -31.55 -45.41
C CYS M 20 51.27 -31.76 -43.94
N TYR M 21 50.63 -32.75 -43.30
CA TYR M 21 50.85 -32.96 -41.88
C TYR M 21 52.24 -33.53 -41.62
N GLU M 22 52.67 -34.49 -42.44
CA GLU M 22 53.96 -35.14 -42.20
C GLU M 22 55.12 -34.17 -42.35
N ASN M 23 55.07 -33.29 -43.36
CA ASN M 23 56.17 -32.36 -43.57
C ASN M 23 56.29 -31.36 -42.43
N ASN M 24 55.17 -30.83 -41.95
CA ASN M 24 55.18 -29.90 -40.82
C ASN M 24 53.86 -30.04 -40.09
N ALA M 25 53.88 -30.76 -38.96
CA ALA M 25 52.66 -30.94 -38.17
C ALA M 25 52.16 -29.61 -37.62
N GLU M 26 53.07 -28.81 -37.05
CA GLU M 26 52.67 -27.56 -36.42
C GLU M 26 52.08 -26.60 -37.44
N ALA M 27 52.76 -26.41 -38.57
CA ALA M 27 52.26 -25.50 -39.59
C ALA M 27 50.96 -26.01 -40.19
N THR M 28 50.85 -27.32 -40.41
CA THR M 28 49.62 -27.87 -40.95
C THR M 28 48.44 -27.63 -40.02
N LEU M 29 48.64 -27.86 -38.71
CA LEU M 29 47.56 -27.61 -37.77
C LEU M 29 47.21 -26.12 -37.72
N ARG M 30 48.21 -25.27 -37.50
CA ARG M 30 47.96 -23.84 -37.37
C ARG M 30 47.36 -23.25 -38.64
N MET M 31 47.55 -23.90 -39.78
CA MET M 31 46.88 -23.45 -41.00
C MET M 31 45.37 -23.67 -40.88
N LEU M 32 44.96 -24.71 -40.15
CA LEU M 32 43.54 -25.06 -40.07
C LEU M 32 42.76 -24.10 -39.18
N GLU M 33 43.31 -23.70 -38.02
CA GLU M 33 42.58 -22.78 -37.17
C GLU M 33 42.31 -21.46 -37.88
N ASP M 34 43.08 -21.13 -38.91
CA ASP M 34 42.89 -19.87 -39.62
C ASP M 34 41.70 -19.89 -40.56
N ASN M 35 41.09 -21.05 -40.79
CA ASN M 35 40.03 -21.18 -41.79
C ASN M 35 38.78 -21.85 -41.23
N VAL M 36 38.61 -21.89 -39.91
CA VAL M 36 37.47 -22.59 -39.33
C VAL M 36 36.17 -21.88 -39.69
N ASP M 37 36.21 -20.56 -39.82
CA ASP M 37 35.01 -19.83 -40.20
C ASP M 37 34.74 -19.85 -41.70
N ARG M 38 35.69 -20.33 -42.49
CA ARG M 38 35.48 -20.40 -43.93
C ARG M 38 34.49 -21.53 -44.25
N PRO M 39 33.61 -21.35 -45.22
CA PRO M 39 32.69 -22.43 -45.60
C PRO M 39 33.42 -23.59 -46.29
N GLY M 40 34.65 -23.35 -46.71
CA GLY M 40 35.44 -24.38 -47.34
C GLY M 40 36.44 -25.03 -46.41
N TYR M 41 36.17 -24.97 -45.10
CA TYR M 41 37.10 -25.53 -44.13
C TYR M 41 37.29 -27.03 -44.32
N TYR M 42 36.20 -27.77 -44.53
CA TYR M 42 36.31 -29.23 -44.53
C TYR M 42 37.07 -29.72 -45.74
N ASP M 43 36.94 -29.04 -46.88
CA ASP M 43 37.74 -29.39 -48.05
C ASP M 43 39.23 -29.17 -47.78
N LEU M 44 39.57 -28.06 -47.12
CA LEU M 44 40.95 -27.86 -46.69
C LEU M 44 41.38 -28.95 -45.72
N LEU M 45 40.51 -29.30 -44.78
CA LEU M 45 40.79 -30.40 -43.87
C LEU M 45 40.90 -31.72 -44.61
N GLN M 46 40.03 -31.93 -45.61
CA GLN M 46 40.09 -33.15 -46.39
C GLN M 46 41.40 -33.29 -47.13
N ALA M 47 41.89 -32.21 -47.73
CA ALA M 47 43.12 -32.29 -48.50
C ALA M 47 44.34 -32.35 -47.60
N ALA M 48 44.32 -31.62 -46.48
CA ALA M 48 45.47 -31.43 -45.63
C ALA M 48 45.79 -32.62 -44.75
N LEU M 49 45.10 -33.75 -44.80
CA LEU M 49 45.44 -34.89 -43.95
C LEU M 49 45.39 -36.18 -44.75
N THR M 50 45.68 -36.11 -46.05
CA THR M 50 45.60 -37.27 -46.95
C THR M 50 46.86 -37.33 -47.80
N CYS M 51 47.62 -38.41 -47.64
CA CYS M 51 48.72 -38.70 -48.56
C CYS M 51 49.21 -40.13 -48.39
N ARG M 52 49.57 -40.76 -49.50
CA ARG M 52 50.08 -42.12 -49.48
C ARG M 52 51.59 -42.15 -49.71
N LYS N 1 -109.79 62.51 -30.81
CA LYS N 1 -110.19 61.70 -31.95
C LYS N 1 -109.07 61.61 -32.98
N ARG N 2 -108.53 62.77 -33.36
CA ARG N 2 -107.41 62.80 -34.31
C ARG N 2 -106.18 62.13 -33.74
N GLU N 3 -105.89 62.37 -32.45
CA GLU N 3 -104.72 61.79 -31.82
C GLU N 3 -104.78 60.27 -31.81
N ARG N 4 -105.96 59.71 -31.51
CA ARG N 4 -106.10 58.26 -31.49
C ARG N 4 -105.88 57.66 -32.87
N MET N 5 -106.45 58.29 -33.90
CA MET N 5 -106.28 57.78 -35.25
C MET N 5 -104.82 57.86 -35.69
N CYS N 6 -104.15 58.98 -35.39
CA CYS N 6 -102.74 59.12 -35.75
C CYS N 6 -101.88 58.09 -35.03
N MET N 7 -102.14 57.87 -33.74
CA MET N 7 -101.36 56.90 -32.98
C MET N 7 -101.61 55.49 -33.49
N LYS N 8 -102.87 55.16 -33.84
CA LYS N 8 -103.17 53.84 -34.36
C LYS N 8 -102.49 53.61 -35.71
N ILE N 9 -102.50 54.61 -36.58
CA ILE N 9 -101.85 54.46 -37.88
C ILE N 9 -100.34 54.35 -37.71
N GLU N 10 -99.76 55.13 -36.79
CA GLU N 10 -98.33 55.09 -36.57
C GLU N 10 -97.88 53.73 -36.04
N ASN N 11 -98.68 53.14 -35.15
CA ASN N 11 -98.32 51.83 -34.60
C ASN N 11 -98.25 50.77 -35.69
N ASP N 12 -99.14 50.85 -36.69
CA ASP N 12 -99.20 49.86 -37.74
C ASP N 12 -98.25 50.14 -38.90
N CYS N 13 -97.60 51.31 -38.93
CA CYS N 13 -96.81 51.72 -40.08
C CYS N 13 -95.42 52.22 -39.69
N ILE N 14 -94.89 51.79 -38.56
CA ILE N 14 -93.56 52.18 -38.12
C ILE N 14 -92.86 50.98 -37.53
N PHE N 15 -91.61 50.75 -37.94
CA PHE N 15 -90.76 49.70 -37.39
C PHE N 15 -89.46 50.30 -36.92
N GLU N 16 -89.13 50.07 -35.65
CA GLU N 16 -87.91 50.63 -35.09
C GLU N 16 -86.68 49.97 -35.72
N VAL N 17 -85.69 50.80 -36.04
CA VAL N 17 -84.43 50.33 -36.63
C VAL N 17 -83.35 50.46 -35.57
N LYS N 18 -82.68 49.36 -35.27
CA LYS N 18 -81.70 49.31 -34.20
C LYS N 18 -80.35 48.91 -34.76
N HIS N 19 -79.29 49.52 -34.22
CA HIS N 19 -77.92 49.16 -34.54
C HIS N 19 -77.14 48.95 -33.26
N GLU N 20 -76.47 47.79 -33.17
CA GLU N 20 -75.73 47.41 -31.98
C GLU N 20 -76.62 47.41 -30.74
N GLY N 21 -77.86 46.96 -30.91
CA GLY N 21 -78.77 46.80 -29.79
C GLY N 21 -79.51 48.05 -29.34
N LYS N 22 -79.30 49.19 -29.99
CA LYS N 22 -79.99 50.42 -29.66
C LYS N 22 -80.73 50.96 -30.88
N VAL N 23 -81.95 51.45 -30.66
CA VAL N 23 -82.76 51.97 -31.74
C VAL N 23 -82.23 53.34 -32.15
N THR N 24 -82.12 53.58 -33.46
CA THR N 24 -81.67 54.86 -33.99
C THR N 24 -82.57 55.45 -35.05
N GLY N 25 -83.45 54.66 -35.66
CA GLY N 25 -84.30 55.18 -36.71
C GLY N 25 -85.56 54.35 -36.84
N TYR N 26 -86.42 54.77 -37.77
CA TYR N 26 -87.68 54.08 -38.00
C TYR N 26 -87.92 53.97 -39.50
N ALA N 27 -88.38 52.80 -39.93
CA ALA N 27 -88.77 52.57 -41.31
C ALA N 27 -90.28 52.55 -41.42
N CYS N 28 -90.82 53.46 -42.22
CA CYS N 28 -92.27 53.64 -42.32
C CYS N 28 -92.79 53.01 -43.59
N LEU N 29 -94.05 52.59 -43.56
CA LEU N 29 -94.73 52.02 -44.71
C LEU N 29 -95.64 53.08 -45.31
N VAL N 30 -95.39 53.43 -46.57
CA VAL N 30 -96.26 54.31 -47.33
C VAL N 30 -96.57 53.63 -48.65
N GLY N 31 -97.85 53.61 -49.02
CA GLY N 31 -98.26 52.99 -50.27
C GLY N 31 -97.87 51.53 -50.30
N ASP N 32 -96.83 51.21 -51.08
CA ASP N 32 -96.28 49.86 -51.15
C ASP N 32 -94.77 49.89 -51.19
N LYS N 33 -94.16 50.77 -50.39
CA LYS N 33 -92.71 50.92 -50.36
C LYS N 33 -92.25 51.13 -48.93
N VAL N 34 -91.05 50.65 -48.62
CA VAL N 34 -90.43 50.87 -47.32
C VAL N 34 -89.36 51.94 -47.46
N MET N 35 -89.51 53.04 -46.73
CA MET N 35 -88.56 54.14 -46.78
C MET N 35 -87.75 54.18 -45.50
N LYS N 36 -86.46 54.49 -45.64
CA LYS N 36 -85.59 54.61 -44.50
C LYS N 36 -84.51 55.62 -44.83
N PRO N 37 -84.22 56.56 -43.93
CA PRO N 37 -83.16 57.53 -44.20
C PRO N 37 -81.82 56.84 -44.38
N ALA N 38 -80.97 57.44 -45.22
CA ALA N 38 -79.69 56.84 -45.54
C ALA N 38 -78.63 57.11 -44.48
N HIS N 39 -78.76 58.19 -43.71
CA HIS N 39 -77.76 58.47 -42.69
C HIS N 39 -77.89 57.54 -41.49
N VAL N 40 -79.09 57.01 -41.25
CA VAL N 40 -79.28 56.06 -40.15
C VAL N 40 -78.93 54.66 -40.65
N LYS N 41 -78.20 53.91 -39.82
CA LYS N 41 -77.77 52.57 -40.15
C LYS N 41 -78.23 51.59 -39.08
N GLY N 42 -78.37 50.35 -39.48
CA GLY N 42 -78.83 49.30 -38.59
C GLY N 42 -79.60 48.26 -39.37
N VAL N 43 -80.38 47.47 -38.64
CA VAL N 43 -81.26 46.46 -39.22
C VAL N 43 -82.66 46.70 -38.71
N ILE N 44 -83.64 46.71 -39.62
CA ILE N 44 -85.03 46.86 -39.22
C ILE N 44 -85.42 45.68 -38.34
N ASP N 45 -86.15 45.97 -37.27
CA ASP N 45 -86.56 44.94 -36.30
C ASP N 45 -87.73 44.11 -36.85
N ASN N 46 -87.45 43.41 -37.95
CA ASN N 46 -88.46 42.58 -38.58
C ASN N 46 -87.78 41.58 -39.50
N ALA N 47 -88.34 40.38 -39.58
CA ALA N 47 -87.75 39.33 -40.41
C ALA N 47 -87.95 39.61 -41.89
N ASP N 48 -89.17 39.98 -42.28
CA ASP N 48 -89.47 40.16 -43.69
C ASP N 48 -88.74 41.37 -44.27
N LEU N 49 -88.70 42.47 -43.53
CA LEU N 49 -88.09 43.69 -44.05
C LEU N 49 -86.57 43.59 -44.11
N ALA N 50 -85.97 42.68 -43.34
CA ALA N 50 -84.52 42.55 -43.33
C ALA N 50 -84.00 41.94 -44.61
N LYS N 51 -84.72 40.98 -45.20
CA LYS N 51 -84.24 40.27 -46.37
C LYS N 51 -84.58 40.97 -47.69
N LEU N 52 -85.37 42.04 -47.65
CA LEU N 52 -85.71 42.76 -48.87
C LEU N 52 -84.50 43.53 -49.38
N ALA N 53 -84.40 43.63 -50.71
CA ALA N 53 -83.32 44.37 -51.34
C ALA N 53 -83.67 45.85 -51.37
N PHE N 54 -82.77 46.69 -50.88
CA PHE N 54 -83.04 48.12 -50.74
C PHE N 54 -82.24 48.92 -51.76
N LYS N 55 -82.92 49.82 -52.44
CA LYS N 55 -82.29 50.77 -53.35
C LYS N 55 -81.84 51.99 -52.56
N LYS N 56 -80.57 52.36 -52.69
CA LYS N 56 -80.00 53.46 -51.93
C LYS N 56 -79.64 54.61 -52.86
N SER N 57 -79.89 55.82 -52.41
CA SER N 57 -79.61 57.02 -53.21
C SER N 57 -79.19 58.14 -52.28
N SER N 58 -77.94 58.58 -52.39
CA SER N 58 -77.40 59.58 -51.47
C SER N 58 -77.82 61.00 -51.81
N LYS N 59 -78.33 61.24 -53.02
CA LYS N 59 -78.77 62.59 -53.35
C LYS N 59 -80.01 62.98 -52.53
N TYR N 60 -80.96 62.08 -52.41
CA TYR N 60 -82.17 62.33 -51.64
C TYR N 60 -82.08 61.84 -50.21
N ASP N 61 -81.01 61.13 -49.84
CA ASP N 61 -80.81 60.63 -48.48
C ASP N 61 -81.98 59.75 -48.04
N LEU N 62 -82.18 58.65 -48.78
CA LEU N 62 -83.36 57.83 -48.59
C LEU N 62 -83.15 56.47 -49.23
N GLU N 63 -83.58 55.41 -48.54
CA GLU N 63 -83.58 54.06 -49.08
C GLU N 63 -85.02 53.60 -49.25
N CYS N 64 -85.29 52.92 -50.34
CA CYS N 64 -86.63 52.44 -50.65
C CYS N 64 -86.56 50.96 -51.03
N ALA N 65 -87.62 50.23 -50.71
CA ALA N 65 -87.73 48.83 -51.09
C ALA N 65 -89.19 48.47 -51.23
N GLN N 66 -89.46 47.41 -51.98
CA GLN N 66 -90.81 46.95 -52.21
C GLN N 66 -91.26 46.08 -51.05
N ILE N 67 -92.45 46.37 -50.52
CA ILE N 67 -93.00 45.65 -49.38
C ILE N 67 -93.53 44.28 -49.83
N PRO N 68 -93.60 43.30 -48.95
CA PRO N 68 -94.20 42.02 -49.31
C PRO N 68 -95.70 42.16 -49.54
N VAL N 69 -96.27 41.14 -50.19
CA VAL N 69 -97.67 41.20 -50.61
C VAL N 69 -98.59 41.22 -49.39
N HIS N 70 -98.33 40.35 -48.40
CA HIS N 70 -99.23 40.23 -47.27
C HIS N 70 -99.20 41.43 -46.33
N MET N 71 -98.21 42.31 -46.47
CA MET N 71 -98.12 43.51 -45.66
C MET N 71 -98.70 44.74 -46.36
N ARG N 72 -99.34 44.55 -47.51
CA ARG N 72 -99.92 45.69 -48.23
C ARG N 72 -101.06 46.34 -47.48
N SER N 73 -101.70 45.62 -46.56
CA SER N 73 -102.83 46.15 -45.80
C SER N 73 -102.41 46.81 -44.50
N ASP N 74 -101.11 46.84 -44.19
CA ASP N 74 -100.61 47.44 -42.96
C ASP N 74 -99.80 48.70 -43.24
N ALA N 75 -100.17 49.45 -44.27
CA ALA N 75 -99.41 50.61 -44.71
C ALA N 75 -100.32 51.83 -44.77
N SER N 76 -99.69 53.01 -44.68
CA SER N 76 -100.43 54.26 -44.72
C SER N 76 -100.91 54.55 -46.15
N LYS N 77 -101.56 55.70 -46.30
CA LYS N 77 -101.91 56.22 -47.61
C LYS N 77 -101.23 57.58 -47.80
N TYR N 78 -100.84 57.86 -49.04
CA TYR N 78 -100.00 59.00 -49.37
C TYR N 78 -100.82 60.09 -50.06
N THR N 79 -100.24 61.29 -50.09
CA THR N 79 -100.81 62.40 -50.83
C THR N 79 -99.72 63.42 -51.10
N HIS N 80 -99.98 64.31 -52.04
CA HIS N 80 -99.05 65.38 -52.37
C HIS N 80 -99.61 66.77 -52.10
N GLU N 81 -100.91 66.92 -51.88
CA GLU N 81 -101.48 68.22 -51.58
C GLU N 81 -101.01 68.69 -50.22
N LYS N 82 -100.41 69.87 -50.18
CA LYS N 82 -99.86 70.45 -48.95
C LYS N 82 -100.33 71.89 -48.80
N PRO N 83 -101.60 72.10 -48.49
CA PRO N 83 -102.08 73.46 -48.26
C PRO N 83 -101.47 74.04 -46.99
N GLU N 84 -101.43 75.36 -46.92
CA GLU N 84 -100.90 76.04 -45.75
C GLU N 84 -101.72 75.68 -44.52
N GLY N 85 -101.04 75.50 -43.39
CA GLY N 85 -101.73 75.21 -42.15
C GLY N 85 -100.95 74.40 -41.14
N HIS N 86 -101.63 73.45 -40.49
CA HIS N 86 -101.04 72.65 -39.43
C HIS N 86 -101.08 71.18 -39.80
N TYR N 87 -100.03 70.45 -39.41
CA TYR N 87 -99.95 69.02 -39.66
C TYR N 87 -99.56 68.32 -38.38
N ASN N 88 -100.03 67.08 -38.25
CA ASN N 88 -99.86 66.33 -37.02
C ASN N 88 -98.57 65.51 -37.07
N TRP N 89 -98.00 65.28 -35.89
CA TRP N 89 -96.73 64.58 -35.77
C TRP N 89 -96.75 63.78 -34.47
N HIS N 90 -95.86 62.78 -34.39
CA HIS N 90 -95.84 61.92 -33.22
C HIS N 90 -95.55 62.68 -31.95
N HIS N 91 -94.76 63.75 -32.02
CA HIS N 91 -94.41 64.54 -30.85
C HIS N 91 -95.16 65.88 -30.81
N GLY N 92 -96.36 65.94 -31.38
CA GLY N 92 -97.15 67.15 -31.29
C GLY N 92 -97.78 67.58 -32.59
N ALA N 93 -97.80 68.89 -32.84
CA ALA N 93 -98.35 69.45 -34.07
C ALA N 93 -97.29 70.31 -34.73
N VAL N 94 -97.19 70.21 -36.06
CA VAL N 94 -96.21 70.96 -36.82
C VAL N 94 -96.92 71.96 -37.71
N GLN N 95 -96.20 73.01 -38.10
CA GLN N 95 -96.77 74.12 -38.85
C GLN N 95 -96.06 74.21 -40.19
N TYR N 96 -96.84 74.37 -41.25
CA TYR N 96 -96.33 74.45 -42.63
C TYR N 96 -96.55 75.87 -43.13
N SER N 97 -95.51 76.68 -43.11
CA SER N 97 -95.61 78.08 -43.51
C SER N 97 -94.48 78.42 -44.45
N GLY N 98 -94.83 78.96 -45.62
CA GLY N 98 -93.83 79.38 -46.59
C GLY N 98 -92.95 78.27 -47.10
N GLY N 99 -93.53 77.10 -47.36
CA GLY N 99 -92.74 76.00 -47.88
C GLY N 99 -91.80 75.35 -46.88
N ARG N 100 -92.00 75.58 -45.59
CA ARG N 100 -91.11 75.05 -44.56
C ARG N 100 -91.92 74.29 -43.52
N PHE N 101 -91.33 73.22 -43.01
CA PHE N 101 -91.88 72.49 -41.88
C PHE N 101 -91.12 72.93 -40.63
N THR N 102 -91.85 73.45 -39.63
CA THR N 102 -91.24 73.98 -38.43
C THR N 102 -91.81 73.30 -37.20
N ILE N 103 -90.95 73.16 -36.18
CA ILE N 103 -91.32 72.54 -34.91
C ILE N 103 -91.56 73.66 -33.89
N PRO N 104 -92.79 73.85 -33.42
CA PRO N 104 -93.03 74.94 -32.45
C PRO N 104 -92.22 74.79 -31.18
N THR N 105 -91.99 73.56 -30.71
CA THR N 105 -91.39 73.35 -29.40
C THR N 105 -89.87 73.32 -29.43
N GLY N 106 -89.28 72.96 -30.56
CA GLY N 106 -87.85 72.73 -30.59
C GLY N 106 -87.44 71.55 -29.73
N ALA N 107 -88.29 70.54 -29.62
CA ALA N 107 -88.04 69.38 -28.79
C ALA N 107 -87.45 68.21 -29.58
N GLY N 108 -87.15 68.40 -30.85
CA GLY N 108 -86.53 67.36 -31.65
C GLY N 108 -85.21 66.88 -31.07
N LYS N 109 -85.03 65.57 -31.01
CA LYS N 109 -83.84 64.96 -30.44
C LYS N 109 -83.30 63.91 -31.40
N PRO N 110 -82.00 63.62 -31.33
CA PRO N 110 -81.45 62.57 -32.18
C PRO N 110 -82.16 61.24 -31.94
N GLY N 111 -82.38 60.50 -33.02
CA GLY N 111 -83.19 59.31 -32.97
C GLY N 111 -84.62 59.50 -33.44
N ASP N 112 -85.00 60.71 -33.83
CA ASP N 112 -86.31 61.00 -34.37
C ASP N 112 -86.33 60.97 -35.90
N SER N 113 -85.23 60.55 -36.52
CA SER N 113 -85.20 60.44 -37.97
C SER N 113 -86.09 59.29 -38.45
N GLY N 114 -86.80 59.52 -39.55
CA GLY N 114 -87.67 58.52 -40.14
C GLY N 114 -89.11 58.58 -39.71
N ARG N 115 -89.49 59.50 -38.83
CA ARG N 115 -90.87 59.57 -38.38
C ARG N 115 -91.72 60.38 -39.36
N PRO N 116 -92.74 59.79 -39.97
CA PRO N 116 -93.53 60.52 -40.96
C PRO N 116 -94.36 61.64 -40.34
N ILE N 117 -94.66 62.63 -41.17
CA ILE N 117 -95.54 63.73 -40.80
C ILE N 117 -96.87 63.54 -41.51
N PHE N 118 -97.95 63.58 -40.74
CA PHE N 118 -99.26 63.16 -41.22
C PHE N 118 -100.14 64.34 -41.61
N ASP N 119 -101.16 64.02 -42.40
CA ASP N 119 -102.19 64.97 -42.79
C ASP N 119 -103.30 64.97 -41.74
N ASN N 120 -104.31 65.81 -41.94
CA ASN N 120 -105.46 65.80 -41.04
C ASN N 120 -106.37 64.61 -41.30
N LYS N 121 -106.20 63.93 -42.43
CA LYS N 121 -106.97 62.73 -42.73
C LYS N 121 -106.17 61.46 -42.50
N GLY N 122 -105.03 61.55 -41.83
CA GLY N 122 -104.20 60.40 -41.57
C GLY N 122 -103.22 60.06 -42.68
N ARG N 123 -103.26 60.77 -43.79
CA ARG N 123 -102.36 60.48 -44.90
C ARG N 123 -100.96 60.98 -44.57
N VAL N 124 -99.96 60.25 -45.08
CA VAL N 124 -98.56 60.62 -44.87
C VAL N 124 -98.12 61.57 -45.98
N VAL N 125 -97.47 62.66 -45.59
CA VAL N 125 -97.06 63.69 -46.53
C VAL N 125 -95.54 63.75 -46.66
N ALA N 126 -94.80 63.65 -45.56
CA ALA N 126 -93.36 63.82 -45.60
C ALA N 126 -92.70 62.80 -44.68
N ILE N 127 -91.38 62.84 -44.65
CA ILE N 127 -90.58 62.02 -43.74
C ILE N 127 -89.50 62.90 -43.14
N VAL N 128 -89.39 62.88 -41.81
CA VAL N 128 -88.46 63.76 -41.11
C VAL N 128 -87.05 63.18 -41.21
N LEU N 129 -86.08 64.04 -41.55
CA LEU N 129 -84.68 63.66 -41.57
C LEU N 129 -83.86 64.39 -40.52
N GLY N 130 -83.93 65.72 -40.49
CA GLY N 130 -83.16 66.49 -39.54
C GLY N 130 -83.82 67.83 -39.28
N GLY N 131 -83.22 68.61 -38.40
CA GLY N 131 -83.77 69.90 -38.02
C GLY N 131 -82.68 70.93 -37.85
N ALA N 132 -83.08 72.19 -37.97
CA ALA N 132 -82.18 73.33 -37.83
C ALA N 132 -82.66 74.19 -36.67
N ASN N 133 -81.76 74.46 -35.72
CA ASN N 133 -82.11 75.22 -34.52
C ASN N 133 -82.13 76.70 -34.87
N GLU N 134 -83.31 77.23 -35.13
CA GLU N 134 -83.47 78.64 -35.51
C GLU N 134 -84.26 79.34 -34.42
N GLY N 135 -83.55 79.81 -33.40
CA GLY N 135 -84.19 80.53 -32.31
C GLY N 135 -85.10 79.61 -31.51
N SER N 136 -86.34 80.06 -31.30
CA SER N 136 -87.32 79.29 -30.55
C SER N 136 -87.95 78.19 -31.39
N ARG N 137 -87.79 78.23 -32.70
CA ARG N 137 -88.39 77.25 -33.60
C ARG N 137 -87.28 76.37 -34.20
N THR N 138 -87.70 75.26 -34.78
CA THR N 138 -86.78 74.34 -35.44
C THR N 138 -87.32 74.04 -36.83
N ALA N 139 -86.59 74.45 -37.85
CA ALA N 139 -86.96 74.13 -39.23
C ALA N 139 -86.60 72.69 -39.52
N LEU N 140 -87.55 71.95 -40.08
CA LEU N 140 -87.39 70.53 -40.33
C LEU N 140 -86.81 70.31 -41.74
N SER N 141 -85.72 69.55 -41.82
CA SER N 141 -85.19 69.10 -43.09
C SER N 141 -85.84 67.75 -43.41
N VAL N 142 -86.74 67.73 -44.38
CA VAL N 142 -87.59 66.57 -44.65
C VAL N 142 -87.52 66.22 -46.13
N VAL N 143 -87.90 64.98 -46.43
CA VAL N 143 -88.01 64.49 -47.80
C VAL N 143 -89.50 64.35 -48.12
N THR N 144 -89.93 65.07 -49.14
CA THR N 144 -91.33 65.10 -49.52
C THR N 144 -91.51 64.55 -50.93
N TRP N 145 -92.76 64.37 -51.33
CA TRP N 145 -93.08 63.87 -52.66
C TRP N 145 -93.96 64.87 -53.38
N ASN N 146 -93.56 65.22 -54.59
CA ASN N 146 -94.39 66.05 -55.45
C ASN N 146 -95.38 65.13 -56.18
N LYS N 147 -96.06 65.68 -57.18
CA LYS N 147 -96.93 64.85 -58.02
C LYS N 147 -96.16 63.66 -58.58
N ASP N 148 -94.93 63.89 -59.03
CA ASP N 148 -94.09 62.84 -59.59
C ASP N 148 -92.67 62.80 -59.04
N MET N 149 -92.12 63.93 -58.61
CA MET N 149 -90.71 64.04 -58.27
C MET N 149 -90.52 63.96 -56.76
N VAL N 150 -89.43 63.35 -56.33
CA VAL N 150 -89.03 63.33 -54.94
C VAL N 150 -88.04 64.46 -54.71
N THR N 151 -88.39 65.40 -53.85
CA THR N 151 -87.56 66.56 -53.59
C THR N 151 -87.12 66.57 -52.13
N ARG N 152 -85.95 67.16 -51.89
CA ARG N 152 -85.41 67.28 -50.54
C ARG N 152 -85.27 68.74 -50.20
N VAL N 153 -85.77 69.13 -49.03
CA VAL N 153 -85.66 70.49 -48.53
C VAL N 153 -84.77 70.47 -47.30
N THR N 154 -83.64 71.17 -47.37
CA THR N 154 -82.66 71.18 -46.28
C THR N 154 -82.30 72.62 -45.96
N PRO N 155 -82.81 73.16 -44.85
CA PRO N 155 -82.42 74.52 -44.45
C PRO N 155 -80.97 74.58 -44.01
N GLU N 156 -80.42 75.78 -44.03
CA GLU N 156 -79.04 75.98 -43.60
C GLU N 156 -78.89 75.67 -42.12
N GLY N 157 -77.78 75.02 -41.77
CA GLY N 157 -77.47 74.76 -40.39
C GLY N 157 -78.18 73.58 -39.77
N SER N 158 -78.90 72.78 -40.55
CA SER N 158 -79.58 71.63 -40.00
C SER N 158 -78.59 70.56 -39.59
N GLU N 159 -79.03 69.67 -38.71
CA GLU N 159 -78.21 68.56 -38.23
C GLU N 159 -78.97 67.25 -38.44
N GLU N 160 -78.21 66.20 -38.73
CA GLU N 160 -78.79 64.88 -38.96
C GLU N 160 -79.11 64.23 -37.62
N TRP N 161 -80.37 63.84 -37.44
CA TRP N 161 -80.80 63.21 -36.20
C TRP N 161 -80.57 61.70 -36.27
N LYS O 1 -116.18 22.29 -18.42
CA LYS O 1 -115.35 21.39 -17.63
C LYS O 1 -114.39 20.62 -18.53
N ARG O 2 -114.96 19.91 -19.50
CA ARG O 2 -114.14 19.17 -20.45
C ARG O 2 -113.30 20.12 -21.30
N GLU O 3 -113.86 21.26 -21.68
CA GLU O 3 -113.11 22.23 -22.48
C GLU O 3 -111.92 22.77 -21.70
N ARG O 4 -112.11 23.09 -20.42
CA ARG O 4 -111.01 23.60 -19.61
C ARG O 4 -109.91 22.56 -19.45
N MET O 5 -110.29 21.31 -19.19
CA MET O 5 -109.30 20.24 -19.04
C MET O 5 -108.54 20.03 -20.34
N CYS O 6 -109.25 20.03 -21.47
CA CYS O 6 -108.59 19.83 -22.76
C CYS O 6 -107.63 20.98 -23.06
N MET O 7 -108.03 22.22 -22.75
CA MET O 7 -107.15 23.36 -22.99
C MET O 7 -105.94 23.34 -22.06
N LYS O 8 -106.13 22.87 -20.82
CA LYS O 8 -105.02 22.75 -19.89
C LYS O 8 -104.01 21.72 -20.38
N ILE O 9 -104.50 20.59 -20.87
CA ILE O 9 -103.59 19.58 -21.45
C ILE O 9 -102.90 20.14 -22.68
N GLU O 10 -103.64 20.87 -23.52
CA GLU O 10 -103.08 21.41 -24.76
C GLU O 10 -102.01 22.45 -24.47
N ASN O 11 -102.18 23.22 -23.38
CA ASN O 11 -101.16 24.20 -23.03
C ASN O 11 -99.83 23.55 -22.67
N ASP O 12 -99.89 22.44 -21.92
CA ASP O 12 -98.67 21.80 -21.43
C ASP O 12 -98.09 20.77 -22.40
N CYS O 13 -98.81 20.42 -23.47
CA CYS O 13 -98.40 19.32 -24.32
C CYS O 13 -98.34 19.66 -25.80
N ILE O 14 -98.45 20.94 -26.16
CA ILE O 14 -98.39 21.36 -27.56
C ILE O 14 -97.41 22.52 -27.67
N PHE O 15 -96.58 22.48 -28.71
CA PHE O 15 -95.58 23.52 -28.95
C PHE O 15 -95.65 23.93 -30.42
N GLU O 16 -95.62 25.23 -30.67
CA GLU O 16 -95.62 25.72 -32.04
C GLU O 16 -94.26 25.52 -32.68
N VAL O 17 -94.27 25.37 -34.01
CA VAL O 17 -93.06 25.18 -34.80
C VAL O 17 -92.80 26.47 -35.57
N LYS O 18 -91.61 27.04 -35.38
CA LYS O 18 -91.25 28.33 -35.96
C LYS O 18 -90.43 28.09 -37.22
N HIS O 19 -90.84 28.71 -38.32
CA HIS O 19 -90.07 28.65 -39.55
C HIS O 19 -90.24 29.95 -40.32
N GLU O 20 -89.12 30.66 -40.54
CA GLU O 20 -89.12 31.94 -41.23
C GLU O 20 -90.03 32.96 -40.54
N GLY O 21 -90.18 32.83 -39.23
CA GLY O 21 -90.99 33.75 -38.46
C GLY O 21 -92.48 33.52 -38.51
N LYS O 22 -92.94 32.51 -39.24
CA LYS O 22 -94.35 32.20 -39.36
C LYS O 22 -94.61 30.77 -38.92
N VAL O 23 -95.73 30.58 -38.22
CA VAL O 23 -96.06 29.26 -37.68
C VAL O 23 -96.47 28.33 -38.81
N THR O 24 -95.98 27.09 -38.77
CA THR O 24 -96.28 26.14 -39.82
C THR O 24 -97.00 24.91 -39.27
N GLY O 25 -96.73 24.56 -38.02
CA GLY O 25 -97.37 23.41 -37.42
C GLY O 25 -97.09 23.34 -35.94
N TYR O 26 -97.55 22.25 -35.32
CA TYR O 26 -97.43 22.04 -33.89
C TYR O 26 -96.80 20.68 -33.62
N ALA O 27 -95.99 20.61 -32.57
CA ALA O 27 -95.42 19.37 -32.10
C ALA O 27 -95.98 19.05 -30.72
N CYS O 28 -96.56 17.86 -30.58
CA CYS O 28 -97.23 17.46 -29.35
C CYS O 28 -96.49 16.31 -28.70
N LEU O 29 -96.62 16.20 -27.39
CA LEU O 29 -95.95 15.17 -26.59
C LEU O 29 -96.98 14.11 -26.20
N VAL O 30 -96.94 12.97 -26.87
CA VAL O 30 -97.88 11.88 -26.62
C VAL O 30 -97.10 10.70 -26.05
N GLY O 31 -97.57 10.17 -24.93
CA GLY O 31 -96.88 9.07 -24.27
C GLY O 31 -95.48 9.45 -23.86
N ASP O 32 -94.48 8.91 -24.57
CA ASP O 32 -93.08 9.26 -24.33
C ASP O 32 -92.36 9.58 -25.63
N LYS O 33 -93.10 10.02 -26.65
CA LYS O 33 -92.54 10.30 -27.96
C LYS O 33 -92.96 11.67 -28.44
N VAL O 34 -91.99 12.45 -28.90
CA VAL O 34 -92.28 13.72 -29.56
C VAL O 34 -92.94 13.43 -30.91
N MET O 35 -93.94 14.22 -31.25
CA MET O 35 -94.71 14.03 -32.48
C MET O 35 -94.54 15.26 -33.38
N LYS O 36 -94.49 15.01 -34.69
CA LYS O 36 -94.46 16.08 -35.67
C LYS O 36 -94.72 15.47 -37.05
N PRO O 37 -95.65 16.02 -37.82
CA PRO O 37 -95.78 15.59 -39.21
C PRO O 37 -94.51 15.91 -39.99
N ALA O 38 -94.17 15.03 -40.93
CA ALA O 38 -92.92 15.18 -41.65
C ALA O 38 -92.97 16.29 -42.67
N HIS O 39 -94.08 16.41 -43.41
CA HIS O 39 -94.18 17.40 -44.46
C HIS O 39 -94.12 18.83 -43.93
N VAL O 40 -94.49 19.05 -42.68
CA VAL O 40 -94.37 20.37 -42.07
C VAL O 40 -92.90 20.60 -41.73
N LYS O 41 -92.36 21.72 -42.20
CA LYS O 41 -90.95 22.04 -42.05
C LYS O 41 -90.77 23.21 -41.09
N GLY O 42 -89.75 23.12 -40.25
CA GLY O 42 -89.45 24.17 -39.31
C GLY O 42 -88.62 23.64 -38.15
N VAL O 43 -88.65 24.38 -37.05
CA VAL O 43 -87.94 24.01 -35.83
C VAL O 43 -88.87 24.26 -34.65
N ILE O 44 -88.78 23.38 -33.65
CA ILE O 44 -89.63 23.49 -32.48
C ILE O 44 -89.23 24.72 -31.67
N ASP O 45 -90.23 25.50 -31.25
CA ASP O 45 -90.00 26.68 -30.42
C ASP O 45 -89.71 26.26 -28.98
N ASN O 46 -88.62 25.50 -28.84
CA ASN O 46 -88.21 24.99 -27.53
C ASN O 46 -86.77 24.51 -27.63
N ALA O 47 -85.91 25.02 -26.75
CA ALA O 47 -84.49 24.69 -26.83
C ALA O 47 -84.25 23.21 -26.61
N ASP O 48 -84.91 22.62 -25.60
CA ASP O 48 -84.69 21.22 -25.29
C ASP O 48 -85.17 20.32 -26.41
N LEU O 49 -86.35 20.60 -26.97
CA LEU O 49 -86.93 19.72 -27.97
C LEU O 49 -86.26 19.89 -29.32
N ALA O 50 -85.50 20.96 -29.52
CA ALA O 50 -84.89 21.22 -30.81
C ALA O 50 -83.70 20.32 -31.09
N LYS O 51 -83.01 19.83 -30.06
CA LYS O 51 -81.77 19.08 -30.22
C LYS O 51 -81.98 17.57 -30.34
N LEU O 52 -83.22 17.09 -30.23
CA LEU O 52 -83.46 15.66 -30.30
C LEU O 52 -83.27 15.15 -31.72
N ALA O 53 -82.85 13.88 -31.82
CA ALA O 53 -82.69 13.22 -33.11
C ALA O 53 -84.03 12.60 -33.52
N PHE O 54 -84.48 12.94 -34.72
CA PHE O 54 -85.80 12.56 -35.20
C PHE O 54 -85.69 11.40 -36.18
N LYS O 55 -86.55 10.40 -36.01
CA LYS O 55 -86.62 9.27 -36.93
C LYS O 55 -87.75 9.51 -37.92
N LYS O 56 -87.38 9.68 -39.19
CA LYS O 56 -88.32 10.08 -40.23
C LYS O 56 -88.83 8.87 -41.00
N SER O 57 -90.11 8.91 -41.36
CA SER O 57 -90.70 7.85 -42.17
C SER O 57 -91.74 8.49 -43.08
N SER O 58 -91.40 8.63 -44.36
CA SER O 58 -92.28 9.32 -45.29
C SER O 58 -93.49 8.48 -45.68
N LYS O 59 -93.49 7.18 -45.37
CA LYS O 59 -94.67 6.36 -45.66
C LYS O 59 -95.88 6.81 -44.85
N TYR O 60 -95.66 7.18 -43.58
CA TYR O 60 -96.71 7.65 -42.71
C TYR O 60 -96.70 9.16 -42.51
N ASP O 61 -95.72 9.87 -43.06
CA ASP O 61 -95.62 11.32 -42.94
C ASP O 61 -95.58 11.74 -41.46
N LEU O 62 -94.64 11.17 -40.74
CA LEU O 62 -94.50 11.44 -39.31
C LEU O 62 -93.02 11.38 -38.93
N GLU O 63 -92.63 12.25 -37.99
CA GLU O 63 -91.29 12.24 -37.43
C GLU O 63 -91.40 12.18 -35.91
N CYS O 64 -90.73 11.20 -35.31
CA CYS O 64 -90.83 10.98 -33.87
C CYS O 64 -89.46 10.92 -33.24
N ALA O 65 -89.43 11.18 -31.93
CA ALA O 65 -88.20 11.15 -31.15
C ALA O 65 -88.58 10.86 -29.70
N GLN O 66 -87.59 10.44 -28.93
CA GLN O 66 -87.82 10.13 -27.53
C GLN O 66 -87.77 11.41 -26.71
N ILE O 67 -88.79 11.64 -25.90
CA ILE O 67 -88.90 12.88 -25.14
C ILE O 67 -87.83 12.89 -24.06
N PRO O 68 -87.33 14.05 -23.66
CA PRO O 68 -86.37 14.10 -22.55
C PRO O 68 -87.01 13.63 -21.26
N VAL O 69 -86.16 13.35 -20.28
CA VAL O 69 -86.65 12.78 -19.03
C VAL O 69 -87.49 13.78 -18.26
N HIS O 70 -87.10 15.06 -18.28
CA HIS O 70 -87.74 16.05 -17.41
C HIS O 70 -89.03 16.61 -17.97
N MET O 71 -89.44 16.21 -19.18
CA MET O 71 -90.75 16.56 -19.71
C MET O 71 -91.72 15.38 -19.71
N ARG O 72 -91.36 14.27 -19.07
CA ARG O 72 -92.22 13.10 -19.13
C ARG O 72 -93.53 13.30 -18.38
N SER O 73 -93.55 14.13 -17.34
CA SER O 73 -94.77 14.38 -16.58
C SER O 73 -95.69 15.40 -17.24
N ASP O 74 -95.21 16.12 -18.26
CA ASP O 74 -95.99 17.14 -18.94
C ASP O 74 -96.44 16.67 -20.32
N ALA O 75 -96.70 15.38 -20.47
CA ALA O 75 -97.09 14.78 -21.74
C ALA O 75 -98.44 14.10 -21.60
N SER O 76 -99.19 14.07 -22.70
CA SER O 76 -100.53 13.52 -22.69
C SER O 76 -100.48 12.00 -22.55
N LYS O 77 -101.66 11.41 -22.33
CA LYS O 77 -101.82 9.97 -22.36
C LYS O 77 -102.75 9.60 -23.50
N TYR O 78 -102.51 8.42 -24.08
CA TYR O 78 -103.07 8.01 -25.36
C TYR O 78 -104.01 6.82 -25.18
N THR O 79 -104.63 6.42 -26.29
CA THR O 79 -105.46 5.23 -26.35
C THR O 79 -105.58 4.80 -27.80
N HIS O 80 -106.08 3.58 -28.00
CA HIS O 80 -106.25 3.02 -29.33
C HIS O 80 -107.68 2.60 -29.62
N GLU O 81 -108.63 2.96 -28.75
CA GLU O 81 -110.03 2.61 -28.96
C GLU O 81 -110.76 3.79 -29.59
N LYS O 82 -111.54 3.51 -30.62
CA LYS O 82 -112.28 4.52 -31.38
C LYS O 82 -113.73 4.10 -31.54
N PRO O 83 -114.52 4.16 -30.47
CA PRO O 83 -115.95 3.89 -30.62
C PRO O 83 -116.62 4.98 -31.44
N GLU O 84 -117.73 4.62 -32.08
CA GLU O 84 -118.49 5.58 -32.85
C GLU O 84 -119.03 6.68 -31.95
N GLY O 85 -119.10 7.89 -32.50
CA GLY O 85 -119.63 9.02 -31.74
C GLY O 85 -119.00 10.35 -32.08
N HIS O 86 -118.68 11.13 -31.05
CA HIS O 86 -118.08 12.44 -31.24
C HIS O 86 -116.83 12.55 -30.38
N TYR O 87 -115.88 13.38 -30.85
CA TYR O 87 -114.64 13.60 -30.13
C TYR O 87 -114.33 15.09 -30.11
N ASN O 88 -113.58 15.49 -29.10
CA ASN O 88 -113.25 16.89 -28.89
C ASN O 88 -112.07 17.31 -29.77
N TRP O 89 -111.94 18.62 -29.94
CA TRP O 89 -110.85 19.19 -30.72
C TRP O 89 -110.69 20.65 -30.33
N HIS O 90 -109.51 21.20 -30.62
CA HIS O 90 -109.25 22.61 -30.36
C HIS O 90 -110.13 23.53 -31.18
N HIS O 91 -110.61 23.07 -32.33
CA HIS O 91 -111.49 23.86 -33.20
C HIS O 91 -112.94 23.42 -33.12
N GLY O 92 -113.33 22.75 -32.03
CA GLY O 92 -114.70 22.35 -31.86
C GLY O 92 -114.88 20.86 -31.63
N ALA O 93 -115.86 20.26 -32.31
CA ALA O 93 -116.15 18.84 -32.18
C ALA O 93 -116.01 18.17 -33.54
N VAL O 94 -115.51 16.94 -33.54
CA VAL O 94 -115.29 16.18 -34.76
C VAL O 94 -116.20 14.97 -34.75
N GLN O 95 -116.79 14.66 -35.91
CA GLN O 95 -117.70 13.55 -36.06
C GLN O 95 -116.95 12.35 -36.58
N TYR O 96 -116.96 11.26 -35.82
CA TYR O 96 -116.32 10.00 -36.22
C TYR O 96 -117.43 9.03 -36.60
N SER O 97 -117.57 8.77 -37.90
CA SER O 97 -118.60 7.87 -38.40
C SER O 97 -118.03 7.02 -39.53
N GLY O 98 -118.21 5.71 -39.41
CA GLY O 98 -117.77 4.79 -40.45
C GLY O 98 -116.27 4.82 -40.69
N GLY O 99 -115.48 4.95 -39.63
CA GLY O 99 -114.04 5.02 -39.79
C GLY O 99 -113.52 6.31 -40.40
N ARG O 100 -114.31 7.37 -40.36
CA ARG O 100 -113.95 8.65 -40.95
C ARG O 100 -114.00 9.76 -39.91
N PHE O 101 -113.05 10.67 -39.97
CA PHE O 101 -113.06 11.89 -39.17
C PHE O 101 -113.54 13.04 -40.04
N THR O 102 -114.59 13.72 -39.60
CA THR O 102 -115.24 14.75 -40.41
C THR O 102 -115.36 16.04 -39.61
N ILE O 103 -115.11 17.16 -40.28
CA ILE O 103 -115.20 18.48 -39.67
C ILE O 103 -116.56 19.07 -40.03
N PRO O 104 -117.46 19.28 -39.07
CA PRO O 104 -118.81 19.78 -39.41
C PRO O 104 -118.80 21.13 -40.10
N THR O 105 -117.89 22.02 -39.71
CA THR O 105 -117.92 23.38 -40.22
C THR O 105 -116.97 23.62 -41.38
N GLY O 106 -116.02 22.72 -41.60
CA GLY O 106 -114.99 23.02 -42.59
C GLY O 106 -114.15 24.22 -42.19
N ALA O 107 -113.82 24.34 -40.91
CA ALA O 107 -113.11 25.49 -40.37
C ALA O 107 -111.61 25.27 -40.33
N GLY O 108 -111.11 24.16 -40.86
CA GLY O 108 -109.68 23.91 -40.83
C GLY O 108 -108.92 24.94 -41.66
N LYS O 109 -107.73 25.28 -41.21
CA LYS O 109 -106.88 26.25 -41.87
C LYS O 109 -105.47 25.70 -42.02
N PRO O 110 -104.80 25.97 -43.14
CA PRO O 110 -103.42 25.53 -43.29
C PRO O 110 -102.53 26.12 -42.20
N GLY O 111 -101.56 25.33 -41.76
CA GLY O 111 -100.71 25.69 -40.65
C GLY O 111 -101.17 25.13 -39.32
N ASP O 112 -102.34 24.51 -39.26
CA ASP O 112 -102.87 23.91 -38.05
C ASP O 112 -102.57 22.42 -37.96
N SER O 113 -101.74 21.89 -38.85
CA SER O 113 -101.35 20.49 -38.77
C SER O 113 -100.54 20.22 -37.52
N GLY O 114 -100.75 19.06 -36.92
CA GLY O 114 -100.09 18.71 -35.68
C GLY O 114 -100.90 18.92 -34.43
N ARG O 115 -102.19 19.24 -34.56
CA ARG O 115 -103.05 19.41 -33.39
C ARG O 115 -103.75 18.10 -33.09
N PRO O 116 -103.50 17.47 -31.96
CA PRO O 116 -104.12 16.17 -31.69
C PRO O 116 -105.62 16.27 -31.53
N ILE O 117 -106.30 15.18 -31.90
CA ILE O 117 -107.73 15.01 -31.66
C ILE O 117 -107.90 14.21 -30.38
N PHE O 118 -108.65 14.77 -29.42
CA PHE O 118 -108.75 14.20 -28.09
C PHE O 118 -109.95 13.27 -27.96
N ASP O 119 -109.92 12.47 -26.90
CA ASP O 119 -111.01 11.58 -26.54
C ASP O 119 -111.97 12.29 -25.58
N ASN O 120 -112.99 11.57 -25.13
CA ASN O 120 -113.91 12.15 -24.16
C ASN O 120 -113.28 12.22 -22.77
N LYS O 121 -112.28 11.39 -22.50
CA LYS O 121 -111.60 11.38 -21.21
C LYS O 121 -110.30 12.17 -21.25
N GLY O 122 -110.05 12.93 -22.30
CA GLY O 122 -108.84 13.72 -22.41
C GLY O 122 -107.66 12.99 -23.03
N ARG O 123 -107.82 11.72 -23.39
CA ARG O 123 -106.77 10.98 -24.06
C ARG O 123 -106.70 11.35 -25.52
N VAL O 124 -105.50 11.19 -26.10
CA VAL O 124 -105.28 11.46 -27.52
C VAL O 124 -105.65 10.23 -28.32
N VAL O 125 -106.24 10.44 -29.49
CA VAL O 125 -106.65 9.36 -30.39
C VAL O 125 -105.83 9.38 -31.68
N ALA O 126 -105.62 10.56 -32.25
CA ALA O 126 -105.00 10.65 -33.56
C ALA O 126 -104.40 12.03 -33.75
N ILE O 127 -103.60 12.17 -34.80
CA ILE O 127 -102.92 13.42 -35.13
C ILE O 127 -103.29 13.83 -36.54
N VAL O 128 -103.76 15.06 -36.70
CA VAL O 128 -104.29 15.52 -37.98
C VAL O 128 -103.15 15.93 -38.90
N LEU O 129 -103.34 15.71 -40.20
CA LEU O 129 -102.41 16.15 -41.23
C LEU O 129 -103.02 17.16 -42.17
N GLY O 130 -104.17 16.85 -42.76
CA GLY O 130 -104.84 17.75 -43.68
C GLY O 130 -106.29 17.37 -43.84
N GLY O 131 -107.00 18.16 -44.63
CA GLY O 131 -108.43 17.97 -44.78
C GLY O 131 -108.85 18.00 -46.23
N ALA O 132 -109.88 17.23 -46.55
CA ALA O 132 -110.45 17.14 -47.88
C ALA O 132 -111.86 17.72 -47.87
N ASN O 133 -112.12 18.66 -48.77
CA ASN O 133 -113.38 19.38 -48.77
C ASN O 133 -114.45 18.54 -49.45
N GLU O 134 -115.33 17.94 -48.65
CA GLU O 134 -116.47 17.17 -49.16
C GLU O 134 -117.74 17.99 -48.92
N GLY O 135 -118.12 18.77 -49.92
CA GLY O 135 -119.31 19.61 -49.79
C GLY O 135 -119.14 20.59 -48.65
N SER O 136 -120.16 20.65 -47.80
CA SER O 136 -120.12 21.52 -46.63
C SER O 136 -119.24 20.97 -45.52
N ARG O 137 -118.91 19.69 -45.55
CA ARG O 137 -118.05 19.06 -44.56
C ARG O 137 -116.62 19.01 -45.07
N THR O 138 -115.71 18.58 -44.20
CA THR O 138 -114.30 18.44 -44.53
C THR O 138 -113.75 17.23 -43.81
N ALA O 139 -113.54 16.15 -44.55
CA ALA O 139 -112.95 14.94 -43.99
C ALA O 139 -111.49 15.19 -43.64
N LEU O 140 -111.01 14.51 -42.60
CA LEU O 140 -109.67 14.73 -42.08
C LEU O 140 -108.75 13.60 -42.53
N SER O 141 -107.63 13.97 -43.14
CA SER O 141 -106.54 13.03 -43.40
C SER O 141 -105.66 12.99 -42.16
N VAL O 142 -105.74 11.90 -41.41
CA VAL O 142 -105.27 11.85 -40.04
C VAL O 142 -104.43 10.60 -39.85
N VAL O 143 -103.51 10.65 -38.89
CA VAL O 143 -102.63 9.54 -38.54
C VAL O 143 -103.11 8.95 -37.23
N THR O 144 -103.64 7.74 -37.28
CA THR O 144 -104.25 7.09 -36.13
C THR O 144 -103.45 5.85 -35.75
N TRP O 145 -103.91 5.13 -34.73
CA TRP O 145 -103.17 4.01 -34.17
C TRP O 145 -104.04 2.77 -34.07
N ASN O 146 -103.44 1.62 -34.32
CA ASN O 146 -104.00 0.34 -33.87
C ASN O 146 -103.39 -0.01 -32.52
N LYS O 147 -103.54 -1.27 -32.11
CA LYS O 147 -102.97 -1.72 -30.84
C LYS O 147 -101.46 -1.45 -30.77
N ASP O 148 -100.74 -1.76 -31.85
CA ASP O 148 -99.32 -1.47 -31.92
C ASP O 148 -98.88 -0.90 -33.27
N MET O 149 -99.79 -0.71 -34.20
CA MET O 149 -99.46 -0.25 -35.54
C MET O 149 -99.98 1.16 -35.77
N VAL O 150 -99.19 1.96 -36.48
CA VAL O 150 -99.63 3.24 -37.01
C VAL O 150 -100.30 3.00 -38.35
N THR O 151 -101.42 3.65 -38.58
CA THR O 151 -102.07 3.63 -39.87
C THR O 151 -102.37 5.06 -40.29
N ARG O 152 -102.13 5.35 -41.57
CA ARG O 152 -102.37 6.67 -42.13
C ARG O 152 -103.63 6.62 -42.97
N VAL O 153 -104.67 7.32 -42.52
CA VAL O 153 -105.94 7.38 -43.24
C VAL O 153 -105.96 8.66 -44.06
N THR O 154 -106.19 8.53 -45.36
CA THR O 154 -106.19 9.66 -46.27
C THR O 154 -107.38 9.57 -47.21
N PRO O 155 -108.41 10.38 -46.99
CA PRO O 155 -109.52 10.43 -47.95
C PRO O 155 -109.10 11.06 -49.25
N GLU O 156 -109.82 10.71 -50.31
CA GLU O 156 -109.51 11.22 -51.64
C GLU O 156 -109.61 12.73 -51.67
N GLY O 157 -108.64 13.38 -52.30
CA GLY O 157 -108.66 14.82 -52.44
C GLY O 157 -108.14 15.59 -51.26
N SER O 158 -107.49 14.94 -50.31
CA SER O 158 -106.96 15.63 -49.15
C SER O 158 -105.84 16.58 -49.54
N GLU O 159 -105.78 17.71 -48.86
CA GLU O 159 -104.73 18.71 -49.07
C GLU O 159 -103.97 18.84 -47.76
N GLU O 160 -102.64 18.78 -47.84
CA GLU O 160 -101.79 18.81 -46.65
C GLU O 160 -101.78 20.24 -46.10
N TRP O 161 -102.42 20.44 -44.96
CA TRP O 161 -102.44 21.76 -44.33
C TRP O 161 -101.06 22.15 -43.82
N LYS P 1 -108.94 4.97 8.70
CA LYS P 1 -109.31 3.57 8.54
C LYS P 1 -108.29 2.82 7.69
N ARG P 2 -108.29 3.09 6.39
CA ARG P 2 -107.33 2.46 5.48
C ARG P 2 -105.91 2.89 5.83
N GLU P 3 -105.70 4.17 6.11
CA GLU P 3 -104.38 4.65 6.51
C GLU P 3 -103.91 3.99 7.80
N ARG P 4 -104.81 3.89 8.80
CA ARG P 4 -104.43 3.29 10.07
C ARG P 4 -104.08 1.81 9.90
N MET P 5 -104.87 1.08 9.12
CA MET P 5 -104.56 -0.32 8.88
C MET P 5 -103.24 -0.46 8.14
N CYS P 6 -102.99 0.41 7.15
CA CYS P 6 -101.75 0.33 6.39
C CYS P 6 -100.54 0.59 7.28
N MET P 7 -100.63 1.60 8.17
CA MET P 7 -99.48 1.88 9.02
C MET P 7 -99.30 0.81 10.10
N LYS P 8 -100.40 0.20 10.55
CA LYS P 8 -100.26 -0.93 11.48
C LYS P 8 -99.60 -2.12 10.79
N ILE P 9 -99.96 -2.39 9.54
CA ILE P 9 -99.32 -3.47 8.79
C ILE P 9 -97.86 -3.17 8.56
N GLU P 10 -97.54 -1.92 8.23
CA GLU P 10 -96.16 -1.53 8.00
C GLU P 10 -95.31 -1.70 9.26
N ASN P 11 -95.90 -1.40 10.42
CA ASN P 11 -95.16 -1.57 11.67
C ASN P 11 -94.80 -3.03 11.92
N ASP P 12 -95.73 -3.94 11.63
CA ASP P 12 -95.48 -5.35 11.88
C ASP P 12 -94.65 -6.03 10.80
N CYS P 13 -94.46 -5.38 9.65
CA CYS P 13 -93.84 -6.04 8.50
C CYS P 13 -92.72 -5.22 7.90
N ILE P 14 -92.05 -4.40 8.71
CA ILE P 14 -90.86 -3.67 8.25
C ILE P 14 -89.84 -3.69 9.38
N PHE P 15 -88.59 -4.00 9.04
CA PHE P 15 -87.48 -3.96 9.97
C PHE P 15 -86.38 -3.07 9.41
N GLU P 16 -85.90 -2.14 10.22
CA GLU P 16 -84.92 -1.17 9.75
C GLU P 16 -83.55 -1.82 9.58
N VAL P 17 -82.84 -1.40 8.54
CA VAL P 17 -81.48 -1.84 8.27
C VAL P 17 -80.57 -0.64 8.45
N LYS P 18 -79.64 -0.76 9.39
CA LYS P 18 -78.75 0.34 9.76
C LYS P 18 -77.31 0.00 9.44
N HIS P 19 -76.59 0.97 8.88
CA HIS P 19 -75.18 0.84 8.59
C HIS P 19 -74.43 2.00 9.23
N GLU P 20 -73.38 1.68 9.98
CA GLU P 20 -72.58 2.66 10.72
C GLU P 20 -73.45 3.46 11.68
N GLY P 21 -74.53 2.84 12.18
CA GLY P 21 -75.43 3.46 13.12
C GLY P 21 -76.58 4.22 12.52
N LYS P 22 -76.59 4.44 11.21
CA LYS P 22 -77.65 5.18 10.55
C LYS P 22 -78.40 4.26 9.59
N VAL P 23 -79.73 4.41 9.53
CA VAL P 23 -80.55 3.56 8.69
C VAL P 23 -80.32 3.89 7.23
N THR P 24 -80.29 2.84 6.39
CA THR P 24 -80.11 3.01 4.96
C THR P 24 -81.18 2.33 4.11
N GLY P 25 -81.90 1.36 4.66
CA GLY P 25 -82.94 0.68 3.89
C GLY P 25 -83.83 -0.10 4.83
N TYR P 26 -84.85 -0.72 4.24
CA TYR P 26 -85.81 -1.51 5.01
C TYR P 26 -86.03 -2.86 4.34
N ALA P 27 -86.08 -3.90 5.16
CA ALA P 27 -86.40 -5.24 4.69
C ALA P 27 -87.79 -5.61 5.19
N CYS P 28 -88.62 -6.12 4.29
CA CYS P 28 -90.02 -6.36 4.58
C CYS P 28 -90.36 -7.83 4.38
N LEU P 29 -91.36 -8.29 5.12
CA LEU P 29 -91.84 -9.66 4.99
C LEU P 29 -93.06 -9.67 4.09
N VAL P 30 -93.00 -10.42 2.99
CA VAL P 30 -94.11 -10.59 2.09
C VAL P 30 -94.37 -12.08 1.96
N GLY P 31 -95.61 -12.50 2.19
CA GLY P 31 -95.95 -13.91 2.11
C GLY P 31 -95.20 -14.73 3.13
N ASP P 32 -94.21 -15.50 2.68
CA ASP P 32 -93.39 -16.32 3.56
C ASP P 32 -91.91 -16.17 3.22
N LYS P 33 -91.50 -15.01 2.72
CA LYS P 33 -90.12 -14.79 2.33
C LYS P 33 -89.67 -13.41 2.74
N VAL P 34 -88.46 -13.32 3.30
CA VAL P 34 -87.86 -12.03 3.63
C VAL P 34 -87.28 -11.42 2.37
N MET P 35 -87.68 -10.19 2.07
CA MET P 35 -87.24 -9.51 0.86
C MET P 35 -86.55 -8.20 1.23
N LYS P 36 -85.36 -7.98 0.69
CA LYS P 36 -84.63 -6.74 0.86
C LYS P 36 -83.98 -6.37 -0.46
N PRO P 37 -83.94 -5.08 -0.79
CA PRO P 37 -83.16 -4.65 -1.95
C PRO P 37 -81.70 -5.05 -1.79
N ALA P 38 -81.10 -5.49 -2.89
CA ALA P 38 -79.71 -5.93 -2.83
C ALA P 38 -78.74 -4.76 -2.78
N HIS P 39 -79.06 -3.65 -3.44
CA HIS P 39 -78.10 -2.56 -3.55
C HIS P 39 -77.83 -1.89 -2.20
N VAL P 40 -78.82 -1.88 -1.30
CA VAL P 40 -78.59 -1.29 0.01
C VAL P 40 -77.66 -2.18 0.81
N LYS P 41 -76.84 -1.57 1.67
CA LYS P 41 -75.89 -2.29 2.50
C LYS P 41 -76.20 -2.03 3.97
N GLY P 42 -75.98 -3.05 4.77
CA GLY P 42 -76.21 -2.96 6.20
C GLY P 42 -76.69 -4.30 6.74
N VAL P 43 -77.16 -4.26 7.99
CA VAL P 43 -77.65 -5.45 8.67
C VAL P 43 -79.03 -5.15 9.23
N ILE P 44 -79.85 -6.18 9.33
CA ILE P 44 -81.23 -6.05 9.81
C ILE P 44 -81.24 -6.01 11.33
N ASP P 45 -82.02 -5.10 11.90
CA ASP P 45 -82.16 -4.99 13.34
C ASP P 45 -83.07 -6.10 13.89
N ASN P 46 -82.59 -7.34 13.72
CA ASN P 46 -83.32 -8.52 14.20
C ASN P 46 -82.35 -9.68 14.25
N ALA P 47 -82.30 -10.34 15.42
CA ALA P 47 -81.39 -11.47 15.58
C ALA P 47 -81.76 -12.62 14.65
N ASP P 48 -83.05 -12.91 14.53
CA ASP P 48 -83.49 -14.04 13.70
C ASP P 48 -83.28 -13.75 12.22
N LEU P 49 -83.57 -12.52 11.78
CA LEU P 49 -83.46 -12.20 10.36
C LEU P 49 -82.01 -12.05 9.92
N ALA P 50 -81.16 -11.46 10.77
CA ALA P 50 -79.78 -11.21 10.37
C ALA P 50 -78.97 -12.48 10.19
N LYS P 51 -79.39 -13.59 10.78
CA LYS P 51 -78.63 -14.83 10.71
C LYS P 51 -78.99 -15.70 9.52
N LEU P 52 -80.01 -15.34 8.75
CA LEU P 52 -80.44 -16.17 7.65
C LEU P 52 -79.44 -16.10 6.49
N ALA P 53 -79.54 -17.06 5.58
CA ALA P 53 -78.72 -17.09 4.37
C ALA P 53 -79.50 -16.40 3.25
N PHE P 54 -79.03 -15.24 2.83
CA PHE P 54 -79.74 -14.43 1.84
C PHE P 54 -79.28 -14.81 0.43
N LYS P 55 -80.21 -15.31 -0.37
CA LYS P 55 -79.90 -15.60 -1.76
C LYS P 55 -79.72 -14.30 -2.52
N LYS P 56 -78.70 -14.25 -3.38
CA LYS P 56 -78.35 -13.04 -4.11
C LYS P 56 -78.70 -13.16 -5.58
N SER P 57 -79.09 -12.04 -6.18
CA SER P 57 -79.29 -11.95 -7.62
C SER P 57 -79.12 -10.50 -8.03
N SER P 58 -78.20 -10.25 -8.95
CA SER P 58 -77.90 -8.88 -9.37
C SER P 58 -78.84 -8.40 -10.47
N LYS P 59 -79.44 -9.31 -11.23
CA LYS P 59 -80.32 -8.90 -12.32
C LYS P 59 -81.55 -8.17 -11.79
N TYR P 60 -82.15 -8.68 -10.72
CA TYR P 60 -83.33 -8.06 -10.13
C TYR P 60 -83.02 -7.17 -8.94
N ASP P 61 -81.74 -7.08 -8.54
CA ASP P 61 -81.32 -6.23 -7.44
C ASP P 61 -82.09 -6.53 -6.16
N LEU P 62 -82.25 -7.82 -5.88
CA LEU P 62 -83.08 -8.25 -4.77
C LEU P 62 -82.42 -9.38 -4.00
N GLU P 63 -82.59 -9.36 -2.68
CA GLU P 63 -82.16 -10.44 -1.80
C GLU P 63 -83.39 -11.08 -1.20
N CYS P 64 -83.43 -12.40 -1.19
CA CYS P 64 -84.56 -13.14 -0.64
C CYS P 64 -84.08 -14.24 0.29
N ALA P 65 -84.95 -14.60 1.23
CA ALA P 65 -84.67 -15.67 2.17
C ALA P 65 -85.99 -16.19 2.71
N GLN P 66 -85.94 -17.37 3.31
CA GLN P 66 -87.13 -18.00 3.87
C GLN P 66 -87.29 -17.57 5.34
N ILE P 67 -88.49 -17.16 5.71
CA ILE P 67 -88.75 -16.68 7.06
C ILE P 67 -88.88 -17.87 8.01
N PRO P 68 -88.53 -17.70 9.28
CA PRO P 68 -88.76 -18.78 10.25
C PRO P 68 -90.24 -18.92 10.55
N VAL P 69 -90.58 -20.02 11.23
CA VAL P 69 -91.98 -20.38 11.42
C VAL P 69 -92.68 -19.38 12.32
N HIS P 70 -92.00 -18.84 13.32
CA HIS P 70 -92.67 -18.05 14.35
C HIS P 70 -92.91 -16.60 13.93
N MET P 71 -92.51 -16.19 12.74
CA MET P 71 -92.92 -14.92 12.17
C MET P 71 -93.83 -15.07 10.96
N ARG P 72 -94.38 -16.25 10.73
CA ARG P 72 -95.29 -16.41 9.59
C ARG P 72 -96.59 -15.64 9.79
N SER P 73 -97.09 -15.58 11.02
CA SER P 73 -98.31 -14.83 11.30
C SER P 73 -98.08 -13.33 11.29
N ASP P 74 -96.83 -12.89 11.22
CA ASP P 74 -96.49 -11.47 11.21
C ASP P 74 -96.00 -11.02 9.84
N ALA P 75 -96.52 -11.63 8.78
CA ALA P 75 -96.12 -11.33 7.42
C ALA P 75 -97.32 -10.88 6.60
N SER P 76 -97.08 -9.97 5.66
CA SER P 76 -98.15 -9.44 4.83
C SER P 76 -98.67 -10.51 3.87
N LYS P 77 -99.80 -10.21 3.24
CA LYS P 77 -100.38 -11.09 2.24
C LYS P 77 -100.21 -10.46 0.86
N TYR P 78 -99.70 -11.25 -0.08
CA TYR P 78 -99.26 -10.78 -1.38
C TYR P 78 -100.35 -10.92 -2.43
N THR P 79 -100.08 -10.35 -3.60
CA THR P 79 -100.98 -10.46 -4.74
C THR P 79 -100.19 -10.14 -6.00
N HIS P 80 -100.82 -10.40 -7.15
CA HIS P 80 -100.20 -10.15 -8.45
C HIS P 80 -101.04 -9.26 -9.36
N GLU P 81 -102.25 -8.89 -8.96
CA GLU P 81 -103.10 -8.08 -9.81
C GLU P 81 -102.79 -6.60 -9.62
N LYS P 82 -102.69 -5.87 -10.73
CA LYS P 82 -102.32 -4.46 -10.72
C LYS P 82 -103.33 -3.66 -11.55
N PRO P 83 -104.52 -3.41 -11.02
CA PRO P 83 -105.46 -2.54 -11.72
C PRO P 83 -104.98 -1.10 -11.75
N GLU P 84 -105.43 -0.37 -12.76
CA GLU P 84 -105.10 1.05 -12.87
C GLU P 84 -105.79 1.85 -11.76
N GLY P 85 -105.08 2.85 -11.24
CA GLY P 85 -105.67 3.72 -10.24
C GLY P 85 -104.72 4.20 -9.16
N HIS P 86 -105.15 4.14 -7.91
CA HIS P 86 -104.41 4.65 -6.78
C HIS P 86 -104.06 3.53 -5.81
N TYR P 87 -102.87 3.64 -5.22
CA TYR P 87 -102.41 2.68 -4.23
C TYR P 87 -101.81 3.44 -3.05
N ASN P 88 -101.83 2.81 -1.89
CA ASN P 88 -101.32 3.45 -0.69
C ASN P 88 -99.79 3.37 -0.64
N TRP P 89 -99.22 4.21 0.21
CA TRP P 89 -97.77 4.22 0.40
C TRP P 89 -97.49 4.88 1.76
N HIS P 90 -96.26 4.71 2.23
CA HIS P 90 -95.92 5.26 3.54
C HIS P 90 -95.85 6.78 3.52
N HIS P 91 -95.41 7.37 2.41
CA HIS P 91 -95.30 8.81 2.28
C HIS P 91 -96.47 9.41 1.51
N GLY P 92 -97.59 8.71 1.43
CA GLY P 92 -98.76 9.25 0.76
C GLY P 92 -99.50 8.22 -0.06
N ALA P 93 -99.98 8.62 -1.23
CA ALA P 93 -100.69 7.74 -2.14
C ALA P 93 -99.97 7.74 -3.48
N VAL P 94 -99.82 6.56 -4.06
CA VAL P 94 -99.10 6.40 -5.32
C VAL P 94 -100.11 6.14 -6.42
N GLN P 95 -99.77 6.59 -7.63
CA GLN P 95 -100.65 6.54 -8.78
C GLN P 95 -100.08 5.55 -9.80
N TYR P 96 -100.92 4.65 -10.27
CA TYR P 96 -100.56 3.68 -11.28
C TYR P 96 -101.25 4.07 -12.59
N SER P 97 -100.46 4.54 -13.56
CA SER P 97 -100.98 5.02 -14.83
C SER P 97 -100.04 4.63 -15.94
N GLY P 98 -100.53 3.83 -16.88
CA GLY P 98 -99.73 3.45 -18.03
C GLY P 98 -98.52 2.60 -17.70
N GLY P 99 -98.70 1.59 -16.85
CA GLY P 99 -97.60 0.70 -16.54
C GLY P 99 -96.49 1.30 -15.73
N ARG P 100 -96.74 2.41 -15.05
CA ARG P 100 -95.73 3.12 -14.29
C ARG P 100 -96.25 3.42 -12.89
N PHE P 101 -95.35 3.43 -11.91
CA PHE P 101 -95.66 3.89 -10.57
C PHE P 101 -95.02 5.25 -10.39
N THR P 102 -95.84 6.26 -10.09
CA THR P 102 -95.38 7.63 -9.99
C THR P 102 -95.76 8.22 -8.65
N ILE P 103 -94.94 9.15 -8.18
CA ILE P 103 -95.12 9.80 -6.89
C ILE P 103 -95.71 11.19 -7.15
N PRO P 104 -96.97 11.44 -6.75
CA PRO P 104 -97.52 12.79 -6.93
C PRO P 104 -96.73 13.86 -6.21
N THR P 105 -96.17 13.57 -5.03
CA THR P 105 -95.47 14.58 -4.26
C THR P 105 -94.07 14.87 -4.81
N GLY P 106 -93.41 13.88 -5.38
CA GLY P 106 -92.02 14.08 -5.77
C GLY P 106 -91.11 14.35 -4.58
N ALA P 107 -91.43 13.79 -3.42
CA ALA P 107 -90.67 13.97 -2.20
C ALA P 107 -89.80 12.77 -1.87
N GLY P 108 -89.57 11.88 -2.83
CA GLY P 108 -88.71 10.73 -2.62
C GLY P 108 -87.31 11.10 -2.19
N LYS P 109 -86.82 10.42 -1.16
CA LYS P 109 -85.52 10.73 -0.57
C LYS P 109 -84.72 9.45 -0.41
N PRO P 110 -83.40 9.52 -0.53
CA PRO P 110 -82.57 8.35 -0.27
C PRO P 110 -82.78 7.83 1.14
N GLY P 111 -82.81 6.51 1.28
CA GLY P 111 -83.06 5.86 2.54
C GLY P 111 -84.45 5.28 2.71
N ASP P 112 -85.34 5.48 1.73
CA ASP P 112 -86.69 4.92 1.79
C ASP P 112 -86.82 3.64 0.98
N SER P 113 -85.71 3.09 0.49
CA SER P 113 -85.76 1.92 -0.38
C SER P 113 -86.21 0.69 0.40
N GLY P 114 -87.01 -0.15 -0.26
CA GLY P 114 -87.50 -1.37 0.33
C GLY P 114 -88.89 -1.29 0.93
N ARG P 115 -89.47 -0.11 1.04
CA ARG P 115 -90.82 0.00 1.60
C ARG P 115 -91.85 -0.55 0.63
N PRO P 116 -92.69 -1.49 1.03
CA PRO P 116 -93.69 -2.04 0.11
C PRO P 116 -94.68 -0.99 -0.35
N ILE P 117 -95.21 -1.20 -1.54
CA ILE P 117 -96.31 -0.40 -2.07
C ILE P 117 -97.60 -1.20 -1.90
N PHE P 118 -98.56 -0.62 -1.19
CA PHE P 118 -99.71 -1.34 -0.69
C PHE P 118 -100.94 -1.14 -1.58
N ASP P 119 -101.85 -2.10 -1.51
CA ASP P 119 -103.07 -2.11 -2.28
C ASP P 119 -104.23 -1.58 -1.42
N ASN P 120 -105.44 -1.58 -2.00
CA ASN P 120 -106.61 -1.12 -1.27
C ASN P 120 -106.92 -2.02 -0.08
N LYS P 121 -106.83 -3.33 -0.26
CA LYS P 121 -107.15 -4.28 0.79
C LYS P 121 -105.95 -4.60 1.68
N GLY P 122 -104.88 -3.82 1.60
CA GLY P 122 -103.68 -4.08 2.37
C GLY P 122 -102.69 -5.03 1.73
N ARG P 123 -103.01 -5.57 0.57
CA ARG P 123 -102.08 -6.45 -0.13
C ARG P 123 -100.89 -5.66 -0.64
N VAL P 124 -99.76 -6.35 -0.78
CA VAL P 124 -98.53 -5.75 -1.27
C VAL P 124 -98.44 -5.96 -2.77
N VAL P 125 -98.08 -4.91 -3.49
CA VAL P 125 -98.05 -4.93 -4.95
C VAL P 125 -96.62 -5.01 -5.46
N ALA P 126 -95.73 -4.16 -4.97
CA ALA P 126 -94.37 -4.07 -5.48
C ALA P 126 -93.45 -3.69 -4.33
N ILE P 127 -92.20 -3.40 -4.66
CA ILE P 127 -91.19 -2.98 -3.69
C ILE P 127 -90.41 -1.82 -4.29
N VAL P 128 -90.18 -0.79 -3.50
CA VAL P 128 -89.54 0.42 -4.00
C VAL P 128 -88.03 0.28 -3.94
N LEU P 129 -87.37 0.57 -5.05
CA LEU P 129 -85.91 0.64 -5.11
C LEU P 129 -85.41 2.06 -5.31
N GLY P 130 -85.90 2.76 -6.32
CA GLY P 130 -85.50 4.12 -6.59
C GLY P 130 -86.48 4.77 -7.55
N GLY P 131 -86.22 6.05 -7.85
CA GLY P 131 -87.09 6.81 -8.71
C GLY P 131 -86.31 7.75 -9.60
N ALA P 132 -86.99 8.23 -10.63
CA ALA P 132 -86.41 9.15 -11.60
C ALA P 132 -87.18 10.46 -11.60
N ASN P 133 -86.46 11.57 -11.54
CA ASN P 133 -87.06 12.89 -11.41
C ASN P 133 -87.74 13.27 -12.72
N GLU P 134 -89.08 13.22 -12.73
CA GLU P 134 -89.86 13.67 -13.88
C GLU P 134 -90.40 15.07 -13.61
N GLY P 135 -89.47 16.00 -13.40
CA GLY P 135 -89.84 17.36 -13.07
C GLY P 135 -90.58 17.45 -11.75
N SER P 136 -91.89 17.71 -11.81
CA SER P 136 -92.72 17.78 -10.62
C SER P 136 -93.13 16.40 -10.09
N ARG P 137 -92.97 15.36 -10.90
CA ARG P 137 -93.30 13.99 -10.50
C ARG P 137 -92.02 13.16 -10.52
N THR P 138 -92.13 11.91 -10.05
CA THR P 138 -91.02 10.97 -10.09
C THR P 138 -91.57 9.60 -10.46
N ALA P 139 -91.00 8.99 -11.49
CA ALA P 139 -91.33 7.63 -11.87
C ALA P 139 -90.50 6.65 -11.04
N LEU P 140 -91.17 5.70 -10.41
CA LEU P 140 -90.54 4.78 -9.48
C LEU P 140 -89.95 3.59 -10.22
N SER P 141 -88.74 3.18 -9.83
CA SER P 141 -88.16 1.94 -10.31
C SER P 141 -88.44 0.87 -9.25
N VAL P 142 -89.43 0.01 -9.53
CA VAL P 142 -89.96 -0.90 -8.53
C VAL P 142 -89.86 -2.33 -9.05
N VAL P 143 -89.90 -3.27 -8.11
CA VAL P 143 -89.84 -4.69 -8.40
C VAL P 143 -91.22 -5.27 -8.07
N THR P 144 -91.86 -5.85 -9.08
CA THR P 144 -93.19 -6.41 -8.92
C THR P 144 -93.13 -7.92 -9.14
N TRP P 145 -94.29 -8.56 -9.05
CA TRP P 145 -94.42 -9.97 -9.32
C TRP P 145 -95.48 -10.20 -10.38
N ASN P 146 -95.22 -11.13 -11.29
CA ASN P 146 -96.23 -11.61 -12.21
C ASN P 146 -97.01 -12.72 -11.50
N LYS P 147 -97.74 -13.51 -12.28
CA LYS P 147 -98.42 -14.68 -11.71
C LYS P 147 -97.41 -15.60 -11.02
N ASP P 148 -96.28 -15.87 -11.67
CA ASP P 148 -95.27 -16.75 -11.11
C ASP P 148 -93.86 -16.24 -11.32
N MET P 149 -93.69 -14.99 -11.75
CA MET P 149 -92.40 -14.47 -12.18
C MET P 149 -92.14 -13.13 -11.52
N VAL P 150 -90.86 -12.83 -11.31
CA VAL P 150 -90.42 -11.52 -10.85
C VAL P 150 -90.00 -10.72 -12.07
N THR P 151 -90.33 -9.42 -12.07
CA THR P 151 -89.84 -8.51 -13.09
C THR P 151 -89.35 -7.24 -12.42
N ARG P 152 -88.46 -6.54 -13.10
CA ARG P 152 -87.97 -5.24 -12.63
C ARG P 152 -88.31 -4.18 -13.67
N VAL P 153 -88.94 -3.10 -13.21
CA VAL P 153 -89.32 -1.99 -14.08
C VAL P 153 -88.50 -0.78 -13.65
N THR P 154 -87.61 -0.33 -14.52
CA THR P 154 -86.72 0.79 -14.23
C THR P 154 -86.88 1.87 -15.29
N PRO P 155 -87.54 2.98 -14.96
CA PRO P 155 -87.60 4.10 -15.90
C PRO P 155 -86.24 4.74 -16.08
N GLU P 156 -86.04 5.34 -17.26
CA GLU P 156 -84.76 5.93 -17.61
C GLU P 156 -84.38 7.04 -16.62
N GLY P 157 -83.10 7.11 -16.30
CA GLY P 157 -82.59 8.14 -15.41
C GLY P 157 -82.82 7.91 -13.94
N SER P 158 -83.30 6.73 -13.55
CA SER P 158 -83.62 6.47 -12.15
C SER P 158 -82.35 6.44 -11.31
N GLU P 159 -82.49 6.86 -10.05
CA GLU P 159 -81.41 6.80 -9.08
C GLU P 159 -81.83 5.90 -7.93
N GLU P 160 -80.88 5.09 -7.45
CA GLU P 160 -81.13 4.20 -6.33
C GLU P 160 -81.17 5.03 -5.05
N TRP P 161 -82.20 4.81 -4.23
CA TRP P 161 -82.33 5.55 -2.99
C TRP P 161 -81.72 4.77 -1.82
N MET Q 1 16.85 -45.48 -70.58
CA MET Q 1 15.68 -46.27 -70.23
C MET Q 1 14.79 -46.46 -71.46
N CYS Q 2 15.38 -46.32 -72.64
CA CYS Q 2 14.66 -46.47 -73.89
C CYS Q 2 14.44 -47.95 -74.20
N VAL Q 3 13.51 -48.21 -75.13
CA VAL Q 3 13.17 -49.56 -75.54
C VAL Q 3 13.22 -49.65 -77.06
N LEU Q 4 13.74 -50.77 -77.55
CA LEU Q 4 13.72 -51.10 -78.98
C LEU Q 4 13.15 -52.51 -79.10
N ALA Q 5 11.86 -52.60 -79.41
CA ALA Q 5 11.17 -53.88 -79.55
C ALA Q 5 11.31 -54.72 -78.29
N ASN Q 6 12.44 -55.40 -78.14
CA ASN Q 6 12.68 -56.25 -76.97
C ASN Q 6 14.08 -56.05 -76.44
N ALA Q 7 14.56 -54.80 -76.44
CA ALA Q 7 15.93 -54.50 -76.03
C ALA Q 7 16.00 -53.95 -74.60
N THR Q 8 15.33 -52.84 -74.34
CA THR Q 8 15.30 -52.21 -73.02
C THR Q 8 16.72 -51.90 -72.54
N PHE Q 9 17.35 -50.98 -73.24
CA PHE Q 9 18.70 -50.50 -72.98
C PHE Q 9 18.66 -49.08 -72.42
N PRO Q 10 19.71 -48.62 -71.72
CA PRO Q 10 19.68 -47.24 -71.24
C PRO Q 10 19.95 -46.24 -72.36
N CYS Q 11 19.18 -45.15 -72.33
CA CYS Q 11 19.12 -44.23 -73.46
C CYS Q 11 20.47 -43.58 -73.73
N PHE Q 12 21.30 -43.42 -72.70
CA PHE Q 12 22.59 -42.76 -72.88
C PHE Q 12 23.50 -43.55 -73.80
N GLN Q 13 23.31 -44.86 -73.91
CA GLN Q 13 24.17 -45.73 -74.70
C GLN Q 13 23.31 -46.59 -75.63
N PRO Q 14 22.89 -46.05 -76.76
CA PRO Q 14 22.11 -46.84 -77.71
C PRO Q 14 22.96 -47.93 -78.33
N PRO Q 15 22.35 -49.03 -78.78
CA PRO Q 15 23.14 -50.13 -79.36
C PRO Q 15 23.68 -49.86 -80.75
N CYS Q 16 23.30 -48.75 -81.39
CA CYS Q 16 23.72 -48.46 -82.75
C CYS Q 16 24.99 -47.61 -82.82
N VAL Q 17 25.64 -47.34 -81.70
CA VAL Q 17 26.83 -46.48 -81.69
C VAL Q 17 27.91 -47.12 -82.53
N PRO Q 18 28.60 -46.36 -83.41
CA PRO Q 18 28.39 -44.94 -83.70
C PRO Q 18 27.66 -44.69 -85.01
N CYS Q 19 27.38 -43.42 -85.32
CA CYS Q 19 26.74 -43.01 -86.56
C CYS Q 19 25.46 -43.80 -86.81
N CYS Q 20 24.51 -43.66 -85.87
CA CYS Q 20 23.23 -44.37 -86.02
C CYS Q 20 22.49 -43.90 -87.27
N TYR Q 21 22.53 -42.59 -87.54
CA TYR Q 21 21.79 -42.07 -88.69
C TYR Q 21 22.45 -42.48 -90.00
N GLU Q 22 23.77 -42.32 -90.10
CA GLU Q 22 24.45 -42.60 -91.35
C GLU Q 22 24.36 -44.07 -91.74
N ASN Q 23 24.51 -44.97 -90.76
CA ASN Q 23 24.44 -46.39 -91.06
C ASN Q 23 23.05 -46.80 -91.54
N ASN Q 24 22.00 -46.27 -90.90
CA ASN Q 24 20.62 -46.55 -91.31
C ASN Q 24 19.77 -45.37 -90.86
N ALA Q 25 19.38 -44.53 -91.83
CA ALA Q 25 18.57 -43.36 -91.50
C ALA Q 25 17.16 -43.78 -91.08
N GLU Q 26 16.51 -44.62 -91.89
CA GLU Q 26 15.11 -44.96 -91.61
C GLU Q 26 14.98 -45.65 -90.26
N ALA Q 27 15.88 -46.59 -89.96
CA ALA Q 27 15.86 -47.24 -88.66
C ALA Q 27 16.09 -46.25 -87.53
N THR Q 28 16.98 -45.28 -87.76
CA THR Q 28 17.23 -44.25 -86.75
C THR Q 28 15.97 -43.48 -86.43
N LEU Q 29 15.25 -43.04 -87.46
CA LEU Q 29 14.02 -42.28 -87.23
C LEU Q 29 12.95 -43.15 -86.59
N ARG Q 30 12.71 -44.35 -87.11
CA ARG Q 30 11.67 -45.20 -86.52
C ARG Q 30 12.00 -45.61 -85.09
N MET Q 31 13.29 -45.62 -84.72
CA MET Q 31 13.65 -45.85 -83.33
C MET Q 31 13.19 -44.71 -82.43
N LEU Q 32 13.42 -43.47 -82.86
CA LEU Q 32 13.10 -42.33 -82.02
C LEU Q 32 11.59 -42.12 -81.92
N GLU Q 33 10.84 -42.47 -82.96
CA GLU Q 33 9.40 -42.26 -82.95
C GLU Q 33 8.72 -43.13 -81.91
N ASP Q 34 9.36 -44.25 -81.53
CA ASP Q 34 8.81 -45.13 -80.51
C ASP Q 34 9.13 -44.68 -79.10
N ASN Q 35 9.96 -43.66 -78.93
CA ASN Q 35 10.36 -43.19 -77.61
C ASN Q 35 9.94 -41.74 -77.35
N VAL Q 36 8.92 -41.25 -78.04
CA VAL Q 36 8.48 -39.88 -77.83
C VAL Q 36 7.91 -39.70 -76.44
N ASP Q 37 7.25 -40.73 -75.91
CA ASP Q 37 6.64 -40.63 -74.59
C ASP Q 37 7.63 -40.89 -73.47
N ARG Q 38 8.82 -41.41 -73.77
CA ARG Q 38 9.78 -41.71 -72.72
C ARG Q 38 10.41 -40.40 -72.21
N PRO Q 39 10.62 -40.28 -70.90
CA PRO Q 39 11.33 -39.09 -70.39
C PRO Q 39 12.77 -39.00 -70.85
N GLY Q 40 13.38 -40.11 -71.27
CA GLY Q 40 14.77 -40.08 -71.68
C GLY Q 40 14.94 -39.92 -73.18
N TYR Q 41 13.94 -39.34 -73.84
CA TYR Q 41 13.98 -39.21 -75.29
C TYR Q 41 15.15 -38.34 -75.74
N TYR Q 42 15.35 -37.20 -75.09
CA TYR Q 42 16.33 -36.24 -75.58
C TYR Q 42 17.75 -36.75 -75.44
N ASP Q 43 18.03 -37.57 -74.43
CA ASP Q 43 19.33 -38.21 -74.33
C ASP Q 43 19.55 -39.14 -75.51
N LEU Q 44 18.51 -39.87 -75.91
CA LEU Q 44 18.59 -40.76 -77.06
C LEU Q 44 18.86 -39.99 -78.35
N LEU Q 45 18.20 -38.84 -78.50
CA LEU Q 45 18.44 -37.99 -79.67
C LEU Q 45 19.86 -37.49 -79.69
N GLN Q 46 20.39 -37.11 -78.52
CA GLN Q 46 21.75 -36.60 -78.42
C GLN Q 46 22.78 -37.62 -78.85
N ALA Q 47 22.48 -38.92 -78.74
CA ALA Q 47 23.41 -39.96 -79.12
C ALA Q 47 23.15 -40.53 -80.51
N ALA Q 48 21.92 -40.45 -81.00
CA ALA Q 48 21.60 -41.06 -82.28
C ALA Q 48 22.13 -40.27 -83.47
N LEU Q 49 22.31 -38.95 -83.31
CA LEU Q 49 22.73 -38.09 -84.40
C LEU Q 49 24.07 -37.43 -84.10
N THR Q 50 24.94 -38.14 -83.39
CA THR Q 50 26.24 -37.59 -82.98
C THR Q 50 27.32 -38.61 -83.31
N CYS Q 51 28.16 -38.29 -84.29
CA CYS Q 51 29.33 -39.12 -84.58
C CYS Q 51 30.29 -38.33 -85.45
N ARG Q 52 31.58 -38.51 -85.20
CA ARG Q 52 32.64 -37.80 -85.90
C ARG Q 52 33.40 -38.69 -86.86
N TYR R 1 -1.21 -54.06 43.19
CA TYR R 1 -2.20 -53.27 43.90
C TYR R 1 -1.70 -51.85 44.18
N GLU R 2 -2.18 -50.89 43.39
CA GLU R 2 -1.77 -49.51 43.52
C GLU R 2 -2.22 -48.92 44.85
N HIS R 3 -1.39 -48.03 45.41
CA HIS R 3 -1.74 -47.39 46.66
C HIS R 3 -1.03 -46.04 46.74
N SER R 4 -1.55 -45.16 47.60
CA SER R 4 -0.99 -43.83 47.76
C SER R 4 -1.18 -43.37 49.20
N THR R 5 -0.26 -42.53 49.65
CA THR R 5 -0.29 -42.04 51.02
C THR R 5 0.51 -40.75 51.11
N VAL R 6 0.43 -40.10 52.25
CA VAL R 6 1.13 -38.84 52.51
C VAL R 6 1.87 -38.97 53.83
N MET R 7 3.19 -38.72 53.80
CA MET R 7 3.98 -38.94 55.00
C MET R 7 4.70 -37.66 55.41
N PRO R 8 4.82 -37.41 56.71
CA PRO R 8 5.48 -36.19 57.17
C PRO R 8 6.94 -36.16 56.82
N ASN R 9 7.46 -34.95 56.60
CA ASN R 9 8.87 -34.75 56.30
C ASN R 9 9.61 -34.37 57.57
N VAL R 10 9.64 -35.32 58.50
CA VAL R 10 10.36 -35.18 59.75
C VAL R 10 11.29 -36.37 59.90
N VAL R 11 12.55 -36.10 60.24
CA VAL R 11 13.56 -37.16 60.29
C VAL R 11 13.34 -38.02 61.52
N GLY R 12 13.25 -39.32 61.32
CA GLY R 12 13.12 -40.27 62.40
C GLY R 12 11.69 -40.61 62.79
N PHE R 13 10.69 -39.94 62.24
CA PHE R 13 9.31 -40.18 62.62
C PHE R 13 8.83 -41.48 62.00
N PRO R 14 8.39 -42.46 62.79
CA PRO R 14 8.08 -43.78 62.25
C PRO R 14 6.73 -43.86 61.57
N TYR R 15 6.62 -43.41 60.33
CA TYR R 15 5.32 -43.46 59.66
C TYR R 15 4.94 -44.90 59.35
N LYS R 16 3.66 -45.23 59.58
CA LYS R 16 3.14 -46.57 59.33
C LYS R 16 1.91 -46.46 58.43
N ALA R 17 1.95 -47.17 57.30
CA ALA R 17 0.87 -47.15 56.33
C ALA R 17 0.13 -48.47 56.37
N HIS R 18 -1.20 -48.41 56.29
CA HIS R 18 -2.05 -49.58 56.44
C HIS R 18 -2.75 -49.85 55.12
N ILE R 19 -2.55 -51.05 54.57
CA ILE R 19 -3.05 -51.41 53.26
C ILE R 19 -4.10 -52.50 53.45
N GLU R 20 -5.28 -52.30 52.90
CA GLU R 20 -6.43 -53.18 53.11
C GLU R 20 -6.94 -53.70 51.77
N ARG R 21 -6.36 -54.77 51.29
CA ARG R 21 -6.85 -55.44 50.09
C ARG R 21 -8.06 -56.29 50.45
N PRO R 22 -9.15 -56.22 49.69
CA PRO R 22 -10.36 -56.96 50.09
C PRO R 22 -10.19 -58.46 50.17
N GLY R 23 -9.38 -59.05 49.31
CA GLY R 23 -9.21 -60.48 49.33
C GLY R 23 -8.08 -61.01 50.18
N TYR R 24 -7.42 -60.15 50.97
CA TYR R 24 -6.24 -60.54 51.71
C TYR R 24 -6.24 -59.87 53.08
N SER R 25 -5.42 -60.40 53.97
CA SER R 25 -5.27 -59.82 55.29
C SER R 25 -4.60 -58.45 55.20
N PRO R 26 -4.92 -57.53 56.11
CA PRO R 26 -4.31 -56.20 56.06
C PRO R 26 -2.80 -56.26 56.25
N LEU R 27 -2.11 -55.32 55.61
CA LEU R 27 -0.65 -55.21 55.69
C LEU R 27 -0.28 -53.84 56.23
N THR R 28 0.80 -53.78 57.01
CA THR R 28 1.29 -52.55 57.61
C THR R 28 2.74 -52.35 57.22
N LEU R 29 3.05 -51.18 56.66
CA LEU R 29 4.42 -50.84 56.30
C LEU R 29 4.98 -49.87 57.33
N GLN R 30 6.30 -49.69 57.30
CA GLN R 30 6.97 -48.68 58.10
C GLN R 30 7.93 -47.94 57.20
N MET R 31 7.78 -46.63 57.11
CA MET R 31 8.67 -45.80 56.31
C MET R 31 9.27 -44.74 57.22
N GLN R 32 10.58 -44.59 57.15
CA GLN R 32 11.29 -43.62 57.98
C GLN R 32 12.22 -42.82 57.10
N VAL R 33 12.27 -41.52 57.33
CA VAL R 33 13.13 -40.62 56.56
C VAL R 33 14.43 -40.50 57.33
N VAL R 34 15.46 -41.23 56.90
CA VAL R 34 16.72 -41.22 57.62
C VAL R 34 17.44 -39.89 57.42
N GLU R 35 17.36 -39.31 56.22
CA GLU R 35 18.19 -38.16 55.89
C GLU R 35 17.65 -37.47 54.65
N THR R 36 17.72 -36.15 54.62
CA THR R 36 17.33 -35.36 53.47
C THR R 36 18.47 -34.44 53.05
N SER R 37 18.28 -33.75 51.93
CA SER R 37 19.30 -32.84 51.43
C SER R 37 18.67 -31.88 50.43
N LEU R 38 18.59 -30.61 50.78
CA LEU R 38 18.02 -29.60 49.89
C LEU R 38 19.15 -28.96 49.08
N GLU R 39 19.20 -29.26 47.80
CA GLU R 39 20.32 -28.91 46.94
C GLU R 39 19.92 -27.78 45.99
N PRO R 40 20.42 -26.56 46.15
CA PRO R 40 20.08 -25.48 45.24
C PRO R 40 20.89 -25.54 43.95
N THR R 41 20.49 -24.70 43.00
CA THR R 41 21.19 -24.55 41.73
C THR R 41 21.95 -23.23 41.74
N LEU R 42 23.23 -23.27 41.40
CA LEU R 42 24.13 -22.15 41.60
C LEU R 42 24.73 -21.69 40.28
N ASN R 43 24.91 -20.38 40.14
CA ASN R 43 25.62 -19.79 39.02
C ASN R 43 26.70 -18.87 39.55
N LEU R 44 27.94 -19.13 39.17
CA LEU R 44 29.05 -18.33 39.68
C LEU R 44 29.04 -16.94 39.07
N GLU R 45 29.19 -15.91 39.90
CA GLU R 45 29.25 -14.54 39.43
C GLU R 45 30.68 -14.01 39.38
N TYR R 46 31.40 -14.05 40.49
CA TYR R 46 32.82 -13.71 40.48
C TYR R 46 33.48 -14.27 41.74
N ILE R 47 34.81 -14.14 41.79
CA ILE R 47 35.64 -14.68 42.85
C ILE R 47 36.49 -13.55 43.41
N THR R 48 36.50 -13.40 44.73
CA THR R 48 37.25 -12.33 45.38
C THR R 48 38.33 -12.92 46.27
N CYS R 49 39.52 -12.33 46.23
CA CYS R 49 40.60 -12.71 47.12
C CYS R 49 41.48 -11.50 47.37
N GLU R 50 42.31 -11.59 48.40
CA GLU R 50 43.16 -10.47 48.77
C GLU R 50 44.07 -10.09 47.62
N TYR R 51 44.32 -8.79 47.46
CA TYR R 51 45.16 -8.33 46.37
C TYR R 51 46.60 -8.20 46.83
N LYS R 52 47.49 -7.93 45.87
CA LYS R 52 48.92 -7.80 46.12
C LYS R 52 49.47 -6.73 45.21
N THR R 53 49.95 -5.64 45.78
CA THR R 53 50.41 -4.49 45.02
C THR R 53 51.84 -4.73 44.56
N VAL R 54 52.11 -4.51 43.28
CA VAL R 54 53.42 -4.71 42.69
C VAL R 54 54.05 -3.35 42.47
N VAL R 55 55.25 -3.14 43.00
CA VAL R 55 55.98 -1.89 42.83
C VAL R 55 57.33 -2.20 42.21
N PRO R 56 57.48 -2.03 40.90
CA PRO R 56 58.79 -2.20 40.28
C PRO R 56 59.75 -1.12 40.75
N SER R 57 61.04 -1.39 40.56
CA SER R 57 62.07 -0.47 41.01
C SER R 57 62.01 0.84 40.21
N PRO R 58 62.30 1.96 40.84
CA PRO R 58 62.26 3.24 40.11
C PRO R 58 63.37 3.33 39.07
N TYR R 59 63.11 4.10 38.03
CA TYR R 59 64.09 4.34 36.97
C TYR R 59 64.52 5.80 37.04
N VAL R 60 65.61 6.06 37.73
CA VAL R 60 66.13 7.42 37.89
C VAL R 60 67.00 7.74 36.68
N LYS R 61 66.57 8.72 35.90
CA LYS R 61 67.27 9.12 34.68
C LYS R 61 68.20 10.27 35.00
N CYS R 62 69.49 10.10 34.71
CA CYS R 62 70.48 11.12 35.03
C CYS R 62 70.69 12.06 33.84
N CYS R 63 70.57 13.36 34.10
CA CYS R 63 70.82 14.40 33.10
C CYS R 63 69.93 14.22 31.88
N GLY R 64 68.62 14.16 32.11
CA GLY R 64 67.67 13.99 31.04
C GLY R 64 66.23 14.05 31.51
N ALA R 65 65.34 13.37 30.80
CA ALA R 65 63.93 13.32 31.17
C ALA R 65 63.31 12.07 30.57
N SER R 66 62.19 11.67 31.15
CA SER R 66 61.47 10.49 30.69
C SER R 66 59.99 10.81 30.62
N GLU R 67 59.27 10.08 29.77
CA GLU R 67 57.85 10.31 29.54
C GLU R 67 57.04 9.14 30.06
N CYS R 68 55.83 9.44 30.54
CA CYS R 68 54.92 8.42 31.01
C CYS R 68 54.42 7.58 29.84
N SER R 69 54.25 6.29 30.09
CA SER R 69 53.71 5.35 29.10
C SER R 69 52.52 4.63 29.70
N THR R 70 51.42 4.60 28.96
CA THR R 70 50.23 3.92 29.43
C THR R 70 50.29 2.42 29.12
N LYS R 71 49.72 1.63 30.01
CA LYS R 71 49.69 0.18 29.86
C LYS R 71 48.33 -0.33 30.33
N GLU R 72 47.99 -1.54 29.87
CA GLU R 72 46.72 -2.17 30.21
C GLU R 72 46.96 -3.15 31.36
N LYS R 73 47.05 -2.61 32.56
CA LYS R 73 47.20 -3.38 33.78
C LYS R 73 46.11 -2.98 34.75
N PRO R 74 45.69 -3.89 35.63
CA PRO R 74 44.61 -3.55 36.57
C PRO R 74 45.03 -2.44 37.53
N ASP R 75 44.31 -1.32 37.46
CA ASP R 75 44.52 -0.18 38.36
C ASP R 75 45.96 0.35 38.25
N TYR R 76 46.47 0.41 37.04
CA TYR R 76 47.82 0.86 36.77
C TYR R 76 47.97 2.35 37.10
N GLN R 77 49.17 2.74 37.52
CA GLN R 77 49.48 4.12 37.85
C GLN R 77 50.91 4.42 37.46
N CYS R 78 51.14 5.59 36.86
CA CYS R 78 52.48 5.98 36.43
C CYS R 78 52.60 7.49 36.43
N LYS R 79 53.74 7.98 36.90
CA LYS R 79 53.99 9.42 36.96
C LYS R 79 55.49 9.68 36.84
N VAL R 80 55.83 10.90 36.44
CA VAL R 80 57.23 11.32 36.31
C VAL R 80 57.44 12.57 37.14
N TYR R 81 58.47 12.55 37.98
CA TYR R 81 58.82 13.67 38.84
C TYR R 81 60.06 14.36 38.33
N THR R 82 60.21 15.63 38.66
CA THR R 82 61.31 16.44 38.15
C THR R 82 62.12 17.00 39.30
N GLY R 83 63.44 17.00 39.14
CA GLY R 83 64.33 17.62 40.11
C GLY R 83 64.81 16.72 41.22
N VAL R 84 64.84 15.42 41.00
CA VAL R 84 65.30 14.48 42.03
C VAL R 84 66.81 14.43 42.04
N TYR R 85 67.39 14.31 43.24
CA TYR R 85 68.83 14.19 43.43
C TYR R 85 69.09 13.05 44.41
N PRO R 86 68.98 11.80 43.97
CA PRO R 86 69.00 10.67 44.89
C PRO R 86 70.37 10.45 45.50
N PHE R 87 70.39 9.64 46.55
CA PHE R 87 71.62 9.30 47.25
C PHE R 87 71.67 7.79 47.47
N MET R 88 72.88 7.26 47.51
CA MET R 88 73.12 5.85 47.81
C MET R 88 74.21 5.77 48.88
N TRP R 89 74.56 4.55 49.28
CA TRP R 89 75.49 4.38 50.39
C TRP R 89 76.86 4.97 50.04
N GLY R 90 77.33 4.74 48.82
CA GLY R 90 78.65 5.23 48.46
C GLY R 90 78.70 6.71 48.13
N GLY R 91 77.57 7.30 47.81
CA GLY R 91 77.54 8.69 47.37
C GLY R 91 76.23 8.98 46.66
N ALA R 92 76.25 10.04 45.87
CA ALA R 92 75.06 10.50 45.17
C ALA R 92 75.35 10.52 43.69
N TYR R 93 74.65 9.68 42.93
CA TYR R 93 74.86 9.67 41.48
C TYR R 93 73.88 10.64 40.84
N CYS R 94 73.76 10.58 39.51
CA CYS R 94 73.13 11.64 38.73
C CYS R 94 73.88 12.96 38.94
N PHE R 95 75.08 12.99 38.34
CA PHE R 95 76.00 14.13 38.38
C PHE R 95 75.31 15.48 38.26
N CYS R 96 74.33 15.59 37.36
CA CYS R 96 73.59 16.84 37.24
C CYS R 96 72.81 17.13 38.52
N ASP R 97 72.88 18.37 38.99
CA ASP R 97 72.33 18.68 40.30
C ASP R 97 70.81 18.68 40.30
N SER R 98 70.18 19.17 39.24
CA SER R 98 68.74 19.39 39.29
C SER R 98 67.97 18.79 38.10
N GLU R 99 68.64 18.60 36.97
CA GLU R 99 67.95 18.14 35.77
C GLU R 99 67.94 16.61 35.67
N ASN R 100 67.24 16.00 36.63
CA ASN R 100 67.03 14.56 36.67
C ASN R 100 65.55 14.28 36.88
N THR R 101 65.12 13.08 36.48
CA THR R 101 63.74 12.67 36.67
C THR R 101 63.71 11.25 37.20
N GLN R 102 62.65 10.95 37.96
CA GLN R 102 62.41 9.62 38.50
C GLN R 102 61.02 9.19 38.07
N LEU R 103 60.90 7.95 37.62
CA LEU R 103 59.63 7.44 37.10
C LEU R 103 59.08 6.40 38.07
N SER R 104 57.91 6.68 38.65
CA SER R 104 57.28 5.80 39.60
C SER R 104 56.19 4.99 38.91
N GLU R 105 56.06 3.72 39.28
CA GLU R 105 55.13 2.83 38.63
C GLU R 105 54.63 1.80 39.64
N ALA R 106 53.35 1.46 39.53
CA ALA R 106 52.76 0.47 40.42
C ALA R 106 51.43 0.03 39.85
N TYR R 107 51.03 -1.18 40.22
CA TYR R 107 49.73 -1.71 39.78
C TYR R 107 49.35 -2.85 40.72
N VAL R 108 48.12 -3.33 40.57
CA VAL R 108 47.56 -4.35 41.44
C VAL R 108 47.57 -5.67 40.69
N ASP R 109 47.58 -6.76 41.46
CA ASP R 109 47.45 -8.09 40.87
C ASP R 109 46.86 -9.04 41.90
N ARG R 110 46.26 -10.10 41.40
CA ARG R 110 45.69 -11.13 42.25
C ARG R 110 46.78 -11.81 43.06
N SER R 111 46.45 -12.19 44.30
CA SER R 111 47.47 -12.69 45.20
C SER R 111 47.99 -14.05 44.76
N ASP R 112 49.05 -14.50 45.44
CA ASP R 112 49.69 -15.77 45.11
C ASP R 112 48.88 -16.97 45.58
N VAL R 113 48.20 -16.85 46.71
CA VAL R 113 47.47 -17.96 47.30
C VAL R 113 45.96 -17.84 47.02
N CYS R 114 45.58 -17.09 46.00
CA CYS R 114 44.17 -16.88 45.71
C CYS R 114 43.45 -18.18 45.37
N ARG R 115 44.16 -19.19 44.91
CA ARG R 115 43.52 -20.46 44.58
C ARG R 115 43.15 -21.27 45.80
N HIS R 116 43.67 -20.92 46.97
CA HIS R 116 43.44 -21.70 48.18
C HIS R 116 42.55 -21.00 49.19
N ASP R 117 42.36 -19.69 49.05
CA ASP R 117 41.63 -18.89 50.04
C ASP R 117 40.93 -17.76 49.28
N HIS R 118 39.68 -18.01 48.88
CA HIS R 118 38.89 -17.04 48.17
C HIS R 118 37.42 -17.24 48.51
N ALA R 119 36.62 -16.20 48.30
CA ALA R 119 35.20 -16.24 48.55
C ALA R 119 34.44 -16.19 47.23
N SER R 120 33.44 -17.05 47.09
CA SER R 120 32.68 -17.17 45.86
C SER R 120 31.33 -16.49 46.04
N ALA R 121 30.90 -15.77 45.01
CA ALA R 121 29.61 -15.08 45.02
C ALA R 121 28.70 -15.75 44.00
N TYR R 122 27.58 -16.27 44.47
CA TYR R 122 26.70 -17.11 43.66
C TYR R 122 25.33 -16.49 43.50
N LYS R 123 24.51 -17.14 42.68
CA LYS R 123 23.06 -16.92 42.63
C LYS R 123 22.38 -18.27 42.81
N ALA R 124 21.46 -18.34 43.76
CA ALA R 124 20.85 -19.61 44.13
C ALA R 124 19.36 -19.60 43.82
N HIS R 125 18.88 -20.63 43.13
CA HIS R 125 17.48 -20.72 42.78
C HIS R 125 17.11 -22.16 42.45
N THR R 126 15.83 -22.47 42.63
CA THR R 126 15.23 -23.74 42.23
C THR R 126 15.93 -24.93 42.88
N ALA R 127 15.70 -25.05 44.19
CA ALA R 127 16.28 -26.12 44.98
C ALA R 127 15.72 -27.47 44.54
N SER R 128 16.54 -28.51 44.70
CA SER R 128 16.17 -29.89 44.39
C SER R 128 16.35 -30.75 45.62
N LEU R 129 15.31 -31.46 46.03
CA LEU R 129 15.32 -32.22 47.28
C LEU R 129 15.68 -33.67 46.99
N LYS R 130 16.60 -34.20 47.77
CA LYS R 130 17.04 -35.59 47.67
C LYS R 130 17.02 -36.20 49.06
N ALA R 131 16.55 -37.43 49.17
CA ALA R 131 16.31 -38.03 50.47
C ALA R 131 16.81 -39.47 50.49
N LYS R 132 16.95 -40.00 51.70
CA LYS R 132 17.36 -41.37 51.93
C LYS R 132 16.36 -42.02 52.89
N VAL R 133 15.58 -42.98 52.39
CA VAL R 133 14.43 -43.50 53.10
C VAL R 133 14.67 -44.96 53.44
N ARG R 134 14.17 -45.39 54.60
CA ARG R 134 14.23 -46.78 55.03
C ARG R 134 12.84 -47.38 55.01
N VAL R 135 12.67 -48.48 54.28
CA VAL R 135 11.37 -49.11 54.09
C VAL R 135 11.44 -50.51 54.65
N MET R 136 10.52 -50.84 55.56
CA MET R 136 10.51 -52.14 56.19
C MET R 136 9.07 -52.62 56.35
N TYR R 137 8.81 -53.84 55.88
CA TYR R 137 7.52 -54.48 56.02
C TYR R 137 7.73 -55.97 55.88
N GLY R 138 6.77 -56.75 56.38
CA GLY R 138 6.88 -58.19 56.25
C GLY R 138 8.17 -58.69 56.88
N ASN R 139 9.10 -59.10 56.03
CA ASN R 139 10.44 -59.47 56.49
C ASN R 139 11.54 -58.77 55.72
N VAL R 140 11.21 -57.74 54.94
CA VAL R 140 12.21 -57.04 54.13
C VAL R 140 12.58 -55.72 54.81
N ASN R 141 13.88 -55.55 55.04
CA ASN R 141 14.48 -54.29 55.47
C ASN R 141 14.91 -53.52 54.22
N GLN R 142 15.84 -52.57 54.38
CA GLN R 142 16.64 -51.87 53.36
C GLN R 142 16.39 -50.38 53.34
N THR R 143 17.45 -49.64 52.99
CA THR R 143 17.45 -48.19 52.89
C THR R 143 17.87 -47.81 51.48
N VAL R 144 17.15 -46.87 50.87
CA VAL R 144 17.39 -46.47 49.50
C VAL R 144 17.58 -44.97 49.42
N ASP R 145 18.15 -44.52 48.31
CA ASP R 145 18.36 -43.10 48.03
C ASP R 145 17.42 -42.69 46.92
N VAL R 146 16.50 -41.77 47.21
CA VAL R 146 15.42 -41.41 46.31
C VAL R 146 15.42 -39.91 46.12
N TYR R 147 15.35 -39.47 44.87
CA TYR R 147 15.05 -38.07 44.59
C TYR R 147 13.59 -37.81 44.90
N VAL R 148 13.32 -36.78 45.70
CA VAL R 148 11.94 -36.46 46.08
C VAL R 148 11.42 -35.49 45.02
N ASN R 149 10.95 -36.07 43.92
CA ASN R 149 10.15 -35.40 42.93
C ASN R 149 9.39 -36.47 42.18
N GLY R 150 8.32 -36.08 41.50
CA GLY R 150 7.39 -37.08 41.01
C GLY R 150 7.87 -37.98 39.91
N ASP R 151 9.18 -37.99 39.62
CA ASP R 151 9.70 -38.79 38.52
C ASP R 151 11.02 -39.46 38.90
N HIS R 152 11.02 -40.25 39.98
CA HIS R 152 12.07 -41.22 40.23
C HIS R 152 11.44 -42.42 40.92
N ALA R 153 11.41 -43.55 40.23
CA ALA R 153 10.82 -44.78 40.76
C ALA R 153 11.92 -45.74 41.16
N VAL R 154 11.85 -46.22 42.40
CA VAL R 154 12.84 -47.15 42.95
C VAL R 154 12.11 -48.36 43.49
N THR R 155 12.64 -49.55 43.23
CA THR R 155 11.99 -50.80 43.57
C THR R 155 12.68 -51.45 44.76
N ILE R 156 11.91 -51.79 45.78
CA ILE R 156 12.41 -52.39 47.00
C ILE R 156 11.72 -53.73 47.17
N GLY R 157 12.40 -54.81 46.82
CA GLY R 157 11.82 -56.14 46.99
C GLY R 157 10.56 -56.35 46.17
N GLY R 158 10.57 -55.92 44.91
CA GLY R 158 9.44 -56.12 44.03
C GLY R 158 8.37 -55.06 44.10
N THR R 159 8.49 -54.10 45.01
CA THR R 159 7.50 -53.04 45.17
C THR R 159 8.06 -51.74 44.60
N GLN R 160 7.29 -51.09 43.74
CA GLN R 160 7.73 -49.86 43.10
C GLN R 160 7.29 -48.66 43.93
N PHE R 161 8.24 -47.80 44.28
CA PHE R 161 7.99 -46.64 45.11
C PHE R 161 8.28 -45.38 44.31
N ILE R 162 7.35 -44.42 44.36
CA ILE R 162 7.54 -43.11 43.74
C ILE R 162 7.20 -42.07 44.79
N PHE R 163 8.19 -41.27 45.17
CA PHE R 163 8.02 -40.27 46.22
C PHE R 163 7.71 -38.94 45.57
N GLY R 164 6.51 -38.42 45.83
CA GLY R 164 6.00 -37.27 45.12
C GLY R 164 6.69 -35.99 45.50
N PRO R 165 6.40 -34.92 44.76
CA PRO R 165 7.05 -33.63 45.04
C PRO R 165 6.67 -33.10 46.40
N LEU R 166 7.60 -32.36 47.01
CA LEU R 166 7.36 -31.84 48.35
C LEU R 166 6.18 -30.89 48.35
N SER R 167 5.45 -30.87 49.47
CA SER R 167 4.25 -30.05 49.57
C SER R 167 4.57 -28.56 49.43
N SER R 168 5.63 -28.10 50.10
CA SER R 168 5.97 -26.68 50.12
C SER R 168 7.16 -26.40 49.22
N ALA R 169 7.33 -25.13 48.88
CA ALA R 169 8.41 -24.66 48.03
C ALA R 169 9.25 -23.62 48.76
N TRP R 170 9.65 -23.94 49.98
CA TRP R 170 10.39 -23.02 50.83
C TRP R 170 11.87 -23.40 50.83
N THR R 171 12.73 -22.41 50.63
CA THR R 171 14.17 -22.61 50.63
C THR R 171 14.84 -21.59 51.54
N PRO R 172 15.87 -21.97 52.29
CA PRO R 172 16.52 -21.02 53.20
C PRO R 172 17.56 -20.13 52.54
N PHE R 173 17.90 -20.36 51.28
CA PHE R 173 18.89 -19.54 50.59
C PHE R 173 18.19 -18.41 49.85
N ASP R 174 18.65 -17.18 50.07
CA ASP R 174 18.11 -16.05 49.35
C ASP R 174 18.55 -16.12 47.90
N ASN R 175 18.27 -15.08 47.12
CA ASN R 175 18.66 -15.08 45.72
C ASN R 175 20.16 -15.00 45.57
N LYS R 176 20.83 -14.21 46.40
CA LYS R 176 22.26 -13.99 46.31
C LYS R 176 22.98 -14.58 47.51
N ILE R 177 24.10 -15.25 47.25
CA ILE R 177 24.82 -16.04 48.25
C ILE R 177 26.30 -15.70 48.15
N VAL R 178 26.97 -15.65 49.30
CA VAL R 178 28.42 -15.64 49.38
C VAL R 178 28.86 -16.86 50.17
N VAL R 179 29.73 -17.67 49.58
CA VAL R 179 30.18 -18.92 50.17
C VAL R 179 31.65 -18.79 50.52
N TYR R 180 32.02 -19.16 51.74
CA TYR R 180 33.41 -19.09 52.18
C TYR R 180 33.73 -20.34 52.98
N LYS R 181 34.56 -21.20 52.42
CA LYS R 181 34.95 -22.46 53.06
C LYS R 181 33.74 -23.31 53.38
N ASP R 182 33.25 -23.22 54.62
CA ASP R 182 32.11 -24.02 55.06
C ASP R 182 30.99 -23.16 55.61
N GLU R 183 30.93 -21.89 55.25
CA GLU R 183 29.91 -20.97 55.74
C GLU R 183 29.22 -20.30 54.58
N VAL R 184 27.91 -20.17 54.69
CA VAL R 184 27.06 -19.55 53.67
C VAL R 184 26.45 -18.30 54.26
N PHE R 185 26.44 -17.20 53.51
CA PHE R 185 25.88 -15.94 53.96
C PHE R 185 24.81 -15.46 53.00
N ASN R 186 23.76 -14.86 53.54
CA ASN R 186 22.73 -14.22 52.72
C ASN R 186 23.15 -12.77 52.53
N GLN R 187 23.79 -12.47 51.42
CA GLN R 187 24.45 -11.20 51.22
C GLN R 187 24.11 -10.65 49.85
N ASP R 188 24.15 -9.33 49.72
CA ASP R 188 23.96 -8.63 48.47
C ASP R 188 25.28 -7.97 48.07
N PHE R 189 25.95 -8.53 47.08
CA PHE R 189 27.28 -8.09 46.66
C PHE R 189 27.19 -7.18 45.44
N PRO R 190 28.19 -6.32 45.24
CA PRO R 190 28.13 -5.38 44.13
C PRO R 190 28.21 -6.10 42.79
N PRO R 191 27.67 -5.50 41.73
CA PRO R 191 27.75 -6.13 40.41
C PRO R 191 29.17 -6.18 39.91
N TYR R 192 29.44 -7.15 39.04
CA TYR R 192 30.77 -7.23 38.44
C TYR R 192 31.08 -5.94 37.71
N GLY R 193 32.29 -5.44 37.89
CA GLY R 193 32.69 -4.22 37.24
C GLY R 193 32.32 -2.95 37.98
N SER R 194 31.75 -3.04 39.17
CA SER R 194 31.35 -1.86 39.92
C SER R 194 31.57 -2.07 41.42
N GLY R 195 32.72 -2.60 41.80
CA GLY R 195 33.06 -2.75 43.20
C GLY R 195 33.74 -1.52 43.76
N GLN R 196 33.49 -1.25 45.03
CA GLN R 196 33.99 -0.03 45.63
C GLN R 196 35.21 -0.32 46.50
N PRO R 197 36.17 0.60 46.58
CA PRO R 197 37.39 0.31 47.34
C PRO R 197 37.12 0.17 48.82
N GLY R 198 37.85 -0.73 49.45
CA GLY R 198 37.83 -0.88 50.89
C GLY R 198 36.77 -1.81 51.44
N ARG R 199 35.84 -2.29 50.63
CA ARG R 199 34.79 -3.19 51.07
C ARG R 199 34.84 -4.46 50.23
N PHE R 200 33.91 -5.37 50.49
CA PHE R 200 33.89 -6.64 49.76
C PHE R 200 33.75 -6.39 48.27
N GLY R 201 34.61 -7.04 47.48
CA GLY R 201 34.55 -6.91 46.06
C GLY R 201 35.35 -5.79 45.45
N ASP R 202 36.38 -5.29 46.14
CA ASP R 202 37.19 -4.24 45.53
C ASP R 202 37.90 -4.76 44.28
N ILE R 203 38.42 -5.98 44.32
CA ILE R 203 38.93 -6.65 43.14
C ILE R 203 38.07 -7.88 42.87
N GLN R 204 37.75 -8.10 41.61
CA GLN R 204 36.84 -9.17 41.21
C GLN R 204 37.43 -9.90 40.03
N SER R 205 37.28 -11.22 40.02
CA SER R 205 37.71 -12.05 38.91
C SER R 205 36.58 -12.99 38.53
N ARG R 206 36.37 -13.15 37.22
CA ARG R 206 35.23 -13.94 36.78
C ARG R 206 35.36 -15.41 37.17
N THR R 207 36.58 -15.90 37.32
CA THR R 207 36.80 -17.28 37.74
C THR R 207 38.20 -17.34 38.35
N VAL R 208 38.49 -18.46 39.02
CA VAL R 208 39.78 -18.62 39.68
C VAL R 208 40.92 -18.51 38.67
N GLU R 209 40.77 -19.15 37.52
CA GLU R 209 41.82 -19.17 36.50
C GLU R 209 41.66 -18.10 35.44
N SER R 210 40.61 -17.29 35.50
CA SER R 210 40.36 -16.31 34.45
C SER R 210 41.44 -15.23 34.47
N ASN R 211 41.90 -14.84 33.28
CA ASN R 211 42.99 -13.87 33.18
C ASN R 211 42.54 -12.45 33.46
N ASP R 212 41.31 -12.09 33.09
CA ASP R 212 40.85 -10.72 33.30
C ASP R 212 40.67 -10.43 34.78
N LEU R 213 40.96 -9.19 35.16
CA LEU R 213 40.82 -8.76 36.54
C LEU R 213 40.33 -7.32 36.55
N TYR R 214 39.41 -7.02 37.45
CA TYR R 214 38.94 -5.66 37.67
C TYR R 214 39.34 -5.26 39.09
N ALA R 215 40.09 -4.17 39.20
CA ALA R 215 40.59 -3.73 40.49
C ALA R 215 40.32 -2.25 40.66
N ASN R 216 39.78 -1.86 41.80
CA ASN R 216 39.47 -0.47 42.12
C ASN R 216 39.77 -0.26 43.60
N THR R 217 41.01 0.11 43.91
CA THR R 217 41.46 0.22 45.29
C THR R 217 42.15 1.54 45.60
N ALA R 218 41.89 2.58 44.82
CA ALA R 218 42.32 3.94 45.15
C ALA R 218 43.84 4.04 45.32
N LEU R 219 44.58 3.32 44.48
CA LEU R 219 46.02 3.41 44.52
C LEU R 219 46.48 4.76 44.00
N LYS R 220 47.35 5.43 44.75
CA LYS R 220 47.74 6.79 44.42
C LYS R 220 49.20 7.01 44.77
N LEU R 221 49.96 7.54 43.83
CA LEU R 221 51.39 7.72 44.00
C LEU R 221 51.69 9.11 44.55
N ALA R 222 52.84 9.23 45.21
CA ALA R 222 53.26 10.48 45.84
C ALA R 222 54.70 10.80 45.45
N ARG R 223 55.09 12.03 45.71
CA ARG R 223 56.43 12.49 45.35
C ARG R 223 57.46 11.97 46.34
N PRO R 224 58.57 11.40 45.87
CA PRO R 224 59.59 10.90 46.80
C PRO R 224 60.24 12.02 47.58
N SER R 225 60.66 11.70 48.80
CA SER R 225 61.31 12.68 49.65
C SER R 225 62.66 13.07 49.05
N PRO R 226 63.14 14.28 49.34
CA PRO R 226 64.43 14.70 48.78
C PRO R 226 65.56 13.79 49.25
N GLY R 227 66.47 13.50 48.31
CA GLY R 227 67.61 12.66 48.63
C GLY R 227 67.26 11.24 49.02
N MET R 228 66.31 10.63 48.32
CA MET R 228 65.85 9.30 48.67
C MET R 228 65.38 8.58 47.42
N VAL R 229 65.38 7.25 47.49
CA VAL R 229 64.92 6.38 46.41
C VAL R 229 63.95 5.38 47.03
N HIS R 230 62.64 5.69 47.00
CA HIS R 230 61.73 4.75 47.63
C HIS R 230 60.38 4.53 46.97
N VAL R 231 59.93 5.35 46.02
CA VAL R 231 58.63 5.18 45.39
C VAL R 231 57.51 5.11 46.43
N PRO R 232 57.13 6.22 47.06
CA PRO R 232 56.06 6.17 48.04
C PRO R 232 54.71 6.04 47.37
N TYR R 233 53.77 5.44 48.09
CA TYR R 233 52.42 5.27 47.55
C TYR R 233 51.46 5.07 48.71
N THR R 234 50.17 5.21 48.40
CA THR R 234 49.12 4.98 49.38
C THR R 234 47.99 4.19 48.72
N GLN R 235 47.27 3.42 49.53
CA GLN R 235 46.27 2.52 48.98
C GLN R 235 45.31 2.12 50.08
N THR R 236 44.03 2.13 49.76
CA THR R 236 43.03 1.71 50.74
C THR R 236 43.15 0.23 51.01
N PRO R 237 43.14 -0.20 52.26
CA PRO R 237 43.35 -1.61 52.59
C PRO R 237 42.39 -2.54 51.88
N SER R 238 42.72 -3.82 51.96
CA SER R 238 41.96 -4.84 51.25
C SER R 238 40.53 -4.89 51.76
N GLY R 239 39.60 -5.04 50.83
CA GLY R 239 38.20 -5.21 51.22
C GLY R 239 37.86 -6.62 51.63
N PHE R 240 38.56 -7.62 51.09
CA PHE R 240 38.34 -8.98 51.52
C PHE R 240 38.76 -9.16 52.97
N LYS R 241 39.90 -8.61 53.37
CA LYS R 241 40.34 -8.77 54.76
C LYS R 241 39.45 -7.99 55.71
N TYR R 242 38.88 -6.88 55.26
CA TYR R 242 37.90 -6.20 56.09
C TYR R 242 36.63 -7.02 56.21
N TRP R 243 36.17 -7.62 55.12
CA TRP R 243 34.97 -8.44 55.14
C TRP R 243 35.13 -9.61 56.10
N LEU R 244 36.36 -10.09 56.27
CA LEU R 244 36.56 -11.28 57.09
C LEU R 244 36.16 -11.03 58.53
N LYS R 245 36.49 -9.87 59.07
CA LYS R 245 36.24 -9.57 60.46
C LYS R 245 34.92 -8.84 60.71
N GLU R 246 34.20 -8.44 59.65
CA GLU R 246 32.92 -7.76 59.84
C GLU R 246 31.85 -8.34 58.94
N LYS R 247 31.91 -9.63 58.63
CA LYS R 247 30.87 -10.22 57.80
C LYS R 247 29.56 -10.33 58.56
N GLY R 248 29.61 -10.75 59.82
CA GLY R 248 28.44 -10.78 60.67
C GLY R 248 27.58 -12.00 60.44
N THR R 249 27.25 -12.69 61.53
CA THR R 249 26.40 -13.87 61.50
C THR R 249 26.86 -14.89 60.49
N ALA R 250 25.95 -15.76 60.08
CA ALA R 250 26.18 -16.78 59.08
C ALA R 250 24.81 -17.24 58.62
N LEU R 251 24.76 -18.37 57.94
CA LEU R 251 23.49 -19.07 57.79
C LEU R 251 23.46 -20.36 58.56
N ASN R 252 24.62 -20.91 58.94
CA ASN R 252 24.66 -22.13 59.71
C ASN R 252 24.00 -21.94 61.07
N THR R 253 24.25 -20.79 61.69
CA THR R 253 23.65 -20.44 62.98
C THR R 253 22.43 -19.56 62.83
N LYS R 254 21.86 -19.48 61.64
CA LYS R 254 20.76 -18.57 61.38
C LYS R 254 19.57 -19.21 60.67
N ALA R 255 19.71 -20.44 60.16
CA ALA R 255 18.70 -20.99 59.27
C ALA R 255 17.44 -21.36 60.03
N PRO R 256 16.27 -21.24 59.42
CA PRO R 256 15.03 -21.65 60.08
C PRO R 256 14.82 -23.15 59.99
N PHE R 257 13.87 -23.63 60.78
CA PHE R 257 13.44 -25.03 60.83
C PHE R 257 14.56 -25.97 61.24
N GLY R 258 15.65 -25.44 61.78
CA GLY R 258 16.66 -26.28 62.39
C GLY R 258 17.37 -27.21 61.42
N CYS R 259 17.81 -26.69 60.29
CA CYS R 259 18.53 -27.47 59.31
C CYS R 259 19.94 -26.94 59.09
N GLN R 260 20.91 -27.84 59.15
CA GLN R 260 22.32 -27.49 59.13
C GLN R 260 22.76 -27.23 57.70
N ILE R 261 23.50 -26.15 57.52
CA ILE R 261 24.03 -25.79 56.21
C ILE R 261 25.41 -26.39 56.06
N LYS R 262 25.70 -26.95 54.89
CA LYS R 262 27.00 -27.52 54.60
C LYS R 262 27.48 -26.95 53.28
N THR R 263 28.69 -27.32 52.88
CA THR R 263 29.29 -26.78 51.67
C THR R 263 30.01 -27.88 50.91
N ASN R 264 30.18 -27.65 49.61
CA ASN R 264 30.83 -28.55 48.67
C ASN R 264 30.12 -29.89 48.58
N PRO R 265 28.93 -29.95 47.95
CA PRO R 265 28.19 -28.84 47.37
C PRO R 265 27.33 -28.15 48.41
N VAL R 266 26.86 -26.93 48.11
CA VAL R 266 26.01 -26.21 49.06
C VAL R 266 24.69 -26.95 49.20
N ARG R 267 24.30 -27.22 50.45
CA ARG R 267 23.08 -27.97 50.69
C ARG R 267 22.63 -27.73 52.12
N ALA R 268 21.33 -27.87 52.34
CA ALA R 268 20.72 -27.71 53.65
C ALA R 268 20.05 -29.02 54.04
N MET R 269 20.50 -29.62 55.12
CA MET R 269 20.18 -31.01 55.43
C MET R 269 19.29 -31.14 56.65
N ASN R 270 18.40 -32.14 56.60
CA ASN R 270 17.55 -32.53 57.71
C ASN R 270 16.70 -31.35 58.18
N CYS R 271 15.85 -30.87 57.26
CA CYS R 271 15.23 -29.56 57.42
C CYS R 271 13.73 -29.77 57.39
N ALA R 272 13.11 -29.78 58.58
CA ALA R 272 11.77 -30.33 58.76
C ALA R 272 10.72 -29.35 58.27
N VAL R 273 10.10 -29.66 57.14
CA VAL R 273 9.03 -28.84 56.58
C VAL R 273 8.27 -29.66 55.55
N GLY R 274 6.94 -29.53 55.55
CA GLY R 274 6.14 -30.08 54.47
C GLY R 274 5.84 -31.55 54.60
N ASN R 275 5.17 -32.07 53.56
CA ASN R 275 4.75 -33.45 53.49
C ASN R 275 5.22 -34.06 52.17
N ILE R 276 5.39 -35.38 52.16
CA ILE R 276 5.92 -36.11 51.02
C ILE R 276 4.88 -37.13 50.57
N PRO R 277 4.17 -36.91 49.47
CA PRO R 277 3.28 -37.94 48.95
C PRO R 277 4.07 -39.14 48.46
N VAL R 278 3.48 -40.33 48.63
CA VAL R 278 4.13 -41.60 48.29
C VAL R 278 3.16 -42.42 47.47
N SER R 279 3.63 -42.99 46.36
CA SER R 279 2.86 -43.91 45.53
C SER R 279 3.56 -45.25 45.52
N MET R 280 2.77 -46.32 45.48
CA MET R 280 3.27 -47.66 45.67
C MET R 280 2.72 -48.55 44.58
N ASN R 281 3.26 -49.78 44.48
CA ASN R 281 2.69 -50.81 43.63
C ASN R 281 3.23 -52.14 44.12
N LEU R 282 2.40 -52.89 44.83
CA LEU R 282 2.87 -54.07 45.51
C LEU R 282 2.51 -55.33 44.73
N PRO R 283 3.34 -56.36 44.80
CA PRO R 283 2.98 -57.64 44.17
C PRO R 283 2.00 -58.41 45.05
N ASP R 284 1.48 -59.51 44.51
CA ASP R 284 0.54 -60.31 45.27
C ASP R 284 1.22 -61.14 46.34
N SER R 285 2.54 -61.33 46.25
CA SER R 285 3.24 -62.14 47.23
C SER R 285 3.39 -61.43 48.57
N ALA R 286 3.16 -60.12 48.63
CA ALA R 286 3.34 -59.40 49.88
C ALA R 286 2.23 -59.68 50.86
N PHE R 287 1.02 -59.97 50.37
CA PHE R 287 -0.12 -60.19 51.24
C PHE R 287 -0.28 -61.68 51.56
N THR R 288 -1.12 -61.96 52.54
CA THR R 288 -1.49 -63.33 52.89
C THR R 288 -3.00 -63.49 52.73
N ARG R 289 -3.41 -64.62 52.15
CA ARG R 289 -4.82 -64.87 51.91
C ARG R 289 -5.58 -64.86 53.23
N ILE R 290 -6.83 -64.41 53.18
CA ILE R 290 -7.62 -64.24 54.38
C ILE R 290 -7.90 -65.57 55.06
N VAL R 291 -7.82 -66.68 54.33
CA VAL R 291 -8.07 -67.98 54.95
C VAL R 291 -6.90 -68.36 55.87
N GLU R 292 -5.68 -67.99 55.51
CA GLU R 292 -4.54 -68.31 56.37
C GLU R 292 -4.47 -67.43 57.61
N ALA R 293 -4.96 -66.20 57.52
CA ALA R 293 -4.88 -65.29 58.66
C ALA R 293 -5.79 -65.77 59.77
N PRO R 294 -5.39 -65.61 61.03
CA PRO R 294 -6.26 -66.03 62.14
C PRO R 294 -7.53 -65.20 62.19
N THR R 295 -8.60 -65.82 62.66
CA THR R 295 -9.91 -65.18 62.76
C THR R 295 -10.10 -64.65 64.17
N ILE R 296 -10.35 -63.34 64.28
CA ILE R 296 -10.44 -62.66 65.57
C ILE R 296 -11.87 -62.16 65.75
N ILE R 297 -12.48 -62.48 66.88
CA ILE R 297 -13.84 -62.03 67.20
C ILE R 297 -13.87 -61.48 68.61
N ASP R 298 -14.85 -60.61 68.86
CA ASP R 298 -15.11 -60.04 70.19
C ASP R 298 -13.87 -59.33 70.73
N LEU R 299 -13.45 -58.28 70.03
CA LEU R 299 -12.29 -57.51 70.41
C LEU R 299 -12.72 -56.41 71.37
N THR R 300 -12.07 -56.35 72.54
CA THR R 300 -12.30 -55.29 73.51
C THR R 300 -10.98 -54.66 73.89
N CYS R 301 -10.98 -53.34 74.02
CA CYS R 301 -9.77 -52.56 74.23
C CYS R 301 -9.85 -51.86 75.58
N THR R 302 -8.82 -52.05 76.41
CA THR R 302 -8.72 -51.39 77.70
C THR R 302 -7.36 -50.74 77.84
N VAL R 303 -7.32 -49.62 78.56
CA VAL R 303 -6.09 -48.87 78.77
C VAL R 303 -5.75 -48.93 80.26
N ALA R 304 -4.55 -49.44 80.56
CA ALA R 304 -4.13 -49.55 81.95
C ALA R 304 -3.60 -48.21 82.48
N THR R 305 -2.55 -47.70 81.85
CA THR R 305 -1.93 -46.45 82.28
C THR R 305 -1.69 -45.56 81.07
N CYS R 306 -1.77 -44.26 81.29
CA CYS R 306 -1.53 -43.28 80.23
C CYS R 306 -0.84 -42.06 80.81
N THR R 307 0.03 -41.45 79.99
CA THR R 307 0.74 -40.23 80.38
C THR R 307 1.20 -39.55 79.11
N HIS R 308 0.64 -38.39 78.77
CA HIS R 308 0.88 -37.80 77.46
C HIS R 308 2.27 -37.15 77.45
N SER R 309 3.28 -38.00 77.33
CA SER R 309 4.66 -37.58 77.26
C SER R 309 5.23 -37.87 75.88
N SER R 310 6.46 -37.40 75.65
CA SER R 310 7.07 -37.53 74.32
C SER R 310 7.32 -38.98 73.97
N ASP R 311 7.92 -39.73 74.87
CA ASP R 311 8.14 -41.15 74.62
C ASP R 311 6.82 -41.89 74.73
N PHE R 312 6.85 -43.19 74.47
CA PHE R 312 5.62 -43.99 74.45
C PHE R 312 5.13 -44.19 75.88
N GLY R 313 4.23 -43.31 76.32
CA GLY R 313 3.77 -43.30 77.68
C GLY R 313 2.37 -43.85 77.87
N GLY R 314 2.06 -44.95 77.19
CA GLY R 314 0.79 -45.62 77.37
C GLY R 314 0.90 -47.12 77.19
N VAL R 315 0.06 -47.88 77.89
CA VAL R 315 0.06 -49.33 77.80
C VAL R 315 -1.35 -49.76 77.43
N LEU R 316 -1.46 -50.63 76.44
CA LEU R 316 -2.74 -50.99 75.84
C LEU R 316 -2.92 -52.51 75.91
N THR R 317 -4.13 -52.95 76.26
CA THR R 317 -4.42 -54.36 76.40
C THR R 317 -5.63 -54.74 75.57
N LEU R 318 -5.52 -55.83 74.82
CA LEU R 318 -6.58 -56.30 73.95
C LEU R 318 -6.97 -57.72 74.33
N THR R 319 -8.26 -57.98 74.46
CA THR R 319 -8.80 -59.30 74.71
C THR R 319 -9.65 -59.74 73.53
N TYR R 320 -9.59 -61.02 73.21
CA TYR R 320 -10.23 -61.53 72.00
C TYR R 320 -10.46 -63.03 72.14
N LYS R 321 -10.93 -63.64 71.07
CA LYS R 321 -11.06 -65.09 70.97
C LYS R 321 -10.61 -65.51 69.58
N THR R 322 -9.68 -66.45 69.50
CA THR R 322 -9.10 -66.86 68.23
C THR R 322 -9.28 -68.35 68.04
N ASP R 323 -9.19 -68.77 66.77
CA ASP R 323 -9.27 -70.18 66.40
C ASP R 323 -7.90 -70.81 66.24
N LYS R 324 -6.96 -70.07 65.69
CA LYS R 324 -5.59 -70.51 65.53
C LYS R 324 -4.67 -69.39 66.00
N ASN R 325 -3.38 -69.71 66.13
CA ASN R 325 -2.39 -68.73 66.54
C ASN R 325 -1.42 -68.43 65.40
N GLY R 326 -1.15 -67.15 65.20
CA GLY R 326 -0.34 -66.68 64.08
C GLY R 326 0.07 -65.22 64.24
N ASP R 327 0.08 -64.46 63.15
CA ASP R 327 0.51 -63.07 63.17
C ASP R 327 -0.60 -62.17 62.66
N CYS R 328 -0.87 -61.11 63.42
CA CYS R 328 -1.78 -60.04 63.03
C CYS R 328 -1.02 -58.75 62.82
N SER R 329 -1.65 -57.81 62.12
CA SER R 329 -1.11 -56.49 61.90
C SER R 329 -1.89 -55.49 62.73
N VAL R 330 -1.19 -54.63 63.46
CA VAL R 330 -1.81 -53.70 64.39
C VAL R 330 -1.64 -52.28 63.85
N HIS R 331 -2.74 -51.55 63.79
CA HIS R 331 -2.71 -50.17 63.31
C HIS R 331 -3.75 -49.34 64.05
N SER R 332 -3.47 -48.07 64.19
CA SER R 332 -4.37 -47.11 64.83
C SER R 332 -4.88 -46.15 63.77
N HIS R 333 -6.20 -46.02 63.68
CA HIS R 333 -6.82 -45.35 62.54
C HIS R 333 -6.97 -43.85 62.75
N SER R 334 -6.43 -43.30 63.82
CA SER R 334 -6.42 -41.86 64.04
C SER R 334 -5.03 -41.43 64.43
N ASN R 335 -4.67 -40.19 64.07
CA ASN R 335 -3.33 -39.72 64.36
C ASN R 335 -3.18 -39.14 65.76
N VAL R 336 -4.21 -39.23 66.60
CA VAL R 336 -4.10 -38.74 67.97
C VAL R 336 -3.14 -39.60 68.77
N ALA R 337 -3.04 -40.89 68.45
CA ALA R 337 -2.12 -41.79 69.15
C ALA R 337 -1.39 -42.65 68.14
N THR R 338 -0.10 -42.85 68.38
CA THR R 338 0.77 -43.60 67.48
C THR R 338 1.26 -44.86 68.16
N LEU R 339 1.03 -46.01 67.54
CA LEU R 339 1.45 -47.28 68.11
C LEU R 339 2.94 -47.50 67.87
N GLN R 340 3.59 -48.15 68.83
CA GLN R 340 5.02 -48.38 68.71
C GLN R 340 5.33 -49.50 67.73
N GLU R 341 4.50 -50.54 67.73
CA GLU R 341 4.77 -51.75 66.95
C GLU R 341 3.73 -51.94 65.87
N ALA R 342 4.11 -52.63 64.81
CA ALA R 342 3.25 -52.82 63.65
C ALA R 342 2.70 -54.23 63.50
N THR R 343 3.24 -55.20 64.20
CA THR R 343 2.70 -56.56 64.20
C THR R 343 2.68 -57.08 65.63
N ALA R 344 1.80 -58.05 65.87
CA ALA R 344 1.68 -58.67 67.17
C ALA R 344 1.45 -60.16 67.01
N LYS R 345 1.78 -60.91 68.05
CA LYS R 345 1.57 -62.36 68.07
C LYS R 345 0.24 -62.64 68.75
N VAL R 346 -0.71 -63.16 68.00
CA VAL R 346 -2.00 -63.55 68.55
C VAL R 346 -1.91 -65.00 68.99
N LYS R 347 -2.36 -65.27 70.22
CA LYS R 347 -2.28 -66.60 70.80
C LYS R 347 -3.65 -67.00 71.32
N THR R 348 -3.80 -68.30 71.58
CA THR R 348 -5.06 -68.80 72.11
C THR R 348 -5.36 -68.29 73.52
N ALA R 349 -4.36 -67.76 74.22
CA ALA R 349 -4.59 -67.21 75.55
C ALA R 349 -5.55 -66.03 75.51
N GLY R 350 -5.56 -65.28 74.41
CA GLY R 350 -6.51 -64.20 74.25
C GLY R 350 -6.12 -62.89 74.87
N LYS R 351 -4.84 -62.54 74.90
CA LYS R 351 -4.43 -61.27 75.46
C LYS R 351 -3.11 -60.83 74.83
N VAL R 352 -3.09 -59.61 74.30
CA VAL R 352 -1.88 -59.00 73.77
C VAL R 352 -1.75 -57.60 74.36
N THR R 353 -0.52 -57.09 74.34
CA THR R 353 -0.23 -55.78 74.91
C THR R 353 0.44 -54.92 73.85
N LEU R 354 0.18 -53.62 73.93
CA LEU R 354 0.70 -52.67 72.96
C LEU R 354 1.14 -51.40 73.68
N HIS R 355 1.99 -50.63 73.02
CA HIS R 355 2.45 -49.35 73.53
C HIS R 355 2.06 -48.26 72.56
N PHE R 356 1.54 -47.15 73.06
CA PHE R 356 1.13 -46.04 72.23
C PHE R 356 1.59 -44.73 72.86
N SER R 357 1.76 -43.72 72.03
CA SER R 357 2.16 -42.40 72.48
C SER R 357 1.13 -41.36 72.06
N THR R 358 0.73 -40.50 72.98
CA THR R 358 -0.31 -39.52 72.72
C THR R 358 0.05 -38.21 73.37
N ALA R 359 -0.61 -37.14 72.89
CA ALA R 359 -0.31 -35.79 73.38
C ALA R 359 -1.57 -35.02 73.74
N SER R 360 -2.68 -35.70 73.97
CA SER R 360 -3.93 -35.07 74.37
C SER R 360 -4.35 -35.55 75.74
N ALA R 361 -5.16 -34.74 76.41
CA ALA R 361 -5.61 -35.08 77.75
C ALA R 361 -6.48 -36.33 77.75
N SER R 362 -7.37 -36.45 76.77
CA SER R 362 -8.28 -37.60 76.69
C SER R 362 -8.34 -38.07 75.24
N PRO R 363 -7.60 -39.11 74.88
CA PRO R 363 -7.61 -39.59 73.50
C PRO R 363 -8.75 -40.57 73.24
N SER R 364 -9.14 -40.64 71.97
CA SER R 364 -10.11 -41.65 71.53
C SER R 364 -9.76 -42.06 70.11
N PHE R 365 -9.48 -43.34 69.92
CA PHE R 365 -9.03 -43.85 68.64
C PHE R 365 -9.43 -45.31 68.52
N VAL R 366 -9.50 -45.78 67.27
CA VAL R 366 -9.94 -47.14 66.98
C VAL R 366 -8.75 -47.95 66.48
N VAL R 367 -8.51 -49.09 67.11
CA VAL R 367 -7.38 -49.95 66.80
C VAL R 367 -7.87 -51.26 66.22
N SER R 368 -7.17 -51.77 65.22
CA SER R 368 -7.57 -52.98 64.52
C SER R 368 -6.47 -54.02 64.60
N LEU R 369 -6.85 -55.26 64.91
CA LEU R 369 -5.93 -56.39 65.00
C LEU R 369 -6.36 -57.39 63.94
N CYS R 370 -5.49 -57.62 62.94
CA CYS R 370 -5.96 -58.18 61.67
C CYS R 370 -7.20 -57.44 61.17
N SER R 371 -8.36 -58.10 61.19
CA SER R 371 -9.56 -57.50 60.61
C SER R 371 -10.53 -56.96 61.65
N ALA R 372 -10.33 -57.26 62.94
CA ALA R 372 -11.27 -56.83 63.96
C ALA R 372 -11.14 -55.33 64.19
N ARG R 373 -11.98 -54.80 65.07
CA ARG R 373 -11.97 -53.39 65.42
C ARG R 373 -12.29 -53.25 66.90
N ALA R 374 -11.89 -52.11 67.46
CA ALA R 374 -12.19 -51.81 68.85
C ALA R 374 -11.97 -50.33 69.08
N THR R 375 -12.82 -49.73 69.91
CA THR R 375 -12.72 -48.31 70.20
C THR R 375 -12.12 -48.14 71.59
N CYS R 376 -11.01 -47.40 71.66
CA CYS R 376 -10.27 -47.22 72.90
C CYS R 376 -10.42 -45.79 73.39
N SER R 377 -10.73 -45.62 74.66
CA SER R 377 -10.79 -44.31 75.30
C SER R 377 -10.06 -44.39 76.63
N ALA R 378 -9.38 -43.31 76.99
CA ALA R 378 -8.54 -43.33 78.18
C ALA R 378 -8.41 -41.93 78.74
N SER R 379 -8.00 -41.87 80.01
CA SER R 379 -7.71 -40.61 80.68
C SER R 379 -6.23 -40.58 81.02
N CYS R 380 -5.53 -39.56 80.53
CA CYS R 380 -4.08 -39.47 80.63
C CYS R 380 -3.66 -38.29 81.50
N GLU R 381 -2.75 -38.54 82.41
CA GLU R 381 -2.20 -37.53 83.31
C GLU R 381 -0.92 -36.93 82.74
N PRO R 382 -0.64 -35.67 83.01
CA PRO R 382 0.52 -35.01 82.42
C PRO R 382 1.81 -35.54 83.01
N PRO R 383 2.94 -35.38 82.30
CA PRO R 383 4.22 -35.88 82.79
C PRO R 383 4.84 -34.92 83.80
N LYS R 384 5.98 -35.32 84.34
CA LYS R 384 6.66 -34.53 85.36
C LYS R 384 7.97 -33.91 84.90
N ASP R 385 8.66 -34.50 83.93
CA ASP R 385 9.93 -33.96 83.45
C ASP R 385 9.69 -32.72 82.60
N HIS R 386 10.44 -31.66 82.87
CA HIS R 386 10.24 -30.42 82.14
C HIS R 386 10.83 -30.48 80.74
N ILE R 387 12.02 -31.06 80.59
CA ILE R 387 12.76 -31.02 79.33
C ILE R 387 13.38 -32.38 79.07
N VAL R 388 13.31 -32.82 77.82
CA VAL R 388 13.88 -34.10 77.40
C VAL R 388 14.78 -33.89 76.20
N PRO R 389 15.78 -34.74 75.99
CA PRO R 389 16.69 -34.59 74.84
C PRO R 389 16.30 -35.35 73.57
N TYR R 390 15.05 -35.76 73.40
CA TYR R 390 14.63 -36.44 72.18
C TYR R 390 13.38 -35.80 71.61
N ALA R 391 13.17 -36.00 70.32
CA ALA R 391 12.06 -35.39 69.61
C ALA R 391 10.74 -36.04 70.00
N ALA R 392 9.64 -35.39 69.64
CA ALA R 392 8.32 -35.90 69.95
C ALA R 392 7.97 -37.08 69.07
N SER R 393 7.30 -38.07 69.66
CA SER R 393 6.91 -39.27 68.93
C SER R 393 5.42 -39.33 68.65
N HIS R 394 4.69 -38.27 68.93
CA HIS R 394 3.26 -38.18 68.63
C HIS R 394 3.04 -37.14 67.54
N SER R 395 1.80 -37.03 67.09
CA SER R 395 1.45 -36.09 66.03
C SER R 395 1.08 -34.71 66.56
N ASN R 396 1.20 -34.49 67.87
CA ASN R 396 0.95 -33.20 68.50
C ASN R 396 -0.49 -32.74 68.26
N VAL R 397 -1.43 -33.55 68.74
CA VAL R 397 -2.86 -33.25 68.69
C VAL R 397 -3.37 -33.11 70.12
N VAL R 398 -4.03 -31.99 70.41
CA VAL R 398 -4.34 -31.63 71.78
C VAL R 398 -5.83 -31.71 72.10
N PHE R 399 -6.71 -31.51 71.12
CA PHE R 399 -8.14 -31.45 71.37
C PHE R 399 -8.66 -32.78 71.91
N PRO R 400 -9.31 -32.80 73.07
CA PRO R 400 -9.81 -34.06 73.63
C PRO R 400 -11.09 -34.51 72.91
N ASP R 401 -11.48 -35.75 73.21
CA ASP R 401 -12.69 -36.30 72.65
C ASP R 401 -13.92 -35.64 73.24
N MET R 402 -15.03 -35.71 72.49
CA MET R 402 -16.29 -35.15 72.98
C MET R 402 -16.81 -35.87 74.21
N SER R 403 -16.32 -37.08 74.48
CA SER R 403 -16.72 -37.84 75.66
C SER R 403 -15.76 -37.65 76.83
N GLY R 404 -14.81 -36.74 76.72
CA GLY R 404 -13.88 -36.49 77.81
C GLY R 404 -14.57 -35.77 78.95
N THR R 405 -13.81 -35.60 80.04
CA THR R 405 -14.38 -34.98 81.23
C THR R 405 -14.81 -33.54 80.97
N ALA R 406 -13.91 -32.73 80.40
CA ALA R 406 -14.24 -31.34 80.14
C ALA R 406 -15.39 -31.21 79.15
N LEU R 407 -15.35 -31.98 78.07
CA LEU R 407 -16.45 -31.95 77.11
C LEU R 407 -17.73 -32.53 77.70
N SER R 408 -17.62 -33.49 78.62
CA SER R 408 -18.82 -33.95 79.32
C SER R 408 -19.45 -32.83 80.12
N TRP R 409 -18.64 -32.04 80.83
CA TRP R 409 -19.19 -30.92 81.57
C TRP R 409 -19.84 -29.90 80.65
N VAL R 410 -19.17 -29.58 79.53
CA VAL R 410 -19.75 -28.63 78.59
C VAL R 410 -21.07 -29.16 78.04
N GLN R 411 -21.12 -30.45 77.72
CA GLN R 411 -22.35 -31.04 77.20
C GLN R 411 -23.47 -30.98 78.21
N LYS R 412 -23.17 -31.28 79.47
CA LYS R 412 -24.21 -31.23 80.50
C LYS R 412 -24.76 -29.82 80.67
N ILE R 413 -23.86 -28.84 80.74
CA ILE R 413 -24.30 -27.46 80.94
C ILE R 413 -25.13 -26.98 79.75
N SER R 414 -24.66 -27.26 78.53
CA SER R 414 -25.40 -26.84 77.35
C SER R 414 -26.75 -27.55 77.27
N GLY R 415 -26.81 -28.81 77.71
CA GLY R 415 -28.08 -29.51 77.74
C GLY R 415 -29.07 -28.89 78.71
N GLY R 416 -28.58 -28.49 79.89
CA GLY R 416 -29.45 -27.80 80.83
C GLY R 416 -30.00 -26.50 80.26
N LEU R 417 -29.11 -25.70 79.66
CA LEU R 417 -29.55 -24.44 79.07
C LEU R 417 -30.55 -24.67 77.94
N GLY R 418 -30.30 -25.68 77.11
CA GLY R 418 -31.23 -25.99 76.04
C GLY R 418 -32.58 -26.44 76.55
N ALA R 419 -32.60 -27.22 77.63
CA ALA R 419 -33.87 -27.62 78.23
C ALA R 419 -34.64 -26.41 78.73
N PHE R 420 -33.94 -25.48 79.40
CA PHE R 420 -34.62 -24.27 79.86
C PHE R 420 -35.19 -23.47 78.70
N ALA R 421 -34.42 -23.31 77.62
CA ALA R 421 -34.90 -22.54 76.48
C ALA R 421 -36.08 -23.23 75.81
N ILE R 422 -36.05 -24.56 75.72
CA ILE R 422 -37.16 -25.29 75.12
C ILE R 422 -38.43 -25.13 75.95
N GLY R 423 -38.29 -25.21 77.27
CA GLY R 423 -39.46 -24.98 78.12
C GLY R 423 -40.02 -23.58 77.95
N ALA R 424 -39.14 -22.58 77.87
CA ALA R 424 -39.59 -21.21 77.65
C ALA R 424 -40.36 -21.09 76.34
N ILE R 425 -39.82 -21.65 75.26
CA ILE R 425 -40.47 -21.53 73.97
C ILE R 425 -41.81 -22.26 73.96
N LEU R 426 -41.88 -23.41 74.63
CA LEU R 426 -43.15 -24.13 74.72
C LEU R 426 -44.21 -23.30 75.45
N VAL R 427 -43.83 -22.67 76.56
CA VAL R 427 -44.79 -21.85 77.30
C VAL R 427 -45.27 -20.68 76.45
N LEU R 428 -44.34 -20.00 75.77
CA LEU R 428 -44.72 -18.87 74.94
C LEU R 428 -45.65 -19.31 73.81
N VAL R 429 -45.35 -20.44 73.18
CA VAL R 429 -46.19 -20.91 72.08
C VAL R 429 -47.58 -21.28 72.58
N VAL R 430 -47.66 -21.93 73.74
CA VAL R 430 -48.96 -22.28 74.29
C VAL R 430 -49.78 -21.03 74.57
N VAL R 431 -49.17 -20.02 75.18
CA VAL R 431 -49.89 -18.78 75.48
C VAL R 431 -50.34 -18.09 74.19
N THR R 432 -49.47 -18.04 73.19
CA THR R 432 -49.83 -17.40 71.93
C THR R 432 -50.99 -18.13 71.27
N CYS R 433 -50.98 -19.46 71.29
CA CYS R 433 -52.07 -20.22 70.69
C CYS R 433 -53.38 -19.97 71.43
N ILE R 434 -53.34 -19.94 72.76
CA ILE R 434 -54.55 -19.65 73.52
C ILE R 434 -55.08 -18.27 73.18
N GLY R 435 -54.18 -17.29 73.09
CA GLY R 435 -54.61 -15.94 72.75
C GLY R 435 -55.20 -15.84 71.36
N LEU R 436 -54.59 -16.53 70.39
CA LEU R 436 -55.08 -16.46 69.02
C LEU R 436 -56.40 -17.21 68.85
N ARG R 437 -56.59 -18.30 69.59
CA ARG R 437 -57.85 -19.03 69.51
C ARG R 437 -59.00 -18.29 70.17
N ARG R 438 -58.72 -17.21 70.89
CA ARG R 438 -59.77 -16.35 71.43
C ARG R 438 -60.38 -15.50 70.32
N HIS S 1 74.37 -30.13 41.12
CA HIS S 1 72.93 -30.02 41.19
C HIS S 1 72.41 -28.95 40.23
N PHE S 2 71.62 -28.03 40.77
CA PHE S 2 71.11 -26.90 40.01
C PHE S 2 71.68 -25.57 40.51
N ASN S 3 71.53 -25.29 41.81
CA ASN S 3 72.23 -24.19 42.47
C ASN S 3 71.98 -22.85 41.78
N VAL S 4 70.74 -22.40 41.85
CA VAL S 4 70.34 -21.13 41.25
C VAL S 4 71.05 -19.98 41.92
N TYR S 5 71.39 -20.15 43.19
CA TYR S 5 71.96 -19.05 43.98
C TYR S 5 73.37 -18.72 43.60
N LYS S 6 73.94 -19.26 42.52
CA LYS S 6 75.25 -18.84 42.07
C LYS S 6 75.20 -17.65 41.13
N ALA S 7 74.02 -17.24 40.67
CA ALA S 7 73.87 -16.07 39.81
C ALA S 7 73.18 -14.91 40.54
N THR S 8 73.06 -15.00 41.85
CA THR S 8 72.29 -14.07 42.65
C THR S 8 73.14 -13.55 43.79
N ARG S 9 73.00 -12.27 44.10
CA ARG S 9 73.85 -11.65 45.10
C ARG S 9 73.02 -10.94 46.16
N PRO S 10 73.54 -10.82 47.38
CA PRO S 10 72.90 -9.95 48.36
C PRO S 10 73.11 -8.49 48.00
N TYR S 11 72.20 -7.64 48.50
CA TYR S 11 72.23 -6.23 48.15
C TYR S 11 72.03 -5.39 49.41
N ILE S 12 72.39 -4.13 49.31
CA ILE S 12 72.29 -3.17 50.42
C ILE S 12 71.11 -2.26 50.13
N ALA S 13 70.11 -2.30 51.00
CA ALA S 13 68.90 -1.50 50.87
C ALA S 13 68.82 -0.53 52.05
N TYR S 14 67.71 0.20 52.12
CA TYR S 14 67.49 1.24 53.12
C TYR S 14 66.57 0.70 54.20
N CYS S 15 66.94 0.90 55.46
CA CYS S 15 66.15 0.47 56.60
C CYS S 15 65.67 1.69 57.38
N ALA S 16 64.39 1.69 57.74
CA ALA S 16 63.78 2.87 58.36
C ALA S 16 64.49 3.23 59.65
N ASP S 17 64.60 2.28 60.57
CA ASP S 17 65.42 2.48 61.75
C ASP S 17 66.16 1.19 62.07
N CYS S 18 67.43 1.32 62.39
CA CYS S 18 68.35 0.19 62.52
C CYS S 18 68.48 -0.27 63.96
N GLY S 19 67.39 -0.30 64.70
CA GLY S 19 67.39 -0.78 66.06
C GLY S 19 67.70 0.27 67.09
N ALA S 20 68.08 1.47 66.68
CA ALA S 20 68.36 2.55 67.60
C ALA S 20 67.54 3.79 67.33
N GLY S 21 66.60 3.76 66.39
CA GLY S 21 65.84 4.93 66.01
C GLY S 21 66.48 5.78 64.94
N HIS S 22 67.65 5.41 64.45
CA HIS S 22 68.31 6.12 63.37
C HIS S 22 68.23 5.30 62.09
N SER S 23 68.35 5.98 60.96
CA SER S 23 68.21 5.37 59.64
C SER S 23 69.56 5.27 58.96
N CYS S 24 69.86 4.08 58.42
CA CYS S 24 71.05 3.91 57.60
C CYS S 24 70.87 2.67 56.74
N HIS S 25 71.68 2.58 55.68
CA HIS S 25 71.57 1.51 54.70
C HIS S 25 72.17 0.24 55.27
N SER S 26 71.34 -0.72 55.61
CA SER S 26 71.85 -1.93 56.23
C SER S 26 71.70 -3.11 55.29
N PRO S 27 72.59 -4.11 55.39
CA PRO S 27 72.49 -5.29 54.54
C PRO S 27 71.48 -6.33 54.99
N VAL S 28 70.64 -6.01 55.98
CA VAL S 28 69.65 -6.99 56.46
C VAL S 28 68.25 -6.35 56.35
N ALA S 29 68.08 -5.46 55.38
CA ALA S 29 66.82 -4.75 55.25
C ALA S 29 65.67 -5.71 55.02
N ILE S 30 64.53 -5.42 55.63
CA ILE S 30 63.36 -6.31 55.57
C ILE S 30 62.45 -5.85 54.45
N GLU S 31 62.15 -6.76 53.53
CA GLU S 31 61.13 -6.56 52.52
C GLU S 31 59.82 -7.16 53.04
N ALA S 32 58.92 -7.52 52.14
CA ALA S 32 57.57 -7.92 52.52
C ALA S 32 57.58 -9.10 53.48
N VAL S 33 56.63 -9.07 54.41
CA VAL S 33 56.37 -10.17 55.33
C VAL S 33 55.02 -10.78 54.98
N ARG S 34 55.00 -12.09 54.71
CA ARG S 34 53.79 -12.79 54.32
C ARG S 34 53.29 -13.60 55.51
N SER S 35 51.96 -13.65 55.68
CA SER S 35 51.39 -14.40 56.78
C SER S 35 50.06 -15.02 56.42
N GLU S 36 49.96 -15.65 55.24
CA GLU S 36 48.71 -16.29 54.85
C GLU S 36 48.64 -17.75 55.27
N ALA S 37 49.34 -18.14 56.34
CA ALA S 37 49.25 -19.49 56.87
C ALA S 37 48.38 -19.48 58.12
N THR S 38 47.43 -20.40 58.18
CA THR S 38 46.42 -20.36 59.23
C THR S 38 47.02 -20.59 60.62
N ASP S 39 47.98 -21.50 60.73
CA ASP S 39 48.53 -21.78 62.06
C ASP S 39 49.38 -20.64 62.62
N GLY S 40 49.77 -19.67 61.80
CA GLY S 40 50.39 -18.47 62.30
C GLY S 40 51.90 -18.41 62.12
N MET S 41 52.38 -18.78 60.94
CA MET S 41 53.80 -18.85 60.66
C MET S 41 54.16 -17.84 59.57
N LEU S 42 55.12 -16.97 59.86
CA LEU S 42 55.46 -15.86 58.99
C LEU S 42 56.52 -16.27 57.96
N LYS S 43 56.68 -15.44 56.93
CA LYS S 43 57.75 -15.59 55.95
C LYS S 43 58.43 -14.24 55.72
N ILE S 44 59.38 -13.90 56.57
CA ILE S 44 60.13 -12.66 56.41
C ILE S 44 60.99 -12.78 55.16
N GLN S 45 61.48 -11.65 54.66
CA GLN S 45 62.34 -11.63 53.49
C GLN S 45 63.50 -10.66 53.71
N PHE S 46 64.69 -11.18 53.92
CA PHE S 46 65.89 -10.36 54.03
C PHE S 46 66.21 -9.65 52.72
N SER S 47 67.36 -8.98 52.76
CA SER S 47 68.12 -8.62 51.58
C SER S 47 69.46 -9.36 51.51
N ALA S 48 69.80 -10.13 52.53
CA ALA S 48 71.03 -10.92 52.56
C ALA S 48 70.67 -12.38 52.64
N GLN S 49 70.91 -13.12 51.57
CA GLN S 49 70.50 -14.52 51.50
C GLN S 49 71.37 -15.40 52.36
N ILE S 50 70.73 -16.34 53.05
CA ILE S 50 71.31 -17.09 54.15
C ILE S 50 71.18 -18.58 53.87
N GLY S 51 72.24 -19.32 54.12
CA GLY S 51 72.33 -20.73 53.77
C GLY S 51 73.32 -21.03 52.65
N ILE S 52 73.88 -20.01 52.01
CA ILE S 52 74.85 -20.18 50.94
C ILE S 52 76.08 -19.34 51.27
N ASP S 53 77.24 -19.96 51.28
CA ASP S 53 78.44 -19.25 51.68
C ASP S 53 78.90 -18.32 50.55
N LYS S 54 80.01 -17.63 50.80
CA LYS S 54 80.50 -16.64 49.84
C LYS S 54 80.86 -17.30 48.51
N SER S 55 81.35 -18.54 48.55
CA SER S 55 81.80 -19.26 47.37
C SER S 55 80.68 -20.01 46.65
N ASP S 56 79.43 -19.60 46.85
CA ASP S 56 78.25 -20.13 46.16
C ASP S 56 77.96 -21.58 46.50
N ASN S 57 78.60 -22.15 47.50
CA ASN S 57 78.30 -23.51 47.94
C ASN S 57 77.24 -23.50 49.02
N HIS S 58 76.50 -24.60 49.11
CA HIS S 58 75.54 -24.73 50.20
C HIS S 58 76.27 -24.89 51.53
N ASP S 59 75.68 -24.33 52.58
CA ASP S 59 76.26 -24.39 53.91
C ASP S 59 75.23 -24.07 54.99
N TYR S 60 75.21 -24.87 56.05
CA TYR S 60 74.29 -24.65 57.15
C TYR S 60 74.81 -23.63 58.15
N THR S 61 76.03 -23.12 57.96
CA THR S 61 76.65 -22.24 58.94
C THR S 61 76.88 -20.83 58.43
N LYS S 62 77.29 -20.66 57.18
CA LYS S 62 77.59 -19.35 56.64
C LYS S 62 76.31 -18.74 56.07
N ILE S 63 76.25 -17.40 56.11
CA ILE S 63 75.24 -16.67 55.38
C ILE S 63 75.93 -15.59 54.57
N ARG S 64 75.49 -15.42 53.33
CA ARG S 64 76.04 -14.38 52.49
C ARG S 64 75.39 -13.05 52.83
N TYR S 65 76.20 -11.98 52.87
CA TYR S 65 75.64 -10.65 53.01
C TYR S 65 76.58 -9.66 52.32
N ALA S 66 75.99 -8.65 51.70
CA ALA S 66 76.75 -7.71 50.91
C ALA S 66 77.43 -6.68 51.80
N ASP S 67 78.58 -6.19 51.35
CA ASP S 67 79.30 -5.16 52.09
C ASP S 67 80.16 -4.38 51.10
N GLY S 68 79.62 -3.26 50.61
CA GLY S 68 80.39 -2.39 49.73
C GLY S 68 80.93 -3.07 48.50
N HIS S 69 80.03 -3.47 47.59
CA HIS S 69 80.36 -4.22 46.38
C HIS S 69 81.43 -5.29 46.64
N ALA S 70 81.22 -6.02 47.73
CA ALA S 70 82.05 -7.16 48.09
C ALA S 70 81.25 -8.01 49.07
N ILE S 71 81.24 -9.31 48.83
CA ILE S 71 80.42 -10.22 49.62
C ILE S 71 81.27 -10.83 50.72
N GLU S 72 80.75 -10.82 51.94
CA GLU S 72 81.33 -11.55 53.06
C GLU S 72 80.33 -12.58 53.55
N ASN S 73 80.72 -13.35 54.56
CA ASN S 73 79.83 -14.33 55.14
C ASN S 73 79.90 -14.29 56.65
N ALA S 74 78.79 -14.66 57.29
CA ALA S 74 78.64 -14.59 58.74
C ALA S 74 78.02 -15.88 59.24
N VAL S 75 78.27 -16.19 60.51
CA VAL S 75 77.84 -17.45 61.08
C VAL S 75 76.32 -17.49 61.19
N ARG S 76 75.73 -18.67 60.97
CA ARG S 76 74.27 -18.79 61.04
C ARG S 76 73.75 -18.59 62.44
N SER S 77 74.54 -18.95 63.46
CA SER S 77 74.15 -18.54 64.80
C SER S 77 74.08 -17.02 64.86
N SER S 78 73.50 -16.51 65.94
CA SER S 78 73.25 -15.10 66.16
C SER S 78 72.19 -14.53 65.25
N LEU S 79 71.61 -15.32 64.35
CA LEU S 79 70.43 -14.88 63.62
C LEU S 79 69.24 -14.92 64.58
N LYS S 80 68.86 -13.75 65.09
CA LYS S 80 67.75 -13.63 66.03
C LYS S 80 66.63 -12.85 65.38
N VAL S 81 65.42 -13.42 65.39
CA VAL S 81 64.22 -12.72 64.96
C VAL S 81 63.31 -12.58 66.17
N ALA S 82 62.69 -11.41 66.31
CA ALA S 82 61.95 -11.14 67.53
C ALA S 82 60.83 -10.15 67.26
N THR S 83 59.90 -10.10 68.21
CA THR S 83 58.80 -9.14 68.28
C THR S 83 58.79 -8.67 69.73
N SER S 84 57.65 -8.20 70.20
CA SER S 84 57.50 -7.90 71.63
C SER S 84 58.12 -9.00 72.49
N GLY S 85 58.00 -10.25 72.06
CA GLY S 85 58.66 -11.34 72.74
C GLY S 85 59.92 -11.80 72.04
N ASP S 86 59.99 -13.07 71.67
CA ASP S 86 61.17 -13.62 71.01
C ASP S 86 60.76 -14.86 70.23
N CYS S 87 61.16 -14.93 68.96
CA CYS S 87 60.61 -15.88 68.01
C CYS S 87 61.48 -17.12 67.88
N PHE S 88 60.89 -18.17 67.30
CA PHE S 88 61.56 -19.43 67.05
C PHE S 88 61.65 -19.66 65.55
N VAL S 89 62.86 -19.78 65.03
CA VAL S 89 63.09 -19.90 63.59
C VAL S 89 62.90 -21.35 63.18
N HIS S 90 61.97 -21.59 62.27
CA HIS S 90 61.64 -22.95 61.85
C HIS S 90 62.41 -23.37 60.61
N GLY S 91 62.30 -22.60 59.53
CA GLY S 91 62.97 -22.90 58.28
C GLY S 91 63.91 -21.79 57.86
N THR S 92 64.62 -22.04 56.76
CA THR S 92 65.56 -21.08 56.21
C THR S 92 66.09 -21.48 54.85
N MET S 93 65.99 -20.60 53.86
CA MET S 93 66.59 -20.84 52.56
C MET S 93 66.64 -19.57 51.75
N GLY S 94 67.80 -19.22 51.22
CA GLY S 94 67.90 -18.03 50.39
C GLY S 94 67.54 -16.80 51.18
N HIS S 95 66.63 -15.98 50.65
CA HIS S 95 66.21 -14.76 51.31
C HIS S 95 65.21 -15.00 52.44
N PHE S 96 64.54 -16.13 52.46
CA PHE S 96 63.29 -16.30 53.21
C PHE S 96 63.52 -16.95 54.55
N ILE S 97 62.64 -16.64 55.51
CA ILE S 97 62.67 -17.21 56.85
C ILE S 97 61.29 -17.73 57.18
N LEU S 98 61.23 -18.72 58.06
CA LEU S 98 59.99 -19.09 58.72
C LEU S 98 60.15 -18.81 60.19
N ALA S 99 59.08 -18.37 60.84
CA ALA S 99 59.16 -18.08 62.26
C ALA S 99 57.76 -18.19 62.86
N LYS S 100 57.73 -18.40 64.18
CA LYS S 100 56.50 -18.35 64.95
C LYS S 100 56.74 -17.40 66.11
N CYS S 101 55.95 -16.33 66.17
CA CYS S 101 56.26 -15.26 67.10
C CYS S 101 55.10 -15.02 68.05
N PRO S 102 55.38 -14.54 69.26
CA PRO S 102 54.31 -14.13 70.16
C PRO S 102 53.70 -12.83 69.68
N PRO S 103 52.48 -12.51 70.10
CA PRO S 103 51.84 -11.27 69.64
C PRO S 103 52.64 -10.05 70.01
N GLY S 104 52.69 -9.08 69.10
CA GLY S 104 53.46 -7.88 69.30
C GLY S 104 53.17 -6.91 68.17
N GLU S 105 53.80 -5.74 68.25
CA GLU S 105 53.49 -4.64 67.34
C GLU S 105 54.65 -4.26 66.44
N PHE S 106 55.61 -5.15 66.25
CA PHE S 106 56.73 -4.92 65.33
C PHE S 106 57.51 -6.23 65.21
N LEU S 107 58.57 -6.21 64.41
CA LEU S 107 59.54 -7.30 64.44
C LEU S 107 60.86 -6.81 63.88
N GLN S 108 61.95 -7.38 64.39
CA GLN S 108 63.29 -7.05 63.93
C GLN S 108 64.08 -8.32 63.68
N VAL S 109 64.97 -8.27 62.69
CA VAL S 109 65.85 -9.37 62.35
C VAL S 109 67.27 -8.84 62.38
N SER S 110 68.17 -9.59 63.00
CA SER S 110 69.52 -9.08 63.18
C SER S 110 70.51 -10.23 63.25
N ILE S 111 71.73 -9.97 62.81
CA ILE S 111 72.78 -10.99 62.82
C ILE S 111 74.12 -10.29 62.81
N GLN S 112 75.12 -10.94 63.41
CA GLN S 112 76.41 -10.31 63.65
C GLN S 112 77.17 -10.07 62.34
N ASP S 113 77.94 -8.98 62.33
CA ASP S 113 78.78 -8.61 61.21
C ASP S 113 80.02 -9.50 61.20
N THR S 114 81.00 -9.16 60.34
CA THR S 114 82.29 -9.84 60.41
C THR S 114 83.02 -9.50 61.70
N ARG S 115 82.93 -8.25 62.13
CA ARG S 115 83.60 -7.78 63.34
C ARG S 115 82.74 -7.95 64.59
N ASN S 116 81.78 -8.88 64.57
CA ASN S 116 80.89 -9.13 65.69
C ASN S 116 80.13 -7.88 66.11
N ALA S 117 79.67 -7.12 65.11
CA ALA S 117 78.81 -5.96 65.33
C ALA S 117 77.42 -6.32 64.83
N VAL S 118 76.41 -6.09 65.67
CA VAL S 118 75.05 -6.46 65.30
C VAL S 118 74.54 -5.55 64.20
N ARG S 119 73.95 -6.13 63.17
CA ARG S 119 73.27 -5.39 62.13
C ARG S 119 71.78 -5.74 62.18
N ALA S 120 70.94 -4.72 62.36
CA ALA S 120 69.53 -4.94 62.66
C ALA S 120 68.66 -4.11 61.75
N CYS S 121 67.38 -4.45 61.72
CA CYS S 121 66.37 -3.69 60.99
C CYS S 121 65.00 -4.12 61.49
N ARG S 122 64.21 -3.16 61.96
CA ARG S 122 62.88 -3.43 62.48
C ARG S 122 61.82 -2.69 61.67
N ILE S 123 60.72 -3.37 61.40
CA ILE S 123 59.63 -2.86 60.59
C ILE S 123 58.38 -2.90 61.46
N GLN S 124 57.46 -1.96 61.24
CA GLN S 124 56.23 -1.96 62.00
C GLN S 124 55.28 -3.01 61.45
N TYR S 125 54.79 -3.87 62.32
CA TYR S 125 53.94 -4.99 61.87
C TYR S 125 53.05 -5.40 63.04
N HIS S 126 51.73 -5.38 62.82
CA HIS S 126 50.77 -5.72 63.87
C HIS S 126 50.47 -7.20 63.79
N HIS S 127 51.06 -7.98 64.69
CA HIS S 127 50.92 -9.42 64.69
C HIS S 127 49.96 -9.84 65.81
N ASP S 128 48.92 -10.58 65.46
CA ASP S 128 47.95 -11.08 66.42
C ASP S 128 47.31 -12.32 65.85
N PRO S 129 47.93 -13.49 66.04
CA PRO S 129 47.40 -14.71 65.45
C PRO S 129 46.17 -15.20 66.20
N GLN S 130 45.33 -15.94 65.49
CA GLN S 130 44.19 -16.58 66.13
C GLN S 130 44.09 -18.02 65.63
N PRO S 131 44.08 -19.00 66.53
CA PRO S 131 44.02 -20.39 66.10
C PRO S 131 42.71 -20.71 65.42
N VAL S 132 42.77 -21.68 64.51
CA VAL S 132 41.57 -22.15 63.82
C VAL S 132 40.64 -22.81 64.81
N GLY S 133 39.35 -22.52 64.70
CA GLY S 133 38.36 -23.15 65.56
C GLY S 133 37.52 -22.09 66.24
N ARG S 134 36.91 -22.50 67.35
CA ARG S 134 36.02 -21.65 68.12
C ARG S 134 36.51 -21.39 69.53
N GLU S 135 37.77 -21.71 69.83
CA GLU S 135 38.40 -21.33 71.09
C GLU S 135 39.73 -20.68 70.78
N LYS S 136 40.04 -19.61 71.50
CA LYS S 136 41.31 -18.91 71.30
C LYS S 136 42.37 -19.45 72.26
N PHE S 137 42.63 -20.75 72.15
CA PHE S 137 43.62 -21.38 73.02
C PHE S 137 45.02 -20.90 72.63
N THR S 138 45.97 -21.08 73.56
CA THR S 138 47.34 -20.64 73.39
C THR S 138 48.26 -21.73 72.86
N ILE S 139 48.32 -22.90 73.51
CA ILE S 139 49.15 -24.00 73.06
C ILE S 139 48.32 -25.28 73.01
N ARG S 140 48.78 -26.23 72.20
CA ARG S 140 48.00 -27.40 71.90
C ARG S 140 47.86 -28.31 73.11
N PRO S 141 46.73 -28.99 73.24
CA PRO S 141 46.52 -29.87 74.41
C PRO S 141 47.06 -31.25 74.19
N HIS S 142 46.86 -32.14 75.17
CA HIS S 142 47.17 -33.56 74.98
C HIS S 142 45.92 -34.38 74.72
N TYR S 143 44.78 -33.74 74.47
CA TYR S 143 43.55 -34.43 74.12
C TYR S 143 42.61 -33.43 73.46
N GLY S 144 42.21 -33.70 72.23
CA GLY S 144 41.34 -32.78 71.53
C GLY S 144 40.96 -33.31 70.18
N LYS S 145 40.38 -32.42 69.36
CA LYS S 145 39.96 -32.74 68.01
C LYS S 145 41.10 -32.53 67.02
N GLU S 146 40.86 -32.91 65.78
CA GLU S 146 41.78 -32.63 64.69
C GLU S 146 41.06 -31.79 63.64
N ILE S 147 41.49 -30.54 63.50
CA ILE S 147 40.87 -29.58 62.61
C ILE S 147 41.86 -29.26 61.50
N PRO S 148 41.46 -29.29 60.23
CA PRO S 148 42.40 -28.99 59.16
C PRO S 148 42.83 -27.53 59.18
N CYS S 149 44.03 -27.27 58.71
CA CYS S 149 44.55 -25.92 58.57
C CYS S 149 45.55 -25.92 57.43
N THR S 150 46.29 -24.82 57.29
CA THR S 150 47.34 -24.71 56.29
C THR S 150 48.58 -24.08 56.91
N THR S 151 49.74 -24.42 56.37
CA THR S 151 50.99 -23.88 56.88
C THR S 151 52.05 -23.96 55.80
N TYR S 152 53.18 -23.32 56.06
CA TYR S 152 54.30 -23.34 55.12
C TYR S 152 55.13 -24.58 55.36
N GLN S 153 55.44 -25.31 54.29
CA GLN S 153 56.20 -26.54 54.39
C GLN S 153 57.69 -26.26 54.20
N GLN S 154 58.50 -27.20 54.68
CA GLN S 154 59.95 -27.07 54.63
C GLN S 154 60.54 -27.47 53.29
N THR S 155 59.80 -28.16 52.45
CA THR S 155 60.33 -28.65 51.19
C THR S 155 60.62 -27.50 50.23
N THR S 156 61.69 -27.64 49.44
CA THR S 156 62.04 -26.63 48.46
C THR S 156 62.04 -27.21 47.05
N ALA S 157 61.03 -28.01 46.73
CA ALA S 157 60.88 -28.60 45.41
C ALA S 157 60.28 -27.56 44.46
N LYS S 158 59.74 -28.03 43.33
CA LYS S 158 59.01 -27.13 42.43
C LYS S 158 57.81 -26.53 43.17
N THR S 159 57.65 -25.21 43.04
CA THR S 159 56.66 -24.47 43.83
C THR S 159 55.69 -23.64 43.03
N VAL S 160 56.01 -23.26 41.79
CA VAL S 160 55.16 -22.39 40.97
C VAL S 160 54.98 -21.06 41.71
N GLU S 161 56.08 -20.32 41.85
CA GLU S 161 56.07 -18.99 42.43
C GLU S 161 57.17 -18.19 41.75
N GLU S 162 57.12 -16.87 41.91
CA GLU S 162 58.00 -15.99 41.16
C GLU S 162 58.68 -14.98 42.08
N ILE S 163 59.93 -14.66 41.73
CA ILE S 163 60.58 -13.43 42.14
C ILE S 163 61.27 -12.84 40.93
N ASP S 164 61.10 -11.54 40.72
CA ASP S 164 61.73 -10.88 39.60
C ASP S 164 63.12 -10.40 40.01
N MET S 165 64.12 -10.74 39.19
CA MET S 165 65.48 -10.29 39.40
C MET S 165 65.88 -9.40 38.23
N HIS S 166 66.77 -8.45 38.48
CA HIS S 166 67.21 -7.59 37.41
C HIS S 166 68.65 -7.19 37.66
N MET S 167 69.31 -6.76 36.59
CA MET S 167 70.74 -6.50 36.63
C MET S 167 71.02 -5.28 37.50
N PRO S 168 72.01 -5.35 38.40
CA PRO S 168 72.19 -4.27 39.37
C PRO S 168 72.65 -3.00 38.67
N PRO S 169 72.27 -1.83 39.20
CA PRO S 169 72.72 -0.57 38.60
C PRO S 169 74.16 -0.27 38.96
N ASP S 170 74.70 0.75 38.29
CA ASP S 170 76.08 1.17 38.54
C ASP S 170 76.17 1.86 39.88
N THR S 171 76.72 1.17 40.87
CA THR S 171 76.83 1.73 42.21
C THR S 171 77.84 2.86 42.23
N PRO S 172 77.47 4.05 42.70
CA PRO S 172 78.44 5.14 42.78
C PRO S 172 79.31 5.00 44.01
N ASP S 173 80.56 5.45 43.86
CA ASP S 173 81.51 5.41 44.96
C ASP S 173 82.52 6.52 44.77
N ARG S 174 82.93 7.13 45.88
CA ARG S 174 83.90 8.21 45.84
C ARG S 174 85.16 7.93 46.63
N THR S 175 85.29 6.78 47.30
CA THR S 175 86.52 6.46 47.99
C THR S 175 87.64 6.09 47.02
N LEU S 176 87.31 5.89 45.74
CA LEU S 176 88.32 5.52 44.76
C LEU S 176 89.08 6.71 44.20
N LEU S 177 88.53 7.92 44.26
CA LEU S 177 89.20 9.09 43.73
C LEU S 177 90.29 9.55 44.70
N SER S 178 91.55 9.37 44.30
CA SER S 178 92.70 9.74 45.12
C SER S 178 93.37 10.95 44.48
N GLN S 179 93.01 12.14 44.95
CA GLN S 179 93.67 13.35 44.49
C GLN S 179 95.02 13.49 45.19
N GLN S 180 96.11 13.36 44.42
CA GLN S 180 97.43 13.46 45.00
C GLN S 180 97.98 14.87 44.92
N SER S 181 98.17 15.38 43.71
CA SER S 181 98.58 16.76 43.48
C SER S 181 98.23 17.13 42.03
N GLY S 182 97.11 17.82 41.84
CA GLY S 182 96.70 18.19 40.50
C GLY S 182 96.42 17.01 39.60
N ASN S 183 96.21 15.83 40.17
CA ASN S 183 95.95 14.62 39.40
C ASN S 183 95.19 13.65 40.28
N VAL S 184 94.57 12.67 39.64
CA VAL S 184 93.71 11.72 40.35
C VAL S 184 94.12 10.30 39.98
N LYS S 185 93.85 9.38 40.89
CA LYS S 185 94.04 7.95 40.67
C LYS S 185 92.72 7.23 40.91
N ILE S 186 92.44 6.23 40.08
CA ILE S 186 91.20 5.46 40.19
C ILE S 186 91.56 4.03 40.56
N THR S 187 91.07 3.59 41.71
CA THR S 187 91.40 2.27 42.24
C THR S 187 90.69 1.18 41.43
N VAL S 188 91.32 0.02 41.37
CA VAL S 188 90.82 -1.14 40.64
C VAL S 188 90.79 -2.33 41.58
N GLY S 189 90.61 -3.52 41.04
CA GLY S 189 90.48 -4.71 41.85
C GLY S 189 89.48 -5.69 41.28
N GLY S 190 89.00 -5.40 40.08
CA GLY S 190 88.07 -6.27 39.39
C GLY S 190 86.84 -5.51 39.00
N LYS S 191 86.72 -4.30 39.53
CA LYS S 191 85.56 -3.45 39.30
C LYS S 191 85.87 -2.51 38.15
N LYS S 192 85.24 -2.76 37.01
CA LYS S 192 85.39 -1.89 35.85
C LYS S 192 84.52 -0.65 36.06
N VAL S 193 85.16 0.48 36.33
CA VAL S 193 84.45 1.67 36.74
C VAL S 193 84.11 2.53 35.53
N LYS S 194 83.03 3.30 35.66
CA LYS S 194 82.67 4.33 34.71
C LYS S 194 83.09 5.69 35.26
N TYR S 195 83.28 6.65 34.37
CA TYR S 195 83.67 7.98 34.81
C TYR S 195 83.10 9.03 33.86
N ASN S 196 83.00 10.25 34.38
CA ASN S 196 82.57 11.40 33.60
C ASN S 196 83.12 12.67 34.25
N CYS S 197 84.17 13.23 33.67
CA CYS S 197 84.87 14.38 34.24
C CYS S 197 84.81 15.51 33.22
N THR S 198 84.06 16.56 33.53
CA THR S 198 83.91 17.67 32.60
C THR S 198 85.06 18.67 32.73
N CYS S 199 86.28 18.22 32.44
CA CYS S 199 87.47 19.06 32.46
C CYS S 199 88.15 18.94 31.11
N GLY S 200 88.02 19.97 30.27
CA GLY S 200 88.60 19.88 28.95
C GLY S 200 87.74 19.08 28.00
N THR S 201 88.40 18.26 27.19
CA THR S 201 87.70 17.47 26.18
C THR S 201 87.05 16.25 26.80
N GLY S 202 86.57 15.34 25.95
CA GLY S 202 85.89 14.14 26.42
C GLY S 202 86.75 13.27 27.32
N ASN S 203 86.26 13.01 28.54
CA ASN S 203 86.92 12.15 29.50
C ASN S 203 85.92 11.17 30.09
N VAL S 204 85.15 10.52 29.22
CA VAL S 204 84.12 9.57 29.63
C VAL S 204 84.45 8.20 29.07
N GLY S 205 83.85 7.18 29.68
CA GLY S 205 84.11 5.80 29.31
C GLY S 205 84.47 4.96 30.52
N THR S 206 84.67 3.68 30.26
CA THR S 206 85.01 2.72 31.29
C THR S 206 86.49 2.37 31.23
N THR S 207 86.96 1.70 32.28
CA THR S 207 88.37 1.33 32.37
C THR S 207 88.51 0.17 33.34
N ASN S 208 89.63 -0.55 33.21
CA ASN S 208 89.99 -1.61 34.14
C ASN S 208 91.37 -1.42 34.73
N SER S 209 91.92 -0.21 34.67
CA SER S 209 93.25 0.09 35.20
C SER S 209 93.26 1.51 35.72
N ASP S 210 94.24 1.80 36.57
CA ASP S 210 94.36 3.14 37.13
C ASP S 210 94.60 4.16 36.04
N MET S 211 94.01 5.34 36.20
CA MET S 211 94.14 6.41 35.24
C MET S 211 94.43 7.71 35.97
N THR S 212 94.91 8.69 35.20
CA THR S 212 95.12 10.05 35.69
C THR S 212 94.50 11.02 34.70
N ILE S 213 93.83 12.04 35.21
CA ILE S 213 93.27 13.08 34.34
C ILE S 213 94.25 14.25 34.33
N ASN S 214 94.93 14.47 35.46
CA ASN S 214 96.06 15.40 35.57
C ASN S 214 95.60 16.84 35.38
N THR S 215 94.32 17.04 35.08
CA THR S 215 93.83 18.37 34.75
C THR S 215 93.17 19.03 35.95
N CYS S 216 92.14 18.40 36.50
CA CYS S 216 91.30 19.02 37.52
C CYS S 216 91.26 18.15 38.77
N LEU S 217 90.51 18.57 39.78
CA LEU S 217 90.41 17.84 41.04
C LEU S 217 89.36 16.75 40.96
N ILE S 218 89.03 16.16 42.11
CA ILE S 218 88.00 15.14 42.18
C ILE S 218 86.59 15.71 42.21
N GLU S 219 86.45 17.03 42.09
CA GLU S 219 85.14 17.67 42.23
C GLU S 219 84.20 17.25 41.10
N GLN S 220 84.75 16.78 39.99
CA GLN S 220 83.94 16.38 38.85
C GLN S 220 84.05 14.90 38.50
N CYS S 221 85.19 14.28 38.74
CA CYS S 221 85.35 12.87 38.39
C CYS S 221 84.49 12.00 39.30
N HIS S 222 83.87 10.98 38.71
CA HIS S 222 83.02 10.06 39.44
C HIS S 222 83.30 8.62 39.04
N VAL S 223 83.06 7.73 39.99
CA VAL S 223 83.19 6.29 39.79
C VAL S 223 81.82 5.67 39.92
N SER S 224 81.48 4.77 39.00
CA SER S 224 80.25 3.98 39.09
C SER S 224 80.61 2.55 38.72
N VAL S 225 80.79 1.70 39.73
CA VAL S 225 81.11 0.31 39.49
C VAL S 225 79.98 -0.33 38.69
N THR S 226 80.34 -0.95 37.56
CA THR S 226 79.34 -1.49 36.65
C THR S 226 79.31 -3.01 36.67
N ASP S 227 79.34 -3.60 37.87
CA ASP S 227 79.24 -5.04 37.99
C ASP S 227 78.01 -5.56 37.25
N HIS S 228 78.25 -6.42 36.27
CA HIS S 228 77.16 -6.91 35.43
C HIS S 228 77.12 -8.43 35.29
N LYS S 229 77.61 -9.21 36.25
CA LYS S 229 77.73 -10.64 36.06
C LYS S 229 76.72 -11.44 36.88
N LYS S 230 75.76 -10.79 37.52
CA LYS S 230 74.81 -11.52 38.34
C LYS S 230 73.56 -10.73 38.73
N TRP S 231 72.40 -11.37 38.61
CA TRP S 231 71.12 -10.78 39.00
C TRP S 231 71.11 -10.49 40.49
N GLN S 232 70.36 -9.47 40.90
CA GLN S 232 70.31 -9.09 42.31
C GLN S 232 68.92 -9.22 42.92
N PHE S 233 67.97 -8.38 42.53
CA PHE S 233 66.57 -8.39 42.96
C PHE S 233 65.89 -7.16 42.37
N ASN S 234 64.56 -7.22 42.30
CA ASN S 234 63.76 -6.09 41.82
C ASN S 234 63.06 -5.44 43.02
N SER S 235 63.79 -4.58 43.71
CA SER S 235 63.29 -3.97 44.93
C SER S 235 63.03 -2.49 44.72
N PRO S 236 61.99 -1.94 45.35
CA PRO S 236 61.70 -0.50 45.16
C PRO S 236 62.75 0.41 45.74
N PHE S 237 63.65 -0.08 46.59
CA PHE S 237 64.66 0.77 47.21
C PHE S 237 65.96 0.82 46.43
N VAL S 238 66.03 0.18 45.27
CA VAL S 238 67.24 0.15 44.45
C VAL S 238 66.87 0.49 43.00
N PRO S 239 67.56 1.43 42.37
CA PRO S 239 67.11 1.92 41.06
C PRO S 239 67.18 0.90 39.94
N ARG S 240 66.76 1.29 38.74
CA ARG S 240 66.87 0.45 37.55
C ARG S 240 67.94 1.00 36.62
N ALA S 241 68.30 0.19 35.62
CA ALA S 241 69.35 0.53 34.68
C ALA S 241 68.83 0.80 33.28
N ASP S 242 67.82 0.06 32.82
CA ASP S 242 67.30 0.16 31.47
C ASP S 242 65.84 0.56 31.51
N GLU S 243 65.41 1.35 30.53
CA GLU S 243 64.06 1.89 30.54
C GLU S 243 62.98 0.82 30.43
N PRO S 244 63.08 -0.22 29.56
CA PRO S 244 61.97 -1.17 29.45
C PRO S 244 62.11 -2.30 30.46
N ALA S 245 63.09 -2.16 31.35
CA ALA S 245 63.48 -3.17 32.33
C ALA S 245 64.03 -4.41 31.64
N ARG S 246 64.56 -5.35 32.43
CA ARG S 246 65.11 -6.58 31.88
C ARG S 246 64.37 -7.79 32.39
N LYS S 247 64.38 -7.98 33.71
CA LYS S 247 63.55 -8.94 34.42
C LYS S 247 64.09 -10.36 34.33
N GLY S 248 63.63 -11.21 35.22
CA GLY S 248 64.03 -12.59 35.29
C GLY S 248 63.14 -13.27 36.30
N LYS S 249 63.43 -14.54 36.58
CA LYS S 249 62.61 -15.26 37.54
C LYS S 249 63.50 -16.20 38.36
N VAL S 250 63.06 -16.45 39.59
CA VAL S 250 63.61 -17.48 40.45
C VAL S 250 62.55 -17.85 41.48
N HIS S 251 62.29 -19.14 41.66
CA HIS S 251 61.21 -19.58 42.52
C HIS S 251 61.45 -19.22 43.97
N ILE S 252 60.40 -19.19 44.79
CA ILE S 252 60.58 -18.96 46.22
C ILE S 252 60.53 -20.34 46.89
N PRO S 253 61.23 -20.53 47.99
CA PRO S 253 61.09 -21.78 48.74
C PRO S 253 59.84 -21.74 49.63
N PHE S 254 59.59 -22.85 50.30
CA PHE S 254 58.52 -22.97 51.29
C PHE S 254 57.14 -22.69 50.70
N PRO S 255 56.58 -23.59 49.90
CA PRO S 255 55.21 -23.41 49.44
C PRO S 255 54.21 -23.73 50.54
N LEU S 256 52.99 -23.26 50.36
CA LEU S 256 51.93 -23.49 51.34
C LEU S 256 51.24 -24.81 51.07
N ASP S 257 50.86 -25.52 52.14
CA ASP S 257 50.30 -26.85 52.00
C ASP S 257 49.42 -27.17 53.21
N ASN S 258 48.61 -28.21 53.06
CA ASN S 258 47.57 -28.55 54.03
C ASN S 258 48.12 -29.46 55.12
N ILE S 259 47.91 -29.09 56.38
CA ILE S 259 48.20 -29.95 57.53
C ILE S 259 47.00 -29.92 58.46
N THR S 260 47.12 -30.48 59.66
CA THR S 260 46.04 -30.48 60.63
C THR S 260 46.51 -29.98 61.99
N CYS S 261 45.61 -29.33 62.72
CA CYS S 261 45.84 -28.86 64.08
C CYS S 261 45.10 -29.73 65.08
N ARG S 262 45.45 -29.57 66.35
CA ARG S 262 44.66 -30.09 67.45
C ARG S 262 44.12 -28.93 68.26
N VAL S 263 42.80 -28.94 68.49
CA VAL S 263 42.14 -27.88 69.23
C VAL S 263 41.44 -28.51 70.42
N PRO S 264 41.44 -27.88 71.58
CA PRO S 264 40.81 -28.48 72.76
C PRO S 264 39.29 -28.45 72.63
N MET S 265 38.63 -29.12 73.56
CA MET S 265 37.18 -29.10 73.65
C MET S 265 36.78 -28.64 75.04
N ALA S 266 35.96 -27.60 75.13
CA ALA S 266 35.61 -27.05 76.42
C ALA S 266 34.62 -27.94 77.16
N ARG S 267 34.51 -27.72 78.46
CA ARG S 267 33.71 -28.57 79.33
C ARG S 267 32.23 -28.48 79.00
N GLU S 268 31.52 -29.54 79.32
CA GLU S 268 30.08 -29.56 79.12
C GLU S 268 29.42 -28.66 80.15
N PRO S 269 28.63 -27.67 79.73
CA PRO S 269 28.02 -26.75 80.69
C PRO S 269 26.95 -27.43 81.51
N THR S 270 26.70 -26.85 82.68
CA THR S 270 25.69 -27.36 83.60
C THR S 270 24.32 -26.84 83.19
N VAL S 271 23.35 -27.75 83.08
CA VAL S 271 22.00 -27.41 82.68
C VAL S 271 21.09 -27.47 83.89
N ILE S 272 20.14 -26.55 83.96
CA ILE S 272 19.12 -26.53 85.01
C ILE S 272 17.77 -26.37 84.34
N HIS S 273 16.89 -27.36 84.52
CA HIS S 273 15.63 -27.36 83.83
C HIS S 273 14.63 -26.40 84.49
N GLY S 274 13.79 -25.79 83.66
CA GLY S 274 12.75 -24.90 84.14
C GLY S 274 11.48 -25.09 83.35
N LYS S 275 10.55 -24.14 83.44
CA LYS S 275 9.31 -24.23 82.67
C LYS S 275 9.54 -23.59 81.31
N ARG S 276 9.82 -24.42 80.31
CA ARG S 276 10.12 -23.95 78.96
C ARG S 276 11.30 -22.98 78.97
N GLU S 277 12.33 -23.34 79.72
CA GLU S 277 13.50 -22.49 79.89
C GLU S 277 14.64 -23.33 80.42
N VAL S 278 15.87 -22.93 80.08
CA VAL S 278 17.08 -23.60 80.56
C VAL S 278 18.03 -22.55 81.09
N THR S 279 18.43 -22.68 82.34
CA THR S 279 19.48 -21.86 82.94
C THR S 279 20.78 -22.63 82.85
N LEU S 280 21.81 -21.99 82.30
CA LEU S 280 22.96 -22.71 81.79
C LEU S 280 24.24 -22.08 82.35
N HIS S 281 25.06 -22.90 83.00
CA HIS S 281 26.28 -22.42 83.67
C HIS S 281 27.49 -22.71 82.79
N LEU S 282 28.29 -21.69 82.55
CA LEU S 282 29.42 -21.77 81.62
C LEU S 282 30.72 -21.47 82.34
N HIS S 283 31.70 -22.36 82.20
CA HIS S 283 33.02 -22.22 82.82
C HIS S 283 34.09 -22.31 81.75
N PRO S 284 34.49 -21.20 81.14
CA PRO S 284 35.55 -21.24 80.14
C PRO S 284 36.93 -20.95 80.71
N ASP S 285 37.93 -21.63 80.15
CA ASP S 285 39.32 -21.36 80.50
C ASP S 285 39.96 -20.33 79.59
N HIS S 286 39.36 -20.09 78.43
CA HIS S 286 39.88 -19.14 77.45
C HIS S 286 38.72 -18.77 76.54
N PRO S 287 38.81 -17.64 75.84
CA PRO S 287 37.69 -17.19 75.03
C PRO S 287 37.08 -18.25 74.13
N THR S 288 35.85 -18.67 74.40
CA THR S 288 35.14 -19.63 73.59
C THR S 288 33.87 -19.00 73.04
N LEU S 289 33.33 -19.57 71.97
CA LEU S 289 32.17 -19.02 71.29
C LEU S 289 30.92 -19.81 71.67
N PHE S 290 29.93 -19.14 72.24
CA PHE S 290 28.68 -19.76 72.61
C PHE S 290 27.56 -19.16 71.78
N SER S 291 26.79 -20.02 71.11
CA SER S 291 25.72 -19.55 70.26
C SER S 291 24.61 -20.60 70.22
N TYR S 292 23.38 -20.12 70.08
CA TYR S 292 22.22 -20.99 70.08
C TYR S 292 21.18 -20.41 69.14
N ARG S 293 20.22 -21.26 68.77
CA ARG S 293 19.09 -20.81 67.97
C ARG S 293 17.91 -21.71 68.24
N THR S 294 16.71 -21.14 68.14
CA THR S 294 15.48 -21.90 68.32
C THR S 294 15.04 -22.47 66.98
N LEU S 295 14.88 -23.78 66.92
CA LEU S 295 14.68 -24.47 65.66
C LEU S 295 13.22 -24.64 65.30
N GLY S 296 12.49 -23.51 65.32
CA GLY S 296 11.14 -23.44 64.84
C GLY S 296 11.03 -22.64 63.56
N GLU S 297 9.82 -22.14 63.31
CA GLU S 297 9.58 -21.38 62.08
C GLU S 297 10.34 -20.07 62.08
N ASP S 298 10.34 -19.35 63.20
CA ASP S 298 11.01 -18.06 63.32
C ASP S 298 12.06 -18.17 64.41
N PRO S 299 13.33 -18.32 64.07
CA PRO S 299 14.35 -18.60 65.08
C PRO S 299 14.67 -17.38 65.92
N GLN S 300 15.28 -17.65 67.07
CA GLN S 300 15.73 -16.66 68.03
C GLN S 300 17.24 -16.84 68.19
N TYR S 301 17.99 -15.83 67.78
CA TYR S 301 19.40 -16.01 67.47
C TYR S 301 20.22 -15.74 68.73
N HIS S 302 21.52 -16.02 68.69
CA HIS S 302 22.47 -15.38 69.60
C HIS S 302 23.89 -15.84 69.27
N GLU S 303 24.88 -15.00 69.53
CA GLU S 303 26.26 -15.38 69.29
C GLU S 303 27.16 -14.45 70.08
N GLU S 304 28.12 -15.04 70.80
CA GLU S 304 28.85 -14.27 71.79
C GLU S 304 30.17 -14.97 72.10
N TRP S 305 31.18 -14.16 72.43
CA TRP S 305 32.50 -14.65 72.82
C TRP S 305 32.58 -14.65 74.34
N VAL S 306 32.37 -15.81 74.95
CA VAL S 306 32.42 -15.91 76.41
C VAL S 306 33.85 -15.83 76.87
N THR S 307 34.10 -15.03 77.90
CA THR S 307 35.45 -14.82 78.41
C THR S 307 35.63 -15.21 79.86
N ALA S 308 34.68 -14.91 80.73
CA ALA S 308 34.73 -15.31 82.13
C ALA S 308 33.48 -16.14 82.44
N ALA S 309 33.45 -16.70 83.65
CA ALA S 309 32.30 -17.51 84.05
C ALA S 309 31.03 -16.67 84.05
N VAL S 310 29.98 -17.19 83.43
CA VAL S 310 28.71 -16.48 83.28
C VAL S 310 27.57 -17.42 83.61
N GLU S 311 26.36 -16.96 83.34
CA GLU S 311 25.15 -17.72 83.58
C GLU S 311 24.08 -17.23 82.61
N ARG S 312 23.61 -18.11 81.73
CA ARG S 312 22.69 -17.71 80.68
C ARG S 312 21.41 -18.53 80.75
N THR S 313 20.31 -17.86 80.42
CA THR S 313 19.00 -18.50 80.34
C THR S 313 18.54 -18.48 78.88
N ILE S 314 18.15 -19.65 78.38
CA ILE S 314 17.83 -19.82 76.97
C ILE S 314 16.44 -20.42 76.85
N PRO S 315 15.58 -19.90 75.99
CA PRO S 315 14.21 -20.40 75.92
C PRO S 315 14.12 -21.67 75.08
N VAL S 316 13.31 -22.62 75.55
CA VAL S 316 13.14 -23.89 74.87
C VAL S 316 11.66 -24.12 74.60
N PRO S 317 11.14 -23.67 73.47
CA PRO S 317 9.73 -23.96 73.15
C PRO S 317 9.52 -25.43 72.85
N VAL S 318 8.29 -25.83 72.55
CA VAL S 318 8.00 -27.24 72.29
C VAL S 318 8.67 -27.72 71.01
N ASP S 319 9.09 -26.81 70.14
CA ASP S 319 9.81 -27.22 68.94
C ASP S 319 11.23 -27.66 69.22
N GLY S 320 11.84 -27.13 70.29
CA GLY S 320 13.19 -27.47 70.65
C GLY S 320 14.18 -26.39 70.26
N MET S 321 15.42 -26.57 70.71
CA MET S 321 16.48 -25.63 70.36
C MET S 321 17.84 -26.32 70.53
N GLU S 322 18.85 -25.76 69.88
CA GLU S 322 20.21 -26.29 69.96
C GLU S 322 21.17 -25.19 70.36
N TYR S 323 22.28 -25.58 70.98
CA TYR S 323 23.32 -24.65 71.38
C TYR S 323 24.68 -25.22 71.03
N HIS S 324 25.63 -24.34 70.74
CA HIS S 324 26.94 -24.73 70.24
C HIS S 324 27.99 -24.12 71.15
N TRP S 325 28.60 -24.94 71.99
CA TRP S 325 29.50 -24.44 73.03
C TRP S 325 30.92 -24.86 72.70
N GLY S 326 31.76 -23.88 72.37
CA GLY S 326 33.15 -24.18 72.09
C GLY S 326 33.29 -25.06 70.88
N ASN S 327 34.17 -26.05 70.99
CA ASN S 327 34.44 -26.98 69.90
C ASN S 327 33.59 -28.23 69.95
N ASN S 328 32.71 -28.36 70.94
CA ASN S 328 31.86 -29.52 71.05
C ASN S 328 30.82 -29.52 69.92
N ASP S 329 30.18 -30.67 69.74
CA ASP S 329 29.10 -30.75 68.78
C ASP S 329 27.84 -30.09 69.35
N PRO S 330 26.97 -29.56 68.49
CA PRO S 330 25.73 -28.96 68.98
C PRO S 330 24.84 -29.99 69.63
N VAL S 331 24.11 -29.56 70.65
CA VAL S 331 23.22 -30.40 71.42
C VAL S 331 21.81 -29.83 71.35
N ARG S 332 20.82 -30.68 71.12
CA ARG S 332 19.44 -30.26 70.97
C ARG S 332 18.64 -30.64 72.21
N LEU S 333 17.76 -29.74 72.64
CA LEU S 333 16.89 -29.96 73.79
C LEU S 333 15.46 -29.62 73.42
N TRP S 334 14.52 -30.47 73.81
CA TRP S 334 13.12 -30.29 73.49
C TRP S 334 12.32 -30.16 74.77
N SER S 335 11.40 -29.20 74.82
CA SER S 335 10.54 -29.06 75.97
C SER S 335 9.47 -30.14 75.95
N GLN S 336 8.57 -30.11 76.93
CA GLN S 336 7.61 -31.18 77.09
C GLN S 336 6.33 -30.61 77.69
N LEU S 337 5.19 -31.17 77.29
CA LEU S 337 3.89 -30.61 77.68
C LEU S 337 3.63 -30.92 79.15
N THR S 338 4.13 -30.04 80.02
CA THR S 338 3.92 -30.15 81.44
C THR S 338 3.27 -28.88 81.97
N THR S 339 2.56 -29.01 83.08
CA THR S 339 1.81 -27.89 83.65
C THR S 339 1.57 -28.16 85.14
N GLU S 340 0.68 -27.37 85.73
CA GLU S 340 0.40 -27.44 87.16
C GLU S 340 -1.04 -27.76 87.51
N GLY S 341 -1.96 -27.65 86.56
CA GLY S 341 -3.36 -27.92 86.85
C GLY S 341 -3.61 -29.40 87.03
N LYS S 342 -4.86 -29.71 87.36
CA LYS S 342 -5.30 -31.09 87.56
C LYS S 342 -6.39 -31.43 86.57
N PRO S 343 -6.09 -32.18 85.52
CA PRO S 343 -7.13 -32.60 84.59
C PRO S 343 -8.04 -33.64 85.22
N HIS S 344 -9.24 -33.75 84.66
CA HIS S 344 -10.25 -34.69 85.16
C HIS S 344 -10.61 -34.44 86.61
N GLY S 345 -10.57 -33.17 87.03
CA GLY S 345 -10.98 -32.80 88.36
C GLY S 345 -12.18 -31.90 88.33
N TRP S 346 -12.28 -30.99 89.29
CA TRP S 346 -13.39 -30.06 89.30
C TRP S 346 -13.26 -29.09 88.13
N PRO S 347 -14.36 -28.51 87.68
CA PRO S 347 -14.31 -27.59 86.55
C PRO S 347 -13.34 -26.42 86.72
N HIS S 348 -13.04 -26.05 87.95
CA HIS S 348 -12.09 -24.97 88.19
C HIS S 348 -10.65 -25.44 88.22
N GLN S 349 -10.40 -26.74 88.01
CA GLN S 349 -9.06 -27.26 87.86
C GLN S 349 -8.70 -27.61 86.42
N ILE S 350 -9.69 -28.02 85.64
CA ILE S 350 -9.46 -28.24 84.21
C ILE S 350 -9.06 -26.94 83.54
N VAL S 351 -9.66 -25.83 83.96
CA VAL S 351 -9.29 -24.53 83.40
C VAL S 351 -7.84 -24.21 83.72
N GLN S 352 -7.41 -24.49 84.95
CA GLN S 352 -6.00 -24.28 85.29
C GLN S 352 -5.09 -25.17 84.45
N TYR S 353 -5.46 -26.43 84.26
CA TYR S 353 -4.63 -27.34 83.48
C TYR S 353 -4.49 -26.87 82.04
N TYR S 354 -5.58 -26.46 81.42
CA TYR S 354 -5.54 -25.97 80.06
C TYR S 354 -5.13 -24.51 79.98
N TYR S 355 -4.88 -23.86 81.11
CA TYR S 355 -4.27 -22.55 81.13
C TYR S 355 -2.76 -22.61 81.25
N GLY S 356 -2.23 -23.65 81.89
CA GLY S 356 -0.80 -23.85 81.84
C GLY S 356 -0.30 -24.03 80.41
N LEU S 357 -1.11 -24.68 79.59
CA LEU S 357 -0.84 -24.83 78.16
C LEU S 357 -1.63 -23.78 77.41
N TYR S 358 -0.94 -23.01 76.58
CA TYR S 358 -1.60 -22.03 75.72
C TYR S 358 -2.40 -21.04 76.56
N PRO S 359 -1.75 -20.21 77.37
CA PRO S 359 -2.51 -19.38 78.31
C PRO S 359 -3.13 -18.15 77.67
N ALA S 360 -3.53 -18.25 76.41
CA ALA S 360 -4.16 -17.14 75.72
C ALA S 360 -5.41 -17.51 74.96
N ALA S 361 -5.62 -18.79 74.63
CA ALA S 361 -6.88 -19.22 74.06
C ALA S 361 -7.85 -19.73 75.11
N THR S 362 -7.33 -20.22 76.24
CA THR S 362 -8.22 -20.68 77.31
C THR S 362 -9.06 -19.54 77.86
N VAL S 363 -8.45 -18.38 78.09
CA VAL S 363 -9.19 -17.24 78.61
C VAL S 363 -10.27 -16.80 77.63
N SER S 364 -9.90 -16.73 76.35
CA SER S 364 -10.88 -16.33 75.33
C SER S 364 -12.03 -17.31 75.25
N ALA S 365 -11.74 -18.61 75.27
CA ALA S 365 -12.80 -19.61 75.19
C ALA S 365 -13.71 -19.53 76.40
N VAL S 366 -13.14 -19.38 77.60
CA VAL S 366 -13.96 -19.29 78.80
C VAL S 366 -14.85 -18.05 78.74
N VAL S 367 -14.30 -16.92 78.30
CA VAL S 367 -15.08 -15.69 78.22
C VAL S 367 -16.23 -15.86 77.24
N GLY S 368 -15.95 -16.42 76.06
CA GLY S 368 -17.00 -16.61 75.08
C GLY S 368 -18.10 -17.54 75.57
N MET S 369 -17.72 -18.65 76.21
CA MET S 369 -18.72 -19.59 76.69
C MET S 369 -19.58 -18.97 77.79
N SER S 370 -18.96 -18.23 78.73
CA SER S 370 -19.74 -17.60 79.79
C SER S 370 -20.69 -16.56 79.21
N LEU S 371 -20.22 -15.77 78.24
CA LEU S 371 -21.08 -14.79 77.60
C LEU S 371 -22.26 -15.46 76.90
N LEU S 372 -22.02 -16.56 76.21
CA LEU S 372 -23.11 -17.27 75.54
C LEU S 372 -24.12 -17.80 76.55
N ALA S 373 -23.64 -18.34 77.67
CA ALA S 373 -24.57 -18.84 78.69
C ALA S 373 -25.40 -17.70 79.27
N LEU S 374 -24.78 -16.55 79.53
CA LEU S 374 -25.55 -15.41 80.04
C LEU S 374 -26.60 -14.97 79.04
N ILE S 375 -26.24 -14.91 77.76
CA ILE S 375 -27.22 -14.52 76.74
C ILE S 375 -28.39 -15.48 76.73
N SER S 376 -28.11 -16.78 76.77
CA SER S 376 -29.18 -17.77 76.73
C SER S 376 -30.11 -17.62 77.94
N ILE S 377 -29.53 -17.46 79.13
CA ILE S 377 -30.37 -17.39 80.33
C ILE S 377 -31.20 -16.11 80.34
N PHE S 378 -30.62 -15.00 79.88
CA PHE S 378 -31.37 -13.75 79.81
C PHE S 378 -32.51 -13.86 78.81
N ALA S 379 -32.26 -14.48 77.66
CA ALA S 379 -33.32 -14.64 76.67
C ALA S 379 -34.46 -15.49 77.20
N SER S 380 -34.13 -16.60 77.89
CA SER S 380 -35.19 -17.43 78.44
C SER S 380 -36.00 -16.69 79.50
N CYS S 381 -35.33 -15.99 80.41
CA CYS S 381 -36.06 -15.27 81.45
C CYS S 381 -36.95 -14.19 80.86
N TYR S 382 -36.44 -13.46 79.86
CA TYR S 382 -37.24 -12.45 79.20
C TYR S 382 -38.43 -13.07 78.49
N MET S 383 -38.25 -14.25 77.90
CA MET S 383 -39.36 -14.90 77.23
C MET S 383 -40.47 -15.29 78.19
N LEU S 384 -40.10 -15.83 79.37
CA LEU S 384 -41.14 -16.10 80.38
C LEU S 384 -41.81 -14.81 80.85
N VAL S 385 -41.04 -13.74 81.04
CA VAL S 385 -41.65 -12.49 81.49
C VAL S 385 -42.66 -12.00 80.48
N ALA S 386 -42.29 -12.00 79.20
CA ALA S 386 -43.20 -11.56 78.15
C ALA S 386 -44.42 -12.45 78.06
N ALA S 387 -44.24 -13.76 78.19
CA ALA S 387 -45.38 -14.68 78.12
C ALA S 387 -46.36 -14.42 79.27
N ARG S 388 -45.87 -14.25 80.48
CA ARG S 388 -46.76 -13.94 81.60
C ARG S 388 -47.48 -12.62 81.38
N SER S 389 -46.75 -11.59 80.94
CA SER S 389 -47.38 -10.30 80.72
C SER S 389 -48.46 -10.39 79.65
N LYS S 390 -48.23 -11.20 78.62
CA LYS S 390 -49.24 -11.37 77.58
C LYS S 390 -50.44 -12.15 78.08
N CYS S 391 -50.21 -13.14 78.95
CA CYS S 391 -51.33 -13.90 79.48
C CYS S 391 -52.21 -13.06 80.41
N LEU S 392 -51.60 -12.19 81.20
CA LEU S 392 -52.37 -11.47 82.22
C LEU S 392 -53.00 -10.18 81.70
N THR S 393 -52.57 -9.66 80.55
CA THR S 393 -53.07 -8.36 80.11
C THR S 393 -54.57 -8.32 79.82
N PRO S 394 -55.21 -9.31 79.19
CA PRO S 394 -56.64 -9.16 78.93
C PRO S 394 -57.48 -9.07 80.19
N TYR S 395 -57.07 -9.73 81.27
CA TYR S 395 -57.79 -9.62 82.53
C TYR S 395 -57.69 -8.23 83.12
N ALA S 396 -56.73 -7.43 82.67
CA ALA S 396 -56.55 -6.09 83.20
C ALA S 396 -57.37 -5.04 82.46
N LEU S 397 -58.09 -5.42 81.42
CA LEU S 397 -58.94 -4.49 80.68
C LEU S 397 -60.43 -4.67 80.96
N THR S 398 -60.80 -5.60 81.84
CA THR S 398 -62.18 -5.75 82.27
C THR S 398 -62.25 -5.81 83.79
N PRO S 399 -63.36 -5.36 84.37
CA PRO S 399 -63.51 -5.45 85.83
C PRO S 399 -63.77 -6.87 86.30
N GLY S 400 -62.88 -7.80 85.94
CA GLY S 400 -63.04 -9.20 86.28
C GLY S 400 -62.21 -9.62 87.49
N ALA S 401 -62.26 -10.92 87.76
CA ALA S 401 -61.61 -11.51 88.92
C ALA S 401 -60.20 -11.97 88.57
N ALA S 402 -59.48 -12.42 89.58
CA ALA S 402 -58.10 -12.88 89.43
C ALA S 402 -57.98 -14.34 89.05
N VAL S 403 -59.04 -15.13 89.23
CA VAL S 403 -59.03 -16.56 88.90
C VAL S 403 -57.93 -17.22 89.74
N PRO S 404 -58.15 -17.42 91.04
CA PRO S 404 -57.06 -17.91 91.92
C PRO S 404 -56.32 -19.14 91.40
N TRP S 405 -56.96 -19.97 90.57
CA TRP S 405 -56.22 -21.07 89.96
C TRP S 405 -55.08 -20.55 89.10
N THR S 406 -55.34 -19.49 88.32
CA THR S 406 -54.27 -18.85 87.56
C THR S 406 -53.42 -17.94 88.45
N LEU S 407 -54.00 -17.37 89.51
CA LEU S 407 -53.23 -16.52 90.40
C LEU S 407 -52.10 -17.30 91.07
N GLY S 408 -52.38 -18.52 91.52
CA GLY S 408 -51.35 -19.30 92.17
C GLY S 408 -50.18 -19.61 91.25
N ILE S 409 -50.49 -20.06 90.03
CA ILE S 409 -49.44 -20.44 89.08
C ILE S 409 -48.68 -19.21 88.60
N LEU S 410 -49.40 -18.18 88.17
CA LEU S 410 -48.79 -16.98 87.61
C LEU S 410 -48.86 -15.87 88.65
N CYS S 411 -47.70 -15.51 89.19
CA CYS S 411 -47.63 -14.47 90.21
C CYS S 411 -47.91 -13.11 89.59
N CYS S 412 -48.73 -12.32 90.25
CA CYS S 412 -49.07 -10.98 89.81
C CYS S 412 -48.83 -9.99 90.96
N ALA S 413 -48.82 -8.71 90.61
CA ALA S 413 -48.64 -7.67 91.63
C ALA S 413 -49.72 -7.69 92.69
N PRO S 414 -51.03 -7.79 92.36
CA PRO S 414 -52.03 -7.90 93.44
C PRO S 414 -51.96 -9.25 94.13
N ARG S 415 -51.33 -9.28 95.31
CA ARG S 415 -51.23 -10.53 96.05
C ARG S 415 -52.60 -10.94 96.61
N ALA S 416 -53.30 -10.00 97.23
CA ALA S 416 -54.62 -10.27 97.79
C ALA S 416 -55.66 -9.21 97.47
N HIS S 417 -55.27 -8.02 97.03
CA HIS S 417 -56.23 -6.95 96.73
C HIS S 417 -56.63 -7.07 95.26
N ALA S 418 -57.80 -7.66 95.02
CA ALA S 418 -58.35 -7.83 93.68
C ALA S 418 -57.40 -8.58 92.76
N LYS T 1 -85.79 12.75 78.16
CA LYS T 1 -85.48 11.94 79.34
C LYS T 1 -84.19 11.16 79.15
N ARG T 2 -84.21 10.22 78.20
CA ARG T 2 -83.04 9.39 77.94
C ARG T 2 -81.87 10.23 77.40
N GLU T 3 -82.16 11.18 76.52
CA GLU T 3 -81.10 12.03 75.97
C GLU T 3 -80.44 12.86 77.07
N ARG T 4 -81.25 13.48 77.92
CA ARG T 4 -80.70 14.29 79.01
C ARG T 4 -79.90 13.45 79.99
N MET T 5 -80.40 12.27 80.33
CA MET T 5 -79.66 11.39 81.24
C MET T 5 -78.34 10.95 80.62
N CYS T 6 -78.35 10.60 79.33
CA CYS T 6 -77.13 10.20 78.66
C CYS T 6 -76.12 11.34 78.62
N MET T 7 -76.58 12.56 78.34
CA MET T 7 -75.67 13.71 78.35
C MET T 7 -75.12 13.96 79.75
N LYS T 8 -75.95 13.80 80.78
CA LYS T 8 -75.48 13.97 82.15
C LYS T 8 -74.40 12.95 82.49
N ILE T 9 -74.61 11.70 82.09
CA ILE T 9 -73.63 10.65 82.36
C ILE T 9 -72.34 10.90 81.59
N GLU T 10 -72.46 11.38 80.35
CA GLU T 10 -71.27 11.61 79.52
C GLU T 10 -70.39 12.71 80.10
N ASN T 11 -70.99 13.79 80.60
CA ASN T 11 -70.20 14.88 81.17
C ASN T 11 -69.40 14.40 82.37
N ASP T 12 -69.97 13.51 83.17
CA ASP T 12 -69.28 12.97 84.35
C ASP T 12 -68.36 11.81 84.02
N CYS T 13 -68.37 11.32 82.78
CA CYS T 13 -67.60 10.12 82.46
C CYS T 13 -66.87 10.20 81.12
N ILE T 14 -66.64 11.40 80.59
CA ILE T 14 -65.85 11.57 79.38
C ILE T 14 -64.85 12.70 79.60
N PHE T 15 -63.59 12.44 79.34
CA PHE T 15 -62.52 13.43 79.48
C PHE T 15 -61.81 13.56 78.15
N GLU T 16 -61.74 14.79 77.64
CA GLU T 16 -61.16 15.02 76.33
C GLU T 16 -59.65 14.81 76.35
N VAL T 17 -59.11 14.49 75.19
CA VAL T 17 -57.67 14.35 74.99
C VAL T 17 -57.27 15.28 73.86
N LYS T 18 -56.24 16.09 74.10
CA LYS T 18 -55.78 17.07 73.12
C LYS T 18 -54.29 16.91 72.89
N HIS T 19 -53.89 17.00 71.62
CA HIS T 19 -52.49 17.03 71.23
C HIS T 19 -52.26 18.26 70.35
N GLU T 20 -51.22 19.02 70.67
CA GLU T 20 -50.92 20.27 69.97
C GLU T 20 -52.08 21.26 70.04
N GLY T 21 -52.87 21.16 71.10
CA GLY T 21 -53.97 22.08 71.33
C GLY T 21 -55.27 21.73 70.65
N LYS T 22 -55.31 20.66 69.84
CA LYS T 22 -56.52 20.24 69.16
C LYS T 22 -56.95 18.88 69.68
N VAL T 23 -58.27 18.69 69.82
CA VAL T 23 -58.79 17.45 70.38
C VAL T 23 -58.66 16.33 69.37
N THR T 24 -58.28 15.14 69.86
CA THR T 24 -58.12 13.97 69.01
C THR T 24 -58.78 12.71 69.55
N GLY T 25 -59.19 12.68 70.82
CA GLY T 25 -59.76 11.46 71.37
C GLY T 25 -60.55 11.77 72.62
N TYR T 26 -60.99 10.70 73.28
CA TYR T 26 -61.76 10.81 74.52
C TYR T 26 -61.46 9.62 75.41
N ALA T 27 -61.41 9.86 76.71
CA ALA T 27 -61.25 8.82 77.71
C ALA T 27 -62.52 8.71 78.53
N CYS T 28 -62.90 7.48 78.87
CA CYS T 28 -64.15 7.25 79.58
C CYS T 28 -63.89 6.47 80.85
N LEU T 29 -64.71 6.73 81.86
CA LEU T 29 -64.64 6.03 83.14
C LEU T 29 -65.73 4.97 83.16
N VAL T 30 -65.34 3.71 83.00
CA VAL T 30 -66.26 2.58 83.02
C VAL T 30 -65.89 1.69 84.18
N GLY T 31 -66.88 1.35 85.01
CA GLY T 31 -66.61 0.56 86.19
C GLY T 31 -65.70 1.29 87.16
N ASP T 32 -64.46 0.82 87.28
CA ASP T 32 -63.45 1.46 88.12
C ASP T 32 -62.14 1.58 87.37
N LYS T 33 -62.20 1.77 86.05
CA LYS T 33 -60.99 1.82 85.24
C LYS T 33 -61.11 2.89 84.17
N VAL T 34 -60.00 3.59 83.92
CA VAL T 34 -59.90 4.50 82.80
C VAL T 34 -59.63 3.69 81.53
N MET T 35 -60.45 3.91 80.51
CA MET T 35 -60.25 3.27 79.21
C MET T 35 -60.11 4.32 78.13
N LYS T 36 -59.02 4.26 77.38
CA LYS T 36 -58.75 5.18 76.28
C LYS T 36 -58.15 4.39 75.13
N PRO T 37 -58.57 4.67 73.89
CA PRO T 37 -57.99 3.97 72.75
C PRO T 37 -56.49 4.18 72.66
N ALA T 38 -55.77 3.15 72.23
CA ALA T 38 -54.33 3.22 72.17
C ALA T 38 -53.83 4.03 70.98
N HIS T 39 -54.56 4.00 69.85
CA HIS T 39 -54.04 4.65 68.65
C HIS T 39 -54.05 6.17 68.78
N VAL T 40 -55.01 6.74 69.51
CA VAL T 40 -55.05 8.17 69.70
C VAL T 40 -53.96 8.58 70.69
N LYS T 41 -53.22 9.64 70.35
CA LYS T 41 -52.11 10.12 71.16
C LYS T 41 -52.41 11.53 71.66
N GLY T 42 -51.90 11.83 72.84
CA GLY T 42 -52.14 13.10 73.48
C GLY T 42 -52.04 12.95 74.99
N VAL T 43 -52.82 13.77 75.70
CA VAL T 43 -52.89 13.73 77.15
C VAL T 43 -54.31 14.05 77.59
N ILE T 44 -54.72 13.43 78.70
CA ILE T 44 -56.06 13.63 79.24
C ILE T 44 -56.09 14.93 80.03
N ASP T 45 -57.21 15.65 79.95
CA ASP T 45 -57.36 16.95 80.60
C ASP T 45 -57.66 16.80 82.09
N ASN T 46 -56.75 16.11 82.78
CA ASN T 46 -56.84 15.96 84.23
C ASN T 46 -55.54 15.42 84.79
N ALA T 47 -55.01 16.07 85.84
CA ALA T 47 -53.74 15.65 86.40
C ALA T 47 -53.82 14.24 86.97
N ASP T 48 -54.90 13.94 87.69
CA ASP T 48 -55.04 12.62 88.29
C ASP T 48 -55.07 11.53 87.23
N LEU T 49 -55.79 11.77 86.13
CA LEU T 49 -55.83 10.78 85.06
C LEU T 49 -54.53 10.76 84.27
N ALA T 50 -53.96 11.93 83.99
CA ALA T 50 -52.74 11.99 83.19
C ALA T 50 -51.54 11.41 83.92
N LYS T 51 -51.58 11.31 85.24
CA LYS T 51 -50.47 10.78 86.01
C LYS T 51 -50.47 9.26 86.08
N LEU T 52 -51.55 8.60 85.68
CA LEU T 52 -51.65 7.15 85.84
C LEU T 52 -50.74 6.43 84.85
N ALA T 53 -50.28 5.25 85.26
CA ALA T 53 -49.46 4.39 84.41
C ALA T 53 -50.39 3.43 83.67
N PHE T 54 -50.46 3.58 82.35
CA PHE T 54 -51.44 2.86 81.54
C PHE T 54 -50.86 1.54 81.04
N LYS T 55 -51.67 0.49 81.09
CA LYS T 55 -51.30 -0.80 80.53
C LYS T 55 -51.59 -0.82 79.03
N LYS T 56 -50.61 -1.23 78.24
CA LYS T 56 -50.68 -1.19 76.79
C LYS T 56 -50.97 -2.57 76.22
N SER T 57 -51.85 -2.63 75.22
CA SER T 57 -52.11 -3.85 74.48
C SER T 57 -52.47 -3.49 73.05
N SER T 58 -51.57 -3.79 72.12
CA SER T 58 -51.81 -3.41 70.73
C SER T 58 -52.79 -4.34 70.03
N LYS T 59 -52.97 -5.56 70.53
CA LYS T 59 -53.90 -6.48 69.89
C LYS T 59 -55.33 -5.96 69.99
N TYR T 60 -55.74 -5.52 71.18
CA TYR T 60 -57.06 -4.95 71.38
C TYR T 60 -57.13 -3.46 71.11
N ASP T 61 -55.98 -2.81 70.91
CA ASP T 61 -55.92 -1.36 70.66
C ASP T 61 -56.61 -0.58 71.79
N LEU T 62 -56.04 -0.73 73.00
CA LEU T 62 -56.63 -0.11 74.17
C LEU T 62 -55.56 0.11 75.23
N GLU T 63 -55.78 1.12 76.07
CA GLU T 63 -55.02 1.33 77.30
C GLU T 63 -55.97 1.37 78.47
N CYS T 64 -55.53 0.87 79.62
CA CYS T 64 -56.35 0.86 80.83
C CYS T 64 -55.54 1.38 82.00
N ALA T 65 -56.26 1.78 83.04
CA ALA T 65 -55.65 2.14 84.31
C ALA T 65 -56.72 2.04 85.40
N GLN T 66 -56.27 1.86 86.63
CA GLN T 66 -57.19 1.81 87.77
C GLN T 66 -57.40 3.23 88.28
N ILE T 67 -58.66 3.66 88.32
CA ILE T 67 -58.99 5.04 88.65
C ILE T 67 -58.62 5.33 90.10
N PRO T 68 -58.30 6.57 90.43
CA PRO T 68 -58.10 6.94 91.85
C PRO T 68 -59.39 6.77 92.64
N VAL T 69 -59.24 6.84 93.96
CA VAL T 69 -60.36 6.52 94.84
C VAL T 69 -61.49 7.53 94.72
N HIS T 70 -61.18 8.80 94.47
CA HIS T 70 -62.17 9.86 94.58
C HIS T 70 -62.92 10.14 93.29
N MET T 71 -62.69 9.38 92.22
CA MET T 71 -63.60 9.37 91.08
C MET T 71 -64.43 8.09 91.01
N ARG T 72 -64.42 7.27 92.06
CA ARG T 72 -65.15 6.01 92.02
C ARG T 72 -66.66 6.22 91.99
N SER T 73 -67.14 7.40 92.38
CA SER T 73 -68.55 7.74 92.28
C SER T 73 -68.89 8.50 91.01
N ASP T 74 -67.91 8.73 90.14
CA ASP T 74 -68.12 9.47 88.90
C ASP T 74 -67.79 8.63 87.68
N ALA T 75 -68.17 7.35 87.70
CA ALA T 75 -67.86 6.44 86.61
C ALA T 75 -69.13 5.73 86.16
N SER T 76 -69.26 5.57 84.84
CA SER T 76 -70.41 4.88 84.28
C SER T 76 -70.39 3.41 84.68
N LYS T 77 -71.56 2.80 84.71
CA LYS T 77 -71.68 1.39 85.05
C LYS T 77 -71.96 0.59 83.79
N TYR T 78 -71.33 -0.58 83.68
CA TYR T 78 -71.19 -1.30 82.43
C TYR T 78 -72.20 -2.45 82.34
N THR T 79 -72.12 -3.17 81.23
CA THR T 79 -72.90 -4.38 81.02
C THR T 79 -72.24 -5.20 79.92
N HIS T 80 -72.65 -6.46 79.83
CA HIS T 80 -72.15 -7.36 78.80
C HIS T 80 -73.25 -7.88 77.88
N GLU T 81 -74.51 -7.61 78.19
CA GLU T 81 -75.63 -8.06 77.37
C GLU T 81 -75.85 -7.06 76.23
N LYS T 82 -76.07 -7.59 75.03
CA LYS T 82 -76.30 -6.76 73.85
C LYS T 82 -77.54 -7.27 73.10
N PRO T 83 -78.74 -7.00 73.60
CA PRO T 83 -79.94 -7.35 72.86
C PRO T 83 -80.00 -6.65 71.51
N GLU T 84 -80.60 -7.35 70.55
CA GLU T 84 -80.87 -6.75 69.25
C GLU T 84 -81.78 -5.53 69.40
N GLY T 85 -81.44 -4.45 68.71
CA GLY T 85 -82.24 -3.24 68.79
C GLY T 85 -81.48 -1.94 68.60
N HIS T 86 -81.88 -0.91 69.33
CA HIS T 86 -81.30 0.42 69.22
C HIS T 86 -80.54 0.77 70.48
N TYR T 87 -79.45 1.53 70.31
CA TYR T 87 -78.64 1.96 71.44
C TYR T 87 -78.33 3.45 71.29
N ASN T 88 -78.19 4.12 72.43
CA ASN T 88 -77.99 5.56 72.43
C ASN T 88 -76.53 5.91 72.17
N TRP T 89 -76.32 7.05 71.54
CA TRP T 89 -74.99 7.55 71.26
C TRP T 89 -75.02 9.08 71.24
N HIS T 90 -73.85 9.67 71.43
CA HIS T 90 -73.77 11.12 71.52
C HIS T 90 -74.11 11.81 70.20
N HIS T 91 -74.05 11.09 69.09
CA HIS T 91 -74.35 11.65 67.78
C HIS T 91 -75.59 11.03 67.14
N GLY T 92 -76.51 10.52 67.94
CA GLY T 92 -77.73 9.96 67.41
C GLY T 92 -78.11 8.63 68.04
N ALA T 93 -78.73 7.75 67.27
CA ALA T 93 -79.07 6.41 67.72
C ALA T 93 -78.38 5.40 66.82
N VAL T 94 -77.64 4.47 67.43
CA VAL T 94 -76.88 3.48 66.69
C VAL T 94 -77.71 2.20 66.56
N GLN T 95 -77.51 1.49 65.47
CA GLN T 95 -78.29 0.30 65.17
C GLN T 95 -77.38 -0.92 65.26
N TYR T 96 -77.68 -1.80 66.23
CA TYR T 96 -76.96 -3.05 66.38
C TYR T 96 -77.72 -4.12 65.61
N SER T 97 -77.12 -4.66 64.56
CA SER T 97 -77.80 -5.62 63.70
C SER T 97 -76.84 -6.71 63.27
N GLY T 98 -77.11 -7.94 63.70
CA GLY T 98 -76.33 -9.08 63.25
C GLY T 98 -74.87 -9.01 63.59
N GLY T 99 -74.55 -8.62 64.82
CA GLY T 99 -73.17 -8.49 65.23
C GLY T 99 -72.47 -7.25 64.72
N ARG T 100 -73.20 -6.32 64.10
CA ARG T 100 -72.63 -5.10 63.55
C ARG T 100 -73.26 -3.89 64.22
N PHE T 101 -72.42 -2.96 64.64
CA PHE T 101 -72.87 -1.64 65.05
C PHE T 101 -72.79 -0.72 63.84
N THR T 102 -73.92 -0.20 63.40
CA THR T 102 -73.96 0.64 62.21
C THR T 102 -74.60 1.98 62.53
N ILE T 103 -74.12 3.01 61.85
CA ILE T 103 -74.61 4.37 62.03
C ILE T 103 -75.63 4.67 60.93
N PRO T 104 -76.86 5.03 61.28
CA PRO T 104 -77.88 5.22 60.24
C PRO T 104 -77.55 6.32 59.27
N THR T 105 -76.69 7.26 59.64
CA THR T 105 -76.44 8.44 58.81
C THR T 105 -75.05 8.47 58.18
N GLY T 106 -74.08 7.78 58.76
CA GLY T 106 -72.71 7.94 58.30
C GLY T 106 -72.14 9.31 58.61
N ALA T 107 -72.43 9.84 59.79
CA ALA T 107 -71.99 11.17 60.20
C ALA T 107 -70.77 11.15 61.12
N GLY T 108 -70.21 9.98 61.41
CA GLY T 108 -69.03 9.93 62.25
C GLY T 108 -67.83 10.59 61.58
N LYS T 109 -67.07 11.34 62.37
CA LYS T 109 -65.93 12.08 61.86
C LYS T 109 -64.70 11.78 62.72
N PRO T 110 -63.50 11.90 62.13
CA PRO T 110 -62.29 11.68 62.92
C PRO T 110 -62.20 12.65 64.08
N GLY T 111 -61.66 12.16 65.19
CA GLY T 111 -61.64 12.92 66.43
C GLY T 111 -62.72 12.51 67.42
N ASP T 112 -63.62 11.61 67.05
CA ASP T 112 -64.65 11.09 67.94
C ASP T 112 -64.29 9.74 68.53
N SER T 113 -63.06 9.27 68.35
CA SER T 113 -62.66 8.00 68.91
C SER T 113 -62.73 8.03 70.43
N GLY T 114 -63.13 6.92 71.02
CA GLY T 114 -63.25 6.81 72.46
C GLY T 114 -64.60 7.18 73.03
N ARG T 115 -65.55 7.60 72.20
CA ARG T 115 -66.88 7.91 72.69
C ARG T 115 -67.66 6.62 72.94
N PRO T 116 -68.12 6.37 74.16
CA PRO T 116 -68.80 5.10 74.45
C PRO T 116 -70.16 5.03 73.78
N ILE T 117 -70.67 3.80 73.71
CA ILE T 117 -72.00 3.51 73.20
C ILE T 117 -72.84 2.97 74.34
N PHE T 118 -73.94 3.65 74.64
CA PHE T 118 -74.73 3.37 75.83
C PHE T 118 -75.88 2.41 75.54
N ASP T 119 -76.49 1.91 76.60
CA ASP T 119 -77.65 1.06 76.53
C ASP T 119 -78.90 1.87 76.88
N ASN T 120 -80.04 1.19 76.98
CA ASN T 120 -81.28 1.87 77.31
C ASN T 120 -81.25 2.44 78.73
N LYS T 121 -80.71 1.68 79.68
CA LYS T 121 -80.68 2.09 81.08
C LYS T 121 -79.46 2.94 81.42
N GLY T 122 -78.76 3.46 80.42
CA GLY T 122 -77.52 4.18 80.66
C GLY T 122 -76.30 3.30 80.79
N ARG T 123 -76.46 1.98 80.72
CA ARG T 123 -75.31 1.08 80.77
C ARG T 123 -74.46 1.25 79.52
N VAL T 124 -73.15 1.05 79.69
CA VAL T 124 -72.21 1.13 78.58
C VAL T 124 -72.08 -0.25 77.96
N VAL T 125 -72.10 -0.30 76.63
CA VAL T 125 -72.00 -1.56 75.90
C VAL T 125 -70.65 -1.71 75.24
N ALA T 126 -70.12 -0.65 74.63
CA ALA T 126 -68.89 -0.75 73.86
C ALA T 126 -68.17 0.58 73.90
N ILE T 127 -67.06 0.66 73.17
CA ILE T 127 -66.30 1.89 72.97
C ILE T 127 -65.95 1.98 71.49
N VAL T 128 -66.21 3.13 70.89
CA VAL T 128 -65.97 3.31 69.46
C VAL T 128 -64.49 3.54 69.21
N LEU T 129 -63.94 2.83 68.23
CA LEU T 129 -62.57 3.03 67.80
C LEU T 129 -62.45 3.58 66.39
N GLY T 130 -63.18 3.01 65.43
CA GLY T 130 -63.13 3.47 64.06
C GLY T 130 -64.36 3.00 63.31
N GLY T 131 -64.47 3.47 62.08
CA GLY T 131 -65.63 3.15 61.26
C GLY T 131 -65.22 2.87 59.82
N ALA T 132 -66.16 2.27 59.09
CA ALA T 132 -65.96 1.92 57.69
C ALA T 132 -67.16 2.41 56.89
N ASN T 133 -66.90 2.86 55.66
CA ASN T 133 -67.95 3.35 54.77
C ASN T 133 -68.56 2.15 54.05
N GLU T 134 -69.76 1.76 54.47
CA GLU T 134 -70.48 0.64 53.87
C GLU T 134 -71.76 1.19 53.26
N GLY T 135 -71.69 1.57 51.99
CA GLY T 135 -72.84 2.17 51.34
C GLY T 135 -73.22 3.47 52.00
N SER T 136 -74.50 3.62 52.31
CA SER T 136 -75.01 4.81 52.98
C SER T 136 -74.96 4.68 54.50
N ARG T 137 -74.40 3.59 55.01
CA ARG T 137 -74.23 3.38 56.44
C ARG T 137 -72.75 3.31 56.77
N THR T 138 -72.45 3.21 58.07
CA THR T 138 -71.08 3.14 58.55
C THR T 138 -70.98 2.09 59.63
N ALA T 139 -70.24 1.02 59.34
CA ALA T 139 -70.01 -0.04 60.32
C ALA T 139 -68.94 0.40 61.33
N LEU T 140 -69.25 0.25 62.61
CA LEU T 140 -68.41 0.76 63.68
C LEU T 140 -67.44 -0.32 64.15
N SER T 141 -66.16 -0.01 64.17
CA SER T 141 -65.17 -0.87 64.79
C SER T 141 -65.10 -0.54 66.27
N VAL T 142 -65.60 -1.44 67.11
CA VAL T 142 -65.82 -1.15 68.52
C VAL T 142 -65.01 -2.13 69.36
N VAL T 143 -65.03 -1.88 70.67
CA VAL T 143 -64.43 -2.77 71.65
C VAL T 143 -65.51 -3.13 72.66
N THR T 144 -65.94 -4.38 72.64
CA THR T 144 -67.02 -4.83 73.50
C THR T 144 -66.50 -5.86 74.49
N TRP T 145 -67.33 -6.20 75.46
CA TRP T 145 -66.93 -7.09 76.55
C TRP T 145 -67.82 -8.32 76.58
N ASN T 146 -67.21 -9.47 76.82
CA ASN T 146 -67.94 -10.68 77.16
C ASN T 146 -68.12 -10.71 78.68
N LYS T 147 -68.51 -11.86 79.21
CA LYS T 147 -68.65 -12.01 80.66
C LYS T 147 -67.36 -11.63 81.38
N ASP T 148 -66.21 -12.02 80.83
CA ASP T 148 -64.95 -11.75 81.50
C ASP T 148 -63.84 -11.24 80.59
N MET T 149 -63.96 -11.37 79.27
CA MET T 149 -62.86 -11.04 78.36
C MET T 149 -63.14 -9.75 77.60
N VAL T 150 -62.13 -9.30 76.86
CA VAL T 150 -62.26 -8.22 75.90
C VAL T 150 -62.22 -8.81 74.51
N THR T 151 -63.12 -8.34 73.65
CA THR T 151 -63.13 -8.73 72.25
C THR T 151 -63.17 -7.47 71.40
N ARG T 152 -62.58 -7.55 70.21
CA ARG T 152 -62.53 -6.42 69.29
C ARG T 152 -63.15 -6.83 67.96
N VAL T 153 -64.02 -5.97 67.44
CA VAL T 153 -64.69 -6.20 66.16
C VAL T 153 -64.20 -5.14 65.19
N THR T 154 -63.69 -5.59 64.03
CA THR T 154 -63.13 -4.69 63.03
C THR T 154 -63.65 -5.05 61.65
N PRO T 155 -64.69 -4.37 61.18
CA PRO T 155 -65.15 -4.61 59.80
C PRO T 155 -64.09 -4.20 58.79
N GLU T 156 -64.07 -4.91 57.67
CA GLU T 156 -63.05 -4.68 56.66
C GLU T 156 -63.19 -3.26 56.10
N GLY T 157 -62.05 -2.64 55.82
CA GLY T 157 -62.03 -1.29 55.30
C GLY T 157 -62.18 -0.20 56.33
N SER T 158 -62.16 -0.54 57.62
CA SER T 158 -62.35 0.46 58.66
C SER T 158 -61.16 1.41 58.72
N GLU T 159 -61.46 2.67 59.05
CA GLU T 159 -60.44 3.68 59.26
C GLU T 159 -60.46 4.12 60.73
N GLU T 160 -59.29 4.23 61.33
CA GLU T 160 -59.18 4.63 62.72
C GLU T 160 -59.45 6.12 62.82
N TRP T 161 -60.57 6.49 63.43
CA TRP T 161 -60.89 7.90 63.62
C TRP T 161 -59.93 8.54 64.61
N TYR U 1 21.33 2.80 148.94
CA TYR U 1 20.28 3.60 148.33
C TYR U 1 20.08 3.18 146.88
N GLU U 2 19.04 2.38 146.64
CA GLU U 2 18.73 1.93 145.28
C GLU U 2 18.44 3.11 144.37
N HIS U 3 18.95 3.04 143.14
CA HIS U 3 18.64 4.03 142.12
C HIS U 3 18.67 3.36 140.76
N SER U 4 17.94 3.93 139.82
CA SER U 4 17.85 3.34 138.49
C SER U 4 17.83 4.47 137.46
N THR U 5 18.27 4.13 136.25
CA THR U 5 18.33 5.10 135.17
C THR U 5 18.46 4.36 133.85
N VAL U 6 18.37 5.11 132.76
CA VAL U 6 18.50 4.56 131.42
C VAL U 6 19.47 5.43 130.64
N MET U 7 20.49 4.83 130.04
CA MET U 7 21.52 5.58 129.35
C MET U 7 21.63 5.12 127.91
N PRO U 8 21.92 6.04 126.98
CA PRO U 8 21.95 5.67 125.57
C PRO U 8 23.12 4.78 125.25
N ASN U 9 22.92 3.92 124.25
CA ASN U 9 23.94 2.97 123.82
C ASN U 9 24.78 3.57 122.69
N VAL U 10 25.37 4.71 122.97
CA VAL U 10 26.18 5.43 122.00
C VAL U 10 27.58 5.57 122.57
N VAL U 11 28.58 5.12 121.80
CA VAL U 11 29.95 5.10 122.30
C VAL U 11 30.47 6.53 122.43
N GLY U 12 30.96 6.86 123.62
CA GLY U 12 31.52 8.16 123.88
C GLY U 12 30.55 9.21 124.37
N PHE U 13 29.28 8.90 124.47
CA PHE U 13 28.29 9.89 124.91
C PHE U 13 28.47 10.16 126.39
N PRO U 14 28.61 11.41 126.81
CA PRO U 14 28.91 11.76 128.21
C PRO U 14 27.69 11.71 129.15
N TYR U 15 27.18 10.52 129.41
CA TYR U 15 25.97 10.40 130.21
C TYR U 15 26.26 10.67 131.68
N LYS U 16 25.45 11.54 132.28
CA LYS U 16 25.60 11.93 133.68
C LYS U 16 24.31 11.67 134.41
N ALA U 17 24.37 10.96 135.53
CA ALA U 17 23.21 10.58 136.30
C ALA U 17 23.17 11.40 137.59
N HIS U 18 22.00 11.95 137.90
CA HIS U 18 21.81 12.76 139.11
C HIS U 18 21.09 11.93 140.14
N ILE U 19 21.68 11.83 141.34
CA ILE U 19 21.13 11.02 142.42
C ILE U 19 20.80 11.95 143.59
N GLU U 20 19.54 11.99 143.98
CA GLU U 20 19.05 12.92 145.00
C GLU U 20 18.57 12.13 146.21
N ARG U 21 19.35 12.14 147.28
CA ARG U 21 18.89 11.61 148.56
C ARG U 21 18.37 12.76 149.40
N PRO U 22 17.11 12.74 149.82
CA PRO U 22 16.55 13.91 150.53
C PRO U 22 17.31 14.29 151.78
N GLY U 23 17.99 13.36 152.43
CA GLY U 23 18.73 13.73 153.61
C GLY U 23 20.15 14.21 153.41
N TYR U 24 20.65 14.21 152.17
CA TYR U 24 22.05 14.52 151.91
C TYR U 24 22.18 15.41 150.68
N SER U 25 23.41 15.76 150.35
CA SER U 25 23.67 16.60 149.19
C SER U 25 23.57 15.78 147.91
N PRO U 26 23.15 16.40 146.81
CA PRO U 26 23.03 15.65 145.55
C PRO U 26 24.37 15.17 145.03
N LEU U 27 24.32 14.09 144.26
CA LEU U 27 25.49 13.48 143.66
C LEU U 27 25.28 13.34 142.16
N THR U 28 26.37 13.47 141.40
CA THR U 28 26.33 13.29 139.95
C THR U 28 27.39 12.29 139.53
N LEU U 29 26.97 11.22 138.87
CA LEU U 29 27.87 10.18 138.37
C LEU U 29 28.05 10.38 136.88
N GLN U 30 29.23 10.07 136.36
CA GLN U 30 29.48 10.13 134.93
C GLN U 30 29.77 8.73 134.43
N MET U 31 28.91 8.21 133.57
CA MET U 31 29.09 6.90 132.96
C MET U 31 29.29 7.07 131.46
N GLN U 32 30.18 6.26 130.89
CA GLN U 32 30.51 6.40 129.49
C GLN U 32 30.84 5.03 128.91
N VAL U 33 30.26 4.71 127.76
CA VAL U 33 30.45 3.41 127.12
C VAL U 33 31.68 3.54 126.22
N VAL U 34 32.80 3.00 126.67
CA VAL U 34 34.03 3.07 125.90
C VAL U 34 33.97 2.12 124.71
N GLU U 35 33.31 0.97 124.86
CA GLU U 35 33.42 -0.10 123.88
C GLU U 35 32.32 -1.11 124.10
N THR U 36 31.84 -1.71 123.01
CA THR U 36 30.88 -2.80 123.07
C THR U 36 31.39 -3.99 122.27
N SER U 37 30.61 -5.06 122.27
CA SER U 37 30.95 -6.25 121.48
C SER U 37 29.75 -7.17 121.47
N LEU U 38 29.16 -7.37 120.30
CA LEU U 38 27.95 -8.19 120.18
C LEU U 38 28.33 -9.54 119.60
N GLU U 39 28.40 -10.55 120.45
CA GLU U 39 28.87 -11.89 120.07
C GLU U 39 27.69 -12.82 119.85
N PRO U 40 27.50 -13.37 118.65
CA PRO U 40 26.45 -14.36 118.46
C PRO U 40 26.90 -15.74 118.87
N THR U 41 25.99 -16.70 118.76
CA THR U 41 26.25 -18.09 119.10
C THR U 41 26.22 -18.92 117.83
N LEU U 42 27.28 -19.69 117.61
CA LEU U 42 27.52 -20.36 116.33
C LEU U 42 27.47 -21.87 116.47
N ASN U 43 27.05 -22.53 115.40
CA ASN U 43 27.11 -23.98 115.29
C ASN U 43 27.68 -24.33 113.92
N LEU U 44 28.88 -24.89 113.90
CA LEU U 44 29.54 -25.19 112.64
C LEU U 44 28.75 -26.22 111.84
N GLU U 45 28.58 -25.98 110.55
CA GLU U 45 27.83 -26.88 109.68
C GLU U 45 28.76 -27.75 108.84
N TYR U 46 29.67 -27.14 108.09
CA TYR U 46 30.68 -27.89 107.35
C TYR U 46 31.80 -26.95 106.93
N ILE U 47 32.79 -27.50 106.26
CA ILE U 47 33.98 -26.79 105.81
C ILE U 47 34.15 -27.01 104.33
N THR U 48 34.36 -25.93 103.58
CA THR U 48 34.59 -26.01 102.15
C THR U 48 36.00 -25.56 101.82
N CYS U 49 36.61 -26.22 100.85
CA CYS U 49 37.93 -25.83 100.34
C CYS U 49 38.05 -26.33 98.91
N GLU U 50 39.12 -25.91 98.25
CA GLU U 50 39.37 -26.38 96.89
C GLU U 50 39.60 -27.88 96.90
N TYR U 51 39.26 -28.53 95.81
CA TYR U 51 39.47 -29.97 95.73
C TYR U 51 40.75 -30.25 94.95
N LYS U 52 41.10 -31.54 94.89
CA LYS U 52 42.27 -32.00 94.17
C LYS U 52 41.96 -33.35 93.57
N THR U 53 42.00 -33.43 92.24
CA THR U 53 41.68 -34.66 91.53
C THR U 53 42.91 -35.56 91.51
N VAL U 54 42.76 -36.78 92.01
CA VAL U 54 43.83 -37.76 92.06
C VAL U 54 43.63 -38.75 90.93
N VAL U 55 44.58 -38.83 90.01
CA VAL U 55 44.46 -39.74 88.87
C VAL U 55 45.61 -40.73 88.90
N PRO U 56 45.40 -41.95 89.39
CA PRO U 56 46.49 -42.94 89.38
C PRO U 56 46.79 -43.40 87.96
N SER U 57 47.97 -43.97 87.79
CA SER U 57 48.43 -44.36 86.47
C SER U 57 47.55 -45.45 85.88
N PRO U 58 47.36 -45.45 84.57
CA PRO U 58 46.49 -46.44 83.94
C PRO U 58 47.10 -47.83 84.00
N TYR U 59 46.22 -48.83 83.94
CA TYR U 59 46.63 -50.22 83.88
C TYR U 59 46.27 -50.77 82.50
N VAL U 60 47.28 -51.02 81.68
CA VAL U 60 47.10 -51.57 80.35
C VAL U 60 47.39 -53.05 80.41
N LYS U 61 46.41 -53.89 80.09
CA LYS U 61 46.58 -55.33 80.11
C LYS U 61 46.93 -55.82 78.71
N CYS U 62 48.15 -56.32 78.55
CA CYS U 62 48.58 -56.85 77.27
C CYS U 62 47.96 -58.22 77.06
N CYS U 63 47.19 -58.37 75.99
CA CYS U 63 46.59 -59.64 75.59
C CYS U 63 45.67 -60.18 76.70
N GLY U 64 44.58 -59.47 76.92
CA GLY U 64 43.61 -59.89 77.89
C GLY U 64 42.51 -58.87 78.04
N ALA U 65 41.68 -59.07 79.06
CA ALA U 65 40.61 -58.13 79.38
C ALA U 65 40.56 -57.94 80.89
N SER U 66 40.24 -56.72 81.30
CA SER U 66 40.23 -56.35 82.71
C SER U 66 38.82 -55.94 83.13
N GLU U 67 38.52 -56.13 84.41
CA GLU U 67 37.20 -55.88 84.96
C GLU U 67 37.26 -54.77 85.98
N CYS U 68 36.33 -53.81 85.86
CA CYS U 68 36.27 -52.68 86.78
C CYS U 68 35.70 -53.10 88.13
N SER U 69 36.22 -52.49 89.19
CA SER U 69 35.79 -52.76 90.55
C SER U 69 35.41 -51.46 91.23
N THR U 70 34.30 -51.50 91.97
CA THR U 70 33.81 -50.31 92.67
C THR U 70 34.52 -50.11 94.00
N LYS U 71 34.62 -48.85 94.42
CA LYS U 71 35.27 -48.49 95.67
C LYS U 71 34.44 -47.41 96.36
N GLU U 72 34.68 -47.24 97.65
CA GLU U 72 33.99 -46.24 98.45
C GLU U 72 34.90 -45.02 98.60
N LYS U 73 35.00 -44.25 97.52
CA LYS U 73 35.76 -43.02 97.50
C LYS U 73 34.86 -41.89 97.00
N PRO U 74 35.10 -40.66 97.44
CA PRO U 74 34.23 -39.55 97.04
C PRO U 74 34.31 -39.30 95.55
N ASP U 75 33.17 -39.43 94.87
CA ASP U 75 33.06 -39.14 93.44
C ASP U 75 34.00 -40.01 92.63
N TYR U 76 33.96 -41.31 92.88
CA TYR U 76 34.82 -42.27 92.21
C TYR U 76 34.30 -42.56 90.81
N GLN U 77 35.22 -42.74 89.86
CA GLN U 77 34.87 -43.04 88.48
C GLN U 77 35.85 -44.05 87.93
N CYS U 78 35.34 -45.08 87.25
CA CYS U 78 36.18 -46.13 86.70
C CYS U 78 35.55 -46.71 85.45
N LYS U 79 36.36 -46.94 84.43
CA LYS U 79 35.89 -47.49 83.17
C LYS U 79 36.99 -48.31 82.54
N VAL U 80 36.60 -49.23 81.65
CA VAL U 80 37.53 -50.06 80.91
C VAL U 80 37.31 -49.85 79.42
N TYR U 81 38.40 -49.63 78.69
CA TYR U 81 38.34 -49.34 77.27
C TYR U 81 39.03 -50.45 76.49
N THR U 82 38.35 -50.94 75.46
CA THR U 82 38.78 -52.10 74.70
C THR U 82 39.36 -51.68 73.36
N GLY U 83 40.37 -52.41 72.92
CA GLY U 83 40.95 -52.17 71.61
C GLY U 83 42.07 -51.15 71.58
N VAL U 84 42.67 -50.84 72.72
CA VAL U 84 43.76 -49.87 72.73
C VAL U 84 45.05 -50.52 72.26
N TYR U 85 45.87 -49.74 71.58
CA TYR U 85 47.21 -50.16 71.16
C TYR U 85 48.18 -49.05 71.57
N PRO U 86 48.59 -49.03 72.83
CA PRO U 86 49.41 -47.91 73.32
C PRO U 86 50.80 -47.94 72.70
N PHE U 87 51.53 -46.86 72.96
CA PHE U 87 52.90 -46.72 72.51
C PHE U 87 53.74 -46.17 73.65
N MET U 88 55.03 -46.46 73.61
CA MET U 88 56.00 -45.87 74.52
C MET U 88 57.16 -45.33 73.71
N TRP U 89 58.16 -44.79 74.40
CA TRP U 89 59.18 -44.00 73.71
C TRP U 89 59.99 -44.84 72.74
N GLY U 90 60.30 -46.08 73.11
CA GLY U 90 61.11 -46.92 72.24
C GLY U 90 60.35 -47.85 71.34
N GLY U 91 59.15 -48.24 71.74
CA GLY U 91 58.35 -49.11 70.90
C GLY U 91 57.03 -49.41 71.59
N ALA U 92 56.10 -49.96 70.82
CA ALA U 92 54.72 -50.11 71.25
C ALA U 92 54.55 -51.48 71.89
N TYR U 93 54.35 -51.51 73.20
CA TYR U 93 54.26 -52.80 73.87
C TYR U 93 52.82 -53.31 73.74
N CYS U 94 52.51 -54.41 74.43
CA CYS U 94 51.28 -55.18 74.16
C CYS U 94 51.24 -55.63 72.70
N PHE U 95 52.13 -56.59 72.41
CA PHE U 95 52.25 -57.21 71.09
C PHE U 95 50.93 -57.54 70.40
N CYS U 96 49.92 -57.97 71.15
CA CYS U 96 48.63 -58.24 70.54
C CYS U 96 48.12 -56.99 69.83
N ASP U 97 47.71 -57.16 68.58
CA ASP U 97 47.38 -55.99 67.74
C ASP U 97 46.17 -55.25 68.28
N SER U 98 45.13 -55.97 68.70
CA SER U 98 43.89 -55.34 69.11
C SER U 98 43.26 -55.92 70.37
N GLU U 99 43.80 -57.00 70.92
CA GLU U 99 43.22 -57.63 72.10
C GLU U 99 43.90 -57.07 73.35
N ASN U 100 43.60 -55.80 73.63
CA ASN U 100 44.11 -55.11 74.81
C ASN U 100 42.97 -54.36 75.48
N THR U 101 43.18 -53.98 76.73
CA THR U 101 42.19 -53.25 77.49
C THR U 101 42.86 -52.31 78.47
N GLN U 102 42.39 -51.08 78.53
CA GLN U 102 42.90 -50.07 79.44
C GLN U 102 41.85 -49.74 80.48
N LEU U 103 42.28 -49.63 81.73
CA LEU U 103 41.41 -49.26 82.84
C LEU U 103 41.78 -47.87 83.32
N SER U 104 40.81 -46.95 83.33
CA SER U 104 41.01 -45.58 83.78
C SER U 104 40.34 -45.39 85.13
N GLU U 105 41.03 -44.71 86.02
CA GLU U 105 40.53 -44.53 87.39
C GLU U 105 40.83 -43.13 87.87
N ALA U 106 39.85 -42.50 88.52
CA ALA U 106 40.05 -41.16 89.07
C ALA U 106 39.05 -40.94 90.20
N TYR U 107 39.42 -40.09 91.15
CA TYR U 107 38.54 -39.76 92.26
C TYR U 107 38.98 -38.42 92.83
N VAL U 108 38.10 -37.81 93.63
CA VAL U 108 38.30 -36.47 94.16
C VAL U 108 38.77 -36.58 95.61
N ASP U 109 39.63 -35.66 96.02
CA ASP U 109 40.11 -35.65 97.39
C ASP U 109 40.28 -34.22 97.86
N ARG U 110 40.15 -34.02 99.17
CA ARG U 110 40.32 -32.71 99.78
C ARG U 110 41.72 -32.20 99.52
N SER U 111 41.85 -30.88 99.35
CA SER U 111 43.11 -30.30 98.88
C SER U 111 44.22 -30.49 99.92
N ASP U 112 45.40 -30.02 99.55
CA ASP U 112 46.57 -30.17 100.42
C ASP U 112 46.53 -29.21 101.60
N VAL U 113 46.10 -27.97 101.37
CA VAL U 113 46.16 -26.94 102.38
C VAL U 113 44.75 -26.56 102.83
N CYS U 114 43.83 -27.51 102.79
CA CYS U 114 42.46 -27.24 103.21
C CYS U 114 42.39 -26.83 104.67
N ARG U 115 43.38 -27.16 105.47
CA ARG U 115 43.40 -26.74 106.86
C ARG U 115 43.98 -25.36 107.07
N HIS U 116 44.45 -24.70 106.00
CA HIS U 116 44.98 -23.34 106.09
C HIS U 116 44.14 -22.31 105.36
N ASP U 117 43.37 -22.72 104.35
CA ASP U 117 42.58 -21.81 103.52
C ASP U 117 41.23 -22.47 103.26
N HIS U 118 40.28 -22.26 104.18
CA HIS U 118 38.98 -22.88 104.06
C HIS U 118 37.93 -21.92 104.58
N ALA U 119 36.71 -22.10 104.12
CA ALA U 119 35.57 -21.29 104.51
C ALA U 119 34.64 -22.11 105.38
N SER U 120 34.10 -21.49 106.42
CA SER U 120 33.24 -22.17 107.37
C SER U 120 31.81 -21.70 107.19
N ALA U 121 30.86 -22.62 107.26
CA ALA U 121 29.45 -22.29 107.16
C ALA U 121 28.82 -22.50 108.53
N TYR U 122 28.21 -21.46 109.07
CA TYR U 122 27.71 -21.47 110.45
C TYR U 122 26.21 -21.22 110.47
N LYS U 123 25.65 -21.28 111.67
CA LYS U 123 24.29 -20.84 111.96
C LYS U 123 24.34 -19.98 113.22
N ALA U 124 23.84 -18.75 113.13
CA ALA U 124 23.97 -17.78 114.21
C ALA U 124 22.62 -17.46 114.79
N HIS U 125 22.53 -17.48 116.13
CA HIS U 125 21.28 -17.15 116.80
C HIS U 125 21.60 -16.66 118.21
N THR U 126 20.62 -16.00 118.80
CA THR U 126 20.62 -15.54 120.20
C THR U 126 21.97 -14.92 120.60
N ALA U 127 22.26 -13.78 119.98
CA ALA U 127 23.48 -13.05 120.27
C ALA U 127 23.49 -12.54 121.70
N SER U 128 24.69 -12.44 122.27
CA SER U 128 24.90 -11.96 123.62
C SER U 128 25.81 -10.74 123.60
N LEU U 129 25.41 -9.68 124.29
CA LEU U 129 26.10 -8.41 124.21
C LEU U 129 27.03 -8.21 125.41
N LYS U 130 28.09 -7.45 125.20
CA LYS U 130 29.14 -7.21 126.17
C LYS U 130 29.56 -5.75 126.05
N ALA U 131 30.23 -5.23 127.08
CA ALA U 131 30.56 -3.82 127.05
C ALA U 131 31.82 -3.58 127.87
N LYS U 132 32.26 -2.32 127.86
CA LYS U 132 33.37 -1.87 128.68
C LYS U 132 33.12 -0.42 129.06
N VAL U 133 32.66 -0.19 130.29
CA VAL U 133 32.10 1.09 130.68
C VAL U 133 33.05 1.77 131.66
N ARG U 134 33.24 3.08 131.47
CA ARG U 134 34.05 3.90 132.37
C ARG U 134 33.14 4.71 133.28
N VAL U 135 33.35 4.59 134.59
CA VAL U 135 32.52 5.25 135.59
C VAL U 135 33.43 6.12 136.45
N MET U 136 33.10 7.41 136.54
CA MET U 136 33.85 8.30 137.40
C MET U 136 32.90 9.21 138.16
N TYR U 137 33.23 9.45 139.42
CA TYR U 137 32.47 10.35 140.29
C TYR U 137 33.28 10.60 141.54
N GLY U 138 32.93 11.66 142.26
CA GLY U 138 33.62 12.01 143.48
C GLY U 138 35.10 12.17 143.23
N ASN U 139 35.89 11.22 143.74
CA ASN U 139 37.32 11.16 143.43
C ASN U 139 37.72 9.81 142.88
N VAL U 140 36.77 9.02 142.36
CA VAL U 140 37.09 7.69 141.85
C VAL U 140 36.89 7.68 140.33
N ASN U 141 37.96 7.35 139.62
CA ASN U 141 37.95 7.03 138.20
C ASN U 141 37.74 5.53 138.09
N GLN U 142 38.08 4.93 136.94
CA GLN U 142 38.24 3.49 136.70
C GLN U 142 37.23 2.94 135.71
N THR U 143 37.69 2.04 134.85
CA THR U 143 36.89 1.40 133.82
C THR U 143 36.73 -0.06 134.15
N VAL U 144 35.54 -0.60 133.92
CA VAL U 144 35.25 -2.00 134.24
C VAL U 144 34.67 -2.69 133.01
N ASP U 145 34.69 -4.02 133.05
CA ASP U 145 34.16 -4.85 131.97
C ASP U 145 32.93 -5.57 132.49
N VAL U 146 31.82 -5.47 131.76
CA VAL U 146 30.52 -5.93 132.23
C VAL U 146 29.85 -6.74 131.12
N TYR U 147 28.92 -7.60 131.51
CA TYR U 147 27.97 -8.17 130.58
C TYR U 147 26.69 -7.36 130.61
N VAL U 148 26.17 -7.00 129.44
CA VAL U 148 24.93 -6.22 129.38
C VAL U 148 23.80 -7.24 129.31
N ASN U 149 23.43 -7.73 130.49
CA ASN U 149 22.18 -8.44 130.74
C ASN U 149 22.02 -8.43 132.24
N GLY U 150 20.78 -8.34 132.72
CA GLY U 150 20.60 -8.04 134.13
C GLY U 150 21.06 -9.13 135.07
N ASP U 151 22.24 -9.70 134.80
CA ASP U 151 22.77 -10.83 135.56
C ASP U 151 24.28 -10.73 135.76
N HIS U 152 24.81 -9.53 135.95
CA HIS U 152 26.23 -9.38 136.29
C HIS U 152 26.40 -8.03 136.99
N ALA U 153 26.71 -8.06 138.27
CA ALA U 153 26.86 -6.86 139.08
C ALA U 153 28.31 -6.67 139.43
N VAL U 154 28.86 -5.50 139.07
CA VAL U 154 30.26 -5.19 139.27
C VAL U 154 30.38 -4.03 140.24
N THR U 155 31.34 -4.12 141.15
CA THR U 155 31.48 -3.16 142.23
C THR U 155 32.59 -2.17 141.89
N ILE U 156 32.26 -0.88 141.90
CA ILE U 156 33.20 0.19 141.60
C ILE U 156 33.24 1.12 142.79
N GLY U 157 34.30 1.03 143.59
CA GLY U 157 34.44 1.91 144.74
C GLY U 157 33.32 1.79 145.74
N GLY U 158 32.88 0.57 146.05
CA GLY U 158 31.83 0.34 147.01
C GLY U 158 30.42 0.47 146.48
N THR U 159 30.24 0.66 145.18
CA THR U 159 28.93 0.81 144.56
C THR U 159 28.69 -0.35 143.62
N GLN U 160 27.49 -0.93 143.68
CA GLN U 160 27.15 -2.06 142.82
C GLN U 160 26.34 -1.59 141.61
N PHE U 161 26.81 -1.95 140.42
CA PHE U 161 26.18 -1.55 139.16
C PHE U 161 25.71 -2.78 138.41
N ILE U 162 24.47 -2.75 137.94
CA ILE U 162 23.91 -3.81 137.09
C ILE U 162 23.38 -3.15 135.83
N PHE U 163 23.87 -3.59 134.68
CA PHE U 163 23.47 -3.02 133.40
C PHE U 163 22.42 -3.92 132.77
N GLY U 164 21.21 -3.41 132.65
CA GLY U 164 20.09 -4.21 132.24
C GLY U 164 20.15 -4.60 130.79
N PRO U 165 19.26 -5.47 130.35
CA PRO U 165 19.31 -5.95 128.97
C PRO U 165 19.04 -4.83 127.99
N LEU U 166 19.56 -4.97 126.79
CA LEU U 166 19.39 -3.94 125.78
C LEU U 166 17.91 -3.75 125.46
N SER U 167 17.54 -2.52 125.13
CA SER U 167 16.15 -2.23 124.82
C SER U 167 15.64 -3.02 123.62
N SER U 168 16.44 -3.09 122.57
CA SER U 168 16.05 -3.75 121.34
C SER U 168 16.65 -5.15 121.26
N ALA U 169 16.31 -5.85 120.18
CA ALA U 169 16.82 -7.18 119.94
C ALA U 169 17.31 -7.30 118.50
N TRP U 170 18.12 -6.35 118.06
CA TRP U 170 18.55 -6.26 116.67
C TRP U 170 19.97 -6.79 116.54
N THR U 171 20.18 -7.74 115.63
CA THR U 171 21.48 -8.31 115.34
C THR U 171 21.74 -8.28 113.85
N PRO U 172 22.92 -7.83 113.40
CA PRO U 172 23.19 -7.73 111.97
C PRO U 172 23.40 -9.05 111.28
N PHE U 173 23.65 -10.14 112.00
CA PHE U 173 23.89 -11.44 111.41
C PHE U 173 22.56 -12.14 111.15
N ASP U 174 22.36 -12.62 109.93
CA ASP U 174 21.16 -13.37 109.61
C ASP U 174 21.26 -14.77 110.20
N ASN U 175 20.34 -15.65 109.81
CA ASN U 175 20.33 -16.99 110.38
C ASN U 175 21.53 -17.81 109.94
N LYS U 176 21.95 -17.66 108.69
CA LYS U 176 23.05 -18.44 108.14
C LYS U 176 24.22 -17.52 107.78
N ILE U 177 25.41 -17.94 108.17
CA ILE U 177 26.61 -17.13 108.09
C ILE U 177 27.71 -17.95 107.46
N VAL U 178 28.51 -17.31 106.59
CA VAL U 178 29.71 -17.92 106.04
C VAL U 178 30.89 -17.03 106.39
N VAL U 179 31.91 -17.61 107.01
CA VAL U 179 33.05 -16.85 107.53
C VAL U 179 34.30 -17.29 106.77
N TYR U 180 35.01 -16.32 106.20
CA TYR U 180 36.25 -16.60 105.48
C TYR U 180 37.31 -15.61 105.94
N LYS U 181 38.33 -16.12 106.62
CA LYS U 181 39.42 -15.31 107.16
C LYS U 181 38.90 -14.20 108.06
N ASP U 182 38.77 -12.99 107.54
CA ASP U 182 38.35 -11.85 108.35
C ASP U 182 37.18 -11.15 107.67
N GLU U 183 36.19 -11.92 107.24
CA GLU U 183 35.04 -11.39 106.52
C GLU U 183 33.84 -12.26 106.82
N VAL U 184 32.67 -11.63 106.98
CA VAL U 184 31.43 -12.32 107.27
C VAL U 184 30.45 -12.03 106.15
N PHE U 185 29.80 -13.07 105.64
CA PHE U 185 28.87 -12.93 104.52
C PHE U 185 27.52 -13.48 104.92
N ASN U 186 26.46 -12.74 104.61
CA ASN U 186 25.10 -13.21 104.86
C ASN U 186 24.68 -14.05 103.65
N GLN U 187 24.89 -15.35 103.77
CA GLN U 187 24.73 -16.26 102.64
C GLN U 187 23.74 -17.35 103.02
N ASP U 188 23.14 -17.96 102.00
CA ASP U 188 22.22 -19.07 102.18
C ASP U 188 22.87 -20.31 101.56
N PHE U 189 23.71 -20.98 102.32
CA PHE U 189 24.45 -22.11 101.78
C PHE U 189 23.57 -23.34 101.68
N PRO U 190 23.86 -24.24 100.74
CA PRO U 190 23.06 -25.46 100.62
C PRO U 190 23.32 -26.38 101.80
N PRO U 191 22.35 -27.20 102.18
CA PRO U 191 22.55 -28.08 103.34
C PRO U 191 23.59 -29.14 103.03
N TYR U 192 24.15 -29.69 104.10
CA TYR U 192 25.12 -30.76 103.93
C TYR U 192 24.52 -31.92 103.16
N GLY U 193 25.29 -32.47 102.22
CA GLY U 193 24.83 -33.57 101.43
C GLY U 193 24.10 -33.21 100.15
N SER U 194 23.92 -31.93 99.86
CA SER U 194 23.22 -31.54 98.64
C SER U 194 23.88 -30.31 98.02
N GLY U 195 25.19 -30.31 97.90
CA GLY U 195 25.85 -29.27 97.14
C GLY U 195 25.73 -29.48 95.65
N GLN U 196 26.15 -28.49 94.88
CA GLN U 196 26.05 -28.60 93.44
C GLN U 196 27.37 -28.29 92.77
N PRO U 197 27.67 -28.94 91.64
CA PRO U 197 28.96 -28.72 90.98
C PRO U 197 29.12 -27.29 90.50
N GLY U 198 30.33 -26.77 90.63
CA GLY U 198 30.67 -25.48 90.09
C GLY U 198 30.34 -24.29 90.95
N ARG U 199 29.69 -24.47 92.10
CA ARG U 199 29.32 -23.35 92.94
C ARG U 199 29.81 -23.57 94.36
N PHE U 200 29.41 -22.74 95.30
CA PHE U 200 29.90 -22.86 96.67
C PHE U 200 29.50 -24.20 97.27
N GLY U 201 30.42 -24.82 97.98
CA GLY U 201 30.14 -26.10 98.61
C GLY U 201 29.93 -27.25 97.66
N ASP U 202 30.73 -27.35 96.59
CA ASP U 202 30.70 -28.57 95.79
C ASP U 202 31.23 -29.75 96.58
N ILE U 203 32.27 -29.55 97.38
CA ILE U 203 32.77 -30.56 98.30
C ILE U 203 32.58 -30.04 99.72
N GLN U 204 32.00 -30.85 100.58
CA GLN U 204 31.62 -30.43 101.92
C GLN U 204 32.19 -31.41 102.92
N SER U 205 32.94 -30.90 103.89
CA SER U 205 33.53 -31.71 104.94
C SER U 205 32.97 -31.26 106.27
N ARG U 206 32.47 -32.20 107.07
CA ARG U 206 31.77 -31.84 108.29
C ARG U 206 32.68 -31.10 109.26
N THR U 207 33.98 -31.38 109.24
CA THR U 207 34.92 -30.68 110.08
C THR U 207 36.28 -30.72 109.38
N VAL U 208 37.15 -29.77 109.72
CA VAL U 208 38.46 -29.70 109.08
C VAL U 208 39.24 -30.99 109.28
N GLU U 209 39.03 -31.66 110.42
CA GLU U 209 39.71 -32.92 110.70
C GLU U 209 38.85 -34.14 110.39
N SER U 210 37.64 -33.96 109.88
CA SER U 210 36.74 -35.08 109.64
C SER U 210 37.21 -35.91 108.45
N ASN U 211 37.08 -37.23 108.57
CA ASN U 211 37.49 -38.13 107.50
C ASN U 211 36.46 -38.17 106.37
N ASP U 212 35.18 -38.10 106.70
CA ASP U 212 34.13 -38.19 105.69
C ASP U 212 34.17 -36.99 104.76
N LEU U 213 33.84 -37.22 103.50
CA LEU U 213 33.82 -36.16 102.50
C LEU U 213 32.70 -36.43 101.52
N TYR U 214 32.00 -35.37 101.12
CA TYR U 214 30.95 -35.44 100.11
C TYR U 214 31.35 -34.54 98.96
N ALA U 215 31.63 -35.13 97.81
CA ALA U 215 32.09 -34.37 96.65
C ALA U 215 31.16 -34.62 95.48
N ASN U 216 30.86 -33.56 94.73
CA ASN U 216 29.93 -33.65 93.61
C ASN U 216 30.37 -32.62 92.58
N THR U 217 31.21 -33.03 91.63
CA THR U 217 31.77 -32.11 90.65
C THR U 217 31.66 -32.63 89.22
N ALA U 218 30.82 -33.63 88.97
CA ALA U 218 30.57 -34.12 87.62
C ALA U 218 31.85 -34.57 86.92
N LEU U 219 32.69 -35.30 87.66
CA LEU U 219 33.88 -35.88 87.06
C LEU U 219 33.49 -36.93 86.03
N LYS U 220 34.14 -36.90 84.88
CA LYS U 220 33.82 -37.83 83.80
C LYS U 220 35.09 -38.22 83.08
N LEU U 221 35.11 -39.44 82.55
CA LEU U 221 36.26 -39.98 81.84
C LEU U 221 35.93 -40.13 80.36
N ALA U 222 36.95 -40.00 79.53
CA ALA U 222 36.78 -40.08 78.09
C ALA U 222 37.79 -41.06 77.50
N ARG U 223 37.42 -41.63 76.36
CA ARG U 223 38.25 -42.67 75.75
C ARG U 223 39.60 -42.11 75.34
N PRO U 224 40.69 -42.80 75.62
CA PRO U 224 42.02 -42.28 75.24
C PRO U 224 42.19 -42.23 73.73
N SER U 225 43.03 -41.30 73.29
CA SER U 225 43.33 -41.18 71.87
C SER U 225 44.16 -42.38 71.41
N PRO U 226 44.09 -42.72 70.13
CA PRO U 226 44.94 -43.82 69.63
C PRO U 226 46.42 -43.49 69.75
N GLY U 227 47.20 -44.50 70.10
CA GLY U 227 48.64 -44.35 70.22
C GLY U 227 49.10 -43.43 71.33
N MET U 228 48.38 -43.40 72.46
CA MET U 228 48.77 -42.57 73.58
C MET U 228 48.36 -43.24 74.87
N VAL U 229 48.98 -42.81 75.97
CA VAL U 229 48.67 -43.28 77.31
C VAL U 229 48.51 -42.02 78.17
N HIS U 230 47.28 -41.56 78.37
CA HIS U 230 47.14 -40.33 79.14
C HIS U 230 45.96 -40.25 80.10
N VAL U 231 44.96 -41.12 80.03
CA VAL U 231 43.79 -41.05 80.91
C VAL U 231 43.15 -39.66 80.82
N PRO U 232 42.40 -39.36 79.76
CA PRO U 232 41.73 -38.07 79.68
C PRO U 232 40.52 -38.03 80.59
N TYR U 233 40.15 -36.82 81.00
CA TYR U 233 38.98 -36.63 81.83
C TYR U 233 38.53 -35.18 81.71
N THR U 234 37.29 -34.93 82.12
CA THR U 234 36.72 -33.59 82.15
C THR U 234 36.01 -33.37 83.48
N GLN U 235 36.09 -32.15 83.98
CA GLN U 235 35.61 -31.86 85.32
C GLN U 235 35.25 -30.38 85.44
N THR U 236 34.09 -30.10 86.02
CA THR U 236 33.69 -28.72 86.25
C THR U 236 34.62 -28.07 87.28
N PRO U 237 35.10 -26.86 87.03
CA PRO U 237 36.12 -26.28 87.91
C PRO U 237 35.65 -26.12 89.34
N SER U 238 36.59 -25.77 90.19
CA SER U 238 36.35 -25.71 91.62
C SER U 238 35.27 -24.68 91.94
N GLY U 239 34.41 -25.02 92.90
CA GLY U 239 33.41 -24.07 93.35
C GLY U 239 33.96 -23.04 94.32
N PHE U 240 34.98 -23.39 95.08
CA PHE U 240 35.56 -22.44 96.04
C PHE U 240 36.23 -21.28 95.32
N LYS U 241 36.97 -21.57 94.24
CA LYS U 241 37.64 -20.48 93.55
C LYS U 241 36.64 -19.52 92.92
N TYR U 242 35.56 -20.04 92.35
CA TYR U 242 34.56 -19.15 91.77
C TYR U 242 33.77 -18.43 92.85
N TRP U 243 33.57 -19.04 94.01
CA TRP U 243 32.98 -18.27 95.09
C TRP U 243 33.89 -17.14 95.52
N LEU U 244 35.21 -17.37 95.55
CA LEU U 244 36.12 -16.29 95.87
C LEU U 244 36.03 -15.17 94.83
N LYS U 245 35.92 -15.54 93.56
CA LYS U 245 35.90 -14.51 92.53
C LYS U 245 34.60 -13.72 92.49
N GLU U 246 33.47 -14.35 92.80
CA GLU U 246 32.18 -13.68 92.64
C GLU U 246 31.33 -13.81 93.90
N LYS U 247 31.95 -13.69 95.07
CA LYS U 247 31.16 -13.71 96.30
C LYS U 247 30.33 -12.44 96.43
N GLY U 248 30.93 -11.29 96.18
CA GLY U 248 30.19 -10.05 96.15
C GLY U 248 29.94 -9.46 97.52
N THR U 249 30.24 -8.17 97.67
CA THR U 249 30.03 -7.44 98.92
C THR U 249 30.68 -8.14 100.10
N ALA U 250 30.17 -7.88 101.29
CA ALA U 250 30.58 -8.50 102.53
C ALA U 250 29.52 -8.15 103.56
N LEU U 251 29.84 -8.32 104.83
CA LEU U 251 29.09 -7.64 105.87
C LEU U 251 29.88 -6.52 106.51
N ASN U 252 31.20 -6.52 106.35
CA ASN U 252 32.02 -5.46 106.94
C ASN U 252 31.70 -4.11 106.32
N THR U 253 31.41 -4.09 105.02
CA THR U 253 31.15 -2.86 104.28
C THR U 253 29.68 -2.65 104.02
N LYS U 254 28.81 -3.33 104.74
CA LYS U 254 27.38 -3.25 104.48
C LYS U 254 26.55 -3.19 105.75
N ALA U 255 27.15 -3.34 106.93
CA ALA U 255 26.38 -3.48 108.15
C ALA U 255 25.72 -2.16 108.52
N PRO U 256 24.50 -2.19 109.02
CA PRO U 256 23.82 -0.95 109.41
C PRO U 256 24.35 -0.44 110.74
N PHE U 257 23.97 0.79 111.06
CA PHE U 257 24.26 1.45 112.33
C PHE U 257 25.75 1.64 112.57
N GLY U 258 26.57 1.51 111.53
CA GLY U 258 27.96 1.90 111.62
C GLY U 258 28.77 1.09 112.60
N CYS U 259 28.67 -0.22 112.54
CA CYS U 259 29.39 -1.09 113.45
C CYS U 259 30.28 -2.08 112.73
N GLN U 260 31.50 -2.21 113.24
CA GLN U 260 32.55 -3.01 112.63
C GLN U 260 32.25 -4.48 112.82
N ILE U 261 32.41 -5.26 111.77
CA ILE U 261 32.37 -6.72 111.89
C ILE U 261 33.80 -7.21 112.03
N LYS U 262 34.00 -8.23 112.86
CA LYS U 262 35.32 -8.81 113.03
C LYS U 262 35.19 -10.32 113.09
N THR U 263 36.31 -11.00 113.21
CA THR U 263 36.33 -12.45 113.18
C THR U 263 37.25 -12.98 114.27
N ASN U 264 37.01 -14.22 114.65
CA ASN U 264 37.81 -14.96 115.63
C ASN U 264 37.80 -14.29 116.99
N PRO U 265 36.67 -14.32 117.72
CA PRO U 265 35.36 -14.86 117.33
C PRO U 265 34.58 -13.84 116.54
N VAL U 266 33.50 -14.23 115.85
CA VAL U 266 32.71 -13.25 115.13
C VAL U 266 32.01 -12.34 116.13
N ARG U 267 32.05 -11.04 115.86
CA ARG U 267 31.42 -10.07 116.75
C ARG U 267 31.29 -8.76 116.00
N ALA U 268 30.29 -7.98 116.39
CA ALA U 268 30.02 -6.68 115.77
C ALA U 268 30.19 -5.61 116.83
N MET U 269 31.23 -4.80 116.71
CA MET U 269 31.66 -3.91 117.78
C MET U 269 31.18 -2.49 117.56
N ASN U 270 30.97 -1.78 118.67
CA ASN U 270 30.64 -0.35 118.67
C ASN U 270 29.45 -0.06 117.77
N CYS U 271 28.31 -0.67 118.09
CA CYS U 271 27.20 -0.73 117.15
C CYS U 271 26.03 -0.03 117.82
N ALA U 272 25.78 1.20 117.41
CA ALA U 272 24.94 2.12 118.18
C ALA U 272 23.47 1.86 117.89
N VAL U 273 22.76 1.32 118.88
CA VAL U 273 21.32 1.10 118.78
C VAL U 273 20.79 0.85 120.19
N GLY U 274 19.62 1.38 120.47
CA GLY U 274 18.91 1.03 121.69
C GLY U 274 19.39 1.78 122.92
N ASN U 275 18.86 1.36 124.07
CA ASN U 275 19.13 1.97 125.36
C ASN U 275 19.58 0.89 126.34
N ILE U 276 20.36 1.30 127.33
CA ILE U 276 20.90 0.39 128.32
C ILE U 276 20.43 0.76 129.72
N PRO U 277 19.40 0.12 130.26
CA PRO U 277 19.00 0.41 131.64
C PRO U 277 20.09 0.05 132.63
N VAL U 278 20.15 0.80 133.72
CA VAL U 278 21.19 0.66 134.73
C VAL U 278 20.54 0.62 136.10
N SER U 279 21.06 -0.23 136.98
CA SER U 279 20.65 -0.28 138.38
C SER U 279 21.88 -0.10 139.25
N MET U 280 21.74 0.67 140.32
CA MET U 280 22.86 0.98 141.20
C MET U 280 22.47 0.60 142.62
N ASN U 281 23.44 0.68 143.53
CA ASN U 281 23.19 0.50 144.95
C ASN U 281 24.34 1.13 145.72
N LEU U 282 24.14 2.34 146.20
CA LEU U 282 25.24 3.11 146.74
C LEU U 282 25.31 3.00 148.26
N PRO U 283 26.51 3.01 148.82
CA PRO U 283 26.64 2.99 150.28
C PRO U 283 26.40 4.37 150.86
N ASP U 284 26.31 4.41 152.20
CA ASP U 284 26.06 5.68 152.87
C ASP U 284 27.27 6.59 152.86
N SER U 285 28.46 6.07 152.54
CA SER U 285 29.67 6.88 152.56
C SER U 285 29.86 7.70 151.28
N ALA U 286 29.15 7.36 150.21
CA ALA U 286 29.31 8.11 148.97
C ALA U 286 28.70 9.50 149.08
N PHE U 287 27.62 9.65 149.83
CA PHE U 287 26.95 10.93 149.97
C PHE U 287 27.62 11.78 151.06
N THR U 288 27.31 13.06 151.05
CA THR U 288 27.81 14.01 152.02
C THR U 288 26.66 14.60 152.82
N ARG U 289 26.83 14.67 154.14
CA ARG U 289 25.78 15.23 154.97
C ARG U 289 25.51 16.67 154.59
N ILE U 290 24.24 17.07 154.67
CA ILE U 290 23.84 18.40 154.23
C ILE U 290 24.52 19.48 155.05
N VAL U 291 24.99 19.17 156.25
CA VAL U 291 25.67 20.18 157.06
C VAL U 291 27.00 20.57 156.43
N GLU U 292 27.69 19.64 155.79
CA GLU U 292 29.00 19.93 155.22
C GLU U 292 28.93 20.73 153.94
N ALA U 293 27.94 20.47 153.09
CA ALA U 293 27.86 21.15 151.80
C ALA U 293 27.45 22.61 151.97
N PRO U 294 27.88 23.48 151.07
CA PRO U 294 27.47 24.88 151.13
C PRO U 294 25.99 25.05 150.82
N THR U 295 25.43 26.15 151.32
CA THR U 295 24.05 26.51 151.06
C THR U 295 23.99 27.52 149.92
N ILE U 296 23.05 27.31 149.00
CA ILE U 296 22.89 28.16 147.82
C ILE U 296 21.47 28.71 147.82
N ILE U 297 21.35 30.04 147.78
CA ILE U 297 20.06 30.71 147.70
C ILE U 297 20.12 31.75 146.60
N ASP U 298 18.93 32.11 146.09
CA ASP U 298 18.77 33.14 145.06
C ASP U 298 19.56 32.77 143.79
N LEU U 299 19.16 31.66 143.18
CA LEU U 299 19.82 31.18 141.97
C LEU U 299 19.12 31.75 140.75
N THR U 300 19.86 32.52 139.94
CA THR U 300 19.37 33.08 138.69
C THR U 300 20.28 32.64 137.56
N CYS U 301 19.67 32.20 136.46
CA CYS U 301 20.40 31.68 135.31
C CYS U 301 20.19 32.57 134.10
N THR U 302 21.27 32.96 133.45
CA THR U 302 21.23 33.72 132.21
C THR U 302 22.15 33.06 131.20
N VAL U 303 21.79 33.18 129.93
CA VAL U 303 22.51 32.54 128.84
C VAL U 303 23.26 33.62 128.07
N ALA U 304 24.59 33.48 127.99
CA ALA U 304 25.39 34.48 127.30
C ALA U 304 25.31 34.30 125.79
N THR U 305 25.72 33.15 125.28
CA THR U 305 25.63 32.84 123.86
C THR U 305 25.13 31.41 123.68
N CYS U 306 24.36 31.20 122.61
CA CYS U 306 23.85 29.89 122.29
C CYS U 306 24.07 29.59 120.82
N THR U 307 24.37 28.32 120.51
CA THR U 307 24.61 27.89 119.14
C THR U 307 24.41 26.39 119.10
N HIS U 308 23.42 25.92 118.35
CA HIS U 308 23.09 24.50 118.36
C HIS U 308 24.04 23.74 117.43
N SER U 309 25.28 23.59 117.88
CA SER U 309 26.32 22.89 117.15
C SER U 309 26.66 21.59 117.86
N SER U 310 27.42 20.74 117.16
CA SER U 310 27.75 19.43 117.70
C SER U 310 28.63 19.55 118.95
N ASP U 311 29.59 20.47 118.94
CA ASP U 311 30.43 20.67 120.10
C ASP U 311 29.62 21.36 121.21
N PHE U 312 30.31 21.75 122.28
CA PHE U 312 29.68 22.46 123.38
C PHE U 312 29.67 23.95 123.08
N GLY U 313 28.64 24.38 122.35
CA GLY U 313 28.59 25.73 121.84
C GLY U 313 27.66 26.69 122.55
N GLY U 314 27.41 26.45 123.83
CA GLY U 314 26.61 27.37 124.62
C GLY U 314 27.31 27.67 125.93
N VAL U 315 27.08 28.88 126.45
CA VAL U 315 27.69 29.33 127.68
C VAL U 315 26.60 29.86 128.61
N LEU U 316 26.68 29.48 129.87
CA LEU U 316 25.63 29.72 130.86
C LEU U 316 26.27 30.30 132.11
N THR U 317 25.56 31.23 132.76
CA THR U 317 26.08 31.87 133.96
C THR U 317 25.04 31.78 135.08
N LEU U 318 25.51 31.52 136.29
CA LEU U 318 24.64 31.38 137.46
C LEU U 318 25.06 32.39 138.51
N THR U 319 24.09 33.10 139.07
CA THR U 319 24.32 34.01 140.17
C THR U 319 23.60 33.50 141.40
N TYR U 320 24.24 33.63 142.56
CA TYR U 320 23.69 33.08 143.79
C TYR U 320 24.21 33.89 144.97
N LYS U 321 24.00 33.37 146.17
CA LYS U 321 24.59 33.92 147.38
C LYS U 321 24.95 32.75 148.28
N THR U 322 26.17 32.76 148.82
CA THR U 322 26.67 31.63 149.58
C THR U 322 27.35 32.10 150.85
N ASP U 323 27.36 31.23 151.85
CA ASP U 323 28.00 31.51 153.14
C ASP U 323 29.46 31.06 153.16
N LYS U 324 29.80 29.98 152.46
CA LYS U 324 31.16 29.47 152.41
C LYS U 324 31.39 28.79 151.07
N ASN U 325 32.66 28.70 150.68
CA ASN U 325 33.03 28.14 149.40
C ASN U 325 33.35 26.65 149.51
N GLY U 326 33.00 25.92 148.45
CA GLY U 326 33.15 24.47 148.42
C GLY U 326 32.91 23.90 147.04
N ASP U 327 32.14 22.83 146.95
CA ASP U 327 31.80 22.21 145.67
C ASP U 327 30.30 21.93 145.60
N CYS U 328 29.76 21.94 144.38
CA CYS U 328 28.39 21.55 144.13
C CYS U 328 28.31 20.62 142.94
N SER U 329 27.17 19.95 142.83
CA SER U 329 26.93 18.96 141.79
C SER U 329 25.89 19.50 140.81
N VAL U 330 26.35 20.08 139.72
CA VAL U 330 25.46 20.68 138.74
C VAL U 330 24.80 19.58 137.91
N HIS U 331 23.65 19.91 137.34
CA HIS U 331 22.94 18.97 136.48
C HIS U 331 21.89 19.73 135.68
N SER U 332 21.54 19.19 134.52
CA SER U 332 20.47 19.71 133.68
C SER U 332 19.36 18.69 133.63
N HIS U 333 18.15 19.10 134.02
CA HIS U 333 17.08 18.14 134.26
C HIS U 333 16.26 17.83 133.03
N SER U 334 16.67 18.29 131.86
CA SER U 334 16.02 17.90 130.61
C SER U 334 17.10 17.59 129.59
N ASN U 335 16.82 16.60 128.73
CA ASN U 335 17.82 16.16 127.76
C ASN U 335 17.92 17.09 126.57
N VAL U 336 17.28 18.25 126.60
CA VAL U 336 17.46 19.24 125.54
C VAL U 336 18.90 19.73 125.53
N ALA U 337 19.45 20.02 126.71
CA ALA U 337 20.80 20.52 126.84
C ALA U 337 21.61 19.56 127.69
N THR U 338 22.79 19.19 127.20
CA THR U 338 23.70 18.30 127.89
C THR U 338 24.87 19.12 128.41
N LEU U 339 24.98 19.22 129.74
CA LEU U 339 26.08 19.99 130.29
C LEU U 339 27.40 19.27 130.03
N GLN U 340 28.49 19.95 130.34
CA GLN U 340 29.82 19.40 130.14
C GLN U 340 30.43 18.83 131.41
N GLU U 341 30.17 19.44 132.55
CA GLU U 341 30.80 19.06 133.80
C GLU U 341 29.76 18.56 134.79
N ALA U 342 30.23 17.87 135.82
CA ALA U 342 29.38 17.40 136.89
C ALA U 342 29.73 18.02 138.24
N THR U 343 30.74 18.86 138.31
CA THR U 343 31.05 19.60 139.53
C THR U 343 31.41 21.03 139.16
N ALA U 344 31.17 21.94 140.09
CA ALA U 344 31.54 23.33 139.90
C ALA U 344 31.92 23.92 141.25
N LYS U 345 32.91 24.79 141.25
CA LYS U 345 33.38 25.44 142.47
C LYS U 345 32.55 26.68 142.74
N VAL U 346 31.84 26.68 143.86
CA VAL U 346 31.06 27.84 144.28
C VAL U 346 31.93 28.68 145.21
N LYS U 347 31.80 30.00 145.11
CA LYS U 347 32.58 30.91 145.92
C LYS U 347 31.71 32.07 146.35
N THR U 348 32.23 32.86 147.30
CA THR U 348 31.47 33.97 147.86
C THR U 348 31.24 35.09 146.84
N ALA U 349 31.95 35.08 145.72
CA ALA U 349 31.75 36.13 144.71
C ALA U 349 30.34 36.11 144.17
N GLY U 350 29.79 34.93 143.93
CA GLY U 350 28.44 34.80 143.46
C GLY U 350 28.27 34.61 141.96
N LYS U 351 29.30 34.15 141.25
CA LYS U 351 29.21 33.94 139.82
C LYS U 351 29.95 32.67 139.43
N VAL U 352 29.29 31.82 138.65
CA VAL U 352 29.91 30.63 138.08
C VAL U 352 29.35 30.45 136.68
N THR U 353 30.16 29.87 135.79
CA THR U 353 29.76 29.69 134.40
C THR U 353 29.87 28.22 134.00
N LEU U 354 28.92 27.77 133.17
CA LEU U 354 28.83 26.40 132.73
C LEU U 354 28.62 26.35 131.23
N HIS U 355 29.02 25.25 130.61
CA HIS U 355 28.92 25.09 129.17
C HIS U 355 27.98 23.95 128.85
N PHE U 356 27.14 24.12 127.84
CA PHE U 356 26.16 23.11 127.49
C PHE U 356 26.13 22.93 125.98
N SER U 357 25.51 21.84 125.53
CA SER U 357 25.35 21.56 124.11
C SER U 357 23.90 21.23 123.82
N THR U 358 23.35 21.88 122.80
CA THR U 358 21.94 21.73 122.47
C THR U 358 21.78 21.63 120.97
N ALA U 359 20.61 21.18 120.54
CA ALA U 359 20.34 21.00 119.11
C ALA U 359 19.00 21.60 118.70
N SER U 360 18.41 22.45 119.53
CA SER U 360 17.12 23.05 119.25
C SER U 360 17.26 24.56 119.14
N ALA U 361 16.36 25.17 118.37
CA ALA U 361 16.43 26.61 118.13
C ALA U 361 16.25 27.38 119.43
N SER U 362 15.33 26.96 120.28
CA SER U 362 15.05 27.62 121.54
C SER U 362 14.92 26.58 122.65
N PRO U 363 15.94 26.40 123.48
CA PRO U 363 15.86 25.41 124.56
C PRO U 363 15.17 25.98 125.78
N SER U 364 14.69 25.07 126.62
CA SER U 364 14.12 25.46 127.91
C SER U 364 14.35 24.31 128.88
N PHE U 365 15.25 24.49 129.83
CA PHE U 365 15.61 23.44 130.77
C PHE U 365 15.89 24.06 132.13
N VAL U 366 15.79 23.24 133.16
CA VAL U 366 16.00 23.67 134.54
C VAL U 366 17.32 23.10 135.05
N VAL U 367 18.17 23.96 135.57
CA VAL U 367 19.51 23.60 136.00
C VAL U 367 19.62 23.81 137.51
N SER U 368 20.31 22.91 138.19
CA SER U 368 20.42 22.94 139.64
C SER U 368 21.88 22.92 140.06
N LEU U 369 22.21 23.74 141.04
CA LEU U 369 23.53 23.81 141.64
C LEU U 369 23.38 23.47 143.11
N CYS U 370 24.06 22.41 143.56
CA CYS U 370 23.79 21.84 144.88
C CYS U 370 22.29 21.60 145.06
N SER U 371 21.68 22.32 146.00
CA SER U 371 20.27 22.13 146.30
C SER U 371 19.35 23.17 145.66
N ALA U 372 19.90 24.15 144.94
CA ALA U 372 19.10 25.22 144.39
C ALA U 372 18.45 24.80 143.09
N ARG U 373 17.74 25.73 142.45
CA ARG U 373 17.09 25.50 141.17
C ARG U 373 17.09 26.80 140.38
N ALA U 374 16.96 26.68 139.07
CA ALA U 374 16.83 27.83 138.20
C ALA U 374 16.39 27.37 136.83
N THR U 375 15.63 28.21 136.14
CA THR U 375 15.12 27.91 134.82
C THR U 375 15.82 28.80 133.80
N CYS U 376 16.34 28.20 132.74
CA CYS U 376 17.08 28.90 131.71
C CYS U 376 16.35 28.78 130.38
N SER U 377 16.26 29.89 129.66
CA SER U 377 15.74 29.91 128.29
C SER U 377 16.66 30.77 127.45
N ALA U 378 16.77 30.44 126.17
CA ALA U 378 17.75 31.08 125.32
C ALA U 378 17.31 31.02 123.87
N SER U 379 17.95 31.84 123.05
CA SER U 379 17.74 31.85 121.60
C SER U 379 19.08 31.54 120.94
N CYS U 380 19.09 30.53 120.06
CA CYS U 380 20.32 29.98 119.51
C CYS U 380 20.34 30.12 118.00
N GLU U 381 21.50 30.47 117.45
CA GLU U 381 21.80 30.69 116.05
C GLU U 381 22.51 29.47 115.45
N PRO U 382 22.22 29.10 114.21
CA PRO U 382 22.82 27.90 113.62
C PRO U 382 24.31 28.06 113.41
N PRO U 383 25.04 26.96 113.24
CA PRO U 383 26.46 27.07 112.94
C PRO U 383 26.71 27.29 111.45
N LYS U 384 27.89 27.83 111.16
CA LYS U 384 28.27 28.17 109.80
C LYS U 384 28.99 27.03 109.09
N ASP U 385 29.65 26.14 109.82
CA ASP U 385 30.46 25.09 109.23
C ASP U 385 29.60 23.90 108.81
N HIS U 386 29.95 23.30 107.67
CA HIS U 386 29.07 22.31 107.07
C HIS U 386 29.31 20.91 107.61
N ILE U 387 30.56 20.52 107.82
CA ILE U 387 30.90 19.15 108.20
C ILE U 387 32.01 19.19 109.24
N VAL U 388 31.90 18.31 110.24
CA VAL U 388 32.88 18.21 111.31
C VAL U 388 33.30 16.75 111.47
N PRO U 389 34.48 16.46 112.00
CA PRO U 389 34.93 15.06 112.15
C PRO U 389 34.60 14.39 113.47
N TYR U 390 33.74 14.97 114.32
CA TYR U 390 33.39 14.37 115.59
C TYR U 390 31.88 14.21 115.70
N ALA U 391 31.45 13.21 116.46
CA ALA U 391 30.04 12.92 116.60
C ALA U 391 29.36 13.95 117.51
N ALA U 392 28.04 13.98 117.43
CA ALA U 392 27.26 14.97 118.16
C ALA U 392 27.28 14.69 119.66
N SER U 393 27.29 15.75 120.46
CA SER U 393 27.26 15.65 121.90
C SER U 393 25.93 16.06 122.49
N HIS U 394 24.89 16.18 121.68
CA HIS U 394 23.55 16.47 122.16
C HIS U 394 22.64 15.27 121.88
N SER U 395 21.47 15.29 122.50
CA SER U 395 20.54 14.18 122.39
C SER U 395 19.64 14.29 121.17
N ASN U 396 19.80 15.34 120.36
CA ASN U 396 19.10 15.50 119.10
C ASN U 396 17.58 15.61 119.30
N VAL U 397 17.19 16.67 120.01
CA VAL U 397 15.79 17.05 120.17
C VAL U 397 15.61 18.45 119.60
N VAL U 398 14.64 18.62 118.71
CA VAL U 398 14.55 19.82 117.91
C VAL U 398 13.26 20.61 118.11
N PHE U 399 12.28 20.08 118.81
CA PHE U 399 11.03 20.83 119.00
C PHE U 399 11.27 22.01 119.93
N PRO U 400 10.96 23.23 119.53
CA PRO U 400 11.26 24.39 120.36
C PRO U 400 10.31 24.51 121.53
N ASP U 401 10.68 25.40 122.46
CA ASP U 401 9.85 25.64 123.63
C ASP U 401 8.57 26.37 123.25
N MET U 402 7.53 26.19 124.05
CA MET U 402 6.25 26.85 123.80
C MET U 402 6.31 28.35 123.99
N SER U 403 7.38 28.89 124.57
CA SER U 403 7.57 30.32 124.70
C SER U 403 8.55 30.87 123.67
N GLY U 404 8.99 30.06 122.72
CA GLY U 404 9.92 30.50 121.73
C GLY U 404 9.28 31.47 120.75
N THR U 405 10.08 31.97 119.82
CA THR U 405 9.57 32.95 118.87
C THR U 405 8.51 32.34 117.95
N ALA U 406 8.80 31.19 117.35
CA ALA U 406 7.87 30.59 116.41
C ALA U 406 6.55 30.23 117.10
N LEU U 407 6.64 29.58 118.25
CA LEU U 407 5.42 29.17 118.92
C LEU U 407 4.68 30.36 119.54
N SER U 408 5.40 31.42 119.90
CA SER U 408 4.70 32.63 120.30
C SER U 408 3.91 33.23 119.14
N TRP U 409 4.49 33.25 117.95
CA TRP U 409 3.74 33.73 116.79
C TRP U 409 2.51 32.87 116.54
N VAL U 410 2.67 31.55 116.60
CA VAL U 410 1.52 30.66 116.39
C VAL U 410 0.45 30.92 117.45
N GLN U 411 0.88 31.08 118.71
CA GLN U 411 -0.08 31.33 119.79
C GLN U 411 -0.83 32.64 119.56
N LYS U 412 -0.12 33.70 119.19
CA LYS U 412 -0.77 34.99 119.00
C LYS U 412 -1.78 34.92 117.85
N ILE U 413 -1.40 34.32 116.73
CA ILE U 413 -2.30 34.23 115.59
C ILE U 413 -3.53 33.39 115.92
N SER U 414 -3.31 32.23 116.54
CA SER U 414 -4.43 31.38 116.90
C SER U 414 -5.34 32.06 117.92
N GLY U 415 -4.76 32.84 118.84
CA GLY U 415 -5.57 33.56 119.80
C GLY U 415 -6.43 34.63 119.14
N GLY U 416 -5.86 35.34 118.16
CA GLY U 416 -6.66 36.31 117.43
C GLY U 416 -7.83 35.67 116.71
N LEU U 417 -7.56 34.57 116.00
CA LEU U 417 -8.64 33.89 115.28
C LEU U 417 -9.68 33.32 116.25
N GLY U 418 -9.24 32.79 117.39
CA GLY U 418 -10.19 32.29 118.38
C GLY U 418 -11.05 33.40 118.96
N ALA U 419 -10.45 34.58 119.19
CA ALA U 419 -11.24 35.71 119.64
C ALA U 419 -12.28 36.11 118.61
N PHE U 420 -11.91 36.10 117.33
CA PHE U 420 -12.88 36.41 116.28
C PHE U 420 -14.02 35.39 116.29
N ALA U 421 -13.69 34.11 116.38
CA ALA U 421 -14.73 33.08 116.36
C ALA U 421 -15.64 33.20 117.58
N ILE U 422 -15.06 33.48 118.75
CA ILE U 422 -15.86 33.60 119.96
C ILE U 422 -16.78 34.81 119.87
N GLY U 423 -16.29 35.92 119.30
CA GLY U 423 -17.15 37.06 119.07
C GLY U 423 -18.31 36.74 118.15
N ALA U 424 -18.05 36.01 117.08
CA ALA U 424 -19.12 35.61 116.17
C ALA U 424 -20.15 34.74 116.89
N ILE U 425 -19.68 33.76 117.66
CA ILE U 425 -20.58 32.87 118.37
C ILE U 425 -21.43 33.66 119.37
N LEU U 426 -20.80 34.58 120.10
CA LEU U 426 -21.56 35.38 121.06
C LEU U 426 -22.60 36.23 120.38
N VAL U 427 -22.26 36.82 119.22
CA VAL U 427 -23.24 37.63 118.50
C VAL U 427 -24.43 36.79 118.07
N LEU U 428 -24.17 35.60 117.50
CA LEU U 428 -25.27 34.76 117.05
C LEU U 428 -26.13 34.29 118.22
N VAL U 429 -25.51 33.94 119.34
CA VAL U 429 -26.28 33.50 120.49
C VAL U 429 -27.11 34.65 121.06
N VAL U 430 -26.56 35.86 121.06
CA VAL U 430 -27.33 37.02 121.51
C VAL U 430 -28.53 37.24 120.61
N VAL U 431 -28.36 37.10 119.30
CA VAL U 431 -29.48 37.29 118.39
C VAL U 431 -30.56 36.24 118.63
N THR U 432 -30.18 34.97 118.76
CA THR U 432 -31.18 33.94 118.99
C THR U 432 -31.86 34.10 120.34
N CYS U 433 -31.12 34.52 121.37
CA CYS U 433 -31.72 34.72 122.68
C CYS U 433 -32.65 35.92 122.68
N ILE U 434 -32.35 36.95 121.89
CA ILE U 434 -33.29 38.07 121.74
C ILE U 434 -34.54 37.61 121.02
N GLY U 435 -34.38 36.74 120.02
CA GLY U 435 -35.55 36.15 119.38
C GLY U 435 -36.38 35.32 120.33
N LEU U 436 -35.71 34.63 121.27
CA LEU U 436 -36.42 33.74 122.18
C LEU U 436 -37.09 34.49 123.32
N ARG U 437 -36.42 35.50 123.88
CA ARG U 437 -36.95 36.27 125.01
C ARG U 437 -38.27 36.95 124.67
N ARG U 438 -38.56 37.15 123.39
CA ARG U 438 -39.83 37.70 122.97
C ARG U 438 -40.88 36.60 122.92
N TYR V 1 39.05 63.03 43.35
CA TYR V 1 37.64 62.63 43.42
C TYR V 1 37.43 61.57 44.49
N GLU V 2 36.90 61.99 45.63
CA GLU V 2 36.66 61.08 46.75
C GLU V 2 35.60 60.05 46.39
N HIS V 3 35.69 58.88 47.01
CA HIS V 3 34.71 57.83 46.80
C HIS V 3 34.67 56.94 48.04
N SER V 4 33.54 56.28 48.24
CA SER V 4 33.35 55.39 49.38
C SER V 4 32.66 54.12 48.92
N THR V 5 32.99 53.01 49.60
CA THR V 5 32.48 51.70 49.23
C THR V 5 32.45 50.81 50.46
N VAL V 6 31.55 49.83 50.45
CA VAL V 6 31.48 48.82 51.49
C VAL V 6 31.69 47.45 50.84
N MET V 7 32.66 46.70 51.33
CA MET V 7 32.98 45.41 50.74
C MET V 7 32.92 44.31 51.79
N PRO V 8 32.47 43.12 51.41
CA PRO V 8 32.40 42.03 52.38
C PRO V 8 33.77 41.58 52.82
N ASN V 9 33.84 41.09 54.05
CA ASN V 9 35.08 40.56 54.61
C ASN V 9 35.13 39.04 54.48
N VAL V 10 35.12 38.59 53.23
CA VAL V 10 35.22 37.17 52.90
C VAL V 10 36.47 36.99 52.05
N VAL V 11 37.31 36.04 52.43
CA VAL V 11 38.60 35.86 51.76
C VAL V 11 38.38 35.17 50.42
N GLY V 12 38.90 35.78 49.35
CA GLY V 12 38.77 35.24 48.03
C GLY V 12 37.58 35.71 47.24
N PHE V 13 36.67 36.46 47.84
CA PHE V 13 35.52 36.99 47.12
C PHE V 13 35.99 38.07 46.14
N PRO V 14 35.61 38.00 44.87
CA PRO V 14 36.09 38.98 43.86
C PRO V 14 35.24 40.23 43.78
N TYR V 15 35.39 41.11 44.76
CA TYR V 15 34.56 42.30 44.82
C TYR V 15 35.03 43.35 43.82
N LYS V 16 34.08 43.94 43.11
CA LYS V 16 34.38 44.89 42.05
C LYS V 16 33.62 46.19 42.32
N ALA V 17 34.33 47.31 42.28
CA ALA V 17 33.77 48.61 42.63
C ALA V 17 33.63 49.47 41.38
N HIS V 18 32.54 50.23 41.30
CA HIS V 18 32.22 51.02 40.13
C HIS V 18 32.21 52.50 40.49
N ILE V 19 32.78 53.33 39.63
CA ILE V 19 32.85 54.78 39.83
C ILE V 19 32.33 55.46 38.57
N GLU V 20 31.39 56.38 38.74
CA GLU V 20 30.78 57.09 37.62
C GLU V 20 31.07 58.58 37.76
N ARG V 21 32.21 59.01 37.24
CA ARG V 21 32.51 60.44 37.19
C ARG V 21 31.67 61.09 36.10
N PRO V 22 30.94 62.17 36.39
CA PRO V 22 30.03 62.74 35.39
C PRO V 22 30.72 63.16 34.10
N GLY V 23 31.92 63.70 34.19
CA GLY V 23 32.60 64.18 33.01
C GLY V 23 33.55 63.21 32.34
N TYR V 24 33.65 61.98 32.84
CA TYR V 24 34.60 61.01 32.31
C TYR V 24 33.89 59.68 32.06
N SER V 25 34.66 58.71 31.58
CA SER V 25 34.14 57.36 31.41
C SER V 25 34.08 56.65 32.76
N PRO V 26 33.14 55.74 32.94
CA PRO V 26 33.10 54.97 34.19
C PRO V 26 34.35 54.11 34.35
N LEU V 27 34.75 53.92 35.61
CA LEU V 27 35.90 53.09 35.93
C LEU V 27 35.48 52.01 36.92
N THR V 28 36.05 50.82 36.74
CA THR V 28 35.76 49.67 37.59
C THR V 28 37.05 49.18 38.21
N LEU V 29 37.06 49.00 39.53
CA LEU V 29 38.21 48.47 40.25
C LEU V 29 37.91 47.06 40.70
N GLN V 30 38.96 46.30 40.97
CA GLN V 30 38.85 44.99 41.58
C GLN V 30 39.63 44.99 42.88
N MET V 31 38.97 44.58 43.97
CA MET V 31 39.59 44.49 45.27
C MET V 31 39.27 43.13 45.86
N GLN V 32 40.27 42.48 46.43
CA GLN V 32 40.09 41.16 46.98
C GLN V 32 40.91 41.04 48.26
N VAL V 33 40.34 40.36 49.25
CA VAL V 33 40.94 40.26 50.58
C VAL V 33 41.76 38.97 50.60
N VAL V 34 43.07 39.10 50.47
CA VAL V 34 43.93 37.92 50.43
C VAL V 34 44.04 37.27 51.80
N GLU V 35 44.24 38.06 52.85
CA GLU V 35 44.57 37.50 54.15
C GLU V 35 44.13 38.47 55.23
N THR V 36 43.65 37.94 56.36
CA THR V 36 43.26 38.76 57.49
C THR V 36 43.81 38.14 58.77
N SER V 37 44.02 38.99 59.78
CA SER V 37 44.70 38.57 61.00
C SER V 37 44.15 39.36 62.18
N LEU V 38 43.42 38.70 63.06
CA LEU V 38 42.81 39.33 64.22
C LEU V 38 43.75 39.18 65.42
N GLU V 39 44.46 40.24 65.74
CA GLU V 39 45.50 40.20 66.77
C GLU V 39 45.01 40.86 68.06
N PRO V 40 44.83 40.11 69.15
CA PRO V 40 44.42 40.74 70.41
C PRO V 40 45.61 41.38 71.12
N THR V 41 45.33 41.94 72.29
CA THR V 41 46.34 42.47 73.18
C THR V 41 46.37 41.63 74.44
N LEU V 42 47.57 41.28 74.90
CA LEU V 42 47.76 40.27 75.92
C LEU V 42 48.55 40.80 77.10
N ASN V 43 48.11 40.43 78.31
CA ASN V 43 48.83 40.69 79.54
C ASN V 43 49.17 39.35 80.20
N LEU V 44 50.42 39.19 80.62
CA LEU V 44 50.83 37.94 81.24
C LEU V 44 50.41 37.91 82.71
N GLU V 45 49.73 36.83 83.10
CA GLU V 45 49.31 36.65 84.49
C GLU V 45 50.33 35.83 85.28
N TYR V 46 50.60 34.60 84.85
CA TYR V 46 51.61 33.77 85.51
C TYR V 46 51.97 32.62 84.57
N ILE V 47 52.87 31.75 85.05
CA ILE V 47 53.45 30.65 84.28
C ILE V 47 53.39 29.38 85.12
N THR V 48 53.07 28.26 84.49
CA THR V 48 52.91 27.00 85.20
C THR V 48 53.79 25.92 84.56
N CYS V 49 54.36 25.07 85.40
CA CYS V 49 55.15 23.93 84.93
C CYS V 49 55.17 22.88 86.03
N GLU V 50 55.77 21.73 85.72
CA GLU V 50 55.86 20.67 86.71
C GLU V 50 56.79 21.07 87.85
N TYR V 51 56.56 20.51 89.02
CA TYR V 51 57.38 20.79 90.18
C TYR V 51 58.36 19.65 90.44
N LYS V 52 59.38 19.95 91.25
CA LYS V 52 60.41 18.98 91.60
C LYS V 52 60.64 19.10 93.09
N THR V 53 60.32 18.03 93.83
CA THR V 53 60.45 18.04 95.28
C THR V 53 61.91 17.84 95.66
N VAL V 54 62.43 18.72 96.51
CA VAL V 54 63.82 18.66 96.96
C VAL V 54 63.84 18.10 98.37
N VAL V 55 64.43 16.93 98.54
CA VAL V 55 64.49 16.28 99.85
C VAL V 55 65.93 16.11 100.27
N PRO V 56 66.50 17.00 101.07
CA PRO V 56 67.90 16.87 101.47
C PRO V 56 68.09 15.68 102.40
N SER V 57 69.36 15.37 102.64
CA SER V 57 69.71 14.19 103.43
C SER V 57 69.34 14.40 104.90
N PRO V 58 68.72 13.43 105.55
CA PRO V 58 68.31 13.62 106.94
C PRO V 58 69.51 13.78 107.86
N TYR V 59 69.28 14.52 108.95
CA TYR V 59 70.32 14.81 109.92
C TYR V 59 70.02 14.07 111.21
N VAL V 60 70.66 12.91 111.38
CA VAL V 60 70.46 12.09 112.58
C VAL V 60 71.43 12.59 113.64
N LYS V 61 70.89 13.01 114.78
CA LYS V 61 71.69 13.55 115.87
C LYS V 61 71.86 12.47 116.92
N CYS V 62 73.08 11.95 117.04
CA CYS V 62 73.36 10.89 118.01
C CYS V 62 73.54 11.50 119.39
N CYS V 63 72.78 10.99 120.37
CA CYS V 63 72.91 11.39 121.77
C CYS V 63 72.68 12.89 121.95
N GLY V 64 71.44 13.31 121.73
CA GLY V 64 71.10 14.71 121.92
C GLY V 64 69.69 15.00 121.44
N ALA V 65 69.49 16.24 120.99
CA ALA V 65 68.21 16.64 120.42
C ALA V 65 68.45 17.81 119.48
N SER V 66 67.68 17.85 118.40
CA SER V 66 67.80 18.88 117.38
C SER V 66 66.49 19.65 117.29
N GLU V 67 66.59 20.93 116.96
CA GLU V 67 65.44 21.82 116.98
C GLU V 67 65.03 22.21 115.56
N CYS V 68 63.74 22.20 115.31
CA CYS V 68 63.21 22.61 114.03
C CYS V 68 63.44 24.10 113.78
N SER V 69 63.59 24.46 112.51
CA SER V 69 63.79 25.84 112.12
C SER V 69 62.88 26.17 110.95
N THR V 70 62.43 27.42 110.89
CA THR V 70 61.57 27.87 109.80
C THR V 70 62.40 28.61 108.75
N LYS V 71 62.00 28.43 107.49
CA LYS V 71 62.68 29.05 106.37
C LYS V 71 61.66 29.56 105.37
N GLU V 72 62.14 30.38 104.45
CA GLU V 72 61.29 30.99 103.42
C GLU V 72 61.51 30.28 102.09
N LYS V 73 60.97 29.07 102.00
CA LYS V 73 61.01 28.28 100.78
C LYS V 73 59.60 27.84 100.42
N PRO V 74 59.28 27.73 99.14
CA PRO V 74 57.90 27.42 98.74
C PRO V 74 57.45 26.08 99.25
N ASP V 75 56.37 26.09 100.03
CA ASP V 75 55.78 24.87 100.61
C ASP V 75 56.81 24.10 101.42
N TYR V 76 57.59 24.82 102.21
CA TYR V 76 58.61 24.22 103.05
C TYR V 76 57.98 23.44 104.19
N GLN V 77 58.65 22.36 104.58
CA GLN V 77 58.20 21.53 105.70
C GLN V 77 59.42 21.11 106.50
N CYS V 78 59.25 20.95 107.81
CA CYS V 78 60.34 20.50 108.66
C CYS V 78 59.79 19.96 109.96
N LYS V 79 60.21 18.76 110.33
CA LYS V 79 59.76 18.12 111.56
C LYS V 79 60.90 17.32 112.16
N VAL V 80 60.85 17.18 113.48
CA VAL V 80 61.88 16.47 114.23
C VAL V 80 61.25 15.28 114.93
N TYR V 81 61.82 14.10 114.71
CA TYR V 81 61.31 12.87 115.28
C TYR V 81 62.27 12.36 116.34
N THR V 82 61.72 11.84 117.43
CA THR V 82 62.50 11.38 118.58
C THR V 82 62.34 9.87 118.73
N GLY V 83 63.45 9.19 118.97
CA GLY V 83 63.44 7.77 119.20
C GLY V 83 63.89 6.91 118.04
N VAL V 84 64.74 7.43 117.17
CA VAL V 84 65.20 6.67 116.01
C VAL V 84 66.43 5.86 116.37
N TYR V 85 66.54 4.67 115.78
CA TYR V 85 67.70 3.79 115.92
C TYR V 85 68.13 3.38 114.52
N PRO V 86 68.77 4.28 113.78
CA PRO V 86 69.10 3.99 112.38
C PRO V 86 70.13 2.89 112.26
N PHE V 87 70.04 2.14 111.17
CA PHE V 87 71.02 1.12 110.83
C PHE V 87 71.73 1.51 109.53
N MET V 88 72.90 0.94 109.32
CA MET V 88 73.60 1.02 108.04
C MET V 88 74.11 -0.36 107.67
N TRP V 89 74.81 -0.43 106.55
CA TRP V 89 75.28 -1.72 106.05
C TRP V 89 76.26 -2.36 107.04
N GLY V 90 77.13 -1.56 107.63
CA GLY V 90 78.16 -2.06 108.52
C GLY V 90 77.80 -2.12 109.98
N GLY V 91 76.57 -1.84 110.34
CA GLY V 91 76.17 -1.87 111.73
C GLY V 91 75.19 -0.75 112.01
N ALA V 92 75.15 -0.32 113.26
CA ALA V 92 74.20 0.67 113.73
C ALA V 92 74.94 1.72 114.54
N TYR V 93 74.90 2.97 114.09
CA TYR V 93 75.57 4.02 114.85
C TYR V 93 74.55 4.67 115.78
N CYS V 94 74.92 5.82 116.37
CA CYS V 94 74.18 6.40 117.49
C CYS V 94 74.09 5.41 118.65
N PHE V 95 75.24 5.21 119.28
CA PHE V 95 75.37 4.31 120.42
C PHE V 95 74.27 4.46 121.47
N CYS V 96 73.81 5.68 121.70
CA CYS V 96 72.69 5.86 122.64
C CYS V 96 71.49 5.08 122.15
N ASP V 97 70.86 4.33 123.06
CA ASP V 97 69.81 3.41 122.64
C ASP V 97 68.55 4.15 122.19
N SER V 98 68.15 5.19 122.92
CA SER V 98 66.86 5.82 122.67
C SER V 98 66.91 7.34 122.52
N GLU V 99 68.02 7.99 122.82
CA GLU V 99 68.10 9.45 122.73
C GLU V 99 68.75 9.88 121.41
N ASN V 100 68.02 9.64 120.32
CA ASN V 100 68.44 10.07 118.99
C ASN V 100 67.29 10.78 118.29
N THR V 101 67.62 11.77 117.46
CA THR V 101 66.61 12.53 116.74
C THR V 101 66.98 12.63 115.27
N GLN V 102 65.96 12.63 114.42
CA GLN V 102 66.12 12.79 112.98
C GLN V 102 65.36 14.02 112.54
N LEU V 103 66.04 14.92 111.83
CA LEU V 103 65.43 16.15 111.34
C LEU V 103 65.12 15.99 109.86
N SER V 104 63.85 15.93 109.52
CA SER V 104 63.40 15.79 108.14
C SER V 104 63.15 17.17 107.55
N GLU V 105 63.46 17.33 106.28
CA GLU V 105 63.30 18.60 105.60
C GLU V 105 62.89 18.35 104.16
N ALA V 106 62.01 19.19 103.63
CA ALA V 106 61.57 19.05 102.25
C ALA V 106 60.94 20.34 101.80
N TYR V 107 60.91 20.54 100.50
CA TYR V 107 60.20 21.67 99.91
C TYR V 107 60.05 21.43 98.42
N VAL V 108 59.54 22.42 97.70
CA VAL V 108 59.25 22.31 96.28
C VAL V 108 60.04 23.38 95.54
N ASP V 109 60.42 23.08 94.31
CA ASP V 109 61.09 24.06 93.48
C ASP V 109 60.72 23.83 92.03
N ARG V 110 60.85 24.89 91.24
CA ARG V 110 60.47 24.84 89.83
C ARG V 110 61.41 23.90 89.08
N SER V 111 60.84 23.10 88.17
CA SER V 111 61.60 22.04 87.53
C SER V 111 62.68 22.62 86.61
N ASP V 112 63.56 21.74 86.16
CA ASP V 112 64.69 22.14 85.32
C ASP V 112 64.30 22.41 83.88
N VAL V 113 63.15 21.93 83.44
CA VAL V 113 62.72 22.07 82.05
C VAL V 113 61.63 23.12 81.93
N CYS V 114 61.32 23.83 83.01
CA CYS V 114 60.22 24.79 82.99
C CYS V 114 60.42 25.88 81.96
N ARG V 115 61.65 26.19 81.59
CA ARG V 115 61.91 27.21 80.60
C ARG V 115 61.64 26.71 79.18
N HIS V 116 61.59 25.40 78.97
CA HIS V 116 61.30 24.84 77.66
C HIS V 116 59.90 24.30 77.52
N ASP V 117 59.21 24.03 78.63
CA ASP V 117 57.91 23.36 78.61
C ASP V 117 57.02 23.94 79.70
N HIS V 118 56.29 25.00 79.37
CA HIS V 118 55.39 25.64 80.31
C HIS V 118 54.15 26.11 79.57
N ALA V 119 53.09 26.34 80.33
CA ALA V 119 51.84 26.89 79.81
C ALA V 119 51.61 28.26 80.42
N SER V 120 51.30 29.24 79.58
CA SER V 120 51.16 30.62 80.01
C SER V 120 49.70 30.95 80.27
N ALA V 121 49.46 31.93 81.13
CA ALA V 121 48.11 32.39 81.44
C ALA V 121 48.01 33.86 81.11
N TYR V 122 47.07 34.22 80.24
CA TYR V 122 46.97 35.55 79.67
C TYR V 122 45.58 36.14 79.91
N LYS V 123 45.48 37.45 79.78
CA LYS V 123 44.20 38.15 79.66
C LYS V 123 44.17 38.87 78.33
N ALA V 124 43.13 38.62 77.54
CA ALA V 124 43.04 39.10 76.17
C ALA V 124 41.93 40.13 76.04
N HIS V 125 42.24 41.27 75.42
CA HIS V 125 41.23 42.31 75.24
C HIS V 125 41.64 43.22 74.09
N THR V 126 40.63 43.84 73.47
CA THR V 126 40.80 44.88 72.44
C THR V 126 41.58 44.36 71.23
N ALA V 127 40.94 43.45 70.50
CA ALA V 127 41.55 42.90 69.30
C ALA V 127 41.77 43.98 68.24
N SER V 128 42.87 43.85 67.51
CA SER V 128 43.20 44.74 66.40
C SER V 128 43.27 43.93 65.12
N LEU V 129 42.61 44.40 64.07
CA LEU V 129 42.52 43.66 62.81
C LEU V 129 43.58 44.15 61.84
N LYS V 130 44.09 43.25 61.02
CA LYS V 130 45.10 43.56 60.03
C LYS V 130 44.85 42.70 58.81
N ALA V 131 44.89 43.30 57.62
CA ALA V 131 44.50 42.60 56.41
C ALA V 131 45.46 42.95 55.28
N LYS V 132 45.53 42.04 54.30
CA LYS V 132 46.34 42.21 53.11
C LYS V 132 45.45 42.03 51.90
N VAL V 133 45.36 43.05 51.05
CA VAL V 133 44.40 43.08 49.95
C VAL V 133 45.14 43.27 48.64
N ARG V 134 44.56 42.74 47.56
CA ARG V 134 45.10 42.86 46.22
C ARG V 134 44.19 43.76 45.40
N VAL V 135 44.74 44.85 44.87
CA VAL V 135 43.98 45.86 44.15
C VAL V 135 44.50 45.90 42.72
N MET V 136 43.61 45.70 41.75
CA MET V 136 44.00 45.76 40.35
C MET V 136 42.99 46.58 39.57
N TYR V 137 43.48 47.39 38.64
CA TYR V 137 42.63 48.13 37.71
C TYR V 137 43.51 48.68 36.61
N GLY V 138 42.93 48.81 35.42
CA GLY V 138 43.69 49.29 34.28
C GLY V 138 44.89 48.41 34.01
N ASN V 139 46.08 48.93 34.31
CA ASN V 139 47.31 48.16 34.20
C ASN V 139 48.08 48.13 35.51
N VAL V 140 47.41 48.29 36.65
CA VAL V 140 48.06 48.41 37.95
C VAL V 140 47.67 47.19 38.78
N ASN V 141 48.56 46.20 38.82
CA ASN V 141 48.46 45.10 39.78
C ASN V 141 49.19 45.50 41.06
N GLN V 142 48.74 45.00 42.21
CA GLN V 142 49.49 45.17 43.45
C GLN V 142 48.83 44.44 44.62
N THR V 143 49.62 44.13 45.64
CA THR V 143 49.14 43.56 46.89
C THR V 143 49.79 44.31 48.04
N VAL V 144 48.97 44.82 48.96
CA VAL V 144 49.47 45.63 50.06
C VAL V 144 48.86 45.15 51.35
N ASP V 145 49.53 45.46 52.46
CA ASP V 145 49.00 45.18 53.79
C ASP V 145 48.63 46.49 54.48
N VAL V 146 47.48 46.48 55.15
CA VAL V 146 46.93 47.67 55.79
C VAL V 146 46.42 47.28 57.16
N TYR V 147 46.30 48.27 58.04
CA TYR V 147 45.55 48.08 59.28
C TYR V 147 44.10 48.48 59.02
N VAL V 148 43.17 47.62 59.40
CA VAL V 148 41.75 47.88 59.17
C VAL V 148 41.29 48.76 60.32
N ASN V 149 41.55 50.06 60.18
CA ASN V 149 41.02 51.10 61.05
C ASN V 149 41.09 52.42 60.27
N GLY V 150 40.06 53.24 60.43
CA GLY V 150 39.87 54.35 59.51
C GLY V 150 40.83 55.51 59.65
N ASP V 151 42.13 55.23 59.80
CA ASP V 151 43.10 56.31 59.86
C ASP V 151 44.43 55.96 59.22
N HIS V 152 44.53 54.84 58.51
CA HIS V 152 45.77 54.43 57.85
C HIS V 152 45.63 54.66 56.36
N ALA V 153 46.54 55.44 55.79
CA ALA V 153 46.52 55.77 54.37
C ALA V 153 47.64 55.05 53.65
N VAL V 154 47.30 54.32 52.60
CA VAL V 154 48.25 53.57 51.79
C VAL V 154 48.08 53.98 50.34
N THR V 155 49.19 54.11 49.63
CA THR V 155 49.19 54.59 48.26
C THR V 155 49.40 53.44 47.28
N ILE V 156 48.60 53.43 46.21
CA ILE V 156 48.72 52.45 45.15
C ILE V 156 48.58 53.19 43.82
N GLY V 157 49.71 53.49 43.19
CA GLY V 157 49.66 54.19 41.91
C GLY V 157 49.00 55.55 41.97
N GLY V 158 49.32 56.34 42.99
CA GLY V 158 48.74 57.66 43.16
C GLY V 158 47.38 57.69 43.82
N THR V 159 46.89 56.57 44.32
CA THR V 159 45.58 56.48 44.93
C THR V 159 45.71 56.31 46.44
N GLN V 160 44.95 57.09 47.19
CA GLN V 160 44.92 57.00 48.65
C GLN V 160 43.77 56.10 49.07
N PHE V 161 44.08 55.07 49.85
CA PHE V 161 43.10 54.13 50.36
C PHE V 161 43.05 54.22 51.88
N ILE V 162 41.84 54.28 52.43
CA ILE V 162 41.63 54.28 53.86
C ILE V 162 40.57 53.23 54.18
N PHE V 163 40.98 52.15 54.84
CA PHE V 163 40.07 51.05 55.13
C PHE V 163 39.46 51.27 56.51
N GLY V 164 38.16 51.52 56.55
CA GLY V 164 37.49 51.92 57.76
C GLY V 164 37.34 50.79 58.75
N PRO V 165 36.88 51.10 59.95
CA PRO V 165 36.77 50.08 60.99
C PRO V 165 35.76 49.01 60.61
N LEU V 166 35.99 47.81 61.13
CA LEU V 166 35.14 46.68 60.81
C LEU V 166 33.72 46.92 61.28
N SER V 167 32.76 46.23 60.65
CA SER V 167 31.36 46.38 61.04
C SER V 167 31.11 45.83 62.43
N SER V 168 31.54 44.60 62.70
CA SER V 168 31.26 43.94 63.96
C SER V 168 32.51 43.82 64.81
N ALA V 169 32.33 43.90 66.13
CA ALA V 169 33.41 43.80 67.10
C ALA V 169 33.46 42.44 67.75
N TRP V 170 33.19 41.38 66.99
CA TRP V 170 33.20 40.03 67.50
C TRP V 170 34.62 39.47 67.47
N THR V 171 35.05 38.89 68.58
CA THR V 171 36.35 38.25 68.71
C THR V 171 36.19 36.87 69.31
N PRO V 172 37.00 35.90 68.90
CA PRO V 172 36.82 34.53 69.41
C PRO V 172 37.46 34.29 70.76
N PHE V 173 38.43 35.10 71.17
CA PHE V 173 39.11 34.88 72.44
C PHE V 173 38.30 35.46 73.58
N ASP V 174 38.06 34.64 74.61
CA ASP V 174 37.37 35.13 75.80
C ASP V 174 38.31 36.07 76.55
N ASN V 175 37.90 36.47 77.76
CA ASN V 175 38.75 37.37 78.53
C ASN V 175 39.98 36.67 79.06
N LYS V 176 39.86 35.39 79.40
CA LYS V 176 40.96 34.64 80.00
C LYS V 176 41.43 33.56 79.04
N ILE V 177 42.72 33.61 78.70
CA ILE V 177 43.31 32.79 77.64
C ILE V 177 44.49 32.04 78.22
N VAL V 178 44.57 30.74 77.95
CA VAL V 178 45.70 29.90 78.33
C VAL V 178 46.38 29.41 77.06
N VAL V 179 47.66 29.69 76.92
CA VAL V 179 48.42 29.39 75.71
C VAL V 179 49.44 28.30 76.04
N TYR V 180 49.49 27.26 75.20
CA TYR V 180 50.42 26.16 75.40
C TYR V 180 50.94 25.71 74.05
N LYS V 181 52.21 26.03 73.77
CA LYS V 181 52.84 25.73 72.49
C LYS V 181 52.11 26.40 71.34
N ASP V 182 51.23 25.66 70.66
CA ASP V 182 50.50 26.20 69.52
C ASP V 182 49.00 25.95 69.67
N GLU V 183 48.49 26.02 70.89
CA GLU V 183 47.08 25.82 71.16
C GLU V 183 46.60 26.89 72.14
N VAL V 184 45.41 27.41 71.91
CA VAL V 184 44.83 28.45 72.74
C VAL V 184 43.56 27.90 73.37
N PHE V 185 43.42 28.08 74.68
CA PHE V 185 42.30 27.52 75.42
C PHE V 185 41.50 28.65 76.05
N ASN V 186 40.18 28.52 76.02
CA ASN V 186 39.28 29.45 76.70
C ASN V 186 39.04 28.88 78.10
N GLN V 187 39.91 29.24 79.03
CA GLN V 187 39.94 28.62 80.35
C GLN V 187 39.90 29.71 81.42
N ASP V 188 39.25 29.39 82.54
CA ASP V 188 39.14 30.30 83.66
C ASP V 188 40.15 29.89 84.73
N PHE V 189 41.36 30.43 84.62
CA PHE V 189 42.43 29.98 85.50
C PHE V 189 42.33 30.64 86.88
N PRO V 190 42.83 29.98 87.93
CA PRO V 190 42.72 30.55 89.26
C PRO V 190 43.61 31.76 89.42
N PRO V 191 43.27 32.69 90.32
CA PRO V 191 44.08 33.90 90.49
C PRO V 191 45.46 33.57 91.01
N TYR V 192 46.42 34.41 90.65
CA TYR V 192 47.79 34.18 91.13
C TYR V 192 47.82 34.27 92.64
N GLY V 193 48.19 33.17 93.28
CA GLY V 193 48.21 33.10 94.71
C GLY V 193 47.08 32.31 95.33
N SER V 194 46.24 31.67 94.52
CA SER V 194 45.16 30.84 95.05
C SER V 194 45.01 29.57 94.24
N GLY V 195 46.12 28.92 93.91
CA GLY V 195 46.05 27.64 93.25
C GLY V 195 45.71 26.52 94.21
N GLN V 196 45.06 25.51 93.69
CA GLN V 196 44.70 24.39 94.55
C GLN V 196 45.51 23.15 94.17
N PRO V 197 45.88 22.32 95.13
CA PRO V 197 46.70 21.15 94.81
C PRO V 197 45.98 20.18 93.89
N GLY V 198 46.73 19.58 92.98
CA GLY V 198 46.20 18.53 92.14
C GLY V 198 45.52 19.00 90.87
N ARG V 199 45.36 20.31 90.66
CA ARG V 199 44.72 20.84 89.48
C ARG V 199 45.66 21.83 88.81
N PHE V 200 45.16 22.50 87.76
CA PHE V 200 46.00 23.43 87.02
C PHE V 200 46.49 24.55 87.91
N GLY V 201 47.75 24.94 87.73
CA GLY V 201 48.30 26.05 88.46
C GLY V 201 48.47 25.83 89.94
N ASP V 202 48.85 24.63 90.37
CA ASP V 202 49.15 24.43 91.78
C ASP V 202 50.44 25.12 92.17
N ILE V 203 51.36 25.31 91.23
CA ILE V 203 52.51 26.18 91.42
C ILE V 203 52.46 27.25 90.34
N GLN V 204 52.79 28.48 90.72
CA GLN V 204 52.68 29.61 89.81
C GLN V 204 53.89 30.51 89.97
N SER V 205 54.33 31.10 88.87
CA SER V 205 55.42 32.05 88.89
C SER V 205 55.03 33.26 88.05
N ARG V 206 55.49 34.45 88.43
CA ARG V 206 55.08 35.65 87.71
C ARG V 206 55.60 35.60 86.28
N THR V 207 56.82 35.13 86.08
CA THR V 207 57.40 34.97 84.76
C THR V 207 58.47 33.89 84.82
N VAL V 208 59.04 33.57 83.66
CA VAL V 208 59.93 32.42 83.57
C VAL V 208 61.18 32.61 84.43
N GLU V 209 61.77 33.80 84.41
CA GLU V 209 62.98 34.07 85.16
C GLU V 209 62.70 34.66 86.53
N SER V 210 61.43 34.74 86.94
CA SER V 210 61.09 35.37 88.20
C SER V 210 61.63 34.57 89.38
N ASN V 211 62.10 35.28 90.41
CA ASN V 211 62.66 34.61 91.58
C ASN V 211 61.58 34.04 92.49
N ASP V 212 60.46 34.74 92.62
CA ASP V 212 59.41 34.30 93.52
C ASP V 212 58.67 33.09 92.97
N LEU V 213 58.04 32.34 93.87
CA LEU V 213 57.31 31.15 93.49
C LEU V 213 56.25 30.87 94.55
N TYR V 214 55.05 30.56 94.11
CA TYR V 214 53.97 30.14 95.00
C TYR V 214 53.69 28.68 94.72
N ALA V 215 53.76 27.85 95.75
CA ALA V 215 53.52 26.42 95.60
C ALA V 215 52.58 25.95 96.69
N ASN V 216 51.57 25.17 96.30
CA ASN V 216 50.60 24.62 97.24
C ASN V 216 50.25 23.22 96.75
N THR V 217 50.98 22.22 97.23
CA THR V 217 50.85 20.85 96.74
C THR V 217 50.54 19.84 97.82
N ALA V 218 50.26 20.28 99.05
CA ALA V 218 49.94 19.38 100.16
C ALA V 218 51.08 18.41 100.44
N LEU V 219 52.26 18.96 100.68
CA LEU V 219 53.43 18.15 101.02
C LEU V 219 53.45 17.89 102.52
N LYS V 220 53.38 16.62 102.91
CA LYS V 220 53.29 16.26 104.32
C LYS V 220 54.31 15.18 104.63
N LEU V 221 55.06 15.35 105.71
CA LEU V 221 56.09 14.40 106.12
C LEU V 221 55.51 13.34 107.04
N ALA V 222 56.17 12.19 107.08
CA ALA V 222 55.72 11.06 107.88
C ALA V 222 56.87 10.55 108.73
N ARG V 223 56.53 9.78 109.76
CA ARG V 223 57.55 9.28 110.68
C ARG V 223 58.34 8.15 110.04
N PRO V 224 59.67 8.22 110.05
CA PRO V 224 60.47 7.16 109.42
C PRO V 224 60.30 5.83 110.14
N SER V 225 60.38 4.75 109.36
CA SER V 225 60.21 3.42 109.92
C SER V 225 61.38 3.09 110.86
N PRO V 226 61.16 2.22 111.84
CA PRO V 226 62.25 1.84 112.74
C PRO V 226 63.38 1.16 111.98
N GLY V 227 64.60 1.51 112.33
CA GLY V 227 65.78 0.94 111.70
C GLY V 227 65.98 1.28 110.25
N MET V 228 65.70 2.52 109.86
CA MET V 228 65.91 2.97 108.49
C MET V 228 66.24 4.45 108.47
N VAL V 229 66.82 4.90 107.36
CA VAL V 229 67.14 6.30 107.14
C VAL V 229 66.57 6.66 105.77
N HIS V 230 65.33 7.15 105.73
CA HIS V 230 64.73 7.39 104.42
C HIS V 230 63.81 8.60 104.29
N VAL V 231 63.55 9.36 105.35
CA VAL V 231 62.76 10.59 105.31
C VAL V 231 61.52 10.46 104.41
N PRO V 232 60.48 9.76 104.85
CA PRO V 232 59.32 9.56 103.98
C PRO V 232 58.51 10.84 103.86
N TYR V 233 57.64 10.87 102.86
CA TYR V 233 56.71 11.97 102.69
C TYR V 233 55.58 11.51 101.78
N THR V 234 54.57 12.36 101.64
CA THR V 234 53.49 12.15 100.69
C THR V 234 53.08 13.49 100.11
N GLN V 235 52.62 13.46 98.86
CA GLN V 235 52.38 14.69 98.12
C GLN V 235 51.37 14.43 97.02
N THR V 236 50.44 15.36 96.84
CA THR V 236 49.48 15.25 95.76
C THR V 236 50.19 15.43 94.42
N PRO V 237 49.89 14.61 93.42
CA PRO V 237 50.65 14.65 92.17
C PRO V 237 50.58 16.00 91.47
N SER V 238 51.34 16.12 90.40
CA SER V 238 51.47 17.38 89.71
C SER V 238 50.16 17.78 89.06
N GLY V 239 49.85 19.08 89.15
CA GLY V 239 48.66 19.58 88.49
C GLY V 239 48.84 19.85 87.03
N PHE V 240 50.07 20.18 86.62
CA PHE V 240 50.31 20.43 85.20
C PHE V 240 50.14 19.16 84.38
N LYS V 241 50.62 18.03 84.86
CA LYS V 241 50.47 16.78 84.12
C LYS V 241 49.00 16.38 84.01
N TYR V 242 48.25 16.51 85.09
CA TYR V 242 46.84 16.15 85.02
C TYR V 242 46.05 17.15 84.19
N TRP V 243 46.47 18.40 84.13
CA TRP V 243 45.87 19.31 83.15
C TRP V 243 46.17 18.84 81.74
N LEU V 244 47.42 18.47 81.48
CA LEU V 244 47.78 17.96 80.15
C LEU V 244 46.92 16.77 79.78
N LYS V 245 46.52 15.98 80.77
CA LYS V 245 45.71 14.79 80.49
C LYS V 245 44.24 15.12 80.30
N GLU V 246 43.67 16.03 81.10
CA GLU V 246 42.23 16.21 81.15
C GLU V 246 41.82 17.62 80.76
N LYS V 247 42.61 18.32 79.95
CA LYS V 247 42.28 19.69 79.58
C LYS V 247 41.00 19.75 78.76
N GLY V 248 40.88 18.89 77.77
CA GLY V 248 39.65 18.81 77.01
C GLY V 248 39.50 19.92 75.99
N THR V 249 39.02 19.57 74.80
CA THR V 249 38.75 20.53 73.73
C THR V 249 39.95 21.38 73.39
N ALA V 250 39.73 22.46 72.65
CA ALA V 250 40.73 23.44 72.29
C ALA V 250 39.99 24.63 71.71
N LEU V 251 40.71 25.59 71.16
CA LEU V 251 40.09 26.60 70.33
C LEU V 251 40.37 26.38 68.85
N ASN V 252 41.44 25.65 68.52
CA ASN V 252 41.75 25.39 67.12
C ASN V 252 40.65 24.58 66.45
N THR V 253 40.06 23.64 67.18
CA THR V 253 39.00 22.79 66.66
C THR V 253 37.61 23.22 67.12
N LYS V 254 37.47 24.47 67.56
CA LYS V 254 36.19 24.91 68.09
C LYS V 254 35.81 26.33 67.70
N ALA V 255 36.70 27.12 67.11
CA ALA V 255 36.42 28.53 66.89
C ALA V 255 35.28 28.68 65.88
N PRO V 256 34.45 29.70 66.04
CA PRO V 256 33.37 29.93 65.08
C PRO V 256 33.89 30.67 63.85
N PHE V 257 33.05 30.70 62.83
CA PHE V 257 33.30 31.39 61.57
C PHE V 257 34.54 30.86 60.85
N GLY V 258 34.95 29.65 61.18
CA GLY V 258 35.94 28.95 60.39
C GLY V 258 37.26 29.67 60.25
N CYS V 259 37.80 30.17 61.35
CA CYS V 259 39.07 30.85 61.34
C CYS V 259 40.10 30.12 62.19
N GLN V 260 41.27 29.94 61.60
CA GLN V 260 42.31 29.09 62.17
C GLN V 260 43.11 29.89 63.20
N ILE V 261 43.21 29.34 64.39
CA ILE V 261 43.96 29.96 65.47
C ILE V 261 45.43 29.64 65.29
N LYS V 262 46.29 30.63 65.49
CA LYS V 262 47.72 30.41 65.44
C LYS V 262 48.36 31.13 66.61
N THR V 263 49.50 30.61 67.05
CA THR V 263 50.19 31.11 68.22
C THR V 263 51.51 31.77 67.83
N ASN V 264 52.01 32.61 68.72
CA ASN V 264 53.32 33.25 68.60
C ASN V 264 53.41 34.12 67.35
N PRO V 265 52.75 35.29 67.33
CA PRO V 265 51.88 35.83 68.39
C PRO V 265 50.48 35.25 68.28
N VAL V 266 49.68 35.34 69.34
CA VAL V 266 48.34 34.79 69.31
C VAL V 266 47.50 35.59 68.32
N ARG V 267 46.84 34.88 67.40
CA ARG V 267 46.02 35.54 66.40
C ARG V 267 45.07 34.55 65.80
N ALA V 268 43.99 35.05 65.20
CA ALA V 268 43.01 34.24 64.48
C ALA V 268 42.92 34.78 63.06
N MET V 269 43.15 33.91 62.08
CA MET V 269 43.37 34.35 60.71
C MET V 269 42.26 33.86 59.79
N ASN V 270 41.95 34.69 58.79
CA ASN V 270 40.97 34.37 57.75
C ASN V 270 39.61 34.04 58.36
N CYS V 271 39.04 35.03 59.02
CA CYS V 271 37.93 34.77 59.93
C CYS V 271 36.76 35.61 59.45
N ALA V 272 35.83 34.98 58.73
CA ALA V 272 34.86 35.67 57.89
C ALA V 272 33.74 36.25 58.74
N VAL V 273 33.77 37.56 58.94
CA VAL V 273 32.71 38.26 59.66
C VAL V 273 32.82 39.75 59.33
N GLY V 274 31.66 40.40 59.24
CA GLY V 274 31.63 41.84 59.13
C GLY V 274 31.87 42.36 57.73
N ASN V 275 31.83 43.69 57.62
CA ASN V 275 32.04 44.40 56.37
C ASN V 275 33.11 45.45 56.57
N ILE V 276 33.88 45.72 55.53
CA ILE V 276 35.04 46.60 55.59
C ILE V 276 34.74 47.83 54.73
N PRO V 277 34.41 48.97 55.32
CA PRO V 277 34.26 50.20 54.52
C PRO V 277 35.59 50.65 53.94
N VAL V 278 35.52 51.22 52.75
CA VAL V 278 36.69 51.67 52.00
C VAL V 278 36.48 53.11 51.58
N SER V 279 37.47 53.96 51.84
CA SER V 279 37.46 55.34 51.40
C SER V 279 38.57 55.53 50.38
N MET V 280 38.26 56.25 49.30
CA MET V 280 39.09 56.30 48.12
C MET V 280 39.33 57.74 47.68
N ASN V 281 40.51 57.99 47.13
CA ASN V 281 40.83 59.28 46.52
C ASN V 281 41.63 59.03 45.25
N LEU V 282 41.04 59.37 44.10
CA LEU V 282 41.67 59.06 42.84
C LEU V 282 42.18 60.32 42.16
N PRO V 283 43.23 60.20 41.35
CA PRO V 283 43.62 61.30 40.48
C PRO V 283 42.80 61.29 39.20
N ASP V 284 42.98 62.34 38.40
CA ASP V 284 42.28 62.40 37.11
C ASP V 284 42.87 61.43 36.10
N SER V 285 44.13 61.04 36.24
CA SER V 285 44.78 60.19 35.25
C SER V 285 44.17 58.80 35.18
N ALA V 286 43.42 58.39 36.20
CA ALA V 286 42.81 57.06 36.16
C ALA V 286 41.68 57.00 35.15
N PHE V 287 40.94 58.09 34.97
CA PHE V 287 39.79 58.09 34.07
C PHE V 287 40.22 58.42 32.64
N THR V 288 39.26 58.31 31.73
CA THR V 288 39.43 58.74 30.34
C THR V 288 38.31 59.70 29.98
N ARG V 289 38.65 60.74 29.22
CA ARG V 289 37.63 61.68 28.77
C ARG V 289 36.62 60.98 27.88
N ILE V 290 35.37 61.43 27.94
CA ILE V 290 34.28 60.71 27.29
C ILE V 290 34.50 60.59 25.78
N VAL V 291 35.19 61.57 25.19
CA VAL V 291 35.34 61.58 23.74
C VAL V 291 36.15 60.38 23.26
N GLU V 292 37.14 59.95 24.03
CA GLU V 292 37.91 58.78 23.64
C GLU V 292 37.18 57.48 23.90
N ALA V 293 36.13 57.49 24.71
CA ALA V 293 35.37 56.28 24.94
C ALA V 293 34.54 55.94 23.71
N PRO V 294 34.40 54.67 23.37
CA PRO V 294 33.50 54.29 22.28
C PRO V 294 32.07 54.64 22.60
N THR V 295 31.33 55.03 21.57
CA THR V 295 29.92 55.38 21.72
C THR V 295 29.08 54.13 21.47
N ILE V 296 28.32 53.72 22.48
CA ILE V 296 27.54 52.49 22.44
C ILE V 296 26.07 52.85 22.34
N ILE V 297 25.39 52.31 21.33
CA ILE V 297 23.99 52.61 21.07
C ILE V 297 23.26 51.30 20.80
N ASP V 298 22.04 51.18 21.33
CA ASP V 298 21.18 50.02 21.10
C ASP V 298 21.84 48.74 21.62
N LEU V 299 22.01 48.68 22.93
CA LEU V 299 22.62 47.53 23.59
C LEU V 299 21.53 46.57 24.06
N THR V 300 21.59 45.33 23.59
CA THR V 300 20.64 44.29 23.96
C THR V 300 21.39 43.13 24.60
N CYS V 301 20.69 42.41 25.49
CA CYS V 301 21.30 41.37 26.29
C CYS V 301 20.46 40.10 26.24
N THR V 302 21.13 38.98 25.97
CA THR V 302 20.50 37.67 26.01
C THR V 302 21.41 36.71 26.76
N VAL V 303 20.81 35.69 27.37
CA VAL V 303 21.53 34.71 28.18
C VAL V 303 21.47 33.38 27.46
N ALA V 304 22.65 32.82 27.15
CA ALA V 304 22.71 31.54 26.47
C ALA V 304 22.31 30.40 27.41
N THR V 305 23.06 30.21 28.48
CA THR V 305 22.78 29.18 29.46
C THR V 305 22.97 29.72 30.86
N CYS V 306 22.26 29.13 31.82
CA CYS V 306 22.39 29.50 33.21
C CYS V 306 22.27 28.26 34.08
N THR V 307 23.02 28.24 35.17
CA THR V 307 22.94 27.17 36.17
C THR V 307 23.46 27.74 37.47
N HIS V 308 22.59 27.86 38.47
CA HIS V 308 22.96 28.56 39.70
C HIS V 308 23.83 27.64 40.56
N SER V 309 25.11 27.61 40.22
CA SER V 309 26.10 26.82 40.93
C SER V 309 27.22 27.71 41.43
N SER V 310 28.05 27.17 42.33
CA SER V 310 29.06 27.99 43.00
C SER V 310 30.07 28.56 42.02
N ASP V 311 30.50 27.76 41.05
CA ASP V 311 31.39 28.31 40.02
C ASP V 311 30.60 29.19 39.07
N PHE V 312 31.32 29.90 38.20
CA PHE V 312 30.67 30.83 37.30
C PHE V 312 29.89 30.08 36.25
N GLY V 313 28.62 29.80 36.53
CA GLY V 313 27.78 29.00 35.67
C GLY V 313 26.79 29.78 34.85
N GLY V 314 27.24 30.86 34.22
CA GLY V 314 26.38 31.65 33.36
C GLY V 314 27.12 32.24 32.18
N VAL V 315 26.50 32.22 31.00
CA VAL V 315 27.08 32.81 29.80
C VAL V 315 26.14 33.92 29.34
N LEU V 316 26.69 35.12 29.18
CA LEU V 316 25.91 36.30 28.84
C LEU V 316 26.50 36.95 27.60
N THR V 317 25.64 37.23 26.62
CA THR V 317 26.06 37.78 25.34
C THR V 317 25.42 39.14 25.13
N LEU V 318 26.24 40.11 24.72
CA LEU V 318 25.77 41.49 24.52
C LEU V 318 25.93 41.86 23.05
N THR V 319 24.87 42.43 22.48
CA THR V 319 24.91 43.01 21.15
C THR V 319 24.92 44.54 21.27
N TYR V 320 25.63 45.19 20.37
CA TYR V 320 25.83 46.62 20.48
C TYR V 320 26.21 47.17 19.11
N LYS V 321 26.16 48.49 18.99
CA LYS V 321 26.60 49.19 17.80
C LYS V 321 27.59 50.26 18.20
N THR V 322 28.74 50.29 17.53
CA THR V 322 29.84 51.16 17.92
C THR V 322 30.41 51.88 16.70
N ASP V 323 31.16 52.94 16.98
CA ASP V 323 31.88 53.66 15.94
C ASP V 323 33.36 53.32 15.90
N LYS V 324 33.98 53.13 17.06
CA LYS V 324 35.40 52.81 17.15
C LYS V 324 35.60 51.64 18.10
N ASN V 325 36.77 51.03 18.00
CA ASN V 325 37.14 49.90 18.85
C ASN V 325 37.92 50.42 20.05
N GLY V 326 37.51 49.99 21.24
CA GLY V 326 38.14 50.47 22.45
C GLY V 326 37.91 49.53 23.61
N ASP V 327 38.14 50.03 24.81
CA ASP V 327 37.99 49.27 26.04
C ASP V 327 36.88 49.88 26.89
N CYS V 328 35.93 49.05 27.28
CA CYS V 328 34.81 49.45 28.11
C CYS V 328 34.85 48.73 29.45
N SER V 329 34.44 49.44 30.50
CA SER V 329 34.38 48.86 31.85
C SER V 329 32.98 48.32 32.06
N VAL V 330 32.87 47.01 32.25
CA VAL V 330 31.60 46.33 32.38
C VAL V 330 31.30 46.13 33.86
N HIS V 331 30.07 46.46 34.26
CA HIS V 331 29.64 46.28 35.64
C HIS V 331 28.22 45.74 35.65
N SER V 332 27.88 45.04 36.73
CA SER V 332 26.52 44.63 37.01
C SER V 332 26.02 45.39 38.24
N HIS V 333 24.79 45.88 38.17
CA HIS V 333 24.28 46.80 39.18
C HIS V 333 23.43 46.12 40.24
N SER V 334 23.55 44.82 40.41
CA SER V 334 22.88 44.11 41.48
C SER V 334 23.80 43.01 42.00
N ASN V 335 23.56 42.60 43.24
CA ASN V 335 24.34 41.52 43.81
C ASN V 335 23.69 40.15 43.61
N VAL V 336 22.57 40.09 42.87
CA VAL V 336 22.00 38.80 42.53
C VAL V 336 22.91 38.03 41.59
N ALA V 337 23.62 38.71 40.69
CA ALA V 337 24.56 38.09 39.78
C ALA V 337 25.88 38.83 39.83
N THR V 338 26.98 38.08 39.79
CA THR V 338 28.33 38.63 39.88
C THR V 338 29.07 38.33 38.59
N LEU V 339 29.52 39.38 37.91
CA LEU V 339 30.30 39.16 36.71
C LEU V 339 31.70 38.67 37.08
N GLN V 340 32.41 38.15 36.07
CA GLN V 340 33.75 37.65 36.30
C GLN V 340 34.82 38.67 35.93
N GLU V 341 34.61 39.42 34.86
CA GLU V 341 35.61 40.35 34.35
C GLU V 341 35.14 41.78 34.50
N ALA V 342 36.10 42.71 34.50
CA ALA V 342 35.82 44.12 34.69
C ALA V 342 35.83 44.92 33.40
N THR V 343 36.68 44.58 32.44
CA THR V 343 36.74 45.29 31.18
C THR V 343 36.58 44.29 30.03
N ALA V 344 36.02 44.77 28.93
CA ALA V 344 35.83 43.95 27.75
C ALA V 344 36.28 44.73 26.53
N LYS V 345 36.65 43.99 25.48
CA LYS V 345 37.07 44.60 24.22
C LYS V 345 35.85 44.74 23.32
N VAL V 346 35.48 45.97 22.99
CA VAL V 346 34.38 46.23 22.09
C VAL V 346 34.93 46.42 20.68
N LYS V 347 34.36 45.70 19.72
CA LYS V 347 34.84 45.70 18.35
C LYS V 347 33.69 46.05 17.41
N THR V 348 34.04 46.32 16.15
CA THR V 348 33.05 46.67 15.15
C THR V 348 32.15 45.50 14.79
N ALA V 349 32.51 44.27 15.18
CA ALA V 349 31.66 43.13 14.87
C ALA V 349 30.30 43.24 15.54
N GLY V 350 30.28 43.67 16.80
CA GLY V 350 29.03 43.84 17.50
C GLY V 350 28.61 42.68 18.38
N LYS V 351 29.54 42.05 19.10
CA LYS V 351 29.18 40.97 20.00
C LYS V 351 30.31 40.77 21.01
N VAL V 352 29.97 40.83 22.30
CA VAL V 352 30.88 40.49 23.38
C VAL V 352 30.16 39.52 24.31
N THR V 353 30.94 38.73 25.03
CA THR V 353 30.42 37.72 25.93
C THR V 353 30.97 37.93 27.33
N LEU V 354 30.16 37.61 28.33
CA LEU V 354 30.54 37.77 29.72
C LEU V 354 30.14 36.52 30.49
N HIS V 355 30.85 36.29 31.59
CA HIS V 355 30.58 35.15 32.47
C HIS V 355 30.12 35.68 33.82
N PHE V 356 29.01 35.15 34.31
CA PHE V 356 28.45 35.59 35.58
C PHE V 356 28.04 34.38 36.40
N SER V 357 28.04 34.54 37.71
CA SER V 357 27.59 33.50 38.62
C SER V 357 26.44 34.01 39.47
N THR V 358 25.40 33.19 39.60
CA THR V 358 24.19 33.57 40.31
C THR V 358 23.71 32.40 41.14
N ALA V 359 22.90 32.71 42.15
CA ALA V 359 22.36 31.68 43.04
C ALA V 359 20.85 31.69 43.11
N SER V 360 20.18 32.53 42.32
CA SER V 360 18.73 32.64 42.33
C SER V 360 18.15 31.84 41.17
N ALA V 361 16.90 31.42 41.33
CA ALA V 361 16.26 30.60 40.32
C ALA V 361 16.08 31.36 39.01
N SER V 362 15.75 32.66 39.10
CA SER V 362 15.56 33.50 37.92
C SER V 362 16.08 34.90 38.21
N PRO V 363 17.29 35.23 37.75
CA PRO V 363 17.86 36.54 38.03
C PRO V 363 17.29 37.62 37.13
N SER V 364 17.56 38.87 37.49
CA SER V 364 17.22 40.01 36.66
C SER V 364 18.10 41.18 37.09
N PHE V 365 19.01 41.60 36.23
CA PHE V 365 20.00 42.58 36.62
C PHE V 365 20.32 43.49 35.45
N VAL V 366 20.80 44.69 35.77
CA VAL V 366 21.07 45.73 34.78
C VAL V 366 22.58 45.82 34.59
N VAL V 367 23.05 45.48 33.39
CA VAL V 367 24.47 45.45 33.08
C VAL V 367 24.81 46.66 32.21
N SER V 368 25.93 47.30 32.52
CA SER V 368 26.35 48.51 31.81
C SER V 368 27.69 48.26 31.13
N LEU V 369 27.85 48.84 29.94
CA LEU V 369 29.05 48.68 29.13
C LEU V 369 29.51 50.07 28.70
N CYS V 370 30.61 50.55 29.27
CA CYS V 370 30.85 51.99 29.35
C CYS V 370 29.60 52.74 29.81
N SER V 371 28.91 53.41 28.89
CA SER V 371 27.80 54.28 29.26
C SER V 371 26.43 53.70 29.00
N ALA V 372 26.34 52.57 28.30
CA ALA V 372 25.05 52.01 27.94
C ALA V 372 24.44 51.27 29.13
N ARG V 373 23.28 50.65 28.90
CA ARG V 373 22.57 49.89 29.91
C ARG V 373 21.70 48.85 29.23
N ALA V 374 21.26 47.87 29.99
CA ALA V 374 20.34 46.85 29.49
C ALA V 374 19.76 46.10 30.67
N THR V 375 18.75 45.29 30.40
CA THR V 375 18.15 44.43 31.41
C THR V 375 18.19 42.98 30.93
N CYS V 376 18.89 42.13 31.68
CA CYS V 376 19.01 40.72 31.38
C CYS V 376 18.20 39.93 32.40
N SER V 377 17.39 39.01 31.92
CA SER V 377 16.67 38.07 32.77
C SER V 377 16.77 36.69 32.15
N ALA V 378 16.92 35.68 32.99
CA ALA V 378 17.21 34.35 32.49
C ALA V 378 16.55 33.31 33.40
N SER V 379 16.47 32.09 32.89
CA SER V 379 15.98 30.95 33.65
C SER V 379 17.12 29.98 33.87
N CYS V 380 17.37 29.62 35.12
CA CYS V 380 18.49 28.79 35.52
C CYS V 380 17.99 27.50 36.15
N GLU V 381 18.62 26.42 35.81
CA GLU V 381 18.29 25.11 36.34
C GLU V 381 19.31 24.72 37.42
N PRO V 382 18.90 23.91 38.41
CA PRO V 382 19.80 23.61 39.51
C PRO V 382 20.93 22.70 39.06
N PRO V 383 22.08 22.74 39.74
CA PRO V 383 23.19 21.85 39.39
C PRO V 383 23.04 20.50 40.07
N LYS V 384 23.66 19.50 39.45
CA LYS V 384 23.52 18.12 39.90
C LYS V 384 24.54 17.71 40.96
N ASP V 385 25.69 18.37 41.01
CA ASP V 385 26.73 17.97 41.95
C ASP V 385 26.36 18.35 43.37
N HIS V 386 26.44 17.40 44.28
CA HIS V 386 25.99 17.64 45.65
C HIS V 386 26.97 18.51 46.42
N ILE V 387 28.27 18.29 46.26
CA ILE V 387 29.27 18.92 47.11
C ILE V 387 30.46 19.33 46.26
N VAL V 388 31.02 20.50 46.56
CA VAL V 388 32.16 21.02 45.82
C VAL V 388 33.27 21.42 46.79
N PRO V 389 34.54 21.37 46.39
CA PRO V 389 35.63 21.75 47.29
C PRO V 389 36.05 23.21 47.23
N TYR V 390 35.26 24.10 46.66
CA TYR V 390 35.61 25.51 46.54
C TYR V 390 34.45 26.40 46.97
N ALA V 391 34.81 27.56 47.52
CA ALA V 391 33.82 28.44 48.13
C ALA V 391 32.97 29.12 47.06
N ALA V 392 31.79 29.56 47.48
CA ALA V 392 30.83 30.15 46.56
C ALA V 392 31.35 31.46 45.99
N SER V 393 30.92 31.77 44.77
CA SER V 393 31.33 32.98 44.08
C SER V 393 30.22 34.02 43.96
N HIS V 394 29.03 33.72 44.44
CA HIS V 394 27.90 34.64 44.39
C HIS V 394 27.63 35.21 45.77
N SER V 395 26.60 36.04 45.86
CA SER V 395 26.23 36.68 47.11
C SER V 395 25.12 35.95 47.84
N ASN V 396 24.68 34.80 47.33
CA ASN V 396 23.69 33.94 47.98
C ASN V 396 22.36 34.67 48.14
N VAL V 397 21.82 35.14 47.03
CA VAL V 397 20.51 35.77 46.98
C VAL V 397 19.58 34.84 46.23
N VAL V 398 18.48 34.45 46.87
CA VAL V 398 17.64 33.38 46.37
C VAL V 398 16.29 33.87 45.84
N PHE V 399 15.79 35.00 46.30
CA PHE V 399 14.48 35.49 45.88
C PHE V 399 14.47 35.77 44.38
N PRO V 400 13.56 35.16 43.63
CA PRO V 400 13.55 35.36 42.17
C PRO V 400 12.94 36.70 41.79
N ASP V 401 13.07 37.01 40.50
CA ASP V 401 12.48 38.21 39.95
C ASP V 401 10.96 38.07 39.86
N MET V 402 10.27 39.22 39.87
CA MET V 402 8.82 39.21 39.75
C MET V 402 8.36 38.64 38.42
N SER V 403 9.21 38.67 37.40
CA SER V 403 8.87 38.14 36.09
C SER V 403 9.19 36.66 35.95
N GLY V 404 9.68 36.01 37.00
CA GLY V 404 9.94 34.59 36.95
C GLY V 404 8.66 33.79 36.84
N THR V 405 8.80 32.51 36.55
CA THR V 405 7.63 31.67 36.31
C THR V 405 6.74 31.58 37.54
N ALA V 406 7.33 31.34 38.71
CA ALA V 406 6.53 31.19 39.93
C ALA V 406 5.81 32.49 40.26
N LEU V 407 6.52 33.61 40.22
CA LEU V 407 5.89 34.88 40.54
C LEU V 407 4.92 35.31 39.44
N SER V 408 5.15 34.88 38.20
CA SER V 408 4.16 35.14 37.15
C SER V 408 2.86 34.39 37.44
N TRP V 409 2.95 33.13 37.86
CA TRP V 409 1.73 32.41 38.22
C TRP V 409 1.01 33.07 39.39
N VAL V 410 1.77 33.49 40.40
CA VAL V 410 1.16 34.16 41.53
C VAL V 410 0.48 35.46 41.08
N GLN V 411 1.12 36.20 40.18
CA GLN V 411 0.53 37.43 39.67
C GLN V 411 -0.75 37.16 38.92
N LYS V 412 -0.77 36.11 38.09
CA LYS V 412 -1.99 35.79 37.35
C LYS V 412 -3.14 35.44 38.28
N ILE V 413 -2.86 34.63 39.31
CA ILE V 413 -3.92 34.25 40.24
C ILE V 413 -4.42 35.47 41.01
N SER V 414 -3.49 36.32 41.47
CA SER V 414 -3.89 37.52 42.20
C SER V 414 -4.70 38.45 41.32
N GLY V 415 -4.34 38.55 40.04
CA GLY V 415 -5.11 39.38 39.13
C GLY V 415 -6.52 38.85 38.93
N GLY V 416 -6.66 37.53 38.80
CA GLY V 416 -8.00 36.97 38.68
C GLY V 416 -8.85 37.23 39.90
N LEU V 417 -8.30 36.99 41.09
CA LEU V 417 -9.06 37.23 42.32
C LEU V 417 -9.39 38.71 42.48
N GLY V 418 -8.46 39.60 42.13
CA GLY V 418 -8.74 41.03 42.22
C GLY V 418 -9.83 41.47 41.26
N ALA V 419 -9.83 40.91 40.04
CA ALA V 419 -10.92 41.22 39.11
C ALA V 419 -12.26 40.75 39.67
N PHE V 420 -12.30 39.56 40.26
CA PHE V 420 -13.54 39.07 40.85
C PHE V 420 -14.02 39.98 41.98
N ALA V 421 -13.10 40.39 42.86
CA ALA V 421 -13.48 41.26 43.97
C ALA V 421 -13.96 42.61 43.48
N ILE V 422 -13.30 43.17 42.46
CA ILE V 422 -13.73 44.45 41.91
C ILE V 422 -15.13 44.33 41.32
N GLY V 423 -15.39 43.24 40.60
CA GLY V 423 -16.72 43.04 40.05
C GLY V 423 -17.78 42.97 41.13
N ALA V 424 -17.51 42.21 42.19
CA ALA V 424 -18.47 42.11 43.29
C ALA V 424 -18.73 43.46 43.93
N ILE V 425 -17.67 44.23 44.18
CA ILE V 425 -17.82 45.54 44.80
C ILE V 425 -18.65 46.46 43.90
N LEU V 426 -18.37 46.44 42.59
CA LEU V 426 -19.13 47.30 41.68
C LEU V 426 -20.60 46.92 41.65
N VAL V 427 -20.91 45.62 41.63
CA VAL V 427 -22.32 45.22 41.63
C VAL V 427 -23.02 45.68 42.90
N LEU V 428 -22.37 45.48 44.05
CA LEU V 428 -22.98 45.89 45.31
C LEU V 428 -23.19 47.39 45.35
N VAL V 429 -22.21 48.16 44.88
CA VAL V 429 -22.34 49.61 44.88
C VAL V 429 -23.48 50.06 43.97
N VAL V 430 -23.60 49.44 42.80
CA VAL V 430 -24.69 49.79 41.89
C VAL V 430 -26.05 49.51 42.55
N VAL V 431 -26.18 48.35 43.17
CA VAL V 431 -27.46 48.01 43.80
C VAL V 431 -27.78 48.97 44.94
N THR V 432 -26.78 49.28 45.77
CA THR V 432 -27.05 50.17 46.90
C THR V 432 -27.41 51.58 46.42
N CYS V 433 -26.74 52.06 45.38
CA CYS V 433 -27.09 53.38 44.85
C CYS V 433 -28.50 53.38 44.27
N ILE V 434 -28.88 52.31 43.57
CA ILE V 434 -30.24 52.22 43.04
C ILE V 434 -31.24 52.25 44.18
N GLY V 435 -30.98 51.49 45.24
CA GLY V 435 -31.88 51.49 46.38
C GLY V 435 -31.98 52.85 47.06
N LEU V 436 -30.86 53.54 47.21
CA LEU V 436 -30.87 54.84 47.88
C LEU V 436 -31.60 55.89 47.06
N ARG V 437 -31.46 55.86 45.74
CA ARG V 437 -32.17 56.82 44.91
C ARG V 437 -33.69 56.65 44.99
N ARG V 438 -34.17 55.46 45.38
CA ARG V 438 -35.59 55.26 45.60
C ARG V 438 -36.05 56.01 46.84
N TYR W 1 27.28 12.29 34.40
CA TYR W 1 25.89 12.63 34.13
C TYR W 1 25.05 11.38 33.92
N GLU W 2 24.32 10.98 34.94
CA GLU W 2 23.49 9.78 34.86
C GLU W 2 22.41 9.95 33.80
N HIS W 3 22.12 8.86 33.08
CA HIS W 3 21.06 8.88 32.07
C HIS W 3 20.46 7.48 32.00
N SER W 4 19.22 7.42 31.51
CA SER W 4 18.52 6.15 31.40
C SER W 4 17.67 6.15 30.15
N THR W 5 17.51 4.97 29.57
CA THR W 5 16.75 4.84 28.33
C THR W 5 16.25 3.40 28.22
N VAL W 6 15.45 3.14 27.19
CA VAL W 6 14.94 1.81 26.88
C VAL W 6 15.11 1.57 25.40
N MET W 7 15.78 0.47 25.05
CA MET W 7 16.11 0.25 23.65
C MET W 7 15.63 -1.13 23.21
N PRO W 8 15.10 -1.25 21.98
CA PRO W 8 14.47 -2.50 21.57
C PRO W 8 15.46 -3.63 21.40
N ASN W 9 14.99 -4.84 21.64
CA ASN W 9 15.82 -6.05 21.52
C ASN W 9 15.70 -6.65 20.12
N VAL W 10 16.09 -5.85 19.14
CA VAL W 10 16.03 -6.25 17.74
C VAL W 10 17.43 -6.15 17.15
N VAL W 11 17.91 -7.24 16.57
CA VAL W 11 19.27 -7.27 16.05
C VAL W 11 19.38 -6.38 14.83
N GLY W 12 20.37 -5.50 14.82
CA GLY W 12 20.62 -4.62 13.71
C GLY W 12 19.85 -3.32 13.71
N PHE W 13 19.01 -3.09 14.69
CA PHE W 13 18.23 -1.86 14.73
C PHE W 13 19.08 -0.72 15.27
N PRO W 14 19.25 0.37 14.53
CA PRO W 14 20.20 1.45 14.88
C PRO W 14 19.66 2.45 15.90
N TYR W 15 19.62 2.04 17.17
CA TYR W 15 19.04 2.90 18.19
C TYR W 15 19.96 4.09 18.48
N LYS W 16 19.36 5.28 18.55
CA LYS W 16 20.10 6.52 18.81
C LYS W 16 19.45 7.24 19.98
N ALA W 17 20.25 7.64 20.95
CA ALA W 17 19.77 8.30 22.15
C ALA W 17 20.21 9.75 22.17
N HIS W 18 19.34 10.64 22.64
CA HIS W 18 19.60 12.07 22.69
C HIS W 18 19.80 12.46 24.15
N ILE W 19 21.00 12.93 24.48
CA ILE W 19 21.34 13.37 25.82
C ILE W 19 21.51 14.87 25.78
N GLU W 20 20.66 15.59 26.52
CA GLU W 20 20.60 17.03 26.47
C GLU W 20 20.92 17.58 27.85
N ARG W 21 22.19 17.80 28.12
CA ARG W 21 22.68 18.39 29.35
C ARG W 21 22.35 19.88 29.38
N PRO W 22 21.90 20.42 30.52
CA PRO W 22 21.53 21.84 30.57
C PRO W 22 22.67 22.80 30.25
N GLY W 23 23.91 22.47 30.59
CA GLY W 23 25.01 23.38 30.35
C GLY W 23 25.81 23.15 29.10
N TYR W 24 25.56 22.07 28.35
CA TYR W 24 26.38 21.70 27.22
C TYR W 24 25.51 21.42 26.00
N SER W 25 26.16 21.37 24.84
CA SER W 25 25.47 21.07 23.60
C SER W 25 24.98 19.62 23.61
N PRO W 26 23.84 19.35 22.96
CA PRO W 26 23.28 18.01 23.00
C PRO W 26 24.18 16.98 22.33
N LEU W 27 24.03 15.73 22.77
CA LEU W 27 24.82 14.61 22.28
C LEU W 27 23.91 13.50 21.77
N THR W 28 24.39 12.76 20.79
CA THR W 28 23.66 11.63 20.25
C THR W 28 24.55 10.39 20.26
N LEU W 29 24.08 9.34 20.94
CA LEU W 29 24.76 8.06 20.98
C LEU W 29 24.13 7.14 19.94
N GLN W 30 24.82 6.06 19.61
CA GLN W 30 24.28 5.03 18.73
C GLN W 30 24.60 3.69 19.35
N MET W 31 23.57 2.92 19.66
CA MET W 31 23.72 1.58 20.21
C MET W 31 23.04 0.58 19.31
N GLN W 32 23.64 -0.59 19.17
CA GLN W 32 23.18 -1.60 18.24
C GLN W 32 23.46 -2.97 18.82
N VAL W 33 22.51 -3.88 18.69
CA VAL W 33 22.63 -5.23 19.23
C VAL W 33 23.14 -6.12 18.09
N VAL W 34 24.44 -6.40 18.10
CA VAL W 34 25.02 -7.22 17.05
C VAL W 34 24.59 -8.68 17.16
N GLU W 35 24.44 -9.17 18.39
CA GLU W 35 24.19 -10.59 18.60
C GLU W 35 23.62 -10.80 20.00
N THR W 36 22.73 -11.78 20.13
CA THR W 36 22.05 -12.08 21.39
C THR W 36 22.13 -13.59 21.62
N SER W 37 22.05 -14.01 22.88
CA SER W 37 22.16 -15.44 23.20
C SER W 37 21.41 -15.71 24.49
N LEU W 38 20.50 -16.69 24.45
CA LEU W 38 19.66 -17.02 25.60
C LEU W 38 20.09 -18.38 26.14
N GLU W 39 20.62 -18.39 27.37
CA GLU W 39 21.20 -19.60 27.94
C GLU W 39 20.29 -20.16 29.04
N PRO W 40 19.71 -21.34 28.87
CA PRO W 40 18.97 -21.97 29.97
C PRO W 40 19.93 -22.59 30.98
N THR W 41 19.35 -23.09 32.07
CA THR W 41 20.08 -23.82 33.11
C THR W 41 19.60 -25.25 33.12
N LEU W 42 20.53 -26.20 32.99
CA LEU W 42 20.21 -27.58 32.70
C LEU W 42 20.59 -28.49 33.85
N ASN W 43 19.76 -29.52 34.07
CA ASN W 43 20.04 -30.56 35.06
C ASN W 43 19.85 -31.90 34.39
N LEU W 44 20.94 -32.64 34.17
CA LEU W 44 20.87 -33.88 33.43
C LEU W 44 20.07 -34.93 34.20
N GLU W 45 19.18 -35.63 33.50
CA GLU W 45 18.35 -36.65 34.12
C GLU W 45 18.90 -38.05 33.88
N TYR W 46 19.12 -38.41 32.61
CA TYR W 46 19.77 -39.67 32.27
C TYR W 46 20.22 -39.64 30.82
N ILE W 47 20.81 -40.75 30.39
CA ILE W 47 21.37 -40.91 29.06
C ILE W 47 20.82 -42.18 28.46
N THR W 48 20.46 -42.14 27.19
CA THR W 48 19.93 -43.31 26.50
C THR W 48 20.75 -43.59 25.25
N CYS W 49 20.87 -44.87 24.91
CA CYS W 49 21.57 -45.29 23.70
C CYS W 49 21.10 -46.69 23.34
N GLU W 50 21.49 -47.13 22.15
CA GLU W 50 21.11 -48.46 21.71
C GLU W 50 21.72 -49.52 22.61
N TYR W 51 20.95 -50.57 22.91
CA TYR W 51 21.46 -51.63 23.76
C TYR W 51 22.17 -52.67 22.92
N LYS W 52 22.80 -53.64 23.60
CA LYS W 52 23.48 -54.75 22.96
C LYS W 52 23.27 -55.99 23.81
N THR W 53 22.77 -57.06 23.21
CA THR W 53 22.42 -58.27 23.94
C THR W 53 23.61 -59.22 23.97
N VAL W 54 23.98 -59.67 25.16
CA VAL W 54 25.12 -60.56 25.36
C VAL W 54 24.59 -61.97 25.62
N VAL W 55 24.96 -62.91 24.76
CA VAL W 55 24.50 -64.28 24.85
C VAL W 55 25.71 -65.19 25.01
N PRO W 56 26.02 -65.63 26.24
CA PRO W 56 27.11 -66.58 26.43
C PRO W 56 26.76 -67.94 25.82
N SER W 57 27.81 -68.71 25.52
CA SER W 57 27.62 -70.01 24.93
C SER W 57 26.88 -70.93 25.90
N PRO W 58 26.03 -71.82 25.39
CA PRO W 58 25.25 -72.69 26.28
C PRO W 58 26.15 -73.70 26.99
N TYR W 59 25.71 -74.10 28.18
CA TYR W 59 26.41 -75.12 28.95
C TYR W 59 25.57 -76.39 28.89
N VAL W 60 25.96 -77.32 28.03
CA VAL W 60 25.27 -78.60 27.88
C VAL W 60 25.92 -79.59 28.82
N LYS W 61 25.19 -80.00 29.84
CA LYS W 61 25.69 -80.96 30.82
C LYS W 61 25.29 -82.36 30.39
N CYS W 62 26.28 -83.15 29.96
CA CYS W 62 26.01 -84.53 29.55
C CYS W 62 25.81 -85.40 30.78
N CYS W 63 24.71 -86.16 30.79
CA CYS W 63 24.43 -87.13 31.83
C CYS W 63 24.42 -86.48 33.22
N GLY W 64 23.47 -85.59 33.42
CA GLY W 64 23.37 -84.90 34.69
C GLY W 64 22.31 -83.83 34.66
N ALA W 65 22.33 -82.99 35.68
CA ALA W 65 21.40 -81.88 35.81
C ALA W 65 22.15 -80.64 36.26
N SER W 66 21.62 -79.48 35.90
CA SER W 66 22.23 -78.21 36.25
C SER W 66 21.17 -77.29 36.80
N GLU W 67 21.58 -76.34 37.63
CA GLU W 67 20.66 -75.45 38.32
C GLU W 67 20.98 -73.99 37.99
N CYS W 68 19.93 -73.21 37.76
CA CYS W 68 20.09 -71.80 37.48
C CYS W 68 20.49 -71.03 38.74
N SER W 69 21.29 -69.99 38.55
CA SER W 69 21.77 -69.15 39.65
C SER W 69 21.41 -67.70 39.35
N THR W 70 20.83 -67.04 40.33
CA THR W 70 20.46 -65.64 40.16
C THR W 70 21.70 -64.75 40.18
N LYS W 71 21.64 -63.66 39.42
CA LYS W 71 22.75 -62.71 39.35
C LYS W 71 22.19 -61.29 39.31
N GLU W 72 23.05 -60.34 39.65
CA GLU W 72 22.71 -58.92 39.60
C GLU W 72 23.25 -58.32 38.32
N LYS W 73 22.51 -58.53 37.23
CA LYS W 73 22.82 -57.95 35.95
C LYS W 73 21.56 -57.30 35.38
N PRO W 74 21.71 -56.27 34.54
CA PRO W 74 20.52 -55.61 33.99
C PRO W 74 19.74 -56.54 33.08
N ASP W 75 18.50 -56.82 33.46
CA ASP W 75 17.59 -57.65 32.67
C ASP W 75 18.18 -59.04 32.42
N TYR W 76 18.50 -59.73 33.51
CA TYR W 76 19.11 -61.05 33.42
C TYR W 76 18.03 -62.13 33.30
N GLN W 77 18.23 -63.06 32.37
CA GLN W 77 17.27 -64.13 32.12
C GLN W 77 18.01 -65.45 32.01
N CYS W 78 17.60 -66.44 32.79
CA CYS W 78 18.27 -67.73 32.80
C CYS W 78 17.25 -68.84 32.96
N LYS W 79 17.41 -69.91 32.17
CA LYS W 79 16.49 -71.02 32.21
C LYS W 79 17.25 -72.31 31.93
N VAL W 80 16.69 -73.42 32.43
CA VAL W 80 17.30 -74.74 32.33
C VAL W 80 16.31 -75.67 31.64
N TYR W 81 16.77 -76.33 30.58
CA TYR W 81 15.94 -77.23 29.79
C TYR W 81 16.41 -78.66 29.96
N THR W 82 15.47 -79.60 29.94
CA THR W 82 15.77 -81.01 30.15
C THR W 82 15.41 -81.81 28.91
N GLY W 83 16.11 -82.93 28.73
CA GLY W 83 15.82 -83.80 27.61
C GLY W 83 16.49 -83.43 26.31
N VAL W 84 17.52 -82.60 26.37
CA VAL W 84 18.20 -82.14 25.16
C VAL W 84 19.15 -83.24 24.66
N TYR W 85 19.28 -83.34 23.33
CA TYR W 85 20.20 -84.26 22.70
C TYR W 85 20.93 -83.53 21.58
N PRO W 86 21.93 -82.72 21.92
CA PRO W 86 22.60 -81.90 20.90
C PRO W 86 23.33 -82.75 19.87
N PHE W 87 23.77 -82.08 18.82
CA PHE W 87 24.56 -82.70 17.76
C PHE W 87 25.69 -81.75 17.38
N MET W 88 26.73 -82.31 16.79
CA MET W 88 27.78 -81.51 16.17
C MET W 88 28.10 -82.12 14.81
N TRP W 89 29.13 -81.56 14.17
CA TRP W 89 29.40 -81.90 12.78
C TRP W 89 29.79 -83.35 12.60
N GLY W 90 30.61 -83.87 13.51
CA GLY W 90 31.08 -85.25 13.39
C GLY W 90 30.25 -86.29 14.09
N GLY W 91 29.44 -85.88 15.06
CA GLY W 91 28.64 -86.81 15.81
C GLY W 91 27.91 -86.07 16.91
N ALA W 92 27.14 -86.83 17.69
CA ALA W 92 26.29 -86.25 18.72
C ALA W 92 26.84 -86.65 20.07
N TYR W 93 27.17 -85.66 20.90
CA TYR W 93 27.76 -86.02 22.17
C TYR W 93 26.65 -86.06 23.22
N CYS W 94 27.01 -86.15 24.50
CA CYS W 94 26.07 -86.49 25.58
C CYS W 94 25.44 -87.85 25.32
N PHE W 95 26.28 -88.88 25.44
CA PHE W 95 25.90 -90.27 25.24
C PHE W 95 24.57 -90.67 25.85
N CYS W 96 24.25 -90.16 27.05
CA CYS W 96 22.95 -90.44 27.64
C CYS W 96 21.84 -89.97 26.70
N ASP W 97 20.86 -90.83 26.47
CA ASP W 97 19.88 -90.58 25.41
C ASP W 97 18.98 -89.39 25.77
N SER W 98 18.51 -89.32 27.01
CA SER W 98 17.59 -88.26 27.39
C SER W 98 17.88 -87.61 28.73
N GLU W 99 18.88 -88.06 29.48
CA GLU W 99 19.19 -87.45 30.77
C GLU W 99 20.25 -86.36 30.64
N ASN W 100 20.05 -85.45 29.70
CA ASN W 100 20.94 -84.32 29.50
C ASN W 100 20.23 -83.03 29.88
N THR W 101 20.96 -81.93 29.80
CA THR W 101 20.42 -80.64 30.23
C THR W 101 21.24 -79.50 29.64
N GLN W 102 20.55 -78.47 29.17
CA GLN W 102 21.16 -77.26 28.65
C GLN W 102 20.72 -76.06 29.48
N LEU W 103 21.67 -75.19 29.81
CA LEU W 103 21.40 -73.99 30.57
C LEU W 103 21.58 -72.77 29.67
N SER W 104 20.50 -72.06 29.39
CA SER W 104 20.53 -70.87 28.55
C SER W 104 20.62 -69.63 29.42
N GLU W 105 21.48 -68.70 29.01
CA GLU W 105 21.75 -67.49 29.78
C GLU W 105 21.85 -66.31 28.85
N ALA W 106 21.30 -65.17 29.26
CA ALA W 106 21.43 -63.96 28.47
C ALA W 106 21.18 -62.76 29.36
N TYR W 107 21.75 -61.63 28.97
CA TYR W 107 21.55 -60.36 29.68
C TYR W 107 21.90 -59.24 28.71
N VAL W 108 21.52 -58.01 29.08
CA VAL W 108 21.66 -56.86 28.20
C VAL W 108 22.69 -55.91 28.79
N ASP W 109 23.34 -55.15 27.92
CA ASP W 109 24.32 -54.18 28.37
C ASP W 109 24.40 -53.02 27.39
N ARG W 110 24.91 -51.90 27.88
CA ARG W 110 25.06 -50.69 27.08
C ARG W 110 26.00 -50.95 25.90
N SER W 111 25.70 -50.34 24.76
CA SER W 111 26.44 -50.64 23.54
C SER W 111 27.88 -50.17 23.64
N ASP W 112 28.66 -50.52 22.62
CA ASP W 112 30.07 -50.15 22.59
C ASP W 112 30.26 -48.66 22.33
N VAL W 113 29.43 -48.09 21.48
CA VAL W 113 29.62 -46.73 21.00
C VAL W 113 28.66 -45.76 21.70
N CYS W 114 28.09 -46.17 22.83
CA CYS W 114 27.17 -45.31 23.56
C CYS W 114 27.83 -44.02 24.03
N ARG W 115 29.15 -44.01 24.14
CA ARG W 115 29.88 -42.81 24.51
C ARG W 115 29.99 -41.81 23.35
N HIS W 116 29.70 -42.24 22.12
CA HIS W 116 29.76 -41.37 20.95
C HIS W 116 28.39 -41.00 20.40
N ASP W 117 27.39 -41.85 20.56
CA ASP W 117 26.07 -41.68 19.93
C ASP W 117 25.02 -41.92 21.01
N HIS W 118 24.62 -40.84 21.68
CA HIS W 118 23.66 -40.95 22.77
C HIS W 118 22.87 -39.65 22.86
N ALA W 119 21.70 -39.73 23.49
CA ALA W 119 20.81 -38.59 23.66
C ALA W 119 20.65 -38.28 25.12
N SER W 120 20.77 -37.00 25.47
CA SER W 120 20.68 -36.57 26.85
C SER W 120 19.27 -36.06 27.14
N ALA W 121 18.76 -36.36 28.32
CA ALA W 121 17.46 -35.89 28.75
C ALA W 121 17.63 -34.89 29.87
N TYR W 122 17.31 -33.62 29.59
CA TYR W 122 17.57 -32.53 30.51
C TYR W 122 16.27 -32.01 31.10
N LYS W 123 16.42 -31.11 32.08
CA LYS W 123 15.35 -30.24 32.55
C LYS W 123 15.85 -28.82 32.47
N ALA W 124 15.15 -27.97 31.73
CA ALA W 124 15.60 -26.62 31.44
C ALA W 124 14.74 -25.60 32.15
N HIS W 125 15.37 -24.66 32.85
CA HIS W 125 14.63 -23.62 33.54
C HIS W 125 15.54 -22.42 33.79
N THR W 126 14.90 -21.26 33.93
CA THR W 126 15.56 -20.02 34.34
C THR W 126 16.66 -19.64 33.35
N ALA W 127 16.22 -19.18 32.19
CA ALA W 127 17.14 -18.72 31.16
C ALA W 127 17.87 -17.47 31.60
N SER W 128 19.08 -17.30 31.07
CA SER W 128 19.88 -16.10 31.29
C SER W 128 20.31 -15.54 29.95
N LEU W 129 20.12 -14.24 29.76
CA LEU W 129 20.37 -13.60 28.48
C LEU W 129 21.78 -13.03 28.44
N LYS W 130 22.36 -12.94 27.25
CA LYS W 130 23.69 -12.40 27.06
C LYS W 130 23.78 -11.82 25.66
N ALA W 131 24.41 -10.66 25.52
CA ALA W 131 24.36 -9.91 24.28
C ALA W 131 25.75 -9.42 23.92
N LYS W 132 25.86 -8.82 22.73
CA LYS W 132 27.11 -8.22 22.27
C LYS W 132 26.76 -6.92 21.56
N VAL W 133 26.89 -5.80 22.29
CA VAL W 133 26.35 -4.52 21.86
C VAL W 133 27.48 -3.65 21.33
N ARG W 134 27.25 -2.99 20.20
CA ARG W 134 28.20 -2.06 19.62
C ARG W 134 27.79 -0.65 19.95
N VAL W 135 28.66 0.09 20.64
CA VAL W 135 28.36 1.43 21.12
C VAL W 135 29.32 2.41 20.47
N MET W 136 28.78 3.40 19.77
CA MET W 136 29.61 4.37 19.08
C MET W 136 29.03 5.76 19.24
N TYR W 137 29.91 6.73 19.50
CA TYR W 137 29.54 8.13 19.65
C TYR W 137 30.80 8.96 19.59
N GLY W 138 30.66 10.18 19.10
CA GLY W 138 31.79 11.09 19.01
C GLY W 138 32.93 10.49 18.21
N ASN W 139 34.02 10.14 18.91
CA ASN W 139 35.16 9.47 18.29
C ASN W 139 35.34 8.09 18.92
N VAL W 140 34.32 7.58 19.60
CA VAL W 140 34.38 6.29 20.24
C VAL W 140 33.62 5.29 19.38
N ASN W 141 34.21 4.12 19.18
CA ASN W 141 33.56 3.06 18.42
C ASN W 141 34.11 1.71 18.88
N GLN W 142 33.30 0.96 19.62
CA GLN W 142 33.75 -0.30 20.19
C GLN W 142 32.58 -1.28 20.27
N THR W 143 32.92 -2.56 20.43
CA THR W 143 31.95 -3.61 20.64
C THR W 143 32.29 -4.31 21.95
N VAL W 144 31.29 -4.53 22.80
CA VAL W 144 31.48 -5.12 24.10
C VAL W 144 30.55 -6.29 24.28
N ASP W 145 30.96 -7.24 25.11
CA ASP W 145 30.16 -8.41 25.44
C ASP W 145 29.58 -8.22 26.82
N VAL W 146 28.25 -8.22 26.92
CA VAL W 146 27.55 -7.79 28.11
C VAL W 146 26.58 -8.89 28.54
N TYR W 147 26.42 -9.04 29.85
CA TYR W 147 25.34 -9.83 30.41
C TYR W 147 24.12 -8.93 30.59
N VAL W 148 23.01 -9.31 29.98
CA VAL W 148 21.80 -8.45 30.01
C VAL W 148 21.04 -8.84 31.26
N ASN W 149 21.48 -8.27 32.38
CA ASN W 149 20.75 -8.25 33.65
C ASN W 149 21.38 -7.15 34.47
N GLY W 150 20.61 -6.60 35.40
CA GLY W 150 21.03 -5.34 35.97
C GLY W 150 22.21 -5.42 36.92
N ASP W 151 23.14 -6.32 36.64
CA ASP W 151 24.33 -6.49 37.47
C ASP W 151 25.53 -6.90 36.62
N HIS W 152 25.84 -6.11 35.59
CA HIS W 152 27.14 -6.17 34.93
C HIS W 152 27.39 -4.80 34.32
N ALA W 153 28.32 -4.06 34.90
CA ALA W 153 28.67 -2.73 34.42
C ALA W 153 29.97 -2.78 33.64
N VAL W 154 29.95 -2.28 32.42
CA VAL W 154 31.09 -2.34 31.51
C VAL W 154 31.44 -0.92 31.09
N THR W 155 32.73 -0.60 31.13
CA THR W 155 33.21 0.75 30.85
C THR W 155 33.68 0.83 29.41
N ILE W 156 33.12 1.77 28.66
CA ILE W 156 33.48 2.01 27.26
C ILE W 156 33.96 3.45 27.16
N GLY W 157 35.27 3.63 27.08
CA GLY W 157 35.83 4.97 26.91
C GLY W 157 35.48 5.93 28.03
N GLY W 158 35.54 5.45 29.27
CA GLY W 158 35.26 6.28 30.43
C GLY W 158 33.81 6.36 30.83
N THR W 159 32.90 5.72 30.09
CA THR W 159 31.48 5.75 30.38
C THR W 159 31.04 4.39 30.91
N GLN W 160 30.22 4.39 31.96
CA GLN W 160 29.73 3.15 32.54
C GLN W 160 28.36 2.82 31.97
N PHE W 161 28.18 1.57 31.56
CA PHE W 161 26.93 1.09 30.97
C PHE W 161 26.41 -0.10 31.76
N ILE W 162 25.15 -0.06 32.17
CA ILE W 162 24.50 -1.19 32.81
C ILE W 162 23.24 -1.50 32.05
N PHE W 163 23.19 -2.70 31.44
CA PHE W 163 22.05 -3.10 30.62
C PHE W 163 21.07 -3.86 31.48
N GLY W 164 19.88 -3.31 31.67
CA GLY W 164 18.94 -3.83 32.63
C GLY W 164 18.34 -5.14 32.20
N PRO W 165 17.54 -5.75 33.07
CA PRO W 165 16.95 -7.04 32.74
C PRO W 165 15.95 -6.92 31.61
N LEU W 166 15.81 -8.01 30.85
CA LEU W 166 14.88 -8.00 29.72
C LEU W 166 13.46 -7.75 30.21
N SER W 167 12.68 -7.06 29.39
CA SER W 167 11.33 -6.71 29.77
C SER W 167 10.46 -7.94 30.01
N SER W 168 10.54 -8.91 29.11
CA SER W 168 9.69 -10.11 29.19
C SER W 168 10.49 -11.30 29.70
N ALA W 169 9.77 -12.30 30.17
CA ALA W 169 10.35 -13.53 30.69
C ALA W 169 9.94 -14.74 29.87
N TRP W 170 10.00 -14.60 28.55
CA TRP W 170 9.59 -15.66 27.64
C TRP W 170 10.80 -16.45 27.20
N THR W 171 10.73 -17.77 27.33
CA THR W 171 11.79 -18.66 26.90
C THR W 171 11.18 -19.81 26.10
N PRO W 172 11.84 -20.25 25.03
CA PRO W 172 11.22 -21.24 24.13
C PRO W 172 11.33 -22.68 24.58
N PHE W 173 12.08 -22.98 25.63
CA PHE W 173 12.27 -24.35 26.07
C PHE W 173 11.23 -24.72 27.12
N ASP W 174 10.55 -25.83 26.91
CA ASP W 174 9.62 -26.32 27.94
C ASP W 174 10.41 -26.76 29.17
N ASN W 175 9.69 -27.28 30.15
CA ASN W 175 10.35 -27.75 31.36
C ASN W 175 11.31 -28.89 31.05
N LYS W 176 10.92 -29.79 30.17
CA LYS W 176 11.70 -30.97 29.85
C LYS W 176 12.21 -30.89 28.41
N ILE W 177 13.45 -31.33 28.21
CA ILE W 177 14.16 -31.16 26.95
C ILE W 177 14.92 -32.45 26.67
N VAL W 178 14.93 -32.87 25.40
CA VAL W 178 15.76 -33.98 24.95
C VAL W 178 16.67 -33.49 23.85
N VAL W 179 17.97 -33.67 24.02
CA VAL W 179 18.98 -33.09 23.13
C VAL W 179 19.69 -34.22 22.41
N TYR W 180 19.84 -34.09 21.10
CA TYR W 180 20.56 -35.08 20.30
C TYR W 180 21.43 -34.37 19.29
N LYS W 181 22.74 -34.44 19.47
CA LYS W 181 23.71 -33.81 18.59
C LYS W 181 23.50 -32.31 18.51
N ASP W 182 22.86 -31.83 17.45
CA ASP W 182 22.62 -30.40 17.26
C ASP W 182 21.14 -30.09 17.15
N GLU W 183 20.29 -30.89 17.78
CA GLU W 183 18.85 -30.73 17.73
C GLU W 183 18.29 -30.77 19.14
N VAL W 184 17.34 -29.88 19.42
CA VAL W 184 16.68 -29.82 20.71
C VAL W 184 15.22 -30.17 20.51
N PHE W 185 14.69 -31.06 21.34
CA PHE W 185 13.32 -31.51 21.22
C PHE W 185 12.54 -31.19 22.48
N ASN W 186 11.35 -30.61 22.31
CA ASN W 186 10.43 -30.39 23.42
C ASN W 186 9.65 -31.68 23.63
N GLN W 187 10.10 -32.48 24.58
CA GLN W 187 9.59 -33.83 24.76
C GLN W 187 9.34 -34.09 26.24
N ASP W 188 8.48 -35.04 26.53
CA ASP W 188 8.22 -35.51 27.89
C ASP W 188 8.69 -36.96 27.97
N PHE W 189 9.79 -37.18 28.67
CA PHE W 189 10.40 -38.50 28.74
C PHE W 189 9.98 -39.23 30.00
N PRO W 190 10.03 -40.56 29.99
CA PRO W 190 9.62 -41.31 31.17
C PRO W 190 10.60 -41.10 32.31
N PRO W 191 10.15 -41.25 33.55
CA PRO W 191 11.04 -41.08 34.69
C PRO W 191 12.12 -42.15 34.73
N TYR W 192 13.24 -41.83 35.37
CA TYR W 192 14.28 -42.83 35.52
C TYR W 192 13.77 -44.02 36.32
N GLY W 193 14.07 -45.21 35.84
CA GLY W 193 13.63 -46.41 36.52
C GLY W 193 12.25 -46.88 36.17
N SER W 194 11.56 -46.21 35.25
CA SER W 194 10.22 -46.62 34.84
C SER W 194 10.07 -46.51 33.34
N GLY W 195 11.12 -46.81 32.59
CA GLY W 195 11.03 -46.79 31.14
C GLY W 195 10.33 -48.03 30.60
N GLN W 196 9.69 -47.87 29.46
CA GLN W 196 8.91 -48.95 28.90
C GLN W 196 9.57 -49.51 27.65
N PRO W 197 9.48 -50.82 27.43
CA PRO W 197 10.22 -51.42 26.32
C PRO W 197 9.70 -50.99 24.96
N GLY W 198 10.62 -50.81 24.02
CA GLY W 198 10.27 -50.51 22.66
C GLY W 198 10.16 -49.04 22.32
N ARG W 199 10.11 -48.16 23.31
CA ARG W 199 9.99 -46.73 23.08
C ARG W 199 11.24 -46.03 23.61
N PHE W 200 11.23 -44.70 23.60
CA PHE W 200 12.37 -43.95 24.11
C PHE W 200 12.58 -44.27 25.58
N GLY W 201 13.82 -44.49 25.96
CA GLY W 201 14.14 -44.77 27.34
C GLY W 201 13.94 -46.20 27.77
N ASP W 202 14.10 -47.17 26.87
CA ASP W 202 14.03 -48.57 27.29
C ASP W 202 15.21 -48.94 28.17
N ILE W 203 16.39 -48.40 27.90
CA ILE W 203 17.54 -48.52 28.79
C ILE W 203 17.97 -47.12 29.20
N GLN W 204 18.21 -46.92 30.48
CA GLN W 204 18.52 -45.62 31.02
C GLN W 204 19.76 -45.71 31.89
N SER W 205 20.62 -44.70 31.79
CA SER W 205 21.84 -44.64 32.58
C SER W 205 21.99 -43.23 33.12
N ARG W 206 22.30 -43.12 34.41
CA ARG W 206 22.31 -41.80 35.05
C ARG W 206 23.38 -40.88 34.45
N THR W 207 24.45 -41.45 33.91
CA THR W 207 25.48 -40.66 33.23
C THR W 207 26.27 -41.61 32.36
N VAL W 208 26.97 -41.05 31.36
CA VAL W 208 27.65 -41.88 30.37
C VAL W 208 28.70 -42.77 31.01
N GLU W 209 29.34 -42.33 32.11
CA GLU W 209 30.30 -43.15 32.80
C GLU W 209 29.70 -43.96 33.95
N SER W 210 28.44 -43.74 34.28
CA SER W 210 27.87 -44.35 35.48
C SER W 210 27.78 -45.86 35.34
N ASN W 211 28.12 -46.56 36.41
CA ASN W 211 28.22 -48.02 36.36
C ASN W 211 26.84 -48.68 36.35
N ASP W 212 25.87 -48.10 37.05
CA ASP W 212 24.55 -48.69 37.10
C ASP W 212 23.84 -48.56 35.76
N LEU W 213 22.86 -49.43 35.55
CA LEU W 213 22.09 -49.41 34.31
C LEU W 213 20.71 -49.99 34.58
N TYR W 214 19.68 -49.29 34.14
CA TYR W 214 18.31 -49.79 34.22
C TYR W 214 17.91 -50.17 32.81
N ALA W 215 17.55 -51.44 32.62
CA ALA W 215 17.16 -51.92 31.31
C ALA W 215 15.89 -52.73 31.41
N ASN W 216 14.98 -52.52 30.46
CA ASN W 216 13.68 -53.19 30.46
C ASN W 216 13.28 -53.34 29.00
N THR W 217 13.60 -54.48 28.39
CA THR W 217 13.34 -54.70 26.99
C THR W 217 12.53 -55.96 26.72
N ALA W 218 12.06 -56.65 27.75
CA ALA W 218 11.27 -57.86 27.60
C ALA W 218 12.04 -58.95 26.86
N LEU W 219 13.17 -59.33 27.43
CA LEU W 219 13.99 -60.40 26.86
C LEU W 219 13.49 -61.74 27.37
N LYS W 220 13.12 -62.62 26.45
CA LYS W 220 12.53 -63.89 26.83
C LYS W 220 13.21 -65.02 26.08
N LEU W 221 13.46 -66.12 26.78
CA LEU W 221 14.17 -67.26 26.25
C LEU W 221 13.20 -68.36 25.84
N ALA W 222 13.62 -69.17 24.88
CA ALA W 222 12.78 -70.21 24.30
C ALA W 222 13.54 -71.51 24.20
N ARG W 223 12.80 -72.61 24.20
CA ARG W 223 13.40 -73.94 24.21
C ARG W 223 14.10 -74.22 22.89
N PRO W 224 15.34 -74.70 22.91
CA PRO W 224 16.04 -74.99 21.65
C PRO W 224 15.39 -76.13 20.90
N SER W 225 15.52 -76.08 19.57
CA SER W 225 14.95 -77.11 18.72
C SER W 225 15.69 -78.42 18.92
N PRO W 226 15.04 -79.54 18.63
CA PRO W 226 15.70 -80.83 18.82
C PRO W 226 16.93 -80.97 17.94
N GLY W 227 17.99 -81.54 18.51
CA GLY W 227 19.21 -81.81 17.78
C GLY W 227 19.98 -80.58 17.33
N MET W 228 19.96 -79.50 18.11
CA MET W 228 20.71 -78.31 17.76
C MET W 228 21.19 -77.61 19.03
N VAL W 229 22.18 -76.73 18.85
CA VAL W 229 22.78 -75.97 19.94
C VAL W 229 22.73 -74.51 19.52
N HIS W 230 21.71 -73.76 19.98
CA HIS W 230 21.65 -72.38 19.50
C HIS W 230 21.17 -71.30 20.48
N VAL W 231 20.58 -71.63 21.62
CA VAL W 231 20.10 -70.61 22.57
C VAL W 231 19.16 -69.62 21.89
N PRO W 232 17.92 -69.99 21.58
CA PRO W 232 17.00 -69.03 20.97
C PRO W 232 16.47 -68.02 21.99
N TYR W 233 16.03 -66.88 21.47
CA TYR W 233 15.39 -65.85 22.29
C TYR W 233 14.65 -64.88 21.38
N THR W 234 13.75 -64.11 21.98
CA THR W 234 13.07 -63.01 21.32
C THR W 234 13.13 -61.77 22.20
N GLN W 235 13.22 -60.61 21.58
CA GLN W 235 13.39 -59.37 22.32
C GLN W 235 12.77 -58.23 21.54
N THR W 236 12.15 -57.30 22.25
CA THR W 236 11.55 -56.14 21.60
C THR W 236 12.65 -55.22 21.09
N PRO W 237 12.58 -54.78 19.84
CA PRO W 237 13.67 -54.01 19.25
C PRO W 237 13.98 -52.75 20.04
N SER W 238 15.09 -52.12 19.66
CA SER W 238 15.62 -51.00 20.42
C SER W 238 14.65 -49.84 20.43
N GLY W 239 14.63 -49.10 21.54
CA GLY W 239 13.82 -47.90 21.62
C GLY W 239 14.48 -46.68 21.04
N PHE W 240 15.81 -46.61 21.11
CA PHE W 240 16.51 -45.50 20.49
C PHE W 240 16.40 -45.54 18.98
N LYS W 241 16.24 -46.73 18.39
CA LYS W 241 16.08 -46.80 16.94
C LYS W 241 14.66 -46.50 16.51
N TYR W 242 13.65 -46.87 17.31
CA TYR W 242 12.30 -46.40 17.03
C TYR W 242 12.22 -44.89 17.16
N TRP W 243 12.86 -44.33 18.19
CA TRP W 243 12.78 -42.89 18.42
C TRP W 243 13.40 -42.12 17.29
N LEU W 244 14.54 -42.57 16.77
CA LEU W 244 15.23 -41.83 15.73
C LEU W 244 14.37 -41.71 14.48
N LYS W 245 13.53 -42.70 14.23
CA LYS W 245 12.68 -42.72 13.06
C LYS W 245 11.34 -42.05 13.28
N GLU W 246 10.97 -41.76 14.52
CA GLU W 246 9.65 -41.25 14.83
C GLU W 246 9.70 -40.13 15.86
N LYS W 247 10.81 -39.39 15.93
CA LYS W 247 10.87 -38.29 16.88
C LYS W 247 9.96 -37.16 16.46
N GLY W 248 9.99 -36.80 15.18
CA GLY W 248 9.06 -35.82 14.64
C GLY W 248 9.47 -34.40 14.95
N THR W 249 9.50 -33.56 13.91
CA THR W 249 9.87 -32.15 14.05
C THR W 249 11.19 -31.95 14.76
N ALA W 250 11.37 -30.77 15.34
CA ALA W 250 12.54 -30.41 16.12
C ALA W 250 12.17 -29.16 16.90
N LEU W 251 13.16 -28.45 17.39
CA LEU W 251 12.95 -27.07 17.80
C LEU W 251 13.69 -26.10 16.91
N ASN W 252 14.66 -26.56 16.13
CA ASN W 252 15.38 -25.67 15.24
C ASN W 252 14.48 -25.12 14.15
N THR W 253 13.45 -25.88 13.77
CA THR W 253 12.52 -25.48 12.72
C THR W 253 11.14 -25.18 13.26
N LYS W 254 11.02 -24.84 14.52
CA LYS W 254 9.72 -24.65 15.13
C LYS W 254 9.66 -23.48 16.11
N ALA W 255 10.78 -22.85 16.43
CA ALA W 255 10.82 -21.89 17.52
C ALA W 255 10.14 -20.58 17.10
N PRO W 256 9.43 -19.92 18.01
CA PRO W 256 8.82 -18.64 17.67
C PRO W 256 9.85 -17.52 17.65
N PHE W 257 9.41 -16.37 17.16
CA PHE W 257 10.20 -15.14 17.09
C PHE W 257 11.47 -15.31 16.27
N GLY W 258 11.56 -16.37 15.48
CA GLY W 258 12.64 -16.50 14.51
C GLY W 258 14.03 -16.54 15.10
N CYS W 259 14.21 -17.34 16.15
CA CYS W 259 15.50 -17.46 16.81
C CYS W 259 16.08 -18.85 16.66
N GLN W 260 17.32 -18.90 16.16
CA GLN W 260 18.00 -20.15 15.86
C GLN W 260 18.38 -20.88 17.14
N ILE W 261 18.20 -22.19 17.13
CA ILE W 261 18.56 -23.04 18.26
C ILE W 261 19.88 -23.72 17.93
N LYS W 262 20.82 -23.63 18.84
CA LYS W 262 22.12 -24.24 18.68
C LYS W 262 22.44 -25.06 19.91
N THR W 263 23.37 -26.00 19.77
CA THR W 263 23.68 -26.95 20.82
C THR W 263 25.15 -26.86 21.18
N ASN W 264 25.49 -27.34 22.37
CA ASN W 264 26.84 -27.36 22.92
C ASN W 264 27.39 -25.95 23.06
N PRO W 265 26.90 -25.14 24.01
CA PRO W 265 25.83 -25.45 24.96
C PRO W 265 24.45 -25.22 24.36
N VAL W 266 23.39 -25.60 25.06
CA VAL W 266 22.04 -25.33 24.58
C VAL W 266 21.76 -23.85 24.72
N ARG W 267 21.29 -23.23 23.63
CA ARG W 267 21.18 -21.78 23.59
C ARG W 267 20.35 -21.39 22.38
N ALA W 268 19.56 -20.33 22.54
CA ALA W 268 18.71 -19.78 21.49
C ALA W 268 19.17 -18.37 21.21
N MET W 269 19.44 -18.07 19.95
CA MET W 269 20.17 -16.87 19.58
C MET W 269 19.32 -15.93 18.73
N ASN W 270 19.55 -14.63 18.89
CA ASN W 270 18.99 -13.62 18.00
C ASN W 270 17.46 -13.65 18.01
N CYS W 271 16.89 -13.58 19.20
CA CYS W 271 15.50 -13.99 19.37
C CYS W 271 14.71 -12.76 19.81
N ALA W 272 14.10 -12.08 18.83
CA ALA W 272 13.62 -10.71 18.98
C ALA W 272 12.35 -10.68 19.82
N VAL W 273 12.47 -10.18 21.05
CA VAL W 273 11.34 -10.03 21.95
C VAL W 273 11.75 -9.11 23.09
N GLY W 274 10.86 -8.20 23.49
CA GLY W 274 11.07 -7.39 24.66
C GLY W 274 11.96 -6.18 24.43
N ASN W 275 12.23 -5.47 25.53
CA ASN W 275 13.01 -4.26 25.52
C ASN W 275 14.10 -4.36 26.58
N ILE W 276 15.21 -3.68 26.33
CA ILE W 276 16.40 -3.76 27.18
C ILE W 276 16.64 -2.38 27.78
N PRO W 277 16.31 -2.17 29.05
CA PRO W 277 16.68 -0.90 29.69
C PRO W 277 18.19 -0.73 29.75
N VAL W 278 18.63 0.51 29.60
CA VAL W 278 20.05 0.85 29.59
C VAL W 278 20.28 2.00 30.55
N SER W 279 21.30 1.87 31.39
CA SER W 279 21.71 2.93 32.31
C SER W 279 23.14 3.35 31.98
N MET W 280 23.43 4.63 32.14
CA MET W 280 24.69 5.21 31.71
C MET W 280 25.25 6.10 32.80
N ASN W 281 26.49 6.54 32.60
CA ASN W 281 27.13 7.49 33.50
C ASN W 281 28.28 8.14 32.78
N LEU W 282 28.02 9.27 32.12
CA LEU W 282 29.02 9.81 31.20
C LEU W 282 29.95 10.79 31.90
N PRO W 283 31.20 10.86 31.46
CA PRO W 283 32.11 11.87 31.99
C PRO W 283 31.82 13.23 31.37
N ASP W 284 32.50 14.25 31.89
CA ASP W 284 32.30 15.61 31.40
C ASP W 284 33.08 15.91 30.13
N SER W 285 33.98 15.02 29.71
CA SER W 285 34.77 15.27 28.52
C SER W 285 34.07 14.85 27.23
N ALA W 286 32.94 14.15 27.33
CA ALA W 286 32.23 13.75 26.12
C ALA W 286 31.50 14.93 25.49
N PHE W 287 30.88 15.78 26.31
CA PHE W 287 30.10 16.89 25.82
C PHE W 287 31.03 18.02 25.35
N THR W 288 30.42 19.02 24.71
CA THR W 288 31.12 20.24 24.33
C THR W 288 30.39 21.43 24.93
N ARG W 289 31.15 22.44 25.36
CA ARG W 289 30.56 23.65 25.90
C ARG W 289 29.70 24.33 24.86
N ILE W 290 28.56 24.87 25.29
CA ILE W 290 27.62 25.47 24.35
C ILE W 290 28.23 26.68 23.66
N VAL W 291 29.23 27.32 24.27
CA VAL W 291 29.85 28.47 23.64
C VAL W 291 30.60 28.06 22.37
N GLU W 292 31.22 26.89 22.39
CA GLU W 292 32.05 26.47 21.26
C GLU W 292 31.23 25.98 20.08
N ALA W 293 30.12 25.28 20.34
CA ALA W 293 29.30 24.76 19.25
C ALA W 293 28.58 25.90 18.53
N PRO W 294 28.21 25.70 17.28
CA PRO W 294 27.56 26.79 16.53
C PRO W 294 26.20 27.15 17.10
N THR W 295 25.77 28.36 16.81
CA THR W 295 24.44 28.85 17.17
C THR W 295 23.54 28.80 15.94
N ILE W 296 22.40 28.14 16.07
CA ILE W 296 21.49 27.91 14.95
C ILE W 296 20.21 28.68 15.22
N ILE W 297 19.81 29.52 14.26
CA ILE W 297 18.58 30.28 14.36
C ILE W 297 17.82 30.16 13.04
N ASP W 298 16.50 30.31 13.12
CA ASP W 298 15.63 30.30 11.94
C ASP W 298 15.74 28.98 11.17
N LEU W 299 15.31 27.91 11.82
CA LEU W 299 15.39 26.58 11.25
C LEU W 299 14.08 26.22 10.56
N THR W 300 14.15 25.85 9.29
CA THR W 300 12.99 25.39 8.54
C THR W 300 13.28 24.02 7.95
N CYS W 301 12.36 23.08 8.15
CA CYS W 301 12.50 21.71 7.68
C CYS W 301 11.54 21.47 6.53
N THR W 302 12.09 21.11 5.37
CA THR W 302 11.30 20.83 4.18
C THR W 302 11.65 19.45 3.66
N VAL W 303 10.62 18.70 3.26
CA VAL W 303 10.78 17.31 2.85
C VAL W 303 10.77 17.26 1.34
N ALA W 304 11.80 16.66 0.75
CA ALA W 304 11.88 16.58 -0.70
C ALA W 304 11.03 15.44 -1.24
N THR W 305 11.33 14.20 -0.85
CA THR W 305 10.57 13.04 -1.29
C THR W 305 10.33 12.12 -0.12
N CYS W 306 9.26 11.35 -0.19
CA CYS W 306 8.94 10.38 0.85
C CYS W 306 8.31 9.15 0.23
N THR W 307 8.66 7.97 0.76
CA THR W 307 8.13 6.70 0.27
C THR W 307 8.23 5.72 1.41
N HIS W 308 7.11 5.36 2.04
CA HIS W 308 7.19 4.63 3.30
C HIS W 308 7.56 3.18 3.02
N SER W 309 8.85 2.97 2.76
CA SER W 309 9.42 1.66 2.49
C SER W 309 10.30 1.23 3.65
N SER W 310 10.91 0.05 3.50
CA SER W 310 11.72 -0.50 4.59
C SER W 310 13.04 0.25 4.73
N ASP W 311 13.72 0.53 3.62
CA ASP W 311 14.97 1.26 3.71
C ASP W 311 14.69 2.74 3.93
N PHE W 312 15.74 3.55 3.90
CA PHE W 312 15.63 4.98 4.18
C PHE W 312 15.16 5.68 2.91
N GLY W 313 13.84 5.75 2.75
CA GLY W 313 13.24 6.25 1.52
C GLY W 313 12.74 7.67 1.58
N GLY W 314 13.19 8.45 2.54
CA GLY W 314 12.82 9.84 2.62
C GLY W 314 14.00 10.77 2.70
N VAL W 315 13.99 11.87 1.95
CA VAL W 315 15.08 12.83 1.92
C VAL W 315 14.58 14.13 2.52
N LEU W 316 15.35 14.69 3.45
CA LEU W 316 14.96 15.86 4.23
C LEU W 316 15.99 16.95 4.03
N THR W 317 15.54 18.21 4.10
CA THR W 317 16.44 19.35 3.96
C THR W 317 16.18 20.35 5.07
N LEU W 318 17.24 20.97 5.58
CA LEU W 318 17.15 21.97 6.63
C LEU W 318 17.83 23.24 6.18
N THR W 319 17.16 24.37 6.37
CA THR W 319 17.72 25.67 6.07
C THR W 319 17.87 26.46 7.37
N TYR W 320 18.98 27.18 7.49
CA TYR W 320 19.31 27.85 8.74
C TYR W 320 20.26 29.00 8.46
N LYS W 321 20.48 29.82 9.47
CA LYS W 321 21.51 30.84 9.46
C LYS W 321 22.41 30.61 10.66
N THR W 322 23.71 30.47 10.42
CA THR W 322 24.66 30.14 11.46
C THR W 322 25.82 31.14 11.43
N ASP W 323 26.44 31.33 12.59
CA ASP W 323 27.55 32.27 12.71
C ASP W 323 28.87 31.62 12.31
N LYS W 324 29.14 30.43 12.86
CA LYS W 324 30.37 29.71 12.58
C LYS W 324 30.02 28.29 12.17
N ASN W 325 30.95 27.65 11.47
CA ASN W 325 30.77 26.29 11.02
C ASN W 325 31.45 25.29 11.95
N GLY W 326 30.76 24.18 12.21
CA GLY W 326 31.23 23.18 13.16
C GLY W 326 30.45 21.88 13.02
N ASP W 327 30.07 21.26 14.13
CA ASP W 327 29.27 20.05 14.10
C ASP W 327 28.04 20.19 14.99
N CYS W 328 26.94 19.57 14.55
CA CYS W 328 25.74 19.41 15.36
C CYS W 328 25.41 17.93 15.48
N SER W 329 24.44 17.64 16.33
CA SER W 329 23.92 16.30 16.52
C SER W 329 22.43 16.31 16.26
N VAL W 330 22.03 15.80 15.10
CA VAL W 330 20.62 15.79 14.72
C VAL W 330 19.92 14.65 15.43
N HIS W 331 18.62 14.81 15.64
CA HIS W 331 17.82 13.77 16.25
C HIS W 331 16.35 14.05 15.96
N SER W 332 15.56 12.99 15.91
CA SER W 332 14.12 13.08 15.72
C SER W 332 13.43 12.64 17.00
N HIS W 333 12.56 13.50 17.53
CA HIS W 333 12.02 13.29 18.86
C HIS W 333 10.77 12.41 18.87
N SER W 334 10.37 11.89 17.72
CA SER W 334 9.25 10.97 17.63
C SER W 334 9.68 9.72 16.87
N ASN W 335 9.15 8.57 17.28
CA ASN W 335 9.54 7.30 16.66
C ASN W 335 8.83 7.05 15.35
N VAL W 336 8.05 8.01 14.85
CA VAL W 336 7.43 7.84 13.54
C VAL W 336 8.49 7.75 12.46
N ALA W 337 9.51 8.59 12.54
CA ALA W 337 10.60 8.60 11.57
C ALA W 337 11.91 8.32 12.28
N THR W 338 12.81 7.66 11.57
CA THR W 338 14.12 7.28 12.11
C THR W 338 15.19 7.77 11.16
N LEU W 339 16.03 8.69 11.62
CA LEU W 339 17.09 9.20 10.75
C LEU W 339 18.19 8.16 10.57
N GLN W 340 19.06 8.43 9.60
CA GLN W 340 20.17 7.54 9.32
C GLN W 340 21.43 7.96 10.06
N GLU W 341 21.68 9.27 10.15
CA GLU W 341 22.91 9.78 10.72
C GLU W 341 22.65 10.49 12.04
N ALA W 342 23.65 10.47 12.90
CA ALA W 342 23.59 11.14 14.20
C ALA W 342 24.50 12.35 14.27
N THR W 343 24.97 12.86 13.15
CA THR W 343 25.82 14.04 13.13
C THR W 343 25.78 14.65 11.74
N ALA W 344 25.78 15.97 11.68
CA ALA W 344 25.82 16.67 10.41
C ALA W 344 26.82 17.83 10.51
N LYS W 345 27.48 18.11 9.41
CA LYS W 345 28.41 19.24 9.34
C LYS W 345 27.62 20.47 8.93
N VAL W 346 27.55 21.46 9.82
CA VAL W 346 26.87 22.71 9.51
C VAL W 346 27.86 23.65 8.85
N LYS W 347 27.36 24.47 7.93
CA LYS W 347 28.19 25.40 7.18
C LYS W 347 27.43 26.71 6.99
N THR W 348 28.15 27.75 6.58
CA THR W 348 27.54 29.03 6.32
C THR W 348 26.59 29.01 5.14
N ALA W 349 26.68 27.99 4.27
CA ALA W 349 25.77 27.90 3.14
C ALA W 349 24.33 27.69 3.59
N GLY W 350 24.14 27.23 4.82
CA GLY W 350 22.80 27.11 5.37
C GLY W 350 21.90 26.09 4.68
N LYS W 351 22.41 24.89 4.43
CA LYS W 351 21.59 23.84 3.82
C LYS W 351 22.23 22.49 4.08
N VAL W 352 21.55 21.64 4.83
CA VAL W 352 22.01 20.26 5.07
C VAL W 352 20.87 19.32 4.71
N THR W 353 21.24 18.09 4.38
CA THR W 353 20.27 17.08 3.95
C THR W 353 20.39 15.85 4.84
N LEU W 354 19.24 15.24 5.12
CA LEU W 354 19.18 14.08 5.98
C LEU W 354 18.25 13.05 5.36
N HIS W 355 18.45 11.79 5.73
CA HIS W 355 17.63 10.68 5.26
C HIS W 355 16.87 10.11 6.44
N PHE W 356 15.62 9.72 6.21
CA PHE W 356 14.81 9.13 7.26
C PHE W 356 13.97 8.01 6.67
N SER W 357 13.60 7.05 7.52
CA SER W 357 12.74 5.95 7.13
C SER W 357 11.48 5.95 7.99
N THR W 358 10.32 5.92 7.33
CA THR W 358 9.04 6.01 8.01
C THR W 358 8.09 4.99 7.42
N ALA W 359 7.05 4.65 8.19
CA ALA W 359 6.12 3.60 7.79
C ALA W 359 4.67 4.04 7.89
N SER W 360 4.39 5.34 7.84
CA SER W 360 3.03 5.85 7.93
C SER W 360 2.74 6.77 6.75
N ALA W 361 1.47 6.89 6.42
CA ALA W 361 1.08 7.61 5.22
C ALA W 361 1.47 9.07 5.29
N SER W 362 1.26 9.71 6.45
CA SER W 362 1.60 11.11 6.65
C SER W 362 2.27 11.26 8.02
N PRO W 363 3.59 11.33 8.07
CA PRO W 363 4.29 11.46 9.35
C PRO W 363 4.41 12.90 9.79
N SER W 364 4.59 13.07 11.09
CA SER W 364 4.84 14.39 11.67
C SER W 364 5.78 14.22 12.85
N PHE W 365 6.97 14.79 12.74
CA PHE W 365 7.98 14.63 13.78
C PHE W 365 8.75 15.93 13.91
N VAL W 366 9.35 16.14 15.08
CA VAL W 366 10.09 17.36 15.36
C VAL W 366 11.58 17.01 15.40
N VAL W 367 12.36 17.69 14.56
CA VAL W 367 13.78 17.40 14.39
C VAL W 367 14.57 18.56 14.96
N SER W 368 15.74 18.27 15.52
CA SER W 368 16.55 19.26 16.21
C SER W 368 18.00 19.17 15.76
N LEU W 369 18.57 20.32 15.36
CA LEU W 369 19.94 20.41 14.88
C LEU W 369 20.72 21.26 15.88
N CYS W 370 21.73 20.68 16.54
CA CYS W 370 22.21 21.24 17.79
C CYS W 370 21.05 21.57 18.72
N SER W 371 20.84 22.86 18.97
CA SER W 371 19.81 23.29 19.91
C SER W 371 18.53 23.76 19.24
N ALA W 372 18.51 23.93 17.92
CA ALA W 372 17.33 24.43 17.25
C ALA W 372 16.23 23.38 17.25
N ARG W 373 15.08 23.75 16.68
CA ARG W 373 13.93 22.85 16.56
C ARG W 373 13.21 23.16 15.26
N ALA W 374 12.47 22.18 14.76
CA ALA W 374 11.63 22.38 13.59
C ALA W 374 10.66 21.22 13.51
N THR W 375 9.50 21.48 12.93
CA THR W 375 8.47 20.46 12.76
C THR W 375 8.37 20.12 11.29
N CYS W 376 8.48 18.84 10.96
CA CYS W 376 8.45 18.36 9.59
C CYS W 376 7.17 17.57 9.36
N SER W 377 6.52 17.81 8.22
CA SER W 377 5.33 17.06 7.83
C SER W 377 5.39 16.85 6.33
N ALA W 378 4.98 15.66 5.88
CA ALA W 378 5.10 15.32 4.47
C ALA W 378 4.07 14.26 4.10
N SER W 379 3.88 14.10 2.80
CA SER W 379 2.98 13.10 2.25
C SER W 379 3.81 12.05 1.53
N CYS W 380 3.64 10.79 1.92
CA CYS W 380 4.46 9.69 1.42
C CYS W 380 3.60 8.72 0.61
N GLU W 381 4.15 8.23 -0.48
CA GLU W 381 3.48 7.29 -1.38
C GLU W 381 4.01 5.87 -1.17
N PRO W 382 3.15 4.86 -1.28
CA PRO W 382 3.59 3.49 -1.00
C PRO W 382 4.63 3.03 -1.99
N PRO W 383 5.46 2.06 -1.63
CA PRO W 383 6.40 1.48 -2.57
C PRO W 383 5.76 0.37 -3.38
N LYS W 384 6.36 0.09 -4.53
CA LYS W 384 5.80 -0.87 -5.47
C LYS W 384 6.26 -2.30 -5.24
N ASP W 385 7.45 -2.49 -4.67
CA ASP W 385 8.04 -3.82 -4.56
C ASP W 385 7.32 -4.64 -3.49
N HIS W 386 6.91 -5.85 -3.87
CA HIS W 386 6.09 -6.64 -2.95
C HIS W 386 6.92 -7.23 -1.81
N ILE W 387 8.11 -7.74 -2.12
CA ILE W 387 8.90 -8.48 -1.12
C ILE W 387 10.36 -8.09 -1.26
N VAL W 388 11.00 -7.78 -0.13
CA VAL W 388 12.42 -7.46 -0.07
C VAL W 388 13.11 -8.31 1.01
N PRO W 389 14.41 -8.57 0.88
CA PRO W 389 15.10 -9.48 1.80
C PRO W 389 15.73 -8.85 3.04
N TYR W 390 15.43 -7.60 3.38
CA TYR W 390 16.01 -6.99 4.56
C TYR W 390 14.92 -6.51 5.51
N ALA W 391 15.22 -6.55 6.80
CA ALA W 391 14.23 -6.23 7.81
C ALA W 391 13.89 -4.75 7.81
N ALA W 392 12.77 -4.42 8.45
CA ALA W 392 12.31 -3.05 8.48
C ALA W 392 13.24 -2.18 9.30
N SER W 393 13.49 -0.96 8.83
CA SER W 393 14.34 0.00 9.52
C SER W 393 13.55 1.04 10.29
N HIS W 394 12.23 0.92 10.35
CA HIS W 394 11.38 1.85 11.08
C HIS W 394 10.77 1.16 12.28
N SER W 395 10.09 1.95 13.10
CA SER W 395 9.45 1.41 14.29
C SER W 395 8.06 0.86 14.02
N ASN W 396 7.62 0.92 12.77
CA ASN W 396 6.36 0.30 12.33
C ASN W 396 5.16 0.91 13.05
N VAL W 397 5.01 2.22 12.90
CA VAL W 397 3.87 2.97 13.42
C VAL W 397 3.12 3.55 12.23
N VAL W 398 1.79 3.38 12.23
CA VAL W 398 1.00 3.61 11.03
C VAL W 398 0.01 4.77 11.16
N PHE W 399 -0.45 5.07 12.37
CA PHE W 399 -1.48 6.10 12.53
C PHE W 399 -0.96 7.44 12.02
N PRO W 400 -1.67 8.09 11.10
CA PRO W 400 -1.19 9.34 10.52
C PRO W 400 -1.42 10.52 11.46
N ASP W 401 -0.87 11.66 11.04
CA ASP W 401 -1.00 12.90 11.80
C ASP W 401 -2.40 13.48 11.64
N MET W 402 -2.82 14.27 12.62
CA MET W 402 -4.11 14.94 12.55
C MET W 402 -4.18 15.96 11.43
N SER W 403 -3.04 16.37 10.89
CA SER W 403 -2.99 17.29 9.76
C SER W 403 -2.95 16.57 8.42
N GLY W 404 -3.00 15.25 8.41
CA GLY W 404 -2.99 14.51 7.17
C GLY W 404 -4.28 14.70 6.40
N THR W 405 -4.27 14.25 5.15
CA THR W 405 -5.43 14.45 4.30
C THR W 405 -6.65 13.71 4.85
N ALA W 406 -6.48 12.45 5.25
CA ALA W 406 -7.60 11.69 5.78
C ALA W 406 -8.16 12.34 7.03
N LEU W 407 -7.30 12.69 7.97
CA LEU W 407 -7.77 13.28 9.20
C LEU W 407 -8.24 14.71 9.01
N SER W 408 -7.74 15.42 8.00
CA SER W 408 -8.33 16.71 7.66
C SER W 408 -9.77 16.55 7.19
N TRP W 409 -10.03 15.55 6.35
CA TRP W 409 -11.41 15.31 5.93
C TRP W 409 -12.29 14.96 7.12
N VAL W 410 -11.80 14.10 8.01
CA VAL W 410 -12.59 13.74 9.18
C VAL W 410 -12.88 14.96 10.03
N GLN W 411 -11.87 15.82 10.24
CA GLN W 411 -12.06 17.01 11.04
C GLN W 411 -13.08 17.95 10.42
N LYS W 412 -13.01 18.15 9.10
CA LYS W 412 -13.95 19.05 8.45
C LYS W 412 -15.38 18.53 8.56
N ILE W 413 -15.59 17.23 8.31
CA ILE W 413 -16.94 16.69 8.39
C ILE W 413 -17.48 16.78 9.81
N SER W 414 -16.65 16.42 10.79
CA SER W 414 -17.09 16.52 12.19
C SER W 414 -17.39 17.96 12.57
N GLY W 415 -16.61 18.91 12.05
CA GLY W 415 -16.86 20.30 12.35
C GLY W 415 -18.17 20.79 11.77
N GLY W 416 -18.48 20.40 10.54
CA GLY W 416 -19.77 20.76 9.97
C GLY W 416 -20.93 20.21 10.78
N LEU W 417 -20.84 18.93 11.15
CA LEU W 417 -21.92 18.33 11.93
C LEU W 417 -22.03 18.99 13.31
N GLY W 418 -20.90 19.32 13.93
CA GLY W 418 -20.94 19.98 15.22
C GLY W 418 -21.53 21.37 15.14
N ALA W 419 -21.23 22.11 14.08
CA ALA W 419 -21.85 23.41 13.90
C ALA W 419 -23.37 23.28 13.74
N PHE W 420 -23.81 22.28 12.98
CA PHE W 420 -25.25 22.05 12.85
C PHE W 420 -25.88 21.75 14.21
N ALA W 421 -25.25 20.86 14.98
CA ALA W 421 -25.81 20.50 16.28
C ALA W 421 -25.84 21.69 17.22
N ILE W 422 -24.80 22.52 17.21
CA ILE W 422 -24.77 23.68 18.07
C ILE W 422 -25.86 24.67 17.68
N GLY W 423 -26.07 24.87 16.38
CA GLY W 423 -27.17 25.73 15.95
C GLY W 423 -28.51 25.22 16.40
N ALA W 424 -28.72 23.91 16.32
CA ALA W 424 -29.99 23.34 16.78
C ALA W 424 -30.16 23.51 18.29
N ILE W 425 -29.07 23.32 19.06
CA ILE W 425 -29.13 23.57 20.50
C ILE W 425 -29.54 25.02 20.77
N LEU W 426 -28.93 25.96 20.04
CA LEU W 426 -29.25 27.37 20.27
C LEU W 426 -30.70 27.67 19.95
N VAL W 427 -31.22 27.10 18.86
CA VAL W 427 -32.63 27.31 18.51
C VAL W 427 -33.53 26.79 19.62
N LEU W 428 -33.26 25.57 20.10
CA LEU W 428 -34.09 25.02 21.17
C LEU W 428 -34.02 25.86 22.43
N VAL W 429 -32.83 26.34 22.79
CA VAL W 429 -32.68 27.13 24.01
C VAL W 429 -33.44 28.44 23.89
N VAL W 430 -33.31 29.12 22.74
CA VAL W 430 -34.04 30.37 22.56
C VAL W 430 -35.54 30.14 22.65
N VAL W 431 -36.03 29.08 21.98
CA VAL W 431 -37.46 28.82 21.99
C VAL W 431 -37.95 28.53 23.40
N THR W 432 -37.23 27.69 24.14
CA THR W 432 -37.70 27.34 25.48
C THR W 432 -37.62 28.52 26.44
N CYS W 433 -36.61 29.38 26.30
CA CYS W 433 -36.55 30.57 27.16
C CYS W 433 -37.70 31.52 26.85
N ILE W 434 -38.01 31.73 25.56
CA ILE W 434 -39.16 32.57 25.23
C ILE W 434 -40.45 31.95 25.77
N GLY W 435 -40.60 30.63 25.65
CA GLY W 435 -41.79 29.99 26.16
C GLY W 435 -41.92 30.12 27.66
N LEU W 436 -40.81 30.03 28.39
CA LEU W 436 -40.86 30.13 29.84
C LEU W 436 -41.07 31.56 30.30
N ARG W 437 -40.60 32.54 29.52
CA ARG W 437 -40.82 33.94 29.89
C ARG W 437 -42.28 34.35 29.80
N ARG W 438 -43.12 33.55 29.13
CA ARG W 438 -44.55 33.82 29.09
C ARG W 438 -45.25 33.19 30.29
N HIS X 1 72.05 -39.43 107.66
CA HIS X 1 70.60 -39.55 107.78
C HIS X 1 70.00 -40.20 106.53
N PHE X 2 68.68 -40.23 106.47
CA PHE X 2 67.97 -40.82 105.35
C PHE X 2 68.28 -40.08 104.06
N ASN X 3 68.47 -40.82 102.98
CA ASN X 3 68.74 -40.23 101.68
C ASN X 3 67.68 -40.67 100.69
N VAL X 4 66.41 -40.54 101.08
CA VAL X 4 65.26 -41.15 100.42
C VAL X 4 65.36 -41.07 98.91
N TYR X 5 66.00 -40.02 98.38
CA TYR X 5 66.19 -39.93 96.94
C TYR X 5 67.33 -40.84 96.50
N LYS X 6 67.29 -42.10 96.92
CA LYS X 6 68.15 -43.14 96.37
C LYS X 6 67.37 -44.23 95.66
N ALA X 7 66.11 -44.43 96.03
CA ALA X 7 65.24 -45.39 95.39
C ALA X 7 64.32 -44.74 94.35
N THR X 8 64.68 -43.55 93.87
CA THR X 8 63.88 -42.82 92.91
C THR X 8 64.74 -42.46 91.70
N ARG X 9 64.11 -42.45 90.54
CA ARG X 9 64.80 -42.17 89.30
C ARG X 9 64.04 -41.16 88.46
N PRO X 10 64.72 -40.38 87.63
CA PRO X 10 64.04 -39.61 86.60
C PRO X 10 63.40 -40.54 85.58
N TYR X 11 62.36 -40.03 84.92
CA TYR X 11 61.65 -40.83 83.93
C TYR X 11 61.34 -39.97 82.71
N ILE X 12 60.80 -40.62 81.69
CA ILE X 12 60.46 -39.98 80.42
C ILE X 12 58.96 -40.02 80.25
N ALA X 13 58.35 -38.85 80.11
CA ALA X 13 56.90 -38.72 79.91
C ALA X 13 56.62 -37.92 78.66
N TYR X 14 55.34 -37.83 78.31
CA TYR X 14 54.90 -37.24 77.05
C TYR X 14 54.49 -35.79 77.28
N CYS X 15 55.22 -34.87 76.63
CA CYS X 15 54.95 -33.44 76.75
C CYS X 15 54.15 -32.96 75.57
N ALA X 16 53.22 -32.04 75.82
CA ALA X 16 52.27 -31.62 74.80
C ALA X 16 52.98 -31.00 73.61
N ASP X 17 53.88 -30.06 73.83
CA ASP X 17 54.72 -29.55 72.78
C ASP X 17 56.04 -29.09 73.39
N CYS X 18 57.12 -29.34 72.68
CA CYS X 18 58.46 -29.15 73.21
C CYS X 18 59.06 -27.82 72.81
N GLY X 19 58.27 -26.76 72.85
CA GLY X 19 58.73 -25.44 72.49
C GLY X 19 58.72 -25.14 71.01
N ALA X 20 58.20 -26.06 70.19
CA ALA X 20 58.18 -25.88 68.75
C ALA X 20 56.84 -26.22 68.11
N GLY X 21 55.84 -26.63 68.89
CA GLY X 21 54.57 -27.03 68.35
C GLY X 21 54.45 -28.50 68.02
N HIS X 22 55.51 -29.28 68.21
CA HIS X 22 55.47 -30.73 67.99
C HIS X 22 55.60 -31.45 69.31
N SER X 23 54.99 -32.64 69.39
CA SER X 23 54.94 -33.40 70.61
C SER X 23 55.92 -34.57 70.55
N CYS X 24 56.77 -34.68 71.57
CA CYS X 24 57.66 -35.82 71.67
C CYS X 24 57.97 -36.06 73.14
N HIS X 25 58.34 -37.31 73.45
CA HIS X 25 58.59 -37.74 74.83
C HIS X 25 59.85 -37.07 75.35
N SER X 26 59.67 -36.08 76.21
CA SER X 26 60.79 -35.31 76.73
C SER X 26 61.15 -35.79 78.12
N PRO X 27 62.40 -35.54 78.55
CA PRO X 27 62.77 -35.87 79.93
C PRO X 27 62.40 -34.81 80.95
N VAL X 28 61.81 -33.70 80.53
CA VAL X 28 61.53 -32.60 81.46
C VAL X 28 60.03 -32.30 81.40
N ALA X 29 59.20 -33.34 81.34
CA ALA X 29 57.77 -33.14 81.31
C ALA X 29 57.29 -32.43 82.57
N ILE X 30 56.30 -31.56 82.41
CA ILE X 30 55.75 -30.77 83.51
C ILE X 30 54.48 -31.44 84.01
N GLU X 31 54.44 -31.70 85.30
CA GLU X 31 53.22 -32.16 85.96
C GLU X 31 52.47 -30.95 86.50
N ALA X 32 51.65 -31.17 87.52
CA ALA X 32 50.81 -30.10 88.05
C ALA X 32 51.66 -28.94 88.56
N VAL X 33 51.11 -27.73 88.41
CA VAL X 33 51.69 -26.51 88.97
C VAL X 33 50.78 -26.05 90.10
N ARG X 34 51.35 -25.90 91.29
CA ARG X 34 50.60 -25.50 92.47
C ARG X 34 50.91 -24.05 92.79
N SER X 35 49.87 -23.26 93.10
CA SER X 35 50.04 -21.84 93.35
C SER X 35 49.15 -21.37 94.49
N GLU X 36 49.14 -22.09 95.61
CA GLU X 36 48.36 -21.69 96.76
C GLU X 36 49.17 -20.83 97.75
N ALA X 37 50.18 -20.10 97.27
CA ALA X 37 50.89 -19.15 98.09
C ALA X 37 50.42 -17.75 97.74
N THR X 38 50.11 -16.95 98.75
CA THR X 38 49.47 -15.65 98.51
C THR X 38 50.41 -14.69 97.78
N ASP X 39 51.70 -14.69 98.13
CA ASP X 39 52.59 -13.72 97.51
C ASP X 39 52.89 -14.03 96.04
N GLY X 40 52.49 -15.20 95.54
CA GLY X 40 52.64 -15.50 94.14
C GLY X 40 53.86 -16.33 93.82
N MET X 41 54.06 -17.43 94.54
CA MET X 41 55.17 -18.34 94.31
C MET X 41 54.63 -19.66 93.82
N LEU X 42 55.24 -20.20 92.77
CA LEU X 42 54.78 -21.42 92.15
C LEU X 42 55.65 -22.61 92.55
N LYS X 43 55.04 -23.79 92.65
CA LYS X 43 55.76 -25.05 92.79
C LYS X 43 55.57 -25.86 91.53
N ILE X 44 56.40 -25.65 90.56
CA ILE X 44 56.41 -26.45 89.34
C ILE X 44 56.98 -27.82 89.69
N GLN X 45 56.48 -28.85 89.03
CA GLN X 45 56.95 -30.21 89.27
C GLN X 45 57.46 -30.80 87.96
N PHE X 46 58.76 -31.11 87.91
CA PHE X 46 59.34 -31.76 86.75
C PHE X 46 58.90 -33.21 86.65
N SER X 47 59.58 -33.93 85.77
CA SER X 47 59.79 -35.36 85.88
C SER X 47 61.23 -35.72 86.19
N ALA X 48 62.19 -34.95 85.68
CA ALA X 48 63.62 -35.25 85.88
C ALA X 48 64.10 -34.53 87.13
N GLN X 49 64.30 -35.28 88.20
CA GLN X 49 64.60 -34.70 89.50
C GLN X 49 65.98 -34.05 89.52
N ILE X 50 66.11 -32.99 90.30
CA ILE X 50 67.24 -32.08 90.22
C ILE X 50 67.85 -31.90 91.59
N GLY X 51 69.15 -31.59 91.61
CA GLY X 51 69.90 -31.44 92.83
C GLY X 51 70.69 -32.65 93.26
N ILE X 52 70.48 -33.79 92.62
CA ILE X 52 71.15 -35.04 92.99
C ILE X 52 71.74 -35.68 91.74
N ASP X 53 73.03 -35.97 91.77
CA ASP X 53 73.72 -36.42 90.58
C ASP X 53 73.40 -37.88 90.28
N LYS X 54 74.06 -38.41 89.25
CA LYS X 54 73.78 -39.77 88.79
C LYS X 54 74.12 -40.80 89.86
N SER X 55 75.22 -40.59 90.59
CA SER X 55 75.68 -41.51 91.62
C SER X 55 74.93 -41.37 92.94
N ASP X 56 73.78 -40.69 92.95
CA ASP X 56 72.96 -40.53 94.15
C ASP X 56 73.68 -39.77 95.26
N ASN X 57 74.37 -38.71 94.87
CA ASN X 57 75.00 -37.80 95.82
C ASN X 57 74.43 -36.41 95.66
N HIS X 58 74.34 -35.70 96.79
CA HIS X 58 73.82 -34.33 96.76
C HIS X 58 74.86 -33.39 96.17
N ASP X 59 74.48 -32.73 95.08
CA ASP X 59 75.36 -31.76 94.40
C ASP X 59 74.53 -30.56 93.98
N TYR X 60 75.08 -29.37 94.18
CA TYR X 60 74.38 -28.14 93.83
C TYR X 60 74.47 -27.82 92.34
N THR X 61 75.21 -28.60 91.57
CA THR X 61 75.43 -28.29 90.17
C THR X 61 74.98 -29.37 89.21
N LYS X 62 74.90 -30.63 89.64
CA LYS X 62 74.48 -31.72 88.78
C LYS X 62 73.02 -32.05 89.05
N ILE X 63 72.26 -32.28 87.98
CA ILE X 63 70.88 -32.74 88.11
C ILE X 63 70.67 -33.93 87.19
N ARG X 64 70.00 -34.95 87.71
CA ARG X 64 69.75 -36.18 86.98
C ARG X 64 68.66 -35.96 85.93
N TYR X 65 68.65 -36.83 84.92
CA TYR X 65 67.54 -36.91 83.98
C TYR X 65 67.65 -38.20 83.20
N ALA X 66 66.50 -38.77 82.88
CA ALA X 66 66.44 -40.08 82.23
C ALA X 66 66.65 -39.94 80.74
N ASP X 67 67.31 -40.94 80.16
CA ASP X 67 67.60 -40.94 78.72
C ASP X 67 67.65 -42.39 78.26
N GLY X 68 66.52 -42.92 77.82
CA GLY X 68 66.46 -44.28 77.33
C GLY X 68 66.98 -45.33 78.30
N HIS X 69 66.27 -45.54 79.40
CA HIS X 69 66.69 -46.44 80.48
C HIS X 69 68.18 -46.28 80.78
N ALA X 70 68.60 -45.03 80.91
CA ALA X 70 69.98 -44.70 81.28
C ALA X 70 69.99 -43.30 81.85
N ILE X 71 70.54 -43.15 83.04
CA ILE X 71 70.52 -41.88 83.76
C ILE X 71 71.82 -41.13 83.48
N GLU X 72 71.70 -39.86 83.11
CA GLU X 72 72.84 -38.96 82.99
C GLU X 72 72.59 -37.74 83.87
N ASN X 73 73.52 -36.79 83.84
CA ASN X 73 73.34 -35.55 84.58
C ASN X 73 73.79 -34.36 83.74
N ALA X 74 73.18 -33.22 84.00
CA ALA X 74 73.47 -31.98 83.30
C ALA X 74 73.73 -30.88 84.32
N VAL X 75 74.47 -29.86 83.89
CA VAL X 75 74.84 -28.78 84.79
C VAL X 75 73.58 -28.06 85.27
N ARG X 76 73.57 -27.70 86.55
CA ARG X 76 72.39 -27.04 87.11
C ARG X 76 72.14 -25.70 86.46
N SER X 77 73.20 -25.03 86.01
CA SER X 77 73.00 -23.85 85.19
C SER X 77 72.19 -24.23 83.95
N SER X 78 71.74 -23.20 83.23
CA SER X 78 70.89 -23.35 82.06
C SER X 78 69.53 -23.95 82.39
N LEU X 79 69.17 -24.06 83.67
CA LEU X 79 67.79 -24.37 84.04
C LEU X 79 67.01 -23.08 83.95
N LYS X 80 66.28 -22.90 82.84
CA LYS X 80 65.55 -21.68 82.56
C LYS X 80 64.06 -21.97 82.63
N VAL X 81 63.36 -21.26 83.51
CA VAL X 81 61.91 -21.29 83.58
C VAL X 81 61.39 -19.91 83.19
N ALA X 82 60.35 -19.88 82.36
CA ALA X 82 59.91 -18.62 81.79
C ALA X 82 58.41 -18.63 81.58
N THR X 83 57.86 -17.43 81.48
CA THR X 83 56.48 -17.17 81.10
C THR X 83 56.62 -16.06 80.06
N SER X 84 55.55 -15.32 79.82
CA SER X 84 55.58 -14.21 78.88
C SER X 84 56.87 -13.41 78.98
N GLY X 85 57.41 -13.29 80.19
CA GLY X 85 58.69 -12.65 80.40
C GLY X 85 59.80 -13.62 80.70
N ASP X 86 60.38 -13.53 81.91
CA ASP X 86 61.50 -14.37 82.29
C ASP X 86 61.52 -14.49 83.81
N CYS X 87 61.35 -15.71 84.32
CA CYS X 87 61.11 -15.91 85.74
C CYS X 87 62.40 -15.89 86.54
N PHE X 88 62.26 -16.00 87.86
CA PHE X 88 63.37 -16.07 88.79
C PHE X 88 63.22 -17.34 89.60
N VAL X 89 64.30 -18.11 89.72
CA VAL X 89 64.27 -19.42 90.35
C VAL X 89 64.78 -19.29 91.78
N HIS X 90 63.94 -19.67 92.74
CA HIS X 90 64.28 -19.54 94.16
C HIS X 90 64.81 -20.85 94.74
N GLY X 91 63.98 -21.90 94.72
CA GLY X 91 64.31 -23.16 95.35
C GLY X 91 64.59 -24.26 94.34
N THR X 92 65.22 -25.32 94.83
CA THR X 92 65.70 -26.40 93.96
C THR X 92 65.92 -27.65 94.80
N MET X 93 65.04 -28.64 94.63
CA MET X 93 65.22 -29.91 95.31
C MET X 93 64.28 -30.98 94.76
N GLY X 94 64.82 -32.16 94.47
CA GLY X 94 63.98 -33.23 93.98
C GLY X 94 63.38 -32.87 92.64
N HIS X 95 62.09 -33.16 92.48
CA HIS X 95 61.40 -32.81 91.24
C HIS X 95 60.94 -31.37 91.20
N PHE X 96 60.96 -30.66 92.32
CA PHE X 96 60.22 -29.43 92.49
C PHE X 96 61.12 -28.21 92.34
N ILE X 97 60.61 -27.19 91.65
CA ILE X 97 61.33 -25.94 91.42
C ILE X 97 60.40 -24.78 91.78
N LEU X 98 60.94 -23.79 92.46
CA LEU X 98 60.19 -22.63 92.91
C LEU X 98 60.52 -21.41 92.06
N ALA X 99 59.50 -20.69 91.62
CA ALA X 99 59.72 -19.56 90.73
C ALA X 99 58.72 -18.45 91.04
N LYS X 100 59.09 -17.23 90.66
CA LYS X 100 58.22 -16.06 90.73
C LYS X 100 58.15 -15.44 89.35
N CYS X 101 57.06 -15.68 88.63
CA CYS X 101 57.02 -15.39 87.21
C CYS X 101 56.20 -14.14 86.90
N PRO X 102 56.54 -13.41 85.85
CA PRO X 102 55.69 -12.32 85.39
C PRO X 102 54.41 -12.85 84.79
N PRO X 103 53.34 -12.05 84.74
CA PRO X 103 52.06 -12.55 84.26
C PRO X 103 52.13 -13.00 82.81
N GLY X 104 51.39 -14.05 82.49
CA GLY X 104 51.43 -14.62 81.16
C GLY X 104 50.49 -15.79 81.06
N GLU X 105 50.46 -16.39 79.87
CA GLU X 105 49.49 -17.43 79.55
C GLU X 105 50.10 -18.82 79.37
N PHE X 106 51.39 -18.98 79.65
CA PHE X 106 52.05 -20.28 79.56
C PHE X 106 53.32 -20.23 80.38
N LEU X 107 53.91 -21.40 80.60
CA LEU X 107 55.26 -21.44 81.16
C LEU X 107 55.99 -22.65 80.61
N GLN X 108 57.30 -22.51 80.45
CA GLN X 108 58.14 -23.58 79.96
C GLN X 108 59.38 -23.71 80.84
N VAL X 109 59.85 -24.95 80.98
CA VAL X 109 61.10 -25.25 81.66
C VAL X 109 61.99 -26.02 80.69
N SER X 110 63.28 -25.71 80.71
CA SER X 110 64.19 -26.33 79.78
C SER X 110 65.58 -26.40 80.40
N ILE X 111 66.41 -27.31 79.88
CA ILE X 111 67.80 -27.39 80.29
C ILE X 111 68.59 -28.11 79.21
N GLN X 112 69.88 -27.81 79.15
CA GLN X 112 70.76 -28.39 78.16
C GLN X 112 70.94 -29.89 78.38
N ASP X 113 70.99 -30.63 77.29
CA ASP X 113 71.17 -32.07 77.30
C ASP X 113 72.63 -32.38 77.64
N THR X 114 73.01 -33.65 77.58
CA THR X 114 74.42 -33.99 77.77
C THR X 114 75.28 -33.39 76.66
N ARG X 115 74.78 -33.43 75.42
CA ARG X 115 75.49 -32.88 74.28
C ARG X 115 75.09 -31.44 73.98
N ASN X 116 74.55 -30.72 74.97
CA ASN X 116 74.21 -29.30 74.86
C ASN X 116 73.12 -29.06 73.82
N ALA X 117 71.98 -29.73 74.01
CA ALA X 117 70.78 -29.49 73.21
C ALA X 117 69.62 -29.22 74.15
N VAL X 118 68.86 -28.15 73.89
CA VAL X 118 67.80 -27.74 74.81
C VAL X 118 66.68 -28.78 74.79
N ARG X 119 66.22 -29.15 75.98
CA ARG X 119 65.08 -30.05 76.14
C ARG X 119 64.00 -29.33 76.94
N ALA X 120 62.92 -28.94 76.27
CA ALA X 120 61.95 -28.02 76.83
C ALA X 120 60.56 -28.66 76.81
N CYS X 121 59.72 -28.21 77.74
CA CYS X 121 58.31 -28.58 77.75
C CYS X 121 57.50 -27.32 78.01
N ARG X 122 56.34 -27.22 77.37
CA ARG X 122 55.50 -26.03 77.46
C ARG X 122 54.09 -26.44 77.87
N ILE X 123 53.56 -25.77 78.88
CA ILE X 123 52.25 -26.07 79.43
C ILE X 123 51.43 -24.80 79.44
N GLN X 124 50.12 -24.91 79.21
CA GLN X 124 49.25 -23.75 79.22
C GLN X 124 48.80 -23.48 80.64
N TYR X 125 49.08 -22.27 81.13
CA TYR X 125 48.81 -21.91 82.51
C TYR X 125 48.50 -20.42 82.57
N HIS X 126 47.35 -20.05 83.11
CA HIS X 126 46.96 -18.65 83.23
C HIS X 126 47.42 -18.12 84.58
N HIS X 127 48.54 -17.40 84.56
CA HIS X 127 49.16 -16.87 85.77
C HIS X 127 48.89 -15.37 85.84
N ASP X 128 48.30 -14.92 86.94
CA ASP X 128 48.06 -13.50 87.16
C ASP X 128 47.97 -13.23 88.65
N PRO X 129 49.05 -12.79 89.29
CA PRO X 129 49.04 -12.65 90.74
C PRO X 129 48.40 -11.35 91.18
N GLN X 130 47.75 -11.39 92.33
CA GLN X 130 47.21 -10.19 92.97
C GLN X 130 47.75 -10.11 94.38
N PRO X 131 48.54 -9.10 94.71
CA PRO X 131 49.13 -9.02 96.05
C PRO X 131 48.06 -8.82 97.11
N VAL X 132 48.36 -9.31 98.31
CA VAL X 132 47.42 -9.21 99.42
C VAL X 132 47.24 -7.75 99.80
N GLY X 133 45.99 -7.36 100.05
CA GLY X 133 45.67 -6.00 100.43
C GLY X 133 44.57 -5.45 99.56
N ARG X 134 44.51 -4.12 99.47
CA ARG X 134 43.50 -3.44 98.68
C ARG X 134 44.06 -2.65 97.51
N GLU X 135 45.38 -2.61 97.34
CA GLU X 135 46.01 -1.98 96.19
C GLU X 135 46.66 -3.04 95.34
N LYS X 136 46.55 -2.89 94.02
CA LYS X 136 47.20 -3.80 93.08
C LYS X 136 48.54 -3.25 92.63
N PHE X 137 49.45 -3.09 93.58
CA PHE X 137 50.78 -2.60 93.28
C PHE X 137 51.61 -3.71 92.62
N THR X 138 52.83 -3.36 92.25
CA THR X 138 53.72 -4.26 91.52
C THR X 138 54.93 -4.69 92.33
N ILE X 139 55.74 -3.75 92.83
CA ILE X 139 56.90 -4.09 93.65
C ILE X 139 56.76 -3.37 94.97
N ARG X 140 57.45 -3.90 95.98
CA ARG X 140 57.26 -3.43 97.34
C ARG X 140 57.81 -2.02 97.50
N PRO X 141 57.21 -1.21 98.36
CA PRO X 141 57.72 0.15 98.57
C PRO X 141 58.80 0.19 99.62
N HIS X 142 59.34 1.37 99.88
CA HIS X 142 60.29 1.57 100.97
C HIS X 142 59.65 2.18 102.20
N TYR X 143 58.33 2.31 102.21
CA TYR X 143 57.58 2.82 103.36
C TYR X 143 56.15 2.35 103.25
N GLY X 144 55.68 1.58 104.22
CA GLY X 144 54.32 1.08 104.15
C GLY X 144 53.98 0.26 105.37
N LYS X 145 52.83 -0.40 105.29
CA LYS X 145 52.34 -1.25 106.36
C LYS X 145 53.01 -2.61 106.30
N GLU X 146 52.54 -3.52 107.15
CA GLU X 146 52.88 -4.93 107.07
C GLU X 146 51.60 -5.75 107.17
N ILE X 147 51.36 -6.60 106.18
CA ILE X 147 50.13 -7.38 106.07
C ILE X 147 50.51 -8.84 106.07
N PRO X 148 49.87 -9.70 106.87
CA PRO X 148 50.22 -11.12 106.85
C PRO X 148 49.89 -11.75 105.50
N CYS X 149 50.72 -12.74 105.13
CA CYS X 149 50.54 -13.50 103.90
C CYS X 149 51.29 -14.81 104.05
N THR X 150 51.10 -15.71 103.08
CA THR X 150 51.69 -17.05 103.14
C THR X 150 52.63 -17.26 101.97
N THR X 151 53.60 -18.16 102.15
CA THR X 151 54.62 -18.39 101.14
C THR X 151 55.19 -19.78 101.33
N TYR X 152 55.99 -20.21 100.35
CA TYR X 152 56.69 -21.49 100.41
C TYR X 152 58.09 -21.27 100.98
N GLN X 153 58.42 -21.97 102.06
CA GLN X 153 59.73 -21.80 102.66
C GLN X 153 60.76 -22.74 102.04
N GLN X 154 62.01 -22.51 102.39
CA GLN X 154 63.13 -23.31 101.91
C GLN X 154 63.48 -24.47 102.84
N THR X 155 62.81 -24.59 103.97
CA THR X 155 63.08 -25.70 104.88
C THR X 155 62.64 -27.02 104.26
N THR X 156 63.37 -28.08 104.62
CA THR X 156 63.07 -29.43 104.17
C THR X 156 62.93 -30.37 105.36
N ALA X 157 62.34 -29.87 106.44
CA ALA X 157 62.11 -30.67 107.64
C ALA X 157 60.88 -31.55 107.43
N LYS X 158 60.35 -32.12 108.52
CA LYS X 158 59.15 -32.93 108.43
C LYS X 158 57.97 -32.05 107.98
N THR X 159 57.22 -32.53 106.99
CA THR X 159 56.22 -31.68 106.34
C THR X 159 54.82 -32.26 106.32
N VAL X 160 54.64 -33.58 106.45
CA VAL X 160 53.33 -34.22 106.35
C VAL X 160 52.82 -34.00 104.93
N GLU X 161 53.43 -34.69 103.98
CA GLU X 161 53.08 -34.60 102.57
C GLU X 161 53.34 -35.96 101.93
N GLU X 162 52.74 -36.18 100.76
CA GLU X 162 52.82 -37.49 100.14
C GLU X 162 52.95 -37.38 98.63
N ILE X 163 53.74 -38.28 98.08
CA ILE X 163 53.75 -38.61 96.66
C ILE X 163 53.64 -40.11 96.53
N ASP X 164 52.72 -40.58 95.70
CA ASP X 164 52.63 -42.01 95.44
C ASP X 164 53.76 -42.43 94.50
N MET X 165 54.46 -43.49 94.87
CA MET X 165 55.56 -44.01 94.08
C MET X 165 55.33 -45.49 93.81
N HIS X 166 55.72 -45.95 92.63
CA HIS X 166 55.57 -47.36 92.29
C HIS X 166 56.72 -47.77 91.37
N MET X 167 56.86 -49.08 91.18
CA MET X 167 57.92 -49.61 90.35
C MET X 167 57.61 -49.38 88.87
N PRO X 168 58.63 -49.11 88.04
CA PRO X 168 58.36 -48.78 86.65
C PRO X 168 57.85 -50.00 85.90
N PRO X 169 57.12 -49.80 84.81
CA PRO X 169 56.58 -50.92 84.04
C PRO X 169 57.65 -51.57 83.18
N ASP X 170 57.22 -52.50 82.34
CA ASP X 170 58.12 -53.23 81.45
C ASP X 170 58.42 -52.37 80.24
N THR X 171 59.50 -51.62 80.30
CA THR X 171 59.83 -50.68 79.24
C THR X 171 60.16 -51.45 77.96
N PRO X 172 59.48 -51.17 76.85
CA PRO X 172 59.78 -51.87 75.60
C PRO X 172 60.83 -51.13 74.78
N ASP X 173 61.54 -51.91 73.98
CA ASP X 173 62.59 -51.37 73.13
C ASP X 173 62.75 -52.27 71.92
N ARG X 174 63.35 -51.72 70.86
CA ARG X 174 63.59 -52.47 69.64
C ARG X 174 65.01 -52.34 69.10
N THR X 175 65.82 -51.44 69.65
CA THR X 175 67.20 -51.34 69.20
C THR X 175 68.07 -52.48 69.73
N LEU X 176 67.55 -53.31 70.62
CA LEU X 176 68.31 -54.42 71.16
C LEU X 176 68.22 -55.69 70.33
N LEU X 177 67.34 -55.74 69.33
CA LEU X 177 67.29 -56.89 68.44
C LEU X 177 68.17 -56.63 67.22
N SER X 178 69.07 -57.55 66.93
CA SER X 178 70.02 -57.42 65.84
C SER X 178 70.00 -58.71 65.02
N GLN X 179 69.44 -58.64 63.83
CA GLN X 179 69.33 -59.80 62.95
C GLN X 179 70.61 -59.95 62.15
N GLN X 180 71.37 -61.02 62.39
CA GLN X 180 72.64 -61.19 61.69
C GLN X 180 72.49 -62.05 60.43
N SER X 181 72.09 -63.31 60.59
CA SER X 181 71.85 -64.18 59.44
C SER X 181 70.95 -65.33 59.92
N GLY X 182 69.66 -65.22 59.65
CA GLY X 182 68.73 -66.23 60.12
C GLY X 182 68.66 -66.35 61.62
N ASN X 183 69.18 -65.36 62.35
CA ASN X 183 69.19 -65.39 63.81
C ASN X 183 69.33 -63.96 64.31
N VAL X 184 68.92 -63.75 65.56
CA VAL X 184 68.99 -62.43 66.17
C VAL X 184 69.78 -62.53 67.47
N LYS X 185 70.35 -61.40 67.88
CA LYS X 185 71.06 -61.30 69.15
C LYS X 185 70.45 -60.20 69.99
N ILE X 186 70.50 -60.39 71.30
CA ILE X 186 69.93 -59.45 72.27
C ILE X 186 71.07 -58.80 73.03
N THR X 187 71.06 -57.47 73.09
CA THR X 187 72.09 -56.73 73.80
C THR X 187 71.84 -56.83 75.32
N VAL X 188 72.89 -56.59 76.09
CA VAL X 188 72.86 -56.67 77.55
C VAL X 188 73.46 -55.42 78.14
N GLY X 189 73.75 -55.45 79.43
CA GLY X 189 74.29 -54.30 80.13
C GLY X 189 73.75 -54.18 81.54
N GLY X 190 72.98 -55.18 81.95
CA GLY X 190 72.40 -55.21 83.27
C GLY X 190 70.89 -55.32 83.18
N LYS X 191 70.37 -55.11 81.97
CA LYS X 191 68.94 -55.08 81.74
C LYS X 191 68.47 -56.51 81.52
N LYS X 192 67.80 -57.09 82.51
CA LYS X 192 67.26 -58.43 82.36
C LYS X 192 66.03 -58.39 81.45
N VAL X 193 66.27 -58.40 80.15
CA VAL X 193 65.21 -58.22 79.16
C VAL X 193 64.29 -59.42 79.11
N LYS X 194 63.00 -59.15 79.01
CA LYS X 194 61.97 -60.17 78.80
C LYS X 194 61.71 -60.30 77.31
N TYR X 195 61.32 -61.51 76.88
CA TYR X 195 61.11 -61.80 75.48
C TYR X 195 59.85 -62.62 75.28
N ASN X 196 59.34 -62.57 74.05
CA ASN X 196 58.19 -63.36 73.63
C ASN X 196 58.26 -63.50 72.11
N CYS X 197 58.28 -64.73 71.61
CA CYS X 197 58.45 -64.97 70.18
C CYS X 197 57.45 -66.00 69.71
N THR X 198 57.16 -65.98 68.41
CA THR X 198 56.12 -66.81 67.81
C THR X 198 56.69 -68.02 67.07
N CYS X 199 58.01 -68.08 66.90
CA CYS X 199 58.65 -69.06 66.01
C CYS X 199 58.86 -70.38 66.77
N GLY X 200 58.10 -71.39 66.35
CA GLY X 200 58.31 -72.75 66.82
C GLY X 200 58.21 -72.92 68.32
N THR X 201 57.01 -72.73 68.86
CA THR X 201 56.73 -72.81 70.29
C THR X 201 57.34 -71.59 70.99
N GLY X 202 58.11 -70.82 70.22
CA GLY X 202 58.71 -69.58 70.68
C GLY X 202 59.53 -69.72 71.94
N ASN X 203 59.63 -68.62 72.70
CA ASN X 203 60.40 -68.57 73.93
C ASN X 203 59.73 -67.59 74.86
N VAL X 204 59.22 -68.10 75.99
CA VAL X 204 58.63 -67.25 77.02
C VAL X 204 59.55 -67.25 78.23
N GLY X 205 59.74 -66.09 78.84
CA GLY X 205 60.61 -65.98 79.99
C GLY X 205 61.60 -64.84 79.84
N THR X 206 62.36 -64.56 80.89
CA THR X 206 63.29 -63.44 80.90
C THR X 206 64.72 -63.96 80.98
N THR X 207 65.60 -63.36 80.18
CA THR X 207 67.01 -63.71 80.20
C THR X 207 67.79 -62.71 81.04
N ASN X 208 69.11 -62.89 81.12
CA ASN X 208 69.95 -61.95 81.85
C ASN X 208 71.23 -61.72 81.05
N SER X 209 71.49 -62.59 80.09
CA SER X 209 72.67 -62.50 79.23
C SER X 209 72.24 -62.59 77.77
N ASP X 210 73.22 -62.64 76.88
CA ASP X 210 72.95 -62.68 75.45
C ASP X 210 72.19 -63.95 75.08
N MET X 211 71.53 -63.89 73.92
CA MET X 211 70.71 -65.01 73.48
C MET X 211 70.60 -64.96 71.97
N THR X 212 70.41 -66.13 71.37
CA THR X 212 70.26 -66.29 69.93
C THR X 212 68.98 -67.07 69.66
N ILE X 213 68.38 -66.85 68.49
CA ILE X 213 67.11 -67.47 68.16
C ILE X 213 67.29 -68.56 67.10
N ASN X 214 68.10 -68.29 66.09
CA ASN X 214 68.46 -69.25 65.04
C ASN X 214 67.28 -69.69 64.19
N THR X 215 66.07 -69.22 64.50
CA THR X 215 64.89 -69.74 63.83
C THR X 215 64.16 -68.68 63.01
N CYS X 216 63.74 -67.59 63.65
CA CYS X 216 62.78 -66.67 63.08
C CYS X 216 63.41 -65.31 62.81
N LEU X 217 62.58 -64.35 62.42
CA LEU X 217 62.99 -63.02 62.01
C LEU X 217 62.87 -62.04 63.18
N ILE X 218 63.06 -60.75 62.88
CA ILE X 218 62.99 -59.73 63.91
C ILE X 218 61.56 -59.55 64.40
N GLU X 219 60.60 -59.55 63.49
CA GLU X 219 59.23 -59.17 63.86
C GLU X 219 58.48 -60.33 64.48
N GLN X 220 59.14 -61.04 65.40
CA GLN X 220 58.46 -62.02 66.23
C GLN X 220 58.96 -61.92 67.66
N CYS X 221 60.21 -61.48 67.84
CA CYS X 221 60.78 -61.37 69.17
C CYS X 221 60.78 -59.91 69.64
N HIS X 222 60.86 -59.73 70.95
CA HIS X 222 60.64 -58.41 71.53
C HIS X 222 61.53 -58.22 72.74
N VAL X 223 61.74 -56.96 73.07
CA VAL X 223 62.58 -56.55 74.17
C VAL X 223 61.72 -55.77 75.15
N SER X 224 61.74 -56.19 76.42
CA SER X 224 60.95 -55.54 77.46
C SER X 224 61.81 -55.50 78.71
N VAL X 225 62.63 -54.46 78.85
CA VAL X 225 63.50 -54.35 80.01
C VAL X 225 62.65 -54.17 81.26
N THR X 226 62.95 -54.95 82.29
CA THR X 226 62.16 -54.87 83.52
C THR X 226 62.77 -53.95 84.56
N ASP X 227 64.11 -53.95 84.67
CA ASP X 227 64.82 -53.15 85.66
C ASP X 227 64.33 -53.43 87.08
N HIS X 228 63.27 -52.75 87.49
CA HIS X 228 62.83 -52.73 88.88
C HIS X 228 63.90 -52.11 89.74
N LYS X 229 63.86 -52.37 91.04
CA LYS X 229 64.82 -51.94 92.06
C LYS X 229 64.78 -50.44 92.33
N LYS X 230 63.86 -49.68 91.73
CA LYS X 230 63.80 -48.25 91.95
C LYS X 230 62.38 -47.75 91.72
N TRP X 231 61.88 -46.96 92.67
CA TRP X 231 60.55 -46.36 92.56
C TRP X 231 60.59 -45.17 91.60
N GLN X 232 59.61 -45.09 90.69
CA GLN X 232 59.67 -44.04 89.68
C GLN X 232 58.79 -42.82 89.99
N PHE X 233 57.47 -42.97 89.88
CA PHE X 233 56.44 -41.98 90.21
C PHE X 233 55.11 -42.56 89.80
N ASN X 234 54.04 -42.02 90.36
CA ASN X 234 52.68 -42.44 89.99
C ASN X 234 52.10 -41.40 89.04
N SER X 235 52.59 -41.41 87.81
CA SER X 235 52.15 -40.40 86.85
C SER X 235 51.18 -41.01 85.86
N PRO X 236 50.17 -40.26 85.40
CA PRO X 236 49.21 -40.82 84.45
C PRO X 236 49.78 -41.08 83.07
N PHE X 237 50.99 -40.64 82.77
CA PHE X 237 51.57 -40.85 81.46
C PHE X 237 52.42 -42.12 81.36
N VAL X 238 52.58 -42.87 82.45
CA VAL X 238 53.34 -44.11 82.42
C VAL X 238 52.54 -45.20 83.11
N PRO X 239 52.37 -46.37 82.50
CA PRO X 239 51.41 -47.35 83.01
C PRO X 239 51.85 -48.10 84.25
N ARG X 240 50.94 -48.86 84.86
CA ARG X 240 51.26 -49.72 85.98
C ARG X 240 51.61 -51.12 85.52
N ALA X 241 52.30 -51.86 86.38
CA ALA X 241 52.66 -53.23 86.09
C ALA X 241 51.72 -54.26 86.72
N ASP X 242 50.79 -53.81 87.56
CA ASP X 242 49.91 -54.75 88.26
C ASP X 242 48.64 -54.04 88.70
N GLU X 243 47.51 -54.76 88.62
CA GLU X 243 46.20 -54.17 88.89
C GLU X 243 46.02 -53.68 90.32
N PRO X 244 46.30 -54.50 91.37
CA PRO X 244 46.00 -54.04 92.73
C PRO X 244 46.94 -52.95 93.22
N ALA X 245 47.98 -52.67 92.43
CA ALA X 245 48.92 -51.58 92.68
C ALA X 245 49.76 -51.80 93.93
N ARG X 246 50.86 -51.07 94.05
CA ARG X 246 51.75 -51.21 95.18
C ARG X 246 51.82 -49.95 96.03
N LYS X 247 52.20 -48.83 95.41
CA LYS X 247 52.17 -47.51 96.03
C LYS X 247 53.24 -47.35 97.10
N GLY X 248 53.83 -46.17 97.16
CA GLY X 248 54.78 -45.81 98.20
C GLY X 248 54.42 -44.46 98.80
N LYS X 249 55.40 -43.84 99.45
CA LYS X 249 55.20 -42.52 100.03
C LYS X 249 56.54 -41.81 100.12
N VAL X 250 56.59 -40.59 99.60
CA VAL X 250 57.75 -39.71 99.74
C VAL X 250 57.22 -38.32 100.09
N HIS X 251 58.03 -37.58 100.85
CA HIS X 251 57.65 -36.25 101.29
C HIS X 251 58.16 -35.19 100.31
N ILE X 252 57.28 -34.31 99.89
CA ILE X 252 57.66 -33.21 99.00
C ILE X 252 58.29 -32.12 99.87
N PRO X 253 59.25 -31.37 99.35
CA PRO X 253 59.88 -30.30 100.14
C PRO X 253 59.05 -29.02 100.07
N PHE X 254 59.58 -27.97 100.69
CA PHE X 254 59.03 -26.63 100.63
C PHE X 254 57.60 -26.56 101.14
N PRO X 255 57.40 -26.59 102.46
CA PRO X 255 56.05 -26.42 103.00
C PRO X 255 55.60 -24.97 102.89
N LEU X 256 54.38 -24.71 103.36
CA LEU X 256 53.78 -23.39 103.30
C LEU X 256 53.73 -22.77 104.70
N ASP X 257 54.09 -21.49 104.80
CA ASP X 257 54.34 -20.88 106.09
C ASP X 257 53.91 -19.42 106.10
N ASN X 258 53.67 -18.88 107.29
CA ASN X 258 53.27 -17.48 107.44
C ASN X 258 54.47 -16.56 107.36
N ILE X 259 54.32 -15.45 106.64
CA ILE X 259 55.23 -14.32 106.69
C ILE X 259 54.41 -13.03 106.66
N THR X 260 55.11 -11.91 106.62
CA THR X 260 54.47 -10.60 106.51
C THR X 260 54.96 -9.90 105.25
N CYS X 261 54.03 -9.32 104.50
CA CYS X 261 54.32 -8.63 103.26
C CYS X 261 54.18 -7.13 103.47
N ARG X 262 55.05 -6.36 102.82
CA ARG X 262 54.99 -4.91 102.93
C ARG X 262 54.17 -4.35 101.77
N VAL X 263 53.20 -3.50 102.11
CA VAL X 263 52.26 -2.96 101.13
C VAL X 263 52.27 -1.44 101.25
N PRO X 264 51.99 -0.70 100.18
CA PRO X 264 52.00 0.76 100.25
C PRO X 264 50.67 1.31 100.71
N MET X 265 50.72 2.53 101.25
CA MET X 265 49.52 3.25 101.63
C MET X 265 49.34 4.42 100.68
N ALA X 266 48.17 4.50 100.05
CA ALA X 266 47.92 5.52 99.05
C ALA X 266 47.71 6.89 99.71
N ARG X 267 47.80 7.94 98.88
CA ARG X 267 47.69 9.30 99.35
C ARG X 267 46.29 9.59 99.88
N GLU X 268 46.20 10.55 100.79
CA GLU X 268 44.92 11.02 101.28
C GLU X 268 44.24 11.88 100.22
N PRO X 269 42.94 11.71 99.98
CA PRO X 269 42.25 12.54 99.00
C PRO X 269 41.98 13.92 99.54
N THR X 270 41.63 14.82 98.62
CA THR X 270 41.28 16.20 98.96
C THR X 270 39.77 16.30 99.12
N VAL X 271 39.32 16.73 100.30
CA VAL X 271 37.90 16.84 100.60
C VAL X 271 37.47 18.29 100.46
N ILE X 272 36.33 18.50 99.81
CA ILE X 272 35.69 19.81 99.74
C ILE X 272 34.29 19.66 100.31
N HIS X 273 33.96 20.48 101.31
CA HIS X 273 32.72 20.33 102.04
C HIS X 273 31.56 21.01 101.33
N GLY X 274 30.39 20.39 101.42
CA GLY X 274 29.18 20.96 100.85
C GLY X 274 28.02 20.85 101.82
N LYS X 275 26.79 21.03 101.34
CA LYS X 275 25.62 20.88 102.19
C LYS X 275 25.20 19.41 102.18
N ARG X 276 25.60 18.69 103.23
CA ARG X 276 25.37 17.24 103.34
C ARG X 276 25.99 16.50 102.16
N GLU X 277 27.15 16.96 101.71
CA GLU X 277 27.89 16.29 100.66
C GLU X 277 29.37 16.57 100.85
N VAL X 278 30.20 15.65 100.37
CA VAL X 278 31.65 15.83 100.33
C VAL X 278 32.10 15.56 98.91
N THR X 279 32.74 16.55 98.29
CA THR X 279 33.34 16.38 96.98
C THR X 279 34.80 16.02 97.19
N LEU X 280 35.22 14.91 96.57
CA LEU X 280 36.37 14.15 97.03
C LEU X 280 37.25 13.86 95.83
N HIS X 281 38.48 14.38 95.82
CA HIS X 281 39.38 14.27 94.68
C HIS X 281 40.37 13.14 94.93
N LEU X 282 40.42 12.18 94.01
CA LEU X 282 41.16 10.94 94.18
C LEU X 282 42.30 10.87 93.16
N HIS X 283 43.51 10.59 93.64
CA HIS X 283 44.70 10.49 92.80
C HIS X 283 45.44 9.18 93.05
N PRO X 284 45.10 8.12 92.34
CA PRO X 284 45.82 6.86 92.49
C PRO X 284 46.96 6.69 91.51
N ASP X 285 47.91 5.83 91.90
CA ASP X 285 49.01 5.42 91.03
C ASP X 285 48.82 4.04 90.45
N HIS X 286 48.04 3.19 91.10
CA HIS X 286 47.77 1.82 90.70
C HIS X 286 46.38 1.48 91.21
N PRO X 287 45.69 0.52 90.61
CA PRO X 287 44.30 0.29 90.98
C PRO X 287 44.08 0.11 92.47
N THR X 288 43.44 1.07 93.12
CA THR X 288 43.13 0.99 94.54
C THR X 288 41.63 0.88 94.73
N LEU X 289 41.22 0.26 95.83
CA LEU X 289 39.82 0.07 96.14
C LEU X 289 39.31 1.24 96.96
N PHE X 290 38.20 1.83 96.54
CA PHE X 290 37.55 2.91 97.26
C PHE X 290 36.15 2.46 97.60
N SER X 291 35.78 2.55 98.87
CA SER X 291 34.46 2.16 99.30
C SER X 291 34.02 3.02 100.47
N TYR X 292 32.72 3.25 100.56
CA TYR X 292 32.14 4.07 101.60
C TYR X 292 30.77 3.52 101.96
N ARG X 293 30.29 3.88 103.14
CA ARG X 293 28.93 3.52 103.54
C ARG X 293 28.40 4.56 104.49
N THR X 294 27.10 4.81 104.42
CA THR X 294 26.43 5.74 105.31
C THR X 294 25.97 4.99 106.55
N LEU X 295 26.41 5.44 107.71
CA LEU X 295 26.29 4.67 108.93
C LEU X 295 25.02 5.02 109.70
N GLY X 296 23.90 4.94 108.98
CA GLY X 296 22.59 5.14 109.55
C GLY X 296 21.83 3.83 109.69
N GLU X 297 20.51 3.96 109.85
CA GLU X 297 19.66 2.77 109.95
C GLU X 297 19.66 1.99 108.64
N ASP X 298 19.55 2.67 107.52
CA ASP X 298 19.56 2.04 106.20
C ASP X 298 20.75 2.58 105.41
N PRO X 299 21.86 1.85 105.34
CA PRO X 299 23.08 2.42 104.77
C PRO X 299 23.02 2.54 103.26
N GLN X 300 23.87 3.43 102.73
CA GLN X 300 24.06 3.59 101.30
C GLN X 300 25.42 3.00 100.94
N TYR X 301 25.39 1.75 100.48
CA TYR X 301 26.57 0.96 100.22
C TYR X 301 27.13 1.22 98.82
N HIS X 302 28.47 1.20 98.69
CA HIS X 302 29.12 1.32 97.39
C HIS X 302 30.60 0.99 97.51
N GLU X 303 31.13 0.34 96.47
CA GLU X 303 32.56 0.06 96.42
C GLU X 303 33.00 -0.08 94.97
N GLU X 304 34.25 0.27 94.70
CA GLU X 304 34.71 0.46 93.32
C GLU X 304 36.22 0.30 93.28
N TRP X 305 36.73 -0.01 92.08
CA TRP X 305 38.17 -0.17 91.84
C TRP X 305 38.63 1.07 91.06
N VAL X 306 39.03 2.11 91.78
CA VAL X 306 39.46 3.34 91.12
C VAL X 306 40.81 3.11 90.46
N THR X 307 40.90 3.45 89.18
CA THR X 307 42.12 3.24 88.39
C THR X 307 42.79 4.55 87.98
N ALA X 308 42.04 5.49 87.42
CA ALA X 308 42.58 6.76 86.97
C ALA X 308 42.12 7.89 87.88
N ALA X 309 42.70 9.06 87.67
CA ALA X 309 42.37 10.21 88.50
C ALA X 309 40.92 10.63 88.28
N VAL X 310 40.11 10.49 89.32
CA VAL X 310 38.67 10.71 89.22
C VAL X 310 38.25 11.72 90.29
N GLU X 311 36.95 11.90 90.42
CA GLU X 311 36.36 12.87 91.33
C GLU X 311 34.99 12.35 91.76
N ARG X 312 34.76 12.26 93.06
CA ARG X 312 33.56 11.63 93.58
C ARG X 312 32.80 12.59 94.49
N THR X 313 31.48 12.46 94.47
CA THR X 313 30.60 13.18 95.39
C THR X 313 29.81 12.16 96.19
N ILE X 314 29.92 12.24 97.52
CA ILE X 314 29.36 11.23 98.41
C ILE X 314 28.49 11.90 99.46
N PRO X 315 27.33 11.34 99.79
CA PRO X 315 26.42 12.02 100.71
C PRO X 315 26.77 11.76 102.16
N VAL X 316 26.66 12.81 102.98
CA VAL X 316 26.96 12.75 104.40
C VAL X 316 25.77 13.23 105.20
N PRO X 317 24.82 12.38 105.55
CA PRO X 317 23.68 12.84 106.33
C PRO X 317 24.06 13.20 107.76
N VAL X 318 23.08 13.53 108.60
CA VAL X 318 23.35 13.85 109.99
C VAL X 318 23.87 12.65 110.76
N ASP X 319 23.64 11.43 110.27
CA ASP X 319 24.17 10.24 110.93
C ASP X 319 25.66 10.10 110.72
N GLY X 320 26.18 10.60 109.61
CA GLY X 320 27.60 10.49 109.32
C GLY X 320 27.87 9.40 108.29
N MET X 321 29.13 9.29 107.91
CA MET X 321 29.54 8.22 107.01
C MET X 321 31.03 8.00 107.12
N GLU X 322 31.49 6.86 106.61
CA GLU X 322 32.89 6.50 106.61
C GLU X 322 33.30 6.04 105.22
N TYR X 323 34.53 6.36 104.83
CA TYR X 323 35.06 5.96 103.53
C TYR X 323 36.44 5.35 103.71
N HIS X 324 36.73 4.34 102.90
CA HIS X 324 37.92 3.53 103.04
C HIS X 324 38.70 3.60 101.73
N TRP X 325 39.83 4.29 101.73
CA TRP X 325 40.57 4.59 100.51
C TRP X 325 41.90 3.86 100.53
N GLY X 326 41.99 2.77 99.77
CA GLY X 326 43.27 2.07 99.69
C GLY X 326 43.54 1.30 100.96
N ASN X 327 44.78 1.40 101.44
CA ASN X 327 45.20 0.73 102.66
C ASN X 327 45.09 1.61 103.90
N ASN X 328 44.66 2.85 103.75
CA ASN X 328 44.54 3.74 104.89
C ASN X 328 43.38 3.29 105.80
N ASP X 329 43.43 3.76 107.05
CA ASP X 329 42.35 3.47 107.98
C ASP X 329 41.08 4.23 107.58
N PRO X 330 39.91 3.67 107.86
CA PRO X 330 38.67 4.36 107.51
C PRO X 330 38.52 5.66 108.29
N VAL X 331 37.92 6.65 107.63
CA VAL X 331 37.73 7.98 108.19
C VAL X 331 36.24 8.27 108.21
N ARG X 332 35.75 8.80 109.33
CA ARG X 332 34.34 9.07 109.52
C ARG X 332 34.10 10.58 109.50
N LEU X 333 33.01 10.98 108.87
CA LEU X 333 32.62 12.38 108.75
C LEU X 333 31.14 12.52 109.10
N TRP X 334 30.82 13.54 109.89
CA TRP X 334 29.45 13.79 110.33
C TRP X 334 29.02 15.16 109.86
N SER X 335 27.81 15.24 109.31
CA SER X 335 27.26 16.53 108.92
C SER X 335 26.70 17.25 110.14
N GLN X 336 26.46 18.54 110.00
CA GLN X 336 26.14 19.39 111.12
C GLN X 336 24.90 20.20 110.78
N LEU X 337 24.08 20.50 111.81
CA LEU X 337 22.75 21.07 111.58
C LEU X 337 22.90 22.52 111.12
N THR X 338 23.16 22.69 109.82
CA THR X 338 23.33 24.00 109.22
C THR X 338 22.23 24.23 108.20
N THR X 339 21.86 25.50 108.03
CA THR X 339 20.77 25.88 107.13
C THR X 339 21.01 27.30 106.64
N GLU X 340 20.03 27.85 105.94
CA GLU X 340 20.16 29.15 105.31
C GLU X 340 19.14 30.19 105.77
N GLY X 341 18.07 29.78 106.42
CA GLY X 341 17.07 30.73 106.89
C GLY X 341 17.58 31.51 108.08
N LYS X 342 16.72 32.40 108.56
CA LYS X 342 17.03 33.24 109.72
C LYS X 342 16.03 32.97 110.83
N PRO X 343 16.40 32.21 111.87
CA PRO X 343 15.46 31.96 112.96
C PRO X 343 15.26 33.22 113.80
N HIS X 344 14.15 33.23 114.54
CA HIS X 344 13.79 34.37 115.38
C HIS X 344 13.67 35.66 114.58
N GLY X 345 13.18 35.57 113.35
CA GLY X 345 12.95 36.74 112.55
C GLY X 345 11.49 36.89 112.20
N TRP X 346 11.21 37.44 111.03
CA TRP X 346 9.84 37.59 110.60
C TRP X 346 9.27 36.21 110.29
N PRO X 347 7.94 36.07 110.28
CA PRO X 347 7.34 34.75 110.07
C PRO X 347 7.76 34.07 108.78
N HIS X 348 8.18 34.81 107.77
CA HIS X 348 8.62 34.21 106.52
C HIS X 348 10.08 33.80 106.54
N GLN X 349 10.79 34.05 107.64
CA GLN X 349 12.16 33.58 107.79
C GLN X 349 12.27 32.34 108.67
N ILE X 350 11.38 32.19 109.65
CA ILE X 350 11.37 30.95 110.43
C ILE X 350 10.97 29.77 109.54
N VAL X 351 10.09 30.01 108.58
CA VAL X 351 9.72 28.96 107.63
C VAL X 351 10.93 28.56 106.79
N GLN X 352 11.71 29.54 106.34
CA GLN X 352 12.93 29.20 105.61
C GLN X 352 13.89 28.41 106.48
N TYR X 353 14.07 28.84 107.73
CA TYR X 353 15.01 28.16 108.62
C TYR X 353 14.60 26.72 108.84
N TYR X 354 13.32 26.47 109.09
CA TYR X 354 12.84 25.11 109.29
C TYR X 354 12.55 24.39 107.99
N TYR X 355 12.78 25.04 106.84
CA TYR X 355 12.73 24.36 105.56
C TYR X 355 14.10 23.88 105.12
N GLY X 356 15.16 24.62 105.46
CA GLY X 356 16.49 24.13 105.22
C GLY X 356 16.75 22.82 105.94
N LEU X 357 16.25 22.72 107.16
CA LEU X 357 16.24 21.48 107.92
C LEU X 357 14.90 20.80 107.69
N TYR X 358 14.93 19.52 107.36
CA TYR X 358 13.71 18.72 107.25
C TYR X 358 12.78 19.33 106.20
N PRO X 359 13.14 19.29 104.91
CA PRO X 359 12.34 20.02 103.93
C PRO X 359 11.11 19.26 103.46
N ALA X 360 10.54 18.44 104.33
CA ALA X 360 9.36 17.66 103.97
C ALA X 360 8.22 17.77 104.96
N ALA X 361 8.50 18.06 106.23
CA ALA X 361 7.46 18.27 107.22
C ALA X 361 7.09 19.74 107.38
N THR X 362 8.01 20.66 107.07
CA THR X 362 7.70 22.08 107.16
C THR X 362 6.58 22.44 106.21
N VAL X 363 6.63 21.95 104.97
CA VAL X 363 5.59 22.26 104.00
C VAL X 363 4.26 21.73 104.47
N SER X 364 4.24 20.49 104.95
CA SER X 364 2.99 19.88 105.39
C SER X 364 2.40 20.65 106.58
N ALA X 365 3.23 21.01 107.55
CA ALA X 365 2.72 21.73 108.71
C ALA X 365 2.21 23.12 108.32
N VAL X 366 2.92 23.81 107.44
CA VAL X 366 2.48 25.14 107.01
C VAL X 366 1.15 25.04 106.29
N VAL X 367 1.01 24.04 105.40
CA VAL X 367 -0.25 23.87 104.67
C VAL X 367 -1.39 23.58 105.64
N GLY X 368 -1.15 22.69 106.62
CA GLY X 368 -2.21 22.38 107.57
C GLY X 368 -2.65 23.59 108.36
N MET X 369 -1.69 24.37 108.87
CA MET X 369 -2.05 25.55 109.65
C MET X 369 -2.79 26.56 108.79
N SER X 370 -2.37 26.75 107.54
CA SER X 370 -3.04 27.70 106.67
C SER X 370 -4.48 27.28 106.39
N LEU X 371 -4.70 25.99 106.12
CA LEU X 371 -6.07 25.54 105.89
C LEU X 371 -6.93 25.68 107.14
N LEU X 372 -6.38 25.41 108.31
CA LEU X 372 -7.14 25.60 109.54
C LEU X 372 -7.53 27.07 109.71
N ALA X 373 -6.59 27.98 109.43
CA ALA X 373 -6.90 29.39 109.55
C ALA X 373 -8.00 29.81 108.59
N LEU X 374 -7.93 29.34 107.35
CA LEU X 374 -8.98 29.68 106.38
C LEU X 374 -10.33 29.13 106.80
N ILE X 375 -10.38 27.88 107.27
CA ILE X 375 -11.65 27.32 107.70
C ILE X 375 -12.24 28.13 108.86
N SER X 376 -11.40 28.47 109.85
CA SER X 376 -11.90 29.23 110.99
C SER X 376 -12.43 30.59 110.55
N ILE X 377 -11.69 31.29 109.68
CA ILE X 377 -12.12 32.64 109.31
C ILE X 377 -13.38 32.59 108.46
N PHE X 378 -13.50 31.60 107.57
CA PHE X 378 -14.72 31.48 106.79
C PHE X 378 -15.92 31.14 107.67
N ALA X 379 -15.73 30.26 108.66
CA ALA X 379 -16.83 29.97 109.57
C ALA X 379 -17.27 31.20 110.34
N SER X 380 -16.31 32.00 110.82
CA SER X 380 -16.67 33.21 111.56
C SER X 380 -17.43 34.20 110.67
N CYS X 381 -16.94 34.40 109.45
CA CYS X 381 -17.62 35.33 108.54
C CYS X 381 -19.03 34.83 108.23
N TYR X 382 -19.18 33.52 108.06
CA TYR X 382 -20.51 32.94 107.86
C TYR X 382 -21.43 33.20 109.04
N MET X 383 -20.90 33.06 110.26
CA MET X 383 -21.73 33.32 111.43
C MET X 383 -22.19 34.76 111.47
N LEU X 384 -21.30 35.71 111.16
CA LEU X 384 -21.71 37.11 111.12
C LEU X 384 -22.80 37.34 110.06
N VAL X 385 -22.62 36.75 108.87
CA VAL X 385 -23.61 36.97 107.81
C VAL X 385 -24.96 36.41 108.21
N ALA X 386 -24.98 35.19 108.75
CA ALA X 386 -26.24 34.58 109.15
C ALA X 386 -26.91 35.36 110.28
N ALA X 387 -26.13 35.83 111.25
CA ALA X 387 -26.70 36.63 112.33
C ALA X 387 -27.31 37.91 111.80
N ARG X 388 -26.63 38.58 110.87
CA ARG X 388 -27.18 39.80 110.29
C ARG X 388 -28.47 39.51 109.54
N SER X 389 -28.49 38.41 108.78
CA SER X 389 -29.71 38.07 108.03
C SER X 389 -30.87 37.80 108.98
N LYS X 390 -30.61 37.10 110.07
CA LYS X 390 -31.67 36.80 111.04
C LYS X 390 -32.17 38.08 111.71
N CYS X 391 -31.25 38.98 112.09
CA CYS X 391 -31.64 40.13 112.89
C CYS X 391 -32.11 41.31 112.05
N LEU X 392 -31.97 41.26 110.72
CA LEU X 392 -32.43 42.34 109.87
C LEU X 392 -33.61 41.99 108.99
N THR X 393 -34.03 40.72 108.96
CA THR X 393 -35.25 40.35 108.26
C THR X 393 -36.55 40.66 109.00
N PRO X 394 -36.61 40.61 110.36
CA PRO X 394 -37.91 40.89 111.00
C PRO X 394 -38.43 42.28 110.72
N TYR X 395 -37.56 43.28 110.71
CA TYR X 395 -37.93 44.66 110.41
C TYR X 395 -38.04 44.91 108.91
N ALA X 396 -37.76 43.90 108.09
CA ALA X 396 -37.76 44.04 106.65
C ALA X 396 -38.94 43.34 105.98
N LEU X 397 -39.98 43.02 106.74
CA LEU X 397 -41.23 42.51 106.18
C LEU X 397 -42.40 43.47 106.35
N THR X 398 -42.18 44.61 107.00
CA THR X 398 -43.21 45.61 107.22
C THR X 398 -42.64 46.98 106.89
N PRO X 399 -43.48 47.90 106.42
CA PRO X 399 -43.01 49.27 106.18
C PRO X 399 -42.82 50.04 107.47
N GLY X 400 -41.82 49.66 108.27
CA GLY X 400 -41.58 50.26 109.56
C GLY X 400 -40.29 51.06 109.62
N ALA X 401 -40.11 51.72 110.77
CA ALA X 401 -38.94 52.54 111.01
C ALA X 401 -37.74 51.67 111.34
N ALA X 402 -36.58 52.02 110.79
CA ALA X 402 -35.37 51.25 111.02
C ALA X 402 -34.66 51.64 112.31
N VAL X 403 -35.20 52.59 113.07
CA VAL X 403 -34.65 52.99 114.36
C VAL X 403 -33.23 53.51 114.17
N PRO X 404 -33.04 54.74 113.68
CA PRO X 404 -31.68 55.26 113.39
C PRO X 404 -30.61 54.88 114.40
N TRP X 405 -30.98 54.72 115.68
CA TRP X 405 -30.04 54.17 116.65
C TRP X 405 -29.55 52.80 116.22
N THR X 406 -30.46 51.93 115.78
CA THR X 406 -30.07 50.63 115.24
C THR X 406 -29.50 50.73 113.83
N LEU X 407 -29.96 51.72 113.07
CA LEU X 407 -29.49 51.91 111.70
C LEU X 407 -28.00 52.22 111.67
N GLY X 408 -27.53 53.06 112.58
CA GLY X 408 -26.11 53.37 112.63
C GLY X 408 -25.26 52.19 113.09
N ILE X 409 -25.76 51.43 114.07
CA ILE X 409 -24.97 50.36 114.66
C ILE X 409 -24.68 49.26 113.66
N LEU X 410 -25.71 48.78 112.97
CA LEU X 410 -25.56 47.73 111.96
C LEU X 410 -25.82 48.35 110.59
N CYS X 411 -24.93 48.06 109.64
CA CYS X 411 -25.10 48.56 108.28
C CYS X 411 -26.05 47.64 107.53
N CYS X 412 -27.30 48.08 107.39
CA CYS X 412 -28.31 47.35 106.64
C CYS X 412 -28.34 47.84 105.20
N ALA X 413 -29.21 47.24 104.39
CA ALA X 413 -29.32 47.66 102.99
C ALA X 413 -29.79 49.10 102.84
N PRO X 414 -30.85 49.57 103.52
CA PRO X 414 -31.23 50.98 103.40
C PRO X 414 -30.42 51.85 104.35
N ARG X 415 -29.52 52.66 103.78
CA ARG X 415 -28.73 53.57 104.61
C ARG X 415 -29.59 54.68 105.18
N ALA X 416 -30.44 55.30 104.36
CA ALA X 416 -31.32 56.37 104.79
C ALA X 416 -32.75 56.25 104.30
N HIS X 417 -33.01 55.44 103.25
CA HIS X 417 -34.35 55.28 102.69
C HIS X 417 -35.11 54.30 103.57
N ALA X 418 -35.89 54.83 104.52
CA ALA X 418 -36.67 54.02 105.46
C ALA X 418 -35.79 53.11 106.30
N HIS Y 1 92.93 19.45 81.85
CA HIS Y 1 92.07 18.27 81.87
C HIS Y 1 90.73 18.55 82.52
N PHE Y 2 90.76 19.06 83.75
CA PHE Y 2 89.55 19.32 84.53
C PHE Y 2 88.70 18.07 84.64
N ASN Y 3 89.18 17.08 85.38
CA ASN Y 3 88.38 15.91 85.73
C ASN Y 3 87.68 16.25 87.05
N VAL Y 4 86.39 16.56 86.97
CA VAL Y 4 85.62 16.97 88.13
C VAL Y 4 85.36 15.75 89.00
N TYR Y 5 85.58 14.56 88.43
CA TYR Y 5 85.30 13.30 89.12
C TYR Y 5 86.44 12.85 90.02
N LYS Y 6 87.42 13.70 90.26
CA LYS Y 6 88.45 13.39 91.25
C LYS Y 6 87.99 13.68 92.68
N ALA Y 7 86.90 14.40 92.86
CA ALA Y 7 86.38 14.74 94.18
C ALA Y 7 85.03 14.09 94.44
N THR Y 8 84.71 13.01 93.73
CA THR Y 8 83.43 12.35 93.87
C THR Y 8 83.65 10.84 93.93
N ARG Y 9 82.92 10.17 94.79
CA ARG Y 9 83.04 8.73 94.97
C ARG Y 9 81.66 8.09 94.95
N PRO Y 10 81.57 6.83 94.55
CA PRO Y 10 80.29 6.12 94.63
C PRO Y 10 79.91 5.86 96.08
N TYR Y 11 78.74 5.27 96.27
CA TYR Y 11 78.23 5.04 97.61
C TYR Y 11 77.28 3.86 97.60
N ILE Y 12 76.75 3.54 98.78
CA ILE Y 12 75.79 2.47 98.97
C ILE Y 12 74.51 3.05 99.55
N ALA Y 13 73.37 2.75 98.94
CA ALA Y 13 72.08 3.21 99.40
C ALA Y 13 71.14 2.02 99.52
N TYR Y 14 70.02 2.24 100.21
CA TYR Y 14 69.06 1.18 100.51
C TYR Y 14 68.14 0.99 99.32
N CYS Y 15 68.00 -0.25 98.86
CA CYS Y 15 67.16 -0.57 97.71
C CYS Y 15 65.93 -1.36 98.15
N ALA Y 16 64.77 -1.01 97.59
CA ALA Y 16 63.52 -1.60 98.04
C ALA Y 16 63.50 -3.11 97.83
N ASP Y 17 63.83 -3.57 96.63
CA ASP Y 17 64.11 -4.98 96.42
C ASP Y 17 65.15 -5.13 95.33
N CYS Y 18 66.04 -6.09 95.51
CA CYS Y 18 67.18 -6.29 94.62
C CYS Y 18 66.91 -7.38 93.59
N GLY Y 19 65.72 -7.39 93.01
CA GLY Y 19 65.38 -8.33 91.97
C GLY Y 19 64.80 -9.64 92.48
N ALA Y 20 64.78 -9.86 93.78
CA ALA Y 20 64.30 -11.10 94.35
C ALA Y 20 63.13 -10.93 95.31
N GLY Y 21 62.73 -9.70 95.62
CA GLY Y 21 61.69 -9.46 96.60
C GLY Y 21 62.19 -9.18 98.00
N HIS Y 22 63.48 -8.94 98.19
CA HIS Y 22 64.05 -8.63 99.49
C HIS Y 22 64.86 -7.35 99.41
N SER Y 23 64.90 -6.64 100.53
CA SER Y 23 65.60 -5.36 100.60
C SER Y 23 67.00 -5.57 101.14
N CYS Y 24 67.99 -4.97 100.48
CA CYS Y 24 69.34 -4.98 101.00
C CYS Y 24 70.11 -3.81 100.42
N HIS Y 25 71.14 -3.39 101.13
CA HIS Y 25 71.96 -2.25 100.73
C HIS Y 25 72.77 -2.63 99.50
N SER Y 26 72.38 -2.12 98.37
CA SER Y 26 73.01 -2.43 97.10
C SER Y 26 73.81 -1.25 96.60
N PRO Y 27 74.85 -1.49 95.80
CA PRO Y 27 75.65 -0.38 95.27
C PRO Y 27 75.13 0.23 93.98
N VAL Y 28 73.99 -0.25 93.47
CA VAL Y 28 73.42 0.27 92.23
C VAL Y 28 72.00 0.74 92.51
N ALA Y 29 71.79 1.38 93.66
CA ALA Y 29 70.46 1.88 93.99
C ALA Y 29 70.03 2.93 92.98
N ILE Y 30 68.73 2.94 92.65
CA ILE Y 30 68.18 3.86 91.67
C ILE Y 30 67.62 5.08 92.38
N GLU Y 31 68.10 6.25 92.00
CA GLU Y 31 67.51 7.51 92.42
C GLU Y 31 66.46 7.93 91.40
N ALA Y 32 66.20 9.22 91.30
CA ALA Y 32 65.15 9.72 90.44
C ALA Y 32 65.36 9.30 88.98
N VAL Y 33 64.26 8.98 88.31
CA VAL Y 33 64.23 8.73 86.88
C VAL Y 33 63.53 9.91 86.21
N ARG Y 34 64.18 10.51 85.22
CA ARG Y 34 63.65 11.66 84.50
C ARG Y 34 63.12 11.24 83.14
N SER Y 35 62.01 11.83 82.73
CA SER Y 35 61.42 11.55 81.41
C SER Y 35 60.89 12.83 80.80
N GLU Y 36 61.72 13.86 80.74
CA GLU Y 36 61.32 15.16 80.22
C GLU Y 36 61.52 15.29 78.71
N ALA Y 37 61.68 14.18 78.00
CA ALA Y 37 61.90 14.20 76.58
C ALA Y 37 60.67 13.71 75.85
N THR Y 38 60.38 14.35 74.71
CA THR Y 38 59.12 14.09 74.03
C THR Y 38 59.12 12.73 73.33
N ASP Y 39 60.25 12.31 72.77
CA ASP Y 39 60.27 11.03 72.07
C ASP Y 39 60.27 9.83 73.02
N GLY Y 40 60.67 10.02 74.28
CA GLY Y 40 60.59 8.94 75.24
C GLY Y 40 61.92 8.35 75.67
N MET Y 41 62.90 9.18 75.97
CA MET Y 41 64.20 8.75 76.42
C MET Y 41 64.37 9.09 77.89
N LEU Y 42 64.79 8.12 78.70
CA LEU Y 42 64.89 8.27 80.13
C LEU Y 42 66.29 8.70 80.55
N LYS Y 43 66.43 9.06 81.82
CA LYS Y 43 67.74 9.30 82.43
C LYS Y 43 67.76 8.65 83.81
N ILE Y 44 68.05 7.37 83.86
CA ILE Y 44 68.14 6.67 85.14
C ILE Y 44 69.37 7.20 85.87
N GLN Y 45 69.31 7.21 87.20
CA GLN Y 45 70.42 7.69 88.02
C GLN Y 45 70.87 6.59 88.97
N PHE Y 46 72.08 6.07 88.76
CA PHE Y 46 72.70 5.13 89.68
C PHE Y 46 73.07 5.77 91.00
N SER Y 47 73.63 4.89 91.86
CA SER Y 47 74.50 5.27 92.95
C SER Y 47 75.96 5.02 92.63
N ALA Y 48 76.26 4.19 91.62
CA ALA Y 48 77.61 3.80 91.27
C ALA Y 48 77.97 4.42 89.94
N GLN Y 49 78.87 5.40 89.96
CA GLN Y 49 79.17 6.16 88.76
C GLN Y 49 79.96 5.33 87.76
N ILE Y 50 79.64 5.52 86.48
CA ILE Y 50 80.08 4.64 85.41
C ILE Y 50 80.79 5.45 84.35
N GLY Y 51 81.67 4.78 83.59
CA GLY Y 51 82.53 5.45 82.65
C GLY Y 51 83.88 5.87 83.20
N ILE Y 52 84.18 5.58 84.46
CA ILE Y 52 85.42 5.98 85.10
C ILE Y 52 85.98 4.80 85.88
N ASP Y 53 87.30 4.63 85.84
CA ASP Y 53 87.94 3.52 86.55
C ASP Y 53 88.21 3.92 88.00
N LYS Y 54 88.82 3.00 88.74
CA LYS Y 54 89.06 3.21 90.17
C LYS Y 54 90.02 4.35 90.43
N SER Y 55 90.97 4.60 89.51
CA SER Y 55 91.99 5.60 89.69
C SER Y 55 91.65 6.94 89.03
N ASP Y 56 90.36 7.26 88.89
CA ASP Y 56 89.90 8.56 88.40
C ASP Y 56 90.38 8.86 86.98
N ASN Y 57 90.41 7.85 86.11
CA ASN Y 57 90.74 8.05 84.70
C ASN Y 57 89.58 7.59 83.83
N HIS Y 58 89.32 8.33 82.76
CA HIS Y 58 88.21 8.02 81.89
C HIS Y 58 88.47 6.74 81.12
N ASP Y 59 87.45 5.88 81.06
CA ASP Y 59 87.55 4.60 80.38
C ASP Y 59 86.19 4.23 79.82
N TYR Y 60 86.18 3.53 78.70
CA TYR Y 60 84.93 3.04 78.13
C TYR Y 60 84.56 1.66 78.68
N THR Y 61 85.38 1.09 79.55
CA THR Y 61 85.22 -0.31 79.92
C THR Y 61 85.05 -0.55 81.42
N LYS Y 62 85.59 0.32 82.26
CA LYS Y 62 85.49 0.15 83.71
C LYS Y 62 84.41 1.07 84.25
N ILE Y 63 83.65 0.59 85.23
CA ILE Y 63 82.75 1.46 85.98
C ILE Y 63 83.04 1.29 87.46
N ARG Y 64 83.08 2.40 88.18
CA ARG Y 64 83.35 2.37 89.60
C ARG Y 64 82.12 1.89 90.36
N TYR Y 65 82.35 1.44 91.58
CA TYR Y 65 81.27 1.23 92.55
C TYR Y 65 81.89 0.99 93.91
N ALA Y 66 81.09 1.16 94.95
CA ALA Y 66 81.58 1.10 96.32
C ALA Y 66 81.19 -0.23 96.95
N ASP Y 67 82.12 -0.78 97.72
CA ASP Y 67 81.89 -2.06 98.40
C ASP Y 67 82.68 -2.04 99.70
N GLY Y 68 81.98 -1.90 100.82
CA GLY Y 68 82.65 -1.87 102.11
C GLY Y 68 83.64 -0.74 102.25
N HIS Y 69 83.20 0.48 101.93
CA HIS Y 69 84.03 1.67 101.86
C HIS Y 69 85.37 1.39 101.20
N ALA Y 70 85.35 0.62 100.13
CA ALA Y 70 86.48 0.42 99.24
C ALA Y 70 85.96 0.34 97.82
N ILE Y 71 86.57 1.10 96.92
CA ILE Y 71 86.05 1.26 95.57
C ILE Y 71 86.66 0.20 94.68
N GLU Y 72 85.82 -0.66 94.11
CA GLU Y 72 86.22 -1.60 93.08
C GLU Y 72 85.73 -1.10 91.74
N ASN Y 73 85.88 -1.93 90.71
CA ASN Y 73 85.39 -1.57 89.40
C ASN Y 73 84.99 -2.82 88.62
N ALA Y 74 84.02 -2.65 87.72
CA ALA Y 74 83.45 -3.76 86.96
C ALA Y 74 83.47 -3.44 85.47
N VAL Y 75 83.49 -4.48 84.65
CA VAL Y 75 83.53 -4.31 83.21
C VAL Y 75 82.26 -3.61 82.74
N ARG Y 76 82.40 -2.70 81.77
CA ARG Y 76 81.26 -1.88 81.36
C ARG Y 76 80.18 -2.72 80.71
N SER Y 77 80.56 -3.78 80.00
CA SER Y 77 79.54 -4.68 79.51
C SER Y 77 78.79 -5.30 80.68
N SER Y 78 77.73 -6.03 80.36
CA SER Y 78 76.80 -6.62 81.31
C SER Y 78 75.96 -5.57 82.03
N LEU Y 79 76.13 -4.29 81.73
CA LEU Y 79 75.21 -3.28 82.22
C LEU Y 79 73.89 -3.41 81.47
N LYS Y 80 72.89 -3.98 82.13
CA LYS Y 80 71.60 -4.26 81.51
C LYS Y 80 70.53 -3.45 82.22
N VAL Y 81 69.80 -2.64 81.47
CA VAL Y 81 68.61 -1.94 81.97
C VAL Y 81 67.41 -2.54 81.26
N ALA Y 82 66.33 -2.78 82.01
CA ALA Y 82 65.21 -3.48 81.42
C ALA Y 82 63.91 -3.08 82.09
N THR Y 83 62.82 -3.30 81.34
CA THR Y 83 61.46 -3.13 81.82
C THR Y 83 60.79 -4.41 81.31
N SER Y 84 59.46 -4.39 81.20
CA SER Y 84 58.73 -5.57 80.74
C SER Y 84 59.41 -6.25 79.56
N GLY Y 85 60.15 -5.50 78.75
CA GLY Y 85 60.96 -6.06 77.70
C GLY Y 85 62.44 -5.97 77.99
N ASP Y 86 63.18 -5.25 77.15
CA ASP Y 86 64.61 -5.04 77.35
C ASP Y 86 65.02 -3.78 76.63
N CYS Y 87 65.68 -2.87 77.35
CA CYS Y 87 65.92 -1.53 76.85
C CYS Y 87 67.21 -1.46 76.02
N PHE Y 88 67.45 -0.29 75.45
CA PHE Y 88 68.64 0.00 74.67
C PHE Y 88 69.33 1.19 75.29
N VAL Y 89 70.62 1.05 75.59
CA VAL Y 89 71.37 2.09 76.29
C VAL Y 89 72.05 2.98 75.26
N HIS Y 90 71.72 4.26 75.26
CA HIS Y 90 72.25 5.22 74.30
C HIS Y 90 73.48 5.93 74.86
N GLY Y 91 73.34 6.57 76.03
CA GLY Y 91 74.41 7.33 76.64
C GLY Y 91 74.92 6.66 77.89
N THR Y 92 76.02 7.22 78.42
CA THR Y 92 76.69 6.67 79.59
C THR Y 92 77.73 7.65 80.09
N MET Y 93 77.52 8.19 81.29
CA MET Y 93 78.52 9.03 81.94
C MET Y 93 78.13 9.31 83.38
N GLY Y 94 79.11 9.28 84.29
CA GLY Y 94 78.82 9.65 85.67
C GLY Y 94 77.78 8.74 86.28
N HIS Y 95 76.88 9.32 87.07
CA HIS Y 95 75.81 8.55 87.67
C HIS Y 95 74.69 8.21 86.70
N PHE Y 96 74.68 8.80 85.52
CA PHE Y 96 73.49 8.88 84.68
C PHE Y 96 73.56 7.92 83.51
N ILE Y 97 72.39 7.53 83.01
CA ILE Y 97 72.25 6.65 81.86
C ILE Y 97 71.23 7.27 80.92
N LEU Y 98 71.32 6.95 79.64
CA LEU Y 98 70.26 7.25 78.70
C LEU Y 98 69.72 5.93 78.14
N ALA Y 99 68.41 5.79 78.12
CA ALA Y 99 67.84 4.52 77.67
C ALA Y 99 66.52 4.78 76.98
N LYS Y 100 66.14 3.82 76.13
CA LYS Y 100 64.81 3.79 75.51
C LYS Y 100 64.21 2.42 75.79
N CYS Y 101 63.02 2.39 76.35
CA CYS Y 101 62.48 1.14 76.85
C CYS Y 101 61.10 0.87 76.26
N PRO Y 102 60.71 -0.41 76.16
CA PRO Y 102 59.34 -0.72 75.82
C PRO Y 102 58.43 -0.44 76.99
N PRO Y 103 57.13 -0.26 76.77
CA PRO Y 103 56.23 0.05 77.87
C PRO Y 103 56.20 -1.06 78.89
N GLY Y 104 56.10 -0.68 80.16
CA GLY Y 104 56.07 -1.65 81.25
C GLY Y 104 55.82 -0.92 82.55
N GLU Y 105 55.67 -1.71 83.62
CA GLU Y 105 55.27 -1.17 84.91
C GLU Y 105 56.40 -1.09 85.92
N PHE Y 106 57.63 -1.39 85.52
CA PHE Y 106 58.78 -1.27 86.41
C PHE Y 106 60.04 -1.14 85.56
N LEU Y 107 61.17 -0.99 86.24
CA LEU Y 107 62.45 -1.12 85.56
C LEU Y 107 63.51 -1.53 86.56
N GLN Y 108 64.56 -2.19 86.07
CA GLN Y 108 65.67 -2.59 86.92
C GLN Y 108 66.98 -2.32 86.20
N VAL Y 109 68.02 -2.04 86.99
CA VAL Y 109 69.37 -1.86 86.48
C VAL Y 109 70.26 -2.84 87.23
N SER Y 110 71.15 -3.49 86.51
CA SER Y 110 72.02 -4.49 87.12
C SER Y 110 73.33 -4.53 86.37
N ILE Y 111 74.38 -4.99 87.06
CA ILE Y 111 75.65 -5.25 86.41
C ILE Y 111 76.47 -6.17 87.29
N GLN Y 112 77.31 -6.99 86.66
CA GLN Y 112 78.07 -8.00 87.37
C GLN Y 112 79.06 -7.38 88.33
N ASP Y 113 79.26 -8.04 89.46
CA ASP Y 113 80.12 -7.59 90.53
C ASP Y 113 81.58 -7.90 90.15
N THR Y 114 82.49 -7.78 91.12
CA THR Y 114 83.83 -8.30 90.92
C THR Y 114 83.85 -9.82 90.96
N ARG Y 115 83.04 -10.41 91.85
CA ARG Y 115 82.92 -11.86 91.95
C ARG Y 115 81.98 -12.44 90.91
N ASN Y 116 81.65 -11.69 89.86
CA ASN Y 116 80.71 -12.10 88.83
C ASN Y 116 79.36 -12.47 89.44
N ALA Y 117 78.88 -11.64 90.35
CA ALA Y 117 77.53 -11.75 90.90
C ALA Y 117 76.71 -10.57 90.43
N VAL Y 118 75.43 -10.80 90.14
CA VAL Y 118 74.57 -9.74 89.65
C VAL Y 118 74.11 -8.87 90.81
N ARG Y 119 74.27 -7.56 90.67
CA ARG Y 119 73.80 -6.60 91.65
C ARG Y 119 72.74 -5.73 91.00
N ALA Y 120 71.49 -5.84 91.46
CA ALA Y 120 70.38 -5.20 90.79
C ALA Y 120 69.54 -4.43 91.79
N CYS Y 121 68.88 -3.38 91.30
CA CYS Y 121 67.91 -2.63 92.08
C CYS Y 121 66.71 -2.33 91.20
N ARG Y 122 65.53 -2.68 91.69
CA ARG Y 122 64.30 -2.61 90.93
C ARG Y 122 63.38 -1.55 91.52
N ILE Y 123 62.84 -0.68 90.69
CA ILE Y 123 62.02 0.44 91.13
C ILE Y 123 60.72 0.42 90.32
N GLN Y 124 59.61 0.72 90.99
CA GLN Y 124 58.33 0.80 90.29
C GLN Y 124 58.25 2.08 89.49
N TYR Y 125 57.84 1.97 88.23
CA TYR Y 125 57.79 3.13 87.35
C TYR Y 125 56.83 2.82 86.21
N HIS Y 126 55.80 3.64 86.05
CA HIS Y 126 54.81 3.44 84.99
C HIS Y 126 55.28 4.17 83.75
N HIS Y 127 55.77 3.40 82.78
CA HIS Y 127 56.30 3.94 81.53
C HIS Y 127 55.30 3.72 80.41
N ASP Y 128 54.97 4.78 79.69
CA ASP Y 128 54.07 4.69 78.57
C ASP Y 128 54.27 5.88 77.64
N PRO Y 129 55.22 5.81 76.71
CA PRO Y 129 55.53 6.98 75.90
C PRO Y 129 54.50 7.16 74.81
N GLN Y 130 54.30 8.40 74.41
CA GLN Y 130 53.45 8.65 73.26
C GLN Y 130 54.12 9.64 72.32
N PRO Y 131 54.27 9.27 71.06
CA PRO Y 131 55.05 10.10 70.13
C PRO Y 131 54.34 11.41 69.82
N VAL Y 132 55.15 12.40 69.46
CA VAL Y 132 54.62 13.73 69.15
C VAL Y 132 53.78 13.66 67.89
N GLY Y 133 52.66 14.37 67.88
CA GLY Y 133 51.80 14.41 66.72
C GLY Y 133 50.38 14.02 67.03
N ARG Y 134 49.66 13.51 66.03
CA ARG Y 134 48.28 13.09 66.19
C ARG Y 134 48.08 11.61 65.94
N GLU Y 135 49.16 10.83 65.77
CA GLU Y 135 49.08 9.40 65.58
C GLU Y 135 49.92 8.69 66.62
N LYS Y 136 49.40 7.59 67.16
CA LYS Y 136 50.12 6.80 68.15
C LYS Y 136 50.82 5.62 67.47
N PHE Y 137 51.80 5.95 66.65
CA PHE Y 137 52.57 4.95 65.92
C PHE Y 137 53.64 4.35 66.83
N THR Y 138 54.42 3.42 66.27
CA THR Y 138 55.45 2.70 67.00
C THR Y 138 56.84 2.93 66.45
N ILE Y 139 57.03 2.84 65.13
CA ILE Y 139 58.34 2.95 64.50
C ILE Y 139 58.25 3.97 63.37
N ARG Y 140 59.30 4.79 63.26
CA ARG Y 140 59.30 5.84 62.27
C ARG Y 140 59.21 5.24 60.87
N PRO Y 141 58.50 5.89 59.95
CA PRO Y 141 58.34 5.32 58.61
C PRO Y 141 59.42 5.79 57.66
N HIS Y 142 59.36 5.37 56.41
CA HIS Y 142 60.25 5.88 55.38
C HIS Y 142 59.62 7.00 54.55
N TYR Y 143 58.40 7.42 54.89
CA TYR Y 143 57.73 8.52 54.21
C TYR Y 143 56.81 9.21 55.20
N GLY Y 144 57.08 10.47 55.50
CA GLY Y 144 56.27 11.17 56.47
C GLY Y 144 56.68 12.63 56.57
N LYS Y 145 56.17 13.29 57.59
CA LYS Y 145 56.45 14.69 57.87
C LYS Y 145 57.59 14.81 58.89
N GLU Y 146 58.01 16.05 59.12
CA GLU Y 146 59.07 16.35 60.08
C GLU Y 146 58.51 17.27 61.14
N ILE Y 147 58.13 16.71 62.28
CA ILE Y 147 57.48 17.43 63.37
C ILE Y 147 58.52 17.69 64.45
N PRO Y 148 58.69 18.92 64.90
CA PRO Y 148 59.71 19.18 65.94
C PRO Y 148 59.39 18.49 67.24
N CYS Y 149 60.44 18.13 67.97
CA CYS Y 149 60.34 17.38 69.21
C CYS Y 149 61.49 17.82 70.12
N THR Y 150 61.78 17.02 71.14
CA THR Y 150 62.89 17.29 72.06
C THR Y 150 63.50 15.98 72.52
N THR Y 151 64.80 16.02 72.86
CA THR Y 151 65.50 14.84 73.32
C THR Y 151 66.78 15.26 74.03
N TYR Y 152 67.40 14.28 74.69
CA TYR Y 152 68.67 14.49 75.40
C TYR Y 152 69.83 14.26 74.45
N GLN Y 153 70.78 15.19 74.43
CA GLN Y 153 71.92 15.05 73.54
C GLN Y 153 73.12 14.47 74.26
N GLN Y 154 74.08 13.98 73.47
CA GLN Y 154 75.24 13.29 73.99
C GLN Y 154 76.34 14.23 74.48
N THR Y 155 76.24 15.52 74.18
CA THR Y 155 77.29 16.45 74.57
C THR Y 155 77.36 16.58 76.09
N THR Y 156 78.56 16.84 76.59
CA THR Y 156 78.82 17.03 78.01
C THR Y 156 79.39 18.42 78.28
N ALA Y 157 78.99 19.39 77.47
CA ALA Y 157 79.47 20.76 77.57
C ALA Y 157 78.76 21.48 78.71
N LYS Y 158 78.83 22.81 78.73
CA LYS Y 158 78.09 23.58 79.71
C LYS Y 158 76.60 23.26 79.63
N THR Y 159 75.99 23.00 80.79
CA THR Y 159 74.60 22.59 80.86
C THR Y 159 73.73 23.46 81.74
N VAL Y 160 74.30 24.14 82.74
CA VAL Y 160 73.56 24.93 83.70
C VAL Y 160 72.55 24.04 84.41
N GLU Y 161 73.04 22.99 85.07
CA GLU Y 161 72.22 22.11 85.88
C GLU Y 161 73.02 21.71 87.12
N GLU Y 162 72.34 21.09 88.07
CA GLU Y 162 72.87 21.01 89.43
C GLU Y 162 72.75 19.61 90.02
N ILE Y 163 73.74 19.28 90.84
CA ILE Y 163 73.63 18.24 91.85
C ILE Y 163 74.25 18.77 93.13
N ASP Y 164 73.58 18.57 94.25
CA ASP Y 164 74.12 18.94 95.54
C ASP Y 164 75.00 17.81 96.06
N MET Y 165 76.22 18.15 96.49
CA MET Y 165 77.20 17.15 96.93
C MET Y 165 77.65 17.55 98.33
N HIS Y 166 77.69 16.59 99.24
CA HIS Y 166 78.17 16.83 100.59
C HIS Y 166 79.09 15.70 101.04
N MET Y 167 79.92 15.99 102.04
CA MET Y 167 80.89 15.05 102.55
C MET Y 167 80.22 13.87 103.25
N PRO Y 168 80.77 12.67 103.12
CA PRO Y 168 80.08 11.49 103.63
C PRO Y 168 80.07 11.47 105.15
N PRO Y 169 79.11 10.78 105.76
CA PRO Y 169 79.06 10.73 107.22
C PRO Y 169 80.09 9.79 107.82
N ASP Y 170 79.98 9.54 109.12
CA ASP Y 170 80.88 8.60 109.80
C ASP Y 170 80.32 7.19 109.65
N THR Y 171 80.88 6.42 108.72
CA THR Y 171 80.37 5.09 108.44
C THR Y 171 80.72 4.14 109.58
N PRO Y 172 79.74 3.48 110.19
CA PRO Y 172 80.05 2.56 111.28
C PRO Y 172 80.42 1.19 110.76
N ASP Y 173 81.28 0.51 111.51
CA ASP Y 173 81.73 -0.82 111.14
C ASP Y 173 82.09 -1.60 112.40
N ARG Y 174 81.70 -2.88 112.41
CA ARG Y 174 81.97 -3.76 113.53
C ARG Y 174 83.04 -4.79 113.27
N THR Y 175 83.25 -5.18 112.01
CA THR Y 175 84.14 -6.30 111.71
C THR Y 175 85.58 -6.00 112.10
N LEU Y 176 85.97 -4.73 112.13
CA LEU Y 176 87.36 -4.40 112.40
C LEU Y 176 87.69 -4.36 113.90
N LEU Y 177 86.72 -4.56 114.78
CA LEU Y 177 87.00 -4.76 116.19
C LEU Y 177 87.29 -6.23 116.45
N SER Y 178 88.43 -6.52 117.06
CA SER Y 178 88.85 -7.88 117.38
C SER Y 178 89.06 -7.98 118.87
N GLN Y 179 88.40 -8.93 119.51
CA GLN Y 179 88.57 -9.22 120.93
C GLN Y 179 89.23 -10.59 121.06
N GLN Y 180 90.47 -10.60 121.53
CA GLN Y 180 91.22 -11.84 121.68
C GLN Y 180 91.26 -12.31 123.14
N SER Y 181 91.78 -11.48 124.05
CA SER Y 181 91.82 -11.85 125.46
C SER Y 181 91.92 -10.57 126.29
N GLY Y 182 90.79 -10.12 126.82
CA GLY Y 182 90.78 -9.00 127.75
C GLY Y 182 91.28 -7.70 127.18
N ASN Y 183 91.36 -7.63 125.85
CA ASN Y 183 91.83 -6.42 125.17
C ASN Y 183 91.31 -6.45 123.74
N VAL Y 184 91.42 -5.31 123.07
CA VAL Y 184 90.89 -5.17 121.72
C VAL Y 184 91.97 -4.60 120.81
N LYS Y 185 91.87 -4.93 119.52
CA LYS Y 185 92.71 -4.36 118.48
C LYS Y 185 91.84 -3.81 117.37
N ILE Y 186 92.10 -2.57 116.98
CA ILE Y 186 91.29 -1.87 115.99
C ILE Y 186 92.07 -1.84 114.68
N THR Y 187 91.52 -2.46 113.65
CA THR Y 187 92.21 -2.56 112.38
C THR Y 187 92.28 -1.21 111.69
N VAL Y 188 93.42 -0.94 111.06
CA VAL Y 188 93.67 0.32 110.36
C VAL Y 188 94.26 0.00 109.00
N GLY Y 189 94.83 1.00 108.33
CA GLY Y 189 95.36 0.83 107.00
C GLY Y 189 95.12 2.05 106.14
N GLY Y 190 94.60 3.11 106.76
CA GLY Y 190 94.35 4.35 106.07
C GLY Y 190 93.03 4.95 106.52
N LYS Y 191 92.27 4.17 107.26
CA LYS Y 191 90.94 4.57 107.72
C LYS Y 191 91.10 5.10 109.14
N LYS Y 192 91.13 6.43 109.28
CA LYS Y 192 91.28 7.03 110.59
C LYS Y 192 89.99 6.89 111.38
N VAL Y 193 89.89 5.79 112.13
CA VAL Y 193 88.63 5.43 112.77
C VAL Y 193 88.34 6.37 113.93
N LYS Y 194 87.06 6.45 114.29
CA LYS Y 194 86.60 7.20 115.45
C LYS Y 194 85.95 6.22 116.42
N TYR Y 195 86.38 6.25 117.68
CA TYR Y 195 85.96 5.28 118.67
C TYR Y 195 85.38 5.97 119.89
N ASN Y 196 84.27 5.41 120.40
CA ASN Y 196 83.66 5.83 121.65
C ASN Y 196 83.75 4.65 122.61
N CYS Y 197 84.39 4.86 123.76
CA CYS Y 197 84.48 3.85 124.80
C CYS Y 197 84.34 4.52 126.15
N THR Y 198 83.32 4.15 126.91
CA THR Y 198 83.04 4.72 128.22
C THR Y 198 83.07 3.66 129.31
N CYS Y 199 84.11 2.82 129.29
CA CYS Y 199 84.37 1.89 130.38
C CYS Y 199 85.27 2.48 131.45
N GLY Y 200 85.31 3.81 131.57
CA GLY Y 200 86.23 4.50 132.44
C GLY Y 200 87.63 4.61 131.87
N THR Y 201 87.89 3.97 130.75
CA THR Y 201 89.20 3.92 130.10
C THR Y 201 89.31 5.09 129.12
N GLY Y 202 90.30 5.01 128.21
CA GLY Y 202 90.52 6.03 127.20
C GLY Y 202 89.25 6.58 126.57
N ASN Y 203 89.15 7.90 126.54
CA ASN Y 203 87.92 8.57 126.14
C ASN Y 203 87.79 8.56 124.62
N VAL Y 204 86.84 9.36 124.11
CA VAL Y 204 86.61 9.41 122.68
C VAL Y 204 87.79 10.10 121.98
N GLY Y 205 88.03 9.70 120.75
CA GLY Y 205 89.11 10.28 119.96
C GLY Y 205 89.19 9.60 118.61
N THR Y 206 90.17 10.03 117.83
CA THR Y 206 90.43 9.44 116.52
C THR Y 206 91.87 8.96 116.47
N THR Y 207 92.06 7.74 115.97
CA THR Y 207 93.38 7.12 115.92
C THR Y 207 93.67 6.60 114.54
N ASN Y 208 94.93 6.75 114.11
CA ASN Y 208 95.40 6.27 112.82
C ASN Y 208 96.12 4.94 112.91
N SER Y 209 96.22 4.35 114.10
CA SER Y 209 96.96 3.11 114.29
C SER Y 209 96.21 2.22 115.25
N ASP Y 210 96.69 0.99 115.39
CA ASP Y 210 96.05 0.01 116.25
C ASP Y 210 96.12 0.46 117.71
N MET Y 211 95.11 0.07 118.48
CA MET Y 211 95.01 0.50 119.87
C MET Y 211 94.33 -0.60 120.69
N THR Y 212 94.50 -0.51 122.01
CA THR Y 212 93.90 -1.44 122.95
C THR Y 212 93.16 -0.67 124.04
N ILE Y 213 92.00 -1.18 124.44
CA ILE Y 213 91.26 -0.60 125.54
C ILE Y 213 91.49 -1.44 126.79
N ASN Y 214 91.77 -2.73 126.59
CA ASN Y 214 92.32 -3.61 127.60
C ASN Y 214 91.38 -3.88 128.77
N THR Y 215 90.15 -3.37 128.73
CA THR Y 215 89.21 -3.61 129.83
C THR Y 215 87.94 -4.31 129.40
N CYS Y 216 87.21 -3.75 128.44
CA CYS Y 216 85.90 -4.25 128.04
C CYS Y 216 85.86 -4.48 126.55
N LEU Y 217 85.17 -5.56 126.14
CA LEU Y 217 85.50 -6.21 124.88
C LEU Y 217 84.85 -5.55 123.67
N ILE Y 218 83.53 -5.66 123.54
CA ILE Y 218 82.88 -5.21 122.31
C ILE Y 218 81.61 -4.43 122.62
N GLU Y 219 81.12 -4.53 123.84
CA GLU Y 219 79.87 -3.85 124.18
C GLU Y 219 80.05 -2.35 124.35
N GLN Y 220 81.28 -1.85 124.35
CA GLN Y 220 81.53 -0.44 124.59
C GLN Y 220 82.23 0.27 123.45
N CYS Y 221 83.29 -0.33 122.88
CA CYS Y 221 84.05 0.37 121.85
C CYS Y 221 83.41 0.20 120.48
N HIS Y 222 83.71 1.15 119.60
CA HIS Y 222 83.10 1.20 118.28
C HIS Y 222 84.06 1.84 117.29
N VAL Y 223 83.65 1.85 116.04
CA VAL Y 223 84.46 2.42 114.96
C VAL Y 223 83.55 3.23 114.04
N SER Y 224 84.01 4.41 113.65
CA SER Y 224 83.31 5.24 112.67
C SER Y 224 84.37 5.79 111.72
N VAL Y 225 84.42 5.24 110.51
CA VAL Y 225 85.42 5.67 109.54
C VAL Y 225 85.08 7.09 109.07
N THR Y 226 86.09 7.95 109.05
CA THR Y 226 85.95 9.30 108.55
C THR Y 226 86.80 9.45 107.29
N ASP Y 227 86.17 9.87 106.20
CA ASP Y 227 86.80 9.95 104.89
C ASP Y 227 86.55 11.31 104.27
N HIS Y 228 86.87 12.37 104.99
CA HIS Y 228 86.54 13.73 104.58
C HIS Y 228 87.51 14.15 103.46
N LYS Y 229 87.41 13.46 102.33
CA LYS Y 229 88.29 13.76 101.20
C LYS Y 229 87.55 13.72 99.87
N LYS Y 230 86.27 13.35 99.87
CA LYS Y 230 85.51 13.23 98.63
C LYS Y 230 84.04 13.52 98.89
N TRP Y 231 83.45 14.38 98.08
CA TRP Y 231 82.01 14.60 98.09
C TRP Y 231 81.29 13.36 97.59
N GLN Y 232 80.22 12.97 98.27
CA GLN Y 232 79.54 11.75 97.83
C GLN Y 232 78.30 12.00 96.98
N PHE Y 233 77.23 12.53 97.58
CA PHE Y 233 75.97 12.89 96.95
C PHE Y 233 75.04 13.35 98.06
N ASN Y 234 74.00 14.09 97.70
CA ASN Y 234 73.00 14.53 98.67
C ASN Y 234 71.75 13.68 98.47
N SER Y 235 71.73 12.51 99.09
CA SER Y 235 70.64 11.59 98.89
C SER Y 235 69.80 11.46 100.15
N PRO Y 236 68.50 11.23 100.03
CA PRO Y 236 67.68 11.01 101.22
C PRO Y 236 68.01 9.73 101.97
N PHE Y 237 68.69 8.78 101.36
CA PHE Y 237 68.96 7.50 101.99
C PHE Y 237 70.29 7.45 102.72
N VAL Y 238 71.03 8.55 102.78
CA VAL Y 238 72.31 8.58 103.45
C VAL Y 238 72.38 9.81 104.35
N PRO Y 239 72.60 9.65 105.64
CA PRO Y 239 72.54 10.79 106.57
C PRO Y 239 73.64 11.81 106.32
N ARG Y 240 73.48 13.00 106.89
CA ARG Y 240 74.45 14.07 106.70
C ARG Y 240 75.09 14.40 108.04
N ALA Y 241 76.24 15.06 107.98
CA ALA Y 241 77.10 15.17 109.16
C ALA Y 241 76.88 16.43 109.97
N ASP Y 242 76.63 17.57 109.36
CA ASP Y 242 76.63 18.84 110.09
C ASP Y 242 75.39 19.64 109.76
N GLU Y 243 74.81 20.27 110.78
CA GLU Y 243 73.73 21.24 110.61
C GLU Y 243 74.16 22.58 111.16
N PRO Y 244 73.99 23.68 110.41
CA PRO Y 244 73.35 23.78 109.09
C PRO Y 244 74.16 23.09 108.00
N ALA Y 245 73.49 22.70 106.92
CA ALA Y 245 74.12 21.91 105.88
C ALA Y 245 75.26 22.69 105.22
N ARG Y 246 76.31 21.97 104.86
CA ARG Y 246 77.41 22.54 104.08
C ARG Y 246 77.63 21.60 102.90
N LYS Y 247 77.49 22.14 101.69
CA LYS Y 247 77.46 21.28 100.51
C LYS Y 247 77.95 22.04 99.30
N GLY Y 248 78.49 21.32 98.32
CA GLY Y 248 78.86 21.90 97.05
C GLY Y 248 77.91 21.51 95.94
N LYS Y 249 78.23 21.96 94.73
CA LYS Y 249 77.42 21.67 93.57
C LYS Y 249 78.29 21.22 92.40
N VAL Y 250 77.72 20.42 91.52
CA VAL Y 250 78.39 19.92 90.33
C VAL Y 250 77.37 19.84 89.19
N HIS Y 251 77.88 19.83 87.97
CA HIS Y 251 77.05 19.80 86.77
C HIS Y 251 76.67 18.36 86.42
N ILE Y 252 75.70 18.23 85.50
CA ILE Y 252 75.29 16.92 85.02
C ILE Y 252 75.53 16.86 83.53
N PRO Y 253 75.65 15.68 82.94
CA PRO Y 253 75.75 15.55 81.49
C PRO Y 253 74.37 15.57 80.85
N PHE Y 254 74.37 15.54 79.51
CA PHE Y 254 73.16 15.36 78.71
C PHE Y 254 72.12 16.44 78.94
N PRO Y 255 72.30 17.64 78.40
CA PRO Y 255 71.22 18.64 78.43
C PRO Y 255 70.09 18.28 77.47
N LEU Y 256 69.19 19.23 77.29
CA LEU Y 256 68.02 19.04 76.41
C LEU Y 256 68.17 19.85 75.14
N ASP Y 257 67.79 19.27 74.01
CA ASP Y 257 67.92 19.92 72.72
C ASP Y 257 66.80 19.43 71.81
N ASN Y 258 66.57 20.19 70.72
CA ASN Y 258 65.31 20.12 70.01
C ASN Y 258 65.19 18.99 68.98
N ILE Y 259 66.03 18.99 67.93
CA ILE Y 259 65.96 18.11 66.76
C ILE Y 259 64.55 18.04 66.19
N THR Y 260 64.34 17.17 65.19
CA THR Y 260 63.04 16.92 64.58
C THR Y 260 62.76 15.43 64.51
N CYS Y 261 61.48 15.09 64.33
CA CYS Y 261 61.04 13.71 64.33
C CYS Y 261 60.20 13.45 63.08
N ARG Y 262 60.23 12.21 62.60
CA ARG Y 262 59.51 11.82 61.40
C ARG Y 262 58.28 11.00 61.78
N VAL Y 263 57.11 11.48 61.38
CA VAL Y 263 55.84 10.86 61.78
C VAL Y 263 55.02 10.52 60.54
N PRO Y 264 54.25 9.46 60.55
CA PRO Y 264 53.55 9.04 59.33
C PRO Y 264 52.31 9.87 59.08
N MET Y 265 51.81 9.76 57.86
CA MET Y 265 50.56 10.40 57.46
C MET Y 265 49.55 9.33 57.10
N ALA Y 266 48.37 9.40 57.68
CA ALA Y 266 47.37 8.37 57.46
C ALA Y 266 46.75 8.52 56.07
N ARG Y 267 46.06 7.47 55.64
CA ARG Y 267 45.47 7.44 54.31
C ARG Y 267 44.31 8.43 54.19
N GLU Y 268 43.97 8.73 52.95
CA GLU Y 268 42.81 9.58 52.68
C GLU Y 268 41.54 8.76 52.81
N PRO Y 269 40.57 9.19 53.62
CA PRO Y 269 39.33 8.43 53.75
C PRO Y 269 38.47 8.52 52.51
N THR Y 270 37.58 7.55 52.36
CA THR Y 270 36.67 7.53 51.22
C THR Y 270 35.50 8.47 51.48
N VAL Y 271 35.35 9.49 50.64
CA VAL Y 271 34.25 10.43 50.74
C VAL Y 271 33.12 9.96 49.85
N ILE Y 272 31.91 9.93 50.37
CA ILE Y 272 30.73 9.58 49.61
C ILE Y 272 29.72 10.72 49.75
N HIS Y 273 29.54 11.48 48.67
CA HIS Y 273 28.70 12.66 48.74
C HIS Y 273 27.23 12.28 48.91
N GLY Y 274 26.49 13.18 49.56
CA GLY Y 274 25.07 12.99 49.76
C GLY Y 274 24.33 14.31 49.71
N LYS Y 275 23.06 14.33 50.12
CA LYS Y 275 22.31 15.58 50.14
C LYS Y 275 22.65 16.32 51.42
N ARG Y 276 23.64 17.22 51.31
CA ARG Y 276 24.17 17.96 52.46
C ARG Y 276 24.70 17.02 53.54
N GLU Y 277 25.37 15.96 53.12
CA GLU Y 277 26.06 15.04 54.01
C GLU Y 277 27.28 14.49 53.30
N VAL Y 278 28.28 14.11 54.09
CA VAL Y 278 29.44 13.37 53.60
C VAL Y 278 29.60 12.15 54.50
N THR Y 279 29.71 10.98 53.89
CA THR Y 279 29.95 9.75 54.64
C THR Y 279 31.40 9.35 54.44
N LEU Y 280 32.13 9.21 55.53
CA LEU Y 280 33.56 8.96 55.52
C LEU Y 280 33.82 7.54 55.96
N HIS Y 281 34.58 6.79 55.17
CA HIS Y 281 35.05 5.47 55.57
C HIS Y 281 36.51 5.60 56.00
N LEU Y 282 36.80 5.24 57.23
CA LEU Y 282 38.08 5.53 57.88
C LEU Y 282 38.82 4.23 58.12
N HIS Y 283 40.07 4.15 57.64
CA HIS Y 283 40.90 2.95 57.79
C HIS Y 283 42.20 3.28 58.50
N PRO Y 284 42.27 3.13 59.82
CA PRO Y 284 43.52 3.39 60.53
C PRO Y 284 44.35 2.15 60.72
N ASP Y 285 45.68 2.32 60.62
CA ASP Y 285 46.61 1.25 61.00
C ASP Y 285 47.00 1.32 62.46
N HIS Y 286 46.93 2.51 63.05
CA HIS Y 286 47.22 2.74 64.46
C HIS Y 286 46.29 3.85 64.93
N PRO Y 287 46.03 3.94 66.23
CA PRO Y 287 45.10 4.96 66.72
C PRO Y 287 45.39 6.36 66.20
N THR Y 288 44.47 6.92 65.42
CA THR Y 288 44.60 8.24 64.84
C THR Y 288 43.47 9.13 65.31
N LEU Y 289 43.69 10.44 65.23
CA LEU Y 289 42.75 11.43 65.75
C LEU Y 289 41.93 12.00 64.61
N PHE Y 290 40.61 11.94 64.73
CA PHE Y 290 39.69 12.47 63.73
C PHE Y 290 38.81 13.52 64.38
N SER Y 291 38.86 14.74 63.87
CA SER Y 291 38.07 15.82 64.42
C SER Y 291 37.62 16.74 63.30
N TYR Y 292 36.42 17.30 63.45
CA TYR Y 292 35.85 18.16 62.43
C TYR Y 292 35.05 19.27 63.10
N ARG Y 293 34.75 20.30 62.33
CA ARG Y 293 33.92 21.39 62.82
C ARG Y 293 33.21 22.03 61.64
N THR Y 294 31.96 22.44 61.86
CA THR Y 294 31.21 23.13 60.83
C THR Y 294 31.52 24.62 60.91
N LEU Y 295 32.01 25.20 59.81
CA LEU Y 295 32.52 26.56 59.88
C LEU Y 295 31.46 27.60 59.56
N GLY Y 296 30.35 27.49 60.27
CA GLY Y 296 29.28 28.48 60.21
C GLY Y 296 29.41 29.53 61.28
N GLU Y 297 28.30 29.81 61.96
CA GLU Y 297 28.28 30.77 63.06
C GLU Y 297 28.25 30.07 64.42
N ASP Y 298 27.54 28.96 64.52
CA ASP Y 298 27.56 28.12 65.71
C ASP Y 298 28.10 26.75 65.30
N PRO Y 299 29.41 26.53 65.42
CA PRO Y 299 30.00 25.32 64.86
C PRO Y 299 29.58 24.09 65.65
N GLN Y 300 29.84 22.93 65.04
CA GLN Y 300 29.59 21.64 65.67
C GLN Y 300 30.93 20.99 65.99
N TYR Y 301 31.44 21.30 67.17
CA TYR Y 301 32.64 20.67 67.69
C TYR Y 301 32.51 19.15 67.71
N HIS Y 302 33.63 18.47 67.45
CA HIS Y 302 33.72 17.03 67.61
C HIS Y 302 35.18 16.60 67.54
N GLU Y 303 35.53 15.58 68.32
CA GLU Y 303 36.90 15.08 68.35
C GLU Y 303 36.90 13.67 68.90
N GLU Y 304 37.76 12.81 68.34
CA GLU Y 304 37.67 11.39 68.62
C GLU Y 304 39.01 10.73 68.33
N TRP Y 305 39.24 9.58 68.98
CA TRP Y 305 40.41 8.75 68.75
C TRP Y 305 39.93 7.49 68.03
N VAL Y 306 40.10 7.44 66.72
CA VAL Y 306 39.68 6.29 65.94
C VAL Y 306 40.72 5.19 66.08
N THR Y 307 40.27 3.99 66.40
CA THR Y 307 41.15 2.85 66.61
C THR Y 307 40.94 1.72 65.61
N ALA Y 308 39.70 1.39 65.27
CA ALA Y 308 39.38 0.35 64.31
C ALA Y 308 38.75 0.98 63.07
N ALA Y 309 38.42 0.13 62.10
CA ALA Y 309 37.79 0.62 60.88
C ALA Y 309 36.34 0.98 61.16
N VAL Y 310 35.99 2.24 60.93
CA VAL Y 310 34.66 2.76 61.20
C VAL Y 310 34.20 3.57 59.99
N GLU Y 311 32.95 4.00 60.04
CA GLU Y 311 32.40 4.93 59.06
C GLU Y 311 31.60 6.01 59.77
N ARG Y 312 31.71 7.24 59.31
CA ARG Y 312 31.10 8.38 59.97
C ARG Y 312 30.37 9.24 58.97
N THR Y 313 29.21 9.75 59.37
CA THR Y 313 28.42 10.68 58.56
C THR Y 313 28.51 12.04 59.20
N ILE Y 314 28.94 13.03 58.42
CA ILE Y 314 29.20 14.38 58.91
C ILE Y 314 28.31 15.34 58.13
N PRO Y 315 27.66 16.30 58.78
CA PRO Y 315 26.79 17.22 58.06
C PRO Y 315 27.59 18.37 57.45
N VAL Y 316 27.26 18.69 56.21
CA VAL Y 316 27.91 19.77 55.48
C VAL Y 316 26.87 20.80 55.07
N PRO Y 317 26.62 21.82 55.87
CA PRO Y 317 25.65 22.84 55.44
C PRO Y 317 26.19 23.68 54.31
N VAL Y 318 25.41 24.67 53.86
CA VAL Y 318 25.85 25.54 52.79
C VAL Y 318 26.99 26.43 53.24
N ASP Y 319 27.21 26.58 54.55
CA ASP Y 319 28.35 27.33 55.05
C ASP Y 319 29.67 26.60 54.78
N GLY Y 320 29.66 25.28 54.86
CA GLY Y 320 30.86 24.49 54.68
C GLY Y 320 31.39 23.94 55.98
N MET Y 321 32.36 23.04 55.88
CA MET Y 321 32.99 22.48 57.07
C MET Y 321 34.34 21.91 56.70
N GLU Y 322 35.16 21.64 57.73
CA GLU Y 322 36.46 21.02 57.53
C GLU Y 322 36.63 19.87 58.49
N TYR Y 323 37.45 18.90 58.09
CA TYR Y 323 37.79 17.77 58.93
C TYR Y 323 39.30 17.58 58.93
N HIS Y 324 39.79 16.93 59.97
CA HIS Y 324 41.22 16.81 60.22
C HIS Y 324 41.51 15.37 60.59
N TRP Y 325 42.24 14.65 59.75
CA TRP Y 325 42.41 13.21 59.90
C TRP Y 325 43.88 12.89 60.03
N GLY Y 326 44.30 12.38 61.18
CA GLY Y 326 45.69 12.04 61.36
C GLY Y 326 46.58 13.25 61.24
N ASN Y 327 47.68 13.09 60.52
CA ASN Y 327 48.65 14.16 60.32
C ASN Y 327 48.40 14.94 59.05
N ASN Y 328 47.38 14.58 58.27
CA ASN Y 328 47.09 15.30 57.04
C ASN Y 328 46.62 16.73 57.33
N ASP Y 329 46.65 17.56 56.30
CA ASP Y 329 46.15 18.90 56.45
C ASP Y 329 44.62 18.90 56.39
N PRO Y 330 43.97 19.88 57.02
CA PRO Y 330 42.50 19.90 57.02
C PRO Y 330 41.94 20.14 55.63
N VAL Y 331 40.80 19.53 55.36
CA VAL Y 331 40.14 19.58 54.07
C VAL Y 331 38.77 20.19 54.24
N ARG Y 332 38.44 21.19 53.43
CA ARG Y 332 37.18 21.90 53.52
C ARG Y 332 36.26 21.51 52.37
N LEU Y 333 34.99 21.28 52.69
CA LEU Y 333 33.98 20.90 51.71
C LEU Y 333 32.76 21.80 51.88
N TRP Y 334 32.26 22.35 50.78
CA TRP Y 334 31.11 23.23 50.79
C TRP Y 334 29.97 22.59 50.04
N SER Y 335 28.78 22.56 50.65
CA SER Y 335 27.62 22.00 49.96
C SER Y 335 27.18 22.92 48.84
N GLN Y 336 26.21 22.46 48.06
CA GLN Y 336 25.81 23.19 46.87
C GLN Y 336 24.29 23.13 46.75
N LEU Y 337 23.72 24.17 46.15
CA LEU Y 337 22.26 24.33 46.10
C LEU Y 337 21.68 23.35 45.09
N THR Y 338 21.37 22.15 45.55
CA THR Y 338 20.79 21.12 44.72
C THR Y 338 19.52 20.59 45.35
N THR Y 339 18.64 20.04 44.52
CA THR Y 339 17.35 19.53 44.98
C THR Y 339 16.83 18.52 43.96
N GLU Y 340 15.54 18.19 44.08
CA GLU Y 340 14.92 17.19 43.23
C GLU Y 340 13.73 17.70 42.44
N GLY Y 341 13.26 18.91 42.68
CA GLY Y 341 12.12 19.44 41.97
C GLY Y 341 12.49 19.95 40.59
N LYS Y 342 11.53 20.61 39.96
CA LYS Y 342 11.70 21.15 38.61
C LYS Y 342 11.21 22.59 38.55
N PRO Y 343 12.11 23.56 38.56
CA PRO Y 343 11.69 24.95 38.39
C PRO Y 343 11.20 25.20 36.98
N HIS Y 344 10.38 26.23 36.82
CA HIS Y 344 9.79 26.58 35.53
C HIS Y 344 9.05 25.38 34.93
N GLY Y 345 8.30 24.68 35.77
CA GLY Y 345 7.43 23.62 35.29
C GLY Y 345 6.00 23.90 35.68
N TRP Y 346 5.23 22.86 35.97
CA TRP Y 346 3.88 23.07 36.43
C TRP Y 346 3.90 23.67 37.83
N PRO Y 347 2.81 24.30 38.26
CA PRO Y 347 2.77 24.87 39.62
C PRO Y 347 3.01 23.85 40.72
N HIS Y 348 2.69 22.57 40.50
CA HIS Y 348 2.94 21.56 41.53
C HIS Y 348 4.39 21.09 41.54
N GLN Y 349 5.22 21.55 40.60
CA GLN Y 349 6.63 21.21 40.58
C GLN Y 349 7.52 22.29 41.16
N ILE Y 350 7.15 23.56 41.00
CA ILE Y 350 7.92 24.63 41.62
C ILE Y 350 7.82 24.52 43.14
N VAL Y 351 6.67 24.08 43.66
CA VAL Y 351 6.54 23.87 45.09
C VAL Y 351 7.51 22.80 45.56
N GLN Y 352 7.64 21.71 44.81
CA GLN Y 352 8.62 20.69 45.16
C GLN Y 352 10.03 21.24 45.10
N TYR Y 353 10.34 22.03 44.07
CA TYR Y 353 11.68 22.58 43.95
C TYR Y 353 12.03 23.46 45.14
N TYR Y 354 11.11 24.31 45.55
CA TYR Y 354 11.35 25.19 46.70
C TYR Y 354 11.03 24.52 48.01
N TYR Y 355 10.63 23.25 48.00
CA TYR Y 355 10.56 22.45 49.21
C TYR Y 355 11.81 21.61 49.42
N GLY Y 356 12.55 21.31 48.36
CA GLY Y 356 13.88 20.76 48.54
C GLY Y 356 14.79 21.74 49.25
N LEU Y 357 14.73 23.01 48.86
CA LEU Y 357 15.43 24.08 49.54
C LEU Y 357 14.48 24.67 50.59
N TYR Y 358 14.97 24.84 51.81
CA TYR Y 358 14.16 25.48 52.84
C TYR Y 358 12.85 24.76 53.04
N PRO Y 359 12.84 23.53 53.56
CA PRO Y 359 11.58 22.81 53.70
C PRO Y 359 10.80 23.21 54.94
N ALA Y 360 10.83 24.50 55.27
CA ALA Y 360 10.07 25.01 56.41
C ALA Y 360 9.35 26.31 56.12
N ALA Y 361 9.79 27.11 55.16
CA ALA Y 361 9.08 28.31 54.75
C ALA Y 361 8.19 28.09 53.55
N THR Y 362 8.49 27.09 52.72
CA THR Y 362 7.63 26.81 51.57
C THR Y 362 6.24 26.39 52.02
N VAL Y 363 6.15 25.51 53.01
CA VAL Y 363 4.84 25.09 53.50
C VAL Y 363 4.09 26.27 54.09
N SER Y 364 4.79 27.12 54.85
CA SER Y 364 4.16 28.30 55.41
C SER Y 364 3.62 29.22 54.33
N ALA Y 365 4.41 29.47 53.29
CA ALA Y 365 3.97 30.36 52.22
C ALA Y 365 2.79 29.79 51.47
N VAL Y 366 2.83 28.48 51.18
CA VAL Y 366 1.72 27.86 50.46
C VAL Y 366 0.44 27.93 51.29
N VAL Y 367 0.54 27.64 52.59
CA VAL Y 367 -0.64 27.71 53.44
C VAL Y 367 -1.19 29.13 53.47
N GLY Y 368 -0.31 30.11 53.62
CA GLY Y 368 -0.76 31.50 53.68
C GLY Y 368 -1.47 31.93 52.40
N MET Y 369 -0.86 31.64 51.25
CA MET Y 369 -1.47 32.03 49.98
C MET Y 369 -2.81 31.33 49.77
N SER Y 370 -2.88 30.03 50.08
CA SER Y 370 -4.13 29.32 49.91
C SER Y 370 -5.22 29.88 50.80
N LEU Y 371 -4.89 30.17 52.06
CA LEU Y 371 -5.88 30.70 52.99
C LEU Y 371 -6.37 32.07 52.54
N LEU Y 372 -5.45 32.92 52.08
CA LEU Y 372 -5.86 34.24 51.60
C LEU Y 372 -6.78 34.13 50.39
N ALA Y 373 -6.45 33.22 49.46
CA ALA Y 373 -7.31 33.04 48.29
C ALA Y 373 -8.71 32.58 48.70
N LEU Y 374 -8.79 31.62 49.63
CA LEU Y 374 -10.09 31.14 50.08
C LEU Y 374 -10.88 32.26 50.76
N ILE Y 375 -10.22 33.07 51.59
CA ILE Y 375 -10.91 34.17 52.25
C ILE Y 375 -11.46 35.14 51.21
N SER Y 376 -10.65 35.50 50.22
CA SER Y 376 -11.11 36.47 49.22
C SER Y 376 -12.29 35.93 48.42
N ILE Y 377 -12.22 34.64 48.01
CA ILE Y 377 -13.31 34.10 47.21
C ILE Y 377 -14.59 34.00 48.03
N PHE Y 378 -14.46 33.64 49.32
CA PHE Y 378 -15.65 33.60 50.17
C PHE Y 378 -16.25 34.99 50.34
N ALA Y 379 -15.40 36.00 50.51
CA ALA Y 379 -15.91 37.37 50.66
C ALA Y 379 -16.66 37.81 49.41
N SER Y 380 -16.10 37.53 48.23
CA SER Y 380 -16.77 37.92 46.99
C SER Y 380 -18.10 37.20 46.83
N CYS Y 381 -18.14 35.90 47.13
CA CYS Y 381 -19.39 35.16 47.01
C CYS Y 381 -20.44 35.69 47.99
N TYR Y 382 -20.03 36.00 49.22
CA TYR Y 382 -20.96 36.58 50.18
C TYR Y 382 -21.49 37.92 49.68
N MET Y 383 -20.63 38.74 49.09
CA MET Y 383 -21.08 40.04 48.59
C MET Y 383 -22.08 39.86 47.47
N LEU Y 384 -21.86 38.91 46.57
CA LEU Y 384 -22.85 38.66 45.52
C LEU Y 384 -24.18 38.22 46.12
N VAL Y 385 -24.16 37.31 47.09
CA VAL Y 385 -25.43 36.84 47.67
C VAL Y 385 -26.15 37.98 48.38
N ALA Y 386 -25.40 38.79 49.13
CA ALA Y 386 -26.02 39.91 49.84
C ALA Y 386 -26.59 40.93 48.85
N ALA Y 387 -25.89 41.21 47.76
CA ALA Y 387 -26.42 42.14 46.77
C ALA Y 387 -27.69 41.59 46.13
N ARG Y 388 -27.72 40.29 45.85
CA ARG Y 388 -28.94 39.69 45.32
C ARG Y 388 -30.09 39.84 46.29
N SER Y 389 -29.86 39.53 47.57
CA SER Y 389 -30.92 39.63 48.56
C SER Y 389 -31.39 41.06 48.71
N LYS Y 390 -30.47 42.02 48.68
CA LYS Y 390 -30.85 43.42 48.82
C LYS Y 390 -31.62 43.92 47.61
N CYS Y 391 -31.31 43.40 46.42
CA CYS Y 391 -32.05 43.83 45.23
C CYS Y 391 -33.44 43.20 45.16
N LEU Y 392 -33.58 41.95 45.60
CA LEU Y 392 -34.87 41.26 45.48
C LEU Y 392 -35.66 41.24 46.78
N THR Y 393 -35.23 41.94 47.82
CA THR Y 393 -36.04 42.01 49.03
C THR Y 393 -37.35 42.77 48.86
N PRO Y 394 -37.43 43.92 48.18
CA PRO Y 394 -38.71 44.64 48.15
C PRO Y 394 -39.81 43.91 47.40
N TYR Y 395 -39.47 42.94 46.55
CA TYR Y 395 -40.46 42.29 45.73
C TYR Y 395 -41.26 41.24 46.48
N ALA Y 396 -40.81 40.83 47.66
CA ALA Y 396 -41.57 39.92 48.50
C ALA Y 396 -42.40 40.65 49.54
N LEU Y 397 -42.36 41.98 49.56
CA LEU Y 397 -43.21 42.78 50.43
C LEU Y 397 -44.39 43.38 49.68
N THR Y 398 -44.58 43.02 48.42
CA THR Y 398 -45.75 43.38 47.63
C THR Y 398 -46.34 42.13 47.00
N PRO Y 399 -47.65 42.11 46.74
CA PRO Y 399 -48.26 41.04 45.95
C PRO Y 399 -48.13 41.27 44.44
N GLY Y 400 -46.92 41.59 43.99
CA GLY Y 400 -46.67 41.94 42.62
C GLY Y 400 -45.77 40.96 41.88
N ALA Y 401 -45.44 41.31 40.64
CA ALA Y 401 -44.67 40.47 39.76
C ALA Y 401 -43.18 40.70 39.95
N ALA Y 402 -42.38 39.73 39.49
CA ALA Y 402 -40.95 39.71 39.74
C ALA Y 402 -40.11 40.22 38.58
N VAL Y 403 -40.72 40.77 37.53
CA VAL Y 403 -39.98 41.34 36.40
C VAL Y 403 -39.09 40.28 35.76
N PRO Y 404 -39.65 39.36 34.97
CA PRO Y 404 -38.83 38.28 34.35
C PRO Y 404 -37.51 38.74 33.76
N TRP Y 405 -37.43 39.99 33.29
CA TRP Y 405 -36.15 40.55 32.85
C TRP Y 405 -35.13 40.47 33.98
N THR Y 406 -35.51 40.89 35.18
CA THR Y 406 -34.64 40.80 36.35
C THR Y 406 -34.55 39.37 36.86
N LEU Y 407 -35.62 38.59 36.71
CA LEU Y 407 -35.58 37.20 37.15
C LEU Y 407 -34.51 36.41 36.41
N GLY Y 408 -34.38 36.63 35.10
CA GLY Y 408 -33.38 35.90 34.34
C GLY Y 408 -31.97 36.17 34.82
N ILE Y 409 -31.63 37.44 35.00
CA ILE Y 409 -30.29 37.79 35.46
C ILE Y 409 -30.10 37.42 36.92
N LEU Y 410 -31.07 37.77 37.76
CA LEU Y 410 -30.97 37.56 39.20
C LEU Y 410 -31.87 36.37 39.54
N CYS Y 411 -31.25 35.21 39.77
CA CYS Y 411 -32.01 34.02 40.12
C CYS Y 411 -32.59 34.17 41.52
N CYS Y 412 -33.85 33.76 41.68
CA CYS Y 412 -34.52 33.79 42.97
C CYS Y 412 -35.17 32.44 43.25
N ALA Y 413 -35.54 32.25 44.52
CA ALA Y 413 -36.18 31.00 44.93
C ALA Y 413 -37.48 30.73 44.19
N PRO Y 414 -38.43 31.69 44.05
CA PRO Y 414 -39.62 31.40 43.25
C PRO Y 414 -39.30 31.23 41.78
N ARG Y 415 -39.35 29.98 41.31
CA ARG Y 415 -39.00 29.69 39.92
C ARG Y 415 -40.17 29.96 38.98
N ALA Y 416 -41.36 29.48 39.35
CA ALA Y 416 -42.52 29.61 38.48
C ALA Y 416 -43.68 30.29 39.20
N HIS Y 417 -43.80 30.07 40.51
CA HIS Y 417 -44.87 30.65 41.30
C HIS Y 417 -44.49 32.08 41.69
N ALA Y 418 -45.44 33.00 41.54
CA ALA Y 418 -45.25 34.41 41.86
C ALA Y 418 -44.14 35.06 41.03
N HIS Z 1 57.52 -59.20 17.85
CA HIS Z 1 56.49 -58.30 18.35
C HIS Z 1 55.27 -59.08 18.85
N PHE Z 2 54.09 -58.48 18.73
CA PHE Z 2 52.86 -59.06 19.24
C PHE Z 2 52.12 -59.83 18.15
N ASN Z 3 51.82 -61.09 18.45
CA ASN Z 3 51.17 -61.97 17.49
C ASN Z 3 50.05 -62.72 18.21
N VAL Z 4 49.17 -62.00 18.89
CA VAL Z 4 48.08 -62.59 19.68
C VAL Z 4 47.32 -63.65 18.91
N TYR Z 5 47.36 -63.57 17.58
CA TYR Z 5 46.60 -64.51 16.75
C TYR Z 5 47.19 -65.92 16.79
N LYS Z 6 48.24 -66.12 17.59
CA LYS Z 6 48.78 -67.47 17.77
C LYS Z 6 47.97 -68.30 18.75
N ALA Z 7 47.21 -67.66 19.63
CA ALA Z 7 46.43 -68.36 20.64
C ALA Z 7 44.99 -68.59 20.24
N THR Z 8 44.59 -68.16 19.04
CA THR Z 8 43.22 -68.30 18.58
C THR Z 8 43.17 -69.06 17.27
N ARG Z 9 42.04 -69.72 17.03
CA ARG Z 9 41.87 -70.61 15.90
C ARG Z 9 40.53 -70.38 15.22
N PRO Z 10 40.40 -70.73 13.95
CA PRO Z 10 39.09 -70.77 13.31
C PRO Z 10 38.27 -71.93 13.85
N TYR Z 11 36.96 -71.82 13.70
CA TYR Z 11 36.07 -72.86 14.20
C TYR Z 11 34.92 -73.04 13.23
N ILE Z 12 34.20 -74.16 13.38
CA ILE Z 12 33.03 -74.47 12.57
C ILE Z 12 31.78 -74.23 13.42
N ALA Z 13 30.87 -73.43 12.88
CA ALA Z 13 29.60 -73.13 13.51
C ALA Z 13 28.46 -73.53 12.57
N TYR Z 14 27.23 -73.31 13.01
CA TYR Z 14 26.04 -73.71 12.29
C TYR Z 14 25.51 -72.52 11.51
N CYS Z 15 25.36 -72.69 10.20
CA CYS Z 15 24.85 -71.64 9.34
C CYS Z 15 23.40 -71.93 8.97
N ALA Z 16 22.56 -70.90 8.95
CA ALA Z 16 21.14 -71.08 8.72
C ALA Z 16 20.88 -71.70 7.35
N ASP Z 17 21.44 -71.11 6.30
CA ASP Z 17 21.44 -71.74 5.00
C ASP Z 17 22.69 -71.33 4.26
N CYS Z 18 23.26 -72.27 3.51
CA CYS Z 18 24.59 -72.11 2.94
C CYS Z 18 24.55 -71.78 1.46
N GLY Z 19 23.69 -70.85 1.06
CA GLY Z 19 23.68 -70.36 -0.30
C GLY Z 19 22.84 -71.14 -1.26
N ALA Z 20 22.23 -72.25 -0.83
CA ALA Z 20 21.37 -73.04 -1.69
C ALA Z 20 20.04 -73.39 -1.03
N GLY Z 21 19.72 -72.76 0.10
CA GLY Z 21 18.50 -73.08 0.82
C GLY Z 21 18.62 -74.25 1.78
N HIS Z 22 19.79 -74.83 1.95
CA HIS Z 22 20.00 -75.94 2.85
C HIS Z 22 20.98 -75.55 3.96
N SER Z 23 20.82 -76.18 5.11
CA SER Z 23 21.57 -75.84 6.31
C SER Z 23 22.64 -76.89 6.55
N CYS Z 24 23.87 -76.42 6.80
CA CYS Z 24 24.96 -77.34 7.15
C CYS Z 24 26.02 -76.56 7.90
N HIS Z 25 26.86 -77.30 8.61
CA HIS Z 25 27.92 -76.71 9.42
C HIS Z 25 29.04 -76.23 8.50
N SER Z 26 29.18 -74.92 8.38
CA SER Z 26 30.13 -74.31 7.46
C SER Z 26 31.18 -73.54 8.23
N PRO Z 27 32.40 -73.39 7.68
CA PRO Z 27 33.46 -72.69 8.41
C PRO Z 27 33.34 -71.17 8.35
N VAL Z 28 32.37 -70.62 7.62
CA VAL Z 28 32.33 -69.20 7.35
C VAL Z 28 31.04 -68.65 7.92
N ALA Z 29 30.59 -69.19 9.05
CA ALA Z 29 29.36 -68.72 9.67
C ALA Z 29 29.46 -67.25 10.03
N ILE Z 30 28.41 -66.50 9.76
CA ILE Z 30 28.38 -65.07 10.03
C ILE Z 30 27.81 -64.83 11.42
N GLU Z 31 28.56 -64.17 12.26
CA GLU Z 31 28.08 -63.67 13.54
C GLU Z 31 27.57 -62.25 13.34
N ALA Z 32 27.52 -61.48 14.41
CA ALA Z 32 26.91 -60.15 14.38
C ALA Z 32 27.48 -59.29 13.25
N VAL Z 33 26.62 -58.48 12.66
CA VAL Z 33 27.02 -57.43 11.72
C VAL Z 33 26.78 -56.09 12.40
N ARG Z 34 27.82 -55.26 12.45
CA ARG Z 34 27.73 -53.94 13.05
C ARG Z 34 27.72 -52.89 11.96
N SER Z 35 26.83 -51.90 12.09
CA SER Z 35 26.73 -50.85 11.10
C SER Z 35 26.51 -49.50 11.77
N GLU Z 36 27.25 -49.22 12.84
CA GLU Z 36 27.07 -47.98 13.59
C GLU Z 36 27.95 -46.84 13.06
N ALA Z 37 28.41 -46.92 11.83
CA ALA Z 37 29.13 -45.84 11.20
C ALA Z 37 28.19 -45.05 10.31
N THR Z 38 28.37 -43.73 10.27
CA THR Z 38 27.40 -42.87 9.61
C THR Z 38 27.47 -42.98 8.10
N ASP Z 39 28.66 -43.13 7.53
CA ASP Z 39 28.77 -43.17 6.08
C ASP Z 39 28.38 -44.51 5.48
N GLY Z 40 28.07 -45.52 6.31
CA GLY Z 40 27.53 -46.76 5.80
C GLY Z 40 28.56 -47.85 5.57
N MET Z 41 29.39 -48.12 6.56
CA MET Z 41 30.43 -49.14 6.48
C MET Z 41 30.13 -50.25 7.48
N LEU Z 42 30.15 -51.49 7.01
CA LEU Z 42 29.77 -52.64 7.83
C LEU Z 42 31.01 -53.34 8.39
N LYS Z 43 30.83 -54.08 9.47
CA LYS Z 43 31.87 -54.94 10.01
C LYS Z 43 31.32 -56.36 10.11
N ILE Z 44 31.33 -57.08 8.99
CA ILE Z 44 30.89 -58.46 9.00
C ILE Z 44 31.89 -59.29 9.80
N GLN Z 45 31.39 -60.21 10.61
CA GLN Z 45 32.24 -61.02 11.48
C GLN Z 45 32.17 -62.48 11.04
N PHE Z 46 33.26 -62.98 10.48
CA PHE Z 46 33.43 -64.40 10.20
C PHE Z 46 33.40 -65.24 11.46
N SER Z 47 33.61 -66.54 11.24
CA SER Z 47 34.25 -67.41 12.20
C SER Z 47 35.65 -67.84 11.79
N ALA Z 48 35.92 -67.91 10.50
CA ALA Z 48 37.21 -68.37 9.99
C ALA Z 48 38.08 -67.16 9.70
N GLN Z 49 39.03 -66.87 10.59
CA GLN Z 49 39.77 -65.62 10.52
C GLN Z 49 40.69 -65.56 9.31
N ILE Z 50 40.97 -64.33 8.88
CA ILE Z 50 41.61 -64.03 7.60
C ILE Z 50 42.74 -63.05 7.82
N GLY Z 51 43.72 -63.11 6.92
CA GLY Z 51 44.94 -62.35 7.06
C GLY Z 51 46.02 -63.03 7.88
N ILE Z 52 45.79 -64.24 8.36
CA ILE Z 52 46.76 -64.97 9.18
C ILE Z 52 46.98 -66.34 8.55
N ASP Z 53 48.24 -66.73 8.41
CA ASP Z 53 48.58 -68.02 7.83
C ASP Z 53 48.28 -69.14 8.82
N LYS Z 54 48.29 -70.37 8.32
CA LYS Z 54 48.01 -71.53 9.16
C LYS Z 54 49.01 -71.65 10.31
N SER Z 55 50.29 -71.35 10.03
CA SER Z 55 51.35 -71.55 11.01
C SER Z 55 51.59 -70.31 11.85
N ASP Z 56 50.55 -69.52 12.08
CA ASP Z 56 50.62 -68.32 12.92
C ASP Z 56 51.68 -67.35 12.43
N ASN Z 57 51.61 -67.05 11.13
CA ASN Z 57 52.58 -66.17 10.49
C ASN Z 57 51.80 -65.09 9.76
N HIS Z 58 52.09 -63.83 10.01
CA HIS Z 58 51.28 -62.77 9.44
C HIS Z 58 51.53 -62.61 7.96
N ASP Z 59 50.75 -63.31 7.15
CA ASP Z 59 50.78 -63.17 5.71
C ASP Z 59 49.66 -62.21 5.29
N TYR Z 60 49.58 -61.88 4.00
CA TYR Z 60 48.46 -61.06 3.57
C TYR Z 60 47.73 -61.68 2.38
N THR Z 61 47.97 -62.95 2.09
CA THR Z 61 47.30 -63.66 1.01
C THR Z 61 46.65 -64.96 1.46
N LYS Z 62 47.16 -65.59 2.51
CA LYS Z 62 46.55 -66.80 3.03
C LYS Z 62 45.47 -66.43 4.04
N ILE Z 63 44.42 -67.23 4.13
CA ILE Z 63 43.43 -67.07 5.18
C ILE Z 63 43.16 -68.42 5.83
N ARG Z 64 43.21 -68.45 7.16
CA ARG Z 64 43.00 -69.67 7.93
C ARG Z 64 41.52 -70.05 7.94
N TYR Z 65 41.26 -71.35 8.09
CA TYR Z 65 39.92 -71.81 8.43
C TYR Z 65 40.01 -73.23 8.97
N ALA Z 66 38.99 -73.63 9.71
CA ALA Z 66 38.95 -74.93 10.35
C ALA Z 66 38.36 -75.97 9.42
N ASP Z 67 38.84 -77.20 9.56
CA ASP Z 67 38.36 -78.31 8.74
C ASP Z 67 38.48 -79.58 9.57
N GLY Z 68 37.49 -79.81 10.43
CA GLY Z 68 37.50 -80.97 11.30
C GLY Z 68 38.75 -81.10 12.14
N HIS Z 69 38.89 -80.20 13.12
CA HIS Z 69 40.10 -80.08 13.95
C HIS Z 69 41.36 -80.25 13.12
N ALA Z 70 41.44 -79.49 12.03
CA ALA Z 70 42.62 -79.48 11.17
C ALA Z 70 42.62 -78.18 10.39
N ILE Z 71 43.32 -77.18 10.89
CA ILE Z 71 43.35 -75.86 10.28
C ILE Z 71 44.00 -75.97 8.90
N GLU Z 72 43.39 -75.33 7.91
CA GLU Z 72 43.96 -75.22 6.58
C GLU Z 72 43.98 -73.76 6.18
N ASN Z 73 44.44 -73.46 4.98
CA ASN Z 73 44.49 -72.07 4.52
C ASN Z 73 44.01 -71.96 3.08
N ALA Z 74 43.45 -70.79 2.77
CA ALA Z 74 42.92 -70.48 1.46
C ALA Z 74 43.41 -69.11 1.02
N VAL Z 75 43.44 -68.91 -0.30
CA VAL Z 75 43.97 -67.67 -0.86
C VAL Z 75 43.03 -66.51 -0.52
N ARG Z 76 43.61 -65.33 -0.28
CA ARG Z 76 42.78 -64.18 0.10
C ARG Z 76 41.93 -63.69 -1.06
N SER Z 77 42.44 -63.79 -2.28
CA SER Z 77 41.56 -63.60 -3.41
C SER Z 77 40.42 -64.62 -3.35
N SER Z 78 39.40 -64.39 -4.17
CA SER Z 78 38.17 -65.18 -4.18
C SER Z 78 37.34 -65.00 -2.92
N LEU Z 79 37.73 -64.09 -2.02
CA LEU Z 79 36.83 -63.70 -0.93
C LEU Z 79 35.81 -62.72 -1.48
N LYS Z 80 34.55 -63.14 -1.55
CA LYS Z 80 33.48 -62.32 -2.08
C LYS Z 80 32.45 -62.08 -0.99
N VAL Z 81 32.21 -60.81 -0.67
CA VAL Z 81 31.07 -60.41 0.14
C VAL Z 81 30.07 -59.74 -0.78
N ALA Z 82 28.80 -60.11 -0.67
CA ALA Z 82 27.82 -59.67 -1.63
C ALA Z 82 26.52 -59.33 -0.94
N THR Z 83 25.73 -58.48 -1.60
CA THR Z 83 24.43 -58.04 -1.12
C THR Z 83 23.58 -58.12 -2.38
N SER Z 84 22.42 -57.46 -2.39
CA SER Z 84 21.57 -57.45 -3.57
C SER Z 84 22.36 -57.17 -4.84
N GLY Z 85 23.46 -56.44 -4.71
CA GLY Z 85 24.38 -56.26 -5.82
C GLY Z 85 25.69 -56.99 -5.58
N ASP Z 86 26.76 -56.23 -5.38
CA ASP Z 86 28.08 -56.80 -5.15
C ASP Z 86 28.93 -55.77 -4.42
N CYS Z 87 29.42 -56.13 -3.25
CA CYS Z 87 30.06 -55.19 -2.35
C CYS Z 87 31.51 -54.95 -2.73
N PHE Z 88 32.14 -54.02 -2.00
CA PHE Z 88 33.54 -53.70 -2.14
C PHE Z 88 34.20 -53.85 -0.78
N VAL Z 89 35.29 -54.62 -0.72
CA VAL Z 89 35.92 -54.97 0.54
C VAL Z 89 37.00 -53.94 0.86
N HIS Z 90 36.89 -53.31 2.02
CA HIS Z 90 37.79 -52.22 2.41
C HIS Z 90 38.89 -52.72 3.35
N GLY Z 91 38.50 -53.31 4.47
CA GLY Z 91 39.46 -53.77 5.46
C GLY Z 91 39.46 -55.27 5.61
N THR Z 92 40.45 -55.82 6.30
CA THR Z 92 40.59 -57.27 6.44
C THR Z 92 41.58 -57.56 7.55
N MET Z 93 41.10 -58.08 8.68
CA MET Z 93 42.00 -58.46 9.76
C MET Z 93 41.28 -59.34 10.75
N GLY Z 94 41.83 -60.51 11.03
CA GLY Z 94 41.21 -61.40 12.01
C GLY Z 94 39.87 -61.90 11.53
N HIS Z 95 38.87 -61.80 12.39
CA HIS Z 95 37.53 -62.25 12.08
C HIS Z 95 36.70 -61.23 11.31
N PHE Z 96 37.21 -60.01 11.11
CA PHE Z 96 36.38 -58.87 10.73
C PHE Z 96 36.65 -58.44 9.31
N ILE Z 97 35.59 -57.99 8.62
CA ILE Z 97 35.65 -57.49 7.25
C ILE Z 97 35.01 -56.11 7.23
N LEU Z 98 35.50 -55.24 6.37
CA LEU Z 98 34.89 -53.94 6.13
C LEU Z 98 34.43 -53.86 4.69
N ALA Z 99 33.15 -53.53 4.49
CA ALA Z 99 32.59 -53.49 3.15
C ALA Z 99 31.63 -52.33 3.03
N LYS Z 100 31.43 -51.88 1.79
CA LYS Z 100 30.44 -50.86 1.45
C LYS Z 100 29.49 -51.45 0.42
N CYS Z 101 28.29 -51.81 0.85
CA CYS Z 101 27.41 -52.64 0.05
C CYS Z 101 26.23 -51.83 -0.51
N PRO Z 102 25.72 -52.21 -1.68
CA PRO Z 102 24.52 -51.56 -2.20
C PRO Z 102 23.30 -52.02 -1.42
N PRO Z 103 22.20 -51.27 -1.47
CA PRO Z 103 21.02 -51.64 -0.68
C PRO Z 103 20.45 -52.99 -1.09
N GLY Z 104 19.95 -53.72 -0.10
CA GLY Z 104 19.41 -55.04 -0.33
C GLY Z 104 18.88 -55.61 0.96
N GLU Z 105 18.49 -56.89 0.90
CA GLU Z 105 17.83 -57.53 2.04
C GLU Z 105 18.62 -58.67 2.66
N PHE Z 106 19.80 -58.99 2.16
CA PHE Z 106 20.61 -60.06 2.72
C PHE Z 106 22.07 -59.79 2.42
N LEU Z 107 22.95 -60.64 2.93
CA LEU Z 107 24.35 -60.62 2.55
C LEU Z 107 24.96 -61.99 2.72
N GLN Z 108 25.94 -62.32 1.89
CA GLN Z 108 26.63 -63.59 1.98
C GLN Z 108 28.13 -63.37 1.82
N VAL Z 109 28.91 -64.23 2.47
CA VAL Z 109 30.35 -64.24 2.37
C VAL Z 109 30.79 -65.63 1.94
N SER Z 110 31.69 -65.70 0.97
CA SER Z 110 32.06 -66.99 0.41
C SER Z 110 33.53 -67.00 0.05
N ILE Z 111 34.20 -68.09 0.39
CA ILE Z 111 35.62 -68.28 0.10
C ILE Z 111 35.77 -69.62 -0.62
N GLN Z 112 36.88 -69.76 -1.34
CA GLN Z 112 37.17 -71.00 -2.03
C GLN Z 112 37.87 -71.96 -1.10
N ASP Z 113 37.38 -73.20 -1.07
CA ASP Z 113 37.97 -74.23 -0.23
C ASP Z 113 39.35 -74.59 -0.77
N THR Z 114 40.02 -75.53 -0.08
CA THR Z 114 41.27 -76.07 -0.61
C THR Z 114 41.05 -76.79 -1.92
N ARG Z 115 39.95 -77.55 -2.02
CA ARG Z 115 39.58 -78.25 -3.25
C ARG Z 115 38.84 -77.36 -4.24
N ASN Z 116 38.90 -76.04 -4.06
CA ASN Z 116 38.22 -75.08 -4.93
C ASN Z 116 36.71 -75.32 -4.99
N ALA Z 117 36.10 -75.53 -3.82
CA ALA Z 117 34.66 -75.65 -3.69
C ALA Z 117 34.17 -74.49 -2.84
N VAL Z 118 33.20 -73.72 -3.36
CA VAL Z 118 32.77 -72.50 -2.69
C VAL Z 118 32.09 -72.85 -1.36
N ARG Z 119 32.42 -72.09 -0.32
CA ARG Z 119 31.80 -72.24 0.98
C ARG Z 119 31.18 -70.90 1.36
N ALA Z 120 29.85 -70.88 1.50
CA ALA Z 120 29.12 -69.63 1.65
C ALA Z 120 28.19 -69.72 2.84
N CYS Z 121 27.79 -68.56 3.35
CA CYS Z 121 26.79 -68.49 4.41
C CYS Z 121 26.13 -67.12 4.37
N ARG Z 122 24.80 -67.09 4.18
CA ARG Z 122 24.07 -65.84 4.04
C ARG Z 122 23.10 -65.66 5.20
N ILE Z 123 22.98 -64.42 5.66
CA ILE Z 123 22.16 -64.06 6.80
C ILE Z 123 21.21 -62.96 6.34
N GLN Z 124 20.00 -62.95 6.89
CA GLN Z 124 19.04 -61.91 6.52
C GLN Z 124 19.39 -60.61 7.23
N TYR Z 125 19.60 -59.56 6.44
CA TYR Z 125 20.02 -58.27 6.99
C TYR Z 125 19.45 -57.17 6.12
N HIS Z 126 18.59 -56.33 6.69
CA HIS Z 126 17.92 -55.27 5.95
C HIS Z 126 18.84 -54.06 5.91
N HIS Z 127 19.48 -53.83 4.77
CA HIS Z 127 20.47 -52.78 4.62
C HIS Z 127 19.88 -51.63 3.82
N ASP Z 128 19.93 -50.42 4.38
CA ASP Z 128 19.45 -49.22 3.69
C ASP Z 128 20.18 -48.02 4.26
N PRO Z 129 21.28 -47.62 3.64
CA PRO Z 129 22.04 -46.49 4.16
C PRO Z 129 21.35 -45.18 3.89
N GLN Z 130 21.56 -44.22 4.79
CA GLN Z 130 21.09 -42.85 4.58
C GLN Z 130 22.27 -41.90 4.75
N PRO Z 131 22.73 -41.24 3.69
CA PRO Z 131 23.88 -40.36 3.82
C PRO Z 131 23.57 -39.19 4.74
N VAL Z 132 24.62 -38.69 5.39
CA VAL Z 132 24.47 -37.59 6.34
C VAL Z 132 24.11 -36.32 5.60
N GLY Z 133 23.18 -35.55 6.17
CA GLY Z 133 22.77 -34.30 5.59
C GLY Z 133 21.28 -34.24 5.41
N ARG Z 134 20.84 -33.42 4.46
CA ARG Z 134 19.42 -33.25 4.16
C ARG Z 134 19.06 -33.65 2.74
N GLU Z 135 19.95 -34.36 2.05
CA GLU Z 135 19.67 -34.90 0.73
C GLU Z 135 20.08 -36.35 0.70
N LYS Z 136 19.34 -37.17 -0.05
CA LYS Z 136 19.64 -38.58 -0.16
C LYS Z 136 20.36 -38.90 -1.47
N PHE Z 137 21.56 -38.33 -1.60
CA PHE Z 137 22.38 -38.54 -2.78
C PHE Z 137 23.00 -39.94 -2.76
N THR Z 138 23.63 -40.31 -3.86
CA THR Z 138 24.25 -41.63 -4.01
C THR Z 138 25.77 -41.58 -4.05
N ILE Z 139 26.35 -40.83 -4.98
CA ILE Z 139 27.79 -40.73 -5.10
C ILE Z 139 28.20 -39.27 -4.91
N ARG Z 140 29.38 -39.07 -4.35
CA ARG Z 140 29.79 -37.74 -3.92
C ARG Z 140 30.02 -36.82 -5.12
N PRO Z 141 29.77 -35.52 -4.96
CA PRO Z 141 29.94 -34.60 -6.07
C PRO Z 141 31.33 -34.01 -6.11
N HIS Z 142 31.62 -33.19 -7.11
CA HIS Z 142 32.88 -32.48 -7.18
C HIS Z 142 32.77 -31.04 -6.70
N TYR Z 143 31.65 -30.69 -6.05
CA TYR Z 143 31.44 -29.36 -5.51
C TYR Z 143 30.37 -29.46 -4.43
N GLY Z 144 30.71 -29.15 -3.19
CA GLY Z 144 29.74 -29.25 -2.13
C GLY Z 144 30.35 -28.88 -0.79
N LYS Z 145 29.55 -29.04 0.25
CA LYS Z 145 29.97 -28.73 1.61
C LYS Z 145 30.81 -29.86 2.19
N GLU Z 146 31.18 -29.71 3.46
CA GLU Z 146 31.84 -30.75 4.22
C GLU Z 146 31.10 -30.91 5.54
N ILE Z 147 30.40 -32.03 5.69
CA ILE Z 147 29.58 -32.32 6.86
C ILE Z 147 30.30 -33.37 7.67
N PRO Z 148 30.46 -33.21 8.98
CA PRO Z 148 31.12 -34.26 9.77
C PRO Z 148 30.31 -35.55 9.77
N CYS Z 149 31.02 -36.67 9.84
CA CYS Z 149 30.41 -38.00 9.91
C CYS Z 149 31.33 -38.86 10.77
N THR Z 150 31.15 -40.18 10.68
CA THR Z 150 32.01 -41.14 11.35
C THR Z 150 32.25 -42.34 10.45
N THR Z 151 33.35 -43.03 10.68
CA THR Z 151 33.69 -44.19 9.86
C THR Z 151 34.66 -45.08 10.61
N TYR Z 152 34.82 -46.30 10.10
CA TYR Z 152 35.74 -47.29 10.65
C TYR Z 152 37.09 -47.12 9.98
N GLN Z 153 38.11 -46.75 10.75
CA GLN Z 153 39.42 -46.52 10.17
C GLN Z 153 40.20 -47.82 10.06
N GLN Z 154 41.08 -47.87 9.07
CA GLN Z 154 41.87 -49.06 8.81
C GLN Z 154 42.91 -49.32 9.89
N THR Z 155 43.14 -48.36 10.79
CA THR Z 155 44.18 -48.52 11.80
C THR Z 155 43.82 -49.61 12.79
N THR Z 156 44.83 -50.32 13.27
CA THR Z 156 44.68 -51.38 14.25
C THR Z 156 45.47 -51.06 15.52
N ALA Z 157 45.33 -49.84 16.00
CA ALA Z 157 46.01 -49.40 17.22
C ALA Z 157 45.25 -49.90 18.44
N LYS Z 158 45.53 -49.32 19.60
CA LYS Z 158 44.76 -49.63 20.79
C LYS Z 158 43.31 -49.20 20.62
N THR Z 159 42.38 -50.09 20.97
CA THR Z 159 40.97 -49.89 20.67
C THR Z 159 40.05 -49.86 21.87
N VAL Z 160 40.37 -50.55 22.96
CA VAL Z 160 39.52 -50.66 24.13
C VAL Z 160 38.20 -51.30 23.69
N GLU Z 161 38.25 -52.58 23.32
CA GLU Z 161 37.07 -53.35 22.96
C GLU Z 161 37.31 -54.80 23.37
N GLU Z 162 36.23 -55.57 23.46
CA GLU Z 162 36.32 -56.91 24.02
C GLU Z 162 35.72 -57.94 23.09
N ILE Z 163 36.46 -59.02 22.88
CA ILE Z 163 35.92 -60.29 22.42
C ILE Z 163 36.24 -61.31 23.50
N ASP Z 164 35.24 -62.07 23.91
CA ASP Z 164 35.46 -63.11 24.89
C ASP Z 164 35.86 -64.40 24.19
N MET Z 165 36.96 -64.99 24.63
CA MET Z 165 37.44 -66.25 24.09
C MET Z 165 37.43 -67.30 25.19
N HIS Z 166 37.24 -68.56 24.79
CA HIS Z 166 37.15 -69.64 25.75
C HIS Z 166 37.61 -70.93 25.09
N MET Z 167 38.01 -71.89 25.92
CA MET Z 167 38.60 -73.12 25.42
C MET Z 167 37.58 -73.93 24.64
N PRO Z 168 37.96 -74.52 23.50
CA PRO Z 168 36.99 -75.26 22.71
C PRO Z 168 36.53 -76.51 23.44
N PRO Z 169 35.29 -76.93 23.22
CA PRO Z 169 34.82 -78.16 23.86
C PRO Z 169 35.38 -79.39 23.17
N ASP Z 170 35.22 -80.52 23.84
CA ASP Z 170 35.67 -81.80 23.29
C ASP Z 170 34.80 -82.17 22.09
N THR Z 171 35.37 -82.03 20.91
CA THR Z 171 34.63 -82.29 19.69
C THR Z 171 34.37 -83.78 19.53
N PRO Z 172 33.12 -84.19 19.37
CA PRO Z 172 32.84 -85.61 19.16
C PRO Z 172 33.12 -86.01 17.74
N ASP Z 173 33.56 -87.27 17.58
CA ASP Z 173 33.91 -87.80 16.28
C ASP Z 173 33.63 -89.30 16.27
N ARG Z 174 33.22 -89.81 15.11
CA ARG Z 174 32.91 -91.22 14.96
C ARG Z 174 33.71 -91.92 13.88
N THR Z 175 34.46 -91.19 13.06
CA THR Z 175 35.22 -91.82 12.00
C THR Z 175 36.52 -92.44 12.50
N LEU Z 176 36.94 -92.14 13.73
CA LEU Z 176 38.16 -92.74 14.26
C LEU Z 176 37.97 -94.20 14.67
N LEU Z 177 36.80 -94.55 15.22
CA LEU Z 177 36.57 -95.91 15.69
C LEU Z 177 36.49 -96.84 14.49
N SER Z 178 37.51 -97.69 14.33
CA SER Z 178 37.55 -98.69 13.28
C SER Z 178 37.24 -100.04 13.91
N GLN Z 179 36.28 -100.75 13.34
CA GLN Z 179 35.87 -102.07 13.82
C GLN Z 179 36.44 -103.12 12.88
N GLN Z 180 37.41 -103.90 13.37
CA GLN Z 180 38.00 -104.96 12.57
C GLN Z 180 37.33 -106.30 12.82
N SER Z 181 37.45 -106.83 14.03
CA SER Z 181 36.82 -108.10 14.38
C SER Z 181 36.68 -108.15 15.89
N GLY Z 182 35.48 -107.86 16.38
CA GLY Z 182 35.23 -107.91 17.81
C GLY Z 182 36.11 -107.00 18.65
N ASN Z 183 36.56 -105.89 18.09
CA ASN Z 183 37.42 -104.97 18.82
C ASN Z 183 37.34 -103.60 18.15
N VAL Z 184 37.85 -102.59 18.85
CA VAL Z 184 37.88 -101.23 18.34
C VAL Z 184 39.30 -100.85 18.01
N LYS Z 185 39.45 -99.84 17.15
CA LYS Z 185 40.74 -99.33 16.72
C LYS Z 185 40.70 -97.82 16.75
N ILE Z 186 41.16 -97.24 17.86
CA ILE Z 186 41.13 -95.80 18.06
C ILE Z 186 42.33 -95.20 17.35
N THR Z 187 42.08 -94.22 16.49
CA THR Z 187 43.12 -93.59 15.70
C THR Z 187 43.51 -92.25 16.32
N VAL Z 188 44.78 -91.89 16.17
CA VAL Z 188 45.35 -90.67 16.73
C VAL Z 188 46.20 -90.03 15.64
N GLY Z 189 47.07 -89.09 16.03
CA GLY Z 189 47.79 -88.29 15.06
C GLY Z 189 48.06 -86.90 15.56
N GLY Z 190 47.78 -86.68 16.85
CA GLY Z 190 48.08 -85.42 17.49
C GLY Z 190 47.00 -85.04 18.47
N LYS Z 191 45.91 -85.82 18.45
CA LYS Z 191 44.72 -85.53 19.22
C LYS Z 191 44.60 -86.55 20.34
N LYS Z 192 44.51 -86.09 21.57
CA LYS Z 192 44.34 -87.01 22.69
C LYS Z 192 42.84 -87.30 22.85
N VAL Z 193 42.46 -88.49 22.40
CA VAL Z 193 41.05 -88.87 22.38
C VAL Z 193 40.59 -89.24 23.78
N LYS Z 194 39.43 -88.72 24.17
CA LYS Z 194 38.76 -89.11 25.40
C LYS Z 194 37.56 -89.98 25.03
N TYR Z 195 37.39 -91.10 25.73
CA TYR Z 195 36.36 -92.06 25.38
C TYR Z 195 35.52 -92.40 26.60
N ASN Z 196 34.44 -93.16 26.36
CA ASN Z 196 33.61 -93.70 27.43
C ASN Z 196 32.91 -94.93 26.86
N CYS Z 197 33.48 -96.11 27.15
CA CYS Z 197 32.97 -97.38 26.61
C CYS Z 197 32.54 -98.25 27.79
N THR Z 198 31.24 -98.24 28.08
CA THR Z 198 30.70 -99.04 29.19
C THR Z 198 30.26 -100.42 28.73
N CYS Z 199 31.24 -101.24 28.32
CA CYS Z 199 31.01 -102.66 28.09
C CYS Z 199 31.60 -103.53 29.19
N GLY Z 200 31.65 -103.03 30.42
CA GLY Z 200 32.34 -103.70 31.51
C GLY Z 200 33.84 -103.58 31.46
N THR Z 201 34.41 -103.34 30.28
CA THR Z 201 35.84 -103.19 30.09
C THR Z 201 36.26 -101.78 30.48
N GLY Z 202 37.42 -101.36 29.98
CA GLY Z 202 37.98 -100.05 30.25
C GLY Z 202 36.98 -98.93 30.29
N ASN Z 203 36.86 -98.29 31.44
CA ASN Z 203 35.91 -97.21 31.65
C ASN Z 203 36.45 -95.93 31.04
N VAL Z 204 35.89 -94.81 31.45
CA VAL Z 204 36.35 -93.49 31.00
C VAL Z 204 37.85 -93.36 31.21
N GLY Z 205 38.53 -92.84 30.20
CA GLY Z 205 39.96 -92.59 30.33
C GLY Z 205 40.45 -91.84 29.13
N THR Z 206 41.58 -91.17 29.31
CA THR Z 206 42.20 -90.39 28.25
C THR Z 206 43.38 -91.16 27.70
N THR Z 207 43.58 -91.05 26.39
CA THR Z 207 44.63 -91.79 25.73
C THR Z 207 45.31 -90.89 24.71
N ASN Z 208 46.50 -91.31 24.28
CA ASN Z 208 47.23 -90.58 23.27
C ASN Z 208 47.63 -91.45 22.09
N SER Z 209 47.67 -92.77 22.26
CA SER Z 209 47.95 -93.69 21.16
C SER Z 209 46.81 -94.69 21.05
N ASP Z 210 46.93 -95.58 20.07
CA ASP Z 210 45.84 -96.47 19.73
C ASP Z 210 45.52 -97.42 20.89
N MET Z 211 44.26 -97.85 20.94
CA MET Z 211 43.81 -98.81 21.93
C MET Z 211 42.86 -99.80 21.27
N THR Z 212 42.59 -100.89 21.97
CA THR Z 212 41.62 -101.90 21.57
C THR Z 212 40.78 -102.27 22.78
N ILE Z 213 39.54 -102.70 22.52
CA ILE Z 213 38.63 -103.05 23.59
C ILE Z 213 38.24 -104.53 23.57
N ASN Z 214 38.26 -105.18 22.40
CA ASN Z 214 38.13 -106.63 22.27
C ASN Z 214 36.80 -107.20 22.76
N THR Z 215 35.83 -106.35 23.09
CA THR Z 215 34.56 -106.84 23.60
C THR Z 215 33.38 -106.45 22.72
N CYS Z 216 33.18 -105.16 22.43
CA CYS Z 216 32.00 -104.67 21.74
C CYS Z 216 32.37 -103.68 20.66
N LEU Z 217 31.55 -103.61 19.62
CA LEU Z 217 32.03 -103.09 18.33
C LEU Z 217 32.02 -101.57 18.23
N ILE Z 218 30.84 -100.97 18.13
CA ILE Z 218 30.77 -99.53 17.86
C ILE Z 218 29.81 -98.83 18.79
N GLU Z 219 28.78 -99.54 19.25
CA GLU Z 219 27.69 -98.88 19.94
C GLU Z 219 28.02 -98.54 21.38
N GLN Z 220 29.29 -98.54 21.73
CA GLN Z 220 29.67 -98.19 23.09
C GLN Z 220 30.76 -97.13 23.16
N CYS Z 221 31.67 -97.09 22.18
CA CYS Z 221 32.82 -96.21 22.23
C CYS Z 221 32.56 -94.90 21.50
N HIS Z 222 33.40 -93.91 21.82
CA HIS Z 222 33.25 -92.57 21.26
C HIS Z 222 34.63 -91.97 21.04
N VAL Z 223 34.64 -90.72 20.60
CA VAL Z 223 35.85 -89.91 20.51
C VAL Z 223 35.50 -88.51 20.94
N SER Z 224 36.23 -87.97 21.90
CA SER Z 224 36.04 -86.60 22.36
C SER Z 224 37.41 -85.95 22.37
N VAL Z 225 37.84 -85.45 21.21
CA VAL Z 225 39.16 -84.84 21.10
C VAL Z 225 39.21 -83.62 22.02
N THR Z 226 39.97 -83.74 23.11
CA THR Z 226 39.91 -82.76 24.19
C THR Z 226 41.30 -82.21 24.48
N ASP Z 227 41.37 -81.36 25.52
CA ASP Z 227 42.61 -80.74 25.98
C ASP Z 227 43.33 -80.01 24.84
N HIS Z 228 42.76 -78.88 24.44
CA HIS Z 228 43.38 -78.08 23.41
C HIS Z 228 44.23 -76.96 24.01
N LYS Z 229 45.00 -76.32 23.13
CA LYS Z 229 45.98 -75.31 23.52
C LYS Z 229 45.63 -73.92 23.02
N LYS Z 230 44.42 -73.72 22.49
CA LYS Z 230 44.07 -72.47 21.84
C LYS Z 230 42.70 -71.98 22.29
N TRP Z 231 42.53 -70.67 22.32
CA TRP Z 231 41.25 -70.04 22.59
C TRP Z 231 40.44 -69.96 21.30
N GLN Z 232 39.16 -70.32 21.35
CA GLN Z 232 38.40 -70.34 20.11
C GLN Z 232 37.54 -69.11 19.85
N PHE Z 233 36.45 -68.95 20.60
CA PHE Z 233 35.55 -67.81 20.60
C PHE Z 233 34.39 -68.14 21.53
N ASN Z 234 33.68 -67.12 21.99
CA ASN Z 234 32.50 -67.33 22.82
C ASN Z 234 31.28 -67.15 21.92
N SER Z 235 30.93 -68.21 21.19
CA SER Z 235 29.81 -68.16 20.27
C SER Z 235 28.65 -68.97 20.81
N PRO Z 236 27.41 -68.53 20.58
CA PRO Z 236 26.26 -69.31 21.06
C PRO Z 236 26.05 -70.62 20.32
N PHE Z 237 26.75 -70.87 19.23
CA PHE Z 237 26.55 -72.09 18.45
C PHE Z 237 27.49 -73.22 18.83
N VAL Z 238 28.41 -73.01 19.77
CA VAL Z 238 29.27 -74.10 20.25
C VAL Z 238 29.28 -74.07 21.78
N PRO Z 239 29.21 -75.22 22.44
CA PRO Z 239 28.98 -75.24 23.89
C PRO Z 239 30.19 -74.82 24.72
N ARG Z 240 30.06 -74.92 26.03
CA ARG Z 240 31.12 -74.57 26.97
C ARG Z 240 31.70 -75.82 27.63
N ALA Z 241 32.71 -75.58 28.47
CA ALA Z 241 33.42 -76.65 29.15
C ALA Z 241 32.87 -76.89 30.56
N ASP Z 242 32.87 -75.86 31.40
CA ASP Z 242 32.44 -75.95 32.79
C ASP Z 242 31.50 -74.80 33.12
N GLU Z 243 30.98 -74.81 34.35
CA GLU Z 243 30.01 -73.81 34.79
C GLU Z 243 30.48 -73.11 36.08
N PRO Z 244 31.75 -72.72 36.14
CA PRO Z 244 32.06 -71.41 36.71
C PRO Z 244 32.32 -70.41 35.59
N ALA Z 245 32.31 -70.94 34.36
CA ALA Z 245 32.74 -70.26 33.15
C ALA Z 245 34.22 -69.92 33.19
N ARG Z 246 34.85 -69.84 32.01
CA ARG Z 246 36.27 -69.55 31.90
C ARG Z 246 36.54 -68.83 30.60
N LYS Z 247 36.94 -67.55 30.66
CA LYS Z 247 36.94 -66.72 29.48
C LYS Z 247 38.13 -65.79 29.47
N GLY Z 248 38.54 -65.38 28.26
CA GLY Z 248 39.65 -64.47 28.07
C GLY Z 248 39.24 -63.17 27.43
N LYS Z 249 40.15 -62.50 26.74
CA LYS Z 249 39.88 -61.21 26.11
C LYS Z 249 40.75 -61.06 24.87
N VAL Z 250 40.34 -60.18 23.96
CA VAL Z 250 41.20 -59.74 22.87
C VAL Z 250 40.53 -58.53 22.22
N HIS Z 251 41.33 -57.59 21.73
CA HIS Z 251 40.83 -56.36 21.16
C HIS Z 251 40.42 -56.56 19.70
N ILE Z 252 39.32 -55.93 19.30
CA ILE Z 252 38.85 -56.00 17.91
C ILE Z 252 39.61 -54.96 17.10
N PRO Z 253 39.78 -55.16 15.81
CA PRO Z 253 40.42 -54.14 14.97
C PRO Z 253 39.39 -53.09 14.53
N PHE Z 254 39.89 -52.07 13.84
CA PHE Z 254 39.05 -51.05 13.21
C PHE Z 254 38.15 -50.32 14.21
N PRO Z 255 38.68 -49.40 14.99
CA PRO Z 255 37.82 -48.60 15.87
C PRO Z 255 37.07 -47.53 15.09
N LEU Z 256 36.24 -46.79 15.81
CA LEU Z 256 35.44 -45.73 15.20
C LEU Z 256 36.16 -44.39 15.32
N ASP Z 257 36.21 -43.65 14.21
CA ASP Z 257 36.87 -42.35 14.17
C ASP Z 257 36.03 -41.40 13.33
N ASN Z 258 36.40 -40.11 13.31
CA ASN Z 258 35.47 -39.09 12.83
C ASN Z 258 35.44 -38.86 11.32
N ILE Z 259 36.50 -38.32 10.72
CA ILE Z 259 36.58 -37.92 9.31
C ILE Z 259 35.42 -37.00 8.95
N THR Z 260 35.41 -36.44 7.73
CA THR Z 260 34.34 -35.59 7.23
C THR Z 260 33.85 -36.10 5.88
N CYS Z 261 32.62 -35.73 5.53
CA CYS Z 261 31.96 -36.19 4.32
C CYS Z 261 31.59 -35.00 3.45
N ARG Z 262 31.51 -35.22 2.15
CA ARG Z 262 31.19 -34.18 1.19
C ARG Z 262 29.78 -34.39 0.65
N VAL Z 263 28.94 -33.36 0.73
CA VAL Z 263 27.54 -33.45 0.35
C VAL Z 263 27.21 -32.35 -0.64
N PRO Z 264 26.27 -32.54 -1.56
CA PRO Z 264 26.02 -31.55 -2.59
C PRO Z 264 25.06 -30.46 -2.12
N MET Z 265 24.95 -29.42 -2.93
CA MET Z 265 24.02 -28.32 -2.72
C MET Z 265 22.96 -28.37 -3.80
N ALA Z 266 21.69 -28.41 -3.40
CA ALA Z 266 20.63 -28.36 -4.37
C ALA Z 266 20.47 -26.94 -4.90
N ARG Z 267 19.90 -26.83 -6.10
CA ARG Z 267 19.77 -25.54 -6.76
C ARG Z 267 18.82 -24.64 -5.99
N GLU Z 268 19.02 -23.34 -6.14
CA GLU Z 268 18.10 -22.38 -5.56
C GLU Z 268 16.75 -22.46 -6.27
N PRO Z 269 15.65 -22.45 -5.53
CA PRO Z 269 14.33 -22.48 -6.15
C PRO Z 269 14.02 -21.15 -6.82
N THR Z 270 13.09 -21.21 -7.77
CA THR Z 270 12.58 -20.01 -8.41
C THR Z 270 11.58 -19.34 -7.49
N VAL Z 271 11.69 -18.02 -7.35
CA VAL Z 271 10.76 -17.25 -6.53
C VAL Z 271 9.94 -16.35 -7.43
N ILE Z 272 8.64 -16.27 -7.16
CA ILE Z 272 7.74 -15.32 -7.79
C ILE Z 272 7.06 -14.53 -6.69
N HIS Z 273 7.21 -13.22 -6.72
CA HIS Z 273 6.73 -12.37 -5.64
C HIS Z 273 5.25 -12.03 -5.82
N GLY Z 274 4.52 -12.01 -4.70
CA GLY Z 274 3.11 -11.70 -4.74
C GLY Z 274 2.66 -10.87 -3.55
N LYS Z 275 1.34 -10.73 -3.38
CA LYS Z 275 0.77 -9.95 -2.28
C LYS Z 275 0.88 -10.75 -0.99
N ARG Z 276 2.02 -10.62 -0.32
CA ARG Z 276 2.30 -11.35 0.92
C ARG Z 276 2.27 -12.86 0.69
N GLU Z 277 2.80 -13.28 -0.45
CA GLU Z 277 3.01 -14.68 -0.75
C GLU Z 277 4.25 -14.81 -1.64
N VAL Z 278 4.90 -15.97 -1.56
CA VAL Z 278 5.98 -16.33 -2.45
C VAL Z 278 5.65 -17.69 -3.04
N THR Z 279 5.73 -17.81 -4.36
CA THR Z 279 5.48 -19.07 -5.04
C THR Z 279 6.82 -19.66 -5.46
N LEU Z 280 7.13 -20.84 -4.94
CA LEU Z 280 8.45 -21.45 -5.09
C LEU Z 280 8.37 -22.60 -6.08
N HIS Z 281 9.23 -22.57 -7.09
CA HIS Z 281 9.40 -23.69 -8.02
C HIS Z 281 10.58 -24.51 -7.55
N LEU Z 282 10.35 -25.79 -7.29
CA LEU Z 282 11.34 -26.66 -6.68
C LEU Z 282 11.76 -27.73 -7.69
N HIS Z 283 13.06 -27.82 -7.97
CA HIS Z 283 13.58 -28.75 -8.95
C HIS Z 283 14.67 -29.61 -8.33
N PRO Z 284 14.31 -30.73 -7.71
CA PRO Z 284 15.31 -31.60 -7.10
C PRO Z 284 15.78 -32.71 -8.03
N ASP Z 285 17.04 -33.13 -7.81
CA ASP Z 285 17.62 -34.28 -8.48
C ASP Z 285 17.55 -35.55 -7.64
N HIS Z 286 17.30 -35.40 -6.34
CA HIS Z 286 17.18 -36.51 -5.41
C HIS Z 286 16.34 -36.04 -4.25
N PRO Z 287 15.80 -36.94 -3.45
CA PRO Z 287 14.95 -36.48 -2.35
C PRO Z 287 15.63 -35.50 -1.43
N THR Z 288 15.21 -34.23 -1.43
CA THR Z 288 15.78 -33.21 -0.57
C THR Z 288 14.72 -32.68 0.37
N LEU Z 289 15.14 -32.22 1.54
CA LEU Z 289 14.23 -31.77 2.58
C LEU Z 289 13.92 -30.29 2.39
N PHE Z 290 12.63 -29.94 2.44
CA PHE Z 290 12.18 -28.56 2.32
C PHE Z 290 11.35 -28.21 3.53
N SER Z 291 11.73 -27.16 4.25
CA SER Z 291 11.00 -26.74 5.43
C SER Z 291 11.02 -25.23 5.53
N TYR Z 292 9.96 -24.68 6.10
CA TYR Z 292 9.85 -23.23 6.25
C TYR Z 292 9.09 -22.95 7.53
N ARG Z 293 9.21 -21.72 8.02
CA ARG Z 293 8.47 -21.30 9.20
C ARG Z 293 8.36 -19.78 9.19
N THR Z 294 7.25 -19.27 9.69
CA THR Z 294 7.03 -17.85 9.77
C THR Z 294 7.56 -17.35 11.11
N LEU Z 295 8.39 -16.31 11.06
CA LEU Z 295 9.18 -15.92 12.23
C LEU Z 295 8.52 -14.79 13.01
N GLY Z 296 7.27 -15.05 13.40
CA GLY Z 296 6.51 -14.20 14.26
C GLY Z 296 6.22 -14.85 15.60
N GLU Z 297 5.26 -14.28 16.33
CA GLU Z 297 4.94 -14.81 17.65
C GLU Z 297 4.39 -16.23 17.58
N ASP Z 298 3.53 -16.50 16.61
CA ASP Z 298 2.97 -17.84 16.42
C ASP Z 298 3.35 -18.34 15.03
N PRO Z 299 4.33 -19.22 14.91
CA PRO Z 299 4.84 -19.59 13.60
C PRO Z 299 3.93 -20.56 12.87
N GLN Z 300 4.19 -20.72 11.59
CA GLN Z 300 3.50 -21.69 10.74
C GLN Z 300 4.52 -22.75 10.33
N TYR Z 301 4.68 -23.75 11.20
CA TYR Z 301 5.55 -24.88 10.96
C TYR Z 301 5.20 -25.62 9.66
N HIS Z 302 6.22 -26.20 9.02
CA HIS Z 302 6.03 -27.10 7.88
C HIS Z 302 7.37 -27.72 7.50
N GLU Z 303 7.34 -29.00 7.11
CA GLU Z 303 8.54 -29.64 6.58
C GLU Z 303 8.12 -30.86 5.77
N GLU Z 304 8.91 -31.18 4.75
CA GLU Z 304 8.46 -32.11 3.73
C GLU Z 304 9.68 -32.68 3.00
N TRP Z 305 9.52 -33.85 2.41
CA TRP Z 305 10.57 -34.54 1.67
C TRP Z 305 10.24 -34.44 0.18
N VAL Z 306 10.76 -33.42 -0.50
CA VAL Z 306 10.46 -33.24 -1.91
C VAL Z 306 11.17 -34.31 -2.72
N THR Z 307 10.45 -34.91 -3.66
CA THR Z 307 10.99 -35.98 -4.49
C THR Z 307 10.96 -35.66 -5.97
N ALA Z 308 9.93 -34.98 -6.47
CA ALA Z 308 9.84 -34.60 -7.86
C ALA Z 308 9.60 -33.09 -7.96
N ALA Z 309 9.61 -32.59 -9.19
CA ALA Z 309 9.45 -31.16 -9.42
C ALA Z 309 8.07 -30.70 -8.98
N VAL Z 310 8.02 -29.81 -8.00
CA VAL Z 310 6.78 -29.38 -7.39
C VAL Z 310 6.69 -27.86 -7.46
N GLU Z 311 5.70 -27.31 -6.76
CA GLU Z 311 5.39 -25.88 -6.78
C GLU Z 311 4.66 -25.53 -5.50
N ARG Z 312 5.21 -24.61 -4.71
CA ARG Z 312 4.64 -24.32 -3.40
C ARG Z 312 4.44 -22.82 -3.23
N THR Z 313 3.37 -22.46 -2.51
CA THR Z 313 3.11 -21.09 -2.10
C THR Z 313 3.29 -20.99 -0.61
N ILE Z 314 4.02 -19.97 -0.17
CA ILE Z 314 4.38 -19.80 1.23
C ILE Z 314 3.99 -18.39 1.67
N PRO Z 315 3.32 -18.23 2.80
CA PRO Z 315 2.90 -16.89 3.22
C PRO Z 315 4.03 -16.13 3.87
N VAL Z 316 4.11 -14.84 3.53
CA VAL Z 316 5.15 -13.96 4.05
C VAL Z 316 4.50 -12.75 4.70
N PRO Z 317 4.13 -12.82 5.96
CA PRO Z 317 3.56 -11.64 6.62
C PRO Z 317 4.58 -10.55 6.82
N VAL Z 318 4.20 -9.43 7.43
CA VAL Z 318 5.14 -8.34 7.63
C VAL Z 318 6.25 -8.72 8.57
N ASP Z 319 6.09 -9.79 9.34
CA ASP Z 319 7.19 -10.32 10.14
C ASP Z 319 8.22 -11.06 9.29
N GLY Z 320 7.83 -11.58 8.14
CA GLY Z 320 8.75 -12.29 7.28
C GLY Z 320 8.88 -13.74 7.66
N MET Z 321 9.59 -14.50 6.83
CA MET Z 321 9.78 -15.91 7.12
C MET Z 321 11.06 -16.42 6.49
N GLU Z 322 11.47 -17.62 6.90
CA GLU Z 322 12.68 -18.25 6.41
C GLU Z 322 12.39 -19.67 5.97
N TYR Z 323 13.10 -20.14 4.94
CA TYR Z 323 12.91 -21.47 4.41
C TYR Z 323 14.25 -22.14 4.15
N HIS Z 324 14.29 -23.45 4.38
CA HIS Z 324 15.50 -24.25 4.33
C HIS Z 324 15.35 -25.24 3.20
N TRP Z 325 16.21 -25.14 2.19
CA TRP Z 325 16.05 -25.97 0.98
C TRP Z 325 17.28 -26.84 0.79
N GLY Z 326 17.14 -28.12 1.09
CA GLY Z 326 18.27 -29.03 0.89
C GLY Z 326 19.36 -28.73 1.89
N ASN Z 327 20.57 -28.55 1.37
CA ASN Z 327 21.74 -28.25 2.20
C ASN Z 327 22.04 -26.76 2.26
N ASN Z 328 21.34 -25.94 1.50
CA ASN Z 328 21.63 -24.51 1.48
C ASN Z 328 21.31 -23.88 2.82
N ASP Z 329 21.84 -22.68 3.03
CA ASP Z 329 21.55 -21.93 4.24
C ASP Z 329 20.12 -21.40 4.19
N PRO Z 330 19.49 -21.23 5.36
CA PRO Z 330 18.15 -20.64 5.37
C PRO Z 330 18.18 -19.21 4.85
N VAL Z 331 17.11 -18.85 4.11
CA VAL Z 331 16.98 -17.55 3.51
C VAL Z 331 15.73 -16.88 4.05
N ARG Z 332 15.83 -15.61 4.40
CA ARG Z 332 14.74 -14.87 5.02
C ARG Z 332 14.19 -13.85 4.04
N LEU Z 333 12.86 -13.72 4.02
CA LEU Z 333 12.18 -12.80 3.14
C LEU Z 333 11.13 -12.02 3.92
N TRP Z 334 11.09 -10.70 3.73
CA TRP Z 334 10.21 -9.81 4.47
C TRP Z 334 9.33 -9.02 3.50
N SER Z 335 8.09 -8.75 3.92
CA SER Z 335 7.17 -8.03 3.06
C SER Z 335 7.19 -6.53 3.36
N GLN Z 336 6.55 -5.76 2.50
CA GLN Z 336 6.44 -4.32 2.65
C GLN Z 336 4.98 -3.90 2.65
N LEU Z 337 4.71 -2.76 3.29
CA LEU Z 337 3.35 -2.24 3.38
C LEU Z 337 2.99 -1.67 2.02
N THR Z 338 2.63 -2.55 1.09
CA THR Z 338 2.23 -2.16 -0.26
C THR Z 338 0.77 -2.47 -0.46
N THR Z 339 0.13 -1.70 -1.35
CA THR Z 339 -1.31 -1.81 -1.54
C THR Z 339 -1.67 -1.30 -2.93
N GLU Z 340 -2.98 -1.13 -3.16
CA GLU Z 340 -3.49 -0.78 -4.47
C GLU Z 340 -4.29 0.50 -4.50
N GLY Z 341 -4.71 1.03 -3.35
CA GLY Z 341 -5.48 2.26 -3.31
C GLY Z 341 -4.60 3.47 -3.54
N LYS Z 342 -5.21 4.64 -3.37
CA LYS Z 342 -4.53 5.92 -3.54
C LYS Z 342 -4.72 6.77 -2.30
N PRO Z 343 -3.70 6.94 -1.46
CA PRO Z 343 -3.78 7.94 -0.40
C PRO Z 343 -3.58 9.32 -0.97
N HIS Z 344 -3.95 10.33 -0.18
CA HIS Z 344 -3.94 11.72 -0.64
C HIS Z 344 -4.75 11.89 -1.92
N GLY Z 345 -5.90 11.24 -1.97
CA GLY Z 345 -6.84 11.36 -3.07
C GLY Z 345 -8.23 11.67 -2.55
N TRP Z 346 -9.22 11.32 -3.35
CA TRP Z 346 -10.60 11.50 -2.93
C TRP Z 346 -10.90 10.54 -1.79
N PRO Z 347 -11.87 10.89 -0.94
CA PRO Z 347 -12.17 10.03 0.22
C PRO Z 347 -12.57 8.62 -0.15
N HIS Z 348 -13.02 8.37 -1.38
CA HIS Z 348 -13.27 7.01 -1.81
C HIS Z 348 -12.01 6.29 -2.26
N GLN Z 349 -10.87 6.98 -2.27
CA GLN Z 349 -9.57 6.37 -2.54
C GLN Z 349 -8.73 6.18 -1.28
N ILE Z 350 -8.90 7.02 -0.26
CA ILE Z 350 -8.17 6.83 0.98
C ILE Z 350 -8.66 5.59 1.70
N VAL Z 351 -9.97 5.34 1.64
CA VAL Z 351 -10.51 4.11 2.24
C VAL Z 351 -9.98 2.90 1.51
N GLN Z 352 -9.80 3.01 0.19
CA GLN Z 352 -9.24 1.90 -0.57
C GLN Z 352 -7.80 1.62 -0.14
N TYR Z 353 -7.01 2.68 0.06
CA TYR Z 353 -5.61 2.49 0.46
C TYR Z 353 -5.52 1.77 1.80
N TYR Z 354 -6.20 2.28 2.81
CA TYR Z 354 -6.20 1.65 4.11
C TYR Z 354 -7.04 0.37 4.14
N TYR Z 355 -7.44 -0.15 3.00
CA TYR Z 355 -8.12 -1.43 2.95
C TYR Z 355 -7.22 -2.55 2.46
N GLY Z 356 -6.29 -2.25 1.55
CA GLY Z 356 -5.26 -3.24 1.25
C GLY Z 356 -4.47 -3.59 2.48
N LEU Z 357 -4.09 -2.58 3.25
CA LEU Z 357 -3.56 -2.76 4.59
C LEU Z 357 -4.73 -2.98 5.55
N TYR Z 358 -4.60 -3.99 6.41
CA TYR Z 358 -5.59 -4.24 7.46
C TYR Z 358 -7.01 -4.32 6.90
N PRO Z 359 -7.35 -5.34 6.13
CA PRO Z 359 -8.68 -5.37 5.53
C PRO Z 359 -9.73 -5.91 6.46
N ALA Z 360 -9.63 -5.57 7.75
CA ALA Z 360 -10.63 -5.99 8.72
C ALA Z 360 -11.01 -4.89 9.70
N ALA Z 361 -10.17 -3.89 9.93
CA ALA Z 361 -10.48 -2.80 10.82
C ALA Z 361 -10.91 -1.54 10.09
N THR Z 362 -10.52 -1.39 8.83
CA THR Z 362 -11.00 -0.26 8.03
C THR Z 362 -12.51 -0.31 7.87
N VAL Z 363 -13.05 -1.49 7.60
CA VAL Z 363 -14.50 -1.63 7.45
C VAL Z 363 -15.21 -1.25 8.75
N SER Z 364 -14.71 -1.74 9.88
CA SER Z 364 -15.34 -1.44 11.16
C SER Z 364 -15.27 0.05 11.47
N ALA Z 365 -14.12 0.68 11.23
CA ALA Z 365 -13.98 2.09 11.50
C ALA Z 365 -14.90 2.92 10.62
N VAL Z 366 -15.00 2.59 9.33
CA VAL Z 366 -15.88 3.32 8.44
C VAL Z 366 -17.32 3.19 8.88
N VAL Z 367 -17.73 1.96 9.24
CA VAL Z 367 -19.10 1.73 9.68
C VAL Z 367 -19.40 2.55 10.93
N GLY Z 368 -18.48 2.53 11.90
CA GLY Z 368 -18.69 3.28 13.12
C GLY Z 368 -18.79 4.78 12.89
N MET Z 369 -17.89 5.32 12.06
CA MET Z 369 -17.93 6.76 11.80
C MET Z 369 -19.23 7.16 11.12
N SER Z 370 -19.67 6.40 10.11
CA SER Z 370 -20.91 6.73 9.44
C SER Z 370 -22.10 6.60 10.39
N LEU Z 371 -22.09 5.57 11.24
CA LEU Z 371 -23.19 5.38 12.18
C LEU Z 371 -23.29 6.55 13.14
N LEU Z 372 -22.16 7.03 13.66
CA LEU Z 372 -22.19 8.21 14.52
C LEU Z 372 -22.67 9.44 13.76
N ALA Z 373 -22.27 9.59 12.50
CA ALA Z 373 -22.71 10.75 11.73
C ALA Z 373 -24.23 10.76 11.57
N LEU Z 374 -24.81 9.62 11.19
CA LEU Z 374 -26.26 9.54 11.07
C LEU Z 374 -26.96 9.74 12.40
N ILE Z 375 -26.42 9.19 13.49
CA ILE Z 375 -27.05 9.39 14.78
C ILE Z 375 -27.08 10.88 15.12
N SER Z 376 -25.97 11.58 14.91
CA SER Z 376 -25.93 13.00 15.21
C SER Z 376 -26.92 13.79 14.36
N ILE Z 377 -26.96 13.51 13.05
CA ILE Z 377 -27.83 14.30 12.19
C ILE Z 377 -29.30 14.02 12.48
N PHE Z 378 -29.64 12.76 12.78
CA PHE Z 378 -31.01 12.43 13.13
C PHE Z 378 -31.42 13.10 14.44
N ALA Z 379 -30.53 13.09 15.44
CA ALA Z 379 -30.85 13.77 16.69
C ALA Z 379 -31.07 15.26 16.47
N SER Z 380 -30.20 15.88 15.67
CA SER Z 380 -30.37 17.32 15.41
C SER Z 380 -31.68 17.62 14.71
N CYS Z 381 -32.02 16.85 13.67
CA CYS Z 381 -33.26 17.11 12.94
C CYS Z 381 -34.48 16.87 13.83
N TYR Z 382 -34.44 15.80 14.63
CA TYR Z 382 -35.54 15.52 15.54
C TYR Z 382 -35.72 16.64 16.54
N MET Z 383 -34.61 17.15 17.09
CA MET Z 383 -34.73 18.20 18.09
C MET Z 383 -35.21 19.51 17.45
N LEU Z 384 -34.82 19.77 16.21
CA LEU Z 384 -35.34 20.95 15.52
C LEU Z 384 -36.85 20.84 15.28
N VAL Z 385 -37.32 19.65 14.88
CA VAL Z 385 -38.75 19.45 14.70
C VAL Z 385 -39.48 19.60 16.03
N ALA Z 386 -38.89 19.08 17.11
CA ALA Z 386 -39.50 19.24 18.42
C ALA Z 386 -39.59 20.71 18.81
N ALA Z 387 -38.55 21.48 18.50
CA ALA Z 387 -38.58 22.91 18.79
C ALA Z 387 -39.67 23.61 17.99
N ARG Z 388 -39.83 23.25 16.71
CA ARG Z 388 -40.89 23.86 15.92
C ARG Z 388 -42.26 23.54 16.51
N SER Z 389 -42.47 22.28 16.89
CA SER Z 389 -43.76 21.90 17.49
C SER Z 389 -43.98 22.66 18.80
N LYS Z 390 -42.95 22.79 19.61
CA LYS Z 390 -43.07 23.49 20.89
C LYS Z 390 -43.40 24.96 20.68
N CYS Z 391 -42.80 25.60 19.68
CA CYS Z 391 -43.05 27.01 19.44
C CYS Z 391 -44.34 27.26 18.68
N LEU Z 392 -44.92 26.23 18.07
CA LEU Z 392 -46.11 26.44 17.27
C LEU Z 392 -47.42 26.10 17.98
N THR Z 393 -47.45 24.99 18.73
CA THR Z 393 -48.73 24.50 19.23
C THR Z 393 -49.38 25.44 20.25
N PRO Z 394 -48.64 26.32 20.94
CA PRO Z 394 -49.33 27.43 21.62
C PRO Z 394 -50.34 28.14 20.76
N TYR Z 395 -50.02 28.40 19.48
CA TYR Z 395 -50.92 29.12 18.59
C TYR Z 395 -52.03 28.24 18.04
N ALA Z 396 -51.98 26.94 18.26
CA ALA Z 396 -53.02 26.03 17.80
C ALA Z 396 -54.09 25.81 18.86
N LEU Z 397 -54.01 26.47 20.01
CA LEU Z 397 -55.05 26.41 21.02
C LEU Z 397 -55.85 27.71 21.14
N THR Z 398 -55.69 28.62 20.19
CA THR Z 398 -56.52 29.81 20.10
C THR Z 398 -57.03 29.97 18.67
N PRO Z 399 -58.22 30.54 18.50
CA PRO Z 399 -58.72 30.91 17.17
C PRO Z 399 -58.14 32.22 16.66
N GLY Z 400 -56.81 32.33 16.66
CA GLY Z 400 -56.12 33.54 16.30
C GLY Z 400 -55.36 33.45 15.00
N ALA Z 401 -54.56 34.48 14.74
CA ALA Z 401 -53.82 34.62 13.51
C ALA Z 401 -52.55 33.77 13.54
N ALA Z 402 -51.68 33.96 12.55
CA ALA Z 402 -50.46 33.17 12.42
C ALA Z 402 -49.19 34.01 12.49
N VAL Z 403 -49.30 35.34 12.52
CA VAL Z 403 -48.14 36.24 12.58
C VAL Z 403 -47.28 35.98 11.34
N PRO Z 404 -47.67 36.51 10.17
CA PRO Z 404 -46.99 36.14 8.91
C PRO Z 404 -45.49 36.20 8.95
N TRP Z 405 -44.91 37.12 9.73
CA TRP Z 405 -43.45 37.20 9.81
C TRP Z 405 -42.86 35.91 10.35
N THR Z 406 -43.48 35.34 11.39
CA THR Z 406 -43.09 34.03 11.89
C THR Z 406 -43.65 32.90 11.03
N LEU Z 407 -44.75 33.14 10.31
CA LEU Z 407 -45.27 32.13 9.39
C LEU Z 407 -44.24 31.80 8.31
N GLY Z 408 -43.57 32.81 7.77
CA GLY Z 408 -42.56 32.55 6.76
C GLY Z 408 -41.39 31.75 7.31
N ILE Z 409 -40.93 32.10 8.51
CA ILE Z 409 -39.72 31.48 9.05
C ILE Z 409 -39.97 30.00 9.37
N LEU Z 410 -41.06 29.72 10.08
CA LEU Z 410 -41.39 28.35 10.47
C LEU Z 410 -42.52 27.86 9.56
N CYS Z 411 -42.26 26.81 8.80
CA CYS Z 411 -43.27 26.25 7.90
C CYS Z 411 -44.28 25.46 8.74
N CYS Z 412 -45.50 25.98 8.84
CA CYS Z 412 -46.55 25.35 9.60
C CYS Z 412 -47.49 24.59 8.68
N ALA Z 413 -48.33 23.74 9.28
CA ALA Z 413 -49.28 22.96 8.50
C ALA Z 413 -50.25 23.83 7.70
N PRO Z 414 -50.89 24.87 8.28
CA PRO Z 414 -51.78 25.71 7.46
C PRO Z 414 -51.01 26.64 6.56
N ARG Z 415 -51.01 26.36 5.26
CA ARG Z 415 -50.34 27.24 4.30
C ARG Z 415 -51.08 28.57 4.19
N ALA Z 416 -52.41 28.52 4.06
CA ALA Z 416 -53.20 29.74 3.92
C ALA Z 416 -54.45 29.77 4.79
N HIS Z 417 -54.97 28.63 5.24
CA HIS Z 417 -56.22 28.59 6.01
C HIS Z 417 -55.89 28.85 7.48
N ALA Z 418 -56.25 30.04 7.96
CA ALA Z 418 -56.03 30.45 9.34
C ALA Z 418 -54.55 30.41 9.73
N MET AA 1 55.32 -52.38 114.87
CA MET AA 1 53.92 -52.56 114.50
C MET AA 1 53.82 -53.07 113.06
N CYS AA 2 54.89 -52.87 112.29
CA CYS AA 2 54.92 -53.31 110.92
C CYS AA 2 55.03 -54.83 110.83
N VAL AA 3 54.69 -55.38 109.68
CA VAL AA 3 54.69 -56.82 109.46
C VAL AA 3 55.43 -57.14 108.17
N LEU AA 4 56.16 -58.25 108.18
CA LEU AA 4 56.75 -58.84 106.98
C LEU AA 4 56.39 -60.33 106.99
N ALA AA 5 55.51 -60.73 106.08
CA ALA AA 5 55.04 -62.10 105.99
C ALA AA 5 54.42 -62.53 107.31
N ASN AA 6 55.22 -63.12 108.20
CA ASN AA 6 54.76 -63.55 109.52
C ASN AA 6 55.77 -63.13 110.58
N ALA AA 7 56.31 -61.92 110.46
CA ALA AA 7 57.32 -61.43 111.39
C ALA AA 7 56.73 -60.59 112.52
N THR AA 8 55.96 -59.55 112.19
CA THR AA 8 55.33 -58.68 113.17
C THR AA 8 56.38 -58.11 114.13
N PHE AA 9 57.28 -57.36 113.58
CA PHE AA 9 58.39 -56.70 114.24
C PHE AA 9 58.09 -55.22 114.46
N PRO AA 10 58.68 -54.60 115.48
CA PRO AA 10 58.53 -53.15 115.64
C PRO AA 10 59.12 -52.41 114.44
N CYS AA 11 58.43 -51.36 114.02
CA CYS AA 11 58.86 -50.62 112.83
C CYS AA 11 60.17 -49.89 113.08
N PHE AA 12 60.46 -49.53 114.33
CA PHE AA 12 61.68 -48.79 114.63
C PHE AA 12 62.92 -49.66 114.44
N GLN AA 13 62.79 -50.97 114.61
CA GLN AA 13 63.93 -51.90 114.54
C GLN AA 13 63.60 -53.01 113.55
N PRO AA 14 63.77 -52.74 112.25
CA PRO AA 14 63.51 -53.77 111.24
C PRO AA 14 64.53 -54.89 111.32
N PRO AA 15 64.18 -56.09 110.84
CA PRO AA 15 65.12 -57.22 110.91
C PRO AA 15 66.27 -57.13 109.92
N CYS AA 16 66.25 -56.17 109.00
CA CYS AA 16 67.29 -56.06 107.98
C CYS AA 16 68.43 -55.13 108.40
N VAL AA 17 68.40 -54.63 109.63
CA VAL AA 17 69.42 -53.67 110.09
C VAL AA 17 70.80 -54.34 110.04
N PRO AA 18 71.83 -53.71 109.47
CA PRO AA 18 71.80 -52.39 108.81
C PRO AA 18 71.88 -52.49 107.29
N CYS AA 19 71.86 -51.34 106.62
CA CYS AA 19 71.96 -51.25 105.16
C CYS AA 19 70.93 -52.14 104.49
N CYS AA 20 69.66 -51.87 104.78
CA CYS AA 20 68.58 -52.66 104.20
C CYS AA 20 68.54 -52.53 102.69
N TYR AA 21 68.74 -51.32 102.17
CA TYR AA 21 68.66 -51.11 100.74
C TYR AA 21 69.90 -51.65 100.03
N GLU AA 22 71.09 -51.43 100.60
CA GLU AA 22 72.32 -51.84 99.94
C GLU AA 22 72.41 -53.36 99.79
N ASN AA 23 71.99 -54.09 100.82
CA ASN AA 23 72.07 -55.55 100.75
C ASN AA 23 71.11 -56.09 99.71
N ASN AA 24 69.85 -55.67 99.75
CA ASN AA 24 68.82 -56.19 98.85
C ASN AA 24 67.86 -55.05 98.55
N ALA AA 25 68.08 -54.38 97.42
CA ALA AA 25 67.25 -53.23 97.07
C ALA AA 25 65.80 -53.65 96.85
N GLU AA 26 65.59 -54.63 95.98
CA GLU AA 26 64.22 -55.01 95.62
C GLU AA 26 63.45 -55.53 96.82
N ALA AA 27 64.10 -56.34 97.66
CA ALA AA 27 63.42 -56.85 98.85
C ALA AA 27 63.02 -55.70 99.76
N THR AA 28 63.89 -54.70 99.91
CA THR AA 28 63.54 -53.55 100.74
C THR AA 28 62.34 -52.80 100.18
N LEU AA 29 62.32 -52.59 98.86
CA LEU AA 29 61.19 -51.85 98.28
C LEU AA 29 59.89 -52.63 98.39
N ARG AA 30 59.90 -53.94 98.09
CA ARG AA 30 58.68 -54.70 98.28
C ARG AA 30 58.27 -54.76 99.73
N MET AA 31 59.22 -54.65 100.66
CA MET AA 31 58.86 -54.55 102.08
C MET AA 31 58.09 -53.26 102.35
N LEU AA 32 58.57 -52.14 101.80
CA LEU AA 32 57.93 -50.86 102.04
C LEU AA 32 56.60 -50.72 101.33
N GLU AA 33 56.32 -51.57 100.36
CA GLU AA 33 55.10 -51.47 99.58
C GLU AA 33 53.92 -52.22 100.21
N ASP AA 34 54.13 -52.83 101.38
CA ASP AA 34 53.04 -53.44 102.13
C ASP AA 34 52.72 -52.69 103.41
N ASN AA 35 53.47 -51.66 103.76
CA ASN AA 35 53.27 -50.91 105.00
C ASN AA 35 52.66 -49.54 104.77
N VAL AA 36 52.18 -49.25 103.57
CA VAL AA 36 51.73 -47.90 103.26
C VAL AA 36 50.52 -47.53 104.11
N ASP AA 37 49.66 -48.50 104.41
CA ASP AA 37 48.51 -48.23 105.26
C ASP AA 37 48.82 -48.33 106.74
N ARG AA 38 49.98 -48.83 107.11
CA ARG AA 38 50.34 -48.93 108.53
C ARG AA 38 50.74 -47.55 109.04
N PRO AA 39 50.25 -47.12 110.21
CA PRO AA 39 50.65 -45.82 110.75
C PRO AA 39 52.14 -45.67 110.97
N GLY AA 40 52.83 -46.75 111.30
CA GLY AA 40 54.27 -46.69 111.48
C GLY AA 40 55.04 -46.90 110.19
N TYR AA 41 54.69 -46.15 109.14
CA TYR AA 41 55.36 -46.30 107.86
C TYR AA 41 56.66 -45.51 107.82
N TYR AA 42 56.59 -44.22 108.16
CA TYR AA 42 57.73 -43.32 107.95
C TYR AA 42 58.93 -43.73 108.79
N ASP AA 43 58.73 -44.10 110.05
CA ASP AA 43 59.86 -44.52 110.87
C ASP AA 43 60.51 -45.78 110.31
N LEU AA 44 59.72 -46.67 109.71
CA LEU AA 44 60.29 -47.79 108.98
C LEU AA 44 61.10 -47.31 107.79
N LEU AA 45 60.55 -46.36 107.02
CA LEU AA 45 61.26 -45.83 105.87
C LEU AA 45 62.51 -45.08 106.29
N GLN AA 46 62.49 -44.48 107.49
CA GLN AA 46 63.69 -43.85 108.03
C GLN AA 46 64.81 -44.87 108.21
N ALA AA 47 64.48 -46.03 108.76
CA ALA AA 47 65.49 -47.04 109.02
C ALA AA 47 65.89 -47.79 107.76
N ALA AA 48 64.94 -47.95 106.83
CA ALA AA 48 65.17 -48.83 105.69
C ALA AA 48 66.28 -48.31 104.78
N LEU AA 49 66.38 -46.99 104.60
CA LEU AA 49 67.34 -46.42 103.67
C LEU AA 49 68.38 -45.58 104.39
N THR AA 50 68.89 -46.09 105.51
CA THR AA 50 69.84 -45.35 106.34
C THR AA 50 70.90 -46.30 106.86
N CYS AA 51 72.16 -46.06 106.46
CA CYS AA 51 73.30 -46.75 107.05
C CYS AA 51 74.57 -46.05 106.62
N ARG AA 52 75.58 -46.11 107.48
CA ARG AA 52 76.85 -45.43 107.24
C ARG AA 52 77.95 -46.41 106.85
N MET BA 1 86.36 36.99 93.12
CA MET BA 1 85.45 37.65 94.04
C MET BA 1 85.11 36.71 95.18
N CYS BA 2 85.73 35.54 95.20
CA CYS BA 2 85.51 34.55 96.23
C CYS BA 2 86.28 34.93 97.49
N VAL BA 3 85.97 34.25 98.59
CA VAL BA 3 86.52 34.58 99.89
C VAL BA 3 87.05 33.30 100.55
N LEU BA 4 88.19 33.43 101.23
CA LEU BA 4 88.77 32.36 102.04
C LEU BA 4 89.17 32.97 103.38
N ALA BA 5 88.32 32.78 104.39
CA ALA BA 5 88.56 33.32 105.73
C ALA BA 5 88.75 34.83 105.68
N ASN BA 6 89.97 35.28 105.37
CA ASN BA 6 90.28 36.69 105.27
C ASN BA 6 91.14 36.95 104.03
N ALA BA 7 90.81 36.31 102.91
CA ALA BA 7 91.59 36.43 101.69
C ALA BA 7 90.95 37.39 100.69
N THR BA 8 89.71 37.10 100.27
CA THR BA 8 88.98 37.91 99.30
C THR BA 8 89.82 38.08 98.03
N PHE BA 9 90.02 36.96 97.35
CA PHE BA 9 90.80 36.86 96.12
C PHE BA 9 89.90 36.69 94.91
N PRO BA 10 90.32 37.11 93.73
CA PRO BA 10 89.53 36.82 92.53
C PRO BA 10 89.41 35.33 92.29
N CYS BA 11 88.20 34.89 91.93
CA CYS BA 11 87.94 33.46 91.79
C CYS BA 11 88.68 32.84 90.61
N PHE BA 12 89.16 33.65 89.68
CA PHE BA 12 89.92 33.12 88.55
C PHE BA 12 91.35 32.76 88.93
N GLN BA 13 91.87 33.30 90.03
CA GLN BA 13 93.24 33.06 90.48
C GLN BA 13 93.24 32.68 91.95
N PRO BA 14 92.85 31.45 92.28
CA PRO BA 14 92.91 31.03 93.67
C PRO BA 14 94.35 30.92 94.14
N PRO BA 15 94.62 31.11 95.43
CA PRO BA 15 96.01 31.09 95.92
C PRO BA 15 96.62 29.70 95.98
N CYS BA 16 95.83 28.64 95.81
CA CYS BA 16 96.33 27.28 95.93
C CYS BA 16 96.93 26.75 94.63
N VAL BA 17 96.92 27.54 93.57
CA VAL BA 17 97.42 27.09 92.27
C VAL BA 17 98.92 26.80 92.39
N PRO BA 18 99.42 25.68 91.83
CA PRO BA 18 98.69 24.66 91.09
C PRO BA 18 98.37 23.40 91.88
N CYS BA 19 97.52 22.53 91.32
CA CYS BA 19 97.13 21.26 91.92
C CYS BA 19 96.55 21.48 93.32
N CYS BA 20 95.45 22.22 93.36
CA CYS BA 20 94.80 22.53 94.65
C CYS BA 20 94.30 21.27 95.32
N TYR BA 21 93.71 20.35 94.55
CA TYR BA 21 93.16 19.14 95.15
C TYR BA 21 94.25 18.17 95.57
N GLU BA 22 95.31 18.04 94.76
CA GLU BA 22 96.37 17.08 95.07
C GLU BA 22 97.14 17.50 96.32
N ASN BA 23 97.42 18.79 96.46
CA ASN BA 23 98.19 19.25 97.62
C ASN BA 23 97.42 19.06 98.91
N ASN BA 24 96.13 19.42 98.92
CA ASN BA 24 95.31 19.28 100.11
C ASN BA 24 93.87 19.07 99.66
N ALA BA 25 93.40 17.82 99.69
CA ALA BA 25 92.05 17.53 99.24
C ALA BA 25 91.01 18.15 100.15
N GLU BA 26 91.14 17.94 101.46
CA GLU BA 26 90.12 18.42 102.39
C GLU BA 26 90.03 19.94 102.38
N ALA BA 27 91.18 20.62 102.31
CA ALA BA 27 91.16 22.08 102.27
C ALA BA 27 90.48 22.59 101.01
N THR BA 28 90.75 21.97 99.87
CA THR BA 28 90.11 22.38 98.62
C THR BA 28 88.60 22.18 98.68
N LEU BA 29 88.17 21.02 99.19
CA LEU BA 29 86.73 20.78 99.31
C LEU BA 29 86.09 21.77 100.28
N ARG BA 30 86.75 22.07 101.39
CA ARG BA 30 86.19 23.02 102.34
C ARG BA 30 86.08 24.41 101.73
N MET BA 31 87.09 24.80 100.94
CA MET BA 31 87.02 26.09 100.25
C MET BA 31 85.87 26.14 99.27
N LEU BA 32 85.66 25.06 98.52
CA LEU BA 32 84.57 25.02 97.55
C LEU BA 32 83.22 25.05 98.26
N GLU BA 33 83.14 24.44 99.45
CA GLU BA 33 81.86 24.37 100.16
C GLU BA 33 81.40 25.74 100.63
N ASP BA 34 82.32 26.64 100.94
CA ASP BA 34 81.93 27.96 101.43
C ASP BA 34 81.42 28.85 100.31
N ASN BA 35 81.98 28.71 99.11
CA ASN BA 35 81.72 29.64 98.02
C ASN BA 35 80.63 29.17 97.08
N VAL BA 36 79.69 28.34 97.53
CA VAL BA 36 78.65 27.85 96.63
C VAL BA 36 77.68 28.97 96.26
N ASP BA 37 77.42 29.88 97.20
CA ASP BA 37 76.43 30.93 96.96
C ASP BA 37 76.95 32.04 96.06
N ARG BA 38 78.26 32.13 95.85
CA ARG BA 38 78.79 33.21 95.04
C ARG BA 38 78.51 32.96 93.56
N PRO BA 39 78.33 34.02 92.78
CA PRO BA 39 78.14 33.84 91.32
C PRO BA 39 79.37 33.33 90.61
N GLY BA 40 80.55 33.47 91.20
CA GLY BA 40 81.78 33.02 90.56
C GLY BA 40 82.26 31.67 91.06
N TYR BA 41 81.33 30.86 91.56
CA TYR BA 41 81.70 29.56 92.11
C TYR BA 41 82.29 28.65 91.03
N TYR BA 42 81.63 28.59 89.87
CA TYR BA 42 82.04 27.62 88.86
C TYR BA 42 83.43 27.92 88.32
N ASP BA 43 83.81 29.20 88.26
CA ASP BA 43 85.19 29.53 87.93
C ASP BA 43 86.14 28.97 88.97
N LEU BA 44 85.76 29.03 90.25
CA LEU BA 44 86.60 28.48 91.31
C LEU BA 44 86.71 26.97 91.18
N LEU BA 45 85.60 26.29 90.91
CA LEU BA 45 85.64 24.85 90.71
C LEU BA 45 86.49 24.47 89.50
N GLN BA 46 86.52 25.33 88.49
CA GLN BA 46 87.34 25.10 87.31
C GLN BA 46 88.82 25.08 87.66
N ALA BA 47 89.26 26.07 88.44
CA ALA BA 47 90.68 26.19 88.75
C ALA BA 47 91.11 25.15 89.79
N ALA BA 48 90.23 24.85 90.74
CA ALA BA 48 90.64 24.01 91.87
C ALA BA 48 90.92 22.58 91.45
N LEU BA 49 90.22 22.06 90.45
CA LEU BA 49 90.32 20.66 90.07
C LEU BA 49 90.95 20.49 88.70
N THR BA 50 92.04 21.22 88.43
CA THR BA 50 92.71 21.13 87.15
C THR BA 50 94.19 21.42 87.33
N CYS BA 51 95.04 20.44 86.99
CA CYS BA 51 96.47 20.66 86.92
C CYS BA 51 97.15 19.51 86.17
N ARG BA 52 98.16 19.83 85.37
CA ARG BA 52 98.85 18.84 84.56
C ARG BA 52 100.23 18.51 85.12
N MET CA 1 50.23 -56.36 39.01
CA MET CA 1 49.49 -56.73 40.20
C MET CA 1 48.68 -58.00 39.98
N CYS CA 2 49.18 -58.86 39.10
CA CYS CA 2 48.50 -60.10 38.77
C CYS CA 2 48.73 -61.14 39.87
N VAL CA 3 47.90 -62.19 39.85
CA VAL CA 3 47.93 -63.23 40.86
C VAL CA 3 47.97 -64.59 40.17
N LEU CA 4 48.93 -65.43 40.57
CA LEU CA 4 49.05 -66.80 40.09
C LEU CA 4 49.13 -67.71 41.31
N ALA CA 5 48.04 -68.41 41.61
CA ALA CA 5 47.94 -69.29 42.76
C ALA CA 5 48.22 -68.53 44.06
N ASN CA 6 49.49 -68.38 44.40
CA ASN CA 6 49.88 -67.66 45.61
C ASN CA 6 51.09 -66.77 45.32
N ALA CA 7 51.11 -66.13 44.15
CA ALA CA 7 52.28 -65.35 43.72
C ALA CA 7 52.14 -63.88 44.04
N THR CA 8 51.08 -63.24 43.54
CA THR CA 8 50.84 -61.80 43.73
C THR CA 8 52.05 -60.99 43.25
N PHE CA 9 52.33 -61.11 41.97
CA PHE CA 9 53.48 -60.51 41.32
C PHE CA 9 53.05 -59.36 40.42
N PRO CA 10 53.92 -58.38 40.18
CA PRO CA 10 53.58 -57.31 39.24
C PRO CA 10 53.38 -57.87 37.84
N CYS CA 11 52.34 -57.35 37.16
CA CYS CA 11 51.95 -57.89 35.87
C CYS CA 11 52.99 -57.59 34.80
N PHE CA 12 53.73 -56.50 34.94
CA PHE CA 12 54.69 -56.11 33.92
C PHE CA 12 55.81 -57.13 33.76
N GLN CA 13 56.09 -57.93 34.80
CA GLN CA 13 57.18 -58.89 34.79
C GLN CA 13 56.67 -60.25 35.27
N PRO CA 14 56.00 -61.00 34.40
CA PRO CA 14 55.50 -62.32 34.79
C PRO CA 14 56.66 -63.28 35.02
N PRO CA 15 56.48 -64.29 35.87
CA PRO CA 15 57.59 -65.20 36.20
C PRO CA 15 57.89 -66.23 35.12
N CYS CA 16 57.14 -66.28 34.04
CA CYS CA 16 57.38 -67.25 32.97
C CYS CA 16 58.27 -66.69 31.86
N VAL CA 17 58.74 -65.47 31.98
CA VAL CA 17 59.53 -64.84 30.91
C VAL CA 17 60.82 -65.63 30.71
N PRO CA 18 61.24 -65.90 29.47
CA PRO CA 18 60.58 -65.54 28.22
C PRO CA 18 59.80 -66.69 27.58
N CYS CA 19 59.06 -66.39 26.52
CA CYS CA 19 58.27 -67.38 25.78
C CYS CA 19 57.34 -68.15 26.73
N CYS CA 20 56.43 -67.41 27.35
CA CYS CA 20 55.47 -68.03 28.26
C CYS CA 20 54.58 -69.02 27.52
N TYR CA 21 54.09 -68.65 26.34
CA TYR CA 21 53.19 -69.53 25.62
C TYR CA 21 53.92 -70.75 25.07
N GLU CA 22 55.12 -70.55 24.52
CA GLU CA 22 55.84 -71.65 23.90
C GLU CA 22 56.24 -72.71 24.92
N ASN CA 23 56.68 -72.29 26.09
CA ASN CA 23 57.10 -73.26 27.10
C ASN CA 23 55.95 -74.10 27.60
N ASN CA 24 54.79 -73.47 27.85
CA ASN CA 24 53.61 -74.21 28.29
C ASN CA 24 52.39 -73.45 27.81
N ALA CA 25 51.77 -73.92 26.72
CA ALA CA 25 50.58 -73.27 26.20
C ALA CA 25 49.43 -73.33 27.20
N GLU CA 26 49.20 -74.51 27.77
CA GLU CA 26 48.05 -74.70 28.67
C GLU CA 26 48.20 -73.84 29.90
N ALA CA 27 49.37 -73.86 30.53
CA ALA CA 27 49.59 -73.06 31.73
C ALA CA 27 49.53 -71.57 31.42
N THR CA 28 50.10 -71.16 30.28
CA THR CA 28 50.05 -69.75 29.91
C THR CA 28 48.62 -69.28 29.73
N LEU CA 29 47.79 -70.07 29.03
CA LEU CA 29 46.41 -69.68 28.84
C LEU CA 29 45.67 -69.65 30.17
N ARG CA 30 45.74 -70.74 30.94
CA ARG CA 30 45.00 -70.81 32.20
C ARG CA 30 45.46 -69.75 33.19
N MET CA 31 46.68 -69.23 33.03
CA MET CA 31 47.10 -68.10 33.85
C MET CA 31 46.30 -66.86 33.53
N LEU CA 32 45.87 -66.72 32.27
CA LEU CA 32 45.17 -65.50 31.85
C LEU CA 32 43.74 -65.45 32.35
N GLU CA 33 43.00 -66.57 32.31
CA GLU CA 33 41.63 -66.54 32.82
C GLU CA 33 41.57 -66.16 34.29
N ASP CA 34 42.67 -66.33 35.02
CA ASP CA 34 42.68 -66.01 36.44
C ASP CA 34 42.79 -64.51 36.71
N ASN CA 35 43.04 -63.69 35.68
CA ASN CA 35 43.29 -62.27 35.88
C ASN CA 35 42.42 -61.39 34.99
N VAL CA 36 41.33 -61.93 34.44
CA VAL CA 36 40.52 -61.13 33.51
C VAL CA 36 39.87 -59.96 34.23
N ASP CA 37 39.52 -60.14 35.50
CA ASP CA 37 38.93 -59.05 36.26
C ASP CA 37 39.96 -58.05 36.79
N ARG CA 38 41.24 -58.37 36.69
CA ARG CA 38 42.27 -57.44 37.15
C ARG CA 38 42.38 -56.28 36.18
N PRO CA 39 42.59 -55.05 36.66
CA PRO CA 39 42.78 -53.93 35.75
C PRO CA 39 44.10 -54.00 34.97
N GLY CA 40 45.00 -54.88 35.42
CA GLY CA 40 46.27 -55.06 34.76
C GLY CA 40 46.30 -56.27 33.86
N TYR CA 41 45.12 -56.72 33.40
CA TYR CA 41 45.05 -57.91 32.56
C TYR CA 41 45.82 -57.75 31.27
N TYR CA 42 45.66 -56.60 30.60
CA TYR CA 42 46.21 -56.47 29.27
C TYR CA 42 47.74 -56.41 29.30
N ASP CA 43 48.30 -55.83 30.35
CA ASP CA 43 49.76 -55.86 30.50
C ASP CA 43 50.27 -57.29 30.69
N LEU CA 44 49.56 -58.08 31.49
CA LEU CA 44 49.88 -59.50 31.59
C LEU CA 44 49.75 -60.19 30.24
N LEU CA 45 48.67 -59.87 29.52
CA LEU CA 45 48.50 -60.41 28.18
C LEU CA 45 49.59 -59.91 27.24
N GLN CA 46 49.96 -58.64 27.38
CA GLN CA 46 51.03 -58.09 26.54
C GLN CA 46 52.35 -58.80 26.76
N ALA CA 47 52.70 -59.08 28.01
CA ALA CA 47 53.97 -59.72 28.30
C ALA CA 47 53.94 -61.21 27.96
N ALA CA 48 52.81 -61.86 28.22
CA ALA CA 48 52.70 -63.31 28.14
C ALA CA 48 52.59 -63.83 26.74
N LEU CA 49 52.65 -63.06 25.66
CA LEU CA 49 52.59 -63.59 24.31
C LEU CA 49 53.62 -62.94 23.40
N THR CA 50 54.76 -62.54 23.98
CA THR CA 50 55.79 -61.83 23.25
C THR CA 50 57.15 -62.45 23.58
N CYS CA 51 57.81 -63.01 22.56
CA CYS CA 51 59.20 -63.42 22.70
C CYS CA 51 59.82 -63.69 21.34
N ARG CA 52 61.10 -63.34 21.19
CA ARG CA 52 61.83 -63.56 19.95
C ARG CA 52 62.81 -64.72 20.09
N LYS DA 1 -73.71 45.70 100.88
CA LYS DA 1 -72.75 46.74 100.54
C LYS DA 1 -71.33 46.33 100.90
N ARG DA 2 -71.15 45.90 102.15
CA ARG DA 2 -69.84 45.43 102.59
C ARG DA 2 -69.39 44.20 101.82
N GLU DA 3 -70.32 43.26 101.59
CA GLU DA 3 -69.97 42.03 100.87
C GLU DA 3 -69.49 42.34 99.46
N ARG DA 4 -70.16 43.25 98.76
CA ARG DA 4 -69.75 43.60 97.40
C ARG DA 4 -68.36 44.21 97.39
N MET DA 5 -68.08 45.12 98.32
CA MET DA 5 -66.76 45.74 98.37
C MET DA 5 -65.68 44.71 98.69
N CYS DA 6 -65.94 43.82 99.65
CA CYS DA 6 -64.96 42.79 99.98
C CYS DA 6 -64.71 41.86 98.82
N MET DA 7 -65.77 41.45 98.11
CA MET DA 7 -65.61 40.56 96.97
C MET DA 7 -64.85 41.25 95.84
N LYS DA 8 -65.14 42.53 95.60
CA LYS DA 8 -64.44 43.28 94.56
C LYS DA 8 -62.95 43.42 94.88
N ILE DA 9 -62.63 43.72 96.14
CA ILE DA 9 -61.24 43.86 96.52
C ILE DA 9 -60.52 42.51 96.44
N GLU DA 10 -61.19 41.43 96.86
CA GLU DA 10 -60.59 40.11 96.81
C GLU DA 10 -60.30 39.68 95.38
N ASN DA 11 -61.20 39.99 94.45
CA ASN DA 11 -60.98 39.61 93.05
C ASN DA 11 -59.74 40.27 92.49
N ASP DA 12 -59.47 41.51 92.90
CA ASP DA 12 -58.34 42.27 92.37
C ASP DA 12 -57.04 42.01 93.12
N CYS DA 13 -57.08 41.30 94.25
CA CYS DA 13 -55.91 41.15 95.10
C CYS DA 13 -55.64 39.70 95.49
N ILE DA 14 -56.09 38.74 94.70
CA ILE DA 14 -55.85 37.32 94.97
C ILE DA 14 -55.52 36.61 93.66
N PHE DA 15 -54.46 35.81 93.69
CA PHE DA 15 -54.07 34.98 92.56
C PHE DA 15 -53.95 33.54 93.00
N GLU DA 16 -54.68 32.65 92.34
CA GLU DA 16 -54.66 31.24 92.71
C GLU DA 16 -53.29 30.63 92.41
N VAL DA 17 -52.80 29.82 93.34
CA VAL DA 17 -51.52 29.14 93.20
C VAL DA 17 -51.81 27.67 92.99
N LYS DA 18 -51.31 27.12 91.89
CA LYS DA 18 -51.59 25.74 91.49
C LYS DA 18 -50.31 24.95 91.40
N HIS DA 19 -50.37 23.69 91.83
CA HIS DA 19 -49.27 22.75 91.70
C HIS DA 19 -49.78 21.47 91.05
N GLU DA 20 -49.09 21.04 90.00
CA GLU DA 20 -49.49 19.87 89.23
C GLU DA 20 -50.92 19.98 88.72
N GLY DA 21 -51.29 21.18 88.30
CA GLY DA 21 -52.59 21.42 87.69
C GLY DA 21 -53.75 21.61 88.63
N LYS DA 22 -53.53 21.59 89.94
CA LYS DA 22 -54.59 21.81 90.91
C LYS DA 22 -54.22 22.97 91.83
N VAL DA 23 -55.20 23.81 92.13
CA VAL DA 23 -54.98 24.97 92.98
C VAL DA 23 -54.86 24.52 94.43
N THR DA 24 -53.87 25.05 95.14
CA THR DA 24 -53.66 24.74 96.55
C THR DA 24 -53.52 25.96 97.44
N GLY DA 25 -53.24 27.14 96.90
CA GLY DA 25 -53.07 28.32 97.72
C GLY DA 25 -53.34 29.57 96.93
N TYR DA 26 -53.23 30.70 97.62
CA TYR DA 26 -53.49 32.00 97.02
C TYR DA 26 -52.41 32.98 97.46
N ALA DA 27 -51.92 33.78 96.51
CA ALA DA 27 -50.97 34.85 96.78
C ALA DA 27 -51.69 36.18 96.74
N CYS DA 28 -51.69 36.91 97.84
CA CYS DA 28 -52.43 38.15 97.96
C CYS DA 28 -51.50 39.34 97.83
N LEU DA 29 -52.05 40.45 97.36
CA LEU DA 29 -51.32 41.70 97.22
C LEU DA 29 -51.70 42.62 98.38
N VAL DA 30 -50.71 42.99 99.19
CA VAL DA 30 -50.90 43.98 100.24
C VAL DA 30 -49.81 45.02 100.09
N GLY DA 31 -50.19 46.29 100.15
CA GLY DA 31 -49.23 47.37 100.01
C GLY DA 31 -48.50 47.29 98.70
N ASP DA 32 -47.23 46.86 98.75
CA ASP DA 32 -46.42 46.64 97.56
C ASP DA 32 -45.60 45.37 97.69
N LYS DA 33 -46.20 44.32 98.24
CA LYS DA 33 -45.50 43.05 98.44
C LYS DA 33 -46.44 41.90 98.13
N VAL DA 34 -45.87 40.80 97.63
CA VAL DA 34 -46.62 39.58 97.38
C VAL DA 34 -46.32 38.59 98.49
N MET DA 35 -47.35 38.17 99.22
CA MET DA 35 -47.18 37.22 100.31
C MET DA 35 -47.75 35.87 99.90
N LYS DA 36 -47.07 34.80 100.31
CA LYS DA 36 -47.52 33.46 100.05
C LYS DA 36 -47.04 32.57 101.17
N PRO DA 37 -47.91 31.72 101.72
CA PRO DA 37 -47.48 30.80 102.77
C PRO DA 37 -46.39 29.86 102.27
N ALA DA 38 -45.50 29.49 103.19
CA ALA DA 38 -44.36 28.66 102.83
C ALA DA 38 -44.71 27.17 102.75
N HIS DA 39 -45.75 26.73 103.44
CA HIS DA 39 -46.11 25.32 103.38
C HIS DA 39 -46.79 24.96 102.06
N VAL DA 40 -47.43 25.93 101.40
CA VAL DA 40 -48.04 25.68 100.11
C VAL DA 40 -46.99 25.86 99.02
N LYS DA 41 -46.98 24.93 98.06
CA LYS DA 41 -46.03 24.95 96.96
C LYS DA 41 -46.76 24.94 95.63
N GLY DA 42 -46.10 25.47 94.62
CA GLY DA 42 -46.67 25.56 93.29
C GLY DA 42 -46.12 26.78 92.58
N VAL DA 43 -46.82 27.18 91.53
CA VAL DA 43 -46.49 28.39 90.77
C VAL DA 43 -47.72 29.27 90.72
N ILE DA 44 -47.54 30.57 91.01
CA ILE DA 44 -48.64 31.51 90.93
C ILE DA 44 -49.12 31.58 89.48
N ASP DA 45 -50.44 31.60 89.30
CA ASP DA 45 -51.03 31.61 87.97
C ASP DA 45 -50.95 33.01 87.35
N ASN DA 46 -49.72 33.45 87.13
CA ASN DA 46 -49.47 34.76 86.53
C ASN DA 46 -48.05 34.80 86.00
N ALA DA 47 -47.87 35.51 84.88
CA ALA DA 47 -46.56 35.59 84.25
C ALA DA 47 -45.61 36.48 85.06
N ASP DA 48 -46.09 37.65 85.49
CA ASP DA 48 -45.21 38.59 86.17
C ASP DA 48 -44.80 38.09 87.55
N LEU DA 49 -45.73 37.48 88.29
CA LEU DA 49 -45.43 37.05 89.64
C LEU DA 49 -44.54 35.82 89.66
N ALA DA 50 -44.51 35.06 88.55
CA ALA DA 50 -43.70 33.85 88.51
C ALA DA 50 -42.21 34.16 88.46
N LYS DA 51 -41.82 35.22 87.75
CA LYS DA 51 -40.41 35.53 87.57
C LYS DA 51 -39.82 36.37 88.69
N LEU DA 52 -40.64 36.86 89.62
CA LEU DA 52 -40.11 37.64 90.72
C LEU DA 52 -39.34 36.76 91.69
N ALA DA 53 -38.30 37.34 92.29
CA ALA DA 53 -37.49 36.64 93.28
C ALA DA 53 -38.16 36.73 94.64
N PHE DA 54 -38.36 35.58 95.28
CA PHE DA 54 -39.10 35.51 96.52
C PHE DA 54 -38.17 35.22 97.70
N LYS DA 55 -38.31 36.01 98.76
CA LYS DA 55 -37.60 35.79 100.00
C LYS DA 55 -38.40 34.82 100.86
N LYS DA 56 -37.76 33.75 101.32
CA LYS DA 56 -38.41 32.71 102.09
C LYS DA 56 -37.89 32.70 103.51
N SER DA 57 -38.81 32.49 104.47
CA SER DA 57 -38.45 32.47 105.88
C SER DA 57 -39.33 31.48 106.59
N SER DA 58 -38.74 30.40 107.10
CA SER DA 58 -39.51 29.33 107.72
C SER DA 58 -39.96 29.63 109.13
N LYS DA 59 -39.38 30.64 109.78
CA LYS DA 59 -39.82 30.98 111.14
C LYS DA 59 -41.24 31.54 111.12
N TYR DA 60 -41.53 32.42 110.18
CA TYR DA 60 -42.86 33.01 110.07
C TYR DA 60 -43.76 32.28 109.07
N ASP DA 61 -43.22 31.31 108.34
CA ASP DA 61 -44.00 30.52 107.38
C ASP DA 61 -44.65 31.41 106.34
N LEU DA 62 -43.80 32.13 105.59
CA LEU DA 62 -44.29 33.16 104.69
C LEU DA 62 -43.21 33.52 103.69
N GLU DA 63 -43.61 33.69 102.43
CA GLU DA 63 -42.73 34.18 101.38
C GLU DA 63 -43.20 35.56 100.93
N CYS DA 64 -42.26 36.46 100.70
CA CYS DA 64 -42.57 37.82 100.29
C CYS DA 64 -41.73 38.18 99.07
N ALA DA 65 -42.29 39.04 98.22
CA ALA DA 65 -41.56 39.54 97.07
C ALA DA 65 -42.11 40.91 96.70
N GLN DA 66 -41.31 41.67 95.99
CA GLN DA 66 -41.69 43.02 95.57
C GLN DA 66 -42.53 42.94 94.31
N ILE DA 67 -43.67 43.63 94.31
CA ILE DA 67 -44.59 43.63 93.18
C ILE DA 67 -44.05 44.52 92.06
N PRO DA 68 -44.44 44.28 90.81
CA PRO DA 68 -44.02 45.18 89.72
C PRO DA 68 -44.69 46.54 89.86
N VAL DA 69 -44.14 47.51 89.13
CA VAL DA 69 -44.58 48.89 89.26
C VAL DA 69 -46.02 49.04 88.78
N HIS DA 70 -46.34 48.45 87.61
CA HIS DA 70 -47.66 48.66 87.03
C HIS DA 70 -48.77 47.97 87.80
N MET DA 71 -48.46 47.06 88.72
CA MET DA 71 -49.46 46.39 89.53
C MET DA 71 -49.64 47.05 90.89
N ARG DA 72 -49.03 48.20 91.11
CA ARG DA 72 -49.17 48.87 92.40
C ARG DA 72 -50.58 49.36 92.67
N SER DA 73 -51.39 49.55 91.61
CA SER DA 73 -52.75 50.03 91.76
C SER DA 73 -53.77 48.90 91.90
N ASP DA 74 -53.33 47.64 91.89
CA ASP DA 74 -54.22 46.50 92.01
C ASP DA 74 -54.01 45.76 93.33
N ALA DA 75 -53.65 46.48 94.38
CA ALA DA 75 -53.32 45.88 95.67
C ALA DA 75 -54.18 46.49 96.77
N SER DA 76 -54.33 45.73 97.85
CA SER DA 76 -55.12 46.18 98.99
C SER DA 76 -54.37 47.26 99.77
N LYS DA 77 -54.99 47.71 100.85
CA LYS DA 77 -54.35 48.60 101.81
C LYS DA 77 -54.30 47.91 103.17
N TYR DA 78 -53.24 48.17 103.91
CA TYR DA 78 -52.92 47.45 105.14
C TYR DA 78 -53.21 48.32 106.36
N THR DA 79 -53.29 47.66 107.51
CA THR DA 79 -53.41 48.35 108.79
C THR DA 79 -52.97 47.39 109.89
N HIS DA 80 -52.70 47.97 111.06
CA HIS DA 80 -52.31 47.18 112.22
C HIS DA 80 -53.30 47.29 113.38
N GLU DA 81 -54.21 48.26 113.35
CA GLU DA 81 -55.19 48.39 114.42
C GLU DA 81 -56.16 47.22 114.37
N LYS DA 82 -56.29 46.50 115.48
CA LYS DA 82 -57.14 45.32 115.58
C LYS DA 82 -57.99 45.42 116.83
N PRO DA 83 -58.99 46.30 116.84
CA PRO DA 83 -59.89 46.37 117.99
C PRO DA 83 -60.75 45.12 118.08
N GLU DA 84 -61.24 44.85 119.28
CA GLU DA 84 -62.11 43.70 119.50
C GLU DA 84 -63.37 43.82 118.66
N GLY DA 85 -63.81 42.69 118.10
CA GLY DA 85 -65.05 42.68 117.34
C GLY DA 85 -65.13 41.63 116.24
N HIS DA 86 -65.67 42.03 115.09
CA HIS DA 86 -65.90 41.11 113.98
C HIS DA 86 -65.11 41.57 112.76
N TYR DA 87 -64.62 40.60 112.00
CA TYR DA 87 -63.88 40.88 110.78
C TYR DA 87 -64.41 40.00 109.66
N ASN DA 88 -64.35 40.53 108.45
CA ASN DA 88 -64.94 39.87 107.29
C ASN DA 88 -63.95 38.94 106.63
N TRP DA 89 -64.47 37.89 106.01
CA TRP DA 89 -63.65 36.87 105.38
C TRP DA 89 -64.38 36.35 104.15
N HIS DA 90 -63.63 35.70 103.26
CA HIS DA 90 -64.22 35.22 102.00
C HIS DA 90 -65.32 34.21 102.25
N HIS DA 91 -65.21 33.42 103.31
CA HIS DA 91 -66.21 32.41 103.62
C HIS DA 91 -67.09 32.80 104.80
N GLY DA 92 -67.32 34.10 105.01
CA GLY DA 92 -68.23 34.53 106.05
C GLY DA 92 -67.70 35.66 106.91
N ALA DA 93 -67.96 35.60 108.20
CA ALA DA 93 -67.50 36.60 109.15
C ALA DA 93 -66.72 35.92 110.25
N VAL DA 94 -65.61 36.53 110.66
CA VAL DA 94 -64.75 35.96 111.70
C VAL DA 94 -64.80 36.87 112.92
N GLN DA 95 -64.48 36.29 114.08
CA GLN DA 95 -64.58 36.97 115.36
C GLN DA 95 -63.19 37.05 115.98
N TYR DA 96 -62.84 38.23 116.50
CA TYR DA 96 -61.53 38.47 117.10
C TYR DA 96 -61.76 38.70 118.59
N SER DA 97 -61.51 37.68 119.39
CA SER DA 97 -61.74 37.76 120.83
C SER DA 97 -60.51 37.23 121.57
N GLY DA 98 -59.98 38.04 122.49
CA GLY DA 98 -58.85 37.62 123.30
C GLY DA 98 -57.61 37.30 122.50
N GLY DA 99 -57.30 38.11 121.49
CA GLY DA 99 -56.11 37.89 120.70
C GLY DA 99 -56.16 36.69 119.78
N ARG DA 100 -57.33 36.16 119.50
CA ARG DA 100 -57.48 34.96 118.69
C ARG DA 100 -58.45 35.23 117.54
N PHE DA 101 -58.16 34.64 116.38
CA PHE DA 101 -59.08 34.64 115.27
C PHE DA 101 -59.80 33.29 115.23
N THR DA 102 -61.13 33.33 115.30
CA THR DA 102 -61.92 32.12 115.38
C THR DA 102 -62.94 32.07 114.25
N ILE DA 103 -63.23 30.86 113.80
CA ILE DA 103 -64.19 30.61 112.72
C ILE DA 103 -65.48 30.12 113.36
N PRO DA 104 -66.58 30.88 113.30
CA PRO DA 104 -67.82 30.42 113.91
C PRO DA 104 -68.34 29.11 113.35
N THR DA 105 -68.16 28.87 112.06
CA THR DA 105 -68.77 27.73 111.40
C THR DA 105 -67.93 26.46 111.47
N GLY DA 106 -66.61 26.60 111.60
CA GLY DA 106 -65.76 25.43 111.46
C GLY DA 106 -65.79 24.83 110.08
N ALA DA 107 -65.98 25.65 109.05
CA ALA DA 107 -66.08 25.20 107.67
C ALA DA 107 -64.76 25.30 106.92
N GLY DA 108 -63.68 25.65 107.60
CA GLY DA 108 -62.38 25.70 106.97
C GLY DA 108 -61.95 24.37 106.39
N LYS DA 109 -61.45 24.39 105.16
CA LYS DA 109 -61.06 23.19 104.44
C LYS DA 109 -59.67 23.39 103.87
N PRO DA 110 -58.93 22.30 103.64
CA PRO DA 110 -57.60 22.43 103.01
C PRO DA 110 -57.71 23.11 101.66
N GLY DA 111 -56.74 23.97 101.37
CA GLY DA 111 -56.79 24.82 100.20
C GLY DA 111 -57.25 26.23 100.47
N ASP DA 112 -57.59 26.56 101.72
CA ASP DA 112 -57.96 27.91 102.12
C ASP DA 112 -56.77 28.70 102.65
N SER DA 113 -55.56 28.16 102.57
CA SER DA 113 -54.39 28.89 103.02
C SER DA 113 -54.10 30.06 102.08
N GLY DA 114 -53.70 31.19 102.67
CA GLY DA 114 -53.36 32.37 101.92
C GLY DA 114 -54.48 33.38 101.73
N ARG DA 115 -55.67 33.10 102.23
CA ARG DA 115 -56.79 34.03 102.06
C ARG DA 115 -56.75 35.12 103.12
N PRO DA 116 -56.62 36.38 102.74
CA PRO DA 116 -56.52 37.44 103.75
C PRO DA 116 -57.84 37.65 104.50
N ILE DA 117 -57.69 38.17 105.72
CA ILE DA 117 -58.83 38.56 106.55
C ILE DA 117 -58.92 40.08 106.56
N PHE DA 118 -60.10 40.60 106.26
CA PHE DA 118 -60.28 42.01 105.97
C PHE DA 118 -60.85 42.76 107.16
N ASP DA 119 -60.68 44.09 107.11
CA ASP DA 119 -61.25 45.01 108.07
C ASP DA 119 -62.65 45.40 107.62
N ASN DA 120 -63.32 46.22 108.42
CA ASN DA 120 -64.62 46.74 108.01
C ASN DA 120 -64.49 47.83 106.95
N LYS DA 121 -63.30 48.38 106.75
CA LYS DA 121 -63.06 49.37 105.72
C LYS DA 121 -62.38 48.78 104.49
N GLY DA 122 -62.32 47.46 104.39
CA GLY DA 122 -61.68 46.79 103.28
C GLY DA 122 -60.19 46.59 103.43
N ARG DA 123 -59.59 47.08 104.51
CA ARG DA 123 -58.16 46.92 104.70
C ARG DA 123 -57.83 45.50 105.11
N VAL DA 124 -56.66 45.02 104.69
CA VAL DA 124 -56.20 43.67 105.03
C VAL DA 124 -55.44 43.72 106.35
N VAL DA 125 -55.77 42.81 107.25
CA VAL DA 125 -55.19 42.77 108.58
C VAL DA 125 -54.30 41.55 108.77
N ALA DA 126 -54.73 40.38 108.30
CA ALA DA 126 -54.00 39.16 108.56
C ALA DA 126 -54.00 38.29 107.31
N ILE DA 127 -53.34 37.15 107.39
CA ILE DA 127 -53.33 36.13 106.35
C ILE DA 127 -53.51 34.77 106.99
N VAL DA 128 -54.47 34.00 106.48
CA VAL DA 128 -54.83 32.73 107.08
C VAL DA 128 -53.82 31.68 106.66
N LEU DA 129 -53.33 30.90 107.64
CA LEU DA 129 -52.44 29.78 107.38
C LEU DA 129 -53.07 28.45 107.71
N GLY DA 130 -53.60 28.28 108.92
CA GLY DA 130 -54.18 27.02 109.32
C GLY DA 130 -55.21 27.24 110.42
N GLY DA 131 -55.83 26.15 110.84
CA GLY DA 131 -56.86 26.22 111.86
C GLY DA 131 -56.77 25.06 112.81
N ALA DA 132 -57.32 25.26 114.01
CA ALA DA 132 -57.36 24.24 115.05
C ALA DA 132 -58.80 23.92 115.39
N ASN DA 133 -59.15 22.64 115.33
CA ASN DA 133 -60.52 22.20 115.56
C ASN DA 133 -60.78 22.15 117.05
N GLU DA 134 -61.38 23.21 117.58
CA GLU DA 134 -61.67 23.33 119.02
C GLU DA 134 -63.17 23.32 119.22
N GLY DA 135 -63.73 22.13 119.32
CA GLY DA 135 -65.18 22.00 119.52
C GLY DA 135 -65.96 22.51 118.33
N SER DA 136 -66.94 23.36 118.60
CA SER DA 136 -67.77 23.94 117.56
C SER DA 136 -67.09 25.08 116.81
N ARG DA 137 -65.99 25.61 117.35
CA ARG DA 137 -65.27 26.71 116.74
C ARG DA 137 -63.92 26.22 116.23
N THR DA 138 -63.30 27.05 115.39
CA THR DA 138 -61.99 26.76 114.84
C THR DA 138 -61.10 27.97 115.05
N ALA DA 139 -60.06 27.81 115.86
CA ALA DA 139 -59.09 28.87 116.06
C ALA DA 139 -58.17 28.96 114.85
N LEU DA 140 -57.99 30.16 114.33
CA LEU DA 140 -57.21 30.36 113.11
C LEU DA 140 -55.75 30.63 113.46
N SER DA 141 -54.85 29.87 112.86
CA SER DA 141 -53.42 30.15 112.95
C SER DA 141 -53.05 31.05 111.79
N VAL DA 142 -52.77 32.33 112.08
CA VAL DA 142 -52.61 33.35 111.06
C VAL DA 142 -51.31 34.11 111.30
N VAL DA 143 -50.86 34.79 110.24
CA VAL DA 143 -49.68 35.65 110.29
C VAL DA 143 -50.17 37.09 110.21
N THR DA 144 -49.86 37.87 111.23
CA THR DA 144 -50.32 39.24 111.32
C THR DA 144 -49.13 40.19 111.33
N TRP DA 145 -49.42 41.48 111.25
CA TRP DA 145 -48.40 42.51 111.26
C TRP DA 145 -48.65 43.46 112.42
N ASN DA 146 -47.62 43.70 113.22
CA ASN DA 146 -47.68 44.70 114.26
C ASN DA 146 -47.32 46.05 113.63
N LYS DA 147 -47.11 47.06 114.47
CA LYS DA 147 -46.63 48.35 113.96
C LYS DA 147 -45.38 48.18 113.12
N ASP DA 148 -44.47 47.32 113.57
CA ASP DA 148 -43.22 47.07 112.85
C ASP DA 148 -42.88 45.59 112.69
N MET DA 149 -43.30 44.73 113.61
CA MET DA 149 -42.85 43.35 113.66
C MET DA 149 -43.89 42.44 113.04
N VAL DA 150 -43.43 41.38 112.37
CA VAL DA 150 -44.30 40.34 111.84
C VAL DA 150 -44.33 39.21 112.86
N THR DA 151 -45.52 38.91 113.38
CA THR DA 151 -45.67 37.90 114.40
C THR DA 151 -46.58 36.79 113.90
N ARG DA 152 -46.35 35.58 114.41
CA ARG DA 152 -47.13 34.40 114.04
C ARG DA 152 -47.84 33.89 115.29
N VAL DA 153 -49.14 33.65 115.18
CA VAL DA 153 -49.94 33.09 116.26
C VAL DA 153 -50.41 31.72 115.83
N THR DA 154 -49.99 30.69 116.55
CA THR DA 154 -50.32 29.31 116.21
C THR DA 154 -50.88 28.61 117.44
N PRO DA 155 -52.20 28.39 117.50
CA PRO DA 155 -52.77 27.64 118.63
C PRO DA 155 -52.36 26.18 118.59
N GLU DA 156 -52.46 25.53 119.75
CA GLU DA 156 -52.13 24.12 119.85
C GLU DA 156 -53.09 23.29 119.01
N GLY DA 157 -52.55 22.28 118.34
CA GLY DA 157 -53.36 21.34 117.60
C GLY DA 157 -53.81 21.82 116.23
N SER DA 158 -53.32 22.94 115.76
CA SER DA 158 -53.70 23.42 114.44
C SER DA 158 -53.11 22.55 113.35
N GLU DA 159 -53.74 22.60 112.17
CA GLU DA 159 -53.28 21.85 111.01
C GLU DA 159 -53.07 22.79 109.84
N GLU DA 160 -52.08 22.46 109.02
CA GLU DA 160 -51.76 23.28 107.85
C GLU DA 160 -52.74 22.97 106.72
N TRP DA 161 -53.41 24.00 106.23
CA TRP DA 161 -54.37 23.83 105.15
C TRP DA 161 -53.68 23.92 103.79
N LYS EA 1 -72.77 51.07 58.66
CA LYS EA 1 -72.63 50.11 57.58
C LYS EA 1 -71.16 49.88 57.25
N ARG EA 2 -70.46 50.97 56.93
CA ARG EA 2 -69.03 50.88 56.65
C ARG EA 2 -68.26 50.44 57.89
N GLU EA 3 -68.66 50.95 59.06
CA GLU EA 3 -67.98 50.56 60.30
C GLU EA 3 -68.13 49.07 60.57
N ARG EA 4 -69.34 48.53 60.38
CA ARG EA 4 -69.55 47.10 60.61
C ARG EA 4 -68.74 46.25 59.64
N MET EA 5 -68.71 46.64 58.37
CA MET EA 5 -67.93 45.90 57.38
C MET EA 5 -66.44 45.95 57.72
N CYS EA 6 -65.95 47.13 58.10
CA CYS EA 6 -64.53 47.26 58.44
C CYS EA 6 -64.19 46.42 59.66
N MET EA 7 -65.07 46.40 60.66
CA MET EA 7 -64.81 45.60 61.86
C MET EA 7 -64.88 44.12 61.56
N LYS EA 8 -65.78 43.72 60.67
CA LYS EA 8 -65.86 42.31 60.26
C LYS EA 8 -64.59 41.87 59.54
N ILE EA 9 -64.07 42.72 58.65
CA ILE EA 9 -62.81 42.40 57.99
C ILE EA 9 -61.68 42.35 59.01
N GLU EA 10 -61.68 43.30 59.96
CA GLU EA 10 -60.61 43.37 60.94
C GLU EA 10 -60.63 42.15 61.87
N ASN EA 11 -61.81 41.61 62.16
CA ASN EA 11 -61.88 40.43 63.00
C ASN EA 11 -61.23 39.22 62.33
N ASP EA 12 -61.46 39.06 61.02
CA ASP EA 12 -60.98 37.88 60.31
C ASP EA 12 -59.56 38.05 59.75
N CYS EA 13 -58.99 39.25 59.79
CA CYS EA 13 -57.74 39.53 59.10
C CYS EA 13 -56.68 40.16 59.99
N ILE EA 14 -56.90 40.25 61.30
CA ILE EA 14 -55.93 40.84 62.22
C ILE EA 14 -55.72 39.90 63.39
N PHE EA 15 -54.46 39.72 63.79
CA PHE EA 15 -54.11 38.84 64.89
C PHE EA 15 -53.16 39.57 65.82
N GLU EA 16 -53.39 39.47 67.12
CA GLU EA 16 -52.50 40.10 68.09
C GLU EA 16 -51.21 39.31 68.21
N VAL EA 17 -50.14 40.02 68.57
CA VAL EA 17 -48.82 39.43 68.77
C VAL EA 17 -48.55 39.41 70.27
N LYS EA 18 -48.24 38.22 70.79
CA LYS EA 18 -48.05 38.01 72.21
C LYS EA 18 -46.56 37.98 72.51
N HIS EA 19 -46.14 38.81 73.48
CA HIS EA 19 -44.75 38.78 73.93
C HIS EA 19 -44.70 39.12 75.41
N GLU EA 20 -44.19 38.18 76.20
CA GLU EA 20 -44.09 38.32 77.66
C GLU EA 20 -45.46 38.59 78.29
N GLY EA 21 -46.52 38.06 77.66
CA GLY EA 21 -47.86 38.20 78.19
C GLY EA 21 -48.52 39.53 77.91
N LYS EA 22 -47.86 40.45 77.22
CA LYS EA 22 -48.41 41.75 76.90
C LYS EA 22 -48.40 41.98 75.40
N VAL EA 23 -49.46 42.59 74.90
CA VAL EA 23 -49.60 42.81 73.46
C VAL EA 23 -48.61 43.87 73.00
N THR EA 24 -47.97 43.63 71.87
CA THR EA 24 -46.98 44.58 71.36
C THR EA 24 -47.36 45.09 69.98
N GLY EA 25 -48.06 44.27 69.20
CA GLY EA 25 -48.46 44.68 67.87
C GLY EA 25 -49.45 43.71 67.27
N TYR EA 26 -49.79 43.96 66.01
CA TYR EA 26 -50.76 43.15 65.28
C TYR EA 26 -50.16 42.70 63.96
N ALA EA 27 -50.53 41.49 63.54
CA ALA EA 27 -50.15 40.95 62.24
C ALA EA 27 -51.41 40.79 61.40
N CYS EA 28 -51.42 41.38 60.22
CA CYS EA 28 -52.58 41.38 59.35
C CYS EA 28 -52.29 40.60 58.08
N LEU EA 29 -53.35 40.07 57.47
CA LEU EA 29 -53.24 39.26 56.27
C LEU EA 29 -53.73 40.09 55.09
N VAL EA 30 -52.80 40.58 54.27
CA VAL EA 30 -53.11 41.41 53.12
C VAL EA 30 -52.72 40.65 51.86
N GLY EA 31 -53.66 40.55 50.92
CA GLY EA 31 -53.42 39.81 49.70
C GLY EA 31 -53.13 38.35 49.97
N ASP EA 32 -51.86 37.96 49.80
CA ASP EA 32 -51.43 36.59 50.10
C ASP EA 32 -50.16 36.61 50.94
N LYS EA 33 -49.91 37.68 51.67
CA LYS EA 33 -48.69 37.83 52.45
C LYS EA 33 -49.02 38.22 53.89
N VAL EA 34 -48.42 37.51 54.83
CA VAL EA 34 -48.50 37.89 56.24
C VAL EA 34 -47.71 39.18 56.43
N MET EA 35 -48.25 40.09 57.25
CA MET EA 35 -47.64 41.38 57.49
C MET EA 35 -47.28 41.52 58.97
N LYS EA 36 -46.15 42.18 59.24
CA LYS EA 36 -45.74 42.49 60.60
C LYS EA 36 -44.61 43.50 60.54
N PRO EA 37 -44.69 44.59 61.28
CA PRO EA 37 -43.54 45.49 61.40
C PRO EA 37 -42.37 44.76 62.06
N ALA EA 38 -41.16 45.09 61.61
CA ALA EA 38 -39.99 44.37 62.09
C ALA EA 38 -39.62 44.77 63.51
N HIS EA 39 -39.68 46.07 63.82
CA HIS EA 39 -39.25 46.53 65.14
C HIS EA 39 -40.13 45.99 66.26
N VAL EA 40 -41.37 45.63 65.98
CA VAL EA 40 -42.23 45.01 66.98
C VAL EA 40 -41.79 43.56 67.15
N LYS EA 41 -41.53 43.16 68.39
CA LYS EA 41 -41.01 41.84 68.70
C LYS EA 41 -42.05 41.01 69.44
N GLY EA 42 -42.13 39.73 69.09
CA GLY EA 42 -43.08 38.84 69.73
C GLY EA 42 -43.34 37.64 68.84
N VAL EA 43 -44.46 36.98 69.12
CA VAL EA 43 -44.90 35.81 68.36
C VAL EA 43 -46.39 35.97 68.09
N ILE EA 44 -46.82 35.51 66.91
CA ILE EA 44 -48.21 35.61 66.52
C ILE EA 44 -49.05 34.67 67.37
N ASP EA 45 -50.17 35.17 67.89
CA ASP EA 45 -51.10 34.37 68.68
C ASP EA 45 -51.91 33.46 67.77
N ASN EA 46 -51.20 32.58 67.07
CA ASN EA 46 -51.81 31.65 66.13
C ASN EA 46 -50.80 30.57 65.81
N ALA EA 47 -51.20 29.31 65.99
CA ALA EA 47 -50.26 28.20 65.80
C ALA EA 47 -49.80 28.11 64.35
N ASP EA 48 -50.72 28.25 63.40
CA ASP EA 48 -50.36 28.11 62.00
C ASP EA 48 -49.45 29.25 61.55
N LEU EA 49 -49.74 30.48 61.96
CA LEU EA 49 -48.97 31.62 61.49
C LEU EA 49 -47.62 31.72 62.19
N ALA EA 50 -47.44 31.01 63.31
CA ALA EA 50 -46.19 31.11 64.06
C ALA EA 50 -45.03 30.38 63.40
N LYS EA 51 -45.31 29.35 62.60
CA LYS EA 51 -44.26 28.51 62.03
C LYS EA 51 -43.76 28.99 60.66
N LEU EA 52 -44.33 30.04 60.11
CA LEU EA 52 -43.91 30.51 58.80
C LEU EA 52 -42.53 31.15 58.86
N ALA EA 53 -41.79 31.04 57.77
CA ALA EA 53 -40.49 31.67 57.64
C ALA EA 53 -40.66 33.10 57.16
N PHE EA 54 -40.09 34.05 57.89
CA PHE EA 54 -40.29 35.47 57.64
C PHE EA 54 -39.07 36.07 56.95
N LYS EA 55 -39.32 36.85 55.90
CA LYS EA 55 -38.25 37.56 55.21
C LYS EA 55 -38.17 38.98 55.73
N LYS EA 56 -37.05 39.30 56.39
CA LYS EA 56 -36.89 40.56 57.10
C LYS EA 56 -36.14 41.58 56.25
N SER EA 57 -36.56 42.84 56.34
CA SER EA 57 -35.88 43.92 55.63
C SER EA 57 -35.94 45.16 56.50
N SER EA 58 -34.82 45.49 57.14
CA SER EA 58 -34.79 46.62 58.07
C SER EA 58 -34.85 47.97 57.37
N LYS EA 59 -34.66 48.01 56.05
CA LYS EA 59 -34.77 49.29 55.35
C LYS EA 59 -36.19 49.81 55.40
N TYR EA 60 -37.18 48.93 55.26
CA TYR EA 60 -38.59 49.31 55.32
C TYR EA 60 -39.25 48.95 56.64
N ASP EA 61 -38.55 48.29 57.56
CA ASP EA 61 -39.10 47.92 58.86
C ASP EA 61 -40.36 47.08 58.71
N LEU EA 62 -40.22 45.99 57.94
CA LEU EA 62 -41.34 45.10 57.67
C LEU EA 62 -40.84 43.67 57.55
N GLU EA 63 -41.65 42.73 58.03
CA GLU EA 63 -41.37 41.31 57.88
C GLU EA 63 -42.58 40.63 57.24
N CYS EA 64 -42.36 39.90 56.16
CA CYS EA 64 -43.45 39.30 55.41
C CYS EA 64 -43.19 37.82 55.19
N ALA EA 65 -44.27 37.09 54.94
CA ALA EA 65 -44.22 35.67 54.68
C ALA EA 65 -45.42 35.28 53.86
N GLN EA 66 -45.36 34.12 53.23
CA GLN EA 66 -46.46 33.64 52.40
C GLN EA 66 -47.50 32.98 53.28
N ILE EA 67 -48.76 33.40 53.14
CA ILE EA 67 -49.83 32.91 53.99
C ILE EA 67 -50.10 31.45 53.65
N PRO EA 68 -50.54 30.64 54.60
CA PRO EA 68 -50.91 29.26 54.29
C PRO EA 68 -52.09 29.22 53.33
N VAL EA 69 -52.30 28.04 52.75
CA VAL EA 69 -53.32 27.89 51.72
C VAL EA 69 -54.72 28.06 52.32
N HIS EA 70 -54.94 27.54 53.53
CA HIS EA 70 -56.28 27.48 54.09
C HIS EA 70 -56.74 28.79 54.74
N MET EA 71 -55.88 29.80 54.80
CA MET EA 71 -56.28 31.12 55.25
C MET EA 71 -56.39 32.13 54.12
N ARG EA 72 -56.31 31.68 52.86
CA ARG EA 72 -56.33 32.61 51.76
C ARG EA 72 -57.66 33.32 51.58
N SER EA 73 -58.77 32.67 51.96
CA SER EA 73 -60.08 33.27 51.84
C SER EA 73 -60.42 34.22 52.98
N ASP EA 74 -59.63 34.22 54.05
CA ASP EA 74 -59.87 35.08 55.21
C ASP EA 74 -58.88 36.23 55.27
N ALA EA 75 -58.45 36.73 54.11
CA ALA EA 75 -57.47 37.80 54.02
C ALA EA 75 -58.06 38.98 53.26
N SER EA 76 -57.59 40.17 53.61
CA SER EA 76 -58.12 41.40 53.02
C SER EA 76 -57.69 41.52 51.56
N LYS EA 77 -58.27 42.49 50.87
CA LYS EA 77 -57.84 42.87 49.54
C LYS EA 77 -57.31 44.29 49.57
N TYR EA 78 -56.33 44.57 48.71
CA TYR EA 78 -55.51 45.77 48.78
C TYR EA 78 -55.73 46.65 47.55
N THR EA 79 -55.06 47.81 47.57
CA THR EA 79 -55.05 48.74 46.45
C THR EA 79 -53.84 49.64 46.58
N HIS EA 80 -53.52 50.34 45.50
CA HIS EA 80 -52.39 51.27 45.48
C HIS EA 80 -52.79 52.69 45.12
N GLU EA 81 -54.08 52.99 45.07
CA GLU EA 81 -54.55 54.34 44.75
C GLU EA 81 -54.86 55.09 46.03
N LYS EA 82 -54.38 56.33 46.12
CA LYS EA 82 -54.53 57.17 47.31
C LYS EA 82 -55.03 58.54 46.89
N PRO EA 83 -56.30 58.66 46.50
CA PRO EA 83 -56.85 59.99 46.24
C PRO EA 83 -56.95 60.80 47.52
N GLU EA 84 -56.92 62.12 47.35
CA GLU EA 84 -57.05 63.01 48.49
C GLU EA 84 -58.42 62.84 49.15
N GLY EA 85 -58.45 62.98 50.47
CA GLY EA 85 -59.71 62.87 51.19
C GLY EA 85 -59.57 62.30 52.59
N HIS EA 86 -60.46 61.38 52.94
CA HIS EA 86 -60.46 60.76 54.26
C HIS EA 86 -60.48 59.25 54.11
N TYR EA 87 -59.92 58.57 55.10
CA TYR EA 87 -59.89 57.11 55.11
C TYR EA 87 -60.25 56.60 56.49
N ASN EA 88 -60.78 55.38 56.53
CA ASN EA 88 -61.25 54.78 57.76
C ASN EA 88 -60.09 54.18 58.54
N TRP EA 89 -60.34 53.94 59.83
CA TRP EA 89 -59.35 53.33 60.71
C TRP EA 89 -60.08 52.76 61.92
N HIS EA 90 -59.41 51.84 62.60
CA HIS EA 90 -59.97 51.26 63.82
C HIS EA 90 -60.12 52.28 64.93
N HIS EA 91 -59.32 53.35 64.92
CA HIS EA 91 -59.40 54.41 65.92
C HIS EA 91 -60.07 55.66 65.39
N GLY EA 92 -60.89 55.54 64.35
CA GLY EA 92 -61.61 56.69 63.84
C GLY EA 92 -61.38 56.94 62.37
N ALA EA 93 -61.16 58.20 62.02
CA ALA EA 93 -60.92 58.61 60.64
C ALA EA 93 -59.57 59.29 60.55
N VAL EA 94 -58.87 59.06 59.43
CA VAL EA 94 -57.54 59.62 59.20
C VAL EA 94 -57.62 60.57 58.02
N GLN EA 95 -56.93 61.70 58.14
CA GLN EA 95 -56.91 62.73 57.11
C GLN EA 95 -55.69 62.55 56.23
N TYR EA 96 -55.90 62.34 54.94
CA TYR EA 96 -54.83 62.21 53.96
C TYR EA 96 -54.78 63.48 53.15
N SER EA 97 -53.77 64.30 53.40
CA SER EA 97 -53.62 65.57 52.69
C SER EA 97 -52.15 65.81 52.36
N GLY EA 98 -51.88 66.10 51.09
CA GLY EA 98 -50.52 66.40 50.66
C GLY EA 98 -49.54 65.26 50.85
N GLY EA 99 -49.99 64.02 50.63
CA GLY EA 99 -49.13 62.88 50.82
C GLY EA 99 -48.84 62.55 52.27
N ARG EA 100 -49.66 63.02 53.20
CA ARG EA 100 -49.44 62.81 54.63
C ARG EA 100 -50.66 62.16 55.25
N PHE EA 101 -50.42 61.24 56.18
CA PHE EA 101 -51.47 60.65 57.00
C PHE EA 101 -51.45 61.33 58.37
N THR EA 102 -52.58 61.89 58.78
CA THR EA 102 -52.65 62.68 59.99
C THR EA 102 -53.78 62.18 60.88
N ILE EA 103 -53.51 62.13 62.19
CA ILE EA 103 -54.50 61.69 63.18
C ILE EA 103 -55.14 62.93 63.78
N PRO EA 104 -56.44 63.17 63.56
CA PRO EA 104 -57.06 64.39 64.07
C PRO EA 104 -57.00 64.53 65.58
N THR EA 105 -57.13 63.43 66.31
CA THR EA 105 -57.22 63.50 67.76
C THR EA 105 -55.90 63.26 68.46
N GLY EA 106 -54.91 62.70 67.78
CA GLY EA 106 -53.69 62.28 68.47
C GLY EA 106 -53.98 61.19 69.48
N ALA EA 107 -54.84 60.24 69.14
CA ALA EA 107 -55.27 59.18 70.04
C ALA EA 107 -54.42 57.93 69.90
N GLY EA 108 -53.36 57.95 69.10
CA GLY EA 108 -52.54 56.76 68.94
C GLY EA 108 -51.85 56.40 70.24
N LYS EA 109 -51.69 55.09 70.45
CA LYS EA 109 -51.06 54.56 71.65
C LYS EA 109 -50.01 53.53 71.27
N PRO EA 110 -48.87 53.50 71.98
CA PRO EA 110 -47.87 52.47 71.71
C PRO EA 110 -48.45 51.08 71.89
N GLY EA 111 -48.00 50.15 71.05
CA GLY EA 111 -48.54 48.81 71.01
C GLY EA 111 -49.62 48.60 69.96
N ASP EA 112 -50.06 49.67 69.30
CA ASP EA 112 -51.08 49.58 68.27
C ASP EA 112 -50.48 49.52 66.87
N SER EA 113 -49.16 49.35 66.76
CA SER EA 113 -48.54 49.21 65.46
C SER EA 113 -48.99 47.92 64.79
N GLY EA 114 -49.15 47.97 63.48
CA GLY EA 114 -49.63 46.84 62.73
C GLY EA 114 -51.11 46.86 62.40
N ARG EA 115 -51.80 47.95 62.67
CA ARG EA 115 -53.22 48.06 62.36
C ARG EA 115 -53.37 48.72 60.99
N PRO EA 116 -53.90 48.02 59.99
CA PRO EA 116 -53.99 48.60 58.65
C PRO EA 116 -54.94 49.79 58.60
N ILE EA 117 -54.63 50.72 57.70
CA ILE EA 117 -55.52 51.82 57.37
C ILE EA 117 -56.33 51.44 56.14
N PHE EA 118 -57.66 51.51 56.24
CA PHE EA 118 -58.54 51.00 55.22
C PHE EA 118 -58.96 52.09 54.24
N ASP EA 119 -59.50 51.65 53.11
CA ASP EA 119 -60.04 52.53 52.09
C ASP EA 119 -61.54 52.73 52.33
N ASN EA 120 -62.18 53.47 51.44
CA ASN EA 120 -63.62 53.67 51.55
C ASN EA 120 -64.39 52.42 51.13
N LYS EA 121 -63.78 51.57 50.32
CA LYS EA 121 -64.41 50.33 49.87
C LYS EA 121 -63.97 49.13 50.69
N GLY EA 122 -63.29 49.34 51.80
CA GLY EA 122 -62.81 48.24 52.63
C GLY EA 122 -61.46 47.69 52.25
N ARG EA 123 -60.83 48.20 51.21
CA ARG EA 123 -59.50 47.76 50.83
C ARG EA 123 -58.45 48.39 51.74
N VAL EA 124 -57.32 47.71 51.87
CA VAL EA 124 -56.20 48.20 52.66
C VAL EA 124 -55.34 49.11 51.80
N VAL EA 125 -54.84 50.18 52.40
CA VAL EA 125 -53.98 51.14 51.72
C VAL EA 125 -52.56 51.11 52.27
N ALA EA 126 -52.41 51.04 53.59
CA ALA EA 126 -51.09 51.18 54.19
C ALA EA 126 -51.11 50.54 55.58
N ILE EA 127 -49.91 50.38 56.15
CA ILE EA 127 -49.74 49.77 57.46
C ILE EA 127 -48.98 50.75 58.35
N VAL EA 128 -49.53 51.03 59.52
CA VAL EA 128 -48.98 52.06 60.39
C VAL EA 128 -47.81 51.51 61.19
N LEU EA 129 -46.83 52.36 61.46
CA LEU EA 129 -45.69 52.04 62.30
C LEU EA 129 -45.64 52.88 63.57
N GLY EA 130 -45.68 54.19 63.44
CA GLY EA 130 -45.63 55.09 64.58
C GLY EA 130 -46.16 56.45 64.20
N GLY EA 131 -46.20 57.34 65.19
CA GLY EA 131 -46.78 58.65 64.98
C GLY EA 131 -45.88 59.74 65.55
N ALA EA 132 -45.92 60.89 64.88
CA ALA EA 132 -45.16 62.07 65.27
C ALA EA 132 -46.11 63.16 65.73
N ASN EA 133 -45.89 63.70 66.92
CA ASN EA 133 -46.81 64.66 67.52
C ASN EA 133 -46.55 66.04 66.93
N GLU EA 134 -47.43 66.47 66.03
CA GLU EA 134 -47.38 67.81 65.45
C GLU EA 134 -48.52 68.64 66.04
N GLY EA 135 -48.21 69.34 67.13
CA GLY EA 135 -49.23 70.16 67.78
C GLY EA 135 -50.37 69.29 68.27
N SER EA 136 -51.59 69.69 67.96
CA SER EA 136 -52.78 68.93 68.32
C SER EA 136 -52.98 67.70 67.45
N ARG EA 137 -52.33 67.64 66.29
CA ARG EA 137 -52.42 66.51 65.38
C ARG EA 137 -51.26 65.56 65.62
N THR EA 138 -51.30 64.42 64.94
CA THR EA 138 -50.25 63.42 65.01
C THR EA 138 -50.09 62.78 63.65
N ALA EA 139 -49.03 63.14 62.93
CA ALA EA 139 -48.74 62.54 61.65
C ALA EA 139 -48.31 61.09 61.82
N LEU EA 140 -48.63 60.27 60.83
CA LEU EA 140 -48.40 58.83 60.91
C LEU EA 140 -47.17 58.46 60.08
N SER EA 141 -46.22 57.76 60.72
CA SER EA 141 -45.13 57.12 60.00
C SER EA 141 -45.60 55.75 59.55
N VAL EA 142 -45.84 55.60 58.26
CA VAL EA 142 -46.65 54.52 57.72
C VAL EA 142 -45.90 53.90 56.54
N VAL EA 143 -46.18 52.63 56.28
CA VAL EA 143 -45.60 51.88 55.18
C VAL EA 143 -46.66 51.71 54.11
N THR EA 144 -46.49 52.37 52.98
CA THR EA 144 -47.48 52.41 51.92
C THR EA 144 -46.91 51.73 50.67
N TRP EA 145 -47.71 51.71 49.59
CA TRP EA 145 -47.36 50.97 48.38
C TRP EA 145 -47.47 51.86 47.15
N ASN EA 146 -46.57 51.65 46.21
CA ASN EA 146 -46.76 52.10 44.83
C ASN EA 146 -47.36 50.94 44.03
N LYS EA 147 -47.32 51.06 42.70
CA LYS EA 147 -47.85 49.99 41.85
C LYS EA 147 -47.19 48.66 42.15
N ASP EA 148 -45.86 48.64 42.30
CA ASP EA 148 -45.17 47.42 42.69
C ASP EA 148 -44.09 47.65 43.74
N MET EA 149 -43.90 48.88 44.22
CA MET EA 149 -42.85 49.20 45.17
C MET EA 149 -43.43 49.54 46.53
N VAL EA 150 -42.75 49.11 47.57
CA VAL EA 150 -43.01 49.55 48.93
C VAL EA 150 -42.25 50.84 49.17
N THR EA 151 -42.89 51.80 49.80
CA THR EA 151 -42.23 53.02 50.24
C THR EA 151 -42.56 53.26 51.70
N ARG EA 152 -41.55 53.66 52.46
CA ARG EA 152 -41.71 53.94 53.88
C ARG EA 152 -41.70 55.45 54.08
N VAL EA 153 -42.84 56.00 54.49
CA VAL EA 153 -42.98 57.42 54.75
C VAL EA 153 -42.80 57.65 56.24
N THR EA 154 -41.87 58.53 56.60
CA THR EA 154 -41.54 58.81 58.00
C THR EA 154 -41.42 60.32 58.20
N PRO EA 155 -42.43 60.96 58.79
CA PRO EA 155 -42.29 62.37 59.14
C PRO EA 155 -41.27 62.58 60.24
N GLU EA 156 -40.72 63.79 60.27
CA GLU EA 156 -39.70 64.12 61.26
C GLU EA 156 -40.26 63.99 62.67
N GLY EA 157 -39.48 63.39 63.56
CA GLY EA 157 -39.87 63.25 64.95
C GLY EA 157 -40.78 62.09 65.24
N SER EA 158 -40.95 61.15 64.31
CA SER EA 158 -41.80 60.01 64.55
C SER EA 158 -41.23 59.11 65.64
N GLU EA 159 -42.12 58.54 66.44
CA GLU EA 159 -41.75 57.60 67.48
C GLU EA 159 -42.40 56.27 67.16
N GLU EA 160 -41.61 55.20 67.22
CA GLU EA 160 -42.10 53.87 66.84
C GLU EA 160 -43.00 53.35 67.96
N TRP EA 161 -44.30 53.27 67.68
CA TRP EA 161 -45.25 52.77 68.66
C TRP EA 161 -45.04 51.29 68.91
N LYS FA 1 -83.92 33.81 32.85
CA LYS FA 1 -83.50 34.43 31.60
C LYS FA 1 -82.04 34.11 31.28
N ARG FA 2 -81.13 34.75 32.02
CA ARG FA 2 -79.71 34.49 31.83
C ARG FA 2 -79.36 33.04 32.17
N GLU FA 3 -79.92 32.52 33.27
CA GLU FA 3 -79.68 31.13 33.63
C GLU FA 3 -80.22 30.18 32.56
N ARG FA 4 -81.41 30.45 32.05
CA ARG FA 4 -82.00 29.57 31.03
C ARG FA 4 -81.18 29.59 29.75
N MET FA 5 -80.74 30.77 29.32
CA MET FA 5 -79.90 30.85 28.14
C MET FA 5 -78.58 30.13 28.35
N CYS FA 6 -77.99 30.30 29.54
CA CYS FA 6 -76.71 29.64 29.82
C CYS FA 6 -76.84 28.13 29.81
N MET FA 7 -77.92 27.59 30.39
CA MET FA 7 -78.07 26.14 30.40
C MET FA 7 -78.44 25.61 29.02
N LYS FA 8 -79.16 26.40 28.21
CA LYS FA 8 -79.41 25.99 26.83
C LYS FA 8 -78.12 25.96 26.03
N ILE FA 9 -77.26 26.94 26.24
CA ILE FA 9 -75.96 26.97 25.55
C ILE FA 9 -75.10 25.79 25.99
N GLU FA 10 -75.11 25.50 27.30
CA GLU FA 10 -74.33 24.38 27.82
C GLU FA 10 -74.80 23.06 27.23
N ASN FA 11 -76.11 22.91 27.03
CA ASN FA 11 -76.64 21.67 26.45
C ASN FA 11 -76.14 21.47 25.03
N ASP FA 12 -76.08 22.54 24.24
CA ASP FA 12 -75.66 22.44 22.85
C ASP FA 12 -74.15 22.39 22.68
N CYS FA 13 -73.37 22.71 23.72
CA CYS FA 13 -71.94 22.88 23.58
C CYS FA 13 -71.16 22.10 24.63
N ILE FA 14 -71.71 20.99 25.12
CA ILE FA 14 -70.99 20.11 26.03
C ILE FA 14 -71.31 18.67 25.65
N PHE FA 15 -70.27 17.84 25.55
CA PHE FA 15 -70.42 16.41 25.30
C PHE FA 15 -69.70 15.65 26.39
N GLU FA 16 -70.40 14.68 26.98
CA GLU FA 16 -69.85 13.94 28.11
C GLU FA 16 -68.77 12.97 27.64
N VAL FA 17 -67.74 12.83 28.47
CA VAL FA 17 -66.64 11.89 28.24
C VAL FA 17 -66.71 10.83 29.33
N LYS FA 18 -66.90 9.58 28.92
CA LYS FA 18 -67.11 8.48 29.85
C LYS FA 18 -65.97 7.48 29.73
N HIS FA 19 -65.50 7.00 30.88
CA HIS FA 19 -64.48 5.98 30.96
C HIS FA 19 -64.98 4.83 31.82
N GLU FA 20 -64.88 3.60 31.30
CA GLU FA 20 -65.37 2.41 31.98
C GLU FA 20 -66.86 2.53 32.31
N GLY FA 21 -67.59 3.28 31.49
CA GLY FA 21 -69.01 3.46 31.65
C GLY FA 21 -69.43 4.64 32.51
N LYS FA 22 -68.49 5.27 33.21
CA LYS FA 22 -68.80 6.40 34.09
C LYS FA 22 -68.14 7.65 33.56
N VAL FA 23 -68.85 8.78 33.65
CA VAL FA 23 -68.35 10.04 33.12
C VAL FA 23 -67.21 10.54 34.00
N THR FA 24 -66.18 11.10 33.35
CA THR FA 24 -65.04 11.66 34.05
C THR FA 24 -64.72 13.10 33.68
N GLY FA 25 -65.18 13.59 32.53
CA GLY FA 25 -64.92 14.96 32.13
C GLY FA 25 -65.83 15.35 31.01
N TYR FA 26 -65.70 16.61 30.60
CA TYR FA 26 -66.54 17.15 29.53
C TYR FA 26 -65.67 17.89 28.53
N ALA FA 27 -65.97 17.69 27.25
CA ALA FA 27 -65.32 18.40 26.16
C ALA FA 27 -66.31 19.38 25.55
N CYS FA 28 -65.87 20.63 25.38
CA CYS FA 28 -66.77 21.70 24.97
C CYS FA 28 -66.28 22.32 23.67
N LEU FA 29 -67.23 22.86 22.91
CA LEU FA 29 -66.90 23.55 21.66
C LEU FA 29 -66.86 25.04 21.93
N VAL FA 30 -65.72 25.66 21.65
CA VAL FA 30 -65.55 27.10 21.76
C VAL FA 30 -65.07 27.61 20.42
N GLY FA 31 -65.76 28.61 19.87
CA GLY FA 31 -65.39 29.15 18.59
C GLY FA 31 -65.50 28.12 17.48
N ASP FA 32 -64.36 27.65 16.99
CA ASP FA 32 -64.32 26.62 15.95
C ASP FA 32 -63.33 25.52 16.30
N LYS FA 33 -63.12 25.26 17.58
CA LYS FA 33 -62.16 24.26 18.00
C LYS FA 33 -62.72 23.44 19.16
N VAL FA 34 -62.54 22.13 19.10
CA VAL FA 34 -62.92 21.25 20.19
C VAL FA 34 -61.85 21.31 21.27
N MET FA 35 -62.26 21.60 22.50
CA MET FA 35 -61.32 21.74 23.61
C MET FA 35 -61.70 20.76 24.71
N LYS FA 36 -60.72 20.00 25.18
CA LYS FA 36 -60.89 19.10 26.31
C LYS FA 36 -59.65 19.16 27.19
N PRO FA 37 -59.83 19.09 28.51
CA PRO FA 37 -58.66 18.96 29.38
C PRO FA 37 -57.88 17.71 29.03
N ALA FA 38 -56.54 17.83 29.08
CA ALA FA 38 -55.70 16.70 28.72
C ALA FA 38 -55.63 15.66 29.83
N HIS FA 39 -55.67 16.10 31.10
CA HIS FA 39 -55.46 15.16 32.19
C HIS FA 39 -56.59 14.15 32.32
N VAL FA 40 -57.82 14.52 31.94
CA VAL FA 40 -58.92 13.57 32.00
C VAL FA 40 -58.73 12.51 30.93
N LYS FA 41 -59.17 11.29 31.23
CA LYS FA 41 -59.06 10.18 30.30
C LYS FA 41 -60.44 9.65 29.97
N GLY FA 42 -60.60 9.21 28.74
CA GLY FA 42 -61.86 8.67 28.27
C GLY FA 42 -62.07 9.00 26.80
N VAL FA 43 -63.29 8.75 26.35
CA VAL FA 43 -63.67 9.01 24.97
C VAL FA 43 -64.95 9.85 24.96
N ILE FA 44 -65.10 10.65 23.90
CA ILE FA 44 -66.25 11.54 23.79
C ILE FA 44 -67.44 10.77 23.24
N ASP FA 45 -68.61 11.01 23.83
CA ASP FA 45 -69.85 10.37 23.38
C ASP FA 45 -70.36 11.03 22.10
N ASN FA 46 -69.55 10.90 21.04
CA ASN FA 46 -69.90 11.46 19.75
C ASN FA 46 -69.03 10.79 18.69
N ALA FA 47 -69.67 10.26 17.64
CA ALA FA 47 -68.92 9.58 16.59
C ALA FA 47 -68.00 10.55 15.86
N ASP FA 48 -68.50 11.75 15.56
CA ASP FA 48 -67.69 12.71 14.81
C ASP FA 48 -66.54 13.25 15.64
N LEU FA 49 -66.77 13.53 16.93
CA LEU FA 49 -65.73 14.12 17.76
C LEU FA 49 -64.67 13.09 18.15
N ALA FA 50 -65.08 11.85 18.41
CA ALA FA 50 -64.12 10.85 18.88
C ALA FA 50 -63.12 10.44 17.81
N LYS FA 51 -63.41 10.68 16.54
CA LYS FA 51 -62.53 10.26 15.47
C LYS FA 51 -61.50 11.30 15.09
N LEU FA 52 -61.58 12.51 15.65
CA LEU FA 52 -60.65 13.56 15.27
C LEU FA 52 -59.26 13.30 15.83
N ALA FA 53 -58.28 14.00 15.28
CA ALA FA 53 -56.89 13.93 15.75
C ALA FA 53 -56.67 15.05 16.75
N PHE FA 54 -56.50 14.69 18.02
CA PHE FA 54 -56.39 15.66 19.10
C PHE FA 54 -54.93 16.05 19.31
N LYS FA 55 -54.63 17.33 19.09
CA LYS FA 55 -53.29 17.83 19.36
C LYS FA 55 -53.05 17.86 20.86
N LYS FA 56 -51.87 17.42 21.29
CA LYS FA 56 -51.53 17.31 22.70
C LYS FA 56 -50.54 18.38 23.12
N SER FA 57 -50.68 18.83 24.36
CA SER FA 57 -49.70 19.73 24.97
C SER FA 57 -49.79 19.57 26.48
N SER FA 58 -48.67 19.21 27.11
CA SER FA 58 -48.65 18.97 28.54
C SER FA 58 -48.47 20.24 29.35
N LYS FA 59 -47.90 21.29 28.75
CA LYS FA 59 -47.67 22.51 29.51
C LYS FA 59 -48.98 23.17 29.92
N TYR FA 60 -49.95 23.22 29.01
CA TYR FA 60 -51.25 23.82 29.29
C TYR FA 60 -52.30 22.80 29.68
N ASP FA 61 -51.97 21.51 29.69
CA ASP FA 61 -52.89 20.44 30.09
C ASP FA 61 -54.19 20.50 29.28
N LEU FA 62 -54.04 20.69 27.97
CA LEU FA 62 -55.19 20.90 27.12
C LEU FA 62 -55.05 20.12 25.83
N GLU FA 63 -56.17 19.59 25.33
CA GLU FA 63 -56.26 18.94 24.03
C GLU FA 63 -57.15 19.79 23.14
N CYS FA 64 -56.71 20.02 21.91
CA CYS FA 64 -57.48 20.81 20.96
C CYS FA 64 -57.57 20.10 19.62
N ALA FA 65 -58.62 20.41 18.88
CA ALA FA 65 -58.84 19.86 17.56
C ALA FA 65 -59.77 20.79 16.80
N GLN FA 66 -59.81 20.62 15.48
CA GLN FA 66 -60.67 21.44 14.63
C GLN FA 66 -62.02 20.75 14.46
N ILE FA 67 -63.09 21.52 14.64
CA ILE FA 67 -64.45 20.97 14.57
C ILE FA 67 -64.83 20.78 13.11
N PRO FA 68 -65.69 19.81 12.79
CA PRO FA 68 -66.19 19.68 11.42
C PRO FA 68 -67.16 20.80 11.09
N VAL FA 69 -67.48 20.91 9.80
CA VAL FA 69 -68.25 22.05 9.32
C VAL FA 69 -69.67 22.04 9.88
N HIS FA 70 -70.26 20.86 10.03
CA HIS FA 70 -71.68 20.78 10.34
C HIS FA 70 -71.99 20.96 11.82
N MET FA 71 -70.99 21.17 12.67
CA MET FA 71 -71.22 21.61 14.04
C MET FA 71 -70.72 23.02 14.31
N ARG FA 72 -70.41 23.80 13.27
CA ARG FA 72 -69.96 25.17 13.50
C ARG FA 72 -71.07 26.04 14.05
N SER FA 73 -72.31 25.84 13.62
CA SER FA 73 -73.44 26.59 14.14
C SER FA 73 -73.82 26.18 15.55
N ASP FA 74 -73.26 25.08 16.06
CA ASP FA 74 -73.56 24.58 17.40
C ASP FA 74 -72.40 24.80 18.35
N ALA FA 75 -71.64 25.87 18.16
CA ALA FA 75 -70.47 26.18 18.97
C ALA FA 75 -70.64 27.54 19.63
N SER FA 76 -70.09 27.69 20.82
CA SER FA 76 -70.21 28.92 21.58
C SER FA 76 -69.37 30.03 20.92
N LYS FA 77 -69.59 31.26 21.37
CA LYS FA 77 -68.82 32.39 20.90
C LYS FA 77 -67.87 32.86 22.01
N TYR FA 78 -66.61 33.03 21.65
CA TYR FA 78 -65.53 33.23 22.61
C TYR FA 78 -65.26 34.72 22.80
N THR FA 79 -64.41 35.01 23.79
CA THR FA 79 -63.95 36.36 24.07
C THR FA 79 -62.68 36.28 24.88
N HIS FA 80 -62.03 37.45 25.04
CA HIS FA 80 -60.79 37.55 25.78
C HIS FA 80 -60.83 38.57 26.91
N GLU FA 81 -61.91 39.35 27.03
CA GLU FA 81 -61.99 40.37 28.06
C GLU FA 81 -62.48 39.77 29.37
N LYS FA 82 -61.82 40.15 30.46
CA LYS FA 82 -62.13 39.62 31.79
C LYS FA 82 -62.29 40.76 32.78
N PRO FA 83 -63.43 41.46 32.75
CA PRO FA 83 -63.68 42.48 33.77
C PRO FA 83 -63.91 41.87 35.13
N GLU FA 84 -63.61 42.65 36.17
CA GLU FA 84 -63.84 42.19 37.54
C GLU FA 84 -65.33 42.08 37.83
N GLY FA 85 -65.70 41.07 38.60
CA GLY FA 85 -67.09 40.92 38.99
C GLY FA 85 -67.59 39.49 39.09
N HIS FA 86 -68.77 39.23 38.53
CA HIS FA 86 -69.43 37.93 38.63
C HIS FA 86 -69.61 37.32 37.25
N TYR FA 87 -69.47 36.00 37.19
CA TYR FA 87 -69.66 35.25 35.95
C TYR FA 87 -70.51 34.03 36.25
N ASN FA 88 -71.21 33.55 35.23
CA ASN FA 88 -72.08 32.41 35.41
C ASN FA 88 -71.28 31.10 35.38
N TRP FA 89 -71.91 30.05 35.88
CA TRP FA 89 -71.32 28.72 35.90
C TRP FA 89 -72.43 27.70 36.02
N HIS FA 90 -72.10 26.44 35.74
CA HIS FA 90 -73.12 25.40 35.78
C HIS FA 90 -73.58 25.11 37.20
N HIS FA 91 -72.69 25.21 38.19
CA HIS FA 91 -73.03 24.96 39.58
C HIS FA 91 -73.27 26.25 40.37
N GLY FA 92 -73.56 27.34 39.67
CA GLY FA 92 -73.85 28.59 40.35
C GLY FA 92 -73.25 29.79 39.67
N ALA FA 93 -72.74 30.74 40.46
CA ALA FA 93 -72.10 31.94 39.95
C ALA FA 93 -70.69 32.02 40.49
N VAL FA 94 -69.75 32.37 39.63
CA VAL FA 94 -68.34 32.44 39.99
C VAL FA 94 -67.93 33.89 40.11
N GLN FA 95 -66.98 34.15 41.00
CA GLN FA 95 -66.54 35.49 41.33
C GLN FA 95 -65.11 35.68 40.84
N TYR FA 96 -64.88 36.78 40.13
CA TYR FA 96 -63.56 37.14 39.63
C TYR FA 96 -63.05 38.32 40.45
N SER FA 97 -62.05 38.07 41.28
CA SER FA 97 -61.51 39.09 42.18
C SER FA 97 -60.00 38.93 42.29
N GLY FA 98 -59.26 39.95 41.87
CA GLY FA 98 -57.82 39.91 41.99
C GLY FA 98 -57.13 38.86 41.15
N GLY FA 99 -57.54 38.73 39.89
CA GLY FA 99 -56.89 37.78 39.00
C GLY FA 99 -57.14 36.33 39.32
N ARG FA 100 -58.18 36.02 40.08
CA ARG FA 100 -58.47 34.66 40.51
C ARG FA 100 -59.94 34.36 40.24
N PHE FA 101 -60.21 33.09 39.92
CA PHE FA 101 -61.58 32.59 39.83
C PHE FA 101 -61.85 31.75 41.06
N THR FA 102 -62.87 32.14 41.83
CA THR FA 102 -63.17 31.48 43.09
C THR FA 102 -64.62 31.02 43.11
N ILE FA 103 -64.87 29.93 43.84
CA ILE FA 103 -66.19 29.33 43.94
C ILE FA 103 -66.79 29.75 45.28
N PRO FA 104 -67.84 30.57 45.31
CA PRO FA 104 -68.46 30.91 46.60
C PRO FA 104 -68.97 29.70 47.36
N THR FA 105 -69.48 28.69 46.67
CA THR FA 105 -70.06 27.54 47.35
C THR FA 105 -69.00 26.60 47.91
N GLY FA 106 -67.85 26.48 47.26
CA GLY FA 106 -66.89 25.47 47.65
C GLY FA 106 -67.41 24.06 47.52
N ALA FA 107 -68.29 23.83 46.53
CA ALA FA 107 -68.89 22.52 46.29
C ALA FA 107 -68.27 21.81 45.10
N GLY FA 108 -67.09 22.24 44.65
CA GLY FA 108 -66.41 21.60 43.55
C GLY FA 108 -66.13 20.13 43.81
N LYS FA 109 -66.43 19.29 42.84
CA LYS FA 109 -66.30 17.85 42.96
C LYS FA 109 -65.56 17.29 41.77
N PRO FA 110 -64.78 16.22 41.95
CA PRO FA 110 -64.14 15.57 40.81
C PRO FA 110 -65.17 15.11 39.79
N GLY FA 111 -64.83 15.28 38.51
CA GLY FA 111 -65.71 14.94 37.42
C GLY FA 111 -66.39 16.13 36.76
N ASP FA 112 -66.17 17.34 37.25
CA ASP FA 112 -66.73 18.54 36.64
C ASP FA 112 -65.73 19.26 35.75
N SER FA 113 -64.57 18.66 35.49
CA SER FA 113 -63.53 19.33 34.73
C SER FA 113 -63.95 19.51 33.27
N GLY FA 114 -63.57 20.65 32.70
CA GLY FA 114 -63.87 20.96 31.32
C GLY FA 114 -65.10 21.81 31.08
N ARG FA 115 -65.91 22.06 32.11
CA ARG FA 115 -67.08 22.89 31.93
C ARG FA 115 -66.69 24.35 31.73
N PRO FA 116 -67.13 25.00 30.66
CA PRO FA 116 -66.75 26.41 30.44
C PRO FA 116 -67.29 27.31 31.53
N ILE FA 117 -66.57 28.41 31.76
CA ILE FA 117 -67.02 29.48 32.63
C ILE FA 117 -67.57 30.60 31.76
N PHE FA 118 -68.82 30.96 31.97
CA PHE FA 118 -69.56 31.81 31.05
C PHE FA 118 -69.61 33.25 31.51
N ASP FA 119 -69.80 34.14 30.53
CA ASP FA 119 -69.86 35.58 30.75
C ASP FA 119 -71.32 36.03 30.86
N ASN FA 120 -71.51 37.34 31.00
CA ASN FA 120 -72.87 37.89 31.09
C ASN FA 120 -73.63 37.68 29.80
N LYS FA 121 -72.99 37.90 28.66
CA LYS FA 121 -73.65 37.79 27.36
C LYS FA 121 -73.59 36.37 26.80
N GLY FA 122 -73.22 35.39 27.61
CA GLY FA 122 -73.10 34.02 27.14
C GLY FA 122 -71.76 33.66 26.57
N ARG FA 123 -70.83 34.60 26.48
CA ARG FA 123 -69.49 34.31 25.98
C ARG FA 123 -68.73 33.44 26.97
N VAL FA 124 -67.79 32.66 26.45
CA VAL FA 124 -66.98 31.78 27.26
C VAL FA 124 -65.69 32.51 27.63
N VAL FA 125 -65.30 32.41 28.89
CA VAL FA 125 -64.15 33.12 29.43
C VAL FA 125 -62.96 32.19 29.62
N ALA FA 126 -63.17 31.06 30.28
CA ALA FA 126 -62.09 30.16 30.62
C ALA FA 126 -62.61 28.73 30.59
N ILE FA 127 -61.79 27.79 31.04
CA ILE FA 127 -62.16 26.38 31.13
C ILE FA 127 -61.68 25.85 32.48
N VAL FA 128 -62.53 25.08 33.15
CA VAL FA 128 -62.22 24.61 34.49
C VAL FA 128 -61.41 23.32 34.41
N LEU FA 129 -60.30 23.28 35.14
CA LEU FA 129 -59.50 22.08 35.32
C LEU FA 129 -59.58 21.53 36.73
N GLY FA 130 -59.29 22.36 37.73
CA GLY FA 130 -59.36 21.94 39.12
C GLY FA 130 -59.34 23.15 40.02
N GLY FA 131 -59.42 22.89 41.33
CA GLY FA 131 -59.49 23.94 42.30
C GLY FA 131 -58.71 23.59 43.56
N ALA FA 132 -58.43 24.62 44.34
CA ALA FA 132 -57.69 24.47 45.60
C ALA FA 132 -58.55 24.92 46.76
N ASN FA 133 -58.60 24.11 47.81
CA ASN FA 133 -59.48 24.34 48.95
C ASN FA 133 -58.97 25.53 49.76
N GLU FA 134 -59.64 26.67 49.63
CA GLU FA 134 -59.34 27.85 50.43
C GLU FA 134 -60.30 27.95 51.61
N GLY FA 135 -60.29 26.91 52.43
CA GLY FA 135 -61.22 26.85 53.55
C GLY FA 135 -62.67 26.79 53.10
N SER FA 136 -63.40 27.88 53.28
CA SER FA 136 -64.79 27.97 52.85
C SER FA 136 -64.94 28.25 51.37
N ARG FA 137 -63.87 28.69 50.71
CA ARG FA 137 -63.88 28.98 49.28
C ARG FA 137 -62.89 28.04 48.58
N THR FA 138 -62.89 28.09 47.25
CA THR FA 138 -61.94 27.32 46.45
C THR FA 138 -61.47 28.18 45.29
N ALA FA 139 -60.15 28.32 45.15
CA ALA FA 139 -59.57 29.01 44.01
C ALA FA 139 -59.44 28.04 42.85
N LEU FA 140 -59.95 28.44 41.70
CA LEU FA 140 -60.02 27.57 40.53
C LEU FA 140 -58.71 27.64 39.73
N SER FA 141 -58.24 26.49 39.28
CA SER FA 141 -57.13 26.42 38.34
C SER FA 141 -57.73 26.30 36.93
N VAL FA 142 -57.75 27.40 36.20
CA VAL FA 142 -58.48 27.48 34.94
C VAL FA 142 -57.53 27.88 33.82
N VAL FA 143 -57.95 27.58 32.60
CA VAL FA 143 -57.21 27.91 31.39
C VAL FA 143 -57.98 29.00 30.67
N THR FA 144 -57.35 30.15 30.47
CA THR FA 144 -57.98 31.28 29.82
C THR FA 144 -57.26 31.58 28.52
N TRP FA 145 -57.74 32.61 27.82
CA TRP FA 145 -57.10 33.08 26.60
C TRP FA 145 -56.76 34.55 26.73
N ASN FA 146 -55.59 34.93 26.23
CA ASN FA 146 -55.27 36.34 26.07
C ASN FA 146 -55.84 36.81 24.73
N LYS FA 147 -55.35 37.95 24.25
CA LYS FA 147 -55.75 38.41 22.92
C LYS FA 147 -55.43 37.36 21.86
N ASP FA 148 -54.23 36.78 21.93
CA ASP FA 148 -53.83 35.77 20.95
C ASP FA 148 -53.08 34.60 21.60
N MET FA 149 -53.09 34.49 22.92
CA MET FA 149 -52.25 33.53 23.63
C MET FA 149 -53.09 32.76 24.64
N VAL FA 150 -52.69 31.53 24.90
CA VAL FA 150 -53.26 30.73 25.97
C VAL FA 150 -52.37 30.86 27.19
N THR FA 151 -52.99 30.94 28.37
CA THR FA 151 -52.25 30.91 29.63
C THR FA 151 -52.95 29.94 30.57
N ARG FA 152 -52.20 29.43 31.54
CA ARG FA 152 -52.75 28.57 32.58
C ARG FA 152 -52.50 29.23 33.93
N VAL FA 153 -53.55 29.35 34.73
CA VAL FA 153 -53.47 29.94 36.06
C VAL FA 153 -53.78 28.85 37.05
N THR FA 154 -52.79 28.47 37.85
CA THR FA 154 -52.94 27.38 38.83
C THR FA 154 -52.57 27.89 40.22
N PRO FA 155 -53.56 28.11 41.09
CA PRO FA 155 -53.26 28.47 42.47
C PRO FA 155 -52.61 27.30 43.21
N GLU FA 156 -51.81 27.65 44.21
CA GLU FA 156 -51.06 26.65 44.96
C GLU FA 156 -52.00 25.66 45.64
N GLY FA 157 -51.59 24.39 45.65
CA GLY FA 157 -52.36 23.36 46.31
C GLY FA 157 -53.54 22.83 45.53
N SER FA 158 -53.70 23.23 44.27
CA SER FA 158 -54.85 22.82 43.49
C SER FA 158 -54.83 21.32 43.20
N GLU FA 159 -56.01 20.73 43.12
CA GLU FA 159 -56.17 19.33 42.75
C GLU FA 159 -56.98 19.24 41.46
N GLU FA 160 -56.56 18.32 40.58
CA GLU FA 160 -57.25 18.10 39.33
C GLU FA 160 -58.55 17.36 39.60
N TRP FA 161 -59.65 17.84 39.04
CA TRP FA 161 -60.94 17.19 39.24
C TRP FA 161 -61.26 16.21 38.13
N MET GA 1 61.66 -24.17 22.93
CA MET GA 1 61.04 -23.24 22.00
C MET GA 1 61.58 -21.83 22.22
N CYS GA 2 62.77 -21.75 22.84
CA CYS GA 2 63.39 -20.48 23.13
C CYS GA 2 64.03 -19.90 21.87
N VAL GA 3 64.35 -18.60 21.93
CA VAL GA 3 64.95 -17.89 20.81
C VAL GA 3 66.18 -17.14 21.29
N LEU GA 4 67.24 -17.15 20.48
CA LEU GA 4 68.44 -16.36 20.70
C LEU GA 4 68.72 -15.59 19.42
N ALA GA 5 68.31 -14.32 19.37
CA ALA GA 5 68.50 -13.47 18.21
C ALA GA 5 67.88 -14.10 16.96
N ASN GA 6 68.59 -15.02 16.34
CA ASN GA 6 68.12 -15.69 15.13
C ASN GA 6 68.38 -17.19 15.20
N ALA GA 7 68.21 -17.78 16.37
CA ALA GA 7 68.50 -19.20 16.58
C ALA GA 7 67.25 -20.07 16.55
N THR GA 8 66.30 -19.81 17.45
CA THR GA 8 65.05 -20.56 17.53
C THR GA 8 65.32 -22.05 17.71
N PHE GA 9 65.89 -22.38 18.87
CA PHE GA 9 66.24 -23.72 19.28
C PHE GA 9 65.29 -24.19 20.38
N PRO GA 10 65.15 -25.50 20.60
CA PRO GA 10 64.28 -25.95 21.70
C PRO GA 10 64.94 -25.76 23.06
N CYS GA 11 64.14 -25.29 24.02
CA CYS GA 11 64.67 -24.81 25.29
C CYS GA 11 65.36 -25.92 26.07
N PHE GA 12 64.95 -27.17 25.87
CA PHE GA 12 65.55 -28.27 26.62
C PHE GA 12 67.02 -28.45 26.29
N GLN GA 13 67.44 -28.03 25.10
CA GLN GA 13 68.83 -28.22 24.64
C GLN GA 13 69.38 -26.88 24.15
N PRO GA 14 69.85 -26.03 25.05
CA PRO GA 14 70.43 -24.76 24.63
C PRO GA 14 71.75 -24.99 23.90
N PRO GA 15 72.15 -24.07 23.03
CA PRO GA 15 73.39 -24.28 22.27
C PRO GA 15 74.67 -24.07 23.07
N CYS GA 16 74.58 -23.60 24.31
CA CYS GA 16 75.76 -23.30 25.12
C CYS GA 16 76.18 -24.47 26.00
N VAL GA 17 75.57 -25.64 25.86
CA VAL GA 17 75.90 -26.78 26.72
C VAL GA 17 77.35 -27.16 26.51
N PRO GA 18 78.13 -27.42 27.58
CA PRO GA 18 77.75 -27.31 28.99
C PRO GA 18 78.30 -26.07 29.67
N CYS GA 19 77.94 -25.88 30.94
CA CYS GA 19 78.42 -24.75 31.76
C CYS GA 19 78.20 -23.42 31.04
N CYS GA 20 76.94 -23.12 30.77
CA CYS GA 20 76.61 -21.86 30.12
C CYS GA 20 77.02 -20.67 30.97
N TYR GA 21 76.79 -20.77 32.29
CA TYR GA 21 77.11 -19.63 33.15
C TYR GA 21 78.62 -19.46 33.31
N GLU GA 22 79.34 -20.56 33.56
CA GLU GA 22 80.77 -20.45 33.82
C GLU GA 22 81.53 -19.94 32.59
N ASN GA 23 81.16 -20.43 31.40
CA ASN GA 23 81.85 -19.99 30.19
C ASN GA 23 81.62 -18.51 29.92
N ASN GA 24 80.38 -18.04 30.11
CA ASN GA 24 80.07 -16.62 29.92
C ASN GA 24 78.86 -16.31 30.81
N ALA GA 25 79.11 -15.62 31.92
CA ALA GA 25 78.02 -15.27 32.83
C ALA GA 25 77.09 -14.23 32.22
N GLU GA 26 77.65 -13.14 31.70
CA GLU GA 26 76.82 -12.05 31.21
C GLU GA 26 75.95 -12.51 30.05
N ALA GA 27 76.52 -13.28 29.13
CA ALA GA 27 75.72 -13.82 28.03
C ALA GA 27 74.64 -14.75 28.54
N THR GA 28 74.95 -15.54 29.58
CA THR GA 28 73.95 -16.43 30.16
C THR GA 28 72.76 -15.65 30.68
N LEU GA 29 73.03 -14.58 31.44
CA LEU GA 29 71.93 -13.77 31.98
C LEU GA 29 71.16 -13.07 30.88
N ARG GA 30 71.85 -12.41 29.95
CA ARG GA 30 71.14 -11.70 28.89
C ARG GA 30 70.36 -12.64 27.99
N MET GA 31 70.75 -13.91 27.92
CA MET GA 31 69.96 -14.90 27.18
C MET GA 31 68.62 -15.14 27.88
N LEU GA 32 68.64 -15.32 29.20
CA LEU GA 32 67.43 -15.64 29.94
C LEU GA 32 66.47 -14.46 30.00
N GLU GA 33 67.01 -13.25 30.03
CA GLU GA 33 66.16 -12.06 30.13
C GLU GA 33 65.29 -11.89 28.89
N ASP GA 34 65.72 -12.45 27.76
CA ASP GA 34 64.95 -12.35 26.54
C ASP GA 34 63.86 -13.41 26.43
N ASN GA 35 63.82 -14.37 27.36
CA ASN GA 35 62.86 -15.46 27.32
C ASN GA 35 61.94 -15.47 28.54
N VAL GA 36 61.76 -14.31 29.20
CA VAL GA 36 60.89 -14.27 30.37
C VAL GA 36 59.45 -14.52 29.98
N ASP GA 37 59.04 -14.07 28.79
CA ASP GA 37 57.66 -14.25 28.35
C ASP GA 37 57.41 -15.62 27.73
N ARG GA 38 58.45 -16.38 27.43
CA ARG GA 38 58.25 -17.69 26.83
C ARG GA 38 57.75 -18.68 27.87
N PRO GA 39 56.81 -19.56 27.52
CA PRO GA 39 56.37 -20.60 28.46
C PRO GA 39 57.46 -21.60 28.80
N GLY GA 40 58.49 -21.73 27.97
CA GLY GA 40 59.55 -22.69 28.21
C GLY GA 40 60.74 -22.09 28.93
N TYR GA 41 60.51 -21.01 29.67
CA TYR GA 41 61.61 -20.32 30.34
C TYR GA 41 62.28 -21.22 31.37
N TYR GA 42 61.49 -21.90 32.19
CA TYR GA 42 62.05 -22.62 33.32
C TYR GA 42 62.88 -23.82 32.88
N ASP GA 43 62.52 -24.45 31.76
CA ASP GA 43 63.37 -25.49 31.20
C ASP GA 43 64.72 -24.92 30.79
N LEU GA 44 64.72 -23.73 30.20
CA LEU GA 44 65.97 -23.08 29.82
C LEU GA 44 66.84 -22.77 31.04
N LEU GA 45 66.21 -22.30 32.11
CA LEU GA 45 66.95 -22.04 33.35
C LEU GA 45 67.54 -23.33 33.91
N GLN GA 46 66.79 -24.42 33.84
CA GLN GA 46 67.26 -25.70 34.36
C GLN GA 46 68.49 -26.20 33.63
N ALA GA 47 68.69 -25.80 32.38
CA ALA GA 47 69.84 -26.23 31.60
C ALA GA 47 70.97 -25.21 31.58
N ALA GA 48 70.66 -23.92 31.77
CA ALA GA 48 71.70 -22.90 31.67
C ALA GA 48 72.63 -22.88 32.87
N LEU GA 49 72.15 -23.30 34.04
CA LEU GA 49 72.92 -23.25 35.28
C LEU GA 49 73.17 -24.63 35.85
N THR GA 50 73.33 -25.63 34.97
CA THR GA 50 73.51 -27.02 35.39
C THR GA 50 74.69 -27.60 34.64
N CYS GA 51 75.79 -27.85 35.36
CA CYS GA 51 76.91 -28.56 34.77
C CYS GA 51 77.83 -29.07 35.87
N ARG GA 52 78.38 -30.26 35.68
CA ARG GA 52 79.23 -30.91 36.67
C ARG GA 52 80.69 -30.91 36.23
#